data_3K38
#
_entry.id   3K38
#
_cell.length_a   111.155
_cell.length_b   123.683
_cell.length_c   123.789
_cell.angle_alpha   90.04
_cell.angle_beta   90.19
_cell.angle_gamma   90.19
#
_symmetry.space_group_name_H-M   'P 1'
#
loop_
_entity.id
_entity.type
_entity.pdbx_description
1 polymer Neuraminidase
2 non-polymer 2-acetamido-2-deoxy-beta-D-glucopyranose
3 non-polymer 'CALCIUM ION'
4 non-polymer 'SULFATE ION'
5 non-polymer 'YTTRIUM (III) ION'
6 water water
#
_entity_poly.entity_id   1
_entity_poly.type   'polypeptide(L)'
_entity_poly.pdbx_seq_one_letter_code
;GVTLLLPEPEWTYPRLSCPGSTFQKALLISPHRFGETKGNSAPLIIREPFIACGPKECKHFALTHYAAQPGGYYNGTRGD
RNKLRHLISVKLGKIPTVENSIFHMAAWSGSACHDGKEWTYIGVDGPENNALLKIKYGEAYTDTYHSYANNILRTQESAC
NCIGGNCYLMITDGSASGISECRFLKIREGRIIKEIFPTGRVKHTEECTCGFASNKTIECACRDNSYTAKRPFVKLNVET
DTAEIRLMCTETYLDTPRPDDGSITGPCESNGDKGSGGIKGGFVHQRMASKIGRWYSRTMSKTKRMGMGLYVKYDGDPWT
DSDALALSGVMVSMEEPGWYSFGFEIKDKKCDVPCIGIEMVHDGGKETWHSAATAIYCLMGSGQLLWDTVTGVDMAL
;
_entity_poly.pdbx_strand_id   A,B,C,D,E,F,G,H,I,J,K,L,M,N,O,P
#
loop_
_chem_comp.id
_chem_comp.type
_chem_comp.name
_chem_comp.formula
CA non-polymer 'CALCIUM ION' 'Ca 2'
NAG D-saccharide, beta linking 2-acetamido-2-deoxy-beta-D-glucopyranose 'C8 H15 N O6'
SO4 non-polymer 'SULFATE ION' 'O4 S -2'
YT3 non-polymer 'YTTRIUM (III) ION' 'Y 3'
#
# COMPACT_ATOMS: atom_id res chain seq x y z
N PRO A 9 -15.72 4.10 48.38
CA PRO A 9 -16.32 5.35 48.92
C PRO A 9 -17.82 5.30 48.93
N GLU A 10 -18.41 5.89 49.98
CA GLU A 10 -19.87 5.91 50.12
CA GLU A 10 -19.85 5.90 50.20
C GLU A 10 -20.38 7.34 50.19
N TRP A 11 -21.71 7.53 50.07
CA TRP A 11 -22.33 8.88 50.13
C TRP A 11 -22.00 9.57 51.44
N THR A 12 -21.85 10.89 51.39
CA THR A 12 -21.61 11.67 52.60
CA THR A 12 -21.60 11.65 52.60
C THR A 12 -22.90 12.27 53.17
N TYR A 13 -22.86 12.59 54.46
CA TYR A 13 -23.96 13.14 55.21
C TYR A 13 -23.37 14.20 56.14
N PRO A 14 -24.13 15.26 56.44
CA PRO A 14 -23.67 16.18 57.51
C PRO A 14 -23.50 15.45 58.85
N ARG A 15 -22.53 15.90 59.64
CA ARG A 15 -22.27 15.26 60.94
C ARG A 15 -22.32 16.34 62.01
N LEU A 16 -22.20 15.92 63.27
CA LEU A 16 -22.00 16.86 64.40
C LEU A 16 -20.78 17.71 64.07
N SER A 17 -20.81 18.99 64.41
CA SER A 17 -19.68 19.86 64.13
C SER A 17 -18.59 19.57 65.17
N CYS A 18 -17.35 19.87 64.84
CA CYS A 18 -16.22 19.74 65.77
C CYS A 18 -16.37 20.76 66.89
N PRO A 19 -15.79 20.45 68.06
CA PRO A 19 -15.89 21.33 69.22
C PRO A 19 -15.32 22.68 68.87
N GLY A 20 -15.85 23.71 69.53
CA GLY A 20 -15.40 25.07 69.28
C GLY A 20 -16.51 26.03 69.62
N SER A 21 -16.17 27.23 70.09
CA SER A 21 -17.19 28.21 70.41
C SER A 21 -16.90 29.58 69.76
N THR A 22 -15.89 29.64 68.89
CA THR A 22 -15.46 30.92 68.29
C THR A 22 -14.73 30.68 66.99
N PHE A 23 -14.88 31.63 66.06
CA PHE A 23 -14.15 31.58 64.82
C PHE A 23 -12.80 32.33 64.99
N GLN A 24 -11.80 31.94 64.20
CA GLN A 24 -10.49 32.59 64.13
C GLN A 24 -10.03 32.70 62.68
N LYS A 25 -9.13 33.63 62.41
CA LYS A 25 -8.58 33.82 61.07
C LYS A 25 -7.82 32.54 60.69
N ALA A 26 -8.15 31.94 59.55
CA ALA A 26 -7.55 30.68 59.15
C ALA A 26 -6.54 30.82 58.00
N LEU A 27 -6.96 31.37 56.89
CA LEU A 27 -6.11 31.42 55.72
C LEU A 27 -6.57 32.54 54.80
N LEU A 28 -5.60 33.24 54.22
CA LEU A 28 -5.89 34.22 53.19
C LEU A 28 -5.37 33.66 51.86
N ILE A 29 -6.19 33.74 50.80
CA ILE A 29 -5.69 33.48 49.44
C ILE A 29 -5.71 34.82 48.73
N SER A 30 -4.55 35.44 48.64
CA SER A 30 -4.47 36.74 48.00
C SER A 30 -3.56 36.64 46.78
N PRO A 31 -4.10 36.23 45.62
CA PRO A 31 -3.28 35.92 44.42
C PRO A 31 -2.66 37.16 43.84
N HIS A 32 -3.31 38.32 44.02
CA HIS A 32 -2.80 39.58 43.45
C HIS A 32 -1.60 40.23 44.20
N ARG A 33 -1.22 39.63 45.33
CA ARG A 33 0.12 39.91 45.93
C ARG A 33 1.26 39.59 44.94
N PHE A 34 0.93 38.84 43.90
CA PHE A 34 1.94 38.44 42.93
C PHE A 34 1.73 38.95 41.49
N GLY A 35 0.77 39.85 41.29
CA GLY A 35 0.46 40.34 39.95
C GLY A 35 1.11 41.65 39.61
N GLU A 36 2.22 42.01 40.25
CA GLU A 36 2.90 43.24 39.86
C GLU A 36 3.52 43.17 38.46
N THR A 37 3.61 44.33 37.81
CA THR A 37 4.33 44.44 36.56
C THR A 37 5.80 44.01 36.75
N LYS A 38 6.36 44.36 37.91
CA LYS A 38 7.75 44.01 38.31
C LYS A 38 7.92 42.51 38.67
N GLY A 39 6.81 41.79 38.87
CA GLY A 39 6.80 40.36 39.21
C GLY A 39 6.83 39.44 37.98
N ASN A 40 6.78 38.12 38.23
CA ASN A 40 6.77 37.11 37.17
C ASN A 40 5.68 36.06 37.37
N SER A 41 4.56 36.49 37.94
CA SER A 41 3.46 35.60 38.18
C SER A 41 2.22 35.93 37.32
N ALA A 42 1.25 35.01 37.33
CA ALA A 42 0.06 35.15 36.53
C ALA A 42 -1.21 34.80 37.33
N PRO A 43 -1.49 35.54 38.42
CA PRO A 43 -2.76 35.34 39.12
C PRO A 43 -3.96 35.65 38.22
N LEU A 44 -4.96 34.77 38.22
CA LEU A 44 -6.14 34.93 37.39
C LEU A 44 -7.03 36.00 37.93
N ILE A 45 -7.68 36.70 37.02
CA ILE A 45 -8.66 37.72 37.38
C ILE A 45 -9.96 36.96 37.60
N ILE A 46 -10.51 37.08 38.81
CA ILE A 46 -11.68 36.30 39.18
C ILE A 46 -12.68 37.16 39.97
N ARG A 47 -13.82 36.58 40.31
CA ARG A 47 -14.74 37.11 41.29
C ARG A 47 -15.66 35.95 41.67
N GLU A 48 -16.57 36.26 42.62
CA GLU A 48 -17.48 35.28 43.14
C GLU A 48 -16.76 34.00 43.59
N PRO A 49 -15.66 34.13 44.36
CA PRO A 49 -15.04 32.88 44.84
C PRO A 49 -15.91 32.15 45.86
N PHE A 50 -15.72 30.84 45.94
CA PHE A 50 -16.33 30.05 47.01
C PHE A 50 -15.54 28.81 47.24
N ILE A 51 -15.80 28.10 48.34
CA ILE A 51 -15.04 26.90 48.65
C ILE A 51 -16.00 25.76 48.89
N ALA A 52 -15.66 24.56 48.39
CA ALA A 52 -16.46 23.37 48.66
C ALA A 52 -15.51 22.22 49.05
N CYS A 53 -15.84 21.44 50.08
CA CYS A 53 -14.94 20.38 50.52
C CYS A 53 -15.58 19.03 50.39
N GLY A 54 -14.77 18.03 50.18
CA GLY A 54 -15.20 16.65 50.23
C GLY A 54 -14.37 15.99 51.31
N PRO A 55 -14.37 14.66 51.34
CA PRO A 55 -13.82 13.94 52.49
C PRO A 55 -12.30 14.04 52.59
N LYS A 56 -11.63 14.42 51.51
CA LYS A 56 -10.17 14.56 51.58
C LYS A 56 -9.60 15.93 51.12
N GLU A 57 -10.39 16.69 50.37
CA GLU A 57 -9.87 17.90 49.73
C GLU A 57 -10.88 19.00 49.79
N CYS A 58 -10.41 20.25 49.90
CA CYS A 58 -11.21 21.44 49.65
C CYS A 58 -10.73 22.11 48.39
N LYS A 59 -11.67 22.37 47.47
CA LYS A 59 -11.38 23.13 46.27
C LYS A 59 -11.84 24.55 46.44
N HIS A 60 -10.95 25.48 46.11
CA HIS A 60 -11.26 26.90 46.05
C HIS A 60 -11.74 27.24 44.63
N PHE A 61 -13.03 27.57 44.51
CA PHE A 61 -13.61 27.90 43.21
C PHE A 61 -13.71 29.40 42.94
N ALA A 62 -13.69 29.78 41.68
CA ALA A 62 -14.08 31.17 41.32
C ALA A 62 -14.55 31.24 39.88
N LEU A 63 -15.09 32.40 39.50
CA LEU A 63 -15.45 32.66 38.12
C LEU A 63 -14.40 33.57 37.55
N THR A 64 -13.68 33.13 36.50
CA THR A 64 -12.64 33.98 35.90
C THR A 64 -13.10 34.64 34.58
N HIS A 65 -12.53 35.82 34.28
CA HIS A 65 -12.65 36.52 33.01
C HIS A 65 -11.63 36.01 31.99
N TYR A 66 -11.00 34.86 32.27
CA TYR A 66 -10.03 34.24 31.35
C TYR A 66 -8.89 35.25 31.06
N ALA A 67 -8.48 35.95 32.12
CA ALA A 67 -7.55 37.05 32.00
C ALA A 67 -6.63 37.02 33.21
N ALA A 68 -5.37 37.44 33.05
CA ALA A 68 -4.44 37.41 34.17
C ALA A 68 -3.97 38.81 34.48
N GLN A 69 -3.38 38.97 35.66
CA GLN A 69 -2.61 40.15 36.04
C GLN A 69 -1.15 39.75 36.27
N PRO A 70 -0.17 40.50 35.68
CA PRO A 70 -0.38 41.53 34.64
C PRO A 70 -0.86 40.98 33.31
N GLY A 71 -1.61 41.79 32.57
CA GLY A 71 -2.06 41.38 31.26
C GLY A 71 -2.80 42.50 30.53
N GLY A 72 -3.26 42.23 29.33
CA GLY A 72 -3.82 43.30 28.49
C GLY A 72 -5.32 43.14 28.26
N TYR A 73 -5.96 42.30 29.08
CA TYR A 73 -7.39 42.08 28.99
C TYR A 73 -8.17 42.55 30.23
N TYR A 74 -7.81 43.71 30.78
CA TYR A 74 -8.53 44.29 31.92
C TYR A 74 -9.89 44.84 31.56
N ASN A 75 -10.02 45.41 30.38
CA ASN A 75 -11.33 45.94 29.95
C ASN A 75 -12.43 44.87 29.95
N GLY A 76 -13.52 45.14 30.71
CA GLY A 76 -14.69 44.24 30.88
C GLY A 76 -14.62 43.30 32.08
N THR A 77 -13.59 43.48 32.93
CA THR A 77 -13.44 42.62 34.11
C THR A 77 -14.33 43.09 35.29
N ARG A 78 -14.80 44.33 35.26
CA ARG A 78 -15.89 44.75 36.17
C ARG A 78 -17.27 44.15 35.83
N GLY A 79 -17.50 43.76 34.58
CA GLY A 79 -18.78 43.10 34.17
C GLY A 79 -18.84 41.68 34.71
N ASP A 80 -20.02 41.07 34.75
CA ASP A 80 -20.11 39.67 35.26
C ASP A 80 -20.30 38.66 34.14
N ARG A 81 -21.06 39.04 33.11
CA ARG A 81 -21.47 38.08 32.11
C ARG A 81 -20.79 38.37 30.81
N ASN A 82 -20.21 37.34 30.22
CA ASN A 82 -19.66 37.41 28.88
C ASN A 82 -19.43 35.99 28.41
N LYS A 83 -18.97 35.87 27.15
CA LYS A 83 -18.72 34.60 26.50
C LYS A 83 -17.41 33.93 26.96
N LEU A 84 -16.60 34.62 27.76
CA LEU A 84 -15.26 34.12 28.13
C LEU A 84 -15.26 33.60 29.56
N ARG A 85 -16.24 34.06 30.35
CA ARG A 85 -16.30 33.70 31.75
C ARG A 85 -16.33 32.20 32.01
N HIS A 86 -15.50 31.75 32.95
CA HIS A 86 -15.39 30.33 33.23
C HIS A 86 -15.30 29.99 34.70
N LEU A 87 -15.90 28.87 35.08
CA LEU A 87 -15.74 28.28 36.40
C LEU A 87 -14.35 27.61 36.58
N ILE A 88 -13.55 28.13 37.49
CA ILE A 88 -12.23 27.54 37.78
C ILE A 88 -12.08 27.02 39.19
N SER A 89 -11.05 26.22 39.43
CA SER A 89 -10.73 25.80 40.77
C SER A 89 -9.25 25.49 40.99
N VAL A 90 -8.83 25.65 42.23
CA VAL A 90 -7.57 25.08 42.73
C VAL A 90 -7.85 24.35 44.01
N LYS A 91 -7.00 23.37 44.32
CA LYS A 91 -6.93 22.87 45.70
C LYS A 91 -6.79 24.05 46.63
N LEU A 92 -7.68 24.18 47.64
CA LEU A 92 -7.54 25.25 48.63
C LEU A 92 -6.12 25.23 49.23
N GLY A 93 -5.45 26.38 49.16
CA GLY A 93 -4.09 26.49 49.61
C GLY A 93 -3.23 26.95 48.46
N LYS A 94 -3.60 26.52 47.26
CA LYS A 94 -2.84 26.86 46.07
C LYS A 94 -3.26 28.22 45.54
N ILE A 95 -2.30 29.00 45.03
CA ILE A 95 -2.61 30.25 44.39
C ILE A 95 -3.26 30.02 43.01
N PRO A 96 -4.45 30.58 42.80
CA PRO A 96 -5.14 30.41 41.51
C PRO A 96 -4.54 31.24 40.35
N THR A 97 -3.50 30.69 39.77
CA THR A 97 -2.85 31.29 38.66
C THR A 97 -3.31 30.59 37.41
N VAL A 98 -2.85 31.07 36.27
CA VAL A 98 -3.08 30.41 34.97
C VAL A 98 -2.76 28.91 34.94
N GLU A 99 -1.57 28.55 35.44
CA GLU A 99 -1.12 27.16 35.43
C GLU A 99 -1.70 26.29 36.54
N ASN A 100 -1.86 26.86 37.73
CA ASN A 100 -2.39 26.11 38.86
C ASN A 100 -3.86 25.76 38.70
N SER A 101 -4.58 26.56 37.92
CA SER A 101 -6.02 26.47 37.90
C SER A 101 -6.40 25.39 36.94
N ILE A 102 -7.59 24.85 37.14
CA ILE A 102 -8.21 24.01 36.16
C ILE A 102 -9.55 24.67 35.70
N PHE A 103 -9.81 24.60 34.41
CA PHE A 103 -11.02 25.19 33.86
C PHE A 103 -12.06 24.12 33.72
N HIS A 104 -13.14 24.26 34.50
CA HIS A 104 -14.23 23.28 34.47
C HIS A 104 -15.21 23.46 33.32
N MET A 105 -15.68 24.69 33.11
CA MET A 105 -16.71 24.99 32.11
C MET A 105 -16.94 26.47 32.02
N ALA A 106 -17.47 26.89 30.88
CA ALA A 106 -17.94 28.24 30.67
C ALA A 106 -19.07 28.50 31.65
N ALA A 107 -18.99 29.63 32.34
CA ALA A 107 -20.00 29.97 33.35
C ALA A 107 -19.78 31.39 33.86
N TRP A 108 -20.86 32.16 33.99
CA TRP A 108 -20.76 33.46 34.67
C TRP A 108 -21.55 33.46 35.93
N SER A 109 -22.08 32.29 36.31
CA SER A 109 -22.71 32.05 37.62
C SER A 109 -22.42 30.61 37.95
N GLY A 110 -21.91 30.35 39.17
CA GLY A 110 -21.48 29.00 39.50
C GLY A 110 -21.81 28.42 40.85
N SER A 111 -21.49 27.12 41.00
CA SER A 111 -21.65 26.37 42.25
C SER A 111 -21.01 24.99 42.07
N ALA A 112 -20.74 24.30 43.17
CA ALA A 112 -20.10 22.96 43.17
C ALA A 112 -20.23 22.32 44.54
N CYS A 113 -20.16 20.99 44.57
CA CYS A 113 -20.31 20.24 45.81
C CYS A 113 -19.92 18.78 45.60
N HIS A 114 -19.38 18.17 46.65
CA HIS A 114 -18.99 16.77 46.66
C HIS A 114 -20.00 15.93 47.41
N ASP A 115 -20.33 14.76 46.86
CA ASP A 115 -21.42 13.93 47.39
C ASP A 115 -20.87 12.69 48.10
N GLY A 116 -19.57 12.69 48.35
CA GLY A 116 -18.92 11.53 48.96
C GLY A 116 -18.19 10.65 47.98
N LYS A 117 -18.61 10.68 46.71
CA LYS A 117 -18.00 9.86 45.66
C LYS A 117 -17.42 10.70 44.50
N GLU A 118 -18.05 11.81 44.17
CA GLU A 118 -17.64 12.60 43.01
C GLU A 118 -18.05 14.07 43.13
N TRP A 119 -17.35 14.94 42.39
CA TRP A 119 -17.63 16.38 42.35
C TRP A 119 -18.73 16.66 41.34
N THR A 120 -19.71 17.47 41.79
CA THR A 120 -20.72 18.05 40.89
C THR A 120 -20.35 19.52 40.67
N TYR A 121 -20.27 19.92 39.42
CA TYR A 121 -19.90 21.28 39.09
C TYR A 121 -21.06 21.96 38.38
N ILE A 122 -21.37 23.18 38.81
CA ILE A 122 -22.51 23.91 38.25
C ILE A 122 -22.13 25.24 37.65
N GLY A 123 -22.64 25.49 36.46
CA GLY A 123 -22.23 26.66 35.72
C GLY A 123 -23.28 27.14 34.74
N VAL A 124 -23.61 28.42 34.88
CA VAL A 124 -24.62 29.03 34.08
C VAL A 124 -23.94 29.94 33.07
N ASP A 125 -24.29 29.76 31.81
CA ASP A 125 -23.87 30.71 30.79
C ASP A 125 -25.03 30.99 29.82
N GLY A 126 -24.76 31.65 28.71
CA GLY A 126 -25.85 31.94 27.77
C GLY A 126 -26.31 33.39 27.77
N PRO A 127 -27.31 33.70 26.93
CA PRO A 127 -27.72 35.09 26.81
C PRO A 127 -28.58 35.49 28.01
N GLU A 128 -28.64 36.79 28.32
CA GLU A 128 -29.54 37.31 29.41
C GLU A 128 -30.94 36.67 29.41
N ASN A 129 -31.57 36.66 28.24
CA ASN A 129 -33.00 36.32 28.12
C ASN A 129 -33.24 34.82 27.98
N ASN A 130 -32.20 34.01 27.85
CA ASN A 130 -32.40 32.56 27.81
C ASN A 130 -31.18 31.82 28.34
N ALA A 131 -30.71 32.15 29.54
CA ALA A 131 -29.48 31.50 30.05
C ALA A 131 -29.68 30.01 30.39
N LEU A 132 -28.57 29.31 30.63
CA LEU A 132 -28.61 27.86 30.77
C LEU A 132 -27.66 27.44 31.89
N LEU A 133 -28.20 26.64 32.80
CA LEU A 133 -27.43 26.07 33.87
C LEU A 133 -26.96 24.71 33.43
N LYS A 134 -25.69 24.42 33.66
CA LYS A 134 -25.06 23.24 33.11
C LYS A 134 -24.44 22.47 34.23
N ILE A 135 -24.58 21.14 34.17
CA ILE A 135 -24.04 20.32 35.22
C ILE A 135 -22.99 19.36 34.69
N LYS A 136 -21.89 19.29 35.42
CA LYS A 136 -20.78 18.42 35.19
C LYS A 136 -20.67 17.47 36.39
N TYR A 137 -20.56 16.18 36.09
CA TYR A 137 -20.26 15.18 37.11
C TYR A 137 -18.91 14.55 36.85
N GLY A 138 -17.94 14.94 37.68
CA GLY A 138 -16.53 14.67 37.44
C GLY A 138 -16.06 15.35 36.17
N GLU A 139 -15.77 14.55 35.14
CA GLU A 139 -15.33 15.04 33.84
C GLU A 139 -16.48 15.19 32.85
N ALA A 140 -17.58 14.47 33.09
CA ALA A 140 -18.72 14.42 32.16
C ALA A 140 -19.76 15.52 32.36
N TYR A 141 -20.04 16.22 31.29
CA TYR A 141 -21.25 17.06 31.17
C TYR A 141 -22.45 16.13 31.17
N THR A 142 -23.36 16.33 32.13
CA THR A 142 -24.44 15.34 32.37
C THR A 142 -25.90 15.86 32.21
N ASP A 143 -26.14 17.12 32.54
CA ASP A 143 -27.49 17.70 32.47
C ASP A 143 -27.50 19.22 32.23
N THR A 144 -28.67 19.72 31.79
CA THR A 144 -28.91 21.17 31.82
C THR A 144 -30.29 21.52 32.44
N TYR A 145 -30.46 22.78 32.80
CA TYR A 145 -31.76 23.33 33.14
C TYR A 145 -31.93 24.67 32.41
N HIS A 146 -33.14 24.95 31.94
CA HIS A 146 -33.44 26.14 31.14
C HIS A 146 -33.99 27.31 31.92
N SER A 147 -33.80 28.51 31.39
CA SER A 147 -34.36 29.77 31.91
C SER A 147 -35.86 29.70 31.94
N TYR A 148 -36.46 29.98 33.11
CA TYR A 148 -37.92 29.92 33.28
C TYR A 148 -38.60 31.30 33.37
N ALA A 149 -37.82 32.34 33.65
CA ALA A 149 -38.37 33.68 33.77
C ALA A 149 -37.62 34.59 32.80
N ASN A 150 -36.69 34.01 32.05
CA ASN A 150 -36.02 34.69 30.94
C ASN A 150 -35.33 36.02 31.30
N ASN A 151 -34.79 36.10 32.51
CA ASN A 151 -34.08 37.30 32.90
C ASN A 151 -32.94 36.93 33.84
N ILE A 152 -31.85 36.46 33.22
CA ILE A 152 -30.62 36.05 33.88
C ILE A 152 -30.82 34.91 34.88
N LEU A 153 -31.08 33.71 34.36
CA LEU A 153 -31.01 32.51 35.19
C LEU A 153 -29.64 32.49 35.91
N ARG A 154 -29.64 32.21 37.21
CA ARG A 154 -28.50 32.46 38.10
C ARG A 154 -28.47 31.35 39.13
N THR A 155 -27.35 31.22 39.85
CA THR A 155 -27.30 30.26 40.92
C THR A 155 -26.58 30.82 42.14
N GLN A 156 -26.27 29.96 43.11
CA GLN A 156 -25.81 30.32 44.46
C GLN A 156 -24.53 31.16 44.63
N GLU A 157 -23.52 30.93 43.78
N GLU A 157 -23.53 30.92 43.77
CA GLU A 157 -22.15 31.46 43.99
CA GLU A 157 -22.16 31.46 43.94
C GLU A 157 -21.47 30.88 45.23
C GLU A 157 -21.49 30.89 45.20
N SER A 158 -22.00 29.75 45.68
CA SER A 158 -21.42 29.02 46.78
C SER A 158 -21.78 27.54 46.63
N ALA A 159 -21.16 26.72 47.47
CA ALA A 159 -21.34 25.28 47.47
C ALA A 159 -22.76 24.83 47.54
N CYS A 160 -23.11 23.89 46.67
CA CYS A 160 -24.33 23.12 46.81
C CYS A 160 -24.19 22.09 47.93
N ASN A 161 -25.26 21.36 48.22
CA ASN A 161 -25.26 20.55 49.44
C ASN A 161 -25.80 19.17 49.20
N CYS A 162 -24.97 18.17 49.43
CA CYS A 162 -25.29 16.82 49.09
C CYS A 162 -25.52 15.97 50.30
N ILE A 163 -26.54 15.10 50.23
CA ILE A 163 -26.86 14.20 51.32
C ILE A 163 -27.34 12.91 50.72
N GLY A 164 -26.71 11.82 51.14
CA GLY A 164 -27.04 10.51 50.58
C GLY A 164 -27.08 10.46 49.06
N GLY A 165 -26.22 11.26 48.44
CA GLY A 165 -26.11 11.25 46.99
C GLY A 165 -26.92 12.34 46.32
N ASN A 166 -27.87 12.95 47.05
CA ASN A 166 -28.79 13.94 46.48
C ASN A 166 -28.29 15.31 46.80
N CYS A 167 -27.91 16.05 45.77
CA CYS A 167 -27.38 17.39 45.95
C CYS A 167 -28.44 18.44 45.61
N TYR A 168 -28.69 19.33 46.57
CA TYR A 168 -29.67 20.38 46.44
C TYR A 168 -29.01 21.71 46.07
N LEU A 169 -29.63 22.42 45.15
CA LEU A 169 -29.06 23.63 44.59
C LEU A 169 -30.12 24.66 44.41
N MET A 170 -29.84 25.90 44.81
CA MET A 170 -30.75 27.00 44.57
C MET A 170 -30.44 27.61 43.24
N ILE A 171 -31.49 27.82 42.44
CA ILE A 171 -31.42 28.56 41.18
C ILE A 171 -32.48 29.63 41.22
N THR A 172 -32.20 30.78 40.61
CA THR A 172 -33.19 31.85 40.49
C THR A 172 -33.15 32.46 39.10
N ASP A 173 -34.16 33.27 38.80
CA ASP A 173 -34.34 33.82 37.46
C ASP A 173 -35.32 34.97 37.62
N GLY A 174 -35.04 36.11 37.01
CA GLY A 174 -36.01 37.26 36.99
C GLY A 174 -35.24 38.56 37.14
N SER A 175 -35.97 39.66 37.24
CA SER A 175 -35.35 40.99 37.34
C SER A 175 -34.53 41.15 38.62
N ALA A 176 -33.37 41.83 38.45
CA ALA A 176 -32.52 42.25 39.55
C ALA A 176 -33.20 43.30 40.48
N SER A 177 -34.18 44.02 39.90
CA SER A 177 -34.90 45.12 40.53
C SER A 177 -36.38 44.79 40.76
N GLY A 178 -36.84 43.65 40.25
CA GLY A 178 -38.21 43.19 40.51
C GLY A 178 -38.21 41.77 41.05
N ILE A 179 -39.16 40.99 40.52
CA ILE A 179 -39.47 39.61 40.94
C ILE A 179 -38.40 38.64 40.49
N SER A 180 -37.82 37.88 41.45
CA SER A 180 -36.99 36.72 41.13
C SER A 180 -37.31 35.57 42.06
N GLU A 181 -38.26 34.75 41.64
CA GLU A 181 -38.75 33.59 42.37
C GLU A 181 -37.77 32.42 42.19
N CYS A 182 -37.09 32.06 43.27
CA CYS A 182 -36.06 31.03 43.20
C CYS A 182 -36.72 29.65 43.20
N ARG A 183 -36.00 28.66 42.65
CA ARG A 183 -36.41 27.26 42.71
C ARG A 183 -35.22 26.46 43.25
N PHE A 184 -35.45 25.20 43.62
CA PHE A 184 -34.35 24.31 44.02
C PHE A 184 -34.34 23.10 43.11
N LEU A 185 -33.15 22.71 42.69
CA LEU A 185 -32.95 21.45 41.98
C LEU A 185 -32.36 20.33 42.87
N LYS A 186 -32.97 19.16 42.81
CA LYS A 186 -32.40 17.97 43.42
C LYS A 186 -31.57 17.24 42.34
N ILE A 187 -30.25 17.16 42.55
CA ILE A 187 -29.34 16.58 41.55
C ILE A 187 -28.63 15.34 42.12
N ARG A 188 -28.73 14.23 41.38
CA ARG A 188 -28.10 12.98 41.77
C ARG A 188 -27.21 12.51 40.62
N GLU A 189 -25.93 12.32 40.92
CA GLU A 189 -24.92 11.90 39.96
C GLU A 189 -25.02 12.70 38.68
N GLY A 190 -25.19 14.01 38.85
CA GLY A 190 -25.06 15.00 37.78
C GLY A 190 -26.36 15.25 37.03
N ARG A 191 -27.40 14.50 37.37
CA ARG A 191 -28.72 14.67 36.71
C ARG A 191 -29.85 15.08 37.63
N ILE A 192 -30.64 16.06 37.18
CA ILE A 192 -31.72 16.62 37.99
C ILE A 192 -32.82 15.57 38.02
N ILE A 193 -33.27 15.19 39.21
CA ILE A 193 -34.30 14.19 39.40
C ILE A 193 -35.56 14.79 40.08
N LYS A 194 -35.51 16.06 40.49
CA LYS A 194 -36.67 16.74 41.06
C LYS A 194 -36.51 18.26 41.05
N GLU A 195 -37.60 18.95 40.68
CA GLU A 195 -37.72 20.39 40.85
C GLU A 195 -38.52 20.65 42.15
N ILE A 196 -38.03 21.57 42.98
CA ILE A 196 -38.66 21.86 44.26
C ILE A 196 -39.08 23.32 44.26
N PHE A 197 -40.38 23.56 44.13
CA PHE A 197 -40.95 24.92 44.17
C PHE A 197 -41.21 25.42 45.60
N PRO A 198 -40.41 26.39 46.07
CA PRO A 198 -40.64 26.87 47.43
C PRO A 198 -41.92 27.70 47.56
N THR A 199 -42.48 27.73 48.76
CA THR A 199 -43.71 28.44 49.05
C THR A 199 -43.36 29.54 50.04
N GLY A 200 -44.28 30.49 50.17
CA GLY A 200 -44.17 31.51 51.20
C GLY A 200 -43.77 32.86 50.63
N ARG A 201 -42.80 33.48 51.26
CA ARG A 201 -42.29 34.75 50.78
C ARG A 201 -41.26 34.52 49.67
N VAL A 202 -41.73 34.55 48.43
CA VAL A 202 -40.89 34.05 47.29
C VAL A 202 -40.64 35.17 46.28
N LYS A 203 -41.09 36.37 46.65
CA LYS A 203 -41.04 37.62 45.86
C LYS A 203 -39.63 37.84 45.25
N HIS A 204 -38.59 37.78 46.09
CA HIS A 204 -37.24 37.90 45.58
C HIS A 204 -36.19 37.17 46.45
N THR A 205 -35.58 36.15 45.86
CA THR A 205 -34.55 35.36 46.52
C THR A 205 -33.44 35.05 45.50
N GLU A 206 -32.20 35.38 45.83
CA GLU A 206 -31.08 35.00 44.96
C GLU A 206 -29.86 34.75 45.80
N GLU A 207 -28.84 34.15 45.18
CA GLU A 207 -27.52 33.95 45.79
C GLU A 207 -27.62 33.39 47.21
N CYS A 208 -28.41 32.33 47.36
CA CYS A 208 -28.58 31.67 48.64
C CYS A 208 -27.30 31.00 49.13
N THR A 209 -26.95 31.28 50.36
CA THR A 209 -25.90 30.55 51.01
C THR A 209 -26.61 29.46 51.83
N CYS A 210 -26.45 28.20 51.38
CA CYS A 210 -27.10 27.05 52.00
C CYS A 210 -26.16 26.15 52.82
N GLY A 211 -26.72 25.37 53.73
CA GLY A 211 -25.97 24.46 54.60
C GLY A 211 -26.96 23.58 55.37
N PHE A 212 -26.47 22.47 55.92
CA PHE A 212 -27.35 21.55 56.66
C PHE A 212 -27.53 21.96 58.08
N ALA A 213 -28.79 22.13 58.48
CA ALA A 213 -29.13 22.33 59.88
C ALA A 213 -29.10 20.99 60.61
N SER A 214 -29.34 19.92 59.86
CA SER A 214 -29.48 18.56 60.41
C SER A 214 -29.55 17.68 59.18
N ASN A 215 -29.76 16.40 59.41
CA ASN A 215 -29.96 15.48 58.32
C ASN A 215 -31.32 15.64 57.59
N LYS A 216 -32.24 16.42 58.17
N LYS A 216 -32.20 16.45 58.18
CA LYS A 216 -33.58 16.62 57.62
CA LYS A 216 -33.56 16.64 57.69
C LYS A 216 -33.73 17.94 56.88
C LYS A 216 -33.72 17.93 56.90
N THR A 217 -32.97 18.95 57.29
CA THR A 217 -33.22 20.33 56.86
C THR A 217 -32.00 21.05 56.30
N ILE A 218 -32.21 21.77 55.20
CA ILE A 218 -31.20 22.62 54.62
C ILE A 218 -31.69 24.03 54.83
N GLU A 219 -30.87 24.91 55.38
CA GLU A 219 -31.29 26.31 55.53
C GLU A 219 -30.40 27.23 54.74
N CYS A 220 -31.01 28.25 54.13
CA CYS A 220 -30.24 29.23 53.40
C CYS A 220 -30.55 30.65 53.80
N ALA A 221 -29.51 31.47 53.91
CA ALA A 221 -29.61 32.92 54.04
C ALA A 221 -29.34 33.55 52.67
N CYS A 222 -30.34 34.21 52.11
CA CYS A 222 -30.27 34.64 50.72
C CYS A 222 -30.26 36.17 50.56
N ARG A 223 -30.26 36.61 49.30
CA ARG A 223 -30.22 38.03 48.96
C ARG A 223 -31.55 38.44 48.28
N ASP A 224 -32.21 39.48 48.81
CA ASP A 224 -33.28 40.18 48.08
C ASP A 224 -32.66 41.43 47.58
N ASN A 225 -32.53 41.54 46.27
CA ASN A 225 -31.90 42.68 45.64
C ASN A 225 -32.86 43.86 45.39
N SER A 226 -34.13 43.67 45.72
CA SER A 226 -35.17 44.66 45.37
C SER A 226 -35.92 45.29 46.53
N TYR A 227 -36.41 44.45 47.43
CA TYR A 227 -37.47 44.92 48.38
C TYR A 227 -37.05 45.14 49.83
N THR A 228 -36.04 44.40 50.27
CA THR A 228 -35.71 44.34 51.69
C THR A 228 -34.22 44.21 51.96
N ALA A 229 -33.81 44.67 53.13
CA ALA A 229 -32.46 44.43 53.68
C ALA A 229 -32.44 43.23 54.64
N LYS A 230 -33.64 42.76 55.05
CA LYS A 230 -33.75 41.43 55.65
C LYS A 230 -33.38 40.35 54.60
N ARG A 231 -32.67 39.31 55.03
CA ARG A 231 -32.35 38.20 54.15
C ARG A 231 -33.50 37.21 54.15
N PRO A 232 -34.02 36.86 52.95
CA PRO A 232 -34.87 35.68 52.78
C PRO A 232 -34.19 34.48 53.41
N PHE A 233 -34.94 33.69 54.15
CA PHE A 233 -34.38 32.54 54.82
C PHE A 233 -35.15 31.32 54.43
N VAL A 234 -34.48 30.46 53.66
CA VAL A 234 -35.03 29.19 53.16
C VAL A 234 -34.92 28.08 54.20
N LYS A 235 -35.97 27.27 54.31
CA LYS A 235 -35.92 26.02 55.04
C LYS A 235 -36.38 24.93 54.09
N LEU A 236 -35.46 24.08 53.65
CA LEU A 236 -35.72 22.97 52.73
C LEU A 236 -35.75 21.63 53.50
N ASN A 237 -36.88 20.95 53.47
CA ASN A 237 -36.92 19.63 54.07
C ASN A 237 -36.47 18.65 52.96
N VAL A 238 -35.34 17.96 53.19
CA VAL A 238 -34.76 17.01 52.23
C VAL A 238 -35.41 15.64 52.20
N GLU A 239 -36.21 15.34 53.22
CA GLU A 239 -36.96 14.09 53.28
C GLU A 239 -38.27 14.17 52.52
N THR A 240 -39.02 15.28 52.70
CA THR A 240 -40.26 15.48 51.95
C THR A 240 -40.01 16.29 50.67
N ASP A 241 -38.79 16.84 50.52
CA ASP A 241 -38.45 17.67 49.35
C ASP A 241 -39.44 18.84 49.23
N THR A 242 -39.55 19.60 50.32
CA THR A 242 -40.44 20.74 50.38
C THR A 242 -39.66 21.93 50.89
N ALA A 243 -39.83 23.10 50.27
CA ALA A 243 -39.13 24.28 50.78
C ALA A 243 -40.06 25.45 51.13
N GLU A 244 -39.65 26.25 52.11
CA GLU A 244 -40.46 27.39 52.59
C GLU A 244 -39.52 28.58 52.80
N ILE A 245 -39.95 29.76 52.36
CA ILE A 245 -39.14 30.96 52.53
C ILE A 245 -39.87 32.06 53.31
N ARG A 246 -39.19 32.60 54.32
CA ARG A 246 -39.67 33.79 55.05
CA ARG A 246 -39.67 33.79 55.05
C ARG A 246 -38.46 34.67 55.33
N LEU A 247 -38.68 35.98 55.51
CA LEU A 247 -37.56 36.86 55.81
C LEU A 247 -37.08 36.62 57.23
N MET A 248 -35.77 36.72 57.40
CA MET A 248 -35.18 36.77 58.73
C MET A 248 -35.78 37.92 59.56
N CYS A 249 -36.15 37.63 60.80
CA CYS A 249 -36.80 38.64 61.61
C CYS A 249 -35.82 39.55 62.35
N THR A 250 -34.62 39.04 62.59
CA THR A 250 -33.64 39.69 63.43
C THR A 250 -33.47 41.17 63.06
N GLU A 251 -33.23 41.98 64.08
CA GLU A 251 -33.00 43.39 63.86
C GLU A 251 -31.68 43.65 63.20
N THR A 252 -30.78 42.65 63.26
CA THR A 252 -29.46 42.75 62.73
C THR A 252 -29.45 42.42 61.24
N TYR A 253 -29.86 43.39 60.43
CA TYR A 253 -30.07 43.17 58.99
C TYR A 253 -28.75 42.86 58.27
N LEU A 254 -28.74 41.79 57.49
CA LEU A 254 -27.46 41.24 57.02
C LEU A 254 -27.03 41.68 55.63
N ASP A 255 -27.98 42.26 54.90
CA ASP A 255 -27.77 42.73 53.54
C ASP A 255 -26.99 44.05 53.53
N THR A 256 -26.41 44.36 52.38
CA THR A 256 -25.83 45.67 52.11
C THR A 256 -26.30 46.16 50.72
N PRO A 257 -26.96 47.34 50.62
CA PRO A 257 -27.26 48.32 51.69
C PRO A 257 -28.28 47.85 52.70
N ARG A 258 -28.49 48.67 53.74
CA ARG A 258 -29.39 48.38 54.84
C ARG A 258 -29.59 49.64 55.67
N PRO A 259 -30.75 49.75 56.33
CA PRO A 259 -30.93 50.82 57.30
C PRO A 259 -30.35 50.40 58.65
N ASP A 260 -30.42 51.27 59.66
CA ASP A 260 -29.93 50.96 61.00
C ASP A 260 -30.61 49.69 61.55
N ASP A 261 -29.91 48.96 62.39
CA ASP A 261 -30.45 47.80 63.06
C ASP A 261 -31.73 48.15 63.84
N GLY A 262 -32.77 47.37 63.58
CA GLY A 262 -34.08 47.50 64.27
C GLY A 262 -34.96 48.64 63.79
N SER A 263 -34.55 49.33 62.71
CA SER A 263 -35.29 50.51 62.25
C SER A 263 -36.51 50.13 61.44
N ILE A 264 -36.49 48.93 60.88
CA ILE A 264 -37.68 48.45 60.19
C ILE A 264 -38.84 48.15 61.15
N THR A 265 -39.81 49.07 61.20
CA THR A 265 -40.97 48.95 62.10
C THR A 265 -41.82 47.80 61.57
N GLY A 266 -42.70 47.25 62.41
CA GLY A 266 -43.65 46.22 61.93
C GLY A 266 -43.26 44.83 62.40
N PRO A 267 -44.05 43.83 62.01
CA PRO A 267 -43.82 42.47 62.42
C PRO A 267 -42.73 41.90 61.53
N CYS A 268 -42.42 40.63 61.74
CA CYS A 268 -41.29 39.98 61.09
C CYS A 268 -41.27 40.15 59.60
N GLU A 269 -42.44 40.07 58.99
CA GLU A 269 -42.61 40.08 57.55
C GLU A 269 -42.45 41.45 56.86
N SER A 270 -42.30 42.52 57.62
CA SER A 270 -42.15 43.88 57.06
C SER A 270 -40.85 44.04 56.27
N ASN A 271 -40.94 44.74 55.13
CA ASN A 271 -39.79 44.91 54.23
C ASN A 271 -38.61 45.72 54.79
N GLY A 272 -38.69 47.03 55.06
CA GLY A 272 -39.47 48.03 54.42
C GLY A 272 -38.43 48.80 53.60
N ASP A 273 -37.50 49.50 54.26
CA ASP A 273 -36.67 50.53 53.57
C ASP A 273 -35.23 50.14 53.19
N LYS A 274 -34.69 50.89 52.23
CA LYS A 274 -33.35 50.69 51.74
C LYS A 274 -33.16 49.28 51.19
N GLY A 275 -34.22 48.73 50.58
CA GLY A 275 -34.25 47.35 50.10
C GLY A 275 -33.63 47.09 48.73
N SER A 276 -33.53 48.12 47.90
CA SER A 276 -33.02 47.93 46.55
C SER A 276 -31.51 47.75 46.66
N GLY A 277 -30.95 46.84 45.85
CA GLY A 277 -29.55 46.50 46.00
C GLY A 277 -29.39 45.32 46.95
N GLY A 278 -28.17 44.83 47.10
CA GLY A 278 -27.97 43.67 47.94
C GLY A 278 -26.57 43.12 47.81
N ILE A 279 -26.31 42.05 48.55
CA ILE A 279 -25.01 41.43 48.60
C ILE A 279 -25.20 40.00 49.06
N LYS A 280 -24.49 39.07 48.40
CA LYS A 280 -24.43 37.68 48.93
C LYS A 280 -23.76 37.64 50.28
N GLY A 281 -24.36 36.95 51.23
CA GLY A 281 -23.84 36.94 52.60
C GLY A 281 -23.58 35.56 53.15
N GLY A 282 -22.60 35.48 54.07
CA GLY A 282 -22.11 34.21 54.55
C GLY A 282 -23.00 33.66 55.62
N PHE A 283 -23.05 32.35 55.68
CA PHE A 283 -23.98 31.65 56.60
C PHE A 283 -23.50 30.22 56.71
N VAL A 284 -23.28 29.78 57.95
CA VAL A 284 -22.88 28.41 58.20
C VAL A 284 -23.49 27.92 59.52
N HIS A 285 -23.68 26.61 59.61
CA HIS A 285 -24.23 25.95 60.79
C HIS A 285 -23.13 25.32 61.67
N GLN A 286 -23.27 25.53 62.97
CA GLN A 286 -22.57 24.73 63.96
C GLN A 286 -23.58 23.75 64.59
N ARG A 287 -23.57 22.51 64.15
CA ARG A 287 -24.47 21.48 64.71
C ARG A 287 -23.92 20.79 65.98
N MET A 288 -24.65 20.96 67.09
CA MET A 288 -24.31 20.27 68.34
C MET A 288 -25.46 19.36 68.74
N ALA A 289 -25.18 18.39 69.63
CA ALA A 289 -26.16 17.40 70.05
C ALA A 289 -27.54 18.02 70.28
N SER A 290 -27.71 18.77 71.38
CA SER A 290 -29.01 19.42 71.62
C SER A 290 -29.01 20.97 71.48
N LYS A 291 -28.21 21.48 70.55
CA LYS A 291 -28.14 22.91 70.29
C LYS A 291 -27.66 23.18 68.85
N ILE A 292 -28.25 24.17 68.17
CA ILE A 292 -27.77 24.63 66.88
C ILE A 292 -27.25 26.06 66.95
N GLY A 293 -26.18 26.30 66.22
CA GLY A 293 -25.59 27.63 66.13
C GLY A 293 -25.65 28.08 64.70
N ARG A 294 -26.06 29.33 64.50
CA ARG A 294 -26.10 29.86 63.17
C ARG A 294 -25.14 31.03 63.10
N TRP A 295 -24.15 30.92 62.20
CA TRP A 295 -23.13 31.94 62.08
C TRP A 295 -23.33 32.73 60.81
N TYR A 296 -23.21 34.05 60.89
CA TYR A 296 -23.51 34.90 59.74
C TYR A 296 -22.42 35.98 59.62
N SER A 297 -22.27 36.54 58.43
CA SER A 297 -21.45 37.71 58.23
C SER A 297 -22.16 38.79 57.46
N ARG A 298 -21.78 40.03 57.75
CA ARG A 298 -22.30 41.18 56.99
C ARG A 298 -21.22 42.25 56.94
N THR A 299 -21.34 43.14 55.97
CA THR A 299 -20.36 44.20 55.83
C THR A 299 -20.39 45.10 57.04
N MET A 300 -19.26 45.69 57.37
CA MET A 300 -19.18 46.60 58.51
C MET A 300 -19.85 47.95 58.17
N SER A 301 -19.73 48.35 56.91
CA SER A 301 -20.49 49.51 56.39
C SER A 301 -21.92 49.12 56.04
N LYS A 302 -22.86 50.00 56.37
CA LYS A 302 -24.26 49.77 56.03
C LYS A 302 -24.55 49.98 54.56
N THR A 303 -23.78 50.83 53.89
CA THR A 303 -24.08 51.23 52.52
C THR A 303 -23.08 50.68 51.49
N LYS A 304 -21.81 50.56 51.90
CA LYS A 304 -20.75 50.19 51.01
C LYS A 304 -20.25 48.78 51.29
N ARG A 305 -19.51 48.24 50.34
CA ARG A 305 -19.02 46.90 50.44
C ARG A 305 -17.66 46.88 51.14
N MET A 306 -17.61 47.54 52.30
CA MET A 306 -16.40 47.67 53.10
C MET A 306 -16.57 46.98 54.47
N GLY A 307 -15.58 46.14 54.80
CA GLY A 307 -15.51 45.43 56.09
C GLY A 307 -16.31 44.14 56.12
N MET A 308 -16.12 43.34 57.14
CA MET A 308 -16.96 42.17 57.34
C MET A 308 -16.98 41.74 58.78
N GLY A 309 -18.17 41.65 59.34
CA GLY A 309 -18.31 41.29 60.74
C GLY A 309 -18.97 39.93 60.80
N LEU A 310 -18.63 39.17 61.83
CA LEU A 310 -19.17 37.84 62.06
C LEU A 310 -20.15 37.88 63.24
N TYR A 311 -21.33 37.29 63.03
CA TYR A 311 -22.42 37.30 63.99
C TYR A 311 -22.85 35.88 64.30
N VAL A 312 -23.50 35.69 65.44
CA VAL A 312 -23.93 34.34 65.81
C VAL A 312 -25.20 34.39 66.64
N LYS A 313 -26.11 33.45 66.39
CA LYS A 313 -27.20 33.15 67.35
C LYS A 313 -27.39 31.63 67.54
N TYR A 314 -27.61 31.21 68.77
CA TYR A 314 -27.91 29.80 69.06
C TYR A 314 -29.41 29.54 69.17
N ASP A 315 -29.87 28.43 68.59
CA ASP A 315 -31.28 27.96 68.65
C ASP A 315 -32.32 28.97 68.10
N GLY A 316 -33.58 28.88 68.53
CA GLY A 316 -34.57 29.85 68.13
C GLY A 316 -35.03 29.59 66.71
N ASP A 317 -35.76 30.53 66.13
CA ASP A 317 -36.25 30.40 64.75
C ASP A 317 -35.95 31.74 64.10
N PRO A 318 -35.05 31.76 63.10
CA PRO A 318 -34.66 32.96 62.34
C PRO A 318 -35.84 33.68 61.69
N TRP A 319 -36.95 32.98 61.49
CA TRP A 319 -38.15 33.60 60.95
C TRP A 319 -38.88 34.50 61.97
N THR A 320 -38.91 34.09 63.24
CA THR A 320 -39.71 34.81 64.28
C THR A 320 -38.85 35.56 65.30
N ASP A 321 -37.59 35.17 65.45
CA ASP A 321 -36.68 35.82 66.41
C ASP A 321 -36.31 37.25 65.98
N SER A 322 -36.71 38.25 66.76
CA SER A 322 -36.39 39.63 66.39
C SER A 322 -35.15 40.09 67.14
N ASP A 323 -34.64 39.22 68.04
CA ASP A 323 -33.52 39.54 68.88
C ASP A 323 -32.34 39.82 67.99
N ALA A 324 -31.50 40.78 68.39
CA ALA A 324 -30.24 41.08 67.70
C ALA A 324 -29.33 39.87 67.75
N LEU A 325 -28.61 39.69 66.62
CA LEU A 325 -27.51 38.73 66.50
C LEU A 325 -26.28 39.20 67.29
N ALA A 326 -25.65 38.28 68.01
CA ALA A 326 -24.50 38.61 68.82
C ALA A 326 -23.35 38.91 67.88
N LEU A 327 -22.73 40.09 68.01
CA LEU A 327 -21.50 40.39 67.26
C LEU A 327 -20.30 39.58 67.79
N SER A 328 -19.73 38.72 66.96
CA SER A 328 -18.67 37.81 67.40
C SER A 328 -17.25 38.35 67.19
N GLY A 329 -16.98 38.91 66.02
CA GLY A 329 -15.74 39.66 65.79
C GLY A 329 -15.72 40.40 64.48
N VAL A 330 -14.70 41.22 64.29
CA VAL A 330 -14.56 41.93 63.03
C VAL A 330 -13.58 41.14 62.17
N MET A 331 -14.06 40.46 61.13
CA MET A 331 -13.14 39.68 60.26
C MET A 331 -12.35 40.52 59.25
N VAL A 332 -12.96 41.59 58.76
CA VAL A 332 -12.34 42.51 57.80
C VAL A 332 -12.70 43.92 58.29
N SER A 333 -11.69 44.77 58.48
CA SER A 333 -11.96 46.11 59.02
C SER A 333 -12.67 46.98 57.97
N MET A 334 -13.22 48.10 58.43
CA MET A 334 -13.91 49.07 57.60
C MET A 334 -13.02 49.63 56.48
N GLU A 335 -11.71 49.56 56.67
CA GLU A 335 -10.76 50.11 55.69
C GLU A 335 -10.51 49.12 54.56
N GLU A 336 -10.90 47.86 54.76
CA GLU A 336 -10.61 46.84 53.75
C GLU A 336 -11.91 46.44 53.05
N PRO A 337 -11.81 46.00 51.80
CA PRO A 337 -13.03 45.65 51.04
C PRO A 337 -13.68 44.35 51.55
N GLY A 338 -15.01 44.34 51.64
CA GLY A 338 -15.75 43.18 52.12
C GLY A 338 -16.91 42.98 51.17
N TRP A 339 -16.72 42.06 50.23
CA TRP A 339 -17.74 41.87 49.18
C TRP A 339 -18.56 40.61 49.49
N TYR A 340 -18.61 39.64 48.57
CA TYR A 340 -19.45 38.47 48.84
C TYR A 340 -18.87 37.70 49.99
N SER A 341 -19.74 37.00 50.73
CA SER A 341 -19.27 36.03 51.72
C SER A 341 -20.10 34.75 51.67
N PHE A 342 -19.50 33.63 52.10
CA PHE A 342 -20.09 32.33 51.87
C PHE A 342 -19.72 31.36 52.98
N GLY A 343 -20.53 30.33 53.14
CA GLY A 343 -20.34 29.32 54.15
C GLY A 343 -19.83 28.01 53.54
N PHE A 344 -19.01 27.29 54.29
CA PHE A 344 -18.55 25.95 53.88
C PHE A 344 -18.08 25.16 55.08
N GLU A 345 -18.02 23.86 54.93
CA GLU A 345 -17.56 23.03 56.03
C GLU A 345 -16.39 22.19 55.60
N ILE A 346 -15.37 22.14 56.46
CA ILE A 346 -14.22 21.24 56.24
C ILE A 346 -14.49 19.91 56.95
N LYS A 347 -14.20 18.80 56.28
CA LYS A 347 -14.44 17.47 56.87
CA LYS A 347 -14.44 17.46 56.84
C LYS A 347 -13.23 16.94 57.65
N ASP A 348 -13.36 16.92 58.99
CA ASP A 348 -12.32 16.36 59.86
C ASP A 348 -12.62 14.87 59.96
N LYS A 349 -11.80 14.13 60.66
CA LYS A 349 -11.94 12.67 60.66
C LYS A 349 -13.36 12.22 61.05
N LYS A 350 -13.91 12.79 62.15
CA LYS A 350 -15.20 12.33 62.68
C LYS A 350 -16.27 13.41 62.80
N CYS A 351 -15.95 14.64 62.39
CA CYS A 351 -16.79 15.82 62.63
C CYS A 351 -16.51 16.88 61.59
N ASP A 352 -17.40 17.88 61.56
CA ASP A 352 -17.39 18.88 60.49
C ASP A 352 -16.98 20.24 61.01
N VAL A 353 -16.15 20.94 60.25
CA VAL A 353 -15.71 22.26 60.69
C VAL A 353 -16.42 23.34 59.89
N PRO A 354 -17.22 24.17 60.56
CA PRO A 354 -17.89 25.28 59.89
C PRO A 354 -16.95 26.48 59.64
N CYS A 355 -17.02 27.02 58.44
CA CYS A 355 -16.15 28.14 58.00
C CYS A 355 -16.91 29.19 57.22
N ILE A 356 -16.45 30.43 57.35
CA ILE A 356 -16.97 31.53 56.55
C ILE A 356 -15.82 32.03 55.68
N GLY A 357 -16.04 32.09 54.39
CA GLY A 357 -15.10 32.74 53.50
C GLY A 357 -15.59 34.10 53.02
N ILE A 358 -14.65 35.00 52.79
CA ILE A 358 -14.96 36.37 52.40
C ILE A 358 -14.22 36.78 51.10
N GLU A 359 -15.00 37.14 50.08
CA GLU A 359 -14.48 37.78 48.87
C GLU A 359 -14.05 39.22 49.16
N MET A 360 -12.77 39.51 48.98
CA MET A 360 -12.27 40.86 49.20
C MET A 360 -11.82 41.40 47.84
N VAL A 361 -12.68 42.20 47.24
CA VAL A 361 -12.51 42.56 45.83
C VAL A 361 -11.60 43.75 45.74
N HIS A 362 -10.71 43.71 44.77
CA HIS A 362 -9.83 44.82 44.47
C HIS A 362 -10.52 45.66 43.39
N ASP A 363 -11.11 46.75 43.84
CA ASP A 363 -11.90 47.59 42.97
C ASP A 363 -11.24 48.93 42.76
N GLY A 364 -10.73 49.17 41.56
CA GLY A 364 -10.30 50.51 41.20
C GLY A 364 -11.07 51.08 40.01
N GLY A 365 -12.32 50.64 39.83
CA GLY A 365 -13.18 51.09 38.70
C GLY A 365 -12.93 50.32 37.41
N LYS A 366 -13.62 50.73 36.33
CA LYS A 366 -13.57 49.98 35.07
C LYS A 366 -12.32 50.22 34.22
N GLU A 367 -11.56 51.26 34.58
CA GLU A 367 -10.32 51.62 33.90
C GLU A 367 -9.09 50.77 34.34
N THR A 368 -9.30 49.76 35.18
CA THR A 368 -8.18 48.84 35.51
C THR A 368 -8.75 47.43 35.74
N TRP A 369 -7.92 46.51 36.24
CA TRP A 369 -8.37 45.13 36.50
C TRP A 369 -9.28 45.04 37.72
N HIS A 370 -10.07 43.99 37.82
CA HIS A 370 -11.08 43.86 38.84
C HIS A 370 -11.08 42.41 39.28
N SER A 371 -10.58 42.16 40.48
CA SER A 371 -10.44 40.80 40.96
C SER A 371 -10.65 40.72 42.45
N ALA A 372 -10.40 39.54 43.01
CA ALA A 372 -10.65 39.36 44.43
C ALA A 372 -9.59 38.51 45.12
N ALA A 373 -9.40 38.75 46.40
CA ALA A 373 -8.79 37.79 47.31
C ALA A 373 -9.90 37.02 48.01
N THR A 374 -9.52 36.00 48.78
CA THR A 374 -10.43 35.22 49.59
C THR A 374 -9.88 35.00 51.02
N ALA A 375 -10.57 35.55 52.01
CA ALA A 375 -10.23 35.37 53.43
C ALA A 375 -11.07 34.26 54.01
N ILE A 376 -10.47 33.41 54.85
CA ILE A 376 -11.19 32.25 55.41
C ILE A 376 -11.12 32.27 56.94
N TYR A 377 -12.30 32.19 57.57
CA TYR A 377 -12.45 32.15 59.04
C TYR A 377 -13.15 30.85 59.41
N CYS A 378 -12.60 30.11 60.36
CA CYS A 378 -13.17 28.82 60.71
C CYS A 378 -13.44 28.78 62.20
N LEU A 379 -14.40 27.97 62.61
CA LEU A 379 -14.55 27.61 64.03
C LEU A 379 -13.34 26.85 64.58
N MET A 380 -12.74 27.35 65.66
CA MET A 380 -11.58 26.70 66.23
C MET A 380 -11.33 27.15 67.65
N GLY A 381 -11.41 26.18 68.56
CA GLY A 381 -11.08 26.42 69.96
C GLY A 381 -12.13 27.30 70.61
N SER A 382 -11.73 27.87 71.72
CA SER A 382 -12.60 28.72 72.51
CA SER A 382 -12.59 28.71 72.52
C SER A 382 -12.08 30.16 72.49
N GLY A 383 -12.64 31.01 73.35
CA GLY A 383 -12.30 32.45 73.43
C GLY A 383 -13.12 33.36 72.51
N GLN A 384 -12.48 34.44 72.05
CA GLN A 384 -13.04 35.39 71.09
CA GLN A 384 -13.05 35.38 71.08
C GLN A 384 -12.18 35.52 69.84
N LEU A 385 -12.83 35.84 68.70
CA LEU A 385 -12.17 36.15 67.44
C LEU A 385 -11.11 37.25 67.61
N LEU A 386 -9.89 37.01 67.11
CA LEU A 386 -8.76 37.84 67.56
C LEU A 386 -8.17 38.76 66.50
N TRP A 387 -8.16 38.37 65.23
CA TRP A 387 -7.44 39.17 64.20
C TRP A 387 -8.21 39.34 62.90
N ASP A 388 -8.02 40.50 62.27
CA ASP A 388 -8.72 40.80 61.05
C ASP A 388 -7.77 40.41 59.89
N THR A 389 -8.27 40.50 58.65
CA THR A 389 -7.55 40.10 57.41
C THR A 389 -7.50 41.29 56.46
N VAL A 390 -6.34 41.50 55.85
CA VAL A 390 -6.12 42.55 54.88
C VAL A 390 -5.57 41.85 53.67
N THR A 391 -5.78 42.42 52.47
CA THR A 391 -5.28 41.80 51.26
C THR A 391 -3.83 42.08 51.02
N GLY A 392 -3.37 43.25 51.43
CA GLY A 392 -1.96 43.61 51.29
C GLY A 392 -1.64 44.08 49.89
N VAL A 393 -2.69 44.19 49.07
CA VAL A 393 -2.50 44.46 47.67
C VAL A 393 -2.49 45.96 47.37
N ASP A 394 -1.51 46.41 46.61
CA ASP A 394 -1.52 47.78 46.10
C ASP A 394 -1.85 47.72 44.60
N MET A 395 -2.96 48.34 44.19
CA MET A 395 -3.48 48.17 42.82
C MET A 395 -2.72 48.96 41.74
N ALA A 396 -1.92 49.96 42.17
CA ALA A 396 -0.99 50.69 41.28
C ALA A 396 0.22 49.87 40.75
N LEU A 397 0.47 48.70 41.33
CA LEU A 397 1.69 47.95 41.01
C LEU A 397 1.47 46.93 39.90
N PRO B 9 -8.00 -3.04 35.89
CA PRO B 9 -8.65 -2.41 34.74
C PRO B 9 -8.82 -3.38 33.58
N GLU B 10 -9.89 -3.18 32.81
CA GLU B 10 -10.22 -4.04 31.69
CA GLU B 10 -10.27 -4.05 31.72
C GLU B 10 -10.37 -3.22 30.44
N TRP B 11 -10.48 -3.90 29.30
CA TRP B 11 -10.64 -3.22 28.02
C TRP B 11 -11.95 -2.46 28.00
N THR B 12 -11.92 -1.29 27.37
CA THR B 12 -13.10 -0.44 27.19
CA THR B 12 -13.12 -0.49 27.21
C THR B 12 -13.80 -0.73 25.86
N TYR B 13 -15.12 -0.49 25.83
CA TYR B 13 -16.03 -0.71 24.68
C TYR B 13 -16.96 0.49 24.61
N PRO B 14 -17.43 0.86 23.41
CA PRO B 14 -18.44 1.91 23.34
C PRO B 14 -19.73 1.47 24.01
N ARG B 15 -20.32 2.36 24.82
CA ARG B 15 -21.61 2.13 25.46
C ARG B 15 -22.71 2.99 24.81
N LEU B 16 -23.95 2.75 25.24
CA LEU B 16 -25.04 3.64 24.90
C LEU B 16 -24.67 5.06 25.34
N SER B 17 -25.01 6.06 24.52
CA SER B 17 -24.77 7.45 24.87
C SER B 17 -25.66 7.88 26.04
N CYS B 18 -25.16 8.83 26.81
CA CYS B 18 -25.95 9.47 27.85
C CYS B 18 -27.18 10.16 27.24
N PRO B 19 -28.26 10.29 28.05
CA PRO B 19 -29.47 11.01 27.61
C PRO B 19 -29.18 12.46 27.21
N GLY B 20 -30.01 12.97 26.31
CA GLY B 20 -29.92 14.36 25.81
C GLY B 20 -30.39 14.43 24.37
N SER B 21 -30.74 15.64 23.92
CA SER B 21 -31.16 15.84 22.53
C SER B 21 -30.54 17.12 21.90
N THR B 22 -29.58 17.74 22.57
CA THR B 22 -28.95 18.95 22.04
C THR B 22 -27.54 19.14 22.58
N PHE B 23 -26.69 19.81 21.79
CA PHE B 23 -25.35 20.14 22.27
C PHE B 23 -25.42 21.53 22.91
N GLN B 24 -24.50 21.80 23.82
CA GLN B 24 -24.36 23.11 24.44
C GLN B 24 -22.87 23.43 24.59
N LYS B 25 -22.57 24.72 24.71
CA LYS B 25 -21.22 25.20 24.92
C LYS B 25 -20.69 24.67 26.26
N ALA B 26 -19.62 23.90 26.20
CA ALA B 26 -19.08 23.24 27.41
C ALA B 26 -17.84 23.94 27.98
N LEU B 27 -16.81 24.10 27.18
CA LEU B 27 -15.54 24.59 27.64
C LEU B 27 -14.75 25.28 26.54
N LEU B 28 -14.12 26.39 26.87
CA LEU B 28 -13.17 26.96 25.97
C LEU B 28 -11.71 26.83 26.56
N ILE B 29 -10.77 26.33 25.75
CA ILE B 29 -9.32 26.38 26.09
C ILE B 29 -8.65 27.38 25.15
N SER B 30 -8.40 28.59 25.61
CA SER B 30 -7.86 29.65 24.82
C SER B 30 -6.60 30.12 25.51
N PRO B 31 -5.46 29.43 25.28
CA PRO B 31 -4.20 29.65 26.01
C PRO B 31 -3.56 30.99 25.69
N HIS B 32 -3.79 31.53 24.49
CA HIS B 32 -3.27 32.85 24.13
C HIS B 32 -4.00 34.10 24.69
N ARG B 33 -5.07 33.90 25.44
CA ARG B 33 -5.56 34.94 26.34
C ARG B 33 -4.45 35.34 27.36
N PHE B 34 -3.40 34.53 27.45
CA PHE B 34 -2.33 34.81 28.42
C PHE B 34 -0.96 35.05 27.77
N GLY B 35 -0.93 35.16 26.43
CA GLY B 35 0.32 35.33 25.74
C GLY B 35 0.71 36.77 25.44
N GLU B 36 0.15 37.73 26.17
CA GLU B 36 0.55 39.11 25.95
C GLU B 36 2.01 39.36 26.36
N THR B 37 2.68 40.21 25.58
CA THR B 37 3.98 40.77 26.02
C THR B 37 3.91 41.32 27.48
N LYS B 38 2.79 41.93 27.84
CA LYS B 38 2.63 42.56 29.15
C LYS B 38 2.42 41.48 30.24
N GLY B 39 2.19 40.24 29.80
CA GLY B 39 1.86 39.14 30.71
C GLY B 39 3.10 38.39 31.17
N ASN B 40 2.91 37.30 31.91
CA ASN B 40 4.01 36.52 32.49
C ASN B 40 3.78 35.04 32.24
N SER B 41 3.10 34.68 31.14
CA SER B 41 2.78 33.29 30.86
C SER B 41 3.50 32.77 29.60
N ALA B 42 3.40 31.47 29.36
CA ALA B 42 4.05 30.83 28.22
C ALA B 42 3.14 29.83 27.53
N PRO B 43 2.04 30.29 26.90
CA PRO B 43 1.21 29.35 26.19
C PRO B 43 1.97 28.82 25.00
N LEU B 44 1.84 27.52 24.71
CA LEU B 44 2.54 26.93 23.57
C LEU B 44 1.86 27.26 22.27
N ILE B 45 2.68 27.40 21.22
CA ILE B 45 2.18 27.63 19.90
C ILE B 45 1.83 26.24 19.35
N ILE B 46 0.57 26.04 18.97
CA ILE B 46 0.10 24.70 18.61
C ILE B 46 -0.85 24.81 17.43
N ARG B 47 -1.17 23.66 16.83
CA ARG B 47 -2.27 23.54 15.88
C ARG B 47 -2.69 22.09 15.91
N GLU B 48 -3.79 21.81 15.22
CA GLU B 48 -4.38 20.49 15.12
C GLU B 48 -4.66 19.93 16.50
N PRO B 49 -5.38 20.69 17.35
CA PRO B 49 -5.75 20.08 18.65
C PRO B 49 -6.80 19.00 18.47
N PHE B 50 -6.80 18.05 19.39
CA PHE B 50 -7.93 17.10 19.50
C PHE B 50 -8.00 16.64 20.95
N ILE B 51 -9.07 15.96 21.31
CA ILE B 51 -9.22 15.42 22.65
C ILE B 51 -9.48 13.92 22.59
N ALA B 52 -8.97 13.19 23.59
CA ALA B 52 -9.27 11.76 23.74
C ALA B 52 -9.49 11.47 25.24
N CYS B 53 -10.46 10.61 25.55
CA CYS B 53 -10.76 10.37 26.93
C CYS B 53 -10.58 8.91 27.27
N GLY B 54 -10.13 8.63 28.47
CA GLY B 54 -10.20 7.29 29.03
C GLY B 54 -11.21 7.29 30.19
N PRO B 55 -11.23 6.22 31.02
CA PRO B 55 -12.27 6.05 31.99
C PRO B 55 -12.23 7.05 33.12
N LYS B 56 -11.08 7.71 33.32
CA LYS B 56 -10.99 8.71 34.41
C LYS B 56 -10.60 10.15 33.99
N GLU B 57 -10.02 10.29 32.81
CA GLU B 57 -9.41 11.55 32.41
C GLU B 57 -9.61 11.81 30.92
N CYS B 58 -9.75 13.07 30.56
CA CYS B 58 -9.64 13.45 29.16
C CYS B 58 -8.33 14.22 28.97
N LYS B 59 -7.59 13.87 27.90
CA LYS B 59 -6.36 14.58 27.49
C LYS B 59 -6.56 15.48 26.27
N HIS B 60 -6.11 16.73 26.39
CA HIS B 60 -6.14 17.69 25.30
C HIS B 60 -4.82 17.66 24.53
N PHE B 61 -4.84 17.06 23.36
CA PHE B 61 -3.68 16.91 22.54
C PHE B 61 -3.59 18.06 21.54
N ALA B 62 -2.36 18.36 21.16
CA ALA B 62 -2.04 19.26 20.02
C ALA B 62 -0.67 18.96 19.44
N LEU B 63 -0.39 19.43 18.23
CA LEU B 63 0.95 19.45 17.70
C LEU B 63 1.60 20.82 17.94
N THR B 64 2.67 20.89 18.76
CA THR B 64 3.39 22.16 18.95
C THR B 64 4.61 22.42 18.01
N HIS B 65 4.87 23.70 17.69
CA HIS B 65 6.12 24.11 17.05
C HIS B 65 7.29 24.27 18.02
N TYR B 66 7.12 23.78 19.25
CA TYR B 66 8.19 23.87 20.27
C TYR B 66 8.55 25.33 20.54
N ALA B 67 7.54 26.20 20.50
CA ALA B 67 7.75 27.64 20.68
C ALA B 67 6.61 28.16 21.50
N ALA B 68 6.80 29.28 22.20
CA ALA B 68 5.79 29.84 23.12
C ALA B 68 5.44 31.27 22.77
N GLN B 69 4.34 31.78 23.35
CA GLN B 69 3.99 33.19 23.17
C GLN B 69 3.92 33.82 24.54
N PRO B 70 4.60 34.96 24.74
CA PRO B 70 5.55 35.62 23.82
C PRO B 70 6.87 34.84 23.63
N GLY B 71 7.51 35.02 22.49
CA GLY B 71 8.76 34.31 22.18
C GLY B 71 9.42 34.77 20.89
N GLY B 72 10.59 34.20 20.60
CA GLY B 72 11.39 34.62 19.47
C GLY B 72 11.38 33.64 18.30
N TYR B 73 10.53 32.63 18.41
CA TYR B 73 10.46 31.59 17.42
C TYR B 73 9.12 31.54 16.66
N TYR B 74 8.58 32.70 16.29
CA TYR B 74 7.34 32.74 15.49
C TYR B 74 7.52 32.32 14.05
N ASN B 75 8.67 32.65 13.47
CA ASN B 75 8.97 32.27 12.08
C ASN B 75 8.86 30.76 11.88
N GLY B 76 7.98 30.35 10.96
CA GLY B 76 7.80 28.93 10.60
C GLY B 76 6.66 28.25 11.30
N THR B 77 5.97 28.95 12.22
CA THR B 77 4.77 28.42 12.87
C THR B 77 3.48 28.28 12.02
N ARG B 78 3.39 28.94 10.86
CA ARG B 78 2.33 28.67 9.88
C ARG B 78 2.54 27.34 9.14
N GLY B 79 3.77 26.90 8.99
CA GLY B 79 4.01 25.60 8.32
C GLY B 79 3.48 24.50 9.21
N ASP B 80 3.38 23.27 8.70
CA ASP B 80 2.97 22.13 9.53
C ASP B 80 4.15 21.19 9.81
N ARG B 81 4.91 20.85 8.78
CA ARG B 81 6.04 19.93 8.94
C ARG B 81 7.34 20.62 9.19
N ASN B 82 8.04 20.18 10.26
CA ASN B 82 9.43 20.53 10.53
C ASN B 82 9.99 19.54 11.57
N LYS B 83 11.27 19.69 11.91
CA LYS B 83 12.00 18.76 12.83
C LYS B 83 11.79 19.08 14.29
N LEU B 84 11.15 20.21 14.55
CA LEU B 84 10.83 20.60 15.93
C LEU B 84 9.45 20.16 16.40
N ARG B 85 8.55 19.89 15.47
CA ARG B 85 7.14 19.62 15.78
C ARG B 85 7.00 18.39 16.67
N HIS B 86 6.20 18.55 17.74
CA HIS B 86 5.96 17.48 18.68
C HIS B 86 4.49 17.37 19.02
N LEU B 87 4.05 16.13 19.24
CA LEU B 87 2.78 15.85 19.94
C LEU B 87 2.85 16.14 21.46
N ILE B 88 1.98 17.04 21.92
CA ILE B 88 1.87 17.36 23.36
C ILE B 88 0.50 17.09 23.95
N SER B 89 0.42 17.12 25.28
CA SER B 89 -0.92 17.02 25.91
C SER B 89 -0.93 17.65 27.26
N VAL B 90 -2.10 18.10 27.66
CA VAL B 90 -2.44 18.40 29.04
C VAL B 90 -3.72 17.65 29.43
N LYS B 91 -3.92 17.49 30.73
CA LYS B 91 -5.25 17.11 31.23
C LYS B 91 -6.25 18.15 30.70
N LEU B 92 -7.36 17.74 30.05
CA LEU B 92 -8.38 18.70 29.57
C LEU B 92 -8.82 19.60 30.73
N GLY B 93 -8.68 20.92 30.57
CA GLY B 93 -9.02 21.84 31.63
C GLY B 93 -7.79 22.64 32.01
N LYS B 94 -6.62 22.06 31.82
CA LYS B 94 -5.38 22.78 32.04
C LYS B 94 -4.98 23.56 30.81
N ILE B 95 -4.41 24.75 31.02
CA ILE B 95 -3.90 25.56 29.91
C ILE B 95 -2.60 24.96 29.42
N PRO B 96 -2.49 24.70 28.09
CA PRO B 96 -1.26 24.11 27.55
C PRO B 96 -0.08 25.08 27.42
N THR B 97 0.60 25.27 28.54
CA THR B 97 1.77 26.09 28.55
C THR B 97 2.99 25.18 28.52
N VAL B 98 4.15 25.82 28.54
CA VAL B 98 5.45 25.15 28.59
C VAL B 98 5.57 24.15 29.72
N GLU B 99 5.15 24.55 30.92
CA GLU B 99 5.37 23.76 32.10
C GLU B 99 4.25 22.74 32.35
N ASN B 100 3.04 23.10 31.98
CA ASN B 100 1.87 22.23 32.10
C ASN B 100 1.86 21.07 31.13
N SER B 101 2.45 21.28 29.97
CA SER B 101 2.39 20.28 28.90
C SER B 101 3.41 19.17 29.14
N ILE B 102 3.12 18.03 28.52
CA ILE B 102 4.04 16.93 28.48
C ILE B 102 4.32 16.66 27.01
N PHE B 103 5.59 16.40 26.66
CA PHE B 103 5.94 16.17 25.28
C PHE B 103 6.06 14.67 25.03
N HIS B 104 5.21 14.16 24.15
CA HIS B 104 5.09 12.72 23.92
C HIS B 104 6.11 12.17 22.96
N MET B 105 6.26 12.82 21.81
CA MET B 105 7.18 12.40 20.80
C MET B 105 7.18 13.44 19.71
N ALA B 106 8.20 13.39 18.85
CA ALA B 106 8.31 14.24 17.67
C ALA B 106 7.22 13.83 16.71
N ALA B 107 6.39 14.80 16.30
CA ALA B 107 5.32 14.51 15.31
C ALA B 107 4.89 15.78 14.65
N TRP B 108 4.66 15.75 13.33
CA TRP B 108 3.90 16.84 12.67
C TRP B 108 2.53 16.37 12.16
N SER B 109 2.11 15.16 12.59
CA SER B 109 0.72 14.64 12.35
C SER B 109 0.49 13.61 13.44
N GLY B 110 -0.59 13.75 14.21
CA GLY B 110 -0.84 12.89 15.34
C GLY B 110 -2.21 12.31 15.57
N SER B 111 -2.24 11.44 16.57
CA SER B 111 -3.47 10.83 17.07
C SER B 111 -3.16 10.18 18.40
N ALA B 112 -4.22 9.83 19.13
CA ALA B 112 -4.06 9.14 20.43
C ALA B 112 -5.39 8.57 20.92
N CYS B 113 -5.35 7.54 21.78
CA CYS B 113 -6.57 6.88 22.27
C CYS B 113 -6.19 5.95 23.40
N HIS B 114 -7.13 5.84 24.35
CA HIS B 114 -7.05 4.97 25.50
C HIS B 114 -7.89 3.70 25.31
N ASP B 115 -7.32 2.56 25.68
CA ASP B 115 -7.98 1.28 25.43
C ASP B 115 -8.64 0.65 26.65
N GLY B 116 -8.78 1.40 27.73
CA GLY B 116 -9.24 0.86 28.98
C GLY B 116 -8.13 0.58 29.98
N LYS B 117 -6.92 0.33 29.46
CA LYS B 117 -5.78 0.00 30.29
C LYS B 117 -4.63 1.02 30.22
N GLU B 118 -4.43 1.60 29.05
CA GLU B 118 -3.26 2.45 28.77
C GLU B 118 -3.51 3.33 27.56
N TRP B 119 -2.82 4.46 27.52
CA TRP B 119 -2.77 5.37 26.37
C TRP B 119 -1.93 4.87 25.18
N THR B 120 -2.50 4.94 23.98
CA THR B 120 -1.71 4.78 22.75
C THR B 120 -1.48 6.15 22.10
N TYR B 121 -0.21 6.50 21.79
CA TYR B 121 0.13 7.81 21.20
C TYR B 121 0.67 7.64 19.80
N ILE B 122 0.20 8.45 18.89
CA ILE B 122 0.55 8.27 17.48
C ILE B 122 1.16 9.54 16.94
N GLY B 123 2.31 9.40 16.28
CA GLY B 123 3.07 10.55 15.84
C GLY B 123 3.83 10.28 14.53
N VAL B 124 3.56 11.10 13.51
CA VAL B 124 4.25 10.96 12.25
C VAL B 124 5.25 12.10 12.11
N ASP B 125 6.49 11.74 11.76
CA ASP B 125 7.50 12.72 11.41
C ASP B 125 8.35 12.13 10.29
N GLY B 126 9.43 12.80 9.93
CA GLY B 126 10.28 12.30 8.83
C GLY B 126 10.18 13.18 7.60
N PRO B 127 10.90 12.82 6.50
CA PRO B 127 10.89 13.67 5.32
C PRO B 127 9.59 13.48 4.56
N GLU B 128 9.18 14.45 3.76
CA GLU B 128 7.98 14.34 2.90
C GLU B 128 7.82 13.01 2.15
N ASN B 129 8.89 12.60 1.48
CA ASN B 129 8.85 11.43 0.59
C ASN B 129 8.97 10.08 1.31
N ASN B 130 9.30 10.11 2.60
CA ASN B 130 9.45 8.88 3.31
C ASN B 130 9.16 9.08 4.80
N ALA B 131 7.98 9.62 5.10
CA ALA B 131 7.60 9.86 6.50
C ALA B 131 7.37 8.58 7.28
N LEU B 132 7.27 8.70 8.61
CA LEU B 132 7.19 7.54 9.50
C LEU B 132 6.19 7.78 10.58
N LEU B 133 5.28 6.83 10.73
CA LEU B 133 4.33 6.87 11.84
C LEU B 133 4.98 6.10 13.01
N LYS B 134 4.92 6.67 14.21
CA LYS B 134 5.51 6.05 15.39
C LYS B 134 4.44 5.79 16.41
N ILE B 135 4.53 4.63 17.07
CA ILE B 135 3.55 4.31 18.10
C ILE B 135 4.21 4.23 19.47
N LYS B 136 3.59 4.91 20.42
CA LYS B 136 4.02 4.90 21.81
C LYS B 136 2.87 4.29 22.62
N TYR B 137 3.20 3.32 23.46
CA TYR B 137 2.19 2.72 24.36
C TYR B 137 2.63 3.03 25.79
N GLY B 138 1.90 3.94 26.45
CA GLY B 138 2.30 4.54 27.70
C GLY B 138 3.60 5.30 27.52
N GLU B 139 4.70 4.81 28.16
CA GLU B 139 5.99 5.47 28.07
C GLU B 139 6.90 4.88 26.98
N ALA B 140 6.65 3.63 26.58
CA ALA B 140 7.44 2.90 25.58
C ALA B 140 7.06 3.14 24.11
N TYR B 141 8.07 3.38 23.27
CA TYR B 141 7.92 3.37 21.83
C TYR B 141 7.94 1.91 21.44
N THR B 142 6.92 1.52 20.66
CA THR B 142 6.57 0.11 20.48
C THR B 142 6.54 -0.38 19.02
N ASP B 143 6.09 0.47 18.09
CA ASP B 143 6.07 0.08 16.67
C ASP B 143 6.23 1.28 15.73
N THR B 144 6.51 1.02 14.44
CA THR B 144 6.35 2.06 13.41
C THR B 144 5.61 1.55 12.17
N TYR B 145 5.15 2.48 11.34
CA TYR B 145 4.65 2.13 9.98
C TYR B 145 5.23 3.05 8.92
N HIS B 146 5.48 2.52 7.73
CA HIS B 146 6.26 3.26 6.75
C HIS B 146 5.37 3.87 5.68
N SER B 147 5.83 4.99 5.12
CA SER B 147 5.25 5.63 3.95
C SER B 147 5.12 4.64 2.81
N TYR B 148 3.91 4.56 2.22
CA TYR B 148 3.61 3.58 1.16
C TYR B 148 3.32 4.23 -0.19
N ALA B 149 3.06 5.53 -0.16
CA ALA B 149 2.87 6.25 -1.41
C ALA B 149 3.87 7.36 -1.54
N ASN B 150 4.79 7.47 -0.57
CA ASN B 150 5.92 8.41 -0.60
C ASN B 150 5.57 9.91 -0.77
N ASN B 151 4.43 10.31 -0.21
CA ASN B 151 4.02 11.71 -0.27
C ASN B 151 3.23 12.12 0.97
N ILE B 152 3.98 12.48 2.00
CA ILE B 152 3.45 12.89 3.29
C ILE B 152 2.53 11.82 3.87
N LEU B 153 3.11 10.79 4.47
CA LEU B 153 2.35 9.83 5.25
C LEU B 153 1.73 10.62 6.42
N ARG B 154 0.46 10.39 6.71
CA ARG B 154 -0.41 11.35 7.48
C ARG B 154 -1.37 10.56 8.36
N THR B 155 -1.96 11.19 9.36
CA THR B 155 -2.94 10.46 10.12
C THR B 155 -4.12 11.39 10.52
N GLN B 156 -4.95 10.93 11.45
CA GLN B 156 -6.29 11.48 11.71
C GLN B 156 -6.35 12.93 12.21
N GLU B 157 -5.42 13.33 13.09
N GLU B 157 -5.40 13.34 13.06
CA GLU B 157 -5.52 14.64 13.76
CA GLU B 157 -5.44 14.59 13.83
C GLU B 157 -6.68 14.62 14.75
C GLU B 157 -6.65 14.62 14.76
N SER B 158 -7.09 13.41 15.17
CA SER B 158 -8.12 13.25 16.16
C SER B 158 -7.91 11.89 16.76
N ALA B 159 -8.64 11.63 17.83
CA ALA B 159 -8.56 10.35 18.54
C ALA B 159 -8.80 9.08 17.69
N CYS B 160 -7.94 8.09 17.90
CA CYS B 160 -8.18 6.77 17.39
C CYS B 160 -9.19 6.08 18.27
N ASN B 161 -9.57 4.86 17.94
CA ASN B 161 -10.71 4.24 18.61
C ASN B 161 -10.46 2.82 19.02
N CYS B 162 -10.57 2.57 20.33
CA CYS B 162 -10.25 1.26 20.87
C CYS B 162 -11.47 0.45 21.31
N ILE B 163 -11.47 -0.84 20.99
CA ILE B 163 -12.50 -1.76 21.37
C ILE B 163 -11.92 -3.14 21.66
N GLY B 164 -12.19 -3.62 22.87
CA GLY B 164 -11.61 -4.88 23.30
C GLY B 164 -10.10 -4.92 23.13
N GLY B 165 -9.44 -3.77 23.22
CA GLY B 165 -7.98 -3.74 23.23
C GLY B 165 -7.41 -3.44 21.87
N ASN B 166 -8.23 -3.60 20.82
CA ASN B 166 -7.85 -3.29 19.46
C ASN B 166 -8.21 -1.86 19.14
N CYS B 167 -7.20 -1.07 18.77
CA CYS B 167 -7.34 0.35 18.44
C CYS B 167 -7.16 0.55 16.95
N TYR B 168 -8.19 1.12 16.32
CA TYR B 168 -8.20 1.31 14.89
C TYR B 168 -7.81 2.74 14.58
N LEU B 169 -7.01 2.93 13.56
CA LEU B 169 -6.46 4.25 13.23
C LEU B 169 -6.36 4.42 11.70
N MET B 170 -6.88 5.54 11.17
CA MET B 170 -6.74 5.84 9.78
C MET B 170 -5.36 6.46 9.55
N ILE B 171 -4.69 5.97 8.52
CA ILE B 171 -3.48 6.58 7.99
C ILE B 171 -3.71 6.89 6.50
N THR B 172 -3.04 7.92 6.00
CA THR B 172 -3.06 8.14 4.55
C THR B 172 -1.72 8.61 4.01
N ASP B 173 -1.56 8.54 2.70
CA ASP B 173 -0.35 8.89 2.04
C ASP B 173 -0.76 9.25 0.64
N GLY B 174 -0.11 10.27 0.07
CA GLY B 174 -0.35 10.60 -1.34
C GLY B 174 -0.42 12.10 -1.50
N SER B 175 -0.48 12.55 -2.76
CA SER B 175 -0.60 13.97 -3.07
C SER B 175 -1.80 14.64 -2.35
N ALA B 176 -1.55 15.84 -1.84
CA ALA B 176 -2.60 16.69 -1.36
C ALA B 176 -3.59 17.17 -2.48
N SER B 177 -3.14 17.15 -3.75
CA SER B 177 -3.90 17.60 -4.94
C SER B 177 -4.29 16.43 -5.84
N GLY B 178 -3.84 15.22 -5.49
CA GLY B 178 -4.16 14.04 -6.30
C GLY B 178 -4.68 12.90 -5.44
N ILE B 179 -4.29 11.70 -5.82
CA ILE B 179 -4.62 10.45 -5.13
C ILE B 179 -4.00 10.38 -3.73
N SER B 180 -4.84 10.05 -2.73
CA SER B 180 -4.39 9.69 -1.37
C SER B 180 -5.26 8.54 -0.78
N GLU B 181 -4.98 7.31 -1.17
CA GLU B 181 -5.67 6.13 -0.69
C GLU B 181 -5.31 5.83 0.77
N CYS B 182 -6.27 6.02 1.67
CA CYS B 182 -6.05 5.79 3.07
C CYS B 182 -6.09 4.32 3.37
N ARG B 183 -5.55 3.99 4.53
CA ARG B 183 -5.55 2.63 5.06
C ARG B 183 -5.85 2.71 6.53
N PHE B 184 -6.24 1.58 7.11
CA PHE B 184 -6.47 1.53 8.55
C PHE B 184 -5.49 0.56 9.21
N LEU B 185 -4.91 0.99 10.33
CA LEU B 185 -4.08 0.13 11.19
C LEU B 185 -4.86 -0.41 12.39
N LYS B 186 -4.77 -1.72 12.63
CA LYS B 186 -5.35 -2.30 13.84
C LYS B 186 -4.19 -2.40 14.83
N ILE B 187 -4.24 -1.64 15.92
CA ILE B 187 -3.14 -1.59 16.91
C ILE B 187 -3.52 -2.17 18.28
N ARG B 188 -2.72 -3.11 18.79
CA ARG B 188 -2.99 -3.75 20.10
C ARG B 188 -1.76 -3.58 20.98
N GLU B 189 -1.96 -2.95 22.14
CA GLU B 189 -0.90 -2.69 23.10
C GLU B 189 0.33 -2.09 22.43
N GLY B 190 0.07 -1.14 21.52
CA GLY B 190 1.15 -0.37 20.87
C GLY B 190 1.71 -1.00 19.61
N ARG B 191 1.24 -2.20 19.29
CA ARG B 191 1.75 -2.92 18.10
C ARG B 191 0.73 -3.21 17.02
N ILE B 192 1.16 -3.00 15.76
CA ILE B 192 0.25 -3.18 14.59
C ILE B 192 0.07 -4.67 14.34
N ILE B 193 -1.18 -5.16 14.40
CA ILE B 193 -1.48 -6.57 14.25
C ILE B 193 -2.30 -6.85 12.96
N LYS B 194 -2.86 -5.80 12.36
CA LYS B 194 -3.48 -5.93 11.04
C LYS B 194 -3.45 -4.63 10.24
N GLU B 195 -3.24 -4.75 8.93
CA GLU B 195 -3.46 -3.68 7.96
C GLU B 195 -4.77 -3.91 7.25
N ILE B 196 -5.60 -2.87 7.21
CA ILE B 196 -6.93 -2.99 6.64
C ILE B 196 -7.03 -2.10 5.43
N PHE B 197 -7.20 -2.72 4.28
CA PHE B 197 -7.27 -1.95 3.03
C PHE B 197 -8.73 -1.77 2.66
N PRO B 198 -9.21 -0.51 2.81
CA PRO B 198 -10.59 -0.17 2.44
C PRO B 198 -10.90 -0.39 0.96
N THR B 199 -12.16 -0.68 0.65
CA THR B 199 -12.62 -0.82 -0.73
C THR B 199 -13.59 0.30 -1.09
N GLY B 200 -13.96 0.42 -2.37
CA GLY B 200 -14.91 1.42 -2.83
C GLY B 200 -14.34 2.74 -3.35
N ARG B 201 -14.81 3.83 -2.78
CA ARG B 201 -14.42 5.12 -3.28
C ARG B 201 -13.24 5.52 -2.45
N VAL B 202 -12.06 5.24 -2.97
CA VAL B 202 -10.81 5.35 -2.19
C VAL B 202 -9.81 6.34 -2.80
N LYS B 203 -10.29 7.02 -3.85
CA LYS B 203 -9.59 8.05 -4.67
C LYS B 203 -8.80 9.03 -3.79
N HIS B 204 -9.45 9.55 -2.73
CA HIS B 204 -8.81 10.50 -1.82
C HIS B 204 -9.55 10.58 -0.50
N THR B 205 -8.83 10.22 0.56
CA THR B 205 -9.36 10.22 1.92
C THR B 205 -8.24 10.59 2.90
N GLU B 206 -8.50 11.58 3.75
CA GLU B 206 -7.53 12.02 4.71
C GLU B 206 -8.21 12.67 5.92
N GLU B 207 -7.47 12.70 7.03
CA GLU B 207 -7.92 13.34 8.29
C GLU B 207 -9.30 12.86 8.70
N CYS B 208 -9.50 11.55 8.66
CA CYS B 208 -10.75 10.96 9.08
C CYS B 208 -11.06 11.26 10.53
N THR B 209 -12.28 11.69 10.80
CA THR B 209 -12.77 11.82 12.17
C THR B 209 -13.63 10.60 12.37
N CYS B 210 -13.18 9.70 13.24
CA CYS B 210 -13.82 8.38 13.40
C CYS B 210 -14.44 8.24 14.80
N GLY B 211 -15.45 7.36 14.91
CA GLY B 211 -16.09 7.05 16.22
C GLY B 211 -16.88 5.76 16.05
N PHE B 212 -17.31 5.19 17.17
CA PHE B 212 -18.10 3.97 17.11
C PHE B 212 -19.56 4.25 16.80
N ALA B 213 -20.10 3.58 15.77
CA ALA B 213 -21.55 3.57 15.52
C ALA B 213 -22.23 2.50 16.38
N SER B 214 -21.49 1.46 16.71
CA SER B 214 -21.96 0.36 17.56
C SER B 214 -20.72 -0.38 18.04
N ASN B 215 -20.88 -1.58 18.59
CA ASN B 215 -19.75 -2.46 18.90
C ASN B 215 -19.21 -3.17 17.63
N LYS B 216 -19.92 -3.03 16.51
N LYS B 216 -19.93 -3.00 16.52
CA LYS B 216 -19.61 -3.70 15.25
CA LYS B 216 -19.65 -3.68 15.26
C LYS B 216 -18.95 -2.75 14.22
C LYS B 216 -18.97 -2.76 14.23
N THR B 217 -19.27 -1.48 14.30
CA THR B 217 -18.90 -0.56 13.24
C THR B 217 -18.28 0.73 13.74
N ILE B 218 -17.20 1.13 13.09
CA ILE B 218 -16.57 2.42 13.27
C ILE B 218 -16.83 3.21 12.02
N GLU B 219 -17.27 4.45 12.18
CA GLU B 219 -17.61 5.27 11.03
C GLU B 219 -16.79 6.50 11.06
N CYS B 220 -16.33 6.96 9.90
CA CYS B 220 -15.52 8.18 9.80
C CYS B 220 -16.05 9.13 8.73
N ALA B 221 -16.07 10.42 9.05
CA ALA B 221 -16.31 11.50 8.10
C ALA B 221 -14.96 12.14 7.80
N CYS B 222 -14.56 12.14 6.52
CA CYS B 222 -13.18 12.41 6.15
C CYS B 222 -13.07 13.58 5.20
N ARG B 223 -11.85 13.92 4.83
CA ARG B 223 -11.56 15.05 3.97
C ARG B 223 -11.02 14.57 2.62
N ASP B 224 -11.64 15.02 1.53
CA ASP B 224 -11.05 14.86 0.24
C ASP B 224 -10.56 16.23 -0.13
N ASN B 225 -9.25 16.35 -0.24
CA ASN B 225 -8.60 17.64 -0.51
C ASN B 225 -8.51 17.95 -2.01
N SER B 226 -8.88 16.99 -2.85
CA SER B 226 -8.70 17.17 -4.28
C SER B 226 -9.97 17.27 -5.12
N TYR B 227 -10.91 16.36 -4.87
CA TYR B 227 -11.96 16.08 -5.89
C TYR B 227 -13.39 16.54 -5.59
N THR B 228 -13.74 16.57 -4.32
CA THR B 228 -15.14 16.81 -3.92
C THR B 228 -15.24 17.61 -2.65
N ALA B 229 -16.34 18.32 -2.49
CA ALA B 229 -16.72 18.91 -1.19
C ALA B 229 -17.57 17.95 -0.36
N LYS B 230 -17.98 16.82 -0.95
CA LYS B 230 -18.61 15.75 -0.15
C LYS B 230 -17.54 15.05 0.73
N ARG B 231 -17.86 14.73 1.97
CA ARG B 231 -16.93 14.01 2.83
C ARG B 231 -16.95 12.51 2.51
N PRO B 232 -15.79 11.93 2.15
CA PRO B 232 -15.76 10.46 2.11
C PRO B 232 -16.23 9.95 3.46
N PHE B 233 -16.99 8.88 3.48
CA PHE B 233 -17.54 8.35 4.71
C PHE B 233 -17.15 6.90 4.80
N VAL B 234 -16.36 6.59 5.81
CA VAL B 234 -15.84 5.24 5.98
C VAL B 234 -16.79 4.45 6.86
N LYS B 235 -17.01 3.18 6.53
CA LYS B 235 -17.63 2.24 7.45
C LYS B 235 -16.69 1.05 7.64
N LEU B 236 -16.16 0.90 8.84
CA LEU B 236 -15.21 -0.19 9.18
C LEU B 236 -15.90 -1.17 10.13
N ASN B 237 -16.07 -2.40 9.65
CA ASN B 237 -16.60 -3.46 10.48
C ASN B 237 -15.42 -4.04 11.27
N VAL B 238 -15.47 -3.88 12.59
CA VAL B 238 -14.37 -4.27 13.47
C VAL B 238 -14.36 -5.75 13.83
N GLU B 239 -15.41 -6.48 13.44
CA GLU B 239 -15.48 -7.92 13.66
C GLU B 239 -14.86 -8.69 12.50
N THR B 240 -15.13 -8.24 11.27
CA THR B 240 -14.52 -8.87 10.08
C THR B 240 -13.25 -8.11 9.61
N ASP B 241 -12.97 -6.99 10.27
CA ASP B 241 -11.85 -6.10 9.89
C ASP B 241 -11.90 -5.71 8.41
N THR B 242 -13.06 -5.25 7.95
CA THR B 242 -13.22 -4.82 6.56
C THR B 242 -13.62 -3.39 6.55
N ALA B 243 -13.08 -2.60 5.61
CA ALA B 243 -13.51 -1.20 5.50
C ALA B 243 -14.06 -0.85 4.12
N GLU B 244 -15.09 0.00 4.07
CA GLU B 244 -15.69 0.44 2.80
C GLU B 244 -15.85 1.97 2.81
N ILE B 245 -15.63 2.63 1.68
CA ILE B 245 -15.73 4.10 1.66
C ILE B 245 -16.66 4.55 0.51
N ARG B 246 -17.64 5.42 0.82
CA ARG B 246 -18.45 6.09 -0.22
CA ARG B 246 -18.45 6.11 -0.21
C ARG B 246 -18.62 7.54 0.23
N LEU B 247 -18.89 8.45 -0.71
CA LEU B 247 -19.07 9.87 -0.34
C LEU B 247 -20.40 10.06 0.39
N MET B 248 -20.43 10.96 1.36
CA MET B 248 -21.71 11.36 1.93
C MET B 248 -22.63 11.99 0.85
N CYS B 249 -23.89 11.52 0.79
CA CYS B 249 -24.81 11.92 -0.26
C CYS B 249 -25.55 13.18 0.11
N THR B 250 -25.57 13.52 1.41
CA THR B 250 -26.32 14.68 1.86
C THR B 250 -26.00 15.95 1.08
N GLU B 251 -27.05 16.71 0.78
CA GLU B 251 -26.91 17.99 0.10
C GLU B 251 -26.17 19.02 0.95
N THR B 252 -26.08 18.74 2.26
CA THR B 252 -25.40 19.64 3.18
C THR B 252 -23.92 19.28 3.23
N TYR B 253 -23.20 19.68 2.17
CA TYR B 253 -21.76 19.35 2.04
C TYR B 253 -20.94 19.92 3.18
N LEU B 254 -20.11 19.08 3.79
CA LEU B 254 -19.47 19.45 5.07
C LEU B 254 -18.04 20.03 4.99
N ASP B 255 -17.44 19.89 3.82
CA ASP B 255 -16.10 20.38 3.54
C ASP B 255 -16.05 21.89 3.32
N THR B 256 -14.86 22.46 3.48
CA THR B 256 -14.62 23.85 3.11
C THR B 256 -13.30 23.87 2.32
N PRO B 257 -13.32 24.40 1.08
CA PRO B 257 -14.45 25.07 0.40
C PRO B 257 -15.58 24.15 0.02
N ARG B 258 -16.68 24.74 -0.42
CA ARG B 258 -17.80 23.97 -0.95
C ARG B 258 -18.70 24.81 -1.79
N PRO B 259 -19.42 24.19 -2.72
CA PRO B 259 -20.42 24.97 -3.42
C PRO B 259 -21.71 25.03 -2.57
N ASP B 260 -22.77 25.64 -3.13
CA ASP B 260 -24.08 25.74 -2.47
C ASP B 260 -24.65 24.36 -2.17
N ASP B 261 -25.38 24.26 -1.06
CA ASP B 261 -26.02 23.01 -0.65
C ASP B 261 -26.96 22.50 -1.75
N GLY B 262 -26.86 21.21 -2.05
CA GLY B 262 -27.63 20.62 -3.12
C GLY B 262 -27.26 20.91 -4.56
N SER B 263 -26.26 21.76 -4.83
CA SER B 263 -25.92 22.20 -6.19
C SER B 263 -25.13 21.14 -7.00
N ILE B 264 -24.64 20.12 -6.32
CA ILE B 264 -23.99 19.05 -7.06
C ILE B 264 -25.00 18.10 -7.67
N THR B 265 -25.10 18.14 -8.97
CA THR B 265 -26.10 17.37 -9.67
C THR B 265 -25.62 15.94 -9.82
N GLY B 266 -26.55 15.01 -10.01
CA GLY B 266 -26.20 13.63 -10.27
C GLY B 266 -26.55 12.80 -9.04
N PRO B 267 -26.31 11.50 -9.13
CA PRO B 267 -26.57 10.62 -8.03
C PRO B 267 -25.58 10.89 -6.85
N CYS B 268 -25.75 10.14 -5.76
CA CYS B 268 -24.84 10.26 -4.56
C CYS B 268 -23.34 10.34 -4.82
N GLU B 269 -22.89 9.62 -5.84
CA GLU B 269 -21.47 9.42 -6.08
C GLU B 269 -20.78 10.53 -6.90
N SER B 270 -21.58 11.47 -7.43
CA SER B 270 -21.03 12.61 -8.16
C SER B 270 -20.14 13.42 -7.27
N ASN B 271 -19.02 13.88 -7.81
CA ASN B 271 -18.05 14.73 -7.11
C ASN B 271 -18.50 16.13 -6.62
N GLY B 272 -18.82 17.14 -7.43
CA GLY B 272 -18.38 17.42 -8.74
C GLY B 272 -17.52 18.68 -8.55
N ASP B 273 -18.13 19.86 -8.31
CA ASP B 273 -17.38 21.18 -8.36
C ASP B 273 -16.91 21.75 -7.01
N LYS B 274 -15.90 22.65 -7.07
CA LYS B 274 -15.24 23.22 -5.87
C LYS B 274 -14.56 22.24 -4.91
N GLY B 275 -13.98 21.18 -5.48
CA GLY B 275 -13.50 20.03 -4.72
C GLY B 275 -12.12 20.16 -4.17
N SER B 276 -11.30 21.00 -4.78
CA SER B 276 -9.89 21.17 -4.42
C SER B 276 -9.82 21.95 -3.11
N GLY B 277 -8.90 21.54 -2.21
CA GLY B 277 -8.88 22.06 -0.85
C GLY B 277 -9.87 21.31 0.05
N GLY B 278 -9.98 21.72 1.30
CA GLY B 278 -10.66 20.92 2.27
C GLY B 278 -10.32 21.28 3.69
N ILE B 279 -11.00 20.59 4.63
CA ILE B 279 -10.84 20.88 6.03
C ILE B 279 -11.22 19.62 6.79
N LYS B 280 -10.51 19.32 7.85
CA LYS B 280 -10.95 18.27 8.76
C LYS B 280 -12.24 18.69 9.48
N GLY B 281 -13.18 17.77 9.62
CA GLY B 281 -14.51 18.08 10.07
C GLY B 281 -14.95 17.20 11.19
N GLY B 282 -15.68 17.80 12.12
CA GLY B 282 -16.13 17.13 13.33
C GLY B 282 -17.25 16.15 13.04
N PHE B 283 -17.27 15.09 13.83
CA PHE B 283 -18.21 13.99 13.64
C PHE B 283 -18.19 13.17 14.90
N VAL B 284 -19.37 12.96 15.46
CA VAL B 284 -19.53 12.15 16.65
C VAL B 284 -20.89 11.45 16.67
N HIS B 285 -20.95 10.27 17.31
CA HIS B 285 -22.15 9.44 17.35
C HIS B 285 -22.89 9.58 18.67
N GLN B 286 -24.20 9.65 18.55
CA GLN B 286 -25.08 9.50 19.71
C GLN B 286 -25.78 8.16 19.61
N ARG B 287 -25.24 7.18 20.33
CA ARG B 287 -25.82 5.83 20.32
C ARG B 287 -26.99 5.63 21.33
N MET B 288 -28.19 5.35 20.78
CA MET B 288 -29.38 5.06 21.58
C MET B 288 -29.83 3.65 21.28
N ALA B 289 -30.68 3.10 22.16
CA ALA B 289 -31.19 1.72 22.01
C ALA B 289 -31.59 1.33 20.59
N SER B 290 -32.66 1.94 20.07
CA SER B 290 -33.15 1.66 18.70
C SER B 290 -33.01 2.85 17.72
N LYS B 291 -32.00 3.67 17.93
CA LYS B 291 -31.81 4.87 17.11
C LYS B 291 -30.33 5.28 17.15
N ILE B 292 -29.77 5.74 16.02
CA ILE B 292 -28.45 6.33 15.99
C ILE B 292 -28.48 7.81 15.53
N GLY B 293 -27.78 8.67 16.27
CA GLY B 293 -27.65 10.08 15.91
C GLY B 293 -26.27 10.34 15.35
N ARG B 294 -26.21 11.03 14.22
CA ARG B 294 -24.92 11.43 13.69
C ARG B 294 -24.80 12.93 13.71
N TRP B 295 -23.84 13.45 14.48
CA TRP B 295 -23.62 14.88 14.63
C TRP B 295 -22.42 15.30 13.83
N TYR B 296 -22.53 16.41 13.12
CA TYR B 296 -21.43 16.89 12.28
C TYR B 296 -21.32 18.40 12.46
N SER B 297 -20.17 18.93 12.04
CA SER B 297 -19.93 20.36 12.04
C SER B 297 -19.26 20.78 10.73
N ARG B 298 -19.54 22.01 10.33
CA ARG B 298 -18.87 22.56 9.16
C ARG B 298 -18.79 24.04 9.38
N THR B 299 -17.84 24.68 8.69
CA THR B 299 -17.67 26.13 8.77
C THR B 299 -18.95 26.88 8.35
N MET B 300 -19.14 28.07 8.90
CA MET B 300 -20.30 28.87 8.52
C MET B 300 -20.12 29.52 7.11
N SER B 301 -18.90 29.95 6.81
CA SER B 301 -18.53 30.34 5.43
C SER B 301 -18.29 29.15 4.52
N LYS B 302 -18.69 29.31 3.27
CA LYS B 302 -18.54 28.26 2.29
C LYS B 302 -17.10 28.12 1.80
N THR B 303 -16.35 29.22 1.86
CA THR B 303 -15.06 29.31 1.23
C THR B 303 -13.92 29.46 2.27
N LYS B 304 -14.21 30.15 3.37
CA LYS B 304 -13.21 30.49 4.37
C LYS B 304 -13.32 29.68 5.66
N ARG B 305 -12.25 29.67 6.43
CA ARG B 305 -12.28 28.91 7.63
C ARG B 305 -12.86 29.77 8.77
N MET B 306 -14.06 30.31 8.53
CA MET B 306 -14.69 31.20 9.47
C MET B 306 -16.01 30.63 9.92
N GLY B 307 -16.19 30.57 11.24
CA GLY B 307 -17.44 30.10 11.86
C GLY B 307 -17.56 28.60 11.93
N MET B 308 -18.50 28.12 12.73
CA MET B 308 -18.76 26.67 12.82
C MET B 308 -20.19 26.38 13.22
N GLY B 309 -20.84 25.59 12.37
CA GLY B 309 -22.21 25.18 12.59
C GLY B 309 -22.28 23.71 12.92
N LEU B 310 -23.17 23.37 13.85
CA LEU B 310 -23.41 21.98 14.22
C LEU B 310 -24.70 21.48 13.54
N TYR B 311 -24.60 20.28 12.98
CA TYR B 311 -25.67 19.65 12.24
C TYR B 311 -25.94 18.26 12.82
N VAL B 312 -27.13 17.74 12.53
CA VAL B 312 -27.49 16.39 13.00
C VAL B 312 -28.44 15.70 12.03
N LYS B 313 -28.27 14.38 11.89
CA LYS B 313 -29.26 13.47 11.31
C LYS B 313 -29.40 12.15 12.08
N TYR B 314 -30.63 11.67 12.21
CA TYR B 314 -30.91 10.43 12.94
C TYR B 314 -31.21 9.29 12.01
N ASP B 315 -30.54 8.17 12.24
CA ASP B 315 -30.71 6.95 11.43
C ASP B 315 -30.37 7.13 9.96
N GLY B 316 -30.92 6.27 9.09
CA GLY B 316 -30.66 6.33 7.65
C GLY B 316 -29.24 5.86 7.29
N ASP B 317 -28.86 6.04 6.02
CA ASP B 317 -27.54 5.66 5.50
C ASP B 317 -26.93 6.90 4.85
N PRO B 318 -25.83 7.42 5.45
CA PRO B 318 -25.13 8.61 4.95
C PRO B 318 -24.61 8.47 3.53
N TRP B 319 -24.53 7.24 3.04
CA TRP B 319 -24.09 7.01 1.66
C TRP B 319 -25.20 7.25 0.68
N THR B 320 -26.46 7.03 1.09
CA THR B 320 -27.57 7.07 0.14
C THR B 320 -28.55 8.20 0.42
N ASP B 321 -28.46 8.78 1.61
CA ASP B 321 -29.39 9.83 2.02
C ASP B 321 -29.05 11.20 1.46
N SER B 322 -29.80 11.64 0.45
CA SER B 322 -29.56 12.98 -0.09
C SER B 322 -30.16 14.11 0.79
N ASP B 323 -31.02 13.73 1.75
CA ASP B 323 -31.71 14.72 2.60
C ASP B 323 -30.73 15.63 3.30
N ALA B 324 -31.10 16.89 3.45
CA ALA B 324 -30.31 17.87 4.15
C ALA B 324 -30.16 17.48 5.61
N LEU B 325 -28.96 17.70 6.15
CA LEU B 325 -28.75 17.63 7.59
C LEU B 325 -29.45 18.77 8.32
N ALA B 326 -30.16 18.46 9.38
CA ALA B 326 -30.78 19.51 10.22
C ALA B 326 -29.73 20.39 10.91
N LEU B 327 -29.81 21.70 10.68
CA LEU B 327 -29.02 22.69 11.41
C LEU B 327 -29.42 22.77 12.89
N SER B 328 -28.50 22.43 13.79
CA SER B 328 -28.78 22.38 15.21
C SER B 328 -28.43 23.68 15.89
N GLY B 329 -27.28 24.27 15.55
CA GLY B 329 -26.87 25.56 16.11
C GLY B 329 -25.57 26.13 15.59
N VAL B 330 -25.35 27.42 15.82
CA VAL B 330 -24.10 28.07 15.46
C VAL B 330 -23.14 28.01 16.68
N MET B 331 -22.10 27.18 16.59
CA MET B 331 -21.09 27.09 17.67
C MET B 331 -20.03 28.20 17.64
N VAL B 332 -19.72 28.68 16.45
CA VAL B 332 -18.79 29.78 16.28
C VAL B 332 -19.38 30.66 15.19
N SER B 333 -19.63 31.94 15.52
CA SER B 333 -20.10 32.90 14.53
C SER B 333 -19.12 33.12 13.37
N MET B 334 -19.65 33.69 12.30
CA MET B 334 -18.93 33.99 11.07
C MET B 334 -17.77 34.95 11.29
N GLU B 335 -17.87 35.76 12.34
CA GLU B 335 -16.81 36.72 12.71
C GLU B 335 -15.62 36.02 13.42
N GLU B 336 -15.82 34.77 13.87
CA GLU B 336 -14.75 34.06 14.59
C GLU B 336 -14.11 32.94 13.74
N PRO B 337 -12.84 32.62 14.03
CA PRO B 337 -12.21 31.57 13.20
C PRO B 337 -12.75 30.17 13.54
N GLY B 338 -13.01 29.37 12.51
CA GLY B 338 -13.47 28.00 12.66
C GLY B 338 -12.63 27.13 11.74
N TRP B 339 -11.61 26.50 12.30
CA TRP B 339 -10.70 25.69 11.48
C TRP B 339 -11.04 24.23 11.63
N TYR B 340 -10.12 23.40 12.10
CA TYR B 340 -10.40 21.97 12.21
C TYR B 340 -11.45 21.72 13.28
N SER B 341 -12.27 20.69 13.05
CA SER B 341 -13.12 20.20 14.12
C SER B 341 -13.01 18.68 14.23
N PHE B 342 -13.42 18.15 15.38
CA PHE B 342 -13.20 16.75 15.72
C PHE B 342 -14.23 16.25 16.72
N GLY B 343 -14.47 14.94 16.70
CA GLY B 343 -15.39 14.32 17.65
C GLY B 343 -14.64 13.56 18.72
N PHE B 344 -15.20 13.49 19.93
CA PHE B 344 -14.67 12.67 21.00
C PHE B 344 -15.77 12.38 22.02
N GLU B 345 -15.53 11.40 22.88
CA GLU B 345 -16.56 11.02 23.85
C GLU B 345 -16.02 11.05 25.23
N ILE B 346 -16.76 11.70 26.13
CA ILE B 346 -16.42 11.67 27.56
C ILE B 346 -17.11 10.49 28.21
N LYS B 347 -16.42 9.80 29.09
CA LYS B 347 -16.96 8.61 29.71
CA LYS B 347 -16.94 8.60 29.71
C LYS B 347 -17.57 8.91 31.09
N ASP B 348 -18.90 8.93 31.15
CA ASP B 348 -19.62 9.09 32.41
C ASP B 348 -19.63 7.70 33.08
N LYS B 349 -20.20 7.62 34.26
CA LYS B 349 -20.15 6.40 35.04
C LYS B 349 -20.72 5.19 34.30
N LYS B 350 -21.77 5.39 33.50
CA LYS B 350 -22.48 4.26 32.91
C LYS B 350 -22.76 4.44 31.43
N CYS B 351 -22.41 5.61 30.90
CA CYS B 351 -22.75 6.00 29.53
C CYS B 351 -21.72 6.98 28.96
N ASP B 352 -21.82 7.23 27.66
CA ASP B 352 -20.80 8.02 26.95
C ASP B 352 -21.34 9.35 26.47
N VAL B 353 -20.55 10.41 26.56
CA VAL B 353 -21.04 11.72 26.20
C VAL B 353 -20.38 12.21 24.90
N PRO B 354 -21.17 12.31 23.82
CA PRO B 354 -20.63 12.76 22.54
C PRO B 354 -20.40 14.28 22.55
N CYS B 355 -19.30 14.69 21.91
CA CYS B 355 -18.79 16.06 21.98
C CYS B 355 -18.09 16.41 20.70
N ILE B 356 -18.13 17.69 20.38
CA ILE B 356 -17.45 18.18 19.19
C ILE B 356 -16.52 19.26 19.65
N GLY B 357 -15.29 19.15 19.19
CA GLY B 357 -14.29 20.14 19.54
C GLY B 357 -13.98 20.96 18.31
N ILE B 358 -13.67 22.22 18.52
CA ILE B 358 -13.34 23.09 17.42
C ILE B 358 -11.98 23.77 17.60
N GLU B 359 -11.07 23.56 16.66
CA GLU B 359 -9.87 24.37 16.53
C GLU B 359 -10.19 25.77 16.00
N MET B 360 -9.82 26.81 16.73
CA MET B 360 -10.10 28.18 16.35
C MET B 360 -8.73 28.87 16.28
N VAL B 361 -8.17 28.88 15.08
CA VAL B 361 -6.79 29.28 14.83
C VAL B 361 -6.66 30.80 14.90
N HIS B 362 -5.60 31.27 15.53
CA HIS B 362 -5.26 32.69 15.51
C HIS B 362 -4.31 32.94 14.36
N ASP B 363 -4.86 33.45 13.25
CA ASP B 363 -4.13 33.55 12.01
C ASP B 363 -3.88 34.99 11.63
N GLY B 364 -2.61 35.40 11.61
CA GLY B 364 -2.22 36.78 11.27
C GLY B 364 -1.17 36.80 10.18
N GLY B 365 -1.11 35.70 9.45
CA GLY B 365 -0.13 35.50 8.41
C GLY B 365 1.16 34.94 8.98
N LYS B 366 2.14 34.81 8.09
CA LYS B 366 3.42 34.21 8.43
C LYS B 366 4.32 35.16 9.20
N GLU B 367 4.01 36.44 9.16
CA GLU B 367 4.84 37.43 9.81
C GLU B 367 4.58 37.53 11.31
N THR B 368 3.75 36.64 11.85
CA THR B 368 3.51 36.65 13.27
C THR B 368 3.27 35.21 13.68
N TRP B 369 2.89 34.98 14.94
CA TRP B 369 2.73 33.63 15.46
C TRP B 369 1.42 33.05 14.95
N HIS B 370 1.30 31.73 14.99
CA HIS B 370 0.19 31.02 14.42
C HIS B 370 -0.15 29.87 15.36
N SER B 371 -1.29 29.99 16.03
CA SER B 371 -1.69 29.00 17.01
C SER B 371 -3.21 28.92 17.13
N ALA B 372 -3.71 28.23 18.13
CA ALA B 372 -5.11 27.90 18.14
C ALA B 372 -5.68 27.79 19.55
N ALA B 373 -6.93 28.22 19.70
CA ALA B 373 -7.73 27.89 20.86
C ALA B 373 -8.48 26.61 20.54
N THR B 374 -9.06 25.99 21.58
CA THR B 374 -9.99 24.86 21.41
C THR B 374 -11.35 25.08 22.08
N ALA B 375 -12.43 25.06 21.28
CA ALA B 375 -13.79 25.16 21.86
C ALA B 375 -14.46 23.76 21.88
N ILE B 376 -15.20 23.47 22.94
CA ILE B 376 -15.81 22.17 23.12
C ILE B 376 -17.34 22.32 23.34
N TYR B 377 -18.09 21.62 22.50
CA TYR B 377 -19.51 21.46 22.67
C TYR B 377 -19.82 20.01 22.94
N CYS B 378 -20.76 19.78 23.86
CA CYS B 378 -21.15 18.42 24.25
C CYS B 378 -22.66 18.27 24.27
N LEU B 379 -23.13 17.05 24.05
CA LEU B 379 -24.53 16.72 24.28
C LEU B 379 -24.90 16.83 25.76
N MET B 380 -25.85 17.70 26.09
CA MET B 380 -26.32 17.86 27.48
C MET B 380 -27.73 18.39 27.50
N GLY B 381 -28.63 17.58 28.02
CA GLY B 381 -29.98 18.02 28.28
C GLY B 381 -30.78 18.13 26.99
N SER B 382 -31.86 18.88 27.08
CA SER B 382 -32.79 19.04 25.96
CA SER B 382 -32.80 19.03 25.97
C SER B 382 -32.88 20.49 25.49
N GLY B 383 -33.61 20.72 24.41
CA GLY B 383 -33.81 22.09 23.93
C GLY B 383 -33.00 22.35 22.67
N GLN B 384 -32.43 23.54 22.57
CA GLN B 384 -31.63 23.96 21.43
CA GLN B 384 -31.60 23.92 21.44
C GLN B 384 -30.31 24.59 21.90
N LEU B 385 -29.29 24.49 21.04
CA LEU B 385 -27.98 25.06 21.25
C LEU B 385 -28.14 26.57 21.51
N LEU B 386 -27.52 27.08 22.56
CA LEU B 386 -27.81 28.42 23.02
C LEU B 386 -26.74 29.49 22.78
N TRP B 387 -25.45 29.17 22.88
CA TRP B 387 -24.43 30.23 22.79
C TRP B 387 -23.24 29.85 21.93
N ASP B 388 -22.71 30.86 21.25
CA ASP B 388 -21.54 30.68 20.41
C ASP B 388 -20.26 30.89 21.26
N THR B 389 -19.10 30.64 20.66
CA THR B 389 -17.78 30.75 21.37
C THR B 389 -16.86 31.74 20.68
N VAL B 390 -16.19 32.59 21.46
CA VAL B 390 -15.19 33.55 20.97
C VAL B 390 -13.87 33.24 21.63
N THR B 391 -12.76 33.52 20.95
CA THR B 391 -11.46 33.22 21.58
C THR B 391 -11.11 34.31 22.55
N GLY B 392 -11.53 35.55 22.26
CA GLY B 392 -11.21 36.74 23.09
C GLY B 392 -9.77 37.24 22.95
N VAL B 393 -9.07 36.74 21.91
CA VAL B 393 -7.67 37.03 21.74
C VAL B 393 -7.46 38.16 20.74
N ASP B 394 -6.78 39.20 21.18
CA ASP B 394 -6.27 40.25 20.30
C ASP B 394 -4.80 39.88 19.94
N MET B 395 -4.56 39.56 18.68
CA MET B 395 -3.23 39.13 18.24
C MET B 395 -2.15 40.21 18.25
N ALA B 396 -2.52 41.47 18.43
CA ALA B 396 -1.56 42.59 18.50
C ALA B 396 -0.84 42.66 19.85
N LEU B 397 -1.40 41.98 20.85
CA LEU B 397 -0.90 42.08 22.22
C LEU B 397 0.29 41.12 22.51
N PRO C 9 5.49 -4.57 44.72
CA PRO C 9 6.54 -4.49 43.66
C PRO C 9 7.73 -5.35 43.99
N GLU C 10 8.37 -5.89 42.95
CA GLU C 10 9.54 -6.76 43.11
CA GLU C 10 9.51 -6.81 43.06
C GLU C 10 10.74 -6.27 42.31
N TRP C 11 11.91 -6.86 42.56
CA TRP C 11 13.15 -6.41 41.93
C TRP C 11 13.01 -6.57 40.44
N THR C 12 13.65 -5.68 39.69
CA THR C 12 13.62 -5.72 38.23
CA THR C 12 13.59 -5.77 38.24
C THR C 12 14.86 -6.41 37.69
N TYR C 13 14.73 -6.96 36.48
CA TYR C 13 15.79 -7.68 35.78
C TYR C 13 15.73 -7.27 34.32
N PRO C 14 16.89 -7.28 33.62
CA PRO C 14 16.83 -7.08 32.16
C PRO C 14 16.04 -8.18 31.46
N ARG C 15 15.24 -7.81 30.45
CA ARG C 15 14.47 -8.79 29.67
C ARG C 15 14.89 -8.73 28.21
N LEU C 16 14.45 -9.70 27.41
CA LEU C 16 14.59 -9.63 25.94
C LEU C 16 14.11 -8.28 25.46
N SER C 17 14.81 -7.71 24.51
CA SER C 17 14.44 -6.40 23.98
C SER C 17 13.18 -6.53 23.09
N CYS C 18 12.44 -5.43 22.96
CA CYS C 18 11.29 -5.40 22.06
C CYS C 18 11.73 -5.60 20.61
N PRO C 19 10.81 -6.10 19.75
CA PRO C 19 11.10 -6.27 18.34
C PRO C 19 11.50 -4.94 17.73
N GLY C 20 12.38 -5.00 16.76
CA GLY C 20 12.89 -3.79 16.13
C GLY C 20 14.22 -4.05 15.48
N SER C 21 14.47 -3.42 14.34
CA SER C 21 15.78 -3.55 13.71
C SER C 21 16.45 -2.20 13.36
N THR C 22 15.82 -1.09 13.79
CA THR C 22 16.32 0.27 13.51
C THR C 22 15.88 1.27 14.59
N PHE C 23 16.72 2.28 14.84
CA PHE C 23 16.37 3.36 15.75
C PHE C 23 15.69 4.45 14.88
N GLN C 24 14.80 5.22 15.51
CA GLN C 24 14.17 6.37 14.89
C GLN C 24 14.21 7.50 15.89
N LYS C 25 13.99 8.73 15.40
CA LYS C 25 13.91 9.93 16.24
C LYS C 25 12.67 9.83 17.11
N ALA C 26 12.83 10.01 18.41
CA ALA C 26 11.74 9.78 19.36
C ALA C 26 11.27 11.08 19.94
N LEU C 27 12.16 11.79 20.61
CA LEU C 27 11.74 12.96 21.36
C LEU C 27 12.88 13.92 21.48
N LEU C 28 12.60 15.20 21.32
CA LEU C 28 13.56 16.26 21.68
C LEU C 28 13.13 16.95 23.00
N ILE C 29 14.05 17.05 23.95
CA ILE C 29 13.85 17.94 25.08
C ILE C 29 14.76 19.17 24.93
N SER C 30 14.23 20.26 24.38
CA SER C 30 15.00 21.48 24.17
C SER C 30 14.46 22.64 24.98
N PRO C 31 14.89 22.74 26.25
CA PRO C 31 14.30 23.67 27.26
C PRO C 31 14.66 25.08 26.91
N HIS C 32 15.77 25.29 26.16
CA HIS C 32 16.15 26.66 25.74
C HIS C 32 15.40 27.29 24.53
N ARG C 33 14.49 26.53 23.95
CA ARG C 33 13.49 27.12 23.06
C ARG C 33 12.62 28.11 23.82
N PHE C 34 12.70 28.09 25.15
CA PHE C 34 11.87 28.96 25.96
C PHE C 34 12.60 30.03 26.77
N GLY C 35 13.94 30.11 26.61
CA GLY C 35 14.72 30.98 27.45
C GLY C 35 15.04 32.32 26.85
N GLU C 36 14.26 32.77 25.85
CA GLU C 36 14.45 34.12 25.34
C GLU C 36 14.19 35.21 26.40
N THR C 37 14.92 36.32 26.29
CA THR C 37 14.61 37.55 27.04
C THR C 37 13.14 38.02 26.83
N LYS C 38 12.64 37.90 25.59
CA LYS C 38 11.25 38.27 25.22
C LYS C 38 10.22 37.29 25.81
N GLY C 39 10.72 36.17 26.39
CA GLY C 39 9.92 35.02 26.89
C GLY C 39 9.56 35.13 28.36
N ASN C 40 8.78 34.17 28.87
CA ASN C 40 8.34 34.18 30.26
C ASN C 40 8.64 32.84 30.92
N SER C 41 9.66 32.14 30.46
CA SER C 41 9.97 30.85 31.03
C SER C 41 11.32 30.84 31.75
N ALA C 42 11.58 29.77 32.51
CA ALA C 42 12.83 29.64 33.23
C ALA C 42 13.47 28.26 33.07
N PRO C 43 13.85 27.89 31.84
CA PRO C 43 14.65 26.64 31.68
C PRO C 43 15.97 26.67 32.47
N LEU C 44 16.25 25.60 33.21
CA LEU C 44 17.50 25.52 33.98
C LEU C 44 18.68 25.34 33.06
N ILE C 45 19.79 25.90 33.51
CA ILE C 45 21.06 25.74 32.87
C ILE C 45 21.59 24.41 33.42
N ILE C 46 21.90 23.49 32.52
CA ILE C 46 22.29 22.14 32.90
C ILE C 46 23.38 21.65 31.93
N ARG C 47 24.02 20.54 32.28
CA ARG C 47 24.80 19.72 31.35
C ARG C 47 24.80 18.31 31.92
N GLU C 48 25.50 17.45 31.19
CA GLU C 48 25.56 16.03 31.47
C GLU C 48 24.17 15.42 31.70
N PRO C 49 23.20 15.66 30.79
CA PRO C 49 21.88 15.00 30.98
C PRO C 49 21.96 13.51 30.76
N PHE C 50 21.00 12.79 31.34
CA PHE C 50 20.90 11.35 31.13
C PHE C 50 19.55 10.91 31.56
N ILE C 51 19.10 9.76 31.05
CA ILE C 51 17.76 9.25 31.35
C ILE C 51 17.86 7.88 32.00
N ALA C 52 16.97 7.60 32.97
CA ALA C 52 16.91 6.30 33.58
C ALA C 52 15.44 5.97 33.79
N CYS C 53 15.04 4.73 33.51
CA CYS C 53 13.63 4.35 33.58
C CYS C 53 13.38 3.26 34.58
N GLY C 54 12.25 3.34 35.25
CA GLY C 54 11.76 2.24 36.05
C GLY C 54 10.54 1.62 35.37
N PRO C 55 9.77 0.81 36.11
CA PRO C 55 8.70 0.08 35.48
C PRO C 55 7.53 0.93 35.01
N LYS C 56 7.34 2.12 35.60
CA LYS C 56 6.24 2.98 35.15
C LYS C 56 6.63 4.36 34.60
N GLU C 57 7.85 4.81 34.86
CA GLU C 57 8.25 6.18 34.53
C GLU C 57 9.69 6.20 34.05
N CYS C 58 10.00 7.11 33.13
CA CYS C 58 11.36 7.52 32.85
C CYS C 58 11.65 8.92 33.42
N LYS C 59 12.77 9.06 34.17
CA LYS C 59 13.21 10.37 34.66
C LYS C 59 14.34 10.94 33.82
N HIS C 60 14.24 12.20 33.44
CA HIS C 60 15.31 12.86 32.66
C HIS C 60 16.16 13.61 33.64
N PHE C 61 17.37 13.12 33.91
CA PHE C 61 18.28 13.76 34.87
C PHE C 61 19.22 14.73 34.20
N ALA C 62 19.74 15.68 34.99
CA ALA C 62 20.89 16.50 34.56
C ALA C 62 21.59 17.15 35.75
N LEU C 63 22.76 17.72 35.50
CA LEU C 63 23.46 18.49 36.49
C LEU C 63 23.25 19.96 36.22
N THR C 64 22.66 20.69 37.17
CA THR C 64 22.42 22.12 36.97
C THR C 64 23.44 23.00 37.71
N HIS C 65 23.71 24.19 37.14
CA HIS C 65 24.44 25.27 37.82
C HIS C 65 23.52 26.12 38.68
N TYR C 66 22.31 25.64 38.96
CA TYR C 66 21.38 26.34 39.90
C TYR C 66 21.07 27.74 39.36
N ALA C 67 20.83 27.81 38.06
CA ALA C 67 20.71 29.08 37.33
C ALA C 67 19.73 28.85 36.23
N ALA C 68 19.01 29.90 35.82
CA ALA C 68 18.09 29.75 34.72
C ALA C 68 18.45 30.70 33.59
N GLN C 69 17.83 30.46 32.42
CA GLN C 69 17.82 31.38 31.29
C GLN C 69 16.37 31.82 31.01
N PRO C 70 16.12 33.16 30.91
CA PRO C 70 17.10 34.23 31.19
C PRO C 70 17.44 34.37 32.65
N GLY C 71 18.62 34.89 32.94
CA GLY C 71 19.17 34.92 34.30
C GLY C 71 20.44 35.75 34.42
N GLY C 72 20.90 36.02 35.63
CA GLY C 72 22.05 36.90 35.80
C GLY C 72 23.22 36.10 36.33
N TYR C 73 23.08 34.77 36.30
CA TYR C 73 24.11 33.87 36.78
C TYR C 73 24.81 33.02 35.70
N TYR C 74 25.08 33.62 34.55
CA TYR C 74 25.71 32.89 33.42
C TYR C 74 27.20 32.64 33.66
N ASN C 75 27.86 33.61 34.28
CA ASN C 75 29.28 33.42 34.63
C ASN C 75 29.55 32.14 35.47
N GLY C 76 30.35 31.22 34.92
CA GLY C 76 30.75 29.97 35.61
C GLY C 76 29.99 28.76 35.10
N THR C 77 29.10 28.95 34.14
CA THR C 77 28.30 27.82 33.69
C THR C 77 29.08 26.93 32.67
N ARG C 78 30.17 27.42 32.12
CA ARG C 78 31.05 26.58 31.30
C ARG C 78 31.86 25.58 32.16
N GLY C 79 32.09 25.90 33.43
CA GLY C 79 32.84 25.00 34.30
C GLY C 79 31.99 23.83 34.67
N ASP C 80 32.59 22.80 35.27
CA ASP C 80 31.74 21.68 35.76
C ASP C 80 31.51 21.63 37.26
N ARG C 81 32.56 21.97 38.00
CA ARG C 81 32.57 21.77 39.42
C ARG C 81 32.39 23.11 40.15
N ASN C 82 31.48 23.13 41.10
CA ASN C 82 31.29 24.29 41.99
C ASN C 82 30.42 23.83 43.13
N LYS C 83 30.32 24.70 44.14
CA LYS C 83 29.51 24.45 45.32
C LYS C 83 27.98 24.58 45.08
N LEU C 84 27.58 25.03 43.90
CA LEU C 84 26.14 25.22 43.60
C LEU C 84 25.57 24.07 42.80
N ARG C 85 26.43 23.31 42.10
CA ARG C 85 26.00 22.27 41.17
C ARG C 85 25.10 21.20 41.83
N HIS C 86 24.03 20.82 41.15
CA HIS C 86 23.07 19.86 41.71
C HIS C 86 22.54 18.88 40.68
N LEU C 87 22.34 17.65 41.13
CA LEU C 87 21.54 16.66 40.40
C LEU C 87 20.02 17.01 40.43
N ILE C 88 19.44 17.23 39.26
CA ILE C 88 18.00 17.45 39.14
C ILE C 88 17.35 16.42 38.25
N SER C 89 16.01 16.35 38.31
CA SER C 89 15.28 15.50 37.36
C SER C 89 13.87 16.03 37.07
N VAL C 90 13.36 15.68 35.91
CA VAL C 90 11.92 15.82 35.62
C VAL C 90 11.45 14.46 35.13
N LYS C 91 10.15 14.23 35.16
CA LYS C 91 9.58 13.15 34.35
C LYS C 91 9.95 13.35 32.89
N LEU C 92 10.47 12.32 32.22
CA LEU C 92 10.81 12.47 30.78
C LEU C 92 9.61 12.91 29.92
N GLY C 93 9.75 14.02 29.21
CA GLY C 93 8.60 14.64 28.56
C GLY C 93 8.39 16.06 29.03
N LYS C 94 8.59 16.28 30.32
CA LYS C 94 8.47 17.61 30.92
C LYS C 94 9.73 18.48 30.68
N ILE C 95 9.54 19.73 30.31
CA ILE C 95 10.60 20.73 30.26
C ILE C 95 11.26 20.98 31.66
N PRO C 96 12.55 20.76 31.77
CA PRO C 96 13.25 20.97 33.04
C PRO C 96 13.46 22.47 33.39
N THR C 97 12.41 23.05 33.99
CA THR C 97 12.45 24.43 34.44
C THR C 97 12.69 24.51 35.92
N VAL C 98 12.90 25.72 36.43
CA VAL C 98 12.96 25.92 37.88
C VAL C 98 11.80 25.21 38.65
N GLU C 99 10.57 25.35 38.15
CA GLU C 99 9.42 24.82 38.87
C GLU C 99 9.15 23.33 38.63
N ASN C 100 9.40 22.87 37.41
CA ASN C 100 9.15 21.48 37.08
C ASN C 100 10.16 20.53 37.68
N SER C 101 11.37 21.03 37.90
CA SER C 101 12.48 20.17 38.31
C SER C 101 12.38 19.92 39.79
N ILE C 102 13.02 18.82 40.20
CA ILE C 102 13.20 18.53 41.61
C ILE C 102 14.70 18.40 41.87
N PHE C 103 15.15 18.97 42.98
CA PHE C 103 16.54 18.97 43.30
C PHE C 103 16.86 17.81 44.22
N HIS C 104 17.66 16.86 43.72
CA HIS C 104 17.97 15.66 44.51
C HIS C 104 19.05 15.86 45.55
N MET C 105 20.18 16.42 45.13
CA MET C 105 21.36 16.57 45.98
C MET C 105 22.45 17.36 45.25
N ALA C 106 23.33 17.99 46.02
CA ALA C 106 24.49 18.66 45.50
C ALA C 106 25.37 17.63 44.78
N ALA C 107 25.76 17.95 43.56
CA ALA C 107 26.55 17.04 42.74
C ALA C 107 27.05 17.75 41.53
N TRP C 108 28.33 17.53 41.19
CA TRP C 108 28.88 17.96 39.90
C TRP C 108 29.30 16.76 39.06
N SER C 109 28.88 15.57 39.48
CA SER C 109 28.99 14.35 38.69
C SER C 109 27.89 13.46 39.25
N GLY C 110 27.12 12.86 38.33
CA GLY C 110 25.92 12.14 38.73
C GLY C 110 25.58 10.82 38.04
N SER C 111 24.57 10.15 38.60
CA SER C 111 24.04 8.87 38.10
C SER C 111 22.78 8.54 38.89
N ALA C 112 22.05 7.53 38.44
CA ALA C 112 20.75 7.17 39.06
C ALA C 112 20.21 5.94 38.36
N CYS C 113 19.37 5.17 39.06
CA CYS C 113 18.77 3.96 38.51
C CYS C 113 17.65 3.46 39.40
N HIS C 114 16.75 2.68 38.80
CA HIS C 114 15.63 2.11 39.50
C HIS C 114 15.79 0.62 39.65
N ASP C 115 15.47 0.09 40.83
CA ASP C 115 15.80 -1.34 41.08
C ASP C 115 14.54 -2.22 41.10
N GLY C 116 13.42 -1.65 40.64
CA GLY C 116 12.14 -2.35 40.68
C GLY C 116 11.24 -1.89 41.82
N LYS C 117 11.83 -1.34 42.88
CA LYS C 117 11.09 -0.89 44.07
C LYS C 117 11.32 0.59 44.37
N GLU C 118 12.55 1.06 44.17
CA GLU C 118 12.89 2.45 44.49
C GLU C 118 13.99 3.02 43.58
N TRP C 119 14.09 4.34 43.55
CA TRP C 119 15.15 5.08 42.88
C TRP C 119 16.40 5.20 43.74
N THR C 120 17.56 4.95 43.10
CA THR C 120 18.86 5.21 43.74
C THR C 120 19.47 6.40 43.01
N TYR C 121 19.82 7.43 43.77
CA TYR C 121 20.40 8.63 43.19
C TYR C 121 21.87 8.78 43.57
N ILE C 122 22.71 9.10 42.60
CA ILE C 122 24.13 9.20 42.86
C ILE C 122 24.69 10.57 42.51
N GLY C 123 25.49 11.11 43.42
CA GLY C 123 25.95 12.46 43.22
C GLY C 123 27.28 12.74 43.91
N VAL C 124 28.25 13.16 43.11
CA VAL C 124 29.58 13.47 43.59
C VAL C 124 29.75 14.98 43.73
N ASP C 125 30.19 15.40 44.92
CA ASP C 125 30.61 16.77 45.13
C ASP C 125 31.89 16.79 45.96
N GLY C 126 32.31 17.96 46.41
CA GLY C 126 33.50 18.04 47.24
C GLY C 126 34.68 18.71 46.52
N PRO C 127 35.81 18.83 47.23
CA PRO C 127 36.97 19.50 46.64
C PRO C 127 37.67 18.55 45.66
N GLU C 128 38.40 19.11 44.70
CA GLU C 128 39.14 18.30 43.71
C GLU C 128 39.93 17.12 44.30
N ASN C 129 40.69 17.41 45.34
CA ASN C 129 41.61 16.45 45.93
C ASN C 129 40.98 15.50 46.95
N ASN C 130 39.70 15.66 47.24
CA ASN C 130 39.05 14.76 48.17
C ASN C 130 37.54 14.74 47.92
N ALA C 131 37.12 14.52 46.68
CA ALA C 131 35.66 14.53 46.41
C ALA C 131 34.92 13.40 47.15
N LEU C 132 33.59 13.45 47.18
CA LEU C 132 32.76 12.46 47.87
C LEU C 132 31.57 12.10 47.01
N LEU C 133 31.38 10.80 46.78
CA LEU C 133 30.18 10.28 46.14
C LEU C 133 29.10 10.01 47.17
N LYS C 134 27.88 10.45 46.87
CA LYS C 134 26.80 10.36 47.82
C LYS C 134 25.68 9.55 47.28
N ILE C 135 25.13 8.67 48.12
CA ILE C 135 24.00 7.86 47.67
C ILE C 135 22.76 8.17 48.42
N LYS C 136 21.70 8.35 47.64
CA LYS C 136 20.35 8.66 48.12
C LYS C 136 19.45 7.52 47.65
N TYR C 137 18.68 6.94 48.58
CA TYR C 137 17.68 5.91 48.27
C TYR C 137 16.25 6.44 48.56
N GLY C 138 15.52 6.72 47.49
CA GLY C 138 14.28 7.49 47.54
C GLY C 138 14.54 8.90 48.05
N GLU C 139 14.13 9.16 49.30
CA GLU C 139 14.32 10.45 49.97
C GLU C 139 15.49 10.47 50.97
N ALA C 140 15.93 9.29 51.41
CA ALA C 140 16.98 9.12 52.41
C ALA C 140 18.40 9.06 51.79
N TYR C 141 19.27 9.93 52.29
CA TYR C 141 20.72 9.83 52.11
C TYR C 141 21.18 8.64 52.92
N THR C 142 21.74 7.67 52.23
CA THR C 142 22.05 6.38 52.84
C THR C 142 23.53 6.00 53.01
N ASP C 143 24.39 6.36 52.05
CA ASP C 143 25.80 5.96 52.05
C ASP C 143 26.70 6.97 51.31
N THR C 144 28.00 6.88 51.58
CA THR C 144 28.99 7.66 50.79
C THR C 144 30.18 6.77 50.40
N TYR C 145 30.95 7.21 49.41
CA TYR C 145 32.25 6.60 49.11
C TYR C 145 33.30 7.70 48.90
N HIS C 146 34.52 7.44 49.38
CA HIS C 146 35.62 8.44 49.44
C HIS C 146 36.56 8.38 48.25
N SER C 147 37.25 9.49 48.01
CA SER C 147 38.23 9.66 46.95
C SER C 147 39.39 8.74 47.24
N TYR C 148 39.84 7.98 46.24
CA TYR C 148 40.87 7.00 46.44
C TYR C 148 42.17 7.33 45.72
N ALA C 149 42.07 8.17 44.69
CA ALA C 149 43.28 8.62 43.98
C ALA C 149 43.46 10.13 44.15
N ASN C 150 42.56 10.75 44.92
CA ASN C 150 42.60 12.18 45.24
C ASN C 150 42.70 13.15 44.06
N ASN C 151 42.01 12.84 42.96
CA ASN C 151 42.02 13.72 41.83
C ASN C 151 40.71 13.62 41.09
N ILE C 152 39.71 14.36 41.59
CA ILE C 152 38.36 14.39 41.03
C ILE C 152 37.70 13.01 40.93
N LEU C 153 37.37 12.41 42.09
CA LEU C 153 36.48 11.25 42.10
C LEU C 153 35.19 11.60 41.26
N ARG C 154 34.77 10.68 40.41
CA ARG C 154 33.86 10.95 39.24
C ARG C 154 32.96 9.77 39.00
N THR C 155 31.83 9.95 38.32
CA THR C 155 31.00 8.79 38.01
C THR C 155 30.49 8.82 36.57
N GLN C 156 29.54 7.96 36.28
CA GLN C 156 29.05 7.64 34.95
C GLN C 156 28.51 8.77 34.07
N GLU C 157 27.74 9.69 34.64
N GLU C 157 27.77 9.70 34.67
CA GLU C 157 26.99 10.68 33.86
CA GLU C 157 26.94 10.69 33.94
C GLU C 157 25.90 9.98 33.06
C GLU C 157 25.90 9.99 33.09
N SER C 158 25.51 8.80 33.52
CA SER C 158 24.44 8.04 32.92
C SER C 158 23.93 7.05 33.96
N ALA C 159 22.88 6.33 33.59
CA ALA C 159 22.14 5.47 34.50
C ALA C 159 23.00 4.32 34.97
N CYS C 160 22.89 4.02 36.26
CA CYS C 160 23.46 2.80 36.81
C CYS C 160 22.54 1.66 36.51
N ASN C 161 22.89 0.47 36.99
CA ASN C 161 22.22 -0.72 36.48
C ASN C 161 21.93 -1.73 37.54
N CYS C 162 20.63 -1.96 37.72
CA CYS C 162 20.14 -2.77 38.81
C CYS C 162 19.65 -4.13 38.33
N ILE C 163 19.95 -5.18 39.11
CA ILE C 163 19.50 -6.53 38.84
C ILE C 163 19.31 -7.24 40.15
N GLY C 164 18.11 -7.76 40.37
CA GLY C 164 17.82 -8.45 41.62
C GLY C 164 18.08 -7.67 42.89
N GLY C 165 17.96 -6.35 42.83
CA GLY C 165 18.18 -5.51 44.01
C GLY C 165 19.57 -4.89 44.02
N ASN C 166 20.51 -5.49 43.30
CA ASN C 166 21.87 -5.00 43.26
C ASN C 166 22.08 -4.05 42.13
N CYS C 167 22.52 -2.84 42.46
CA CYS C 167 22.82 -1.80 41.45
C CYS C 167 24.33 -1.56 41.31
N TYR C 168 24.80 -1.73 40.09
CA TYR C 168 26.19 -1.59 39.79
C TYR C 168 26.48 -0.23 39.18
N LEU C 169 27.58 0.37 39.64
CA LEU C 169 27.95 1.73 39.31
C LEU C 169 29.45 1.84 39.07
N MET C 170 29.84 2.49 37.98
CA MET C 170 31.22 2.83 37.72
C MET C 170 31.58 4.12 38.38
N ILE C 171 32.68 4.09 39.12
CA ILE C 171 33.31 5.28 39.67
C ILE C 171 34.75 5.29 39.19
N THR C 172 35.29 6.49 38.97
CA THR C 172 36.72 6.67 38.68
C THR C 172 37.28 7.85 39.42
N ASP C 173 38.60 7.99 39.34
CA ASP C 173 39.36 8.93 40.16
C ASP C 173 40.74 8.95 39.52
N GLY C 174 41.30 10.14 39.31
CA GLY C 174 42.68 10.27 38.81
C GLY C 174 42.80 11.42 37.83
N SER C 175 44.02 11.65 37.38
CA SER C 175 44.29 12.71 36.43
C SER C 175 43.43 12.55 35.15
N ALA C 176 42.96 13.68 34.65
CA ALA C 176 42.26 13.70 33.38
C ALA C 176 43.24 13.48 32.18
N SER C 177 44.54 13.70 32.45
CA SER C 177 45.61 13.62 31.47
C SER C 177 46.54 12.44 31.75
N GLY C 178 46.32 11.74 32.86
CA GLY C 178 47.10 10.56 33.18
C GLY C 178 46.22 9.38 33.54
N ILE C 179 46.59 8.76 34.68
CA ILE C 179 46.01 7.51 35.17
C ILE C 179 44.69 7.80 35.83
N SER C 180 43.65 7.08 35.42
CA SER C 180 42.35 7.05 36.13
C SER C 180 41.82 5.62 36.16
N GLU C 181 42.21 4.88 37.19
CA GLU C 181 41.79 3.49 37.36
C GLU C 181 40.38 3.44 37.97
N CYS C 182 39.40 3.00 37.17
CA CYS C 182 38.03 2.98 37.65
C CYS C 182 37.76 1.77 38.54
N ARG C 183 36.75 1.90 39.41
CA ARG C 183 36.27 0.81 40.25
C ARG C 183 34.77 0.70 40.04
N PHE C 184 34.18 -0.45 40.38
CA PHE C 184 32.73 -0.56 40.40
C PHE C 184 32.19 -0.73 41.82
N LEU C 185 31.07 -0.10 42.08
CA LEU C 185 30.37 -0.26 43.36
C LEU C 185 29.09 -1.10 43.19
N LYS C 186 28.92 -2.10 44.06
CA LYS C 186 27.67 -2.85 44.12
C LYS C 186 26.80 -2.22 45.23
N ILE C 187 25.65 -1.65 44.84
CA ILE C 187 24.81 -0.88 45.79
C ILE C 187 23.42 -1.50 45.92
N ARG C 188 23.03 -1.78 47.17
CA ARG C 188 21.75 -2.44 47.46
C ARG C 188 20.99 -1.59 48.47
N GLU C 189 19.81 -1.12 48.02
CA GLU C 189 18.96 -0.29 48.84
C GLU C 189 19.72 0.91 49.39
N GLY C 190 20.57 1.48 48.52
CA GLY C 190 21.33 2.73 48.78
C GLY C 190 22.64 2.57 49.57
N ARG C 191 22.95 1.33 49.95
CA ARG C 191 24.22 1.03 50.66
C ARG C 191 25.19 0.14 49.88
N ILE C 192 26.46 0.54 49.90
CA ILE C 192 27.52 -0.17 49.18
C ILE C 192 27.83 -1.46 49.92
N ILE C 193 27.71 -2.58 49.22
CA ILE C 193 27.90 -3.89 49.82
C ILE C 193 29.12 -4.63 49.25
N LYS C 194 29.64 -4.14 48.13
CA LYS C 194 30.87 -4.67 47.54
C LYS C 194 31.59 -3.61 46.68
N GLU C 195 32.92 -3.56 46.81
CA GLU C 195 33.80 -2.90 45.83
C GLU C 195 34.30 -3.92 44.81
N ILE C 196 34.22 -3.59 43.54
CA ILE C 196 34.69 -4.51 42.51
C ILE C 196 35.87 -3.88 41.76
N PHE C 197 37.08 -4.41 41.97
CA PHE C 197 38.30 -3.95 41.26
C PHE C 197 38.49 -4.65 39.93
N PRO C 198 38.27 -3.91 38.83
CA PRO C 198 38.43 -4.47 37.50
C PRO C 198 39.89 -4.81 37.23
N THR C 199 40.14 -5.81 36.37
CA THR C 199 41.46 -6.22 35.97
C THR C 199 41.62 -5.93 34.50
N GLY C 200 42.87 -5.98 34.01
CA GLY C 200 43.20 -5.86 32.59
C GLY C 200 43.80 -4.50 32.24
N ARG C 201 43.30 -3.94 31.15
CA ARG C 201 43.67 -2.62 30.68
C ARG C 201 42.90 -1.55 31.46
N VAL C 202 43.51 -1.08 32.55
CA VAL C 202 42.81 -0.26 33.56
C VAL C 202 43.44 1.10 33.65
N LYS C 203 44.38 1.37 32.75
CA LYS C 203 45.18 2.63 32.67
C LYS C 203 44.28 3.89 32.82
N HIS C 204 43.26 3.96 31.98
CA HIS C 204 42.39 5.08 32.03
C HIS C 204 40.98 4.72 31.52
N THR C 205 40.01 4.84 32.43
CA THR C 205 38.61 4.57 32.14
C THR C 205 37.78 5.60 32.93
N GLU C 206 36.88 6.29 32.24
CA GLU C 206 35.88 7.16 32.90
C GLU C 206 34.59 7.23 32.10
N GLU C 207 33.55 7.75 32.76
CA GLU C 207 32.26 8.07 32.15
C GLU C 207 31.74 6.88 31.38
N CYS C 208 31.81 5.69 31.98
CA CYS C 208 31.27 4.48 31.35
C CYS C 208 29.78 4.58 31.09
N THR C 209 29.37 4.21 29.90
CA THR C 209 27.98 4.03 29.60
C THR C 209 27.76 2.52 29.69
N CYS C 210 26.97 2.09 30.67
CA CYS C 210 26.78 0.67 30.98
C CYS C 210 25.38 0.17 30.68
N GLY C 211 25.25 -1.14 30.45
CA GLY C 211 23.96 -1.77 30.19
C GLY C 211 24.06 -3.26 30.39
N PHE C 212 22.92 -3.95 30.41
CA PHE C 212 22.92 -5.41 30.52
C PHE C 212 23.04 -6.08 29.17
N ALA C 213 24.08 -6.89 29.00
CA ALA C 213 24.18 -7.76 27.85
C ALA C 213 23.28 -8.98 28.05
N SER C 214 23.04 -9.36 29.30
CA SER C 214 22.29 -10.55 29.65
C SER C 214 22.05 -10.43 31.12
N ASN C 215 21.45 -11.45 31.71
CA ASN C 215 21.32 -11.48 33.16
C ASN C 215 22.66 -11.73 33.91
N LYS C 216 23.68 -12.15 33.15
N LYS C 216 23.68 -12.13 33.13
CA LYS C 216 25.00 -12.50 33.72
CA LYS C 216 24.98 -12.52 33.67
C LYS C 216 25.99 -11.35 33.66
C LYS C 216 25.98 -11.36 33.66
N THR C 217 25.85 -10.47 32.68
CA THR C 217 26.92 -9.55 32.30
C THR C 217 26.45 -8.13 32.06
N ILE C 218 27.20 -7.18 32.60
CA ILE C 218 27.00 -5.77 32.29
C ILE C 218 28.17 -5.33 31.43
N GLU C 219 27.91 -4.65 30.31
CA GLU C 219 29.02 -4.15 29.49
C GLU C 219 28.99 -2.64 29.42
N CYS C 220 30.18 -2.05 29.42
CA CYS C 220 30.32 -0.60 29.36
C CYS C 220 31.29 -0.14 28.27
N ALA C 221 30.89 0.93 27.60
CA ALA C 221 31.74 1.63 26.63
C ALA C 221 32.18 2.94 27.27
N CYS C 222 33.48 3.07 27.49
CA CYS C 222 33.96 4.13 28.35
C CYS C 222 34.84 5.13 27.63
N ARG C 223 35.27 6.13 28.36
CA ARG C 223 36.14 7.17 27.84
C ARG C 223 37.58 7.05 28.39
N ASP C 224 38.55 7.00 27.49
CA ASP C 224 39.94 7.24 27.89
C ASP C 224 40.30 8.65 27.48
N ASN C 225 40.50 9.51 28.45
CA ASN C 225 40.78 10.92 28.18
C ASN C 225 42.22 11.24 27.88
N SER C 226 43.09 10.21 27.92
CA SER C 226 44.55 10.41 27.83
C SER C 226 45.27 9.68 26.71
N TYR C 227 45.00 8.38 26.56
CA TYR C 227 45.94 7.53 25.80
C TYR C 227 45.43 7.10 24.43
N THR C 228 44.11 7.00 24.29
CA THR C 228 43.57 6.31 23.12
C THR C 228 42.24 6.92 22.68
N ALA C 229 41.94 6.78 21.40
CA ALA C 229 40.64 7.07 20.85
C ALA C 229 39.77 5.79 20.80
N LYS C 230 40.35 4.63 21.12
CA LYS C 230 39.52 3.44 21.37
C LYS C 230 38.76 3.58 22.69
N ARG C 231 37.56 3.04 22.76
CA ARG C 231 36.84 3.06 24.01
C ARG C 231 37.24 1.87 24.88
N PRO C 232 37.63 2.11 26.14
CA PRO C 232 37.78 0.97 27.02
C PRO C 232 36.43 0.27 27.19
N PHE C 233 36.42 -1.04 27.10
CA PHE C 233 35.19 -1.78 27.14
C PHE C 233 35.22 -2.72 28.32
N VAL C 234 34.36 -2.44 29.29
CA VAL C 234 34.23 -3.23 30.50
C VAL C 234 33.26 -4.37 30.27
N LYS C 235 33.57 -5.54 30.83
CA LYS C 235 32.62 -6.65 30.94
C LYS C 235 32.59 -7.03 32.42
N LEU C 236 31.46 -6.76 33.07
CA LEU C 236 31.27 -7.09 34.47
C LEU C 236 30.38 -8.32 34.61
N ASN C 237 30.90 -9.36 35.23
CA ASN C 237 30.06 -10.51 35.54
C ASN C 237 29.40 -10.28 36.92
N VAL C 238 28.06 -10.17 36.93
CA VAL C 238 27.26 -9.78 38.13
C VAL C 238 27.02 -10.97 39.06
N GLU C 239 27.29 -12.17 38.56
CA GLU C 239 27.14 -13.37 39.36
C GLU C 239 28.37 -13.62 40.19
N THR C 240 29.56 -13.47 39.59
CA THR C 240 30.80 -13.65 40.35
C THR C 240 31.31 -12.31 40.89
N ASP C 241 30.76 -11.20 40.38
CA ASP C 241 31.19 -9.84 40.76
C ASP C 241 32.65 -9.58 40.40
N THR C 242 33.01 -9.95 39.16
CA THR C 242 34.33 -9.71 38.62
C THR C 242 34.19 -8.81 37.41
N ALA C 243 35.10 -7.86 37.25
CA ALA C 243 35.15 -7.05 36.04
C ALA C 243 36.48 -7.15 35.26
N GLU C 244 36.38 -6.96 33.94
CA GLU C 244 37.59 -7.00 33.06
C GLU C 244 37.48 -5.85 32.05
N ILE C 245 38.58 -5.17 31.80
CA ILE C 245 38.57 -4.08 30.84
C ILE C 245 39.61 -4.28 29.71
N ARG C 246 39.17 -4.18 28.46
CA ARG C 246 40.07 -4.12 27.29
CA ARG C 246 40.06 -4.13 27.29
C ARG C 246 39.52 -3.09 26.30
N LEU C 247 40.42 -2.52 25.48
CA LEU C 247 40.01 -1.55 24.45
C LEU C 247 39.20 -2.19 23.34
N MET C 248 38.18 -1.48 22.88
CA MET C 248 37.43 -1.88 21.69
C MET C 248 38.35 -2.01 20.47
N CYS C 249 38.29 -3.16 19.80
CA CYS C 249 39.19 -3.42 18.66
C CYS C 249 38.72 -2.78 17.36
N THR C 250 37.42 -2.48 17.27
CA THR C 250 36.87 -1.96 16.03
C THR C 250 37.66 -0.78 15.47
N GLU C 251 37.84 -0.79 14.16
CA GLU C 251 38.44 0.33 13.45
C GLU C 251 37.58 1.61 13.52
N THR C 252 36.30 1.47 13.87
CA THR C 252 35.37 2.58 13.96
C THR C 252 35.50 3.22 15.35
N TYR C 253 36.51 4.07 15.53
CA TYR C 253 36.86 4.54 16.88
C TYR C 253 35.82 5.51 17.37
N LEU C 254 35.37 5.35 18.60
CA LEU C 254 34.13 6.03 19.04
C LEU C 254 34.34 7.33 19.79
N ASP C 255 35.59 7.56 20.21
CA ASP C 255 35.93 8.74 21.00
C ASP C 255 36.05 9.98 20.11
N THR C 256 36.01 11.17 20.72
CA THR C 256 36.34 12.40 20.03
C THR C 256 37.19 13.25 20.98
N PRO C 257 38.42 13.64 20.54
CA PRO C 257 39.06 13.42 19.23
C PRO C 257 39.47 11.98 18.88
N ARG C 258 39.82 11.80 17.59
CA ARG C 258 40.13 10.48 17.04
C ARG C 258 40.82 10.63 15.70
N PRO C 259 41.68 9.67 15.34
CA PRO C 259 42.25 9.67 13.99
C PRO C 259 41.27 9.02 13.01
N ASP C 260 41.68 8.80 11.76
CA ASP C 260 40.81 8.18 10.76
C ASP C 260 40.49 6.74 11.15
N ASP C 261 39.37 6.22 10.67
CA ASP C 261 39.02 4.84 10.96
C ASP C 261 40.10 3.87 10.47
N GLY C 262 40.54 3.00 11.37
CA GLY C 262 41.48 1.92 11.05
C GLY C 262 42.93 2.33 10.85
N SER C 263 43.25 3.58 11.20
CA SER C 263 44.60 4.12 11.01
C SER C 263 45.50 3.70 12.20
N ILE C 264 44.90 3.25 13.28
CA ILE C 264 45.71 2.74 14.38
C ILE C 264 46.26 1.35 14.05
N THR C 265 47.54 1.32 13.71
CA THR C 265 48.20 0.10 13.27
C THR C 265 48.41 -0.78 14.52
N GLY C 266 48.65 -2.07 14.34
CA GLY C 266 48.92 -2.93 15.50
C GLY C 266 47.73 -3.79 15.86
N PRO C 267 47.87 -4.64 16.87
CA PRO C 267 46.80 -5.52 17.24
C PRO C 267 45.75 -4.70 17.98
N CYS C 268 44.69 -5.36 18.44
CA CYS C 268 43.59 -4.71 19.19
C CYS C 268 44.02 -3.80 20.31
N GLU C 269 45.07 -4.17 21.02
CA GLU C 269 45.50 -3.45 22.24
C GLU C 269 46.26 -2.13 22.03
N SER C 270 46.67 -1.86 20.80
CA SER C 270 47.40 -0.63 20.45
C SER C 270 46.61 0.63 20.72
N ASN C 271 47.25 1.59 21.42
CA ASN C 271 46.59 2.88 21.73
C ASN C 271 46.02 3.70 20.54
N GLY C 272 46.75 4.26 19.56
CA GLY C 272 48.11 4.74 19.59
C GLY C 272 47.93 6.26 19.59
N ASP C 273 47.46 6.84 18.47
CA ASP C 273 47.48 8.33 18.31
C ASP C 273 46.16 9.11 18.58
N LYS C 274 46.32 10.44 18.72
CA LYS C 274 45.23 11.35 18.99
C LYS C 274 44.38 10.94 20.20
N GLY C 275 45.04 10.44 21.24
CA GLY C 275 44.39 9.81 22.36
C GLY C 275 44.00 10.80 23.46
N SER C 276 44.68 11.93 23.51
CA SER C 276 44.44 12.87 24.63
C SER C 276 43.15 13.59 24.38
N GLY C 277 42.36 13.79 25.44
CA GLY C 277 41.00 14.29 25.30
C GLY C 277 40.01 13.14 25.14
N GLY C 278 38.72 13.48 25.00
CA GLY C 278 37.67 12.51 24.74
C GLY C 278 36.25 13.02 25.00
N ILE C 279 35.33 12.07 25.07
CA ILE C 279 33.95 12.39 25.13
C ILE C 279 33.26 11.14 25.65
N LYS C 280 32.23 11.33 26.48
CA LYS C 280 31.32 10.21 26.82
C LYS C 280 30.46 9.78 25.63
N GLY C 281 30.41 8.48 25.39
CA GLY C 281 29.65 7.99 24.26
C GLY C 281 28.49 7.08 24.57
N GLY C 282 27.48 7.10 23.69
CA GLY C 282 26.30 6.29 23.88
C GLY C 282 26.49 4.84 23.53
N PHE C 283 25.71 3.99 24.19
CA PHE C 283 25.92 2.55 24.11
C PHE C 283 24.75 1.88 24.77
N VAL C 284 24.06 1.05 24.00
CA VAL C 284 22.95 0.30 24.51
C VAL C 284 22.86 -1.08 23.87
N HIS C 285 22.32 -2.02 24.62
CA HIS C 285 22.11 -3.39 24.13
C HIS C 285 20.72 -3.68 23.54
N GLN C 286 20.72 -4.38 22.41
CA GLN C 286 19.52 -5.03 21.92
C GLN C 286 19.62 -6.52 22.23
N ARG C 287 18.94 -6.99 23.25
CA ARG C 287 19.01 -8.42 23.57
C ARG C 287 17.93 -9.26 22.87
N MET C 288 18.38 -10.21 22.03
CA MET C 288 17.49 -11.15 21.34
C MET C 288 17.83 -12.57 21.75
N ALA C 289 16.89 -13.49 21.52
CA ALA C 289 17.02 -14.87 21.99
C ALA C 289 18.44 -15.43 21.75
N SER C 290 18.81 -15.72 20.51
CA SER C 290 20.17 -16.23 20.22
C SER C 290 21.06 -15.22 19.43
N LYS C 291 20.91 -13.92 19.74
CA LYS C 291 21.68 -12.87 19.06
C LYS C 291 21.73 -11.61 19.94
N ILE C 292 22.89 -10.94 20.02
CA ILE C 292 23.02 -9.65 20.71
C ILE C 292 23.35 -8.52 19.75
N GLY C 293 22.66 -7.38 19.91
CA GLY C 293 22.95 -6.17 19.15
C GLY C 293 23.61 -5.13 20.05
N ARG C 294 24.71 -4.56 19.58
CA ARG C 294 25.33 -3.50 20.36
C ARG C 294 25.26 -2.22 19.55
N TRP C 295 24.64 -1.20 20.15
CA TRP C 295 24.41 0.05 19.45
C TRP C 295 25.29 1.11 20.06
N TYR C 296 25.98 1.88 19.24
CA TYR C 296 26.90 2.91 19.71
C TYR C 296 26.64 4.20 18.92
N SER C 297 27.10 5.31 19.48
CA SER C 297 27.08 6.59 18.81
C SER C 297 28.39 7.30 18.99
N ARG C 298 28.81 8.03 17.97
CA ARG C 298 29.97 8.89 18.05
C ARG C 298 29.66 10.17 17.30
N THR C 299 30.42 11.24 17.59
CA THR C 299 30.28 12.49 16.84
C THR C 299 30.56 12.29 15.36
N MET C 300 29.95 13.11 14.52
CA MET C 300 30.17 13.09 13.10
C MET C 300 31.52 13.73 12.75
N SER C 301 31.87 14.81 13.46
CA SER C 301 33.25 15.33 13.37
C SER C 301 34.29 14.47 14.11
N LYS C 302 35.50 14.34 13.57
CA LYS C 302 36.55 13.56 14.23
C LYS C 302 37.23 14.31 15.37
N THR C 303 37.21 15.63 15.29
CA THR C 303 37.93 16.47 16.22
C THR C 303 36.99 17.25 17.16
N LYS C 304 35.88 17.74 16.59
CA LYS C 304 34.97 18.60 17.33
C LYS C 304 33.71 17.88 17.81
N ARG C 305 33.08 18.49 18.81
CA ARG C 305 31.86 17.96 19.35
C ARG C 305 30.63 18.32 18.50
N MET C 306 30.69 17.98 17.21
CA MET C 306 29.67 18.32 16.24
C MET C 306 29.13 17.05 15.58
N GLY C 307 27.80 16.99 15.50
CA GLY C 307 27.08 15.85 14.91
C GLY C 307 26.98 14.64 15.83
N MET C 308 26.25 13.64 15.40
CA MET C 308 26.21 12.37 16.10
C MET C 308 25.72 11.28 15.17
N GLY C 309 26.51 10.24 15.03
CA GLY C 309 26.10 9.12 14.22
C GLY C 309 25.78 7.95 15.12
N LEU C 310 24.87 7.11 14.65
CA LEU C 310 24.51 5.86 15.30
C LEU C 310 25.12 4.65 14.54
N TYR C 311 25.76 3.74 15.29
CA TYR C 311 26.43 2.57 14.71
C TYR C 311 25.92 1.31 15.38
N VAL C 312 26.15 0.16 14.75
CA VAL C 312 25.66 -1.11 15.28
C VAL C 312 26.52 -2.29 14.79
N LYS C 313 26.77 -3.22 15.69
CA LYS C 313 27.23 -4.54 15.33
C LYS C 313 26.47 -5.63 16.13
N TYR C 314 26.19 -6.75 15.48
CA TYR C 314 25.54 -7.88 16.11
C TYR C 314 26.55 -8.96 16.43
N ASP C 315 26.50 -9.49 17.65
CA ASP C 315 27.34 -10.62 18.10
C ASP C 315 28.86 -10.34 18.15
N GLY C 316 29.69 -11.38 18.25
CA GLY C 316 31.13 -11.19 18.16
C GLY C 316 31.68 -10.73 19.49
N ASP C 317 32.90 -10.23 19.49
CA ASP C 317 33.52 -9.82 20.76
C ASP C 317 34.16 -8.47 20.50
N PRO C 318 33.68 -7.40 21.16
CA PRO C 318 34.19 -6.05 21.01
C PRO C 318 35.68 -5.89 21.27
N TRP C 319 36.24 -6.80 22.08
CA TRP C 319 37.67 -6.79 22.38
C TRP C 319 38.53 -7.29 21.22
N THR C 320 38.01 -8.21 20.40
CA THR C 320 38.82 -8.85 19.34
C THR C 320 38.35 -8.51 17.95
N ASP C 321 37.11 -8.05 17.84
CA ASP C 321 36.55 -7.73 16.53
C ASP C 321 37.15 -6.43 15.97
N SER C 322 37.86 -6.51 14.85
CA SER C 322 38.46 -5.32 14.24
C SER C 322 37.57 -4.78 13.10
N ASP C 323 36.52 -5.53 12.77
CA ASP C 323 35.59 -5.14 11.72
C ASP C 323 35.01 -3.76 12.03
N ALA C 324 34.83 -2.94 10.99
CA ALA C 324 34.09 -1.67 11.11
C ALA C 324 32.68 -1.91 11.64
N LEU C 325 32.22 -0.98 12.49
CA LEU C 325 30.81 -0.88 12.91
C LEU C 325 29.92 -0.39 11.74
N ALA C 326 28.72 -0.99 11.56
CA ALA C 326 27.83 -0.55 10.48
C ALA C 326 27.23 0.81 10.84
N LEU C 327 27.46 1.78 9.96
CA LEU C 327 26.80 3.07 10.09
C LEU C 327 25.27 2.91 9.92
N SER C 328 24.50 3.20 10.96
CA SER C 328 23.04 3.00 10.93
C SER C 328 22.30 4.26 10.48
N GLY C 329 22.59 5.41 11.08
CA GLY C 329 22.07 6.71 10.59
C GLY C 329 22.71 7.92 11.24
N VAL C 330 22.41 9.09 10.69
CA VAL C 330 22.90 10.34 11.24
C VAL C 330 21.83 10.95 12.19
N MET C 331 22.03 10.84 13.50
CA MET C 331 21.04 11.38 14.43
C MET C 331 21.12 12.89 14.60
N VAL C 332 22.31 13.45 14.50
CA VAL C 332 22.56 14.88 14.60
C VAL C 332 23.54 15.22 13.48
N SER C 333 23.20 16.21 12.63
CA SER C 333 24.08 16.56 11.52
C SER C 333 25.35 17.28 12.03
N MET C 334 26.36 17.31 11.18
CA MET C 334 27.62 18.00 11.39
C MET C 334 27.45 19.48 11.76
N GLU C 335 26.34 20.09 11.36
CA GLU C 335 26.05 21.52 11.63
C GLU C 335 25.48 21.73 13.02
N GLU C 336 25.10 20.65 13.68
CA GLU C 336 24.48 20.73 15.02
C GLU C 336 25.41 20.14 16.10
N PRO C 337 25.29 20.64 17.33
CA PRO C 337 26.23 20.20 18.36
C PRO C 337 25.93 18.75 18.82
N GLY C 338 26.98 17.94 19.01
CA GLY C 338 26.81 16.57 19.45
C GLY C 338 27.80 16.37 20.58
N TRP C 339 27.34 16.48 21.81
CA TRP C 339 28.30 16.36 22.93
C TRP C 339 28.21 14.98 23.59
N TYR C 340 27.91 14.92 24.87
CA TYR C 340 27.78 13.60 25.55
C TYR C 340 26.66 12.81 24.97
N SER C 341 26.85 11.49 24.88
CA SER C 341 25.74 10.55 24.50
C SER C 341 25.66 9.37 25.45
N PHE C 342 24.46 8.79 25.56
CA PHE C 342 24.22 7.79 26.62
C PHE C 342 23.18 6.77 26.19
N GLY C 343 23.23 5.60 26.81
CA GLY C 343 22.25 4.54 26.62
C GLY C 343 21.25 4.45 27.78
N PHE C 344 20.04 4.02 27.48
CA PHE C 344 19.01 3.76 28.49
C PHE C 344 17.95 2.88 27.87
N GLU C 345 17.17 2.24 28.72
CA GLU C 345 16.14 1.32 28.27
C GLU C 345 14.80 1.70 28.83
N ILE C 346 13.80 1.74 27.97
CA ILE C 346 12.43 2.00 28.44
C ILE C 346 11.75 0.65 28.65
N LYS C 347 10.97 0.52 29.73
CA LYS C 347 10.28 -0.72 30.04
CA LYS C 347 10.28 -0.72 30.06
C LYS C 347 8.86 -0.78 29.49
N ASP C 348 8.67 -1.59 28.45
CA ASP C 348 7.38 -1.89 27.91
C ASP C 348 6.79 -2.99 28.77
N LYS C 349 5.59 -3.44 28.42
CA LYS C 349 4.85 -4.31 29.32
C LYS C 349 5.64 -5.58 29.58
N LYS C 350 6.21 -6.17 28.51
CA LYS C 350 6.87 -7.51 28.56
C LYS C 350 8.27 -7.53 28.01
N CYS C 351 8.80 -6.37 27.62
CA CYS C 351 10.12 -6.27 26.95
C CYS C 351 10.73 -4.89 27.13
N ASP C 352 11.98 -4.75 26.71
CA ASP C 352 12.75 -3.53 26.98
C ASP C 352 13.08 -2.82 25.71
N VAL C 353 12.94 -1.49 25.73
CA VAL C 353 13.26 -0.71 24.56
C VAL C 353 14.62 0.00 24.70
N PRO C 354 15.60 -0.40 23.88
CA PRO C 354 16.88 0.28 23.87
C PRO C 354 16.82 1.65 23.18
N CYS C 355 17.47 2.61 23.84
CA CYS C 355 17.48 4.03 23.41
C CYS C 355 18.83 4.69 23.60
N ILE C 356 19.11 5.64 22.73
CA ILE C 356 20.30 6.48 22.81
C ILE C 356 19.89 7.91 22.94
N GLY C 357 20.40 8.55 23.98
CA GLY C 357 20.19 9.94 24.26
C GLY C 357 21.42 10.77 23.98
N ILE C 358 21.21 11.98 23.51
CA ILE C 358 22.29 12.81 23.00
C ILE C 358 22.18 14.21 23.57
N GLU C 359 23.20 14.59 24.31
CA GLU C 359 23.31 15.96 24.84
C GLU C 359 23.76 16.88 23.70
N MET C 360 22.98 17.89 23.43
CA MET C 360 23.29 18.85 22.40
C MET C 360 23.51 20.19 23.06
N VAL C 361 24.78 20.54 23.23
CA VAL C 361 25.17 21.65 24.10
C VAL C 361 25.13 22.94 23.32
N HIS C 362 24.51 23.94 23.92
CA HIS C 362 24.55 25.27 23.39
C HIS C 362 25.79 25.96 23.94
N ASP C 363 26.77 26.10 23.08
CA ASP C 363 28.06 26.62 23.46
C ASP C 363 28.34 27.94 22.77
N GLY C 364 28.40 29.02 23.52
CA GLY C 364 28.81 30.30 22.94
C GLY C 364 30.00 30.86 23.67
N GLY C 365 30.74 29.97 24.34
CA GLY C 365 31.92 30.33 25.17
C GLY C 365 31.51 30.84 26.53
N LYS C 366 32.52 31.26 27.30
CA LYS C 366 32.35 31.61 28.71
C LYS C 366 31.66 32.96 28.97
N GLU C 367 31.48 33.76 27.92
CA GLU C 367 30.87 35.11 28.05
C GLU C 367 29.34 35.07 27.95
N THR C 368 28.77 33.86 27.93
CA THR C 368 27.32 33.72 27.90
C THR C 368 26.94 32.41 28.60
N TRP C 369 25.66 32.06 28.57
CA TRP C 369 25.20 30.85 29.26
C TRP C 369 25.66 29.59 28.54
N HIS C 370 25.69 28.48 29.25
CA HIS C 370 26.18 27.22 28.71
C HIS C 370 25.28 26.09 29.18
N SER C 371 24.50 25.52 28.25
CA SER C 371 23.51 24.51 28.65
C SER C 371 23.29 23.55 27.50
N ALA C 372 22.26 22.71 27.63
CA ALA C 372 22.12 21.58 26.70
C ALA C 372 20.67 21.26 26.45
N ALA C 373 20.40 20.81 25.23
CA ALA C 373 19.20 20.09 24.92
C ALA C 373 19.50 18.61 24.99
N THR C 374 18.44 17.79 25.02
CA THR C 374 18.58 16.33 24.95
C THR C 374 17.73 15.73 23.82
N ALA C 375 18.41 15.07 22.86
CA ALA C 375 17.76 14.29 21.80
C ALA C 375 17.68 12.84 22.19
N ILE C 376 16.57 12.20 21.85
CA ILE C 376 16.37 10.78 22.16
C ILE C 376 16.04 10.02 20.89
N TYR C 377 16.72 8.90 20.70
CA TYR C 377 16.44 7.94 19.62
C TYR C 377 16.22 6.59 20.29
N CYS C 378 15.21 5.87 19.83
CA CYS C 378 14.88 4.55 20.35
C CYS C 378 14.78 3.55 19.22
N LEU C 379 14.93 2.27 19.54
CA LEU C 379 14.60 1.19 18.60
C LEU C 379 13.10 1.11 18.40
N MET C 380 12.65 1.27 17.15
CA MET C 380 11.25 1.12 16.79
C MET C 380 11.10 0.69 15.33
N GLY C 381 10.39 -0.42 15.12
CA GLY C 381 10.03 -0.89 13.80
C GLY C 381 11.21 -1.33 12.95
N SER C 382 10.94 -1.46 11.67
CA SER C 382 11.94 -1.91 10.72
CA SER C 382 11.93 -1.91 10.71
C SER C 382 12.42 -0.76 9.83
N GLY C 383 13.22 -1.09 8.81
CA GLY C 383 13.78 -0.09 7.86
C GLY C 383 15.09 0.55 8.30
N GLN C 384 15.22 1.86 8.01
CA GLN C 384 16.42 2.63 8.32
CA GLN C 384 16.42 2.63 8.35
C GLN C 384 16.06 3.94 9.02
N LEU C 385 16.99 4.45 9.84
CA LEU C 385 16.89 5.75 10.51
C LEU C 385 16.58 6.86 9.50
N LEU C 386 15.59 7.70 9.80
CA LEU C 386 15.03 8.59 8.78
C LEU C 386 15.31 10.05 8.97
N TRP C 387 15.35 10.55 10.22
CA TRP C 387 15.47 12.02 10.42
C TRP C 387 16.42 12.43 11.53
N ASP C 388 17.04 13.58 11.35
CA ASP C 388 18.03 14.07 12.27
C ASP C 388 17.32 15.02 13.28
N THR C 389 18.06 15.51 14.27
CA THR C 389 17.48 16.35 15.34
C THR C 389 18.28 17.64 15.44
N VAL C 390 17.57 18.76 15.47
CA VAL C 390 18.12 20.10 15.63
C VAL C 390 17.57 20.68 16.93
N THR C 391 18.32 21.53 17.62
CA THR C 391 17.80 22.15 18.85
C THR C 391 16.86 23.30 18.58
N GLY C 392 17.11 24.01 17.48
CA GLY C 392 16.23 25.11 17.06
C GLY C 392 16.48 26.36 17.89
N VAL C 393 17.49 26.29 18.77
CA VAL C 393 17.87 27.38 19.65
C VAL C 393 18.79 28.45 19.03
N ASP C 394 18.42 29.71 19.15
CA ASP C 394 19.29 30.80 18.72
C ASP C 394 19.78 31.47 20.02
N MET C 395 21.10 31.43 20.22
CA MET C 395 21.70 31.80 21.50
C MET C 395 21.77 33.31 21.75
N ALA C 396 21.54 34.13 20.71
CA ALA C 396 21.44 35.59 20.87
C ALA C 396 20.14 36.06 21.58
N LEU C 397 19.14 35.17 21.69
CA LEU C 397 17.79 35.58 22.05
C LEU C 397 17.60 35.49 23.55
N PRO D 9 -2.22 2.65 57.23
CA PRO D 9 -1.10 3.32 57.94
C PRO D 9 -1.25 3.35 59.45
N GLU D 10 -0.14 3.18 60.15
CA GLU D 10 -0.14 3.14 61.61
CA GLU D 10 -0.10 3.09 61.61
C GLU D 10 0.72 4.24 62.20
N TRP D 11 0.60 4.46 63.51
CA TRP D 11 1.39 5.49 64.18
C TRP D 11 2.87 5.24 64.01
N THR D 12 3.62 6.32 63.87
CA THR D 12 5.08 6.26 63.75
CA THR D 12 5.07 6.20 63.76
C THR D 12 5.76 6.41 65.11
N TYR D 13 6.99 5.91 65.21
CA TYR D 13 7.81 5.91 66.43
C TYR D 13 9.24 6.13 65.98
N PRO D 14 10.07 6.77 66.83
CA PRO D 14 11.51 6.84 66.55
C PRO D 14 12.16 5.45 66.49
N ARG D 15 13.00 5.25 65.48
CA ARG D 15 13.75 4.00 65.30
C ARG D 15 15.23 4.24 65.53
N LEU D 16 16.01 3.15 65.53
CA LEU D 16 17.44 3.25 65.60
C LEU D 16 17.87 4.04 64.37
N SER D 17 18.88 4.91 64.52
CA SER D 17 19.40 5.70 63.40
C SER D 17 20.12 4.83 62.37
N CYS D 18 20.11 5.28 61.12
CA CYS D 18 20.88 4.61 60.07
C CYS D 18 22.35 4.69 60.38
N PRO D 19 23.13 3.72 59.89
CA PRO D 19 24.57 3.71 60.11
C PRO D 19 25.22 4.97 59.56
N GLY D 20 26.28 5.38 60.24
CA GLY D 20 27.10 6.51 59.77
C GLY D 20 27.78 7.13 60.96
N SER D 21 28.84 7.90 60.71
CA SER D 21 29.60 8.53 61.77
C SER D 21 30.01 9.96 61.41
N THR D 22 29.58 10.45 60.25
CA THR D 22 29.86 11.84 59.84
C THR D 22 28.72 12.45 59.03
N PHE D 23 28.56 13.76 59.12
CA PHE D 23 27.50 14.41 58.32
C PHE D 23 28.19 14.86 57.06
N GLN D 24 27.41 15.06 55.98
CA GLN D 24 27.95 15.58 54.72
C GLN D 24 26.90 16.51 54.11
N LYS D 25 27.35 17.34 53.19
CA LYS D 25 26.50 18.28 52.48
C LYS D 25 25.54 17.48 51.63
N ALA D 26 24.24 17.61 51.92
CA ALA D 26 23.23 16.85 51.16
C ALA D 26 22.58 17.66 50.06
N LEU D 27 22.02 18.83 50.39
CA LEU D 27 21.18 19.54 49.44
C LEU D 27 21.12 21.00 49.80
N LEU D 28 21.16 21.87 48.78
CA LEU D 28 20.89 23.27 48.98
C LEU D 28 19.54 23.67 48.30
N ILE D 29 18.65 24.30 49.05
CA ILE D 29 17.45 24.96 48.45
C ILE D 29 17.70 26.46 48.46
N SER D 30 18.17 27.01 47.35
CA SER D 30 18.43 28.43 47.24
C SER D 30 17.48 29.07 46.19
N PRO D 31 16.26 29.46 46.61
CA PRO D 31 15.20 29.89 45.66
C PRO D 31 15.52 31.20 44.96
N HIS D 32 16.23 32.09 45.64
CA HIS D 32 16.56 33.39 45.08
C HIS D 32 17.71 33.42 44.07
N ARG D 33 18.34 32.27 43.82
CA ARG D 33 19.15 32.10 42.59
C ARG D 33 18.31 32.39 41.35
N PHE D 34 16.99 32.39 41.51
CA PHE D 34 16.07 32.66 40.36
C PHE D 34 15.24 33.94 40.48
N GLY D 35 15.53 34.74 41.51
CA GLY D 35 14.83 35.99 41.71
C GLY D 35 15.39 37.23 41.03
N GLU D 36 16.19 37.07 39.98
CA GLU D 36 16.70 38.25 39.27
C GLU D 36 15.61 38.99 38.47
N THR D 37 15.79 40.31 38.34
CA THR D 37 14.91 41.14 37.54
C THR D 37 14.97 40.64 36.09
N LYS D 38 16.15 40.16 35.71
CA LYS D 38 16.38 39.66 34.35
C LYS D 38 15.72 38.29 34.15
N GLY D 39 15.25 37.71 35.26
CA GLY D 39 14.69 36.35 35.31
C GLY D 39 13.19 36.27 35.03
N ASN D 40 12.66 35.06 35.06
CA ASN D 40 11.22 34.86 34.86
C ASN D 40 10.65 33.97 35.94
N SER D 41 11.16 34.07 37.17
CA SER D 41 10.70 33.21 38.28
C SER D 41 10.12 34.01 39.45
N ALA D 42 9.44 33.31 40.37
CA ALA D 42 8.82 33.95 41.53
C ALA D 42 9.13 33.23 42.82
N PRO D 43 10.40 33.16 43.22
CA PRO D 43 10.69 32.59 44.54
C PRO D 43 10.06 33.45 45.61
N LEU D 44 9.44 32.80 46.59
CA LEU D 44 8.76 33.46 47.73
C LEU D 44 9.74 34.02 48.75
N ILE D 45 9.37 35.15 49.35
CA ILE D 45 10.18 35.75 50.37
C ILE D 45 9.78 35.08 51.69
N ILE D 46 10.73 34.45 52.38
CA ILE D 46 10.43 33.58 53.52
C ILE D 46 11.51 33.80 54.57
N ARG D 47 11.26 33.29 55.78
CA ARG D 47 12.27 33.15 56.82
C ARG D 47 11.77 32.03 57.72
N GLU D 48 12.59 31.67 58.71
CA GLU D 48 12.33 30.57 59.60
C GLU D 48 11.94 29.29 58.85
N PRO D 49 12.77 28.84 57.90
CA PRO D 49 12.47 27.55 57.31
C PRO D 49 12.71 26.39 58.26
N PHE D 50 11.99 25.30 58.02
CA PHE D 50 12.31 24.04 58.71
C PHE D 50 11.78 22.90 57.88
N ILE D 51 12.20 21.68 58.20
CA ILE D 51 11.80 20.52 57.42
C ILE D 51 11.25 19.43 58.32
N ALA D 52 10.21 18.73 57.84
CA ALA D 52 9.61 17.65 58.63
C ALA D 52 9.31 16.51 57.71
N CYS D 53 9.59 15.28 58.13
CA CYS D 53 9.43 14.14 57.25
C CYS D 53 8.40 13.18 57.78
N GLY D 54 7.65 12.57 56.87
CA GLY D 54 6.76 11.46 57.18
C GLY D 54 7.33 10.21 56.52
N PRO D 55 6.59 9.10 56.53
CA PRO D 55 7.08 7.84 55.99
C PRO D 55 7.41 7.84 54.50
N LYS D 56 6.83 8.78 53.75
CA LYS D 56 7.14 8.80 52.30
C LYS D 56 7.67 10.12 51.72
N GLU D 57 7.50 11.19 52.45
CA GLU D 57 7.83 12.51 51.93
C GLU D 57 8.44 13.38 53.03
N CYS D 58 9.36 14.26 52.62
CA CYS D 58 9.80 15.39 53.44
C CYS D 58 9.21 16.71 52.89
N LYS D 59 8.63 17.52 53.78
CA LYS D 59 8.10 18.85 53.39
C LYS D 59 8.99 19.94 53.95
N HIS D 60 9.34 20.88 53.08
CA HIS D 60 10.16 22.04 53.42
C HIS D 60 9.19 23.18 53.73
N PHE D 61 9.14 23.52 55.00
CA PHE D 61 8.29 24.55 55.51
C PHE D 61 9.01 25.89 55.66
N ALA D 62 8.26 26.98 55.56
CA ALA D 62 8.77 28.32 55.95
C ALA D 62 7.64 29.28 56.28
N LEU D 63 7.98 30.43 56.85
CA LEU D 63 7.01 31.50 57.00
C LEU D 63 7.18 32.56 55.92
N THR D 64 6.23 32.69 54.98
CA THR D 64 6.33 33.73 53.96
C THR D 64 5.72 35.09 54.36
N HIS D 65 6.32 36.16 53.86
CA HIS D 65 5.70 37.48 53.82
C HIS D 65 4.66 37.70 52.72
N TYR D 66 4.19 36.62 52.09
CA TYR D 66 3.16 36.69 50.98
C TYR D 66 3.61 37.59 49.85
N ALA D 67 4.91 37.54 49.56
CA ALA D 67 5.54 38.42 48.56
C ALA D 67 6.55 37.60 47.77
N ALA D 68 6.87 38.00 46.55
CA ALA D 68 7.88 37.30 45.76
C ALA D 68 9.05 38.18 45.38
N GLN D 69 10.10 37.55 44.83
CA GLN D 69 11.21 38.25 44.21
C GLN D 69 11.34 37.80 42.74
N PRO D 70 11.38 38.75 41.79
CA PRO D 70 11.22 40.19 41.98
C PRO D 70 9.74 40.57 42.29
N GLY D 71 9.56 41.67 43.01
CA GLY D 71 8.24 42.08 43.50
C GLY D 71 8.23 43.47 44.10
N GLY D 72 7.03 43.96 44.46
CA GLY D 72 6.90 45.33 44.92
C GLY D 72 6.57 45.42 46.39
N TYR D 73 6.68 44.30 47.09
CA TYR D 73 6.32 44.27 48.47
C TYR D 73 7.49 43.90 49.38
N TYR D 74 8.67 44.48 49.13
CA TYR D 74 9.86 44.23 49.97
C TYR D 74 9.80 44.94 51.32
N ASN D 75 9.17 46.11 51.36
CA ASN D 75 9.00 46.87 52.60
C ASN D 75 8.21 46.03 53.62
N GLY D 76 8.85 45.76 54.77
CA GLY D 76 8.24 44.98 55.85
C GLY D 76 8.68 43.54 55.91
N THR D 77 9.48 43.11 54.94
CA THR D 77 10.01 41.74 54.99
C THR D 77 11.15 41.44 56.02
N ARG D 78 11.82 42.45 56.56
CA ARG D 78 12.66 42.26 57.73
C ARG D 78 11.87 42.06 59.05
N GLY D 79 10.63 42.52 59.12
CA GLY D 79 9.80 42.26 60.32
C GLY D 79 9.50 40.77 60.35
N ASP D 80 9.02 40.26 61.48
CA ASP D 80 8.48 38.89 61.56
C ASP D 80 6.95 38.82 61.67
N ARG D 81 6.36 39.72 62.45
CA ARG D 81 4.92 39.66 62.66
C ARG D 81 4.16 40.65 61.78
N ASN D 82 3.16 40.13 61.06
CA ASN D 82 2.23 40.96 60.31
C ASN D 82 1.05 40.09 59.93
N LYS D 83 0.01 40.73 59.39
CA LYS D 83 -1.26 40.09 59.10
C LYS D 83 -1.22 39.30 57.79
N LEU D 84 -0.10 39.42 57.08
CA LEU D 84 0.08 38.72 55.80
C LEU D 84 0.88 37.43 55.92
N ARG D 85 1.60 37.28 57.02
CA ARG D 85 2.53 36.15 57.19
C ARG D 85 1.80 34.82 57.20
N HIS D 86 2.26 33.89 56.37
CA HIS D 86 1.68 32.56 56.28
C HIS D 86 2.70 31.45 56.37
N LEU D 87 2.26 30.31 56.92
CA LEU D 87 3.01 29.08 56.89
C LEU D 87 2.85 28.39 55.54
N ILE D 88 3.95 28.23 54.81
CA ILE D 88 3.92 27.51 53.53
C ILE D 88 4.77 26.27 53.50
N SER D 89 4.58 25.45 52.47
CA SER D 89 5.43 24.27 52.27
C SER D 89 5.55 23.86 50.82
N VAL D 90 6.64 23.19 50.53
CA VAL D 90 6.81 22.43 49.30
C VAL D 90 7.37 21.06 49.69
N LYS D 91 7.20 20.08 48.81
CA LYS D 91 7.92 18.85 48.87
C LYS D 91 9.42 19.22 48.84
N LEU D 92 10.20 18.70 49.81
CA LEU D 92 11.67 18.97 49.88
C LEU D 92 12.33 18.55 48.58
N GLY D 93 13.02 19.49 47.95
CA GLY D 93 13.54 19.25 46.61
C GLY D 93 12.90 20.20 45.61
N LYS D 94 11.70 20.67 45.92
CA LYS D 94 11.05 21.66 45.05
C LYS D 94 11.44 23.07 45.45
N ILE D 95 11.57 23.97 44.48
CA ILE D 95 11.84 25.37 44.78
C ILE D 95 10.56 26.03 45.26
N PRO D 96 10.62 26.70 46.41
CA PRO D 96 9.40 27.33 46.96
C PRO D 96 9.06 28.66 46.25
N THR D 97 8.32 28.51 45.16
CA THR D 97 7.85 29.64 44.40
C THR D 97 6.39 29.87 44.70
N VAL D 98 5.82 30.90 44.11
CA VAL D 98 4.40 31.20 44.24
C VAL D 98 3.49 30.01 43.85
N GLU D 99 3.81 29.37 42.73
CA GLU D 99 2.97 28.31 42.23
C GLU D 99 3.26 26.94 42.86
N ASN D 100 4.53 26.63 43.10
CA ASN D 100 4.91 25.38 43.76
C ASN D 100 4.42 25.26 45.19
N SER D 101 4.33 26.38 45.90
CA SER D 101 4.03 26.33 47.34
C SER D 101 2.55 26.08 47.61
N ILE D 102 2.26 25.58 48.79
CA ILE D 102 0.90 25.51 49.25
C ILE D 102 0.83 26.36 50.53
N PHE D 103 -0.20 27.18 50.65
CA PHE D 103 -0.40 27.97 51.84
C PHE D 103 -1.31 27.26 52.83
N HIS D 104 -0.76 26.93 53.99
CA HIS D 104 -1.45 26.19 55.04
C HIS D 104 -2.34 27.05 55.94
N MET D 105 -1.79 28.14 56.48
CA MET D 105 -2.53 28.99 57.40
C MET D 105 -1.76 30.26 57.70
N ALA D 106 -2.48 31.28 58.15
CA ALA D 106 -1.87 32.53 58.58
C ALA D 106 -1.05 32.23 59.80
N ALA D 107 0.21 32.68 59.80
CA ALA D 107 1.13 32.40 60.92
C ALA D 107 2.40 33.22 60.78
N TRP D 108 2.85 33.80 61.89
CA TRP D 108 4.16 34.41 61.94
C TRP D 108 5.09 33.65 62.90
N SER D 109 4.68 32.44 63.27
CA SER D 109 5.51 31.50 64.07
C SER D 109 4.92 30.14 63.83
N GLY D 110 5.75 29.17 63.49
CA GLY D 110 5.22 27.90 63.02
C GLY D 110 5.89 26.62 63.48
N SER D 111 5.24 25.51 63.13
CA SER D 111 5.77 24.17 63.37
C SER D 111 4.91 23.20 62.59
N ALA D 112 5.39 21.95 62.46
CA ALA D 112 4.62 20.90 61.75
C ALA D 112 5.23 19.54 61.98
N CYS D 113 4.44 18.48 61.90
CA CYS D 113 4.95 17.12 62.11
C CYS D 113 3.96 16.08 61.66
N HIS D 114 4.49 14.95 61.22
CA HIS D 114 3.71 13.82 60.76
C HIS D 114 3.66 12.72 61.82
N ASP D 115 2.47 12.14 62.02
CA ASP D 115 2.30 11.16 63.11
C ASP D 115 2.18 9.72 62.62
N GLY D 116 2.40 9.51 61.32
CA GLY D 116 2.29 8.20 60.74
C GLY D 116 1.08 8.08 59.84
N LYS D 117 0.08 8.92 60.11
CA LYS D 117 -1.19 8.88 59.41
C LYS D 117 -1.48 10.19 58.71
N GLU D 118 -1.04 11.31 59.30
CA GLU D 118 -1.42 12.65 58.80
C GLU D 118 -0.51 13.75 59.33
N TRP D 119 -0.42 14.83 58.56
CA TRP D 119 0.26 16.05 58.96
C TRP D 119 -0.48 16.89 59.98
N THR D 120 0.25 17.30 61.00
CA THR D 120 -0.23 18.31 61.92
C THR D 120 0.49 19.62 61.56
N TYR D 121 -0.28 20.69 61.31
CA TYR D 121 0.31 22.00 61.02
C TYR D 121 0.08 22.97 62.17
N ILE D 122 1.09 23.71 62.55
CA ILE D 122 1.00 24.65 63.67
C ILE D 122 1.39 26.04 63.20
N GLY D 123 0.58 27.02 63.60
CA GLY D 123 0.71 28.41 63.17
C GLY D 123 0.20 29.39 64.25
N VAL D 124 1.07 30.32 64.65
CA VAL D 124 0.69 31.38 65.56
C VAL D 124 0.53 32.71 64.81
N ASP D 125 -0.62 33.34 64.97
CA ASP D 125 -0.79 34.72 64.52
C ASP D 125 -1.53 35.49 65.59
N GLY D 126 -1.99 36.70 65.28
CA GLY D 126 -2.72 37.49 66.28
C GLY D 126 -1.88 38.65 66.78
N PRO D 127 -2.44 39.50 67.68
CA PRO D 127 -1.71 40.66 68.18
C PRO D 127 -0.58 40.28 69.13
N GLU D 128 0.45 41.11 69.29
CA GLU D 128 1.49 40.86 70.31
C GLU D 128 0.97 40.40 71.69
N ASN D 129 -0.02 41.13 72.22
CA ASN D 129 -0.48 40.94 73.62
C ASN D 129 -1.53 39.82 73.80
N ASN D 130 -1.94 39.18 72.71
CA ASN D 130 -2.93 38.12 72.78
C ASN D 130 -2.86 37.24 71.54
N ALA D 131 -1.66 36.77 71.22
CA ALA D 131 -1.47 35.88 70.08
C ALA D 131 -2.16 34.53 70.21
N LEU D 132 -2.23 33.78 69.12
CA LEU D 132 -3.06 32.58 69.09
C LEU D 132 -2.37 31.51 68.29
N LEU D 133 -2.22 30.35 68.90
CA LEU D 133 -1.66 29.17 68.22
C LEU D 133 -2.80 28.44 67.58
N LYS D 134 -2.66 28.08 66.32
CA LYS D 134 -3.71 27.38 65.61
C LYS D 134 -3.24 26.03 65.10
N ILE D 135 -4.07 25.02 65.29
CA ILE D 135 -3.71 23.69 64.84
C ILE D 135 -4.60 23.24 63.66
N LYS D 136 -3.95 22.70 62.65
CA LYS D 136 -4.56 22.12 61.49
C LYS D 136 -4.12 20.67 61.45
N TYR D 137 -5.09 19.78 61.29
CA TYR D 137 -4.80 18.38 61.03
C TYR D 137 -5.27 18.02 59.62
N GLY D 138 -4.29 17.84 58.72
CA GLY D 138 -4.54 17.63 57.32
C GLY D 138 -5.13 18.92 56.76
N GLU D 139 -6.41 18.86 56.34
CA GLU D 139 -7.09 20.04 55.80
C GLU D 139 -7.93 20.78 56.85
N ALA D 140 -8.32 20.11 57.92
CA ALA D 140 -9.16 20.70 58.97
C ALA D 140 -8.40 21.43 60.08
N TYR D 141 -8.83 22.65 60.36
CA TYR D 141 -8.46 23.40 61.53
C TYR D 141 -9.23 22.79 62.69
N THR D 142 -8.50 22.40 63.75
CA THR D 142 -8.98 21.48 64.76
C THR D 142 -8.95 22.06 66.19
N ASP D 143 -7.93 22.86 66.51
CA ASP D 143 -7.77 23.39 67.86
C ASP D 143 -6.98 24.71 67.92
N THR D 144 -7.06 25.40 69.06
CA THR D 144 -6.24 26.59 69.29
C THR D 144 -5.74 26.57 70.73
N TYR D 145 -4.72 27.38 70.98
CA TYR D 145 -4.23 27.64 72.35
C TYR D 145 -3.98 29.12 72.52
N HIS D 146 -4.25 29.64 73.71
CA HIS D 146 -4.22 31.09 73.93
C HIS D 146 -2.92 31.53 74.59
N SER D 147 -2.52 32.78 74.29
CA SER D 147 -1.44 33.49 74.98
C SER D 147 -1.67 33.52 76.49
N TYR D 148 -0.67 33.10 77.26
CA TYR D 148 -0.77 32.96 78.71
C TYR D 148 0.14 33.96 79.46
N ALA D 149 1.12 34.52 78.75
CA ALA D 149 1.93 35.61 79.29
C ALA D 149 1.73 36.91 78.52
N ASN D 150 0.81 36.90 77.56
CA ASN D 150 0.42 38.12 76.81
C ASN D 150 1.55 38.95 76.18
N ASN D 151 2.59 38.26 75.67
CA ASN D 151 3.75 38.91 75.09
C ASN D 151 4.37 37.95 74.10
N ILE D 152 3.77 37.98 72.91
CA ILE D 152 4.21 37.21 71.78
C ILE D 152 4.22 35.71 72.02
N LEU D 153 3.05 35.10 72.17
CA LEU D 153 2.99 33.64 72.21
C LEU D 153 3.70 33.12 70.94
N ARG D 154 4.54 32.11 71.10
CA ARG D 154 5.58 31.72 70.09
C ARG D 154 5.77 30.21 70.10
N THR D 155 6.41 29.65 69.07
CA THR D 155 6.61 28.21 69.03
C THR D 155 7.95 27.88 68.35
N GLN D 156 8.14 26.61 68.01
CA GLN D 156 9.45 26.05 67.77
C GLN D 156 10.22 26.60 66.57
N GLU D 157 9.54 26.91 65.46
N GLU D 157 9.53 26.95 65.48
CA GLU D 157 10.22 27.22 64.19
CA GLU D 157 10.14 27.22 64.15
C GLU D 157 10.91 25.97 63.64
C GLU D 157 10.88 25.98 63.63
N SER D 158 10.47 24.80 64.12
CA SER D 158 11.00 23.54 63.65
C SER D 158 9.97 22.47 63.93
N ALA D 159 10.21 21.29 63.37
CA ALA D 159 9.30 20.17 63.47
C ALA D 159 8.95 19.77 64.90
N CYS D 160 7.68 19.48 65.11
CA CYS D 160 7.23 18.91 66.38
C CYS D 160 7.48 17.43 66.30
N ASN D 161 7.10 16.70 67.32
CA ASN D 161 7.54 15.32 67.42
C ASN D 161 6.46 14.39 67.84
N CYS D 162 6.14 13.45 66.97
CA CYS D 162 5.04 12.55 67.19
C CYS D 162 5.48 11.13 67.58
N ILE D 163 4.78 10.55 68.55
CA ILE D 163 5.02 9.17 68.94
C ILE D 163 3.71 8.52 69.37
N GLY D 164 3.43 7.36 68.80
CA GLY D 164 2.16 6.68 69.07
C GLY D 164 0.96 7.58 68.80
N GLY D 165 1.08 8.54 67.88
CA GLY D 165 -0.04 9.45 67.63
C GLY D 165 -0.06 10.71 68.47
N ASN D 166 0.80 10.76 69.51
CA ASN D 166 0.85 11.93 70.39
C ASN D 166 2.00 12.79 69.95
N CYS D 167 1.68 14.02 69.52
CA CYS D 167 2.67 14.98 69.03
C CYS D 167 2.94 16.03 70.11
N TYR D 168 4.23 16.16 70.46
CA TYR D 168 4.67 17.08 71.46
C TYR D 168 5.22 18.35 70.83
N LEU D 169 4.87 19.50 71.40
CA LEU D 169 5.18 20.80 70.80
C LEU D 169 5.56 21.79 71.90
N MET D 170 6.69 22.49 71.73
CA MET D 170 7.03 23.55 72.65
C MET D 170 6.36 24.83 72.21
N ILE D 171 5.80 25.53 73.19
CA ILE D 171 5.27 26.85 73.02
C ILE D 171 5.89 27.76 74.10
N THR D 172 6.06 29.04 73.78
CA THR D 172 6.52 30.01 74.79
C THR D 172 5.83 31.36 74.67
N ASP D 173 5.91 32.16 75.72
CA ASP D 173 5.22 33.42 75.81
C ASP D 173 6.02 34.22 76.80
N GLY D 174 6.27 35.48 76.51
CA GLY D 174 6.92 36.34 77.51
C GLY D 174 7.86 37.28 76.81
N SER D 175 8.42 38.23 77.56
CA SER D 175 9.35 39.21 77.00
C SER D 175 10.59 38.59 76.29
N ALA D 176 10.99 39.21 75.18
CA ALA D 176 12.18 38.79 74.47
C ALA D 176 13.46 39.12 75.31
N SER D 177 13.30 40.04 76.27
CA SER D 177 14.38 40.58 77.08
C SER D 177 14.23 40.18 78.56
N GLY D 178 13.20 39.44 78.90
CA GLY D 178 13.06 38.96 80.28
C GLY D 178 12.57 37.53 80.33
N ILE D 179 11.59 37.29 81.21
CA ILE D 179 10.98 35.98 81.41
C ILE D 179 10.14 35.49 80.22
N SER D 180 10.43 34.26 79.78
CA SER D 180 9.57 33.52 78.84
C SER D 180 9.58 32.04 79.24
N GLU D 181 8.71 31.70 80.17
CA GLU D 181 8.52 30.34 80.60
C GLU D 181 7.74 29.51 79.55
N CYS D 182 8.43 28.56 78.94
CA CYS D 182 7.82 27.76 77.91
C CYS D 182 6.93 26.67 78.52
N ARG D 183 6.04 26.15 77.70
CA ARG D 183 5.20 24.99 78.04
C ARG D 183 5.25 24.03 76.86
N PHE D 184 4.81 22.80 77.09
CA PHE D 184 4.69 21.83 76.01
C PHE D 184 3.23 21.39 75.90
N LEU D 185 2.73 21.32 74.68
CA LEU D 185 1.42 20.78 74.36
C LEU D 185 1.51 19.34 73.87
N LYS D 186 0.72 18.44 74.47
CA LYS D 186 0.55 17.11 73.88
C LYS D 186 -0.63 17.17 72.88
N ILE D 187 -0.38 16.98 71.59
CA ILE D 187 -1.46 17.07 70.56
C ILE D 187 -1.75 15.74 69.89
N ARG D 188 -3.02 15.31 69.85
CA ARG D 188 -3.42 14.04 69.22
C ARG D 188 -4.48 14.33 68.16
N GLU D 189 -4.19 13.93 66.92
CA GLU D 189 -5.12 14.11 65.82
C GLU D 189 -5.63 15.56 65.70
N GLY D 190 -4.74 16.52 65.95
CA GLY D 190 -5.07 17.95 65.80
C GLY D 190 -5.58 18.62 67.06
N ARG D 191 -5.84 17.83 68.09
CA ARG D 191 -6.37 18.39 69.36
C ARG D 191 -5.49 18.22 70.57
N ILE D 192 -5.41 19.26 71.39
CA ILE D 192 -4.55 19.31 72.58
C ILE D 192 -5.23 18.48 73.65
N ILE D 193 -4.52 17.48 74.18
CA ILE D 193 -5.07 16.57 75.18
C ILE D 193 -4.27 16.64 76.49
N LYS D 194 -3.18 17.40 76.49
CA LYS D 194 -2.54 17.72 77.76
C LYS D 194 -1.66 18.95 77.61
N GLU D 195 -1.58 19.74 78.68
CA GLU D 195 -0.57 20.77 78.85
C GLU D 195 0.49 20.26 79.82
N ILE D 196 1.76 20.36 79.42
CA ILE D 196 2.88 19.88 80.26
C ILE D 196 3.68 21.06 80.75
N PHE D 197 3.68 21.26 82.07
CA PHE D 197 4.44 22.36 82.66
C PHE D 197 5.84 21.94 83.11
N PRO D 198 6.86 22.42 82.40
CA PRO D 198 8.21 22.01 82.75
C PRO D 198 8.69 22.56 84.09
N THR D 199 9.62 21.85 84.73
CA THR D 199 10.15 22.29 86.00
C THR D 199 11.63 22.56 85.84
N GLY D 200 12.24 23.20 86.83
CA GLY D 200 13.65 23.48 86.78
C GLY D 200 14.04 24.87 86.42
N ARG D 201 15.00 24.95 85.50
CA ARG D 201 15.46 26.23 85.03
C ARG D 201 14.54 26.65 83.90
N VAL D 202 13.52 27.42 84.27
CA VAL D 202 12.42 27.78 83.36
C VAL D 202 12.32 29.29 83.03
N LYS D 203 13.30 30.04 83.53
CA LYS D 203 13.48 31.52 83.43
C LYS D 203 13.19 32.04 82.03
N HIS D 204 13.81 31.43 81.02
CA HIS D 204 13.63 31.84 79.64
C HIS D 204 14.04 30.70 78.68
N THR D 205 13.07 30.26 77.88
CA THR D 205 13.23 29.18 76.92
C THR D 205 12.36 29.49 75.70
N GLU D 206 12.95 29.50 74.51
CA GLU D 206 12.22 29.70 73.26
C GLU D 206 12.88 28.99 72.05
N GLU D 207 12.12 28.87 70.96
CA GLU D 207 12.53 28.23 69.73
C GLU D 207 13.28 26.93 69.97
N CYS D 208 12.69 26.04 70.78
CA CYS D 208 13.29 24.73 71.07
C CYS D 208 13.44 23.92 69.82
N THR D 209 14.61 23.31 69.65
CA THR D 209 14.80 22.33 68.59
C THR D 209 14.75 20.98 69.30
N CYS D 210 13.69 20.22 69.00
CA CYS D 210 13.40 19.00 69.74
C CYS D 210 13.55 17.78 68.84
N GLY D 211 13.85 16.64 69.48
CA GLY D 211 13.99 15.33 68.80
C GLY D 211 13.88 14.22 69.84
N PHE D 212 13.60 13.01 69.37
CA PHE D 212 13.61 11.82 70.21
C PHE D 212 15.00 11.33 70.59
N ALA D 213 15.29 11.24 71.88
CA ALA D 213 16.51 10.56 72.39
C ALA D 213 16.27 9.08 72.40
N SER D 214 15.02 8.70 72.66
CA SER D 214 14.58 7.32 72.71
C SER D 214 13.06 7.29 72.50
N ASN D 215 12.47 6.13 72.73
CA ASN D 215 11.02 6.03 72.78
C ASN D 215 10.46 6.63 74.06
N LYS D 216 11.31 6.89 75.06
N LYS D 216 11.32 6.91 75.04
CA LYS D 216 10.86 7.42 76.34
CA LYS D 216 10.90 7.41 76.34
C LYS D 216 11.04 8.93 76.48
C LYS D 216 11.04 8.92 76.48
N THR D 217 11.99 9.50 75.76
CA THR D 217 12.44 10.88 76.02
C THR D 217 12.61 11.73 74.78
N ILE D 218 12.08 12.95 74.85
CA ILE D 218 12.30 13.98 73.88
C ILE D 218 13.24 15.01 74.48
N GLU D 219 14.22 15.45 73.71
CA GLU D 219 15.21 16.38 74.20
C GLU D 219 15.24 17.57 73.28
N CYS D 220 15.37 18.76 73.84
CA CYS D 220 15.44 19.95 73.01
C CYS D 220 16.61 20.81 73.45
N ALA D 221 17.22 21.46 72.47
CA ALA D 221 18.20 22.50 72.68
C ALA D 221 17.57 23.82 72.27
N CYS D 222 17.46 24.75 73.21
CA CYS D 222 16.60 25.87 73.04
C CYS D 222 17.40 27.17 73.07
N ARG D 223 16.69 28.28 72.90
CA ARG D 223 17.27 29.63 72.96
C ARG D 223 16.84 30.39 74.22
N ASP D 224 17.82 30.92 74.97
CA ASP D 224 17.59 31.95 75.97
C ASP D 224 18.00 33.28 75.40
N ASN D 225 17.05 34.16 75.17
CA ASN D 225 17.28 35.43 74.48
C ASN D 225 17.65 36.56 75.46
N SER D 226 17.63 36.23 76.75
CA SER D 226 17.87 37.23 77.79
C SER D 226 19.09 37.05 78.66
N TYR D 227 19.26 35.84 79.22
CA TYR D 227 20.20 35.68 80.36
C TYR D 227 21.55 34.96 80.12
N THR D 228 21.57 34.07 79.14
CA THR D 228 22.74 33.21 79.00
C THR D 228 22.97 32.85 77.56
N ALA D 229 24.22 32.52 77.22
CA ALA D 229 24.59 31.98 75.92
C ALA D 229 24.59 30.47 75.98
N LYS D 230 24.39 29.92 77.18
CA LYS D 230 24.17 28.48 77.28
C LYS D 230 22.75 28.18 76.74
N ARG D 231 22.58 27.07 76.00
CA ARG D 231 21.24 26.66 75.56
C ARG D 231 20.49 25.93 76.69
N PRO D 232 19.28 26.40 77.01
CA PRO D 232 18.47 25.59 77.93
C PRO D 232 18.25 24.25 77.27
N PHE D 233 18.23 23.19 78.04
CA PHE D 233 18.14 21.86 77.49
C PHE D 233 16.98 21.16 78.15
N VAL D 234 15.94 20.88 77.36
CA VAL D 234 14.75 20.23 77.87
C VAL D 234 14.88 18.72 77.81
N LYS D 235 14.46 18.03 78.87
CA LYS D 235 14.23 16.60 78.81
C LYS D 235 12.76 16.28 79.11
N LEU D 236 12.02 15.77 78.14
CA LEU D 236 10.56 15.50 78.29
C LEU D 236 10.36 14.02 78.25
N ASN D 237 9.87 13.47 79.35
CA ASN D 237 9.53 12.06 79.40
C ASN D 237 8.09 11.93 78.86
N VAL D 238 7.95 11.23 77.74
CA VAL D 238 6.68 11.13 77.04
C VAL D 238 5.78 10.07 77.61
N GLU D 239 6.34 9.24 78.49
CA GLU D 239 5.53 8.21 79.16
C GLU D 239 4.80 8.75 80.39
N THR D 240 5.51 9.53 81.20
CA THR D 240 4.89 10.19 82.37
C THR D 240 4.40 11.61 82.03
N ASP D 241 4.73 12.11 80.84
CA ASP D 241 4.37 13.48 80.42
C ASP D 241 4.91 14.54 81.38
N THR D 242 6.19 14.41 81.78
CA THR D 242 6.85 15.36 82.67
C THR D 242 8.02 16.00 81.95
N ALA D 243 8.23 17.30 82.13
CA ALA D 243 9.37 17.93 81.48
C ALA D 243 10.26 18.70 82.44
N GLU D 244 11.59 18.59 82.23
CA GLU D 244 12.58 19.25 83.07
C GLU D 244 13.53 20.09 82.19
N ILE D 245 14.02 21.22 82.68
CA ILE D 245 14.93 22.07 81.90
C ILE D 245 16.13 22.49 82.75
N ARG D 246 17.35 22.34 82.20
CA ARG D 246 18.57 22.87 82.82
CA ARG D 246 18.58 22.88 82.81
C ARG D 246 19.44 23.39 81.69
N LEU D 247 20.30 24.37 81.98
CA LEU D 247 21.24 24.86 80.92
C LEU D 247 22.24 23.79 80.51
N MET D 248 22.66 23.78 79.25
CA MET D 248 23.76 22.91 78.84
C MET D 248 25.04 23.37 79.50
N CYS D 249 25.79 22.41 80.07
CA CYS D 249 26.99 22.71 80.84
C CYS D 249 28.20 22.87 79.93
N THR D 250 28.09 22.43 78.68
CA THR D 250 29.27 22.36 77.82
C THR D 250 29.96 23.72 77.60
N GLU D 251 31.30 23.73 77.60
CA GLU D 251 32.05 24.98 77.38
C GLU D 251 31.85 25.52 75.99
N THR D 252 31.26 24.69 75.12
CA THR D 252 31.07 25.05 73.75
C THR D 252 29.71 25.68 73.63
N TYR D 253 29.59 26.94 74.06
CA TYR D 253 28.26 27.55 74.13
C TYR D 253 27.69 27.71 72.73
N LEU D 254 26.45 27.31 72.52
CA LEU D 254 25.87 27.22 71.15
C LEU D 254 25.08 28.43 70.59
N ASP D 255 24.73 29.34 71.49
CA ASP D 255 23.99 30.56 71.17
C ASP D 255 24.88 31.61 70.50
N THR D 256 24.25 32.53 69.80
CA THR D 256 24.92 33.72 69.27
C THR D 256 24.01 34.91 69.60
N PRO D 257 24.53 35.92 70.33
CA PRO D 257 25.93 36.09 70.72
C PRO D 257 26.36 35.15 71.81
N ARG D 258 27.68 35.09 72.06
CA ARG D 258 28.27 34.28 73.12
C ARG D 258 29.66 34.76 73.49
N PRO D 259 30.08 34.52 74.74
CA PRO D 259 31.48 34.76 75.02
C PRO D 259 32.35 33.59 74.56
N ASP D 260 33.65 33.67 74.85
CA ASP D 260 34.64 32.65 74.51
C ASP D 260 34.27 31.33 75.15
N ASP D 261 34.68 30.24 74.53
CA ASP D 261 34.38 28.92 75.05
C ASP D 261 35.04 28.74 76.43
N GLY D 262 34.28 28.23 77.39
CA GLY D 262 34.72 27.99 78.73
C GLY D 262 34.95 29.20 79.61
N SER D 263 34.65 30.42 79.14
CA SER D 263 34.91 31.65 79.89
C SER D 263 33.85 31.90 80.99
N ILE D 264 32.74 31.19 80.92
CA ILE D 264 31.74 31.35 81.96
C ILE D 264 32.15 30.56 83.19
N THR D 265 32.44 31.28 84.26
CA THR D 265 33.01 30.66 85.45
C THR D 265 31.84 30.13 86.28
N GLY D 266 32.11 29.25 87.23
CA GLY D 266 31.06 28.68 88.05
C GLY D 266 30.66 27.26 87.62
N PRO D 267 29.77 26.62 88.39
CA PRO D 267 29.24 25.31 88.06
C PRO D 267 28.29 25.40 86.84
N CYS D 268 27.69 24.26 86.47
CA CYS D 268 26.81 24.18 85.24
C CYS D 268 25.73 25.20 85.14
N GLU D 269 25.24 25.61 86.29
CA GLU D 269 24.06 26.44 86.33
C GLU D 269 24.32 27.96 86.20
N SER D 270 25.59 28.39 86.19
CA SER D 270 25.92 29.81 86.00
C SER D 270 25.48 30.33 84.63
N ASN D 271 24.90 31.52 84.58
CA ASN D 271 24.50 32.18 83.30
C ASN D 271 25.58 32.43 82.19
N GLY D 272 26.58 33.30 82.29
CA GLY D 272 26.73 34.48 83.10
C GLY D 272 26.69 35.61 82.08
N ASP D 273 27.75 35.82 81.29
CA ASP D 273 27.82 37.05 80.43
C ASP D 273 27.47 36.88 78.93
N LYS D 274 27.14 38.01 78.27
CA LYS D 274 26.71 38.08 76.84
C LYS D 274 25.42 37.30 76.52
N GLY D 275 24.54 37.24 77.52
CA GLY D 275 23.37 36.41 77.45
C GLY D 275 22.23 36.98 76.64
N SER D 276 22.15 38.32 76.55
CA SER D 276 21.06 39.02 75.82
C SER D 276 21.19 38.75 74.33
N GLY D 277 20.04 38.55 73.66
CA GLY D 277 20.06 38.09 72.28
C GLY D 277 20.25 36.58 72.15
N GLY D 278 20.33 36.07 70.94
CA GLY D 278 20.31 34.65 70.73
C GLY D 278 19.90 34.25 69.33
N ILE D 279 19.81 32.93 69.12
CA ILE D 279 19.56 32.36 67.83
C ILE D 279 19.00 30.96 68.02
N LYS D 280 18.11 30.55 67.13
CA LYS D 280 17.69 29.15 67.11
C LYS D 280 18.83 28.26 66.63
N GLY D 281 19.05 27.14 67.30
CA GLY D 281 20.16 26.26 66.95
C GLY D 281 19.73 24.86 66.61
N GLY D 282 20.43 24.29 65.65
CA GLY D 282 20.21 22.92 65.23
C GLY D 282 20.67 21.87 66.23
N PHE D 283 19.93 20.79 66.28
CA PHE D 283 20.08 19.74 67.26
C PHE D 283 19.34 18.53 66.73
N VAL D 284 20.04 17.42 66.67
CA VAL D 284 19.45 16.18 66.22
C VAL D 284 20.14 14.98 66.91
N HIS D 285 19.39 13.90 67.07
CA HIS D 285 19.89 12.68 67.73
C HIS D 285 20.29 11.62 66.73
N GLN D 286 21.41 10.99 67.05
CA GLN D 286 21.80 9.78 66.38
C GLN D 286 21.66 8.63 67.38
N ARG D 287 20.54 7.92 67.25
CA ARG D 287 20.25 6.81 68.14
C ARG D 287 20.90 5.46 67.73
N MET D 288 21.77 4.94 68.60
CA MET D 288 22.39 3.64 68.38
C MET D 288 21.97 2.68 69.48
N ALA D 289 22.21 1.38 69.26
CA ALA D 289 21.85 0.35 70.27
C ALA D 289 22.20 0.73 71.72
N SER D 290 23.49 0.78 72.05
CA SER D 290 23.96 1.08 73.42
C SER D 290 24.70 2.44 73.51
N LYS D 291 24.30 3.41 72.68
CA LYS D 291 25.06 4.63 72.59
C LYS D 291 24.14 5.70 71.94
N ILE D 292 24.22 6.93 72.43
CA ILE D 292 23.55 8.04 71.82
C ILE D 292 24.52 9.12 71.33
N GLY D 293 24.17 9.72 70.21
CA GLY D 293 24.98 10.79 69.67
C GLY D 293 24.15 12.04 69.61
N ARG D 294 24.71 13.13 70.12
CA ARG D 294 24.00 14.40 69.98
C ARG D 294 24.74 15.34 69.07
N TRP D 295 24.05 15.77 68.01
CA TRP D 295 24.66 16.68 67.05
C TRP D 295 24.07 18.06 67.19
N TYR D 296 24.92 19.06 67.23
CA TYR D 296 24.51 20.44 67.34
C TYR D 296 25.22 21.30 66.31
N SER D 297 24.72 22.51 66.13
CA SER D 297 25.35 23.48 65.23
C SER D 297 25.30 24.86 65.86
N ARG D 298 26.29 25.67 65.51
CA ARG D 298 26.33 27.04 66.00
C ARG D 298 27.08 27.87 64.99
N THR D 299 26.86 29.18 65.04
CA THR D 299 27.49 30.08 64.09
C THR D 299 28.99 30.02 64.23
N MET D 300 29.69 30.32 63.15
CA MET D 300 31.15 30.36 63.21
C MET D 300 31.65 31.64 63.94
N SER D 301 31.01 32.76 63.61
CA SER D 301 31.19 34.00 64.39
C SER D 301 30.51 33.91 65.74
N LYS D 302 31.19 34.44 66.77
CA LYS D 302 30.68 34.51 68.13
C LYS D 302 29.57 35.55 68.36
N THR D 303 29.59 36.61 67.57
CA THR D 303 28.71 37.74 67.75
C THR D 303 27.74 37.92 66.59
N LYS D 304 28.13 37.50 65.39
CA LYS D 304 27.30 37.71 64.20
C LYS D 304 26.68 36.43 63.67
N ARG D 305 25.66 36.57 62.80
CA ARG D 305 24.99 35.41 62.28
C ARG D 305 25.72 34.96 60.99
N MET D 306 27.04 34.75 61.11
CA MET D 306 27.86 34.34 60.00
C MET D 306 28.51 32.99 60.28
N GLY D 307 28.43 32.10 59.30
CA GLY D 307 29.05 30.77 59.43
C GLY D 307 28.15 29.79 60.16
N MET D 308 28.46 28.51 59.98
CA MET D 308 27.80 27.45 60.76
C MET D 308 28.72 26.25 60.91
N GLY D 309 29.00 25.90 62.16
CA GLY D 309 29.81 24.75 62.48
C GLY D 309 28.92 23.66 63.05
N LEU D 310 29.30 22.41 62.74
CA LEU D 310 28.66 21.21 63.25
C LEU D 310 29.53 20.58 64.36
N TYR D 311 28.87 20.23 65.46
CA TYR D 311 29.52 19.69 66.63
C TYR D 311 28.81 18.44 67.10
N VAL D 312 29.58 17.58 67.81
CA VAL D 312 29.02 16.31 68.27
C VAL D 312 29.59 15.86 69.61
N LYS D 313 28.71 15.27 70.42
CA LYS D 313 29.13 14.50 71.59
C LYS D 313 28.36 13.18 71.70
N TYR D 314 29.01 12.14 72.18
CA TYR D 314 28.36 10.85 72.41
C TYR D 314 28.13 10.59 73.88
N ASP D 315 26.91 10.16 74.22
CA ASP D 315 26.54 9.77 75.58
C ASP D 315 26.65 10.94 76.59
N GLY D 316 26.76 10.62 77.87
CA GLY D 316 26.90 11.64 78.90
C GLY D 316 25.59 12.38 79.16
N ASP D 317 25.63 13.40 80.02
CA ASP D 317 24.49 14.18 80.36
C ASP D 317 24.78 15.65 80.04
N PRO D 318 24.06 16.25 79.07
CA PRO D 318 24.28 17.63 78.62
C PRO D 318 24.15 18.65 79.76
N TRP D 319 23.44 18.25 80.81
CA TRP D 319 23.23 19.14 81.96
C TRP D 319 24.48 19.22 82.85
N THR D 320 25.27 18.15 82.88
CA THR D 320 26.42 18.07 83.82
C THR D 320 27.78 18.01 83.15
N ASP D 321 27.78 17.68 81.85
CA ASP D 321 29.05 17.57 81.12
C ASP D 321 29.63 18.90 80.71
N SER D 322 30.74 19.30 81.33
CA SER D 322 31.36 20.58 80.94
C SER D 322 32.32 20.42 79.73
N ASP D 323 32.62 19.16 79.37
CA ASP D 323 33.56 18.87 78.30
C ASP D 323 33.08 19.58 77.04
N ALA D 324 34.04 20.05 76.26
CA ALA D 324 33.80 20.68 75.01
C ALA D 324 33.17 19.67 74.08
N LEU D 325 32.23 20.14 73.27
CA LEU D 325 31.77 19.42 72.09
C LEU D 325 32.88 19.30 71.00
N ALA D 326 33.02 18.09 70.46
CA ALA D 326 33.88 17.86 69.29
C ALA D 326 33.45 18.61 68.02
N LEU D 327 34.30 19.51 67.52
CA LEU D 327 34.01 20.13 66.22
C LEU D 327 34.10 19.10 65.08
N SER D 328 33.01 18.92 64.35
CA SER D 328 32.93 17.90 63.33
C SER D 328 33.27 18.48 61.95
N GLY D 329 32.69 19.64 61.62
CA GLY D 329 33.02 20.33 60.36
C GLY D 329 32.41 21.71 60.20
N VAL D 330 32.93 22.46 59.23
CA VAL D 330 32.36 23.76 58.89
C VAL D 330 31.32 23.61 57.77
N MET D 331 30.04 23.73 58.13
CA MET D 331 28.98 23.60 57.13
C MET D 331 28.78 24.85 56.31
N VAL D 332 28.98 26.01 56.92
CA VAL D 332 28.85 27.31 56.24
C VAL D 332 30.03 28.15 56.71
N SER D 333 30.81 28.68 55.76
CA SER D 333 32.00 29.49 56.10
C SER D 333 31.65 30.82 56.75
N MET D 334 32.62 31.46 57.39
CA MET D 334 32.44 32.74 58.02
C MET D 334 31.97 33.82 57.05
N GLU D 335 32.10 33.56 55.77
CA GLU D 335 31.87 34.57 54.76
C GLU D 335 30.43 34.47 54.31
N GLU D 336 29.76 33.40 54.72
CA GLU D 336 28.38 33.13 54.32
C GLU D 336 27.45 33.30 55.53
N PRO D 337 26.19 33.66 55.25
CA PRO D 337 25.27 33.86 56.38
C PRO D 337 24.91 32.53 57.06
N GLY D 338 24.85 32.54 58.37
CA GLY D 338 24.46 31.36 59.13
C GLY D 338 23.44 31.81 60.15
N TRP D 339 22.15 31.71 59.82
CA TRP D 339 21.11 32.19 60.73
C TRP D 339 20.52 31.00 61.51
N TYR D 340 19.20 30.79 61.43
CA TYR D 340 18.58 29.73 62.25
C TYR D 340 19.08 28.37 61.76
N SER D 341 19.16 27.40 62.68
CA SER D 341 19.38 26.02 62.28
C SER D 341 18.46 25.09 63.06
N PHE D 342 18.25 23.90 62.51
CA PHE D 342 17.24 22.98 63.03
C PHE D 342 17.62 21.54 62.79
N GLY D 343 17.05 20.65 63.58
CA GLY D 343 17.17 19.23 63.35
C GLY D 343 15.94 18.57 62.72
N PHE D 344 16.14 17.52 61.94
CA PHE D 344 15.04 16.71 61.41
C PHE D 344 15.56 15.35 61.00
N GLU D 345 14.65 14.40 60.87
CA GLU D 345 15.06 13.05 60.52
C GLU D 345 14.33 12.57 59.29
N ILE D 346 15.09 12.10 58.31
CA ILE D 346 14.49 11.44 57.14
C ILE D 346 14.22 9.95 57.42
N LYS D 347 13.07 9.43 56.95
CA LYS D 347 12.68 8.04 57.19
CA LYS D 347 12.67 8.05 57.20
C LYS D 347 13.13 7.09 56.08
N ASP D 348 14.17 6.31 56.36
CA ASP D 348 14.62 5.26 55.45
C ASP D 348 13.75 4.01 55.69
N LYS D 349 13.84 3.04 54.79
CA LYS D 349 12.98 1.89 54.94
C LYS D 349 12.93 1.33 56.35
N LYS D 350 14.06 1.18 57.04
CA LYS D 350 14.09 0.49 58.36
C LYS D 350 14.72 1.30 59.47
N CYS D 351 15.20 2.50 59.13
CA CYS D 351 15.95 3.34 60.05
C CYS D 351 15.79 4.80 59.74
N ASP D 352 16.31 5.63 60.64
CA ASP D 352 16.12 7.09 60.57
C ASP D 352 17.43 7.85 60.30
N VAL D 353 17.36 8.87 59.46
CA VAL D 353 18.56 9.58 59.14
C VAL D 353 18.54 10.96 59.78
N PRO D 354 19.45 11.22 60.71
CA PRO D 354 19.50 12.52 61.35
C PRO D 354 20.11 13.59 60.41
N CYS D 355 19.55 14.80 60.44
CA CYS D 355 19.91 15.88 59.51
C CYS D 355 19.85 17.20 60.22
N ILE D 356 20.65 18.14 59.76
CA ILE D 356 20.68 19.50 60.31
C ILE D 356 20.47 20.41 59.13
N GLY D 357 19.50 21.28 59.26
CA GLY D 357 19.20 22.25 58.22
C GLY D 357 19.62 23.63 58.66
N ILE D 358 20.07 24.43 57.70
CA ILE D 358 20.52 25.75 58.05
C ILE D 358 19.77 26.80 57.25
N GLU D 359 19.18 27.76 57.95
CA GLU D 359 18.68 28.99 57.35
C GLU D 359 19.80 29.93 57.02
N MET D 360 20.00 30.21 55.75
CA MET D 360 21.01 31.15 55.30
C MET D 360 20.33 32.40 54.70
N VAL D 361 20.27 33.45 55.51
CA VAL D 361 19.43 34.60 55.22
C VAL D 361 20.16 35.55 54.31
N HIS D 362 19.44 36.10 53.35
CA HIS D 362 19.94 37.14 52.47
C HIS D 362 19.52 38.46 53.07
N ASP D 363 20.45 39.06 53.80
CA ASP D 363 20.16 40.26 54.54
C ASP D 363 20.85 41.47 53.91
N GLY D 364 20.07 42.37 53.29
CA GLY D 364 20.59 43.64 52.79
C GLY D 364 20.11 44.86 53.56
N GLY D 365 19.57 44.66 54.75
CA GLY D 365 18.85 45.71 55.49
C GLY D 365 17.35 45.78 55.12
N LYS D 366 16.65 46.77 55.70
CA LYS D 366 15.21 46.92 55.53
C LYS D 366 14.84 47.58 54.21
N GLU D 367 15.83 48.15 53.53
CA GLU D 367 15.58 48.87 52.30
C GLU D 367 15.52 47.93 51.07
N THR D 368 15.58 46.64 51.30
CA THR D 368 15.48 45.68 50.20
C THR D 368 14.74 44.43 50.70
N TRP D 369 14.62 43.39 49.86
CA TRP D 369 13.95 42.18 50.28
C TRP D 369 14.77 41.40 51.30
N HIS D 370 14.12 40.54 52.06
CA HIS D 370 14.75 39.85 53.18
C HIS D 370 14.22 38.43 53.14
N SER D 371 15.04 37.49 52.68
CA SER D 371 14.59 36.12 52.61
C SER D 371 15.75 35.16 52.89
N ALA D 372 15.60 33.88 52.61
CA ALA D 372 16.56 32.89 53.06
C ALA D 372 16.60 31.71 52.13
N ALA D 373 17.80 31.12 52.01
CA ALA D 373 17.96 29.81 51.42
C ALA D 373 17.96 28.79 52.55
N THR D 374 17.88 27.50 52.18
CA THR D 374 18.08 26.41 53.15
C THR D 374 19.18 25.39 52.78
N ALA D 375 20.21 25.27 53.64
CA ALA D 375 21.22 24.21 53.50
C ALA D 375 20.91 23.01 54.39
N ILE D 376 21.07 21.82 53.83
CA ILE D 376 20.83 20.57 54.52
C ILE D 376 22.10 19.69 54.56
N TYR D 377 22.48 19.28 55.77
CA TYR D 377 23.49 18.30 56.03
C TYR D 377 22.88 17.10 56.74
N CYS D 378 23.29 15.91 56.32
CA CYS D 378 22.77 14.67 56.87
C CYS D 378 23.86 13.68 57.26
N LEU D 379 23.56 12.77 58.16
CA LEU D 379 24.51 11.71 58.48
C LEU D 379 24.58 10.72 57.33
N MET D 380 25.79 10.46 56.85
CA MET D 380 25.94 9.57 55.69
C MET D 380 27.35 9.10 55.59
N GLY D 381 27.51 7.80 55.72
CA GLY D 381 28.83 7.17 55.61
C GLY D 381 29.78 7.52 56.76
N SER D 382 31.05 7.28 56.50
CA SER D 382 32.14 7.44 57.44
CA SER D 382 32.12 7.47 57.47
C SER D 382 33.06 8.60 57.06
N GLY D 383 34.06 8.87 57.90
CA GLY D 383 35.12 9.87 57.62
C GLY D 383 34.82 11.21 58.27
N GLN D 384 35.07 12.30 57.53
CA GLN D 384 34.88 13.68 58.02
CA GLN D 384 34.86 13.67 58.03
C GLN D 384 34.07 14.52 57.04
N LEU D 385 33.39 15.54 57.58
CA LEU D 385 32.59 16.48 56.83
C LEU D 385 33.48 17.19 55.86
N LEU D 386 33.08 17.25 54.59
CA LEU D 386 34.02 17.62 53.54
C LEU D 386 33.81 18.98 52.92
N TRP D 387 32.55 19.40 52.68
CA TRP D 387 32.37 20.63 51.90
C TRP D 387 31.36 21.60 52.50
N ASP D 388 31.62 22.88 52.31
CA ASP D 388 30.72 23.89 52.86
C ASP D 388 29.64 24.29 51.80
N THR D 389 28.72 25.15 52.21
CA THR D 389 27.57 25.55 51.39
C THR D 389 27.55 27.07 51.23
N VAL D 390 27.42 27.53 50.00
CA VAL D 390 27.23 28.95 49.73
C VAL D 390 25.84 29.10 49.11
N THR D 391 25.21 30.26 49.22
CA THR D 391 23.91 30.42 48.58
C THR D 391 24.07 30.73 47.11
N GLY D 392 25.15 31.42 46.74
CA GLY D 392 25.39 31.87 45.35
C GLY D 392 24.49 33.02 44.89
N VAL D 393 23.79 33.64 45.83
CA VAL D 393 22.89 34.76 45.53
C VAL D 393 23.55 36.14 45.64
N ASP D 394 23.48 36.93 44.58
CA ASP D 394 23.94 38.32 44.56
C ASP D 394 22.68 39.16 44.69
N MET D 395 22.55 39.84 45.83
CA MET D 395 21.34 40.55 46.19
C MET D 395 21.04 41.80 45.35
N ALA D 396 21.95 42.19 44.46
CA ALA D 396 21.83 43.39 43.67
C ALA D 396 21.06 43.11 42.38
N LEU D 397 20.85 41.83 42.10
CA LEU D 397 20.35 41.37 40.83
C LEU D 397 18.80 41.21 40.86
N PRO E 9 -2.74 5.16 -39.16
CA PRO E 9 -4.11 4.91 -38.68
C PRO E 9 -4.58 5.97 -37.67
N GLU E 10 -5.87 6.32 -37.76
CA GLU E 10 -6.45 7.38 -36.95
CA GLU E 10 -6.49 7.42 -37.01
C GLU E 10 -7.68 6.90 -36.21
N TRP E 11 -8.10 7.64 -35.19
CA TRP E 11 -9.31 7.28 -34.44
C TRP E 11 -10.54 7.08 -35.32
N THR E 12 -11.34 6.07 -35.00
CA THR E 12 -12.59 5.80 -35.71
CA THR E 12 -12.57 5.82 -35.72
C THR E 12 -13.78 6.48 -35.02
N TYR E 13 -14.81 6.78 -35.83
CA TYR E 13 -16.07 7.38 -35.37
C TYR E 13 -17.17 6.58 -36.07
N PRO E 14 -18.37 6.60 -35.50
CA PRO E 14 -19.52 6.00 -36.15
C PRO E 14 -19.82 6.83 -37.38
N ARG E 15 -20.24 6.16 -38.45
CA ARG E 15 -20.62 6.84 -39.70
C ARG E 15 -22.09 6.53 -39.99
N LEU E 16 -22.63 7.15 -41.02
CA LEU E 16 -23.95 6.80 -41.53
C LEU E 16 -23.97 5.31 -41.90
N SER E 17 -25.06 4.62 -41.59
CA SER E 17 -25.21 3.21 -41.95
C SER E 17 -25.29 2.98 -43.45
N CYS E 18 -24.92 1.76 -43.86
CA CYS E 18 -25.02 1.38 -45.27
C CYS E 18 -26.48 1.28 -45.67
N PRO E 19 -26.79 1.51 -46.97
CA PRO E 19 -28.18 1.42 -47.38
C PRO E 19 -28.73 0.02 -47.08
N GLY E 20 -30.02 -0.05 -46.84
CA GLY E 20 -30.71 -1.32 -46.60
C GLY E 20 -31.92 -1.06 -45.73
N SER E 21 -32.88 -1.98 -45.75
CA SER E 21 -34.15 -1.81 -45.05
C SER E 21 -34.62 -3.11 -44.42
N THR E 22 -33.80 -4.15 -44.56
CA THR E 22 -34.06 -5.44 -43.90
C THR E 22 -32.77 -6.15 -43.45
N PHE E 23 -32.85 -6.91 -42.36
CA PHE E 23 -31.80 -7.85 -41.99
C PHE E 23 -31.99 -9.18 -42.72
N GLN E 24 -30.89 -9.87 -42.98
CA GLN E 24 -30.90 -11.19 -43.60
C GLN E 24 -29.93 -12.11 -42.88
N LYS E 25 -30.12 -13.41 -43.02
CA LYS E 25 -29.23 -14.39 -42.43
C LYS E 25 -27.87 -14.27 -43.12
N ALA E 26 -26.83 -14.05 -42.32
CA ALA E 26 -25.50 -13.79 -42.84
C ALA E 26 -24.59 -15.00 -42.67
N LEU E 27 -24.33 -15.37 -41.42
CA LEU E 27 -23.29 -16.34 -41.08
C LEU E 27 -23.65 -17.10 -39.80
N LEU E 28 -23.39 -18.41 -39.83
CA LEU E 28 -23.52 -19.22 -38.65
C LEU E 28 -22.11 -19.66 -38.28
N ILE E 29 -21.74 -19.44 -37.02
CA ILE E 29 -20.55 -20.11 -36.47
C ILE E 29 -21.05 -21.16 -35.47
N SER E 30 -20.97 -22.43 -35.87
CA SER E 30 -21.46 -23.55 -35.08
C SER E 30 -20.30 -24.55 -34.89
N PRO E 31 -19.42 -24.28 -33.92
CA PRO E 31 -18.22 -25.09 -33.69
C PRO E 31 -18.51 -26.54 -33.35
N HIS E 32 -19.67 -26.80 -32.76
CA HIS E 32 -19.99 -28.10 -32.19
C HIS E 32 -20.57 -29.08 -33.18
N ARG E 33 -20.81 -28.58 -34.41
CA ARG E 33 -20.94 -29.45 -35.59
C ARG E 33 -19.71 -30.32 -35.83
N PHE E 34 -18.61 -30.04 -35.14
CA PHE E 34 -17.36 -30.80 -35.29
C PHE E 34 -16.90 -31.42 -33.98
N GLY E 35 -17.77 -31.37 -32.96
CA GLY E 35 -17.43 -31.95 -31.66
C GLY E 35 -17.78 -33.40 -31.36
N GLU E 36 -18.20 -34.17 -32.37
CA GLU E 36 -18.52 -35.60 -32.18
C GLU E 36 -17.33 -36.40 -31.68
N THR E 37 -17.60 -37.46 -30.92
CA THR E 37 -16.58 -38.40 -30.51
C THR E 37 -16.01 -39.08 -31.75
N LYS E 38 -16.83 -39.23 -32.78
CA LYS E 38 -16.41 -39.89 -34.01
C LYS E 38 -15.50 -38.98 -34.83
N GLY E 39 -15.42 -37.71 -34.44
CA GLY E 39 -14.67 -36.73 -35.25
C GLY E 39 -13.25 -36.50 -34.75
N ASN E 40 -12.59 -35.49 -35.32
CA ASN E 40 -11.21 -35.21 -34.99
C ASN E 40 -10.99 -33.74 -34.74
N SER E 41 -12.01 -33.08 -34.20
CA SER E 41 -11.92 -31.64 -33.99
C SER E 41 -11.95 -31.28 -32.53
N ALA E 42 -11.50 -30.08 -32.18
CA ALA E 42 -11.53 -29.66 -30.78
C ALA E 42 -12.13 -28.28 -30.64
N PRO E 43 -13.45 -28.16 -30.92
CA PRO E 43 -14.12 -26.90 -30.68
C PRO E 43 -14.17 -26.56 -29.18
N LEU E 44 -13.91 -25.31 -28.85
CA LEU E 44 -13.89 -24.84 -27.44
C LEU E 44 -15.28 -24.77 -26.86
N ILE E 45 -15.43 -25.23 -25.62
CA ILE E 45 -16.65 -25.00 -24.89
C ILE E 45 -16.70 -23.51 -24.52
N ILE E 46 -17.68 -22.80 -25.08
CA ILE E 46 -17.82 -21.37 -24.78
C ILE E 46 -19.21 -20.95 -24.30
N ARG E 47 -19.32 -19.70 -23.86
CA ARG E 47 -20.61 -19.01 -23.75
C ARG E 47 -20.38 -17.51 -23.79
N GLU E 48 -21.47 -16.75 -23.84
CA GLU E 48 -21.45 -15.27 -23.96
C GLU E 48 -20.57 -14.80 -25.13
N PRO E 49 -20.80 -15.35 -26.32
CA PRO E 49 -20.06 -14.82 -27.43
C PRO E 49 -20.55 -13.42 -27.80
N PHE E 50 -19.64 -12.68 -28.43
CA PHE E 50 -19.99 -11.40 -29.06
C PHE E 50 -18.96 -11.13 -30.12
N ILE E 51 -19.24 -10.16 -30.97
CA ILE E 51 -18.37 -9.80 -32.08
C ILE E 51 -18.11 -8.29 -31.98
N ALA E 52 -16.88 -7.88 -32.29
CA ALA E 52 -16.53 -6.47 -32.44
C ALA E 52 -15.69 -6.41 -33.70
N CYS E 53 -15.76 -5.29 -34.40
CA CYS E 53 -15.09 -5.12 -35.65
C CYS E 53 -14.26 -3.87 -35.59
N GLY E 54 -13.14 -3.92 -36.32
CA GLY E 54 -12.27 -2.78 -36.58
C GLY E 54 -12.38 -2.42 -38.05
N PRO E 55 -11.52 -1.51 -38.53
CA PRO E 55 -11.57 -1.05 -39.91
C PRO E 55 -11.28 -2.13 -40.94
N LYS E 56 -10.57 -3.21 -40.56
CA LYS E 56 -10.22 -4.28 -41.51
C LYS E 56 -10.63 -5.72 -41.11
N GLU E 57 -11.06 -5.92 -39.87
CA GLU E 57 -11.31 -7.27 -39.37
C GLU E 57 -12.37 -7.27 -38.29
N CYS E 58 -13.18 -8.32 -38.27
CA CYS E 58 -14.11 -8.61 -37.20
C CYS E 58 -13.61 -9.78 -36.37
N LYS E 59 -13.63 -9.61 -35.04
CA LYS E 59 -13.25 -10.69 -34.17
C LYS E 59 -14.46 -11.28 -33.49
N HIS E 60 -14.59 -12.59 -33.51
CA HIS E 60 -15.54 -13.30 -32.71
C HIS E 60 -14.98 -13.59 -31.31
N PHE E 61 -15.60 -12.99 -30.28
CA PHE E 61 -15.16 -13.21 -28.89
C PHE E 61 -16.09 -14.16 -28.17
N ALA E 62 -15.56 -14.87 -27.18
CA ALA E 62 -16.39 -15.68 -26.30
C ALA E 62 -15.65 -15.92 -25.01
N LEU E 63 -16.36 -16.39 -23.99
CA LEU E 63 -15.77 -16.77 -22.75
C LEU E 63 -15.69 -18.28 -22.70
N THR E 64 -14.51 -18.84 -22.47
CA THR E 64 -14.36 -20.28 -22.55
C THR E 64 -14.10 -20.86 -21.19
N HIS E 65 -14.54 -22.10 -21.03
CA HIS E 65 -14.25 -22.87 -19.83
C HIS E 65 -12.89 -23.57 -19.89
N TYR E 66 -12.07 -23.23 -20.90
CA TYR E 66 -10.73 -23.80 -21.06
C TYR E 66 -10.88 -25.30 -21.23
N ALA E 67 -11.85 -25.68 -22.06
CA ALA E 67 -12.17 -27.10 -22.27
C ALA E 67 -12.73 -27.27 -23.68
N ALA E 68 -12.59 -28.46 -24.24
CA ALA E 68 -12.98 -28.74 -25.62
C ALA E 68 -13.98 -29.88 -25.68
N GLN E 69 -14.70 -29.96 -26.81
CA GLN E 69 -15.54 -31.10 -27.17
C GLN E 69 -14.99 -31.86 -28.40
N PRO E 70 -14.77 -33.18 -28.25
CA PRO E 70 -14.93 -33.99 -27.04
C PRO E 70 -13.83 -33.76 -25.99
N GLY E 71 -14.17 -33.97 -24.71
CA GLY E 71 -13.17 -33.78 -23.65
C GLY E 71 -13.64 -34.36 -22.34
N GLY E 72 -12.82 -34.18 -21.31
CA GLY E 72 -13.10 -34.82 -20.05
C GLY E 72 -13.46 -33.80 -18.98
N TYR E 73 -13.59 -32.54 -19.36
CA TYR E 73 -13.86 -31.46 -18.38
C TYR E 73 -15.22 -30.80 -18.56
N TYR E 74 -16.24 -31.59 -18.87
CA TYR E 74 -17.60 -31.03 -19.06
C TYR E 74 -18.20 -30.54 -17.74
N ASN E 75 -17.75 -31.12 -16.61
CA ASN E 75 -18.34 -30.81 -15.33
C ASN E 75 -17.98 -29.38 -14.91
N GLY E 76 -19.01 -28.55 -14.67
CA GLY E 76 -18.85 -27.15 -14.31
C GLY E 76 -19.00 -26.18 -15.48
N THR E 77 -19.29 -26.71 -16.65
CA THR E 77 -19.40 -25.83 -17.83
C THR E 77 -20.75 -25.11 -17.91
N ARG E 78 -21.66 -25.47 -17.02
CA ARG E 78 -22.95 -24.75 -16.84
C ARG E 78 -22.89 -23.49 -15.98
N GLY E 79 -22.00 -23.45 -15.02
CA GLY E 79 -21.74 -22.22 -14.27
C GLY E 79 -20.98 -21.19 -15.09
N ASP E 80 -20.89 -19.98 -14.56
CA ASP E 80 -20.18 -18.91 -15.30
C ASP E 80 -18.78 -18.56 -14.73
N ARG E 81 -18.69 -18.48 -13.41
CA ARG E 81 -17.50 -18.02 -12.71
C ARG E 81 -16.67 -19.18 -12.19
N ASN E 82 -15.42 -19.22 -12.66
CA ASN E 82 -14.39 -20.09 -12.09
C ASN E 82 -13.03 -19.50 -12.46
N LYS E 83 -11.97 -20.09 -11.92
CA LYS E 83 -10.64 -19.60 -12.03
C LYS E 83 -10.02 -19.95 -13.40
N LEU E 84 -10.74 -20.75 -14.20
CA LEU E 84 -10.25 -21.27 -15.47
C LEU E 84 -10.76 -20.51 -16.68
N ARG E 85 -11.88 -19.81 -16.47
CA ARG E 85 -12.60 -19.08 -17.49
C ARG E 85 -11.74 -17.97 -18.14
N HIS E 86 -11.79 -17.87 -19.47
CA HIS E 86 -10.87 -16.98 -20.21
C HIS E 86 -11.58 -16.33 -21.36
N LEU E 87 -11.31 -15.07 -21.63
CA LEU E 87 -11.79 -14.43 -22.85
C LEU E 87 -10.91 -14.89 -24.04
N ILE E 88 -11.53 -15.42 -25.10
CA ILE E 88 -10.86 -15.86 -26.34
C ILE E 88 -11.44 -15.12 -27.58
N SER E 89 -10.71 -15.18 -28.70
CA SER E 89 -11.23 -14.69 -29.96
C SER E 89 -10.59 -15.43 -31.14
N VAL E 90 -11.34 -15.47 -32.24
CA VAL E 90 -10.85 -15.82 -33.55
C VAL E 90 -11.40 -14.75 -34.47
N LYS E 91 -10.77 -14.62 -35.62
CA LYS E 91 -11.26 -13.77 -36.68
C LYS E 91 -12.66 -14.28 -37.05
N LEU E 92 -13.64 -13.38 -37.14
CA LEU E 92 -14.95 -13.84 -37.62
C LEU E 92 -14.80 -14.63 -38.92
N GLY E 93 -15.32 -15.87 -38.87
CA GLY E 93 -15.36 -16.79 -40.00
C GLY E 93 -14.59 -18.07 -39.68
N LYS E 94 -13.66 -17.95 -38.77
CA LYS E 94 -12.89 -19.09 -38.30
C LYS E 94 -13.65 -19.86 -37.22
N ILE E 95 -13.45 -21.17 -37.18
CA ILE E 95 -14.04 -21.97 -36.10
C ILE E 95 -13.20 -21.84 -34.85
N PRO E 96 -13.80 -21.43 -33.71
CA PRO E 96 -13.04 -21.23 -32.47
C PRO E 96 -12.64 -22.56 -31.80
N THR E 97 -11.57 -23.16 -32.31
CA THR E 97 -11.08 -24.41 -31.76
C THR E 97 -9.93 -24.07 -30.82
N VAL E 98 -9.42 -25.10 -30.13
CA VAL E 98 -8.19 -24.97 -29.33
C VAL E 98 -7.12 -24.18 -30.08
N GLU E 99 -6.80 -24.64 -31.29
CA GLU E 99 -5.67 -24.11 -32.03
C GLU E 99 -5.97 -22.76 -32.69
N ASN E 100 -7.19 -22.63 -33.22
CA ASN E 100 -7.55 -21.41 -33.92
C ASN E 100 -7.64 -20.19 -33.03
N SER E 101 -7.97 -20.43 -31.76
CA SER E 101 -8.33 -19.34 -30.84
C SER E 101 -7.08 -18.76 -30.24
N ILE E 102 -7.14 -17.50 -29.86
CA ILE E 102 -6.10 -16.90 -29.05
C ILE E 102 -6.71 -16.57 -27.68
N PHE E 103 -5.95 -16.83 -26.63
CA PHE E 103 -6.38 -16.56 -25.25
C PHE E 103 -5.88 -15.19 -24.83
N HIS E 104 -6.82 -14.27 -24.58
CA HIS E 104 -6.47 -12.89 -24.18
C HIS E 104 -6.19 -12.69 -22.70
N MET E 105 -7.09 -13.19 -21.86
CA MET E 105 -7.01 -12.98 -20.44
C MET E 105 -8.01 -13.81 -19.69
N ALA E 106 -7.68 -14.09 -18.43
CA ALA E 106 -8.63 -14.71 -17.52
C ALA E 106 -9.83 -13.80 -17.40
N ALA E 107 -11.04 -14.35 -17.49
CA ALA E 107 -12.26 -13.55 -17.46
C ALA E 107 -13.50 -14.42 -17.44
N TRP E 108 -14.37 -14.16 -16.45
CA TRP E 108 -15.71 -14.73 -16.54
C TRP E 108 -16.78 -13.72 -16.95
N SER E 109 -16.34 -12.52 -17.31
CA SER E 109 -17.25 -11.54 -17.89
C SER E 109 -16.38 -10.67 -18.79
N GLY E 110 -16.84 -10.34 -19.98
CA GLY E 110 -15.95 -9.76 -20.98
C GLY E 110 -16.51 -8.67 -21.90
N SER E 111 -15.60 -7.98 -22.59
CA SER E 111 -15.96 -7.02 -23.63
C SER E 111 -14.73 -6.67 -24.45
N ALA E 112 -14.93 -6.03 -25.59
CA ALA E 112 -13.79 -5.62 -26.40
C ALA E 112 -14.25 -4.62 -27.40
N CYS E 113 -13.34 -3.74 -27.82
CA CYS E 113 -13.64 -2.81 -28.93
C CYS E 113 -12.35 -2.28 -29.53
N HIS E 114 -12.44 -1.89 -30.81
CA HIS E 114 -11.35 -1.27 -31.55
C HIS E 114 -11.56 0.22 -31.67
N ASP E 115 -10.47 0.99 -31.53
CA ASP E 115 -10.57 2.46 -31.54
C ASP E 115 -10.07 3.09 -32.85
N GLY E 116 -9.72 2.27 -33.82
CA GLY E 116 -9.16 2.80 -35.04
C GLY E 116 -7.67 2.55 -35.12
N LYS E 117 -7.00 2.45 -33.97
CA LYS E 117 -5.56 2.17 -33.92
C LYS E 117 -5.29 0.80 -33.31
N GLU E 118 -6.04 0.44 -32.26
CA GLU E 118 -5.73 -0.77 -31.47
C GLU E 118 -6.95 -1.38 -30.76
N TRP E 119 -6.84 -2.65 -30.40
CA TRP E 119 -7.84 -3.37 -29.69
C TRP E 119 -7.77 -3.13 -28.20
N THR E 120 -8.91 -2.80 -27.61
CA THR E 120 -9.08 -2.80 -26.16
C THR E 120 -9.78 -4.09 -25.77
N TYR E 121 -9.16 -4.87 -24.90
CA TYR E 121 -9.82 -6.06 -24.37
C TYR E 121 -10.27 -5.88 -22.91
N ILE E 122 -11.47 -6.35 -22.58
CA ILE E 122 -11.88 -6.24 -21.18
C ILE E 122 -12.23 -7.60 -20.58
N GLY E 123 -11.66 -7.91 -19.41
CA GLY E 123 -11.97 -9.17 -18.74
C GLY E 123 -12.17 -9.01 -17.24
N VAL E 124 -13.26 -9.55 -16.70
CA VAL E 124 -13.50 -9.53 -15.25
C VAL E 124 -13.30 -10.91 -14.65
N ASP E 125 -12.41 -10.99 -13.68
CA ASP E 125 -12.29 -12.20 -12.88
C ASP E 125 -12.19 -11.87 -11.40
N GLY E 126 -11.89 -12.87 -10.58
CA GLY E 126 -11.81 -12.66 -9.14
C GLY E 126 -13.01 -13.18 -8.33
N PRO E 127 -12.90 -13.14 -6.99
CA PRO E 127 -13.95 -13.65 -6.10
C PRO E 127 -15.23 -12.90 -6.29
N GLU E 128 -16.36 -13.56 -6.00
CA GLU E 128 -17.69 -12.95 -5.98
C GLU E 128 -17.70 -11.60 -5.28
N ASN E 129 -17.07 -11.55 -4.11
CA ASN E 129 -17.26 -10.40 -3.22
C ASN E 129 -16.26 -9.27 -3.48
N ASN E 130 -15.43 -9.45 -4.50
CA ASN E 130 -14.40 -8.46 -4.78
C ASN E 130 -13.73 -8.75 -6.10
N ALA E 131 -14.56 -8.88 -7.14
CA ALA E 131 -14.08 -9.08 -8.51
C ALA E 131 -13.30 -7.88 -9.05
N LEU E 132 -12.61 -8.13 -10.18
CA LEU E 132 -11.70 -7.17 -10.76
C LEU E 132 -11.87 -7.10 -12.25
N LEU E 133 -12.10 -5.89 -12.75
CA LEU E 133 -12.17 -5.69 -14.17
C LEU E 133 -10.76 -5.34 -14.69
N LYS E 134 -10.28 -6.08 -15.72
CA LYS E 134 -8.94 -5.85 -16.22
C LYS E 134 -8.96 -5.42 -17.67
N ILE E 135 -8.11 -4.45 -17.98
CA ILE E 135 -7.99 -3.87 -19.33
C ILE E 135 -6.68 -4.18 -20.02
N LYS E 136 -6.80 -4.59 -21.26
CA LYS E 136 -5.61 -4.97 -22.04
C LYS E 136 -5.67 -4.13 -23.32
N TYR E 137 -4.58 -3.43 -23.59
CA TYR E 137 -4.49 -2.62 -24.78
C TYR E 137 -3.49 -3.32 -25.71
N GLY E 138 -3.99 -3.92 -26.79
CA GLY E 138 -3.13 -4.75 -27.68
C GLY E 138 -2.62 -5.96 -26.91
N GLU E 139 -1.31 -5.98 -26.64
CA GLU E 139 -0.71 -7.05 -25.85
C GLU E 139 -0.52 -6.67 -24.41
N ALA E 140 -0.61 -5.38 -24.11
CA ALA E 140 -0.30 -4.91 -22.76
C ALA E 140 -1.50 -4.79 -21.81
N TYR E 141 -1.37 -5.35 -20.60
CA TYR E 141 -2.31 -5.14 -19.50
C TYR E 141 -2.07 -3.71 -18.97
N THR E 142 -3.09 -2.85 -19.06
CA THR E 142 -2.85 -1.42 -18.86
C THR E 142 -3.59 -0.82 -17.66
N ASP E 143 -4.73 -1.39 -17.25
CA ASP E 143 -5.47 -0.85 -16.10
C ASP E 143 -6.43 -1.85 -15.47
N THR E 144 -6.96 -1.53 -14.28
CA THR E 144 -8.01 -2.30 -13.63
C THR E 144 -9.03 -1.38 -12.97
N TYR E 145 -10.22 -1.93 -12.73
CA TYR E 145 -11.28 -1.29 -11.96
C TYR E 145 -11.78 -2.27 -10.90
N HIS E 146 -12.11 -1.75 -9.72
CA HIS E 146 -12.44 -2.58 -8.56
C HIS E 146 -13.95 -2.68 -8.34
N SER E 147 -14.39 -3.81 -7.78
CA SER E 147 -15.74 -4.00 -7.32
C SER E 147 -16.12 -2.87 -6.39
N TYR E 148 -17.25 -2.23 -6.70
CA TYR E 148 -17.79 -1.13 -5.87
C TYR E 148 -19.05 -1.48 -5.05
N ALA E 149 -19.71 -2.58 -5.40
CA ALA E 149 -20.90 -3.03 -4.61
C ALA E 149 -20.65 -4.39 -3.97
N ASN E 150 -19.47 -4.93 -4.21
CA ASN E 150 -19.06 -6.21 -3.65
C ASN E 150 -19.94 -7.41 -3.94
N ASN E 151 -20.56 -7.43 -5.11
CA ASN E 151 -21.40 -8.58 -5.43
C ASN E 151 -21.34 -8.83 -6.89
N ILE E 152 -20.30 -9.55 -7.32
CA ILE E 152 -20.04 -9.88 -8.75
C ILE E 152 -20.02 -8.64 -9.65
N LEU E 153 -18.91 -7.91 -9.61
CA LEU E 153 -18.62 -6.93 -10.65
C LEU E 153 -18.69 -7.59 -12.05
N ARG E 154 -19.41 -6.95 -12.99
CA ARG E 154 -19.87 -7.54 -14.24
C ARG E 154 -19.76 -6.49 -15.37
N THR E 155 -19.58 -6.95 -16.61
CA THR E 155 -19.57 -6.03 -17.74
C THR E 155 -20.59 -6.44 -18.84
N GLN E 156 -20.45 -5.86 -20.04
CA GLN E 156 -21.46 -5.90 -21.10
C GLN E 156 -21.74 -7.26 -21.79
N GLU E 157 -20.71 -8.10 -21.89
N GLU E 157 -20.70 -8.10 -21.88
CA GLU E 157 -20.74 -9.34 -22.67
CA GLU E 157 -20.72 -9.35 -22.67
C GLU E 157 -20.96 -9.05 -24.14
C GLU E 157 -20.95 -9.05 -24.14
N SER E 158 -20.59 -7.83 -24.53
CA SER E 158 -20.69 -7.39 -25.91
C SER E 158 -19.69 -6.28 -26.12
N ALA E 159 -19.53 -5.86 -27.36
CA ALA E 159 -18.54 -4.84 -27.69
C ALA E 159 -18.74 -3.52 -26.94
N CYS E 160 -17.64 -2.92 -26.52
CA CYS E 160 -17.64 -1.54 -26.11
C CYS E 160 -17.64 -0.60 -27.31
N ASN E 161 -17.61 0.69 -27.06
CA ASN E 161 -17.80 1.62 -28.15
C ASN E 161 -16.83 2.77 -28.10
N CYS E 162 -16.01 2.87 -29.15
CA CYS E 162 -15.00 3.89 -29.22
C CYS E 162 -15.29 5.07 -30.16
N ILE E 163 -15.05 6.28 -29.68
CA ILE E 163 -15.19 7.47 -30.48
C ILE E 163 -14.02 8.41 -30.21
N GLY E 164 -13.33 8.81 -31.28
CA GLY E 164 -12.14 9.68 -31.18
C GLY E 164 -11.09 9.24 -30.18
N GLY E 165 -10.99 7.92 -29.94
CA GLY E 165 -10.01 7.32 -29.02
C GLY E 165 -10.59 6.99 -27.65
N ASN E 166 -11.77 7.52 -27.35
CA ASN E 166 -12.46 7.26 -26.09
C ASN E 166 -13.43 6.11 -26.25
N CYS E 167 -13.16 5.03 -25.52
CA CYS E 167 -14.01 3.85 -25.49
C CYS E 167 -14.87 3.82 -24.23
N TYR E 168 -16.17 3.63 -24.42
CA TYR E 168 -17.12 3.69 -23.33
C TYR E 168 -17.61 2.27 -23.05
N LEU E 169 -17.58 1.90 -21.78
CA LEU E 169 -17.91 0.56 -21.37
C LEU E 169 -18.87 0.63 -20.16
N MET E 170 -19.95 -0.17 -20.17
CA MET E 170 -20.83 -0.30 -19.03
C MET E 170 -20.23 -1.34 -18.09
N ILE E 171 -20.21 -1.04 -16.80
CA ILE E 171 -19.89 -2.04 -15.79
C ILE E 171 -21.06 -2.01 -14.83
N THR E 172 -21.33 -3.13 -14.18
CA THR E 172 -22.31 -3.15 -13.10
C THR E 172 -21.84 -4.04 -11.93
N ASP E 173 -22.49 -3.91 -10.79
CA ASP E 173 -22.09 -4.60 -9.55
C ASP E 173 -23.34 -4.62 -8.69
N GLY E 174 -23.59 -5.75 -8.03
CA GLY E 174 -24.67 -5.89 -7.01
C GLY E 174 -25.40 -7.21 -7.21
N SER E 175 -26.37 -7.48 -6.35
CA SER E 175 -27.15 -8.69 -6.41
C SER E 175 -27.89 -8.88 -7.74
N ALA E 176 -27.79 -10.10 -8.27
CA ALA E 176 -28.60 -10.56 -9.36
C ALA E 176 -30.13 -10.41 -9.14
N SER E 177 -30.57 -10.49 -7.87
CA SER E 177 -31.98 -10.48 -7.46
C SER E 177 -32.40 -9.18 -6.74
N GLY E 178 -31.46 -8.26 -6.64
CA GLY E 178 -31.68 -6.99 -5.92
C GLY E 178 -31.11 -5.84 -6.73
N ILE E 179 -30.52 -4.86 -6.03
CA ILE E 179 -29.98 -3.64 -6.66
C ILE E 179 -28.67 -3.92 -7.41
N SER E 180 -28.61 -3.50 -8.68
CA SER E 180 -27.35 -3.48 -9.42
C SER E 180 -27.22 -2.16 -10.18
N GLU E 181 -26.68 -1.16 -9.49
CA GLU E 181 -26.50 0.18 -10.03
C GLU E 181 -25.26 0.24 -10.92
N CYS E 182 -25.49 0.38 -12.23
CA CYS E 182 -24.39 0.29 -13.20
C CYS E 182 -23.61 1.58 -13.24
N ARG E 183 -22.49 1.55 -13.95
CA ARG E 183 -21.65 2.72 -14.12
C ARG E 183 -21.06 2.62 -15.51
N PHE E 184 -20.53 3.74 -16.00
CA PHE E 184 -19.83 3.73 -17.29
C PHE E 184 -18.38 4.18 -17.19
N LEU E 185 -17.50 3.43 -17.84
CA LEU E 185 -16.08 3.72 -17.85
C LEU E 185 -15.70 4.38 -19.16
N LYS E 186 -14.98 5.49 -19.10
CA LYS E 186 -14.37 6.10 -20.28
C LYS E 186 -12.93 5.66 -20.25
N ILE E 187 -12.50 4.94 -21.30
CA ILE E 187 -11.17 4.28 -21.35
C ILE E 187 -10.48 4.75 -22.62
N ARG E 188 -9.23 5.21 -22.47
CA ARG E 188 -8.42 5.75 -23.56
C ARG E 188 -7.05 5.06 -23.61
N GLU E 189 -6.76 4.46 -24.76
CA GLU E 189 -5.60 3.67 -24.95
C GLU E 189 -5.38 2.78 -23.75
N GLY E 190 -6.45 2.09 -23.33
CA GLY E 190 -6.34 1.02 -22.32
C GLY E 190 -6.39 1.52 -20.89
N ARG E 191 -6.52 2.83 -20.70
CA ARG E 191 -6.58 3.39 -19.33
C ARG E 191 -7.83 4.22 -19.08
N ILE E 192 -8.43 4.04 -17.90
CA ILE E 192 -9.68 4.68 -17.52
C ILE E 192 -9.38 6.11 -17.11
N ILE E 193 -10.04 7.05 -17.78
CA ILE E 193 -9.76 8.47 -17.60
C ILE E 193 -10.98 9.18 -16.95
N LYS E 194 -12.11 8.46 -16.90
CA LYS E 194 -13.31 9.01 -16.27
C LYS E 194 -14.25 7.90 -15.84
N GLU E 195 -14.90 8.08 -14.70
CA GLU E 195 -16.04 7.26 -14.27
C GLU E 195 -17.31 8.08 -14.43
N ILE E 196 -18.29 7.52 -15.11
CA ILE E 196 -19.53 8.25 -15.40
C ILE E 196 -20.64 7.60 -14.59
N PHE E 197 -21.26 8.37 -13.68
CA PHE E 197 -22.36 7.89 -12.80
C PHE E 197 -23.73 8.22 -13.36
N PRO E 198 -24.52 7.20 -13.77
CA PRO E 198 -25.78 7.55 -14.46
C PRO E 198 -26.84 8.03 -13.49
N THR E 199 -27.80 8.80 -14.01
CA THR E 199 -28.92 9.31 -13.24
C THR E 199 -30.18 8.61 -13.73
N GLY E 200 -31.23 8.73 -12.91
CA GLY E 200 -32.55 8.25 -13.30
C GLY E 200 -32.89 6.90 -12.71
N ARG E 201 -33.45 6.03 -13.54
CA ARG E 201 -33.92 4.75 -13.08
C ARG E 201 -32.73 3.80 -13.11
N VAL E 202 -32.10 3.65 -11.96
CA VAL E 202 -30.78 3.05 -11.90
C VAL E 202 -30.81 1.77 -11.08
N LYS E 203 -32.01 1.43 -10.65
CA LYS E 203 -32.33 0.35 -9.71
C LYS E 203 -31.58 -0.93 -10.08
N HIS E 204 -31.69 -1.34 -11.34
CA HIS E 204 -31.02 -2.54 -11.79
C HIS E 204 -30.75 -2.48 -13.27
N THR E 205 -29.46 -2.46 -13.61
CA THR E 205 -29.03 -2.42 -14.99
C THR E 205 -27.81 -3.29 -15.15
N GLU E 206 -27.88 -4.24 -16.10
CA GLU E 206 -26.72 -5.11 -16.41
C GLU E 206 -26.72 -5.57 -17.86
N GLU E 207 -25.61 -6.17 -18.26
CA GLU E 207 -25.41 -6.61 -19.66
C GLU E 207 -25.99 -5.69 -20.72
N CYS E 208 -25.62 -4.40 -20.65
CA CYS E 208 -26.02 -3.41 -21.63
C CYS E 208 -25.47 -3.73 -22.99
N THR E 209 -26.34 -3.63 -24.00
CA THR E 209 -25.93 -3.77 -25.37
C THR E 209 -26.00 -2.37 -25.94
N CYS E 210 -24.83 -1.81 -26.22
CA CYS E 210 -24.68 -0.40 -26.52
C CYS E 210 -24.28 -0.19 -27.97
N GLY E 211 -24.58 1.01 -28.48
CA GLY E 211 -24.18 1.38 -29.84
C GLY E 211 -24.28 2.88 -29.98
N PHE E 212 -23.67 3.43 -31.03
CA PHE E 212 -23.78 4.84 -31.29
C PHE E 212 -25.09 5.16 -32.02
N ALA E 213 -25.84 6.10 -31.47
CA ALA E 213 -27.01 6.62 -32.11
C ALA E 213 -26.58 7.73 -33.06
N SER E 214 -25.47 8.39 -32.68
CA SER E 214 -24.90 9.48 -33.43
C SER E 214 -23.48 9.69 -32.90
N ASN E 215 -22.84 10.76 -33.37
CA ASN E 215 -21.54 11.17 -32.82
C ASN E 215 -21.64 11.72 -31.38
N LYS E 216 -22.85 12.09 -30.92
N LYS E 216 -22.85 12.08 -30.94
CA LYS E 216 -22.99 12.70 -29.60
CA LYS E 216 -23.05 12.73 -29.63
C LYS E 216 -23.50 11.73 -28.55
C LYS E 216 -23.51 11.74 -28.56
N THR E 217 -24.20 10.69 -28.99
CA THR E 217 -24.97 9.80 -28.10
C THR E 217 -24.69 8.32 -28.30
N ILE E 218 -24.51 7.65 -27.19
CA ILE E 218 -24.54 6.20 -27.11
C ILE E 218 -25.85 5.78 -26.44
N GLU E 219 -26.44 4.73 -26.96
CA GLU E 219 -27.63 4.17 -26.35
C GLU E 219 -27.41 2.69 -26.04
N CYS E 220 -28.03 2.24 -24.96
CA CYS E 220 -27.92 0.85 -24.55
C CYS E 220 -29.24 0.26 -24.18
N ALA E 221 -29.46 -0.98 -24.60
CA ALA E 221 -30.62 -1.74 -24.15
C ALA E 221 -30.10 -2.81 -23.20
N CYS E 222 -30.60 -2.75 -21.98
CA CYS E 222 -29.97 -3.51 -20.90
C CYS E 222 -30.91 -4.54 -20.27
N ARG E 223 -30.41 -5.23 -19.27
CA ARG E 223 -31.16 -6.28 -18.63
C ARG E 223 -31.44 -5.89 -17.20
N ASP E 224 -32.70 -5.99 -16.79
CA ASP E 224 -33.05 -5.89 -15.38
C ASP E 224 -33.38 -7.31 -14.91
N ASN E 225 -32.52 -7.88 -14.08
CA ASN E 225 -32.72 -9.25 -13.63
C ASN E 225 -33.71 -9.43 -12.49
N SER E 226 -34.22 -8.33 -11.93
CA SER E 226 -34.97 -8.40 -10.66
C SER E 226 -36.37 -7.85 -10.75
N TYR E 227 -36.51 -6.65 -11.34
CA TYR E 227 -37.77 -5.87 -11.19
C TYR E 227 -38.73 -5.80 -12.38
N THR E 228 -38.22 -5.90 -13.60
CA THR E 228 -39.09 -5.66 -14.76
C THR E 228 -38.66 -6.47 -15.96
N ALA E 229 -39.57 -6.60 -16.90
CA ALA E 229 -39.28 -7.24 -18.16
C ALA E 229 -39.09 -6.18 -19.22
N LYS E 230 -39.34 -4.91 -18.87
CA LYS E 230 -38.94 -3.82 -19.76
C LYS E 230 -37.40 -3.71 -19.65
N ARG E 231 -36.77 -3.39 -20.76
CA ARG E 231 -35.36 -3.18 -20.76
C ARG E 231 -35.06 -1.78 -20.30
N PRO E 232 -34.11 -1.63 -19.36
CA PRO E 232 -33.55 -0.32 -19.10
C PRO E 232 -32.86 0.23 -20.34
N PHE E 233 -33.04 1.50 -20.59
CA PHE E 233 -32.48 2.06 -21.80
C PHE E 233 -31.64 3.24 -21.41
N VAL E 234 -30.37 3.16 -21.73
CA VAL E 234 -29.40 4.15 -21.34
C VAL E 234 -29.16 5.10 -22.48
N LYS E 235 -29.08 6.39 -22.15
CA LYS E 235 -28.65 7.40 -23.10
C LYS E 235 -27.40 8.08 -22.55
N LEU E 236 -26.31 7.96 -23.30
CA LEU E 236 -25.01 8.51 -22.89
C LEU E 236 -24.59 9.60 -23.83
N ASN E 237 -24.52 10.83 -23.31
CA ASN E 237 -23.91 11.93 -24.04
C ASN E 237 -22.37 11.85 -23.93
N VAL E 238 -21.71 11.61 -25.08
CA VAL E 238 -20.25 11.44 -25.06
C VAL E 238 -19.50 12.76 -25.04
N GLU E 239 -20.21 13.86 -25.30
CA GLU E 239 -19.60 15.19 -25.29
C GLU E 239 -19.55 15.77 -23.86
N THR E 240 -20.62 15.57 -23.10
CA THR E 240 -20.65 16.02 -21.70
C THR E 240 -20.33 14.89 -20.72
N ASP E 241 -20.15 13.68 -21.23
CA ASP E 241 -19.90 12.50 -20.40
C ASP E 241 -20.91 12.35 -19.29
N THR E 242 -22.19 12.33 -19.65
CA THR E 242 -23.28 12.20 -18.69
C THR E 242 -24.21 11.10 -19.23
N ALA E 243 -24.76 10.32 -18.31
CA ALA E 243 -25.68 9.25 -18.69
C ALA E 243 -26.99 9.29 -17.93
N GLU E 244 -28.08 8.90 -18.61
CA GLU E 244 -29.41 8.83 -17.98
C GLU E 244 -30.07 7.50 -18.36
N ILE E 245 -30.80 6.90 -17.41
CA ILE E 245 -31.42 5.59 -17.64
C ILE E 245 -32.93 5.62 -17.30
N ARG E 246 -33.74 5.19 -18.27
CA ARG E 246 -35.17 5.00 -18.06
CA ARG E 246 -35.17 5.01 -18.06
C ARG E 246 -35.56 3.70 -18.71
N LEU E 247 -36.62 3.08 -18.21
CA LEU E 247 -37.14 1.87 -18.85
C LEU E 247 -37.71 2.17 -20.26
N MET E 248 -37.61 1.19 -21.16
CA MET E 248 -38.28 1.26 -22.48
C MET E 248 -39.76 1.16 -22.26
N CYS E 249 -40.48 2.12 -22.84
CA CYS E 249 -41.92 2.22 -22.70
C CYS E 249 -42.68 1.25 -23.61
N THR E 250 -42.05 0.78 -24.69
CA THR E 250 -42.79 -0.03 -25.68
C THR E 250 -43.48 -1.26 -25.06
N GLU E 251 -44.69 -1.56 -25.50
CA GLU E 251 -45.40 -2.75 -25.07
C GLU E 251 -44.74 -4.08 -25.48
N THR E 252 -43.82 -4.04 -26.44
CA THR E 252 -43.11 -5.20 -26.91
C THR E 252 -41.89 -5.42 -26.00
N TYR E 253 -42.15 -5.96 -24.83
CA TYR E 253 -41.15 -6.14 -23.79
C TYR E 253 -40.12 -7.11 -24.28
N LEU E 254 -38.83 -6.73 -24.21
CA LEU E 254 -37.75 -7.47 -24.86
C LEU E 254 -37.01 -8.48 -23.98
N ASP E 255 -37.31 -8.47 -22.68
CA ASP E 255 -36.64 -9.37 -21.73
C ASP E 255 -37.28 -10.76 -21.77
N THR E 256 -36.62 -11.73 -21.12
CA THR E 256 -37.15 -13.08 -20.98
C THR E 256 -36.69 -13.50 -19.59
N PRO E 257 -37.64 -13.80 -18.66
CA PRO E 257 -39.07 -13.92 -18.90
C PRO E 257 -39.73 -12.56 -19.02
N ARG E 258 -40.96 -12.58 -19.49
CA ARG E 258 -41.76 -11.41 -19.72
C ARG E 258 -43.23 -11.83 -19.74
N PRO E 259 -44.14 -10.92 -19.35
CA PRO E 259 -45.60 -11.17 -19.52
C PRO E 259 -46.05 -10.90 -20.97
N ASP E 260 -47.35 -11.07 -21.27
CA ASP E 260 -47.88 -10.67 -22.57
C ASP E 260 -47.59 -9.19 -22.88
N ASP E 261 -47.33 -8.90 -24.15
CA ASP E 261 -47.25 -7.51 -24.65
C ASP E 261 -48.42 -6.60 -24.17
N GLY E 262 -48.09 -5.45 -23.60
CA GLY E 262 -49.05 -4.41 -23.26
C GLY E 262 -49.73 -4.65 -21.90
N SER E 263 -49.45 -5.81 -21.30
CA SER E 263 -50.09 -6.23 -20.06
C SER E 263 -49.59 -5.47 -18.83
N ILE E 264 -48.46 -4.78 -18.95
CA ILE E 264 -47.97 -3.97 -17.82
C ILE E 264 -48.71 -2.65 -17.77
N THR E 265 -49.56 -2.48 -16.75
CA THR E 265 -50.49 -1.35 -16.69
C THR E 265 -49.75 -0.16 -16.12
N GLY E 266 -50.26 1.06 -16.29
CA GLY E 266 -49.58 2.25 -15.78
C GLY E 266 -48.69 2.91 -16.83
N PRO E 267 -48.08 4.06 -16.47
CA PRO E 267 -47.18 4.80 -17.39
C PRO E 267 -45.89 4.04 -17.74
N CYS E 268 -45.05 4.68 -18.57
CA CYS E 268 -43.79 4.09 -19.06
C CYS E 268 -42.88 3.58 -17.93
N GLU E 269 -42.95 4.20 -16.76
CA GLU E 269 -42.04 3.87 -15.66
C GLU E 269 -42.47 2.63 -14.84
N SER E 270 -43.62 2.05 -15.17
CA SER E 270 -44.17 0.95 -14.38
C SER E 270 -43.40 -0.33 -14.59
N ASN E 271 -43.06 -1.03 -13.50
CA ASN E 271 -42.34 -2.29 -13.59
C ASN E 271 -42.98 -3.41 -14.44
N GLY E 272 -44.16 -3.99 -14.16
CA GLY E 272 -44.72 -4.32 -12.90
C GLY E 272 -44.34 -5.79 -12.69
N ASP E 273 -44.87 -6.69 -13.53
CA ASP E 273 -44.83 -8.16 -13.24
C ASP E 273 -43.91 -9.06 -14.08
N LYS E 274 -43.64 -10.27 -13.57
CA LYS E 274 -42.68 -11.24 -14.19
C LYS E 274 -41.28 -10.71 -14.45
N GLY E 275 -40.84 -9.75 -13.63
CA GLY E 275 -39.54 -9.12 -13.85
C GLY E 275 -38.29 -9.80 -13.29
N SER E 276 -38.45 -10.78 -12.39
CA SER E 276 -37.28 -11.53 -11.88
C SER E 276 -36.71 -12.43 -12.97
N GLY E 277 -35.39 -12.51 -13.06
CA GLY E 277 -34.79 -13.19 -14.18
C GLY E 277 -34.69 -12.24 -15.34
N GLY E 278 -34.04 -12.68 -16.42
CA GLY E 278 -33.71 -11.78 -17.50
C GLY E 278 -32.83 -12.45 -18.53
N ILE E 279 -32.48 -11.69 -19.57
CA ILE E 279 -31.58 -12.18 -20.62
C ILE E 279 -30.93 -10.96 -21.28
N LYS E 280 -29.66 -11.10 -21.67
CA LYS E 280 -29.05 -10.07 -22.54
C LYS E 280 -29.75 -10.02 -23.92
N GLY E 281 -29.96 -8.82 -24.44
CA GLY E 281 -30.74 -8.69 -25.65
C GLY E 281 -29.98 -7.90 -26.70
N GLY E 282 -30.22 -8.24 -27.95
CA GLY E 282 -29.63 -7.54 -29.06
C GLY E 282 -30.21 -6.17 -29.32
N PHE E 283 -29.33 -5.25 -29.71
CA PHE E 283 -29.73 -3.88 -30.00
C PHE E 283 -28.67 -3.29 -30.89
N VAL E 284 -29.08 -2.70 -32.01
CA VAL E 284 -28.15 -2.05 -32.93
C VAL E 284 -28.79 -0.84 -33.65
N HIS E 285 -27.99 0.17 -33.99
CA HIS E 285 -28.50 1.33 -34.67
C HIS E 285 -28.29 1.27 -36.16
N GLN E 286 -29.31 1.73 -36.90
CA GLN E 286 -29.16 2.02 -38.32
C GLN E 286 -29.27 3.53 -38.45
N ARG E 287 -28.13 4.19 -38.64
CA ARG E 287 -28.08 5.67 -38.71
C ARG E 287 -28.25 6.21 -40.11
N MET E 288 -29.34 6.96 -40.35
CA MET E 288 -29.53 7.57 -41.66
C MET E 288 -29.46 9.07 -41.54
N ALA E 289 -29.33 9.77 -42.68
CA ALA E 289 -29.24 11.25 -42.66
C ALA E 289 -30.23 11.92 -41.70
N SER E 290 -31.54 11.82 -42.00
CA SER E 290 -32.61 12.47 -41.23
C SER E 290 -33.52 11.44 -40.55
N LYS E 291 -33.00 10.24 -40.34
CA LYS E 291 -33.77 9.19 -39.63
C LYS E 291 -32.89 8.29 -38.74
N ILE E 292 -33.45 7.77 -37.64
CA ILE E 292 -32.76 6.68 -36.93
C ILE E 292 -33.58 5.39 -36.79
N GLY E 293 -33.00 4.27 -37.20
CA GLY E 293 -33.58 2.94 -36.95
C GLY E 293 -33.00 2.29 -35.68
N ARG E 294 -33.89 1.84 -34.79
CA ARG E 294 -33.47 1.00 -33.69
C ARG E 294 -33.91 -0.44 -33.90
N TRP E 295 -32.93 -1.35 -34.01
CA TRP E 295 -33.22 -2.77 -34.24
C TRP E 295 -33.02 -3.52 -32.95
N TYR E 296 -33.90 -4.46 -32.66
CA TYR E 296 -33.86 -5.18 -31.38
C TYR E 296 -34.13 -6.63 -31.62
N SER E 297 -33.69 -7.49 -30.70
CA SER E 297 -34.11 -8.88 -30.72
C SER E 297 -34.65 -9.35 -29.35
N ARG E 298 -35.61 -10.27 -29.36
CA ARG E 298 -36.06 -10.97 -28.14
C ARG E 298 -36.48 -12.40 -28.47
N THR E 299 -36.50 -13.26 -27.45
CA THR E 299 -36.79 -14.69 -27.65
C THR E 299 -38.23 -14.85 -28.12
N MET E 300 -38.45 -15.92 -28.87
CA MET E 300 -39.75 -16.23 -29.43
C MET E 300 -40.64 -16.73 -28.28
N SER E 301 -40.06 -17.40 -27.29
CA SER E 301 -40.83 -17.79 -26.09
C SER E 301 -40.82 -16.71 -25.02
N LYS E 302 -41.94 -16.53 -24.36
CA LYS E 302 -42.06 -15.51 -23.34
C LYS E 302 -41.32 -15.88 -22.04
N THR E 303 -41.15 -17.18 -21.81
CA THR E 303 -40.61 -17.73 -20.56
C THR E 303 -39.30 -18.49 -20.72
N LYS E 304 -39.11 -19.15 -21.86
CA LYS E 304 -37.88 -19.90 -22.07
C LYS E 304 -36.93 -19.22 -23.11
N ARG E 305 -35.69 -19.69 -23.13
CA ARG E 305 -34.64 -19.14 -24.00
C ARG E 305 -34.64 -19.85 -25.33
N MET E 306 -35.80 -19.82 -25.98
CA MET E 306 -36.09 -20.54 -27.19
C MET E 306 -36.55 -19.54 -28.27
N GLY E 307 -35.95 -19.65 -29.46
CA GLY E 307 -36.31 -18.75 -30.56
C GLY E 307 -35.65 -17.39 -30.46
N MET E 308 -35.81 -16.60 -31.52
CA MET E 308 -35.34 -15.23 -31.52
C MET E 308 -36.00 -14.45 -32.64
N GLY E 309 -36.63 -13.35 -32.27
CA GLY E 309 -37.30 -12.50 -33.23
C GLY E 309 -36.56 -11.20 -33.43
N LEU E 310 -36.77 -10.56 -34.60
CA LEU E 310 -36.17 -9.26 -34.89
C LEU E 310 -37.25 -8.24 -34.93
N TYR E 311 -36.98 -7.12 -34.29
CA TYR E 311 -37.98 -6.08 -34.16
C TYR E 311 -37.31 -4.79 -34.56
N VAL E 312 -38.09 -3.85 -35.09
CA VAL E 312 -37.51 -2.55 -35.47
C VAL E 312 -38.46 -1.40 -35.16
N LYS E 313 -37.92 -0.22 -34.84
CA LYS E 313 -38.74 1.01 -34.86
C LYS E 313 -37.92 2.20 -35.28
N TYR E 314 -38.48 3.09 -36.07
CA TYR E 314 -37.73 4.25 -36.49
C TYR E 314 -38.09 5.52 -35.72
N ASP E 315 -37.07 6.30 -35.35
CA ASP E 315 -37.23 7.59 -34.65
C ASP E 315 -38.03 7.41 -33.38
N GLY E 316 -38.62 8.50 -32.89
CA GLY E 316 -39.36 8.52 -31.63
C GLY E 316 -38.40 8.48 -30.43
N ASP E 317 -38.96 8.30 -29.24
CA ASP E 317 -38.20 8.24 -28.00
C ASP E 317 -38.53 6.93 -27.28
N PRO E 318 -37.54 6.03 -27.13
CA PRO E 318 -37.81 4.73 -26.52
C PRO E 318 -38.31 4.82 -25.08
N TRP E 319 -38.04 5.95 -24.43
CA TRP E 319 -38.43 6.18 -23.05
C TRP E 319 -39.93 6.46 -22.93
N THR E 320 -40.52 7.11 -23.93
CA THR E 320 -41.91 7.57 -23.88
C THR E 320 -42.82 6.90 -24.95
N ASP E 321 -42.23 6.24 -25.94
CA ASP E 321 -43.05 5.57 -27.00
C ASP E 321 -43.59 4.23 -26.51
N SER E 322 -44.90 4.14 -26.32
CA SER E 322 -45.55 2.90 -25.86
C SER E 322 -45.97 2.00 -27.01
N ASP E 323 -45.92 2.53 -28.22
CA ASP E 323 -46.26 1.78 -29.43
C ASP E 323 -45.43 0.50 -29.54
N ALA E 324 -46.06 -0.52 -30.13
CA ALA E 324 -45.43 -1.79 -30.37
C ALA E 324 -44.28 -1.64 -31.33
N LEU E 325 -43.24 -2.46 -31.12
CA LEU E 325 -42.14 -2.59 -32.07
C LEU E 325 -42.61 -3.46 -33.20
N ALA E 326 -42.18 -3.17 -34.42
CA ALA E 326 -42.66 -3.94 -35.55
C ALA E 326 -41.83 -5.20 -35.69
N LEU E 327 -42.51 -6.33 -35.82
CA LEU E 327 -41.86 -7.59 -36.02
C LEU E 327 -41.34 -7.66 -37.44
N SER E 328 -40.02 -7.80 -37.56
CA SER E 328 -39.37 -7.74 -38.85
C SER E 328 -39.21 -9.18 -39.38
N GLY E 329 -38.81 -10.12 -38.51
CA GLY E 329 -38.81 -11.54 -38.85
C GLY E 329 -38.26 -12.47 -37.78
N VAL E 330 -38.37 -13.77 -38.01
CA VAL E 330 -37.96 -14.78 -37.07
C VAL E 330 -36.54 -15.27 -37.45
N MET E 331 -35.54 -14.90 -36.65
CA MET E 331 -34.13 -15.27 -36.87
C MET E 331 -33.86 -16.70 -36.43
N VAL E 332 -34.48 -17.06 -35.31
CA VAL E 332 -34.40 -18.42 -34.75
C VAL E 332 -35.82 -18.90 -34.36
N SER E 333 -36.22 -20.07 -34.84
CA SER E 333 -37.58 -20.57 -34.54
C SER E 333 -37.68 -21.04 -33.11
N MET E 334 -38.93 -21.24 -32.69
CA MET E 334 -39.25 -21.64 -31.33
C MET E 334 -38.66 -23.00 -30.94
N GLU E 335 -38.26 -23.79 -31.91
CA GLU E 335 -37.73 -25.14 -31.67
C GLU E 335 -36.24 -25.10 -31.40
N GLU E 336 -35.63 -23.93 -31.63
CA GLU E 336 -34.21 -23.80 -31.58
C GLU E 336 -33.88 -22.86 -30.46
N PRO E 337 -32.68 -23.05 -29.85
CA PRO E 337 -32.31 -22.25 -28.69
C PRO E 337 -31.95 -20.83 -29.08
N GLY E 338 -32.39 -19.89 -28.26
CA GLY E 338 -32.08 -18.50 -28.45
C GLY E 338 -31.75 -17.89 -27.11
N TRP E 339 -30.45 -17.77 -26.85
CA TRP E 339 -30.01 -17.28 -25.56
C TRP E 339 -29.61 -15.82 -25.76
N TYR E 340 -28.41 -15.42 -25.35
CA TYR E 340 -28.03 -14.01 -25.42
C TYR E 340 -28.00 -13.49 -26.83
N SER E 341 -28.28 -12.21 -26.98
CA SER E 341 -28.09 -11.60 -28.29
C SER E 341 -27.41 -10.25 -28.17
N PHE E 342 -26.70 -9.83 -29.21
CA PHE E 342 -25.89 -8.63 -29.13
C PHE E 342 -25.87 -7.90 -30.47
N GLY E 343 -25.52 -6.63 -30.42
CA GLY E 343 -25.36 -5.87 -31.65
C GLY E 343 -23.90 -5.53 -31.94
N PHE E 344 -23.58 -5.43 -33.22
CA PHE E 344 -22.29 -4.98 -33.68
C PHE E 344 -22.37 -4.39 -35.07
N GLU E 345 -21.35 -3.62 -35.43
CA GLU E 345 -21.29 -2.98 -36.75
C GLU E 345 -20.06 -3.41 -37.54
N ILE E 346 -20.28 -3.87 -38.78
CA ILE E 346 -19.14 -4.16 -39.67
C ILE E 346 -18.80 -2.91 -40.48
N LYS E 347 -17.51 -2.57 -40.57
CA LYS E 347 -17.04 -1.38 -41.31
CA LYS E 347 -17.04 -1.37 -41.28
C LYS E 347 -16.82 -1.63 -42.77
N ASP E 348 -17.71 -1.08 -43.60
CA ASP E 348 -17.56 -1.11 -45.03
C ASP E 348 -16.68 0.10 -45.36
N LYS E 349 -16.36 0.28 -46.64
CA LYS E 349 -15.39 1.29 -47.03
C LYS E 349 -15.79 2.70 -46.62
N LYS E 350 -17.06 3.03 -46.80
CA LYS E 350 -17.53 4.39 -46.52
C LYS E 350 -18.69 4.44 -45.52
N CYS E 351 -19.13 3.28 -45.03
CA CYS E 351 -20.34 3.20 -44.21
C CYS E 351 -20.31 1.98 -43.32
N ASP E 352 -21.17 1.97 -42.29
CA ASP E 352 -21.23 0.89 -41.29
C ASP E 352 -22.41 -0.04 -41.54
N VAL E 353 -22.20 -1.33 -41.30
CA VAL E 353 -23.29 -2.31 -41.46
C VAL E 353 -23.78 -2.79 -40.09
N PRO E 354 -25.03 -2.45 -39.73
CA PRO E 354 -25.55 -2.91 -38.45
C PRO E 354 -25.88 -4.40 -38.46
N CYS E 355 -25.46 -5.12 -37.43
CA CYS E 355 -25.69 -6.56 -37.34
C CYS E 355 -26.20 -6.95 -35.98
N ILE E 356 -26.96 -8.06 -35.93
CA ILE E 356 -27.36 -8.69 -34.67
C ILE E 356 -26.82 -10.11 -34.61
N GLY E 357 -26.13 -10.44 -33.52
CA GLY E 357 -25.66 -11.80 -33.34
C GLY E 357 -26.42 -12.52 -32.22
N ILE E 358 -26.64 -13.81 -32.41
CA ILE E 358 -27.43 -14.55 -31.47
C ILE E 358 -26.66 -15.72 -30.92
N GLU E 359 -26.57 -15.83 -29.60
CA GLU E 359 -25.93 -16.95 -28.95
C GLU E 359 -26.92 -18.08 -28.93
N MET E 360 -26.58 -19.21 -29.58
CA MET E 360 -27.46 -20.39 -29.58
C MET E 360 -26.88 -21.49 -28.73
N VAL E 361 -27.33 -21.56 -27.47
CA VAL E 361 -26.73 -22.44 -26.47
C VAL E 361 -27.22 -23.87 -26.64
N HIS E 362 -26.26 -24.81 -26.62
CA HIS E 362 -26.54 -26.24 -26.61
C HIS E 362 -26.61 -26.60 -25.15
N ASP E 363 -27.84 -26.68 -24.63
CA ASP E 363 -28.11 -27.01 -23.22
C ASP E 363 -28.71 -28.38 -23.08
N GLY E 364 -27.99 -29.29 -22.42
CA GLY E 364 -28.56 -30.60 -22.05
C GLY E 364 -28.41 -30.89 -20.55
N GLY E 365 -28.34 -29.82 -19.74
CA GLY E 365 -28.15 -29.96 -18.27
C GLY E 365 -26.68 -29.96 -17.83
N LYS E 366 -26.44 -30.11 -16.52
CA LYS E 366 -25.08 -30.06 -15.95
C LYS E 366 -24.31 -31.39 -16.07
N GLU E 367 -25.00 -32.42 -16.59
CA GLU E 367 -24.47 -33.78 -16.70
C GLU E 367 -23.74 -34.01 -18.01
N THR E 368 -23.63 -32.94 -18.80
CA THR E 368 -22.91 -32.94 -20.08
C THR E 368 -22.34 -31.54 -20.37
N TRP E 369 -21.67 -31.39 -21.51
CA TRP E 369 -21.05 -30.13 -21.94
C TRP E 369 -22.08 -29.03 -22.22
N HIS E 370 -21.69 -27.78 -21.97
CA HIS E 370 -22.57 -26.64 -22.13
C HIS E 370 -21.88 -25.54 -22.95
N SER E 371 -22.32 -25.35 -24.20
CA SER E 371 -21.65 -24.42 -25.09
C SER E 371 -22.63 -23.73 -26.02
N ALA E 372 -22.12 -23.00 -27.03
CA ALA E 372 -22.99 -22.21 -27.89
C ALA E 372 -22.47 -22.05 -29.27
N ALA E 373 -23.42 -21.95 -30.20
CA ALA E 373 -23.20 -21.49 -31.54
C ALA E 373 -23.50 -20.01 -31.59
N THR E 374 -23.04 -19.36 -32.65
CA THR E 374 -23.32 -17.95 -32.87
C THR E 374 -23.89 -17.74 -34.27
N ALA E 375 -25.11 -17.19 -34.33
CA ALA E 375 -25.80 -16.84 -35.60
C ALA E 375 -25.67 -15.35 -35.82
N ILE E 376 -25.36 -14.98 -37.06
CA ILE E 376 -25.22 -13.55 -37.45
C ILE E 376 -26.29 -13.11 -38.49
N TYR E 377 -27.00 -12.03 -38.18
CA TYR E 377 -27.94 -11.38 -39.08
C TYR E 377 -27.51 -9.92 -39.29
N CYS E 378 -27.42 -9.49 -40.54
CA CYS E 378 -26.98 -8.14 -40.87
C CYS E 378 -27.97 -7.44 -41.80
N LEU E 379 -27.97 -6.11 -41.72
CA LEU E 379 -28.72 -5.30 -42.66
C LEU E 379 -28.09 -5.43 -44.03
N MET E 380 -28.88 -5.89 -45.00
CA MET E 380 -28.45 -6.05 -46.36
C MET E 380 -29.65 -6.07 -47.30
N GLY E 381 -29.68 -5.08 -48.20
CA GLY E 381 -30.69 -5.03 -49.22
C GLY E 381 -32.08 -4.62 -48.76
N SER E 382 -33.04 -4.82 -49.65
CA SER E 382 -34.44 -4.46 -49.44
CA SER E 382 -34.43 -4.47 -49.40
C SER E 382 -35.30 -5.73 -49.26
N GLY E 383 -36.59 -5.53 -48.93
CA GLY E 383 -37.54 -6.66 -48.76
C GLY E 383 -37.74 -7.07 -47.31
N GLN E 384 -37.89 -8.37 -47.05
CA GLN E 384 -38.10 -8.86 -45.68
CA GLN E 384 -38.11 -8.87 -45.68
C GLN E 384 -37.17 -10.01 -45.35
N LEU E 385 -36.95 -10.21 -44.05
CA LEU E 385 -36.16 -11.28 -43.54
C LEU E 385 -36.64 -12.64 -44.02
N LEU E 386 -35.74 -13.42 -44.65
CA LEU E 386 -36.18 -14.61 -45.36
C LEU E 386 -36.05 -15.93 -44.65
N TRP E 387 -34.96 -16.14 -43.90
CA TRP E 387 -34.66 -17.48 -43.41
C TRP E 387 -34.17 -17.55 -41.98
N ASP E 388 -34.58 -18.59 -41.25
CA ASP E 388 -34.11 -18.76 -39.88
C ASP E 388 -32.76 -19.51 -39.81
N THR E 389 -32.16 -19.58 -38.62
CA THR E 389 -30.94 -20.34 -38.34
C THR E 389 -31.14 -21.51 -37.39
N VAL E 390 -30.62 -22.68 -37.74
CA VAL E 390 -30.51 -23.84 -36.87
C VAL E 390 -29.00 -24.16 -36.58
N THR E 391 -28.69 -24.70 -35.40
CA THR E 391 -27.28 -25.07 -35.11
C THR E 391 -26.86 -26.37 -35.83
N GLY E 392 -27.81 -27.28 -36.04
CA GLY E 392 -27.56 -28.56 -36.71
C GLY E 392 -26.91 -29.53 -35.77
N VAL E 393 -26.82 -29.19 -34.48
CA VAL E 393 -26.00 -29.98 -33.53
C VAL E 393 -26.85 -31.01 -32.77
N ASP E 394 -26.45 -32.28 -32.82
CA ASP E 394 -27.04 -33.31 -31.99
C ASP E 394 -26.10 -33.49 -30.79
N MET E 395 -26.57 -33.16 -29.59
CA MET E 395 -25.72 -33.24 -28.35
C MET E 395 -25.37 -34.63 -27.86
N ALA E 396 -26.02 -35.64 -28.42
CA ALA E 396 -25.74 -37.04 -28.10
C ALA E 396 -24.46 -37.56 -28.75
N LEU E 397 -23.96 -36.83 -29.77
CA LEU E 397 -22.82 -37.31 -30.57
C LEU E 397 -21.47 -36.90 -30.00
N PRO F 9 13.05 0.09 -38.26
CA PRO F 9 13.09 -0.25 -36.83
C PRO F 9 14.45 0.03 -36.22
N GLU F 10 14.42 0.41 -34.94
CA GLU F 10 15.64 0.78 -34.23
CA GLU F 10 15.61 0.82 -34.20
C GLU F 10 15.82 -0.06 -32.96
N TRP F 11 17.04 -0.08 -32.43
CA TRP F 11 17.33 -0.76 -31.16
C TRP F 11 16.38 -0.35 -30.02
N THR F 12 16.03 -1.31 -29.16
CA THR F 12 15.19 -1.05 -27.99
CA THR F 12 15.20 -1.01 -28.01
C THR F 12 16.03 -0.82 -26.70
N TYR F 13 15.48 -0.04 -25.78
CA TYR F 13 16.06 0.27 -24.48
C TYR F 13 14.96 0.08 -23.46
N PRO F 14 15.31 -0.18 -22.19
CA PRO F 14 14.35 -0.16 -21.09
C PRO F 14 13.76 1.23 -20.89
N ARG F 15 12.45 1.30 -20.66
CA ARG F 15 11.81 2.61 -20.41
C ARG F 15 11.19 2.62 -19.03
N LEU F 16 10.72 3.78 -18.60
CA LEU F 16 9.97 3.85 -17.35
C LEU F 16 8.79 2.86 -17.40
N SER F 17 8.53 2.20 -16.28
CA SER F 17 7.45 1.23 -16.18
C SER F 17 6.11 1.95 -16.19
N CYS F 18 5.07 1.26 -16.69
CA CYS F 18 3.70 1.80 -16.73
C CYS F 18 3.22 1.99 -15.31
N PRO F 19 2.27 2.91 -15.11
CA PRO F 19 1.81 3.12 -13.74
C PRO F 19 1.15 1.84 -13.20
N GLY F 20 1.15 1.70 -11.87
CA GLY F 20 0.50 0.59 -11.18
C GLY F 20 1.27 0.34 -9.90
N SER F 21 0.67 -0.40 -8.98
CA SER F 21 1.24 -0.57 -7.64
C SER F 21 0.85 -1.96 -7.12
N THR F 22 0.23 -2.74 -8.00
CA THR F 22 -0.03 -4.15 -7.67
C THR F 22 0.02 -5.06 -8.91
N PHE F 23 0.32 -6.34 -8.70
CA PHE F 23 0.18 -7.31 -9.77
C PHE F 23 -1.21 -7.95 -9.71
N GLN F 24 -1.71 -8.37 -10.86
CA GLN F 24 -2.96 -9.13 -10.89
C GLN F 24 -2.79 -10.35 -11.78
N LYS F 25 -3.66 -11.34 -11.60
CA LYS F 25 -3.71 -12.51 -12.48
C LYS F 25 -4.09 -12.08 -13.91
N ALA F 26 -3.23 -12.40 -14.86
CA ALA F 26 -3.38 -11.91 -16.22
C ALA F 26 -3.88 -12.96 -17.20
N LEU F 27 -3.21 -14.12 -17.21
CA LEU F 27 -3.38 -15.12 -18.25
C LEU F 27 -2.84 -16.47 -17.77
N LEU F 28 -3.58 -17.52 -18.04
CA LEU F 28 -3.14 -18.89 -17.88
C LEU F 28 -2.95 -19.52 -19.27
N ILE F 29 -1.80 -20.15 -19.47
CA ILE F 29 -1.63 -21.03 -20.62
C ILE F 29 -1.56 -22.42 -20.04
N SER F 30 -2.65 -23.19 -20.20
CA SER F 30 -2.73 -24.55 -19.67
C SER F 30 -3.03 -25.51 -20.81
N PRO F 31 -2.00 -25.88 -21.60
CA PRO F 31 -2.20 -26.66 -22.83
C PRO F 31 -2.79 -28.03 -22.57
N HIS F 32 -2.47 -28.61 -21.40
CA HIS F 32 -2.90 -29.96 -21.01
C HIS F 32 -4.35 -30.07 -20.55
N ARG F 33 -5.07 -28.94 -20.57
CA ARG F 33 -6.53 -28.97 -20.46
C ARG F 33 -7.14 -29.64 -21.66
N PHE F 34 -6.32 -29.80 -22.70
CA PHE F 34 -6.74 -30.39 -23.97
C PHE F 34 -6.03 -31.67 -24.35
N GLY F 35 -5.24 -32.23 -23.44
CA GLY F 35 -4.55 -33.51 -23.72
C GLY F 35 -5.20 -34.81 -23.26
N GLU F 36 -6.53 -34.81 -23.06
CA GLU F 36 -7.24 -36.03 -22.68
C GLU F 36 -7.22 -37.06 -23.80
N THR F 37 -7.27 -38.33 -23.44
CA THR F 37 -7.44 -39.42 -24.40
C THR F 37 -8.75 -39.21 -25.16
N LYS F 38 -9.75 -38.71 -24.43
CA LYS F 38 -11.09 -38.52 -25.00
C LYS F 38 -11.11 -37.33 -25.97
N GLY F 39 -10.04 -36.53 -25.96
CA GLY F 39 -9.95 -35.31 -26.75
C GLY F 39 -9.33 -35.51 -28.13
N ASN F 40 -9.05 -34.40 -28.82
CA ASN F 40 -8.50 -34.44 -30.19
C ASN F 40 -7.44 -33.35 -30.37
N SER F 41 -6.70 -33.04 -29.31
CA SER F 41 -5.64 -32.03 -29.38
C SER F 41 -4.28 -32.65 -29.13
N ALA F 42 -3.24 -31.86 -29.41
CA ALA F 42 -1.89 -32.32 -29.26
C ALA F 42 -1.02 -31.32 -28.53
N PRO F 43 -1.34 -31.05 -27.27
CA PRO F 43 -0.42 -30.19 -26.51
C PRO F 43 0.97 -30.78 -26.37
N LEU F 44 1.97 -29.93 -26.54
CA LEU F 44 3.35 -30.44 -26.48
C LEU F 44 3.74 -30.65 -25.03
N ILE F 45 4.51 -31.73 -24.77
CA ILE F 45 5.10 -31.93 -23.47
C ILE F 45 6.31 -31.02 -23.30
N ILE F 46 6.21 -30.11 -22.35
CA ILE F 46 7.28 -29.12 -22.19
C ILE F 46 7.74 -28.95 -20.74
N ARG F 47 8.73 -28.08 -20.56
CA ARG F 47 9.10 -27.60 -19.22
C ARG F 47 10.01 -26.37 -19.43
N GLU F 48 10.37 -25.73 -18.31
CA GLU F 48 11.17 -24.50 -18.30
C GLU F 48 10.59 -23.51 -19.32
N PRO F 49 9.31 -23.14 -19.16
CA PRO F 49 8.80 -22.13 -20.06
C PRO F 49 9.28 -20.76 -19.63
N PHE F 50 9.26 -19.82 -20.56
CA PHE F 50 9.54 -18.44 -20.27
C PHE F 50 8.95 -17.61 -21.36
N ILE F 51 8.90 -16.31 -21.14
CA ILE F 51 8.28 -15.39 -22.11
C ILE F 51 9.24 -14.23 -22.37
N ALA F 52 9.32 -13.81 -23.62
CA ALA F 52 10.13 -12.66 -24.03
C ALA F 52 9.31 -11.86 -25.05
N CYS F 53 9.42 -10.53 -25.02
CA CYS F 53 8.51 -9.67 -25.73
C CYS F 53 9.29 -8.67 -26.53
N GLY F 54 8.80 -8.40 -27.73
CA GLY F 54 9.39 -7.40 -28.60
C GLY F 54 8.45 -6.23 -28.62
N PRO F 55 8.72 -5.25 -29.51
CA PRO F 55 7.87 -4.05 -29.61
C PRO F 55 6.45 -4.34 -30.07
N LYS F 56 6.19 -5.52 -30.62
CA LYS F 56 4.83 -5.80 -31.10
C LYS F 56 4.19 -7.12 -30.65
N GLU F 57 4.97 -8.03 -30.09
CA GLU F 57 4.52 -9.39 -29.92
C GLU F 57 5.30 -9.96 -28.77
N CYS F 58 4.64 -10.83 -27.99
CA CYS F 58 5.31 -11.60 -26.94
C CYS F 58 5.31 -13.03 -27.40
N LYS F 59 6.44 -13.71 -27.20
CA LYS F 59 6.53 -15.12 -27.51
C LYS F 59 6.64 -15.95 -26.26
N HIS F 60 5.87 -17.03 -26.23
CA HIS F 60 5.91 -17.97 -25.14
C HIS F 60 6.89 -19.06 -25.56
N PHE F 61 8.01 -19.15 -24.84
CA PHE F 61 9.01 -20.20 -25.14
C PHE F 61 8.91 -21.35 -24.17
N ALA F 62 9.36 -22.51 -24.62
CA ALA F 62 9.50 -23.69 -23.79
C ALA F 62 10.48 -24.68 -24.39
N LEU F 63 10.96 -25.59 -23.55
CA LEU F 63 11.77 -26.68 -23.98
C LEU F 63 10.86 -27.89 -24.04
N THR F 64 10.75 -28.49 -25.21
CA THR F 64 9.90 -29.66 -25.35
C THR F 64 10.67 -30.97 -25.50
N HIS F 65 10.03 -32.10 -25.15
CA HIS F 65 10.63 -33.42 -25.29
C HIS F 65 10.29 -34.04 -26.63
N TYR F 66 9.70 -33.20 -27.49
CA TYR F 66 9.37 -33.57 -28.85
C TYR F 66 8.30 -34.68 -28.78
N ALA F 67 7.36 -34.47 -27.88
CA ALA F 67 6.29 -35.44 -27.62
C ALA F 67 5.01 -34.70 -27.26
N ALA F 68 3.85 -35.29 -27.55
CA ALA F 68 2.60 -34.66 -27.21
C ALA F 68 1.78 -35.55 -26.30
N GLN F 69 0.81 -34.92 -25.62
CA GLN F 69 -0.21 -35.60 -24.83
C GLN F 69 -1.57 -35.48 -25.52
N PRO F 70 -2.31 -36.61 -25.71
CA PRO F 70 -1.85 -38.00 -25.50
C PRO F 70 -0.86 -38.48 -26.59
N GLY F 71 -0.01 -39.43 -26.22
CA GLY F 71 1.03 -39.92 -27.13
C GLY F 71 1.69 -41.12 -26.46
N GLY F 72 2.74 -41.64 -27.08
CA GLY F 72 3.38 -42.84 -26.61
C GLY F 72 4.80 -42.66 -26.13
N TYR F 73 5.21 -41.42 -25.96
CA TYR F 73 6.61 -41.13 -25.67
C TYR F 73 6.72 -40.43 -24.34
N TYR F 74 5.91 -40.84 -23.36
CA TYR F 74 6.05 -40.30 -22.00
C TYR F 74 7.36 -40.68 -21.29
N ASN F 75 7.86 -41.89 -21.51
CA ASN F 75 9.11 -42.31 -20.85
C ASN F 75 10.25 -41.37 -21.22
N GLY F 76 10.89 -40.80 -20.18
CA GLY F 76 12.01 -39.87 -20.35
C GLY F 76 11.63 -38.39 -20.27
N THR F 77 10.38 -38.08 -20.03
CA THR F 77 9.94 -36.66 -20.03
C THR F 77 10.19 -36.01 -18.66
N ARG F 78 10.56 -36.80 -17.67
CA ARG F 78 10.93 -36.26 -16.37
C ARG F 78 12.36 -35.73 -16.37
N GLY F 79 13.22 -36.32 -17.20
CA GLY F 79 14.62 -35.86 -17.36
C GLY F 79 14.71 -34.53 -18.09
N ASP F 80 15.85 -33.87 -18.02
CA ASP F 80 15.99 -32.60 -18.79
C ASP F 80 16.76 -32.72 -20.12
N ARG F 81 17.84 -33.49 -20.09
CA ARG F 81 18.79 -33.55 -21.18
C ARG F 81 18.56 -34.82 -21.98
N ASN F 82 18.40 -34.66 -23.29
CA ASN F 82 18.43 -35.78 -24.23
C ASN F 82 18.66 -35.21 -25.63
N LYS F 83 18.80 -36.11 -26.59
CA LYS F 83 19.04 -35.68 -27.96
C LYS F 83 17.78 -35.15 -28.69
N LEU F 84 16.61 -35.27 -28.07
CA LEU F 84 15.35 -34.90 -28.75
C LEU F 84 14.82 -33.53 -28.33
N ARG F 85 15.32 -33.03 -27.20
CA ARG F 85 14.87 -31.79 -26.54
C ARG F 85 15.07 -30.61 -27.50
N HIS F 86 14.07 -29.72 -27.56
CA HIS F 86 14.12 -28.58 -28.49
C HIS F 86 13.56 -27.29 -27.83
N LEU F 87 14.14 -26.14 -28.13
CA LEU F 87 13.45 -24.88 -27.85
C LEU F 87 12.33 -24.58 -28.88
N ILE F 88 11.14 -24.32 -28.37
CA ILE F 88 9.95 -23.98 -29.17
C ILE F 88 9.33 -22.65 -28.71
N SER F 89 8.50 -22.08 -29.58
CA SER F 89 7.69 -20.94 -29.15
C SER F 89 6.36 -20.91 -29.87
N VAL F 90 5.41 -20.23 -29.23
CA VAL F 90 4.23 -19.71 -29.88
C VAL F 90 4.10 -18.27 -29.45
N LYS F 91 3.31 -17.52 -30.20
CA LYS F 91 2.85 -16.23 -29.79
C LYS F 91 2.10 -16.36 -28.46
N LEU F 92 2.41 -15.52 -27.50
CA LEU F 92 1.68 -15.56 -26.23
C LEU F 92 0.16 -15.39 -26.42
N GLY F 93 -0.58 -16.40 -25.95
CA GLY F 93 -1.99 -16.45 -26.14
C GLY F 93 -2.39 -17.71 -26.88
N LYS F 94 -1.48 -18.23 -27.72
CA LYS F 94 -1.76 -19.44 -28.48
C LYS F 94 -1.41 -20.61 -27.62
N ILE F 95 -2.10 -21.73 -27.85
CA ILE F 95 -1.77 -22.94 -27.09
C ILE F 95 -0.63 -23.65 -27.81
N PRO F 96 0.48 -23.96 -27.10
CA PRO F 96 1.64 -24.64 -27.73
C PRO F 96 1.37 -26.10 -28.05
N THR F 97 0.74 -26.33 -29.19
CA THR F 97 0.45 -27.66 -29.67
C THR F 97 1.51 -28.01 -30.71
N VAL F 98 1.43 -29.23 -31.27
CA VAL F 98 2.30 -29.69 -32.34
C VAL F 98 2.31 -28.73 -33.50
N GLU F 99 1.12 -28.39 -33.99
CA GLU F 99 0.96 -27.51 -35.12
C GLU F 99 1.19 -26.01 -34.85
N ASN F 100 0.69 -25.51 -33.72
CA ASN F 100 0.84 -24.09 -33.37
C ASN F 100 2.29 -23.67 -33.09
N SER F 101 3.07 -24.54 -32.45
CA SER F 101 4.50 -24.27 -32.15
C SER F 101 5.40 -24.19 -33.39
N ILE F 102 6.46 -23.42 -33.23
CA ILE F 102 7.54 -23.44 -34.15
C ILE F 102 8.78 -23.96 -33.38
N PHE F 103 9.58 -24.81 -34.02
CA PHE F 103 10.81 -25.40 -33.43
C PHE F 103 12.01 -24.62 -33.92
N HIS F 104 12.71 -23.97 -32.99
CA HIS F 104 13.86 -23.09 -33.31
C HIS F 104 15.19 -23.84 -33.41
N MET F 105 15.45 -24.70 -32.44
CA MET F 105 16.71 -25.42 -32.40
C MET F 105 16.70 -26.49 -31.35
N ALA F 106 17.58 -27.48 -31.50
CA ALA F 106 17.85 -28.48 -30.46
C ALA F 106 18.40 -27.78 -29.25
N ALA F 107 17.89 -28.11 -28.07
CA ALA F 107 18.29 -27.43 -26.82
C ALA F 107 17.66 -28.09 -25.63
N TRP F 108 18.48 -28.39 -24.61
CA TRP F 108 17.96 -28.75 -23.31
C TRP F 108 18.17 -27.67 -22.24
N SER F 109 18.68 -26.52 -22.68
CA SER F 109 18.67 -25.31 -21.84
C SER F 109 18.49 -24.10 -22.74
N GLY F 110 17.67 -23.13 -22.32
CA GLY F 110 17.29 -22.12 -23.29
C GLY F 110 17.23 -20.69 -22.87
N SER F 111 17.22 -19.79 -23.86
CA SER F 111 16.91 -18.39 -23.60
C SER F 111 16.56 -17.67 -24.90
N ALA F 112 15.99 -16.46 -24.83
CA ALA F 112 15.72 -15.66 -26.03
C ALA F 112 15.37 -14.24 -25.69
N CYS F 113 15.55 -13.36 -26.67
CA CYS F 113 15.26 -11.94 -26.48
C CYS F 113 15.20 -11.21 -27.79
N HIS F 114 14.50 -10.07 -27.75
CA HIS F 114 14.35 -9.19 -28.90
C HIS F 114 15.09 -7.89 -28.70
N ASP F 115 15.84 -7.47 -29.72
CA ASP F 115 16.73 -6.30 -29.62
C ASP F 115 16.17 -5.04 -30.27
N GLY F 116 14.98 -5.13 -30.84
CA GLY F 116 14.36 -3.96 -31.43
C GLY F 116 14.21 -4.22 -32.90
N LYS F 117 15.14 -5.00 -33.44
CA LYS F 117 15.15 -5.32 -34.85
C LYS F 117 14.83 -6.78 -35.09
N GLU F 118 15.28 -7.67 -34.19
CA GLU F 118 15.25 -9.11 -34.44
C GLU F 118 15.32 -9.94 -33.17
N TRP F 119 14.78 -11.15 -33.26
CA TRP F 119 14.92 -12.18 -32.23
C TRP F 119 16.30 -12.91 -32.16
N THR F 120 16.83 -13.01 -30.96
CA THR F 120 18.00 -13.83 -30.67
C THR F 120 17.52 -15.05 -29.87
N TYR F 121 17.72 -16.24 -30.42
CA TYR F 121 17.35 -17.48 -29.75
C TYR F 121 18.56 -18.24 -29.23
N ILE F 122 18.50 -18.71 -28.00
CA ILE F 122 19.68 -19.34 -27.37
C ILE F 122 19.34 -20.75 -26.94
N GLY F 123 20.13 -21.72 -27.43
CA GLY F 123 19.90 -23.15 -27.13
C GLY F 123 21.15 -23.93 -26.79
N VAL F 124 21.20 -24.54 -25.60
CA VAL F 124 22.32 -25.38 -25.25
C VAL F 124 21.96 -26.85 -25.40
N ASP F 125 22.70 -27.57 -26.24
CA ASP F 125 22.61 -29.01 -26.25
C ASP F 125 24.01 -29.64 -26.10
N GLY F 126 24.08 -30.96 -26.25
CA GLY F 126 25.36 -31.64 -26.31
C GLY F 126 25.59 -32.51 -25.09
N PRO F 127 26.76 -33.19 -25.02
CA PRO F 127 27.03 -34.13 -23.93
C PRO F 127 27.27 -33.38 -22.66
N GLU F 128 27.05 -34.03 -21.52
CA GLU F 128 27.24 -33.41 -20.18
C GLU F 128 28.61 -32.74 -20.00
N ASN F 129 29.63 -33.42 -20.47
CA ASN F 129 31.00 -33.00 -20.19
C ASN F 129 31.57 -31.97 -21.18
N ASN F 130 30.75 -31.55 -22.14
CA ASN F 130 31.21 -30.66 -23.21
C ASN F 130 30.02 -30.20 -24.04
N ALA F 131 29.01 -29.72 -23.32
CA ALA F 131 27.84 -29.08 -23.92
C ALA F 131 28.18 -27.82 -24.74
N LEU F 132 27.17 -27.37 -25.49
CA LEU F 132 27.37 -26.29 -26.48
C LEU F 132 26.21 -25.34 -26.54
N LEU F 133 26.51 -24.07 -26.31
CA LEU F 133 25.49 -23.05 -26.40
C LEU F 133 25.49 -22.51 -27.81
N LYS F 134 24.32 -22.52 -28.43
CA LYS F 134 24.18 -22.09 -29.81
C LYS F 134 23.29 -20.88 -29.93
N ILE F 135 23.73 -19.91 -30.71
CA ILE F 135 22.95 -18.70 -30.97
C ILE F 135 22.36 -18.61 -32.36
N LYS F 136 21.10 -18.19 -32.41
CA LYS F 136 20.37 -18.06 -33.67
C LYS F 136 19.82 -16.66 -33.74
N TYR F 137 20.07 -16.00 -34.87
CA TYR F 137 19.62 -14.64 -35.08
C TYR F 137 18.60 -14.68 -36.21
N GLY F 138 17.33 -14.51 -35.86
CA GLY F 138 16.25 -14.74 -36.80
C GLY F 138 16.27 -16.18 -37.23
N GLU F 139 16.53 -16.43 -38.50
CA GLU F 139 16.52 -17.78 -39.02
C GLU F 139 17.92 -18.33 -39.09
N ALA F 140 18.92 -17.48 -38.84
CA ALA F 140 20.30 -17.88 -39.08
C ALA F 140 21.09 -18.28 -37.81
N TYR F 141 21.63 -19.50 -37.81
CA TYR F 141 22.60 -19.95 -36.77
C TYR F 141 23.88 -19.15 -36.95
N THR F 142 24.22 -18.36 -35.95
CA THR F 142 25.29 -17.36 -36.10
C THR F 142 26.52 -17.59 -35.26
N ASP F 143 26.36 -18.07 -34.02
CA ASP F 143 27.54 -18.27 -33.14
C ASP F 143 27.38 -19.46 -32.19
N THR F 144 28.49 -19.87 -31.53
CA THR F 144 28.43 -20.85 -30.45
C THR F 144 29.36 -20.43 -29.32
N TYR F 145 29.10 -20.94 -28.13
CA TYR F 145 30.03 -20.86 -27.01
C TYR F 145 30.20 -22.26 -26.39
N HIS F 146 31.41 -22.55 -25.92
CA HIS F 146 31.86 -23.91 -25.48
C HIS F 146 31.85 -24.07 -23.98
N SER F 147 31.61 -25.31 -23.54
CA SER F 147 31.69 -25.67 -22.13
C SER F 147 33.07 -25.30 -21.57
N TYR F 148 33.07 -24.60 -20.43
CA TYR F 148 34.31 -24.10 -19.83
C TYR F 148 34.63 -24.68 -18.44
N ALA F 149 33.71 -25.45 -17.86
CA ALA F 149 34.00 -26.20 -16.65
C ALA F 149 33.68 -27.67 -16.87
N ASN F 150 33.20 -27.99 -18.06
CA ASN F 150 32.94 -29.39 -18.43
C ASN F 150 31.93 -30.16 -17.58
N ASN F 151 30.93 -29.43 -17.08
CA ASN F 151 29.85 -30.05 -16.32
C ASN F 151 28.54 -29.33 -16.59
N ILE F 152 27.88 -29.73 -17.69
CA ILE F 152 26.56 -29.24 -18.10
C ILE F 152 26.57 -27.72 -18.24
N LEU F 153 27.20 -27.23 -19.31
CA LEU F 153 27.05 -25.83 -19.67
C LEU F 153 25.53 -25.51 -19.78
N ARG F 154 25.11 -24.41 -19.16
CA ARG F 154 23.73 -24.14 -18.76
C ARG F 154 23.41 -22.64 -18.96
N THR F 155 22.17 -22.30 -19.30
CA THR F 155 21.82 -20.89 -19.42
C THR F 155 20.58 -20.50 -18.52
N GLN F 156 19.98 -19.36 -18.80
CA GLN F 156 19.04 -18.68 -17.88
C GLN F 156 17.66 -19.36 -17.67
N GLU F 157 17.15 -20.06 -18.70
N GLU F 157 17.18 -20.07 -18.71
CA GLU F 157 15.75 -20.55 -18.68
CA GLU F 157 15.76 -20.54 -18.80
C GLU F 157 14.78 -19.38 -18.62
C GLU F 157 14.79 -19.38 -18.64
N SER F 158 15.25 -18.19 -19.00
CA SER F 158 14.42 -17.01 -19.13
C SER F 158 15.02 -16.05 -20.16
N ALA F 159 14.27 -15.01 -20.48
CA ALA F 159 14.65 -13.99 -21.43
C ALA F 159 15.98 -13.31 -21.12
N CYS F 160 16.81 -13.17 -22.17
CA CYS F 160 18.00 -12.37 -22.09
C CYS F 160 17.58 -10.94 -22.23
N ASN F 161 18.54 -10.03 -22.26
CA ASN F 161 18.22 -8.63 -22.13
C ASN F 161 19.07 -7.79 -23.04
N CYS F 162 18.39 -7.10 -23.94
CA CYS F 162 19.03 -6.28 -24.96
C CYS F 162 18.94 -4.78 -24.71
N ILE F 163 20.04 -4.09 -24.96
CA ILE F 163 20.08 -2.64 -24.87
C ILE F 163 20.97 -2.10 -25.98
N GLY F 164 20.39 -1.29 -26.85
CA GLY F 164 21.19 -0.66 -27.90
C GLY F 164 21.80 -1.67 -28.86
N GLY F 165 21.17 -2.84 -28.91
CA GLY F 165 21.62 -3.91 -29.79
C GLY F 165 22.46 -4.93 -29.05
N ASN F 166 22.89 -4.59 -27.83
CA ASN F 166 23.70 -5.47 -27.01
C ASN F 166 22.87 -6.32 -26.11
N CYS F 167 22.80 -7.62 -26.39
CA CYS F 167 22.04 -8.56 -25.56
C CYS F 167 22.95 -9.31 -24.55
N TYR F 168 22.56 -9.32 -23.28
CA TYR F 168 23.38 -9.87 -22.21
C TYR F 168 22.70 -11.11 -21.69
N LEU F 169 23.51 -12.11 -21.38
CA LEU F 169 22.99 -13.46 -21.17
C LEU F 169 23.86 -14.11 -20.13
N MET F 170 23.25 -14.73 -19.12
CA MET F 170 24.02 -15.48 -18.16
C MET F 170 24.21 -16.89 -18.70
N ILE F 171 25.39 -17.43 -18.43
CA ILE F 171 25.63 -18.81 -18.68
C ILE F 171 26.33 -19.31 -17.48
N THR F 172 26.15 -20.60 -17.20
CA THR F 172 26.94 -21.20 -16.17
C THR F 172 27.39 -22.63 -16.53
N ASP F 173 28.35 -23.14 -15.77
CA ASP F 173 28.94 -24.45 -16.02
C ASP F 173 29.54 -24.97 -14.70
N GLY F 174 29.38 -26.27 -14.44
CA GLY F 174 29.88 -26.84 -13.20
C GLY F 174 28.88 -27.76 -12.53
N SER F 175 29.33 -28.38 -11.46
CA SER F 175 28.53 -29.32 -10.69
C SER F 175 27.29 -28.67 -10.10
N ALA F 176 26.17 -29.39 -10.21
CA ALA F 176 24.95 -29.04 -9.49
C ALA F 176 25.05 -28.99 -7.98
N SER F 177 26.00 -29.75 -7.42
CA SER F 177 26.19 -29.96 -5.99
C SER F 177 27.51 -29.33 -5.54
N GLY F 178 28.24 -28.72 -6.48
CA GLY F 178 29.46 -27.99 -6.15
C GLY F 178 29.55 -26.62 -6.80
N ILE F 179 30.77 -26.31 -7.28
CA ILE F 179 31.10 -25.02 -7.88
C ILE F 179 30.45 -24.86 -9.28
N SER F 180 29.70 -23.78 -9.46
CA SER F 180 29.22 -23.36 -10.76
C SER F 180 29.43 -21.84 -10.90
N GLU F 181 30.55 -21.47 -11.49
CA GLU F 181 30.95 -20.08 -11.57
C GLU F 181 30.43 -19.60 -12.89
N CYS F 182 29.42 -18.71 -12.85
CA CYS F 182 28.74 -18.25 -14.06
C CYS F 182 29.54 -17.21 -14.82
N ARG F 183 29.16 -17.01 -16.08
CA ARG F 183 29.69 -15.94 -16.92
C ARG F 183 28.55 -15.23 -17.63
N PHE F 184 28.84 -14.04 -18.16
CA PHE F 184 27.86 -13.31 -18.98
C PHE F 184 28.41 -13.08 -20.40
N LEU F 185 27.55 -13.29 -21.39
CA LEU F 185 27.90 -13.05 -22.76
C LEU F 185 27.22 -11.80 -23.31
N LYS F 186 28.02 -10.96 -23.96
CA LYS F 186 27.52 -9.81 -24.67
C LYS F 186 27.39 -10.21 -26.11
N ILE F 187 26.15 -10.29 -26.59
CA ILE F 187 25.88 -10.81 -27.90
C ILE F 187 25.23 -9.69 -28.74
N ARG F 188 25.82 -9.41 -29.91
CA ARG F 188 25.28 -8.41 -30.80
C ARG F 188 24.98 -9.05 -32.14
N GLU F 189 23.71 -8.95 -32.56
CA GLU F 189 23.27 -9.47 -33.85
C GLU F 189 23.66 -10.94 -34.00
N GLY F 190 23.52 -11.67 -32.90
CA GLY F 190 23.68 -13.11 -32.95
C GLY F 190 25.10 -13.56 -32.70
N ARG F 191 26.02 -12.61 -32.54
CA ARG F 191 27.45 -12.99 -32.33
C ARG F 191 28.05 -12.40 -31.05
N ILE F 192 28.72 -13.26 -30.28
CA ILE F 192 29.34 -12.90 -29.00
C ILE F 192 30.47 -11.92 -29.24
N ILE F 193 30.40 -10.74 -28.63
CA ILE F 193 31.46 -9.73 -28.82
C ILE F 193 32.28 -9.51 -27.55
N LYS F 194 31.80 -10.03 -26.43
CA LYS F 194 32.54 -9.93 -25.15
C LYS F 194 32.11 -11.03 -24.21
N GLU F 195 33.07 -11.55 -23.44
CA GLU F 195 32.83 -12.40 -22.27
C GLU F 195 33.05 -11.56 -21.04
N ILE F 196 32.07 -11.61 -20.13
CA ILE F 196 32.15 -10.82 -18.92
C ILE F 196 32.33 -11.77 -17.74
N PHE F 197 33.45 -11.65 -17.02
CA PHE F 197 33.72 -12.51 -15.85
C PHE F 197 33.36 -11.80 -14.54
N PRO F 198 32.30 -12.27 -13.84
CA PRO F 198 31.85 -11.59 -12.61
C PRO F 198 32.85 -11.71 -11.45
N THR F 199 32.84 -10.73 -10.55
CA THR F 199 33.64 -10.75 -9.34
C THR F 199 32.73 -10.95 -8.13
N GLY F 200 33.35 -11.22 -6.98
CA GLY F 200 32.64 -11.33 -5.71
C GLY F 200 32.24 -12.75 -5.38
N ARG F 201 30.98 -12.95 -5.00
CA ARG F 201 30.53 -14.23 -4.48
C ARG F 201 30.13 -15.07 -5.70
N VAL F 202 31.08 -15.82 -6.23
CA VAL F 202 30.89 -16.47 -7.51
C VAL F 202 30.72 -17.98 -7.38
N LYS F 203 30.72 -18.43 -6.12
CA LYS F 203 30.81 -19.86 -5.74
C LYS F 203 29.83 -20.75 -6.52
N HIS F 204 28.56 -20.31 -6.56
CA HIS F 204 27.54 -21.01 -7.32
C HIS F 204 26.44 -20.05 -7.76
N THR F 205 26.32 -19.91 -9.07
CA THR F 205 25.26 -19.09 -9.67
C THR F 205 24.68 -19.75 -10.90
N GLU F 206 23.38 -20.00 -10.88
CA GLU F 206 22.70 -20.56 -12.08
C GLU F 206 21.28 -20.07 -12.27
N GLU F 207 20.73 -20.32 -13.47
CA GLU F 207 19.37 -19.91 -13.81
C GLU F 207 19.05 -18.52 -13.33
N CYS F 208 19.87 -17.55 -13.72
CA CYS F 208 19.63 -16.16 -13.35
C CYS F 208 18.40 -15.60 -14.06
N THR F 209 17.56 -14.94 -13.28
CA THR F 209 16.43 -14.24 -13.80
C THR F 209 16.84 -12.76 -13.81
N CYS F 210 17.01 -12.21 -15.00
CA CYS F 210 17.63 -10.90 -15.17
C CYS F 210 16.69 -9.88 -15.78
N GLY F 211 16.90 -8.61 -15.44
CA GLY F 211 16.23 -7.52 -16.16
C GLY F 211 16.94 -6.22 -15.89
N PHE F 212 16.49 -5.16 -16.53
CA PHE F 212 17.09 -3.84 -16.40
C PHE F 212 16.59 -3.10 -15.18
N ALA F 213 17.52 -2.73 -14.31
CA ALA F 213 17.25 -1.80 -13.21
C ALA F 213 17.20 -0.37 -13.75
N SER F 214 17.99 -0.12 -14.79
CA SER F 214 18.06 1.17 -15.44
C SER F 214 18.70 0.89 -16.80
N ASN F 215 18.95 1.97 -17.55
CA ASN F 215 19.82 1.94 -18.76
C ASN F 215 21.29 1.58 -18.49
N LYS F 216 21.74 1.74 -17.26
N LYS F 216 21.73 1.74 -17.24
CA LYS F 216 23.15 1.47 -16.90
CA LYS F 216 23.13 1.51 -16.86
C LYS F 216 23.38 0.10 -16.31
C LYS F 216 23.38 0.12 -16.29
N THR F 217 22.35 -0.49 -15.68
CA THR F 217 22.49 -1.71 -14.86
C THR F 217 21.44 -2.81 -15.18
N ILE F 218 21.90 -4.06 -15.28
CA ILE F 218 21.09 -5.25 -15.32
C ILE F 218 21.28 -5.95 -13.99
N GLU F 219 20.19 -6.47 -13.41
CA GLU F 219 20.30 -7.15 -12.14
C GLU F 219 19.68 -8.51 -12.33
N CYS F 220 20.12 -9.49 -11.58
CA CYS F 220 19.58 -10.82 -11.69
C CYS F 220 19.40 -11.44 -10.32
N ALA F 221 18.34 -12.23 -10.15
CA ALA F 221 18.17 -13.04 -8.96
C ALA F 221 18.34 -14.49 -9.40
N CYS F 222 19.35 -15.16 -8.82
CA CYS F 222 19.76 -16.44 -9.35
C CYS F 222 19.59 -17.60 -8.35
N ARG F 223 19.95 -18.81 -8.79
CA ARG F 223 19.84 -20.00 -7.98
C ARG F 223 21.23 -20.45 -7.56
N ASP F 224 21.40 -20.71 -6.26
CA ASP F 224 22.55 -21.49 -5.76
C ASP F 224 22.06 -22.88 -5.36
N ASN F 225 22.49 -23.89 -6.09
CA ASN F 225 21.93 -25.23 -5.93
C ASN F 225 22.65 -26.04 -4.85
N SER F 226 23.71 -25.46 -4.25
CA SER F 226 24.63 -26.20 -3.37
C SER F 226 24.75 -25.63 -1.94
N TYR F 227 24.95 -24.32 -1.83
CA TYR F 227 25.43 -23.75 -0.56
C TYR F 227 24.46 -22.94 0.27
N THR F 228 23.47 -22.31 -0.38
CA THR F 228 22.59 -21.37 0.30
C THR F 228 21.19 -21.31 -0.28
N ALA F 229 20.25 -20.91 0.59
CA ALA F 229 18.88 -20.63 0.20
C ALA F 229 18.67 -19.14 -0.12
N LYS F 230 19.73 -18.35 0.03
CA LYS F 230 19.69 -16.95 -0.34
C LYS F 230 19.98 -16.96 -1.81
N ARG F 231 19.25 -16.17 -2.58
CA ARG F 231 19.57 -16.00 -3.96
C ARG F 231 20.80 -15.16 -4.15
N PRO F 232 21.72 -15.62 -4.98
CA PRO F 232 22.84 -14.81 -5.49
C PRO F 232 22.28 -13.65 -6.30
N PHE F 233 22.80 -12.45 -6.06
CA PHE F 233 22.23 -11.27 -6.73
C PHE F 233 23.31 -10.61 -7.62
N VAL F 234 23.11 -10.63 -8.93
CA VAL F 234 24.07 -10.04 -9.87
C VAL F 234 23.70 -8.61 -10.18
N LYS F 235 24.70 -7.72 -10.17
CA LYS F 235 24.59 -6.39 -10.73
C LYS F 235 25.57 -6.21 -11.88
N LEU F 236 25.05 -6.02 -13.07
CA LEU F 236 25.87 -5.92 -14.27
C LEU F 236 25.78 -4.49 -14.76
N ASN F 237 26.91 -3.81 -14.76
CA ASN F 237 27.04 -2.52 -15.41
C ASN F 237 27.26 -2.72 -16.90
N VAL F 238 26.27 -2.32 -17.72
CA VAL F 238 26.35 -2.56 -19.15
C VAL F 238 27.16 -1.50 -19.86
N GLU F 239 27.50 -0.40 -19.17
CA GLU F 239 28.36 0.62 -19.81
C GLU F 239 29.86 0.26 -19.70
N THR F 240 30.28 -0.21 -18.52
CA THR F 240 31.64 -0.70 -18.31
C THR F 240 31.78 -2.19 -18.59
N ASP F 241 30.65 -2.87 -18.81
CA ASP F 241 30.63 -4.31 -18.99
C ASP F 241 31.31 -5.07 -17.84
N THR F 242 30.91 -4.73 -16.61
CA THR F 242 31.47 -5.33 -15.40
C THR F 242 30.37 -5.90 -14.54
N ALA F 243 30.61 -7.07 -13.94
CA ALA F 243 29.58 -7.69 -13.13
C ALA F 243 30.09 -8.06 -11.73
N GLU F 244 29.22 -7.91 -10.72
CA GLU F 244 29.55 -8.29 -9.37
C GLU F 244 28.36 -9.05 -8.76
N ILE F 245 28.64 -10.03 -7.90
CA ILE F 245 27.59 -10.94 -7.40
C ILE F 245 27.73 -11.02 -5.90
N ARG F 246 26.64 -10.74 -5.17
CA ARG F 246 26.62 -10.97 -3.72
CA ARG F 246 26.62 -10.96 -3.71
C ARG F 246 25.29 -11.62 -3.39
N LEU F 247 25.22 -12.29 -2.25
CA LEU F 247 23.97 -12.90 -1.86
C LEU F 247 22.94 -11.84 -1.46
N MET F 248 21.66 -12.11 -1.72
CA MET F 248 20.55 -11.32 -1.18
C MET F 248 20.54 -11.40 0.32
N CYS F 249 20.52 -10.23 0.97
CA CYS F 249 20.57 -10.17 2.45
C CYS F 249 19.23 -10.40 3.13
N THR F 250 18.13 -10.17 2.39
CA THR F 250 16.80 -10.19 2.95
C THR F 250 16.50 -11.50 3.63
N GLU F 251 15.88 -11.43 4.81
CA GLU F 251 15.54 -12.60 5.58
C GLU F 251 14.50 -13.48 4.86
N THR F 252 13.82 -12.90 3.88
CA THR F 252 12.80 -13.60 3.10
C THR F 252 13.51 -14.39 1.97
N TYR F 253 14.19 -15.48 2.34
CA TYR F 253 14.94 -16.34 1.38
C TYR F 253 14.01 -16.90 0.31
N LEU F 254 14.42 -16.74 -0.93
CA LEU F 254 13.56 -16.94 -2.09
C LEU F 254 13.73 -18.30 -2.80
N ASP F 255 14.68 -19.09 -2.30
CA ASP F 255 15.01 -20.37 -2.92
C ASP F 255 14.11 -21.44 -2.29
N THR F 256 14.05 -22.62 -2.90
CA THR F 256 13.39 -23.79 -2.31
C THR F 256 14.28 -24.97 -2.65
N PRO F 257 14.72 -25.75 -1.65
CA PRO F 257 14.38 -25.61 -0.23
C PRO F 257 14.97 -24.36 0.42
N ARG F 258 14.48 -24.06 1.62
CA ARG F 258 14.93 -22.93 2.42
C ARG F 258 14.54 -23.15 3.87
N PRO F 259 15.32 -22.57 4.81
CA PRO F 259 14.92 -22.62 6.22
C PRO F 259 13.85 -21.54 6.54
N ASP F 260 13.49 -21.42 7.82
CA ASP F 260 12.63 -20.34 8.29
C ASP F 260 13.22 -18.96 8.02
N ASP F 261 12.37 -18.01 7.60
CA ASP F 261 12.80 -16.63 7.34
C ASP F 261 13.55 -16.08 8.56
N GLY F 262 14.73 -15.50 8.35
CA GLY F 262 15.47 -14.87 9.43
C GLY F 262 16.35 -15.84 10.23
N SER F 263 16.23 -17.14 9.98
CA SER F 263 16.88 -18.15 10.78
C SER F 263 18.39 -18.25 10.46
N ILE F 264 18.79 -17.81 9.26
CA ILE F 264 20.20 -17.79 8.91
C ILE F 264 20.91 -16.66 9.61
N THR F 265 21.68 -17.03 10.63
CA THR F 265 22.39 -16.09 11.49
C THR F 265 23.66 -15.51 10.85
N GLY F 266 24.13 -14.39 11.40
CA GLY F 266 25.35 -13.73 10.94
C GLY F 266 25.03 -12.69 9.87
N PRO F 267 26.07 -12.05 9.31
CA PRO F 267 25.92 -10.98 8.31
C PRO F 267 25.28 -11.42 6.99
N CYS F 268 25.18 -10.47 6.07
CA CYS F 268 24.59 -10.71 4.76
C CYS F 268 25.23 -11.87 3.97
N GLU F 269 26.53 -12.11 4.18
CA GLU F 269 27.29 -13.07 3.36
C GLU F 269 27.15 -14.54 3.82
N SER F 270 26.63 -14.72 5.04
CA SER F 270 26.37 -16.06 5.63
C SER F 270 25.49 -16.96 4.76
N ASN F 271 25.85 -18.23 4.69
CA ASN F 271 25.16 -19.16 3.80
C ASN F 271 23.75 -19.54 4.22
N GLY F 272 23.49 -20.20 5.36
CA GLY F 272 24.32 -21.11 6.07
C GLY F 272 23.65 -22.46 5.74
N ASP F 273 22.43 -22.69 6.26
CA ASP F 273 21.85 -24.07 6.19
C ASP F 273 20.73 -24.28 5.12
N LYS F 274 20.34 -25.55 4.90
CA LYS F 274 19.29 -25.96 3.95
C LYS F 274 19.54 -25.47 2.51
N GLY F 275 20.81 -25.31 2.18
CA GLY F 275 21.15 -24.66 0.92
C GLY F 275 21.26 -25.58 -0.28
N SER F 276 21.46 -26.89 -0.06
CA SER F 276 21.61 -27.85 -1.19
C SER F 276 20.21 -27.93 -1.85
N GLY F 277 20.18 -27.98 -3.18
CA GLY F 277 18.93 -27.98 -3.92
C GLY F 277 18.60 -26.54 -4.29
N GLY F 278 17.62 -26.33 -5.16
CA GLY F 278 17.20 -24.98 -5.48
C GLY F 278 16.08 -24.89 -6.49
N ILE F 279 15.76 -23.65 -6.87
CA ILE F 279 14.74 -23.43 -7.89
C ILE F 279 14.98 -22.13 -8.61
N LYS F 280 14.69 -22.07 -9.91
CA LYS F 280 14.64 -20.77 -10.60
C LYS F 280 13.50 -19.88 -10.06
N GLY F 281 13.84 -18.65 -9.72
CA GLY F 281 12.94 -17.73 -9.05
C GLY F 281 12.64 -16.54 -9.94
N GLY F 282 11.41 -16.08 -9.92
CA GLY F 282 10.99 -14.93 -10.69
C GLY F 282 11.49 -13.64 -10.09
N PHE F 283 11.72 -12.66 -10.97
CA PHE F 283 12.29 -11.38 -10.58
C PHE F 283 12.07 -10.40 -11.69
N VAL F 284 11.64 -9.20 -11.35
CA VAL F 284 11.32 -8.21 -12.34
C VAL F 284 11.33 -6.80 -11.75
N HIS F 285 11.72 -5.85 -12.58
CA HIS F 285 11.84 -4.47 -12.18
C HIS F 285 10.63 -3.64 -12.56
N GLN F 286 10.20 -2.80 -11.61
CA GLN F 286 9.28 -1.71 -11.89
C GLN F 286 10.12 -0.43 -11.74
N ARG F 287 10.36 0.24 -12.85
CA ARG F 287 11.21 1.43 -12.87
C ARG F 287 10.35 2.70 -12.89
N MET F 288 10.51 3.52 -11.85
CA MET F 288 9.80 4.81 -11.75
C MET F 288 10.83 5.92 -11.72
N ALA F 289 10.40 7.17 -11.91
CA ALA F 289 11.34 8.31 -11.96
C ALA F 289 12.40 8.30 -10.83
N SER F 290 11.96 8.45 -9.58
CA SER F 290 12.90 8.54 -8.45
C SER F 290 12.74 7.37 -7.47
N LYS F 291 12.37 6.20 -8.00
CA LYS F 291 12.16 5.02 -7.18
C LYS F 291 12.37 3.77 -8.04
N ILE F 292 12.83 2.69 -7.40
CA ILE F 292 12.81 1.39 -8.06
C ILE F 292 12.07 0.32 -7.23
N GLY F 293 11.21 -0.47 -7.88
CA GLY F 293 10.52 -1.58 -7.24
C GLY F 293 11.12 -2.87 -7.77
N ARG F 294 11.41 -3.79 -6.84
CA ARG F 294 11.92 -5.10 -7.18
C ARG F 294 10.87 -6.11 -6.75
N TRP F 295 10.35 -6.87 -7.71
CA TRP F 295 9.27 -7.84 -7.47
C TRP F 295 9.88 -9.21 -7.59
N TYR F 296 9.53 -10.10 -6.67
CA TYR F 296 10.12 -11.43 -6.60
C TYR F 296 9.02 -12.41 -6.34
N SER F 297 9.26 -13.66 -6.72
CA SER F 297 8.33 -14.72 -6.34
C SER F 297 9.08 -15.89 -5.71
N ARG F 298 8.43 -16.64 -4.82
CA ARG F 298 9.00 -17.87 -4.25
C ARG F 298 7.83 -18.80 -3.90
N THR F 299 8.11 -20.10 -3.87
CA THR F 299 7.12 -21.11 -3.54
C THR F 299 6.48 -20.81 -2.19
N MET F 300 5.25 -21.27 -2.02
CA MET F 300 4.56 -21.12 -0.75
C MET F 300 5.15 -22.12 0.24
N SER F 301 5.59 -23.27 -0.26
CA SER F 301 6.15 -24.29 0.61
C SER F 301 7.66 -24.09 0.76
N LYS F 302 8.19 -24.25 1.98
CA LYS F 302 9.60 -24.09 2.20
C LYS F 302 10.47 -25.22 1.59
N THR F 303 9.89 -26.41 1.50
CA THR F 303 10.58 -27.60 1.05
C THR F 303 10.15 -28.15 -0.31
N LYS F 304 8.87 -28.03 -0.65
CA LYS F 304 8.37 -28.58 -1.91
C LYS F 304 8.09 -27.48 -2.92
N ARG F 305 7.93 -27.90 -4.17
CA ARG F 305 7.62 -26.99 -5.27
C ARG F 305 6.12 -26.73 -5.42
N MET F 306 5.51 -26.29 -4.32
CA MET F 306 4.10 -26.13 -4.21
C MET F 306 3.79 -24.66 -3.89
N GLY F 307 2.89 -24.06 -4.68
CA GLY F 307 2.50 -22.67 -4.40
C GLY F 307 3.45 -21.64 -4.97
N MET F 308 3.00 -20.37 -4.99
CA MET F 308 3.86 -19.24 -5.44
C MET F 308 3.36 -17.92 -4.86
N GLY F 309 4.25 -17.28 -4.10
CA GLY F 309 3.95 -16.03 -3.47
C GLY F 309 4.63 -14.89 -4.18
N LEU F 310 4.02 -13.71 -4.26
CA LEU F 310 4.67 -12.55 -4.86
C LEU F 310 5.12 -11.63 -3.73
N TYR F 311 6.31 -11.09 -3.88
CA TYR F 311 6.91 -10.26 -2.84
C TYR F 311 7.47 -9.03 -3.51
N VAL F 312 7.52 -7.92 -2.77
CA VAL F 312 8.13 -6.70 -3.33
C VAL F 312 8.97 -5.93 -2.31
N LYS F 313 9.99 -5.21 -2.78
CA LYS F 313 10.65 -4.18 -1.97
C LYS F 313 11.07 -3.01 -2.83
N TYR F 314 10.92 -1.81 -2.32
CA TYR F 314 11.24 -0.61 -3.07
C TYR F 314 12.58 0.00 -2.63
N ASP F 315 13.40 0.40 -3.61
CA ASP F 315 14.73 1.00 -3.33
C ASP F 315 15.63 0.11 -2.46
N GLY F 316 16.66 0.72 -1.85
CA GLY F 316 17.56 0.00 -0.96
C GLY F 316 18.59 -0.78 -1.74
N ASP F 317 19.32 -1.65 -1.06
CA ASP F 317 20.35 -2.45 -1.70
C ASP F 317 20.15 -3.92 -1.31
N PRO F 318 19.81 -4.77 -2.30
CA PRO F 318 19.47 -6.17 -2.00
C PRO F 318 20.63 -6.92 -1.34
N TRP F 319 21.83 -6.36 -1.48
CA TRP F 319 23.04 -6.93 -0.95
C TRP F 319 23.22 -6.65 0.55
N THR F 320 22.66 -5.54 1.03
CA THR F 320 22.84 -5.12 2.44
C THR F 320 21.53 -5.05 3.26
N ASP F 321 20.39 -5.11 2.56
CA ASP F 321 19.08 -4.95 3.19
C ASP F 321 18.58 -6.25 3.79
N SER F 322 18.69 -6.38 5.12
CA SER F 322 18.23 -7.59 5.78
C SER F 322 16.72 -7.64 6.04
N ASP F 323 16.01 -6.51 5.82
CA ASP F 323 14.56 -6.40 6.09
C ASP F 323 13.79 -7.42 5.30
N ALA F 324 12.67 -7.83 5.88
CA ALA F 324 11.78 -8.75 5.19
C ALA F 324 11.26 -8.10 3.90
N LEU F 325 11.13 -8.89 2.85
CA LEU F 325 10.35 -8.53 1.66
C LEU F 325 8.86 -8.52 2.00
N ALA F 326 8.11 -7.49 1.53
CA ALA F 326 6.66 -7.43 1.72
C ALA F 326 5.95 -8.51 0.91
N LEU F 327 5.14 -9.32 1.59
CA LEU F 327 4.27 -10.27 0.89
C LEU F 327 3.12 -9.52 0.15
N SER F 328 3.07 -9.63 -1.18
CA SER F 328 2.14 -8.86 -1.99
C SER F 328 0.85 -9.68 -2.21
N GLY F 329 0.98 -10.99 -2.42
CA GLY F 329 -0.19 -11.89 -2.48
C GLY F 329 0.20 -13.28 -2.95
N VAL F 330 -0.72 -14.22 -2.88
CA VAL F 330 -0.49 -15.62 -3.25
C VAL F 330 -0.98 -15.85 -4.69
N MET F 331 -0.04 -16.01 -5.63
CA MET F 331 -0.37 -16.25 -7.05
C MET F 331 -0.84 -17.69 -7.32
N VAL F 332 -0.31 -18.62 -6.53
CA VAL F 332 -0.61 -20.03 -6.66
C VAL F 332 -0.68 -20.56 -5.26
N SER F 333 -1.77 -21.25 -4.93
CA SER F 333 -1.96 -21.74 -3.57
C SER F 333 -1.06 -22.95 -3.28
N MET F 334 -0.97 -23.29 -2.00
CA MET F 334 -0.16 -24.41 -1.54
C MET F 334 -0.59 -25.75 -2.15
N GLU F 335 -1.84 -25.82 -2.61
CA GLU F 335 -2.42 -27.02 -3.18
C GLU F 335 -2.08 -27.25 -4.63
N GLU F 336 -1.46 -26.24 -5.27
CA GLU F 336 -1.14 -26.29 -6.69
C GLU F 336 0.37 -26.23 -6.89
N PRO F 337 0.86 -26.81 -8.03
CA PRO F 337 2.30 -26.84 -8.28
C PRO F 337 2.83 -25.44 -8.57
N GLY F 338 3.95 -25.12 -7.94
CA GLY F 338 4.66 -23.88 -8.18
C GLY F 338 6.13 -24.23 -8.44
N TRP F 339 6.45 -24.34 -9.72
CA TRP F 339 7.82 -24.75 -10.12
C TRP F 339 8.65 -23.51 -10.46
N TYR F 340 9.39 -23.52 -11.56
CA TYR F 340 10.16 -22.35 -12.00
C TYR F 340 9.31 -21.09 -12.16
N SER F 341 9.90 -19.94 -11.89
CA SER F 341 9.24 -18.68 -12.14
C SER F 341 10.22 -17.68 -12.74
N PHE F 342 9.70 -16.77 -13.56
CA PHE F 342 10.55 -15.87 -14.35
C PHE F 342 9.94 -14.49 -14.45
N GLY F 343 10.77 -13.49 -14.76
CA GLY F 343 10.31 -12.15 -15.03
C GLY F 343 10.36 -11.80 -16.51
N PHE F 344 9.44 -10.93 -16.92
CA PHE F 344 9.46 -10.37 -18.29
C PHE F 344 8.68 -9.08 -18.37
N GLU F 345 8.93 -8.34 -19.45
CA GLU F 345 8.30 -7.06 -19.61
C GLU F 345 7.53 -6.98 -20.92
N ILE F 346 6.25 -6.58 -20.83
CA ILE F 346 5.45 -6.33 -22.03
C ILE F 346 5.57 -4.86 -22.43
N LYS F 347 5.81 -4.64 -23.71
CA LYS F 347 6.03 -3.29 -24.25
CA LYS F 347 6.04 -3.29 -24.24
C LYS F 347 4.72 -2.62 -24.61
N ASP F 348 4.32 -1.61 -23.82
CA ASP F 348 3.13 -0.80 -24.10
C ASP F 348 3.58 0.35 -25.03
N LYS F 349 2.66 1.22 -25.47
CA LYS F 349 3.06 2.23 -26.44
C LYS F 349 4.27 3.09 -25.93
N LYS F 350 4.25 3.46 -24.66
CA LYS F 350 5.24 4.45 -24.17
C LYS F 350 5.93 4.01 -22.88
N CYS F 351 5.58 2.82 -22.42
CA CYS F 351 6.09 2.33 -21.14
C CYS F 351 6.10 0.82 -21.10
N ASP F 352 6.87 0.27 -20.16
CA ASP F 352 7.03 -1.17 -20.05
C ASP F 352 6.13 -1.72 -18.95
N VAL F 353 5.63 -2.96 -19.13
CA VAL F 353 4.76 -3.61 -18.10
C VAL F 353 5.50 -4.81 -17.50
N PRO F 354 5.94 -4.70 -16.22
CA PRO F 354 6.61 -5.83 -15.56
C PRO F 354 5.62 -6.96 -15.23
N CYS F 355 6.00 -8.19 -15.57
CA CYS F 355 5.21 -9.37 -15.30
C CYS F 355 6.05 -10.51 -14.72
N ILE F 356 5.37 -11.40 -14.01
CA ILE F 356 5.99 -12.62 -13.47
C ILE F 356 5.25 -13.82 -14.02
N GLY F 357 5.97 -14.69 -14.74
CA GLY F 357 5.34 -15.95 -15.18
C GLY F 357 5.74 -17.10 -14.26
N ILE F 358 4.89 -18.11 -14.16
CA ILE F 358 5.11 -19.20 -13.23
C ILE F 358 4.84 -20.50 -13.92
N GLU F 359 5.84 -21.38 -13.88
CA GLU F 359 5.71 -22.70 -14.46
C GLU F 359 5.01 -23.59 -13.44
N MET F 360 3.88 -24.16 -13.86
CA MET F 360 3.08 -25.04 -13.03
C MET F 360 3.16 -26.47 -13.58
N VAL F 361 4.03 -27.27 -12.99
CA VAL F 361 4.37 -28.56 -13.61
C VAL F 361 3.38 -29.58 -13.18
N HIS F 362 2.97 -30.42 -14.13
CA HIS F 362 2.08 -31.54 -13.87
C HIS F 362 3.02 -32.71 -13.62
N ASP F 363 3.18 -33.04 -12.36
CA ASP F 363 4.12 -34.04 -11.96
C ASP F 363 3.35 -35.21 -11.40
N GLY F 364 3.38 -36.34 -12.08
CA GLY F 364 2.85 -37.59 -11.53
C GLY F 364 3.85 -38.75 -11.54
N GLY F 365 5.14 -38.44 -11.39
CA GLY F 365 6.23 -39.46 -11.43
C GLY F 365 6.75 -39.72 -12.84
N LYS F 366 7.68 -40.67 -12.94
CA LYS F 366 8.37 -41.02 -14.20
C LYS F 366 7.57 -42.04 -15.00
N GLU F 367 6.54 -42.61 -14.34
CA GLU F 367 5.69 -43.59 -15.00
C GLU F 367 4.58 -42.98 -15.86
N THR F 368 4.57 -41.64 -16.01
CA THR F 368 3.60 -40.90 -16.82
C THR F 368 4.21 -39.65 -17.47
N TRP F 369 3.42 -38.89 -18.20
CA TRP F 369 3.93 -37.67 -18.86
C TRP F 369 4.24 -36.58 -17.85
N HIS F 370 5.22 -35.74 -18.17
CA HIS F 370 5.68 -34.65 -17.31
C HIS F 370 5.74 -33.36 -18.13
N SER F 371 4.86 -32.43 -17.77
CA SER F 371 4.79 -31.19 -18.53
C SER F 371 4.31 -30.06 -17.64
N ALA F 372 4.02 -28.89 -18.21
CA ALA F 372 3.72 -27.68 -17.42
C ALA F 372 2.71 -26.73 -18.05
N ALA F 373 2.05 -26.00 -17.18
CA ALA F 373 1.27 -24.86 -17.54
C ALA F 373 2.10 -23.65 -17.19
N THR F 374 1.71 -22.52 -17.75
CA THR F 374 2.33 -21.25 -17.44
C THR F 374 1.28 -20.24 -17.03
N ALA F 375 1.40 -19.71 -15.81
CA ALA F 375 0.53 -18.63 -15.30
C ALA F 375 1.24 -17.31 -15.43
N ILE F 376 0.51 -16.28 -15.84
CA ILE F 376 1.10 -14.93 -15.96
C ILE F 376 0.41 -13.90 -15.01
N TYR F 377 1.21 -13.16 -14.25
CA TYR F 377 0.76 -12.08 -13.38
C TYR F 377 1.49 -10.84 -13.87
N CYS F 378 0.78 -9.72 -14.00
CA CYS F 378 1.39 -8.48 -14.44
C CYS F 378 1.01 -7.33 -13.51
N LEU F 379 1.85 -6.29 -13.49
CA LEU F 379 1.49 -5.06 -12.83
C LEU F 379 0.31 -4.41 -13.57
N MET F 380 -0.80 -4.18 -12.85
CA MET F 380 -1.95 -3.48 -13.42
C MET F 380 -2.86 -2.81 -12.37
N GLY F 381 -2.94 -1.48 -12.45
CA GLY F 381 -3.81 -0.72 -11.59
C GLY F 381 -3.30 -0.71 -10.16
N SER F 382 -4.20 -0.37 -9.25
CA SER F 382 -3.87 -0.16 -7.86
CA SER F 382 -3.88 -0.17 -7.86
C SER F 382 -4.65 -1.14 -6.97
N GLY F 383 -4.40 -1.10 -5.66
CA GLY F 383 -5.00 -2.05 -4.69
C GLY F 383 -4.12 -3.24 -4.33
N GLN F 384 -4.73 -4.42 -4.20
CA GLN F 384 -4.04 -5.65 -3.80
CA GLN F 384 -3.98 -5.63 -3.85
C GLN F 384 -4.27 -6.82 -4.78
N LEU F 385 -3.40 -7.81 -4.76
CA LEU F 385 -3.54 -8.94 -5.70
C LEU F 385 -4.76 -9.75 -5.24
N LEU F 386 -5.66 -10.06 -6.17
CA LEU F 386 -6.96 -10.64 -5.83
C LEU F 386 -7.08 -12.15 -5.97
N TRP F 387 -6.50 -12.75 -7.02
CA TRP F 387 -6.89 -14.14 -7.31
C TRP F 387 -5.71 -15.03 -7.59
N ASP F 388 -5.84 -16.30 -7.21
CA ASP F 388 -4.80 -17.28 -7.51
C ASP F 388 -5.08 -18.02 -8.83
N THR F 389 -4.15 -18.87 -9.22
CA THR F 389 -4.26 -19.61 -10.48
C THR F 389 -4.23 -21.11 -10.24
N VAL F 390 -5.11 -21.84 -10.93
CA VAL F 390 -5.04 -23.29 -10.90
C VAL F 390 -4.83 -23.81 -12.36
N THR F 391 -4.19 -24.97 -12.52
CA THR F 391 -4.04 -25.52 -13.90
C THR F 391 -5.37 -26.11 -14.42
N GLY F 392 -6.21 -26.60 -13.50
CA GLY F 392 -7.46 -27.30 -13.83
C GLY F 392 -7.23 -28.65 -14.47
N VAL F 393 -6.02 -29.17 -14.41
CA VAL F 393 -5.68 -30.39 -15.14
C VAL F 393 -5.74 -31.61 -14.22
N ASP F 394 -6.51 -32.62 -14.63
CA ASP F 394 -6.49 -33.97 -14.05
C ASP F 394 -5.56 -34.91 -14.89
N MET F 395 -4.47 -35.36 -14.27
CA MET F 395 -3.43 -36.10 -14.97
C MET F 395 -3.84 -37.54 -15.35
N ALA F 396 -4.89 -38.06 -14.71
CA ALA F 396 -5.48 -39.37 -15.05
C ALA F 396 -6.22 -39.37 -16.41
N LEU F 397 -6.57 -38.19 -16.91
CA LEU F 397 -7.36 -38.11 -18.16
C LEU F 397 -6.54 -38.16 -19.47
N PRO G 9 12.74 -5.34 -53.81
CA PRO G 9 13.62 -6.51 -53.68
C PRO G 9 14.39 -6.74 -55.01
N GLU G 10 15.62 -7.19 -54.86
CA GLU G 10 16.53 -7.35 -55.98
CA GLU G 10 16.57 -7.33 -55.97
C GLU G 10 17.04 -8.78 -56.04
N TRP G 11 17.64 -9.17 -57.18
CA TRP G 11 18.19 -10.52 -57.33
C TRP G 11 19.23 -10.86 -56.23
N THR G 12 19.27 -12.13 -55.82
CA THR G 12 20.26 -12.60 -54.85
CA THR G 12 20.28 -12.58 -54.85
C THR G 12 21.51 -13.18 -55.54
N TYR G 13 22.63 -13.14 -54.83
CA TYR G 13 23.89 -13.71 -55.28
C TYR G 13 24.46 -14.44 -54.06
N PRO G 14 25.33 -15.43 -54.30
CA PRO G 14 26.10 -16.03 -53.20
C PRO G 14 27.06 -15.04 -52.61
N ARG G 15 27.23 -15.10 -51.30
CA ARG G 15 28.10 -14.19 -50.59
C ARG G 15 29.19 -15.02 -49.91
N LEU G 16 30.19 -14.34 -49.37
CA LEU G 16 31.15 -15.04 -48.49
C LEU G 16 30.35 -15.67 -47.35
N SER G 17 30.75 -16.86 -46.91
CA SER G 17 30.07 -17.53 -45.83
C SER G 17 30.35 -16.85 -44.50
N CYS G 18 29.47 -17.12 -43.54
CA CYS G 18 29.62 -16.60 -42.21
C CYS G 18 30.85 -17.28 -41.60
N PRO G 19 31.45 -16.64 -40.59
CA PRO G 19 32.62 -17.26 -39.96
C PRO G 19 32.25 -18.59 -39.28
N GLY G 20 33.28 -19.41 -39.02
CA GLY G 20 33.05 -20.72 -38.43
C GLY G 20 33.99 -21.75 -39.00
N SER G 21 34.22 -22.82 -38.22
CA SER G 21 35.17 -23.87 -38.64
C SER G 21 34.68 -25.30 -38.32
N THR G 22 33.48 -25.40 -37.76
CA THR G 22 32.85 -26.69 -37.56
C THR G 22 31.31 -26.63 -37.74
N PHE G 23 30.70 -27.75 -38.15
CA PHE G 23 29.23 -27.87 -38.13
C PHE G 23 28.80 -28.36 -36.76
N GLN G 24 27.59 -27.97 -36.34
CA GLN G 24 26.98 -28.46 -35.10
C GLN G 24 25.54 -28.91 -35.37
N LYS G 25 24.99 -29.72 -34.49
CA LYS G 25 23.60 -30.12 -34.57
C LYS G 25 22.70 -28.87 -34.43
N ALA G 26 21.86 -28.62 -35.41
CA ALA G 26 21.04 -27.43 -35.41
C ALA G 26 19.61 -27.73 -35.00
N LEU G 27 18.95 -28.60 -35.78
CA LEU G 27 17.53 -28.75 -35.68
C LEU G 27 17.10 -30.12 -36.21
N LEU G 28 16.14 -30.74 -35.52
CA LEU G 28 15.48 -31.97 -35.98
C LEU G 28 14.00 -31.67 -36.31
N ILE G 29 13.56 -32.12 -37.49
CA ILE G 29 12.14 -32.08 -37.82
C ILE G 29 11.75 -33.55 -37.91
N SER G 30 11.11 -34.03 -36.84
CA SER G 30 10.70 -35.42 -36.74
C SER G 30 9.17 -35.44 -36.56
N PRO G 31 8.42 -35.33 -37.66
CA PRO G 31 6.96 -35.24 -37.64
C PRO G 31 6.28 -36.50 -37.07
N HIS G 32 6.90 -37.64 -37.29
CA HIS G 32 6.38 -38.92 -36.81
C HIS G 32 6.54 -39.22 -35.35
N ARG G 33 7.15 -38.28 -34.63
CA ARG G 33 7.05 -38.26 -33.14
C ARG G 33 5.61 -38.02 -32.62
N PHE G 34 4.71 -37.62 -33.52
CA PHE G 34 3.32 -37.30 -33.20
C PHE G 34 2.35 -38.18 -33.99
N GLY G 35 2.87 -39.17 -34.71
CA GLY G 35 2.02 -40.07 -35.51
C GLY G 35 1.53 -41.37 -34.88
N GLU G 36 1.47 -41.42 -33.54
CA GLU G 36 0.92 -42.57 -32.85
C GLU G 36 -0.58 -42.67 -33.06
N THR G 37 -1.10 -43.90 -33.02
CA THR G 37 -2.55 -44.16 -32.94
C THR G 37 -3.09 -43.53 -31.64
N LYS G 38 -2.28 -43.53 -30.60
CA LYS G 38 -2.68 -42.95 -29.33
C LYS G 38 -2.71 -41.41 -29.38
N GLY G 39 -2.15 -40.84 -30.44
CA GLY G 39 -2.02 -39.39 -30.54
C GLY G 39 -3.17 -38.75 -31.34
N ASN G 40 -3.07 -37.44 -31.58
CA ASN G 40 -4.11 -36.67 -32.27
C ASN G 40 -3.52 -35.77 -33.31
N SER G 41 -2.46 -36.24 -33.98
CA SER G 41 -1.81 -35.44 -35.00
C SER G 41 -1.84 -36.09 -36.36
N ALA G 42 -1.47 -35.32 -37.38
CA ALA G 42 -1.51 -35.84 -38.73
C ALA G 42 -0.25 -35.50 -39.51
N PRO G 43 0.91 -36.04 -39.08
CA PRO G 43 2.09 -35.85 -39.91
C PRO G 43 1.93 -36.46 -41.28
N LEU G 44 2.42 -35.77 -42.29
CA LEU G 44 2.32 -36.29 -43.67
C LEU G 44 3.39 -37.34 -43.90
N ILE G 45 3.04 -38.36 -44.67
CA ILE G 45 3.98 -39.35 -45.10
C ILE G 45 4.81 -38.77 -46.27
N ILE G 46 6.11 -38.60 -46.03
CA ILE G 46 6.95 -37.93 -47.02
C ILE G 46 8.19 -38.72 -47.34
N ARG G 47 8.89 -38.29 -48.38
CA ARG G 47 10.28 -38.70 -48.58
C ARG G 47 10.98 -37.64 -49.40
N GLU G 48 12.29 -37.81 -49.61
CA GLU G 48 13.12 -36.86 -50.37
C GLU G 48 12.88 -35.43 -49.90
N PRO G 49 13.04 -35.17 -48.57
CA PRO G 49 12.94 -33.80 -48.12
C PRO G 49 14.17 -32.99 -48.55
N PHE G 50 14.01 -31.67 -48.58
CA PHE G 50 15.13 -30.78 -48.75
C PHE G 50 14.70 -29.44 -48.28
N ILE G 51 15.64 -28.51 -48.19
CA ILE G 51 15.40 -27.16 -47.67
C ILE G 51 16.01 -26.14 -48.62
N ALA G 52 15.32 -25.03 -48.83
CA ALA G 52 15.81 -23.93 -49.64
C ALA G 52 15.42 -22.68 -48.87
N CYS G 53 16.24 -21.64 -48.96
CA CYS G 53 16.05 -20.47 -48.14
C CYS G 53 16.13 -19.29 -49.04
N GLY G 54 15.31 -18.28 -48.74
CA GLY G 54 15.40 -16.97 -49.37
C GLY G 54 15.89 -15.96 -48.33
N PRO G 55 15.75 -14.65 -48.63
CA PRO G 55 16.35 -13.62 -47.76
C PRO G 55 15.70 -13.49 -46.37
N LYS G 56 14.48 -14.02 -46.20
CA LYS G 56 13.81 -13.92 -44.93
C LYS G 56 13.25 -15.25 -44.37
N GLU G 57 13.26 -16.31 -45.16
CA GLU G 57 12.57 -17.53 -44.77
C GLU G 57 13.21 -18.77 -45.38
N CYS G 58 13.27 -19.86 -44.60
CA CYS G 58 13.66 -21.20 -45.10
C CYS G 58 12.46 -22.11 -45.19
N LYS G 59 12.31 -22.76 -46.33
CA LYS G 59 11.18 -23.63 -46.49
C LYS G 59 11.67 -25.04 -46.54
N HIS G 60 11.02 -25.89 -45.75
CA HIS G 60 11.26 -27.31 -45.72
C HIS G 60 10.36 -28.02 -46.72
N PHE G 61 10.99 -28.56 -47.77
CA PHE G 61 10.23 -29.24 -48.84
C PHE G 61 10.29 -30.75 -48.68
N ALA G 62 9.30 -31.43 -49.28
CA ALA G 62 9.30 -32.88 -49.40
C ALA G 62 8.27 -33.35 -50.42
N LEU G 63 8.35 -34.63 -50.78
CA LEU G 63 7.43 -35.21 -51.67
C LEU G 63 6.51 -36.10 -50.86
N THR G 64 5.22 -35.79 -50.85
CA THR G 64 4.30 -36.56 -50.04
C THR G 64 3.52 -37.59 -50.86
N HIS G 65 3.08 -38.65 -50.19
CA HIS G 65 2.17 -39.65 -50.77
C HIS G 65 0.69 -39.29 -50.56
N TYR G 66 0.43 -38.07 -50.07
CA TYR G 66 -0.92 -37.54 -49.95
C TYR G 66 -1.65 -38.39 -48.87
N ALA G 67 -0.90 -38.74 -47.84
CA ALA G 67 -1.33 -39.68 -46.79
C ALA G 67 -0.71 -39.26 -45.48
N ALA G 68 -1.38 -39.56 -44.39
CA ALA G 68 -0.95 -39.12 -43.09
C ALA G 68 -0.73 -40.31 -42.18
N GLN G 69 0.01 -40.11 -41.10
CA GLN G 69 0.10 -41.10 -40.03
C GLN G 69 -0.51 -40.53 -38.73
N PRO G 70 -1.49 -41.23 -38.12
CA PRO G 70 -2.11 -42.49 -38.55
C PRO G 70 -3.08 -42.36 -39.71
N GLY G 71 -3.21 -43.41 -40.51
CA GLY G 71 -4.17 -43.33 -41.63
C GLY G 71 -4.35 -44.68 -42.28
N GLY G 72 -5.08 -44.69 -43.40
CA GLY G 72 -5.45 -45.94 -44.05
C GLY G 72 -4.74 -46.19 -45.36
N TYR G 73 -3.82 -45.31 -45.73
CA TYR G 73 -3.23 -45.39 -47.06
C TYR G 73 -1.72 -45.66 -47.02
N TYR G 74 -1.28 -46.62 -46.21
CA TYR G 74 0.18 -46.89 -46.09
C TYR G 74 0.68 -47.69 -47.29
N ASN G 75 -0.21 -48.48 -47.89
CA ASN G 75 0.16 -49.30 -49.01
C ASN G 75 0.56 -48.43 -50.19
N GLY G 76 1.80 -48.61 -50.67
CA GLY G 76 2.35 -47.86 -51.78
C GLY G 76 3.29 -46.73 -51.38
N THR G 77 3.52 -46.57 -50.10
CA THR G 77 4.35 -45.46 -49.62
C THR G 77 5.84 -45.76 -49.68
N ARG G 78 6.17 -47.01 -50.02
CA ARG G 78 7.56 -47.37 -50.31
C ARG G 78 8.03 -47.05 -51.71
N GLY G 79 7.13 -47.13 -52.70
CA GLY G 79 7.42 -46.61 -54.05
C GLY G 79 7.66 -45.11 -54.12
N ASP G 80 8.16 -44.65 -55.27
CA ASP G 80 8.31 -43.19 -55.45
C ASP G 80 7.27 -42.58 -56.41
N ARG G 81 6.90 -43.30 -57.44
CA ARG G 81 6.11 -42.71 -58.49
C ARG G 81 4.67 -43.18 -58.43
N ASN G 82 3.78 -42.22 -58.31
CA ASN G 82 2.35 -42.44 -58.46
C ASN G 82 1.65 -41.14 -58.86
N LYS G 83 0.36 -41.25 -59.17
CA LYS G 83 -0.44 -40.10 -59.59
C LYS G 83 -0.82 -39.18 -58.43
N LEU G 84 -0.52 -39.56 -57.20
CA LEU G 84 -0.95 -38.85 -55.98
C LEU G 84 0.17 -38.05 -55.32
N ARG G 85 1.41 -38.35 -55.72
CA ARG G 85 2.62 -37.74 -55.15
C ARG G 85 2.67 -36.24 -55.43
N HIS G 86 3.01 -35.47 -54.39
CA HIS G 86 2.93 -34.00 -54.46
C HIS G 86 4.12 -33.32 -53.77
N LEU G 87 4.58 -32.22 -54.34
CA LEU G 87 5.60 -31.39 -53.67
C LEU G 87 4.90 -30.50 -52.62
N ILE G 88 5.33 -30.61 -51.37
CA ILE G 88 4.77 -29.82 -50.28
C ILE G 88 5.91 -29.05 -49.57
N SER G 89 5.55 -28.05 -48.77
CA SER G 89 6.52 -27.35 -47.97
C SER G 89 5.84 -26.76 -46.75
N VAL G 90 6.63 -26.58 -45.70
CA VAL G 90 6.30 -25.72 -44.57
C VAL G 90 7.52 -24.80 -44.37
N LYS G 91 7.31 -23.74 -43.61
CA LYS G 91 8.37 -22.88 -43.19
C LYS G 91 9.25 -23.76 -42.28
N LEU G 92 10.57 -23.77 -42.53
CA LEU G 92 11.44 -24.55 -41.63
C LEU G 92 11.15 -24.18 -40.18
N GLY G 93 10.84 -25.21 -39.39
CA GLY G 93 10.59 -25.07 -37.98
C GLY G 93 9.24 -25.65 -37.66
N LYS G 94 8.36 -25.67 -38.66
CA LYS G 94 6.97 -26.09 -38.48
C LYS G 94 6.91 -27.58 -38.77
N ILE G 95 6.03 -28.29 -38.10
CA ILE G 95 5.87 -29.71 -38.41
C ILE G 95 4.99 -29.89 -39.64
N PRO G 96 5.49 -30.60 -40.68
CA PRO G 96 4.72 -30.80 -41.90
C PRO G 96 3.55 -31.77 -41.74
N THR G 97 2.44 -31.24 -41.22
CA THR G 97 1.22 -32.00 -41.06
C THR G 97 0.29 -31.66 -42.26
N VAL G 98 -0.83 -32.37 -42.33
CA VAL G 98 -1.90 -32.07 -43.28
C VAL G 98 -2.24 -30.58 -43.33
N GLU G 99 -2.49 -29.98 -42.15
CA GLU G 99 -2.92 -28.58 -42.07
C GLU G 99 -1.79 -27.53 -42.23
N ASN G 100 -0.62 -27.83 -41.68
CA ASN G 100 0.50 -26.91 -41.77
C ASN G 100 1.12 -26.81 -43.16
N SER G 101 1.08 -27.91 -43.91
CA SER G 101 1.71 -27.97 -45.23
C SER G 101 0.89 -27.19 -46.24
N ILE G 102 1.57 -26.71 -47.28
CA ILE G 102 0.90 -26.22 -48.48
C ILE G 102 1.30 -27.15 -49.66
N PHE G 103 0.34 -27.49 -50.50
CA PHE G 103 0.62 -28.36 -51.65
C PHE G 103 0.86 -27.49 -52.86
N HIS G 104 2.05 -27.61 -53.43
CA HIS G 104 2.47 -26.82 -54.57
C HIS G 104 2.06 -27.36 -55.93
N MET G 105 2.35 -28.64 -56.15
CA MET G 105 2.09 -29.27 -57.42
C MET G 105 2.26 -30.77 -57.35
N ALA G 106 1.63 -31.50 -58.27
CA ALA G 106 1.82 -32.94 -58.36
C ALA G 106 3.25 -33.18 -58.82
N ALA G 107 3.96 -34.09 -58.15
CA ALA G 107 5.38 -34.35 -58.45
C ALA G 107 5.89 -35.57 -57.69
N TRP G 108 6.53 -36.48 -58.42
CA TRP G 108 7.30 -37.53 -57.75
C TRP G 108 8.81 -37.31 -57.81
N SER G 109 9.19 -36.13 -58.29
CA SER G 109 10.59 -35.70 -58.22
C SER G 109 10.56 -34.18 -58.12
N GLY G 110 11.36 -33.61 -57.23
CA GLY G 110 11.22 -32.17 -56.88
C GLY G 110 12.48 -31.32 -56.71
N SER G 111 12.31 -30.00 -56.74
CA SER G 111 13.34 -29.00 -56.41
C SER G 111 12.66 -27.63 -56.21
N ALA G 112 13.41 -26.70 -55.65
CA ALA G 112 12.90 -25.35 -55.37
C ALA G 112 14.04 -24.44 -55.02
N CYS G 113 13.88 -23.17 -55.35
CA CYS G 113 14.88 -22.16 -54.97
C CYS G 113 14.24 -20.79 -55.07
N HIS G 114 14.84 -19.86 -54.34
CA HIS G 114 14.48 -18.46 -54.34
C HIS G 114 15.51 -17.63 -55.06
N ASP G 115 15.05 -16.65 -55.85
CA ASP G 115 15.95 -15.84 -56.68
C ASP G 115 16.19 -14.43 -56.12
N GLY G 116 15.61 -14.14 -54.96
CA GLY G 116 15.72 -12.82 -54.39
C GLY G 116 14.41 -12.09 -54.46
N LYS G 117 13.60 -12.44 -55.47
CA LYS G 117 12.27 -11.83 -55.67
C LYS G 117 11.12 -12.80 -55.41
N GLU G 118 11.28 -14.05 -55.82
CA GLU G 118 10.18 -15.00 -55.81
C GLU G 118 10.69 -16.44 -55.75
N TRP G 119 9.84 -17.34 -55.26
CA TRP G 119 10.09 -18.76 -55.31
C TRP G 119 9.86 -19.43 -56.66
N THR G 120 10.84 -20.22 -57.09
CA THR G 120 10.68 -21.16 -58.18
C THR G 120 10.45 -22.56 -57.60
N TYR G 121 9.38 -23.23 -58.03
CA TYR G 121 9.10 -24.59 -57.61
C TYR G 121 9.15 -25.57 -58.77
N ILE G 122 9.80 -26.71 -58.54
CA ILE G 122 9.98 -27.65 -59.65
C ILE G 122 9.45 -29.03 -59.29
N GLY G 123 8.54 -29.53 -60.11
CA GLY G 123 7.97 -30.85 -59.88
C GLY G 123 7.88 -31.67 -61.14
N VAL G 124 8.32 -32.92 -61.09
CA VAL G 124 8.24 -33.83 -62.23
C VAL G 124 7.20 -34.88 -61.93
N ASP G 125 6.24 -35.01 -62.84
CA ASP G 125 5.31 -36.12 -62.78
C ASP G 125 5.13 -36.75 -64.18
N GLY G 126 4.16 -37.65 -64.34
CA GLY G 126 3.91 -38.25 -65.63
C GLY G 126 4.35 -39.72 -65.71
N PRO G 127 4.02 -40.40 -66.82
CA PRO G 127 4.39 -41.82 -67.04
C PRO G 127 5.87 -41.99 -67.07
N GLU G 128 6.35 -43.20 -66.69
CA GLU G 128 7.79 -43.57 -66.74
C GLU G 128 8.41 -43.16 -68.07
N ASN G 129 7.73 -43.49 -69.14
CA ASN G 129 8.36 -43.42 -70.45
C ASN G 129 8.29 -42.02 -71.10
N ASN G 130 7.63 -41.09 -70.40
CA ASN G 130 7.41 -39.76 -70.97
C ASN G 130 7.04 -38.73 -69.91
N ALA G 131 7.80 -38.73 -68.83
CA ALA G 131 7.64 -37.84 -67.70
C ALA G 131 7.80 -36.36 -68.03
N LEU G 132 7.31 -35.48 -67.12
CA LEU G 132 7.21 -34.05 -67.39
C LEU G 132 7.66 -33.22 -66.22
N LEU G 133 8.61 -32.34 -66.48
CA LEU G 133 9.03 -31.44 -65.47
C LEU G 133 8.24 -30.15 -65.63
N LYS G 134 7.63 -29.69 -64.52
CA LYS G 134 6.79 -28.53 -64.50
C LYS G 134 7.40 -27.49 -63.60
N ILE G 135 7.34 -26.24 -64.05
CA ILE G 135 7.85 -25.10 -63.28
C ILE G 135 6.73 -24.16 -62.84
N LYS G 136 6.80 -23.78 -61.57
CA LYS G 136 5.81 -22.86 -61.01
C LYS G 136 6.60 -21.69 -60.39
N TYR G 137 6.20 -20.47 -60.76
CA TYR G 137 6.84 -19.24 -60.27
C TYR G 137 5.85 -18.52 -59.36
N GLY G 138 6.14 -18.51 -58.05
CA GLY G 138 5.13 -18.07 -57.07
C GLY G 138 3.90 -18.95 -57.15
N GLU G 139 2.77 -18.39 -57.62
CA GLU G 139 1.52 -19.16 -57.76
C GLU G 139 1.27 -19.64 -59.16
N ALA G 140 1.95 -19.06 -60.13
CA ALA G 140 1.75 -19.37 -61.55
C ALA G 140 2.59 -20.52 -62.12
N TYR G 141 1.92 -21.45 -62.79
CA TYR G 141 2.56 -22.50 -63.58
C TYR G 141 3.05 -21.82 -64.86
N THR G 142 4.37 -21.85 -65.06
CA THR G 142 5.00 -21.00 -66.09
C THR G 142 5.64 -21.77 -67.25
N ASP G 143 6.17 -22.97 -67.03
CA ASP G 143 6.88 -23.71 -68.10
C ASP G 143 6.96 -25.20 -67.81
N THR G 144 7.35 -25.99 -68.81
CA THR G 144 7.56 -27.42 -68.63
C THR G 144 8.74 -27.81 -69.52
N TYR G 145 9.38 -28.94 -69.13
CA TYR G 145 10.44 -29.63 -69.88
C TYR G 145 10.11 -31.10 -70.11
N HIS G 146 10.46 -31.64 -71.28
CA HIS G 146 9.98 -32.96 -71.74
C HIS G 146 11.06 -34.02 -71.60
N SER G 147 10.63 -35.26 -71.41
CA SER G 147 11.50 -36.40 -71.30
C SER G 147 12.32 -36.48 -72.58
N TYR G 148 13.64 -36.58 -72.40
CA TYR G 148 14.54 -36.65 -73.57
C TYR G 148 15.16 -38.03 -73.77
N ALA G 149 15.10 -38.87 -72.75
CA ALA G 149 15.68 -40.21 -72.81
C ALA G 149 14.58 -41.26 -72.61
N ASN G 150 13.39 -40.78 -72.33
CA ASN G 150 12.22 -41.66 -72.18
C ASN G 150 12.26 -42.72 -71.09
N ASN G 151 13.01 -42.44 -70.04
CA ASN G 151 13.10 -43.38 -68.96
C ASN G 151 13.24 -42.63 -67.67
N ILE G 152 12.10 -42.17 -67.16
CA ILE G 152 12.01 -41.45 -65.86
C ILE G 152 12.87 -40.19 -65.83
N LEU G 153 12.41 -39.15 -66.52
CA LEU G 153 12.89 -37.78 -66.27
C LEU G 153 12.83 -37.44 -64.77
N ARG G 154 13.93 -36.93 -64.23
CA ARG G 154 14.20 -36.83 -62.83
C ARG G 154 14.91 -35.50 -62.57
N THR G 155 14.82 -35.00 -61.34
CA THR G 155 15.54 -33.80 -60.96
C THR G 155 16.36 -33.99 -59.64
N GLN G 156 16.87 -32.89 -59.11
CA GLN G 156 17.84 -32.88 -58.00
C GLN G 156 17.41 -33.48 -56.63
N GLU G 157 16.14 -33.34 -56.26
N GLU G 157 16.13 -33.35 -56.27
CA GLU G 157 15.68 -33.64 -54.89
CA GLU G 157 15.62 -33.59 -54.89
C GLU G 157 16.36 -32.75 -53.87
C GLU G 157 16.34 -32.74 -53.88
N SER G 158 16.79 -31.57 -54.33
CA SER G 158 17.37 -30.55 -53.43
C SER G 158 17.25 -29.21 -54.13
N ALA G 159 17.64 -28.14 -53.44
CA ALA G 159 17.52 -26.80 -53.94
C ALA G 159 18.28 -26.49 -55.24
N CYS G 160 17.60 -25.81 -56.15
CA CYS G 160 18.23 -25.23 -57.29
C CYS G 160 18.98 -23.98 -56.87
N ASN G 161 19.69 -23.34 -57.78
CA ASN G 161 20.61 -22.27 -57.40
C ASN G 161 20.48 -21.09 -58.32
N CYS G 162 20.14 -19.95 -57.75
CA CYS G 162 19.86 -18.75 -58.51
C CYS G 162 20.87 -17.67 -58.32
N ILE G 163 21.23 -17.01 -59.41
CA ILE G 163 22.21 -15.95 -59.38
C ILE G 163 21.77 -14.91 -60.38
N GLY G 164 21.57 -13.70 -59.90
CA GLY G 164 21.18 -12.58 -60.78
C GLY G 164 19.90 -12.84 -61.55
N GLY G 165 19.03 -13.67 -60.98
CA GLY G 165 17.72 -14.03 -61.56
C GLY G 165 17.73 -15.34 -62.33
N ASN G 166 18.93 -15.84 -62.60
CA ASN G 166 19.10 -17.07 -63.34
C ASN G 166 19.25 -18.23 -62.40
N CYS G 167 18.24 -19.10 -62.41
CA CYS G 167 18.22 -20.32 -61.61
C CYS G 167 18.68 -21.54 -62.46
N TYR G 168 19.68 -22.25 -61.92
CA TYR G 168 20.24 -23.40 -62.59
C TYR G 168 19.74 -24.67 -61.90
N LEU G 169 19.43 -25.69 -62.68
CA LEU G 169 18.77 -26.87 -62.15
C LEU G 169 19.29 -28.05 -62.97
N MET G 170 19.65 -29.15 -62.30
CA MET G 170 20.07 -30.37 -62.96
C MET G 170 18.84 -31.17 -63.24
N ILE G 171 18.81 -31.82 -64.40
CA ILE G 171 17.73 -32.74 -64.73
C ILE G 171 18.45 -33.91 -65.35
N THR G 172 17.90 -35.11 -65.16
CA THR G 172 18.44 -36.29 -65.80
C THR G 172 17.33 -37.24 -66.24
N ASP G 173 17.69 -38.14 -67.14
CA ASP G 173 16.72 -39.04 -67.77
C ASP G 173 17.56 -40.23 -68.25
N GLY G 174 17.00 -41.44 -68.11
CA GLY G 174 17.69 -42.68 -68.49
C GLY G 174 17.53 -43.79 -67.47
N SER G 175 17.93 -44.98 -67.85
CA SER G 175 17.89 -46.15 -66.99
C SER G 175 18.65 -45.95 -65.66
N ALA G 176 18.00 -46.35 -64.58
CA ALA G 176 18.62 -46.36 -63.27
C ALA G 176 19.82 -47.33 -63.15
N SER G 177 19.86 -48.35 -64.03
CA SER G 177 20.95 -49.37 -64.15
C SER G 177 21.87 -49.18 -65.37
N GLY G 178 21.62 -48.12 -66.13
CA GLY G 178 22.32 -47.89 -67.38
C GLY G 178 22.69 -46.43 -67.51
N ILE G 179 22.65 -45.94 -68.75
CA ILE G 179 22.99 -44.56 -69.10
C ILE G 179 21.93 -43.58 -68.59
N SER G 180 22.36 -42.57 -67.81
CA SER G 180 21.55 -41.38 -67.51
C SER G 180 22.41 -40.14 -67.69
N GLU G 181 22.43 -39.61 -68.90
CA GLU G 181 23.11 -38.37 -69.24
C GLU G 181 22.28 -37.15 -68.79
N CYS G 182 22.80 -36.43 -67.82
CA CYS G 182 22.10 -35.30 -67.23
C CYS G 182 22.21 -34.06 -68.08
N ARG G 183 21.38 -33.08 -67.74
CA ARG G 183 21.35 -31.79 -68.44
C ARG G 183 21.15 -30.72 -67.39
N PHE G 184 21.55 -29.49 -67.70
CA PHE G 184 21.19 -28.37 -66.82
C PHE G 184 20.23 -27.38 -67.48
N LEU G 185 19.28 -26.89 -66.70
CA LEU G 185 18.31 -25.90 -67.16
C LEU G 185 18.62 -24.55 -66.57
N LYS G 186 18.66 -23.51 -67.40
CA LYS G 186 18.75 -22.14 -66.95
C LYS G 186 17.34 -21.58 -66.99
N ILE G 187 16.82 -21.24 -65.81
CA ILE G 187 15.41 -20.86 -65.63
C ILE G 187 15.37 -19.43 -65.09
N ARG G 188 14.60 -18.55 -65.74
CA ARG G 188 14.48 -17.16 -65.32
C ARG G 188 13.01 -16.81 -65.17
N GLU G 189 12.64 -16.33 -63.98
CA GLU G 189 11.29 -16.02 -63.64
C GLU G 189 10.36 -17.12 -64.11
N GLY G 190 10.75 -18.37 -63.80
CA GLY G 190 9.89 -19.56 -64.04
C GLY G 190 9.88 -20.06 -65.49
N ARG G 191 10.70 -19.46 -66.34
CA ARG G 191 10.78 -19.95 -67.71
C ARG G 191 12.23 -20.34 -68.11
N ILE G 192 12.35 -21.48 -68.77
CA ILE G 192 13.63 -21.99 -69.26
C ILE G 192 14.13 -21.12 -70.40
N ILE G 193 15.33 -20.55 -70.26
CA ILE G 193 15.90 -19.68 -71.31
C ILE G 193 17.09 -20.31 -72.01
N LYS G 194 17.55 -21.45 -71.48
CA LYS G 194 18.72 -22.14 -72.01
C LYS G 194 18.80 -23.57 -71.51
N GLU G 195 19.16 -24.49 -72.39
CA GLU G 195 19.53 -25.84 -72.02
C GLU G 195 21.03 -25.93 -72.13
N ILE G 196 21.66 -26.42 -71.06
CA ILE G 196 23.10 -26.58 -71.00
C ILE G 196 23.41 -28.06 -71.08
N PHE G 197 24.10 -28.46 -72.17
CA PHE G 197 24.61 -29.84 -72.29
C PHE G 197 26.03 -30.04 -71.72
N PRO G 198 26.16 -30.77 -70.59
CA PRO G 198 27.52 -30.99 -70.02
C PRO G 198 28.41 -31.83 -70.91
N THR G 199 29.73 -31.64 -70.79
CA THR G 199 30.75 -32.46 -71.44
C THR G 199 31.51 -33.31 -70.41
N GLY G 200 32.32 -34.23 -70.93
CA GLY G 200 33.17 -35.11 -70.12
C GLY G 200 32.57 -36.45 -69.73
N ARG G 201 32.68 -36.79 -68.44
CA ARG G 201 32.22 -38.06 -67.93
C ARG G 201 30.75 -37.93 -67.60
N VAL G 202 29.90 -38.30 -68.56
CA VAL G 202 28.46 -38.02 -68.57
C VAL G 202 27.60 -39.30 -68.55
N LYS G 203 28.27 -40.45 -68.50
CA LYS G 203 27.70 -41.79 -68.47
C LYS G 203 26.49 -41.89 -67.54
N HIS G 204 26.63 -41.45 -66.29
CA HIS G 204 25.50 -41.53 -65.37
C HIS G 204 25.57 -40.49 -64.28
N THR G 205 24.63 -39.53 -64.36
CA THR G 205 24.56 -38.47 -63.37
C THR G 205 23.12 -38.24 -62.94
N GLU G 206 22.88 -38.35 -61.63
CA GLU G 206 21.56 -38.03 -61.11
C GLU G 206 21.58 -37.43 -59.72
N GLU G 207 20.43 -36.89 -59.28
CA GLU G 207 20.25 -36.28 -57.97
C GLU G 207 21.49 -35.48 -57.53
N CYS G 208 21.96 -34.59 -58.41
CA CYS G 208 23.03 -33.68 -58.07
C CYS G 208 22.68 -32.77 -56.96
N THR G 209 23.61 -32.66 -55.99
CA THR G 209 23.48 -31.69 -54.93
C THR G 209 24.44 -30.58 -55.30
N CYS G 210 23.89 -29.41 -55.58
CA CYS G 210 24.63 -28.30 -56.18
C CYS G 210 24.69 -27.12 -55.25
N GLY G 211 25.68 -26.27 -55.45
CA GLY G 211 25.86 -25.03 -54.67
C GLY G 211 26.85 -24.13 -55.40
N PHE G 212 26.92 -22.87 -54.98
CA PHE G 212 27.85 -21.95 -55.56
C PHE G 212 29.22 -22.09 -54.94
N ALA G 213 30.22 -22.31 -55.78
CA ALA G 213 31.61 -22.25 -55.35
C ALA G 213 32.08 -20.78 -55.25
N SER G 214 31.52 -19.95 -56.14
CA SER G 214 31.81 -18.55 -56.30
C SER G 214 30.66 -17.96 -57.12
N ASN G 215 30.81 -16.69 -57.49
CA ASN G 215 29.84 -16.04 -58.39
C ASN G 215 29.92 -16.54 -59.83
N LYS G 216 30.97 -17.29 -60.15
N LYS G 216 30.97 -17.29 -60.14
CA LYS G 216 31.22 -17.75 -61.51
CA LYS G 216 31.27 -17.75 -61.50
C LYS G 216 30.90 -19.24 -61.70
C LYS G 216 30.92 -19.23 -61.69
N THR G 217 31.01 -20.02 -60.62
CA THR G 217 30.93 -21.49 -60.70
C THR G 217 29.91 -22.12 -59.72
N ILE G 218 29.12 -23.04 -60.26
CA ILE G 218 28.26 -23.95 -59.50
C ILE G 218 28.92 -25.33 -59.57
N GLU G 219 29.01 -25.99 -58.42
CA GLU G 219 29.51 -27.36 -58.36
C GLU G 219 28.46 -28.28 -57.75
N CYS G 220 28.43 -29.50 -58.25
CA CYS G 220 27.48 -30.46 -57.78
C CYS G 220 28.20 -31.76 -57.50
N ALA G 221 27.81 -32.42 -56.42
CA ALA G 221 28.21 -33.79 -56.15
C ALA G 221 26.96 -34.61 -56.35
N CYS G 222 27.08 -35.61 -57.21
CA CYS G 222 25.90 -36.27 -57.72
C CYS G 222 25.90 -37.78 -57.44
N ARG G 223 24.93 -38.49 -57.99
CA ARG G 223 24.83 -39.93 -57.79
C ARG G 223 25.02 -40.68 -59.11
N ASP G 224 25.90 -41.69 -59.11
CA ASP G 224 25.98 -42.62 -60.25
C ASP G 224 25.40 -43.92 -59.75
N ASN G 225 24.27 -44.33 -60.31
CA ASN G 225 23.53 -45.46 -59.80
C ASN G 225 23.92 -46.77 -60.45
N SER G 226 24.87 -46.73 -61.37
CA SER G 226 25.17 -47.93 -62.18
C SER G 226 26.61 -48.33 -62.14
N TYR G 227 27.51 -47.35 -62.31
CA TYR G 227 28.91 -47.68 -62.64
C TYR G 227 29.94 -47.51 -61.53
N THR G 228 29.74 -46.54 -60.65
CA THR G 228 30.80 -46.24 -59.70
C THR G 228 30.25 -45.81 -58.36
N ALA G 229 31.11 -45.90 -57.34
CA ALA G 229 30.77 -45.40 -56.03
C ALA G 229 31.42 -44.04 -55.78
N LYS G 230 32.19 -43.56 -56.77
CA LYS G 230 32.73 -42.21 -56.72
C LYS G 230 31.56 -41.33 -57.16
N ARG G 231 31.42 -40.15 -56.57
CA ARG G 231 30.41 -39.23 -57.05
C ARG G 231 30.87 -38.46 -58.25
N PRO G 232 30.00 -38.42 -59.29
CA PRO G 232 30.21 -37.47 -60.38
C PRO G 232 30.25 -36.06 -59.86
N PHE G 233 31.19 -35.26 -60.32
CA PHE G 233 31.32 -33.91 -59.82
C PHE G 233 31.25 -32.92 -60.97
N VAL G 234 30.22 -32.09 -60.91
CA VAL G 234 29.91 -31.18 -62.00
C VAL G 234 30.53 -29.85 -61.65
N LYS G 235 31.10 -29.21 -62.66
CA LYS G 235 31.54 -27.81 -62.54
C LYS G 235 30.86 -26.99 -63.63
N LEU G 236 30.04 -26.05 -63.21
CA LEU G 236 29.19 -25.26 -64.13
C LEU G 236 29.64 -23.83 -64.04
N ASN G 237 30.19 -23.33 -65.15
CA ASN G 237 30.48 -21.92 -65.29
C ASN G 237 29.20 -21.18 -65.71
N VAL G 238 28.72 -20.26 -64.85
CA VAL G 238 27.45 -19.55 -65.08
C VAL G 238 27.60 -18.34 -65.98
N GLU G 239 28.84 -17.92 -66.20
CA GLU G 239 29.12 -16.80 -67.13
C GLU G 239 29.10 -17.25 -68.57
N THR G 240 29.76 -18.38 -68.86
CA THR G 240 29.70 -18.95 -70.20
C THR G 240 28.58 -19.98 -70.40
N ASP G 241 27.85 -20.30 -69.34
CA ASP G 241 26.84 -21.35 -69.36
C ASP G 241 27.33 -22.69 -69.91
N THR G 242 28.45 -23.17 -69.36
CA THR G 242 29.06 -24.39 -69.83
C THR G 242 29.26 -25.29 -68.63
N ALA G 243 29.07 -26.60 -68.81
CA ALA G 243 29.27 -27.56 -67.72
C ALA G 243 30.16 -28.71 -68.12
N GLU G 244 31.00 -29.15 -67.17
CA GLU G 244 31.87 -30.31 -67.33
C GLU G 244 31.71 -31.24 -66.11
N ILE G 245 31.77 -32.54 -66.35
CA ILE G 245 31.56 -33.54 -65.29
C ILE G 245 32.72 -34.53 -65.27
N ARG G 246 33.35 -34.68 -64.09
CA ARG G 246 34.32 -35.77 -63.86
CA ARG G 246 34.33 -35.76 -63.85
C ARG G 246 34.06 -36.40 -62.51
N LEU G 247 34.39 -37.67 -62.39
CA LEU G 247 34.30 -38.31 -61.07
C LEU G 247 35.27 -37.66 -60.08
N MET G 248 34.86 -37.69 -58.81
CA MET G 248 35.65 -37.24 -57.65
C MET G 248 36.75 -38.25 -57.43
N CYS G 249 37.97 -37.75 -57.20
CA CYS G 249 39.14 -38.59 -57.15
C CYS G 249 39.43 -39.08 -55.74
N THR G 250 38.88 -38.41 -54.74
CA THR G 250 39.17 -38.77 -53.38
C THR G 250 38.90 -40.24 -53.10
N GLU G 251 39.80 -40.86 -52.34
CA GLU G 251 39.61 -42.21 -51.87
C GLU G 251 38.41 -42.40 -50.88
N THR G 252 37.86 -41.29 -50.37
CA THR G 252 36.78 -41.31 -49.41
C THR G 252 35.47 -41.29 -50.24
N TYR G 253 35.17 -42.43 -50.87
CA TYR G 253 34.01 -42.59 -51.75
C TYR G 253 32.73 -42.31 -51.00
N LEU G 254 31.92 -41.41 -51.57
CA LEU G 254 30.79 -40.85 -50.85
C LEU G 254 29.45 -41.53 -51.10
N ASP G 255 29.42 -42.41 -52.09
CA ASP G 255 28.20 -43.12 -52.46
C ASP G 255 27.93 -44.28 -51.55
N THR G 256 26.69 -44.78 -51.57
CA THR G 256 26.33 -46.04 -50.87
C THR G 256 25.46 -46.85 -51.85
N PRO G 257 25.89 -48.09 -52.23
CA PRO G 257 27.00 -48.81 -51.66
C PRO G 257 28.31 -48.28 -52.20
N ARG G 258 29.39 -48.70 -51.53
CA ARG G 258 30.75 -48.32 -51.87
C ARG G 258 31.69 -49.39 -51.35
N PRO G 259 32.87 -49.54 -51.98
CA PRO G 259 33.89 -50.43 -51.42
C PRO G 259 34.67 -49.69 -50.32
N ASP G 260 35.66 -50.35 -49.72
CA ASP G 260 36.62 -49.70 -48.80
C ASP G 260 37.27 -48.46 -49.44
N ASP G 261 37.61 -47.47 -48.62
CA ASP G 261 38.33 -46.28 -49.06
C ASP G 261 39.68 -46.64 -49.73
N GLY G 262 39.91 -46.12 -50.93
CA GLY G 262 41.19 -46.22 -51.63
C GLY G 262 41.33 -47.51 -52.41
N SER G 263 40.30 -48.35 -52.34
CA SER G 263 40.39 -49.70 -52.88
C SER G 263 40.20 -49.71 -54.40
N ILE G 264 39.59 -48.65 -54.95
CA ILE G 264 39.49 -48.50 -56.42
C ILE G 264 40.84 -48.12 -57.01
N THR G 265 41.42 -49.06 -57.75
CA THR G 265 42.77 -48.95 -58.24
C THR G 265 42.76 -48.17 -59.55
N GLY G 266 43.93 -47.71 -60.02
CA GLY G 266 43.99 -46.86 -61.22
C GLY G 266 43.85 -45.37 -60.92
N PRO G 267 43.83 -44.52 -61.97
CA PRO G 267 43.77 -43.05 -61.84
C PRO G 267 42.42 -42.55 -61.34
N CYS G 268 42.28 -41.23 -61.31
CA CYS G 268 41.03 -40.59 -60.86
C CYS G 268 39.79 -41.08 -61.60
N GLU G 269 39.91 -41.36 -62.90
CA GLU G 269 38.72 -41.65 -63.74
C GLU G 269 38.19 -43.10 -63.54
N SER G 270 38.93 -43.94 -62.81
CA SER G 270 38.55 -45.36 -62.63
C SER G 270 37.21 -45.56 -61.90
N ASN G 271 36.40 -46.50 -62.40
CA ASN G 271 35.09 -46.76 -61.83
C ASN G 271 35.03 -47.28 -60.38
N GLY G 272 35.55 -48.46 -60.00
CA GLY G 272 35.62 -49.68 -60.75
C GLY G 272 34.46 -50.47 -60.15
N ASP G 273 34.55 -50.86 -58.85
CA ASP G 273 33.62 -51.86 -58.27
C ASP G 273 32.54 -51.37 -57.28
N LYS G 274 31.56 -52.25 -57.03
CA LYS G 274 30.44 -51.99 -56.15
C LYS G 274 29.63 -50.74 -56.56
N GLY G 275 29.59 -50.45 -57.85
CA GLY G 275 29.04 -49.18 -58.33
C GLY G 275 27.52 -49.13 -58.54
N SER G 276 26.89 -50.30 -58.62
CA SER G 276 25.44 -50.39 -58.88
C SER G 276 24.63 -50.00 -57.64
N GLY G 277 23.58 -49.22 -57.85
CA GLY G 277 22.90 -48.61 -56.71
C GLY G 277 23.65 -47.33 -56.39
N GLY G 278 23.18 -46.63 -55.37
CA GLY G 278 23.69 -45.30 -55.07
C GLY G 278 22.77 -44.62 -54.09
N ILE G 279 23.09 -43.38 -53.76
CA ILE G 279 22.31 -42.59 -52.81
C ILE G 279 22.59 -41.14 -53.12
N LYS G 280 21.59 -40.25 -52.87
CA LYS G 280 21.86 -38.81 -52.95
C LYS G 280 22.73 -38.37 -51.77
N GLY G 281 23.68 -37.49 -52.01
CA GLY G 281 24.65 -37.14 -50.98
C GLY G 281 24.71 -35.65 -50.73
N GLY G 282 24.99 -35.31 -49.48
CA GLY G 282 25.03 -33.92 -49.09
C GLY G 282 26.30 -33.22 -49.46
N PHE G 283 26.17 -31.95 -49.81
CA PHE G 283 27.28 -31.17 -50.34
C PHE G 283 26.99 -29.71 -50.19
N VAL G 284 27.96 -28.98 -49.65
CA VAL G 284 27.77 -27.55 -49.49
C VAL G 284 29.11 -26.80 -49.45
N HIS G 285 29.11 -25.56 -49.91
CA HIS G 285 30.29 -24.72 -49.91
C HIS G 285 30.39 -23.79 -48.70
N GLN G 286 31.61 -23.66 -48.19
CA GLN G 286 31.95 -22.59 -47.27
C GLN G 286 32.95 -21.68 -47.99
N ARG G 287 32.46 -20.54 -48.46
CA ARG G 287 33.25 -19.63 -49.29
C ARG G 287 33.91 -18.57 -48.43
N MET G 288 35.24 -18.58 -48.38
CA MET G 288 36.00 -17.56 -47.65
C MET G 288 36.78 -16.71 -48.64
N ALA G 289 37.31 -15.58 -48.18
CA ALA G 289 38.06 -14.66 -49.08
C ALA G 289 39.03 -15.40 -50.01
N SER G 290 40.08 -16.00 -49.41
CA SER G 290 41.12 -16.69 -50.19
C SER G 290 41.14 -18.23 -50.02
N LYS G 291 40.00 -18.81 -49.65
CA LYS G 291 39.91 -20.25 -49.44
C LYS G 291 38.50 -20.76 -49.76
N ILE G 292 38.40 -22.02 -50.16
CA ILE G 292 37.11 -22.66 -50.27
C ILE G 292 37.05 -23.98 -49.49
N GLY G 293 36.00 -24.14 -48.70
CA GLY G 293 35.77 -25.40 -48.00
C GLY G 293 34.66 -26.15 -48.69
N ARG G 294 34.90 -27.44 -48.92
CA ARG G 294 33.88 -28.32 -49.45
C ARG G 294 33.46 -29.34 -48.42
N TRP G 295 32.20 -29.29 -48.00
CA TRP G 295 31.67 -30.16 -46.96
C TRP G 295 30.80 -31.22 -47.59
N TYR G 296 30.95 -32.45 -47.16
CA TYR G 296 30.22 -33.54 -47.80
C TYR G 296 29.70 -34.44 -46.73
N SER G 297 28.69 -35.26 -47.06
CA SER G 297 28.25 -36.29 -46.13
C SER G 297 28.06 -37.63 -46.84
N ARG G 298 28.26 -38.73 -46.11
CA ARG G 298 28.01 -40.08 -46.60
C ARG G 298 27.60 -40.96 -45.44
N THR G 299 26.92 -42.06 -45.77
CA THR G 299 26.42 -42.99 -44.75
C THR G 299 27.59 -43.58 -43.97
N MET G 300 27.34 -43.93 -42.72
CA MET G 300 28.34 -44.54 -41.84
C MET G 300 28.55 -45.98 -42.30
N SER G 301 27.48 -46.64 -42.74
CA SER G 301 27.61 -47.99 -43.31
C SER G 301 28.02 -47.92 -44.76
N LYS G 302 28.92 -48.80 -45.15
CA LYS G 302 29.37 -48.90 -46.55
C LYS G 302 28.30 -49.43 -47.51
N THR G 303 27.40 -50.26 -46.98
CA THR G 303 26.44 -51.04 -47.78
C THR G 303 24.98 -50.65 -47.55
N LYS G 304 24.64 -50.31 -46.30
CA LYS G 304 23.28 -49.95 -45.92
C LYS G 304 23.16 -48.45 -45.68
N ARG G 305 21.93 -47.96 -45.76
CA ARG G 305 21.59 -46.56 -45.55
C ARG G 305 21.45 -46.21 -44.08
N MET G 306 22.54 -46.40 -43.34
CA MET G 306 22.55 -46.33 -41.89
C MET G 306 23.67 -45.37 -41.49
N GLY G 307 23.35 -44.43 -40.60
CA GLY G 307 24.38 -43.46 -40.19
C GLY G 307 24.64 -42.34 -41.19
N MET G 308 25.38 -41.33 -40.74
CA MET G 308 25.76 -40.23 -41.58
C MET G 308 26.94 -39.48 -41.01
N GLY G 309 27.99 -39.40 -41.80
CA GLY G 309 29.24 -38.79 -41.35
C GLY G 309 29.42 -37.51 -42.13
N LEU G 310 30.13 -36.54 -41.53
CA LEU G 310 30.47 -35.27 -42.14
C LEU G 310 31.95 -35.24 -42.49
N TYR G 311 32.21 -34.76 -43.71
CA TYR G 311 33.53 -34.74 -44.22
C TYR G 311 33.83 -33.36 -44.75
N VAL G 312 35.08 -32.97 -44.72
CA VAL G 312 35.48 -31.67 -45.26
C VAL G 312 36.81 -31.74 -46.00
N LYS G 313 37.00 -30.85 -46.97
CA LYS G 313 38.33 -30.61 -47.51
C LYS G 313 38.41 -29.22 -48.08
N TYR G 314 39.50 -28.52 -47.79
CA TYR G 314 39.66 -27.13 -48.26
C TYR G 314 40.54 -27.07 -49.54
N ASP G 315 40.13 -26.24 -50.49
CA ASP G 315 40.88 -25.98 -51.75
C ASP G 315 41.16 -27.24 -52.56
N GLY G 316 42.07 -27.13 -53.52
CA GLY G 316 42.42 -28.23 -54.38
C GLY G 316 41.36 -28.49 -55.44
N ASP G 317 41.48 -29.62 -56.14
CA ASP G 317 40.60 -29.93 -57.23
C ASP G 317 39.98 -31.28 -57.01
N PRO G 318 38.67 -31.33 -56.67
CA PRO G 318 38.05 -32.64 -56.40
C PRO G 318 38.22 -33.65 -57.55
N TRP G 319 38.54 -33.15 -58.74
CA TRP G 319 38.71 -33.98 -59.90
C TRP G 319 39.99 -34.75 -59.88
N THR G 320 40.99 -34.22 -59.19
CA THR G 320 42.39 -34.71 -59.27
C THR G 320 42.99 -35.03 -57.89
N ASP G 321 42.38 -34.50 -56.84
CA ASP G 321 42.81 -34.82 -55.49
C ASP G 321 42.39 -36.22 -55.07
N SER G 322 43.36 -37.11 -54.90
CA SER G 322 43.11 -38.45 -54.36
C SER G 322 43.19 -38.56 -52.83
N ASP G 323 43.71 -37.51 -52.18
CA ASP G 323 43.77 -37.51 -50.71
C ASP G 323 42.40 -37.74 -50.09
N ALA G 324 42.43 -38.38 -48.93
CA ALA G 324 41.25 -38.64 -48.14
C ALA G 324 40.59 -37.34 -47.71
N LEU G 325 39.26 -37.38 -47.61
CA LEU G 325 38.51 -36.29 -46.98
C LEU G 325 38.62 -36.41 -45.46
N ALA G 326 38.74 -35.29 -44.75
CA ALA G 326 38.90 -35.40 -43.32
C ALA G 326 37.51 -35.58 -42.70
N LEU G 327 37.42 -36.58 -41.82
CA LEU G 327 36.20 -36.85 -41.08
C LEU G 327 36.06 -35.78 -40.02
N SER G 328 34.95 -35.02 -40.10
CA SER G 328 34.71 -33.90 -39.22
C SER G 328 33.85 -34.34 -38.03
N GLY G 329 32.82 -35.16 -38.26
CA GLY G 329 32.03 -35.70 -37.15
C GLY G 329 30.95 -36.67 -37.60
N VAL G 330 30.35 -37.37 -36.64
CA VAL G 330 29.26 -38.31 -36.91
C VAL G 330 27.93 -37.58 -36.60
N MET G 331 27.20 -37.19 -37.66
CA MET G 331 25.87 -36.55 -37.50
C MET G 331 24.79 -37.55 -37.08
N VAL G 332 24.92 -38.79 -37.58
CA VAL G 332 23.93 -39.85 -37.35
C VAL G 332 24.66 -41.17 -37.10
N SER G 333 24.35 -41.81 -35.97
CA SER G 333 25.10 -43.03 -35.64
C SER G 333 24.69 -44.20 -36.54
N MET G 334 25.51 -45.26 -36.49
CA MET G 334 25.27 -46.47 -37.26
C MET G 334 23.92 -47.12 -36.94
N GLU G 335 23.33 -46.75 -35.82
CA GLU G 335 22.13 -47.42 -35.30
C GLU G 335 20.89 -46.73 -35.79
N GLU G 336 21.09 -45.56 -36.42
CA GLU G 336 20.02 -44.71 -36.87
C GLU G 336 20.06 -44.62 -38.40
N PRO G 337 18.87 -44.41 -39.00
CA PRO G 337 18.74 -44.36 -40.45
C PRO G 337 19.39 -43.11 -41.04
N GLY G 338 20.13 -43.28 -42.13
CA GLY G 338 20.77 -42.18 -42.84
C GLY G 338 20.52 -42.38 -44.33
N TRP G 339 19.51 -41.70 -44.85
CA TRP G 339 19.19 -41.90 -46.24
C TRP G 339 19.73 -40.73 -47.05
N TYR G 340 18.90 -40.04 -47.82
CA TYR G 340 19.41 -38.94 -48.64
C TYR G 340 19.96 -37.81 -47.78
N SER G 341 20.94 -37.10 -48.30
CA SER G 341 21.41 -35.90 -47.65
C SER G 341 21.63 -34.79 -48.67
N PHE G 342 21.55 -33.53 -48.25
CA PHE G 342 21.46 -32.41 -49.17
C PHE G 342 22.07 -31.21 -48.52
N GLY G 343 22.39 -30.21 -49.32
CA GLY G 343 23.03 -29.01 -48.81
C GLY G 343 22.13 -27.81 -49.04
N PHE G 344 22.29 -26.81 -48.19
CA PHE G 344 21.57 -25.56 -48.42
C PHE G 344 22.25 -24.47 -47.61
N GLU G 345 21.94 -23.21 -47.95
CA GLU G 345 22.51 -22.09 -47.23
C GLU G 345 21.41 -21.24 -46.60
N ILE G 346 21.58 -20.89 -45.34
CA ILE G 346 20.69 -19.93 -44.73
C ILE G 346 21.30 -18.55 -44.88
N LYS G 347 20.48 -17.57 -45.27
CA LYS G 347 20.93 -16.19 -45.46
CA LYS G 347 20.93 -16.20 -45.49
C LYS G 347 20.85 -15.38 -44.17
N ASP G 348 22.02 -15.08 -43.60
CA ASP G 348 22.16 -14.20 -42.46
C ASP G 348 22.26 -12.78 -43.06
N LYS G 349 22.33 -11.75 -42.22
CA LYS G 349 22.23 -10.37 -42.69
C LYS G 349 23.27 -10.00 -43.77
N LYS G 350 24.51 -10.43 -43.60
CA LYS G 350 25.59 -10.01 -44.51
C LYS G 350 26.38 -11.17 -45.09
N CYS G 351 26.01 -12.41 -44.73
CA CYS G 351 26.75 -13.61 -45.10
C CYS G 351 25.84 -14.81 -45.09
N ASP G 352 26.32 -15.90 -45.67
CA ASP G 352 25.57 -17.13 -45.88
C ASP G 352 26.00 -18.24 -44.92
N VAL G 353 25.05 -19.05 -44.45
CA VAL G 353 25.39 -20.13 -43.50
C VAL G 353 25.23 -21.52 -44.16
N PRO G 354 26.37 -22.18 -44.47
CA PRO G 354 26.27 -23.51 -45.10
C PRO G 354 25.72 -24.58 -44.14
N CYS G 355 24.78 -25.37 -44.63
CA CYS G 355 24.12 -26.39 -43.84
C CYS G 355 23.99 -27.68 -44.61
N ILE G 356 24.02 -28.79 -43.89
CA ILE G 356 23.71 -30.08 -44.46
C ILE G 356 22.48 -30.65 -43.79
N GLY G 357 21.50 -31.07 -44.59
CA GLY G 357 20.34 -31.78 -44.06
C GLY G 357 20.35 -33.27 -44.41
N ILE G 358 19.80 -34.06 -43.52
CA ILE G 358 19.79 -35.49 -43.68
C ILE G 358 18.36 -36.05 -43.54
N GLU G 359 17.95 -36.84 -44.52
CA GLU G 359 16.67 -37.49 -44.52
C GLU G 359 16.88 -38.75 -43.74
N MET G 360 16.13 -38.88 -42.64
CA MET G 360 16.16 -40.10 -41.80
C MET G 360 14.85 -40.87 -41.97
N VAL G 361 14.93 -41.88 -42.82
CA VAL G 361 13.75 -42.60 -43.23
C VAL G 361 13.38 -43.64 -42.18
N HIS G 362 12.10 -43.70 -41.88
CA HIS G 362 11.53 -44.72 -41.02
C HIS G 362 11.10 -45.83 -41.95
N ASP G 363 11.89 -46.90 -41.95
CA ASP G 363 11.68 -48.02 -42.88
C ASP G 363 11.37 -49.27 -42.09
N GLY G 364 10.15 -49.76 -42.24
CA GLY G 364 9.76 -51.08 -41.68
C GLY G 364 9.18 -52.01 -42.76
N GLY G 365 9.59 -51.82 -44.01
CA GLY G 365 9.08 -52.65 -45.13
C GLY G 365 7.85 -52.02 -45.80
N LYS G 366 7.29 -52.73 -46.79
CA LYS G 366 6.12 -52.27 -47.56
C LYS G 366 4.78 -52.59 -46.89
N GLU G 367 4.83 -53.32 -45.76
CA GLU G 367 3.63 -53.73 -45.01
C GLU G 367 3.15 -52.68 -43.97
N THR G 368 3.85 -51.53 -43.93
CA THR G 368 3.53 -50.42 -43.03
C THR G 368 3.92 -49.09 -43.72
N TRP G 369 3.66 -47.96 -43.06
CA TRP G 369 4.03 -46.63 -43.57
C TRP G 369 5.53 -46.41 -43.77
N HIS G 370 5.86 -45.58 -44.75
CA HIS G 370 7.23 -45.29 -45.11
C HIS G 370 7.42 -43.78 -45.22
N SER G 371 8.11 -43.17 -44.26
CA SER G 371 8.31 -41.72 -44.22
C SER G 371 9.69 -41.36 -43.65
N ALA G 372 9.90 -40.07 -43.36
CA ALA G 372 11.22 -39.61 -42.97
C ALA G 372 11.14 -38.41 -42.06
N ALA G 373 12.14 -38.32 -41.19
CA ALA G 373 12.45 -37.14 -40.43
C ALA G 373 13.57 -36.40 -41.18
N THR G 374 13.84 -35.16 -40.78
CA THR G 374 14.89 -34.36 -41.37
C THR G 374 15.77 -33.75 -40.27
N ALA G 375 17.06 -34.13 -40.26
CA ALA G 375 18.08 -33.60 -39.33
C ALA G 375 18.92 -32.52 -40.02
N ILE G 376 19.14 -31.41 -39.33
CA ILE G 376 19.86 -30.26 -39.91
C ILE G 376 21.15 -29.96 -39.13
N TYR G 377 22.25 -29.84 -39.87
CA TYR G 377 23.56 -29.50 -39.28
C TYR G 377 24.10 -28.29 -40.02
N CYS G 378 24.53 -27.28 -39.28
CA CYS G 378 25.02 -26.07 -39.90
C CYS G 378 26.38 -25.71 -39.36
N LEU G 379 27.14 -24.98 -40.17
CA LEU G 379 28.36 -24.33 -39.73
C LEU G 379 28.04 -23.29 -38.68
N MET G 380 28.66 -23.43 -37.52
CA MET G 380 28.48 -22.50 -36.39
C MET G 380 29.63 -22.60 -35.35
N GLY G 381 30.37 -21.51 -35.21
CA GLY G 381 31.41 -21.43 -34.21
C GLY G 381 32.63 -22.29 -34.53
N SER G 382 33.43 -22.51 -33.52
CA SER G 382 34.72 -23.18 -33.67
CA SER G 382 34.72 -23.18 -33.68
C SER G 382 34.72 -24.50 -32.92
N GLY G 383 35.79 -25.29 -33.07
CA GLY G 383 35.92 -26.55 -32.33
C GLY G 383 35.48 -27.75 -33.17
N GLN G 384 34.81 -28.72 -32.55
CA GLN G 384 34.45 -29.96 -33.26
CA GLN G 384 34.44 -29.95 -33.28
C GLN G 384 32.97 -30.29 -33.14
N LEU G 385 32.46 -31.07 -34.08
CA LEU G 385 31.10 -31.52 -34.08
C LEU G 385 30.83 -32.34 -32.82
N LEU G 386 29.79 -31.96 -32.08
CA LEU G 386 29.59 -32.49 -30.75
C LEU G 386 28.58 -33.62 -30.63
N TRP G 387 27.47 -33.56 -31.39
CA TRP G 387 26.38 -34.46 -31.05
C TRP G 387 25.66 -35.04 -32.23
N ASP G 388 25.21 -36.27 -32.08
CA ASP G 388 24.45 -36.91 -33.15
C ASP G 388 22.92 -36.65 -33.04
N THR G 389 22.19 -37.06 -34.07
CA THR G 389 20.74 -36.97 -34.11
C THR G 389 20.05 -38.33 -34.17
N VAL G 390 19.06 -38.53 -33.30
CA VAL G 390 18.13 -39.63 -33.40
C VAL G 390 16.69 -39.13 -33.82
N THR G 391 15.92 -39.93 -34.54
CA THR G 391 14.53 -39.57 -34.80
C THR G 391 13.63 -39.69 -33.55
N GLY G 392 13.99 -40.60 -32.64
CA GLY G 392 13.19 -40.92 -31.44
C GLY G 392 11.91 -41.69 -31.70
N VAL G 393 11.72 -42.16 -32.95
CA VAL G 393 10.39 -42.68 -33.41
C VAL G 393 10.32 -44.21 -33.26
N ASP G 394 9.27 -44.70 -32.59
CA ASP G 394 8.97 -46.11 -32.54
C ASP G 394 7.86 -46.42 -33.57
N MET G 395 8.22 -47.17 -34.62
CA MET G 395 7.29 -47.41 -35.72
C MET G 395 6.11 -48.31 -35.39
N ALA G 396 6.13 -48.96 -34.24
CA ALA G 396 5.04 -49.82 -33.80
C ALA G 396 3.85 -49.03 -33.23
N LEU G 397 4.08 -47.75 -32.87
CA LEU G 397 3.05 -46.94 -32.20
C LEU G 397 2.11 -46.30 -33.22
N PRO H 9 -3.00 -0.26 -54.67
CA PRO H 9 -3.60 -1.24 -55.61
C PRO H 9 -4.64 -0.64 -56.55
N GLU H 10 -4.68 -1.16 -57.78
CA GLU H 10 -5.56 -0.65 -58.81
CA GLU H 10 -5.51 -0.64 -58.85
C GLU H 10 -6.43 -1.75 -59.41
N TRP H 11 -7.47 -1.36 -60.13
CA TRP H 11 -8.34 -2.35 -60.75
C TRP H 11 -7.58 -3.29 -61.70
N THR H 12 -7.99 -4.55 -61.71
CA THR H 12 -7.42 -5.56 -62.60
CA THR H 12 -7.38 -5.49 -62.62
C THR H 12 -8.20 -5.61 -63.93
N TYR H 13 -7.49 -5.98 -65.01
CA TYR H 13 -8.05 -6.19 -66.33
C TYR H 13 -7.50 -7.54 -66.80
N PRO H 14 -8.22 -8.25 -67.67
CA PRO H 14 -7.66 -9.42 -68.35
C PRO H 14 -6.48 -9.03 -69.25
N ARG H 15 -5.45 -9.86 -69.28
CA ARG H 15 -4.24 -9.59 -70.09
C ARG H 15 -4.04 -10.74 -71.04
N LEU H 16 -3.11 -10.60 -71.98
CA LEU H 16 -2.71 -11.69 -72.86
C LEU H 16 -2.24 -12.90 -72.01
N SER H 17 -2.69 -14.10 -72.39
CA SER H 17 -2.37 -15.31 -71.66
C SER H 17 -0.89 -15.63 -71.81
N CYS H 18 -0.35 -16.32 -70.81
CA CYS H 18 1.04 -16.76 -70.85
C CYS H 18 1.27 -17.72 -72.03
N PRO H 19 2.54 -17.84 -72.49
CA PRO H 19 2.77 -18.74 -73.62
C PRO H 19 2.42 -20.17 -73.21
N GLY H 20 2.05 -20.99 -74.18
CA GLY H 20 1.81 -22.41 -73.94
C GLY H 20 0.82 -22.90 -74.97
N SER H 21 0.77 -24.21 -75.21
CA SER H 21 -0.15 -24.76 -76.24
C SER H 21 -0.73 -26.09 -75.77
N THR H 22 -0.48 -26.43 -74.50
CA THR H 22 -1.05 -27.63 -73.93
C THR H 22 -1.37 -27.42 -72.43
N PHE H 23 -2.42 -28.08 -71.94
CA PHE H 23 -2.64 -28.12 -70.52
C PHE H 23 -1.87 -29.33 -69.98
N GLN H 24 -1.54 -29.26 -68.69
CA GLN H 24 -0.93 -30.39 -67.97
C GLN H 24 -1.51 -30.48 -66.57
N LYS H 25 -1.44 -31.66 -65.97
CA LYS H 25 -1.84 -31.88 -64.59
C LYS H 25 -1.04 -30.98 -63.62
N ALA H 26 -1.72 -30.11 -62.89
CA ALA H 26 -1.05 -29.17 -62.00
C ALA H 26 -1.10 -29.57 -60.54
N LEU H 27 -2.31 -29.76 -59.99
CA LEU H 27 -2.48 -29.92 -58.55
C LEU H 27 -3.73 -30.73 -58.29
N LEU H 28 -3.66 -31.64 -57.33
CA LEU H 28 -4.83 -32.30 -56.78
C LEU H 28 -5.07 -31.82 -55.33
N ILE H 29 -6.28 -31.36 -55.05
CA ILE H 29 -6.70 -31.13 -53.66
C ILE H 29 -7.68 -32.22 -53.32
N SER H 30 -7.19 -33.23 -52.57
CA SER H 30 -8.01 -34.38 -52.19
C SER H 30 -8.09 -34.49 -50.65
N PRO H 31 -9.01 -33.74 -50.05
CA PRO H 31 -9.04 -33.59 -48.59
C PRO H 31 -9.35 -34.88 -47.87
N HIS H 32 -10.17 -35.71 -48.51
CA HIS H 32 -10.71 -36.94 -47.96
C HIS H 32 -9.75 -38.12 -47.96
N ARG H 33 -8.55 -37.89 -48.54
CA ARG H 33 -7.40 -38.77 -48.32
C ARG H 33 -7.04 -38.83 -46.86
N PHE H 34 -7.56 -37.88 -46.10
CA PHE H 34 -7.27 -37.76 -44.64
C PHE H 34 -8.50 -37.93 -43.74
N GLY H 35 -9.64 -38.31 -44.33
CA GLY H 35 -10.88 -38.50 -43.56
C GLY H 35 -11.15 -39.89 -42.98
N GLU H 36 -10.11 -40.74 -42.88
CA GLU H 36 -10.27 -42.09 -42.32
C GLU H 36 -10.69 -42.02 -40.86
N THR H 37 -11.40 -43.02 -40.40
CA THR H 37 -11.68 -43.18 -38.97
C THR H 37 -10.36 -43.37 -38.22
N LYS H 38 -9.42 -44.05 -38.87
CA LYS H 38 -8.13 -44.38 -38.25
C LYS H 38 -7.23 -43.13 -38.23
N GLY H 39 -7.67 -42.09 -38.94
CA GLY H 39 -6.96 -40.82 -39.02
C GLY H 39 -7.24 -39.84 -37.90
N ASN H 40 -6.68 -38.63 -38.04
CA ASN H 40 -6.83 -37.56 -37.05
C ASN H 40 -7.07 -36.21 -37.69
N SER H 41 -7.76 -36.18 -38.83
CA SER H 41 -7.98 -34.94 -39.56
C SER H 41 -9.47 -34.65 -39.69
N ALA H 42 -9.77 -33.47 -40.20
CA ALA H 42 -11.13 -33.03 -40.34
C ALA H 42 -11.38 -32.38 -41.68
N PRO H 43 -11.28 -33.15 -42.76
CA PRO H 43 -11.74 -32.58 -44.03
C PRO H 43 -13.20 -32.16 -44.05
N LEU H 44 -13.44 -30.96 -44.52
CA LEU H 44 -14.84 -30.51 -44.64
C LEU H 44 -15.58 -31.28 -45.72
N ILE H 45 -16.84 -31.65 -45.46
CA ILE H 45 -17.71 -32.21 -46.52
C ILE H 45 -18.19 -31.09 -47.45
N ILE H 46 -17.74 -31.15 -48.71
CA ILE H 46 -18.02 -30.04 -49.61
C ILE H 46 -18.65 -30.48 -50.92
N ARG H 47 -19.07 -29.51 -51.73
CA ARG H 47 -19.33 -29.75 -53.14
C ARG H 47 -19.30 -28.40 -53.90
N GLU H 48 -19.41 -28.48 -55.23
CA GLU H 48 -19.34 -27.32 -56.14
C GLU H 48 -18.14 -26.46 -55.77
N PRO H 49 -16.93 -27.06 -55.79
CA PRO H 49 -15.78 -26.23 -55.58
C PRO H 49 -15.52 -25.38 -56.82
N PHE H 50 -14.79 -24.30 -56.62
CA PHE H 50 -14.25 -23.51 -57.69
C PHE H 50 -13.10 -22.74 -57.13
N ILE H 51 -12.35 -22.10 -58.02
CA ILE H 51 -11.15 -21.36 -57.68
C ILE H 51 -11.19 -19.99 -58.35
N ALA H 52 -10.67 -19.00 -57.64
CA ALA H 52 -10.66 -17.62 -58.11
C ALA H 52 -9.38 -17.01 -57.61
N CYS H 53 -8.77 -16.19 -58.43
CA CYS H 53 -7.43 -15.75 -58.20
C CYS H 53 -7.34 -14.24 -58.23
N GLY H 54 -6.52 -13.71 -57.31
CA GLY H 54 -6.21 -12.31 -57.29
C GLY H 54 -4.79 -12.11 -57.77
N PRO H 55 -4.31 -10.85 -57.69
CA PRO H 55 -2.97 -10.54 -58.17
C PRO H 55 -1.87 -11.24 -57.33
N LYS H 56 -2.21 -11.73 -56.14
CA LYS H 56 -1.18 -12.40 -55.33
C LYS H 56 -1.51 -13.81 -54.83
N GLU H 57 -2.78 -14.21 -54.88
CA GLU H 57 -3.23 -15.42 -54.22
C GLU H 57 -4.40 -15.98 -55.00
N CYS H 58 -4.51 -17.30 -55.04
CA CYS H 58 -5.72 -17.99 -55.50
C CYS H 58 -6.47 -18.61 -54.33
N LYS H 59 -7.80 -18.41 -54.29
CA LYS H 59 -8.61 -19.00 -53.23
C LYS H 59 -9.42 -20.19 -53.75
N HIS H 60 -9.42 -21.28 -52.98
CA HIS H 60 -10.15 -22.49 -53.32
C HIS H 60 -11.47 -22.44 -52.55
N PHE H 61 -12.55 -22.19 -53.27
CA PHE H 61 -13.88 -22.06 -52.68
C PHE H 61 -14.64 -23.37 -52.80
N ALA H 62 -15.55 -23.60 -51.86
CA ALA H 62 -16.57 -24.64 -51.98
C ALA H 62 -17.77 -24.32 -51.11
N LEU H 63 -18.84 -25.10 -51.29
CA LEU H 63 -20.03 -25.05 -50.48
C LEU H 63 -19.99 -26.25 -49.56
N THR H 64 -19.97 -25.99 -48.25
CA THR H 64 -19.87 -27.08 -47.30
C THR H 64 -21.20 -27.36 -46.62
N HIS H 65 -21.36 -28.60 -46.16
CA HIS H 65 -22.56 -28.97 -45.39
C HIS H 65 -22.39 -28.71 -43.89
N TYR H 66 -21.35 -27.95 -43.57
CA TYR H 66 -20.98 -27.62 -42.22
C TYR H 66 -20.74 -28.92 -41.40
N ALA H 67 -20.02 -29.85 -42.02
CA ALA H 67 -19.78 -31.21 -41.48
C ALA H 67 -18.41 -31.71 -41.93
N ALA H 68 -17.76 -32.55 -41.11
CA ALA H 68 -16.49 -33.10 -41.46
C ALA H 68 -16.56 -34.62 -41.56
N GLN H 69 -15.58 -35.18 -42.29
CA GLN H 69 -15.25 -36.60 -42.25
C GLN H 69 -13.96 -36.88 -41.47
N PRO H 70 -13.96 -37.86 -40.52
CA PRO H 70 -15.16 -38.57 -40.02
C PRO H 70 -16.03 -37.69 -39.11
N GLY H 71 -17.33 -37.99 -39.08
CA GLY H 71 -18.29 -37.18 -38.34
C GLY H 71 -19.60 -37.92 -38.23
N GLY H 72 -20.56 -37.30 -37.54
CA GLY H 72 -21.88 -37.87 -37.34
C GLY H 72 -22.98 -37.17 -38.15
N TYR H 73 -22.62 -36.24 -39.02
CA TYR H 73 -23.67 -35.56 -39.78
C TYR H 73 -23.68 -35.86 -41.27
N TYR H 74 -23.51 -37.13 -41.64
CA TYR H 74 -23.47 -37.49 -43.08
C TYR H 74 -24.84 -37.39 -43.77
N ASN H 75 -25.92 -37.59 -43.00
CA ASN H 75 -27.30 -37.56 -43.53
C ASN H 75 -27.66 -36.18 -44.03
N GLY H 76 -28.06 -36.12 -45.31
CA GLY H 76 -28.40 -34.87 -45.97
C GLY H 76 -27.27 -34.24 -46.79
N THR H 77 -26.10 -34.89 -46.82
CA THR H 77 -24.95 -34.29 -47.57
C THR H 77 -25.02 -34.51 -49.06
N ARG H 78 -25.91 -35.40 -49.52
CA ARG H 78 -26.17 -35.55 -50.96
C ARG H 78 -27.03 -34.44 -51.51
N GLY H 79 -27.93 -33.87 -50.70
CA GLY H 79 -28.73 -32.72 -51.12
C GLY H 79 -27.90 -31.45 -51.24
N ASP H 80 -28.45 -30.42 -51.89
CA ASP H 80 -27.73 -29.14 -52.04
C ASP H 80 -28.18 -27.98 -51.10
N ARG H 81 -29.48 -27.88 -50.89
CA ARG H 81 -30.11 -26.76 -50.20
C ARG H 81 -30.51 -27.18 -48.80
N ASN H 82 -29.95 -26.49 -47.80
CA ASN H 82 -30.39 -26.53 -46.41
C ASN H 82 -29.93 -25.28 -45.66
N LYS H 83 -30.35 -25.19 -44.41
CA LYS H 83 -30.03 -23.99 -43.66
C LYS H 83 -28.59 -23.96 -43.13
N LEU H 84 -27.84 -25.04 -43.30
CA LEU H 84 -26.47 -25.13 -42.72
C LEU H 84 -25.38 -24.88 -43.76
N ARG H 85 -25.76 -24.96 -45.02
CA ARG H 85 -24.82 -24.84 -46.13
C ARG H 85 -24.14 -23.49 -46.12
N HIS H 86 -22.81 -23.46 -46.35
CA HIS H 86 -22.03 -22.23 -46.24
C HIS H 86 -20.99 -22.17 -47.36
N LEU H 87 -20.75 -20.97 -47.90
CA LEU H 87 -19.58 -20.71 -48.73
C LEU H 87 -18.30 -20.66 -47.87
N ILE H 88 -17.32 -21.46 -48.24
CA ILE H 88 -16.00 -21.48 -47.56
C ILE H 88 -14.79 -21.33 -48.52
N SER H 89 -13.64 -20.98 -47.97
CA SER H 89 -12.44 -20.97 -48.82
C SER H 89 -11.19 -21.29 -48.01
N VAL H 90 -10.20 -21.84 -48.71
CA VAL H 90 -8.80 -21.85 -48.26
C VAL H 90 -7.98 -21.26 -49.40
N LYS H 91 -6.77 -20.83 -49.07
CA LYS H 91 -5.81 -20.46 -50.03
C LYS H 91 -5.53 -21.72 -50.85
N LEU H 92 -5.60 -21.65 -52.17
CA LEU H 92 -5.23 -22.81 -53.00
C LEU H 92 -3.88 -23.41 -52.55
N GLY H 93 -3.92 -24.69 -52.19
CA GLY H 93 -2.77 -25.45 -51.82
C GLY H 93 -3.01 -25.99 -50.43
N LYS H 94 -3.88 -25.32 -49.66
CA LYS H 94 -4.19 -25.73 -48.31
C LYS H 94 -5.31 -26.74 -48.36
N ILE H 95 -5.31 -27.70 -47.44
CA ILE H 95 -6.41 -28.67 -47.39
C ILE H 95 -7.59 -28.03 -46.65
N PRO H 96 -8.78 -28.00 -47.28
CA PRO H 96 -9.97 -27.41 -46.63
C PRO H 96 -10.50 -28.26 -45.46
N THR H 97 -9.89 -28.08 -44.30
CA THR H 97 -10.31 -28.72 -43.09
C THR H 97 -11.14 -27.73 -42.28
N VAL H 98 -11.75 -28.22 -41.19
CA VAL H 98 -12.44 -27.40 -40.20
C VAL H 98 -11.68 -26.12 -39.84
N GLU H 99 -10.42 -26.31 -39.42
CA GLU H 99 -9.58 -25.23 -38.96
C GLU H 99 -8.96 -24.36 -40.08
N ASN H 100 -8.53 -24.98 -41.17
CA ASN H 100 -7.91 -24.24 -42.25
C ASN H 100 -8.91 -23.34 -42.94
N SER H 101 -10.16 -23.80 -43.04
CA SER H 101 -11.19 -23.06 -43.78
C SER H 101 -11.61 -21.76 -43.11
N ILE H 102 -12.11 -20.85 -43.93
CA ILE H 102 -12.79 -19.68 -43.41
C ILE H 102 -14.22 -19.71 -43.97
N PHE H 103 -15.20 -19.44 -43.11
CA PHE H 103 -16.61 -19.43 -43.49
C PHE H 103 -17.04 -18.03 -43.84
N HIS H 104 -17.46 -17.82 -45.06
CA HIS H 104 -17.75 -16.47 -45.55
C HIS H 104 -19.17 -16.06 -45.29
N MET H 105 -20.10 -16.93 -45.66
CA MET H 105 -21.54 -16.66 -45.53
C MET H 105 -22.36 -17.90 -45.76
N ALA H 106 -23.59 -17.89 -45.25
CA ALA H 106 -24.51 -18.98 -45.49
C ALA H 106 -24.87 -18.94 -46.98
N ALA H 107 -24.84 -20.09 -47.66
CA ALA H 107 -25.00 -20.16 -49.15
C ALA H 107 -25.15 -21.59 -49.58
N TRP H 108 -26.18 -21.86 -50.37
CA TRP H 108 -26.24 -23.12 -51.09
C TRP H 108 -26.02 -22.98 -52.62
N SER H 109 -25.69 -21.78 -53.05
CA SER H 109 -25.18 -21.53 -54.39
C SER H 109 -24.19 -20.39 -54.31
N GLY H 110 -23.11 -20.48 -55.07
CA GLY H 110 -21.97 -19.61 -54.75
C GLY H 110 -21.15 -19.07 -55.89
N SER H 111 -20.42 -17.98 -55.63
CA SER H 111 -19.41 -17.47 -56.59
C SER H 111 -18.52 -16.42 -55.90
N ALA H 112 -17.39 -16.07 -56.53
CA ALA H 112 -16.47 -15.07 -56.00
C ALA H 112 -15.49 -14.59 -57.03
N CYS H 113 -14.94 -13.39 -56.80
CA CYS H 113 -13.95 -12.83 -57.72
C CYS H 113 -13.21 -11.68 -57.08
N HIS H 114 -12.05 -11.38 -57.66
CA HIS H 114 -11.18 -10.32 -57.13
C HIS H 114 -11.07 -9.24 -58.15
N ASP H 115 -11.21 -7.99 -57.70
CA ASP H 115 -11.27 -6.88 -58.62
C ASP H 115 -9.96 -6.11 -58.75
N GLY H 116 -8.92 -6.57 -58.09
CA GLY H 116 -7.68 -5.85 -58.10
C GLY H 116 -7.43 -5.20 -56.76
N LYS H 117 -8.51 -4.89 -56.03
CA LYS H 117 -8.41 -4.21 -54.74
C LYS H 117 -8.94 -5.10 -53.61
N GLU H 118 -10.01 -5.86 -53.85
CA GLU H 118 -10.72 -6.59 -52.81
C GLU H 118 -11.52 -7.73 -53.42
N TRP H 119 -11.83 -8.69 -52.56
CA TRP H 119 -12.65 -9.87 -52.85
C TRP H 119 -14.15 -9.58 -52.76
N THR H 120 -14.89 -10.04 -53.77
CA THR H 120 -16.34 -10.02 -53.73
C THR H 120 -16.76 -11.48 -53.55
N TYR H 121 -17.53 -11.75 -52.49
CA TYR H 121 -18.11 -13.07 -52.30
C TYR H 121 -19.65 -13.13 -52.54
N ILE H 122 -20.11 -14.16 -53.22
CA ILE H 122 -21.52 -14.25 -53.55
C ILE H 122 -22.11 -15.55 -53.05
N GLY H 123 -23.14 -15.42 -52.22
CA GLY H 123 -23.82 -16.59 -51.65
C GLY H 123 -25.33 -16.50 -51.72
N VAL H 124 -25.96 -17.54 -52.29
CA VAL H 124 -27.40 -17.64 -52.32
C VAL H 124 -27.91 -18.61 -51.25
N ASP H 125 -28.82 -18.14 -50.40
CA ASP H 125 -29.57 -19.02 -49.54
C ASP H 125 -31.06 -18.65 -49.50
N GLY H 126 -31.80 -19.27 -48.58
CA GLY H 126 -33.21 -19.01 -48.43
C GLY H 126 -34.15 -20.03 -49.05
N PRO H 127 -35.46 -19.79 -48.97
CA PRO H 127 -36.43 -20.81 -49.41
C PRO H 127 -36.48 -20.97 -50.91
N GLU H 128 -36.89 -22.16 -51.35
CA GLU H 128 -36.95 -22.50 -52.76
C GLU H 128 -37.68 -21.43 -53.59
N ASN H 129 -38.77 -20.93 -53.02
CA ASN H 129 -39.70 -20.11 -53.79
C ASN H 129 -39.36 -18.64 -53.72
N ASN H 130 -38.35 -18.31 -52.92
CA ASN H 130 -38.00 -16.90 -52.66
C ASN H 130 -36.59 -16.79 -52.05
N ALA H 131 -35.65 -17.45 -52.71
CA ALA H 131 -34.23 -17.39 -52.40
C ALA H 131 -33.58 -16.01 -52.56
N LEU H 132 -32.44 -15.86 -51.90
CA LEU H 132 -31.79 -14.57 -51.79
C LEU H 132 -30.33 -14.65 -52.15
N LEU H 133 -29.90 -13.85 -53.12
CA LEU H 133 -28.48 -13.75 -53.39
C LEU H 133 -27.87 -12.61 -52.58
N LYS H 134 -26.79 -12.95 -51.87
CA LYS H 134 -26.13 -12.01 -50.94
C LYS H 134 -24.73 -11.70 -51.37
N ILE H 135 -24.40 -10.40 -51.45
CA ILE H 135 -23.03 -9.94 -51.75
C ILE H 135 -22.19 -9.48 -50.54
N LYS H 136 -20.94 -9.94 -50.51
CA LYS H 136 -19.97 -9.54 -49.45
C LYS H 136 -18.75 -8.94 -50.11
N TYR H 137 -18.38 -7.74 -49.66
CA TYR H 137 -17.19 -7.09 -50.15
C TYR H 137 -16.19 -7.03 -48.99
N GLY H 138 -15.14 -7.82 -49.10
CA GLY H 138 -14.20 -8.03 -47.99
C GLY H 138 -14.91 -8.70 -46.84
N GLU H 139 -15.02 -7.98 -45.74
CA GLU H 139 -15.70 -8.47 -44.55
C GLU H 139 -17.15 -8.01 -44.46
N ALA H 140 -17.51 -7.03 -45.29
CA ALA H 140 -18.78 -6.36 -45.21
C ALA H 140 -19.85 -6.96 -46.14
N TYR H 141 -21.01 -7.28 -45.55
CA TYR H 141 -22.23 -7.57 -46.35
C TYR H 141 -22.71 -6.24 -46.91
N THR H 142 -22.87 -6.16 -48.23
CA THR H 142 -23.11 -4.90 -48.92
C THR H 142 -24.43 -4.84 -49.70
N ASP H 143 -24.87 -5.96 -50.26
CA ASP H 143 -26.08 -5.93 -51.12
C ASP H 143 -26.77 -7.29 -51.18
N THR H 144 -28.01 -7.31 -51.71
CA THR H 144 -28.67 -8.56 -52.04
C THR H 144 -29.41 -8.38 -53.35
N TYR H 145 -29.80 -9.50 -53.96
CA TYR H 145 -30.73 -9.51 -55.08
C TYR H 145 -31.80 -10.57 -54.79
N HIS H 146 -33.02 -10.34 -55.30
CA HIS H 146 -34.21 -11.16 -54.99
C HIS H 146 -34.60 -12.13 -56.11
N SER H 147 -35.12 -13.30 -55.74
CA SER H 147 -35.68 -14.27 -56.66
C SER H 147 -36.67 -13.59 -57.61
N TYR H 148 -36.51 -13.81 -58.91
CA TYR H 148 -37.37 -13.18 -59.91
C TYR H 148 -38.27 -14.12 -60.69
N ALA H 149 -38.10 -15.42 -60.49
CA ALA H 149 -39.02 -16.40 -61.08
C ALA H 149 -39.45 -17.37 -60.01
N ASN H 150 -39.13 -17.06 -58.77
CA ASN H 150 -39.62 -17.82 -57.64
C ASN H 150 -39.41 -19.34 -57.73
N ASN H 151 -38.30 -19.75 -58.36
CA ASN H 151 -37.95 -21.17 -58.36
C ASN H 151 -36.47 -21.39 -58.29
N ILE H 152 -35.94 -21.38 -57.06
CA ILE H 152 -34.51 -21.58 -56.76
C ILE H 152 -33.63 -20.59 -57.52
N LEU H 153 -33.61 -19.34 -57.06
CA LEU H 153 -32.57 -18.40 -57.53
C LEU H 153 -31.17 -19.05 -57.29
N ARG H 154 -30.29 -18.94 -58.30
CA ARG H 154 -29.10 -19.78 -58.48
C ARG H 154 -27.98 -18.94 -59.16
N THR H 155 -26.74 -19.24 -58.81
CA THR H 155 -25.62 -18.54 -59.44
C THR H 155 -24.63 -19.51 -60.14
N GLN H 156 -23.45 -19.00 -60.49
CA GLN H 156 -22.50 -19.69 -61.40
C GLN H 156 -21.80 -20.98 -60.88
N GLU H 157 -21.61 -21.09 -59.57
N GLU H 157 -21.63 -21.08 -59.57
CA GLU H 157 -20.71 -22.13 -58.98
CA GLU H 157 -20.72 -22.05 -58.91
C GLU H 157 -19.28 -22.02 -59.51
C GLU H 157 -19.29 -22.00 -59.48
N SER H 158 -18.93 -20.86 -60.07
CA SER H 158 -17.56 -20.55 -60.44
C SER H 158 -17.26 -19.07 -60.27
N ALA H 159 -16.03 -18.68 -60.55
CA ALA H 159 -15.64 -17.30 -60.37
C ALA H 159 -16.42 -16.30 -61.22
N CYS H 160 -16.77 -15.16 -60.64
CA CYS H 160 -17.21 -14.06 -61.42
C CYS H 160 -16.03 -13.39 -62.08
N ASN H 161 -16.30 -12.33 -62.82
CA ASN H 161 -15.31 -11.68 -63.64
C ASN H 161 -15.34 -10.16 -63.55
N CYS H 162 -14.27 -9.61 -63.00
CA CYS H 162 -14.12 -8.20 -62.78
C CYS H 162 -13.26 -7.50 -63.82
N ILE H 163 -13.71 -6.34 -64.27
CA ILE H 163 -12.92 -5.54 -65.20
C ILE H 163 -13.05 -4.08 -64.82
N GLY H 164 -11.93 -3.44 -64.52
CA GLY H 164 -11.98 -2.02 -64.16
C GLY H 164 -12.89 -1.71 -62.99
N GLY H 165 -13.08 -2.71 -62.13
CA GLY H 165 -13.85 -2.56 -60.88
C GLY H 165 -15.25 -3.10 -61.02
N ASN H 166 -15.67 -3.35 -62.27
CA ASN H 166 -16.98 -3.90 -62.54
C ASN H 166 -16.91 -5.40 -62.65
N CYS H 167 -17.51 -6.08 -61.68
CA CYS H 167 -17.63 -7.55 -61.67
C CYS H 167 -19.01 -8.04 -62.22
N TYR H 168 -18.97 -8.98 -63.15
CA TYR H 168 -20.15 -9.47 -63.85
C TYR H 168 -20.35 -10.89 -63.39
N LEU H 169 -21.61 -11.26 -63.18
CA LEU H 169 -21.97 -12.49 -62.48
C LEU H 169 -23.31 -12.93 -63.09
N MET H 170 -23.42 -14.23 -63.40
CA MET H 170 -24.62 -14.77 -63.99
C MET H 170 -25.45 -15.24 -62.83
N ILE H 171 -26.74 -14.99 -62.91
CA ILE H 171 -27.68 -15.50 -61.93
C ILE H 171 -28.76 -16.09 -62.78
N THR H 172 -29.44 -17.10 -62.24
CA THR H 172 -30.60 -17.63 -62.89
C THR H 172 -31.66 -18.06 -61.87
N ASP H 173 -32.87 -18.29 -62.36
CA ASP H 173 -34.00 -18.60 -61.49
C ASP H 173 -35.02 -19.29 -62.41
N GLY H 174 -35.70 -20.32 -61.90
CA GLY H 174 -36.69 -21.09 -62.70
C GLY H 174 -36.51 -22.58 -62.53
N SER H 175 -37.45 -23.31 -63.12
CA SER H 175 -37.56 -24.76 -63.02
C SER H 175 -36.34 -25.41 -63.61
N ALA H 176 -35.82 -26.38 -62.85
CA ALA H 176 -34.75 -27.22 -63.29
C ALA H 176 -35.10 -27.99 -64.57
N SER H 177 -36.38 -28.26 -64.75
CA SER H 177 -36.92 -29.10 -65.81
C SER H 177 -37.68 -28.24 -66.84
N GLY H 178 -37.72 -26.94 -66.61
CA GLY H 178 -38.50 -26.01 -67.43
C GLY H 178 -37.70 -24.78 -67.76
N ILE H 179 -38.41 -23.65 -67.89
CA ILE H 179 -37.80 -22.34 -68.16
C ILE H 179 -36.95 -21.81 -66.99
N SER H 180 -35.70 -21.49 -67.26
CA SER H 180 -34.83 -20.72 -66.38
C SER H 180 -34.10 -19.61 -67.16
N GLU H 181 -34.66 -18.42 -67.14
CA GLU H 181 -34.13 -17.33 -67.91
C GLU H 181 -33.11 -16.63 -67.04
N CYS H 182 -31.85 -16.69 -67.45
CA CYS H 182 -30.78 -16.12 -66.66
C CYS H 182 -30.70 -14.61 -66.81
N ARG H 183 -29.92 -14.01 -65.93
CA ARG H 183 -29.64 -12.59 -65.96
C ARG H 183 -28.20 -12.38 -65.58
N PHE H 184 -27.67 -11.20 -65.92
CA PHE H 184 -26.35 -10.80 -65.44
C PHE H 184 -26.34 -9.60 -64.52
N LEU H 185 -25.59 -9.69 -63.42
CA LEU H 185 -25.47 -8.58 -62.50
C LEU H 185 -24.13 -7.88 -62.68
N LYS H 186 -24.16 -6.56 -62.73
CA LYS H 186 -22.95 -5.72 -62.72
C LYS H 186 -22.81 -5.19 -61.31
N ILE H 187 -21.77 -5.68 -60.62
CA ILE H 187 -21.56 -5.37 -59.22
C ILE H 187 -20.23 -4.59 -59.08
N ARG H 188 -20.27 -3.45 -58.39
CA ARG H 188 -19.07 -2.65 -58.19
C ARG H 188 -18.92 -2.40 -56.70
N GLU H 189 -17.77 -2.82 -56.17
CA GLU H 189 -17.44 -2.69 -54.76
C GLU H 189 -18.54 -3.26 -53.88
N GLY H 190 -19.02 -4.42 -54.27
CA GLY H 190 -20.02 -5.10 -53.45
C GLY H 190 -21.48 -4.71 -53.70
N ARG H 191 -21.74 -3.76 -54.60
CA ARG H 191 -23.15 -3.33 -54.84
C ARG H 191 -23.55 -3.40 -56.32
N ILE H 192 -24.76 -3.89 -56.58
CA ILE H 192 -25.28 -4.05 -57.94
C ILE H 192 -25.60 -2.69 -58.55
N ILE H 193 -24.98 -2.35 -59.67
CA ILE H 193 -25.19 -1.04 -60.26
C ILE H 193 -26.01 -1.19 -61.57
N LYS H 194 -26.09 -2.41 -62.08
CA LYS H 194 -26.91 -2.68 -63.27
C LYS H 194 -27.37 -4.13 -63.29
N GLU H 195 -28.53 -4.35 -63.92
CA GLU H 195 -29.08 -5.67 -64.27
C GLU H 195 -29.05 -5.74 -65.77
N ILE H 196 -28.47 -6.81 -66.28
CA ILE H 196 -28.35 -6.98 -67.70
C ILE H 196 -29.26 -8.14 -68.11
N PHE H 197 -30.22 -7.83 -69.00
CA PHE H 197 -31.18 -8.84 -69.48
C PHE H 197 -30.76 -9.35 -70.87
N PRO H 198 -30.29 -10.62 -70.97
CA PRO H 198 -29.85 -11.18 -72.25
C PRO H 198 -30.96 -11.34 -73.32
N THR H 199 -30.56 -11.25 -74.57
CA THR H 199 -31.45 -11.56 -75.68
C THR H 199 -31.08 -12.89 -76.29
N GLY H 200 -31.94 -13.36 -77.18
CA GLY H 200 -31.67 -14.55 -78.01
C GLY H 200 -32.21 -15.82 -77.39
N ARG H 201 -31.42 -16.88 -77.39
CA ARG H 201 -31.92 -18.15 -76.92
C ARG H 201 -31.72 -18.19 -75.42
N VAL H 202 -32.74 -17.80 -74.68
CA VAL H 202 -32.73 -17.58 -73.23
C VAL H 202 -33.59 -18.61 -72.47
N LYS H 203 -34.20 -19.54 -73.21
CA LYS H 203 -35.12 -20.60 -72.73
C LYS H 203 -34.63 -21.27 -71.42
N HIS H 204 -33.37 -21.72 -71.40
CA HIS H 204 -32.80 -22.28 -70.16
C HIS H 204 -31.28 -22.07 -70.08
N THR H 205 -30.85 -21.28 -69.10
CA THR H 205 -29.42 -21.04 -68.91
C THR H 205 -29.05 -21.09 -67.45
N GLU H 206 -28.16 -22.00 -67.09
CA GLU H 206 -27.71 -22.04 -65.68
C GLU H 206 -26.26 -22.45 -65.48
N GLU H 207 -25.74 -22.21 -64.26
CA GLU H 207 -24.34 -22.53 -63.96
C GLU H 207 -23.36 -22.18 -65.09
N CYS H 208 -23.41 -20.94 -65.55
CA CYS H 208 -22.48 -20.41 -66.55
C CYS H 208 -21.05 -20.40 -66.05
N THR H 209 -20.15 -20.93 -66.87
CA THR H 209 -18.74 -20.79 -66.58
C THR H 209 -18.26 -19.70 -67.53
N CYS H 210 -17.86 -18.58 -66.93
CA CYS H 210 -17.58 -17.34 -67.66
C CYS H 210 -16.12 -16.93 -67.63
N GLY H 211 -15.69 -16.22 -68.68
CA GLY H 211 -14.27 -15.81 -68.80
C GLY H 211 -14.14 -14.66 -69.78
N PHE H 212 -13.06 -13.90 -69.68
CA PHE H 212 -12.85 -12.80 -70.61
C PHE H 212 -12.29 -13.31 -71.92
N ALA H 213 -12.99 -13.01 -73.02
CA ALA H 213 -12.46 -13.27 -74.36
C ALA H 213 -11.52 -12.14 -74.76
N SER H 214 -11.72 -10.97 -74.17
CA SER H 214 -10.96 -9.76 -74.43
C SER H 214 -11.36 -8.76 -73.33
N ASN H 215 -10.82 -7.55 -73.42
CA ASN H 215 -11.33 -6.41 -72.62
C ASN H 215 -12.75 -5.94 -72.94
N LYS H 216 -13.28 -6.39 -74.08
N LYS H 216 -13.27 -6.37 -74.09
CA LYS H 216 -14.61 -5.96 -74.52
CA LYS H 216 -14.59 -5.98 -74.56
C LYS H 216 -15.67 -7.00 -74.19
C LYS H 216 -15.65 -7.00 -74.17
N THR H 217 -15.29 -8.29 -74.20
CA THR H 217 -16.25 -9.39 -74.18
C THR H 217 -15.99 -10.45 -73.11
N ILE H 218 -17.05 -10.81 -72.37
CA ILE H 218 -17.08 -11.97 -71.51
C ILE H 218 -17.91 -13.04 -72.22
N GLU H 219 -17.49 -14.30 -72.10
CA GLU H 219 -18.19 -15.37 -72.76
C GLU H 219 -18.39 -16.44 -71.72
N CYS H 220 -19.49 -17.16 -71.82
CA CYS H 220 -19.78 -18.20 -70.86
C CYS H 220 -20.29 -19.45 -71.57
N ALA H 221 -19.91 -20.61 -71.05
CA ALA H 221 -20.48 -21.87 -71.52
C ALA H 221 -21.30 -22.39 -70.38
N CYS H 222 -22.59 -22.53 -70.65
CA CYS H 222 -23.55 -22.76 -69.57
C CYS H 222 -24.26 -24.12 -69.69
N ARG H 223 -25.18 -24.37 -68.76
CA ARG H 223 -25.89 -25.60 -68.66
C ARG H 223 -27.36 -25.37 -69.00
N ASP H 224 -27.92 -26.18 -69.91
CA ASP H 224 -29.36 -26.27 -70.09
C ASP H 224 -29.84 -27.58 -69.50
N ASN H 225 -30.60 -27.49 -68.41
CA ASN H 225 -30.98 -28.70 -67.71
C ASN H 225 -32.16 -29.42 -68.30
N SER H 226 -32.80 -28.82 -69.32
CA SER H 226 -34.11 -29.29 -69.79
C SER H 226 -34.14 -29.71 -71.25
N TYR H 227 -33.64 -28.86 -72.13
CA TYR H 227 -33.95 -29.00 -73.56
C TYR H 227 -32.85 -29.54 -74.49
N THR H 228 -31.59 -29.35 -74.10
CA THR H 228 -30.49 -29.66 -75.00
C THR H 228 -29.20 -30.08 -74.29
N ALA H 229 -28.41 -30.85 -75.03
CA ALA H 229 -27.10 -31.29 -74.63
C ALA H 229 -26.02 -30.35 -75.21
N LYS H 230 -26.45 -29.35 -75.98
CA LYS H 230 -25.58 -28.29 -76.46
C LYS H 230 -25.54 -27.28 -75.33
N ARG H 231 -24.38 -26.66 -75.09
CA ARG H 231 -24.29 -25.66 -74.07
C ARG H 231 -24.69 -24.34 -74.64
N PRO H 232 -25.60 -23.63 -73.95
CA PRO H 232 -25.87 -22.23 -74.25
C PRO H 232 -24.59 -21.43 -74.14
N PHE H 233 -24.38 -20.53 -75.08
CA PHE H 233 -23.10 -19.80 -75.10
C PHE H 233 -23.39 -18.31 -75.00
N VAL H 234 -22.95 -17.70 -73.91
CA VAL H 234 -23.25 -16.28 -73.66
C VAL H 234 -22.11 -15.43 -74.18
N LYS H 235 -22.43 -14.33 -74.88
CA LYS H 235 -21.45 -13.30 -75.20
C LYS H 235 -21.90 -11.98 -74.58
N LEU H 236 -21.10 -11.46 -73.67
CA LEU H 236 -21.47 -10.28 -72.91
C LEU H 236 -20.57 -9.15 -73.29
N ASN H 237 -21.13 -8.11 -73.91
CA ASN H 237 -20.34 -6.90 -74.20
C ASN H 237 -20.27 -6.05 -72.93
N VAL H 238 -19.07 -5.95 -72.31
CA VAL H 238 -18.95 -5.14 -71.07
C VAL H 238 -18.86 -3.63 -71.29
N GLU H 239 -18.56 -3.21 -72.50
CA GLU H 239 -18.61 -1.78 -72.81
C GLU H 239 -20.06 -1.24 -72.98
N THR H 240 -20.91 -1.99 -73.68
CA THR H 240 -22.31 -1.60 -73.85
C THR H 240 -23.21 -2.28 -72.80
N ASP H 241 -22.64 -3.21 -72.03
CA ASP H 241 -23.38 -4.00 -71.04
C ASP H 241 -24.56 -4.71 -71.66
N THR H 242 -24.32 -5.39 -72.78
CA THR H 242 -25.39 -6.12 -73.49
C THR H 242 -25.01 -7.58 -73.62
N ALA H 243 -25.97 -8.49 -73.52
CA ALA H 243 -25.63 -9.91 -73.54
C ALA H 243 -26.47 -10.65 -74.54
N GLU H 244 -25.87 -11.58 -75.29
CA GLU H 244 -26.66 -12.41 -76.21
C GLU H 244 -26.33 -13.89 -75.98
N ILE H 245 -27.27 -14.79 -76.22
CA ILE H 245 -27.09 -16.21 -75.86
C ILE H 245 -27.57 -17.04 -77.02
N ARG H 246 -26.71 -17.92 -77.52
CA ARG H 246 -27.08 -18.89 -78.55
CA ARG H 246 -27.06 -18.89 -78.57
C ARG H 246 -26.45 -20.22 -78.23
N LEU H 247 -27.08 -21.30 -78.63
CA LEU H 247 -26.48 -22.61 -78.41
C LEU H 247 -25.16 -22.79 -79.20
N MET H 248 -24.20 -23.51 -78.60
CA MET H 248 -22.92 -23.88 -79.19
C MET H 248 -23.21 -24.85 -80.29
N CYS H 249 -22.64 -24.57 -81.47
CA CYS H 249 -23.01 -25.29 -82.69
C CYS H 249 -22.22 -26.57 -82.86
N THR H 250 -21.08 -26.64 -82.17
CA THR H 250 -20.16 -27.75 -82.32
C THR H 250 -20.85 -29.09 -82.08
N GLU H 251 -20.54 -30.05 -82.93
CA GLU H 251 -21.07 -31.39 -82.79
C GLU H 251 -20.53 -32.12 -81.56
N THR H 252 -19.50 -31.53 -80.92
CA THR H 252 -18.92 -32.07 -79.68
C THR H 252 -19.73 -31.55 -78.46
N TYR H 253 -20.89 -32.13 -78.27
CA TYR H 253 -21.81 -31.66 -77.19
C TYR H 253 -21.14 -31.83 -75.86
N LEU H 254 -21.10 -30.75 -75.10
CA LEU H 254 -20.29 -30.72 -73.87
C LEU H 254 -21.10 -31.07 -72.61
N ASP H 255 -22.42 -31.24 -72.77
CA ASP H 255 -23.27 -31.48 -71.58
C ASP H 255 -23.30 -32.97 -71.20
N THR H 256 -23.73 -33.31 -69.99
CA THR H 256 -23.99 -34.70 -69.60
C THR H 256 -25.33 -34.72 -68.88
N PRO H 257 -26.31 -35.52 -69.36
CA PRO H 257 -26.22 -36.46 -70.50
C PRO H 257 -26.15 -35.77 -71.87
N ARG H 258 -25.87 -36.57 -72.89
CA ARG H 258 -25.76 -36.11 -74.26
C ARG H 258 -25.84 -37.31 -75.22
N PRO H 259 -26.31 -37.07 -76.46
CA PRO H 259 -26.33 -38.13 -77.47
C PRO H 259 -24.96 -38.21 -78.15
N ASP H 260 -24.81 -39.05 -79.16
CA ASP H 260 -23.56 -39.15 -79.90
C ASP H 260 -23.21 -37.82 -80.61
N ASP H 261 -21.94 -37.49 -80.69
CA ASP H 261 -21.45 -36.31 -81.42
C ASP H 261 -22.02 -36.25 -82.85
N GLY H 262 -22.53 -35.08 -83.22
CA GLY H 262 -23.07 -34.87 -84.57
C GLY H 262 -24.42 -35.51 -84.81
N SER H 263 -24.98 -36.21 -83.83
CA SER H 263 -26.26 -36.89 -84.01
C SER H 263 -27.46 -35.92 -83.98
N ILE H 264 -27.27 -34.73 -83.42
CA ILE H 264 -28.34 -33.73 -83.44
C ILE H 264 -28.45 -33.08 -84.82
N THR H 265 -29.42 -33.53 -85.64
CA THR H 265 -29.65 -32.99 -86.98
C THR H 265 -30.24 -31.56 -87.03
N GLY H 266 -30.14 -30.95 -88.22
CA GLY H 266 -30.65 -29.60 -88.47
C GLY H 266 -29.58 -28.57 -88.08
N PRO H 267 -29.94 -27.27 -88.17
CA PRO H 267 -28.95 -26.18 -87.92
C PRO H 267 -28.39 -26.09 -86.50
N CYS H 268 -27.53 -25.12 -86.29
CA CYS H 268 -26.94 -24.87 -84.97
C CYS H 268 -27.97 -24.66 -83.85
N GLU H 269 -29.15 -24.15 -84.20
CA GLU H 269 -30.17 -23.80 -83.17
C GLU H 269 -30.96 -25.03 -82.68
N SER H 270 -30.80 -26.17 -83.37
CA SER H 270 -31.55 -27.39 -83.01
C SER H 270 -31.24 -27.93 -81.64
N ASN H 271 -32.28 -28.31 -80.90
CA ASN H 271 -32.12 -28.77 -79.52
C ASN H 271 -31.31 -30.05 -79.30
N GLY H 272 -31.62 -31.21 -79.88
CA GLY H 272 -32.92 -31.76 -80.10
C GLY H 272 -32.99 -32.73 -78.91
N ASP H 273 -32.19 -33.81 -78.92
CA ASP H 273 -32.47 -34.98 -78.02
C ASP H 273 -31.56 -35.14 -76.80
N LYS H 274 -31.99 -35.98 -75.84
CA LYS H 274 -31.19 -36.31 -74.63
C LYS H 274 -30.80 -35.04 -73.85
N GLY H 275 -31.68 -34.03 -73.92
CA GLY H 275 -31.39 -32.73 -73.33
C GLY H 275 -31.73 -32.52 -71.87
N SER H 276 -32.60 -33.37 -71.30
CA SER H 276 -33.00 -33.24 -69.89
C SER H 276 -31.81 -33.64 -69.00
N GLY H 277 -31.61 -32.89 -67.91
CA GLY H 277 -30.46 -33.08 -67.04
C GLY H 277 -29.32 -32.27 -67.63
N GLY H 278 -28.19 -32.30 -66.96
CA GLY H 278 -27.05 -31.53 -67.41
C GLY H 278 -25.97 -31.54 -66.37
N ILE H 279 -24.97 -30.70 -66.56
CA ILE H 279 -23.81 -30.62 -65.68
C ILE H 279 -23.09 -29.30 -65.92
N LYS H 280 -22.51 -28.70 -64.88
CA LYS H 280 -21.60 -27.55 -65.09
C LYS H 280 -20.31 -27.98 -65.80
N GLY H 281 -19.92 -27.20 -66.80
CA GLY H 281 -18.88 -27.57 -67.75
C GLY H 281 -17.79 -26.53 -67.65
N GLY H 282 -16.55 -26.99 -67.72
CA GLY H 282 -15.43 -26.06 -67.62
C GLY H 282 -15.19 -25.35 -68.93
N PHE H 283 -14.57 -24.16 -68.84
CA PHE H 283 -14.40 -23.27 -69.97
C PHE H 283 -13.47 -22.16 -69.57
N VAL H 284 -12.49 -21.91 -70.44
CA VAL H 284 -11.50 -20.90 -70.17
C VAL H 284 -10.82 -20.41 -71.47
N HIS H 285 -10.44 -19.14 -71.45
CA HIS H 285 -9.82 -18.51 -72.61
C HIS H 285 -8.29 -18.49 -72.57
N GLN H 286 -7.70 -18.73 -73.74
CA GLN H 286 -6.27 -18.46 -73.97
C GLN H 286 -6.20 -17.30 -74.96
N ARG H 287 -5.96 -16.10 -74.43
CA ARG H 287 -5.92 -14.89 -75.25
C ARG H 287 -4.54 -14.63 -75.82
N MET H 288 -4.39 -14.70 -77.14
CA MET H 288 -3.13 -14.37 -77.78
C MET H 288 -3.37 -13.13 -78.61
N ALA H 289 -2.29 -12.51 -79.09
CA ALA H 289 -2.36 -11.27 -79.89
C ALA H 289 -3.40 -11.28 -81.03
N SER H 290 -3.23 -12.19 -82.00
CA SER H 290 -4.15 -12.27 -83.12
C SER H 290 -4.81 -13.65 -83.23
N LYS H 291 -5.03 -14.28 -82.09
CA LYS H 291 -5.73 -15.56 -82.02
C LYS H 291 -6.43 -15.69 -80.67
N ILE H 292 -7.54 -16.41 -80.64
CA ILE H 292 -8.15 -16.81 -79.36
C ILE H 292 -8.34 -18.33 -79.26
N GLY H 293 -7.99 -18.91 -78.12
CA GLY H 293 -8.24 -20.32 -77.86
C GLY H 293 -9.33 -20.45 -76.82
N ARG H 294 -10.28 -21.33 -77.10
CA ARG H 294 -11.31 -21.67 -76.16
C ARG H 294 -11.12 -23.11 -75.72
N TRP H 295 -10.90 -23.30 -74.41
CA TRP H 295 -10.64 -24.63 -73.84
C TRP H 295 -11.87 -25.07 -73.10
N TYR H 296 -12.22 -26.34 -73.25
CA TYR H 296 -13.48 -26.83 -72.69
C TYR H 296 -13.27 -28.18 -72.08
N SER H 297 -14.12 -28.55 -71.13
CA SER H 297 -14.07 -29.90 -70.59
C SER H 297 -15.44 -30.55 -70.53
N ARG H 298 -15.52 -31.85 -70.83
CA ARG H 298 -16.77 -32.60 -70.70
C ARG H 298 -16.45 -34.00 -70.19
N THR H 299 -17.43 -34.64 -69.53
CA THR H 299 -17.25 -35.98 -68.97
C THR H 299 -16.86 -36.95 -70.07
N MET H 300 -16.11 -37.98 -69.69
CA MET H 300 -15.75 -39.05 -70.62
C MET H 300 -16.99 -39.90 -70.98
N SER H 301 -17.87 -40.14 -70.00
CA SER H 301 -19.11 -40.90 -70.27
C SER H 301 -20.23 -39.97 -70.78
N LYS H 302 -20.94 -40.41 -71.81
CA LYS H 302 -22.05 -39.61 -72.35
C LYS H 302 -23.26 -39.46 -71.37
N THR H 303 -23.44 -40.44 -70.48
CA THR H 303 -24.61 -40.53 -69.61
C THR H 303 -24.32 -40.30 -68.14
N LYS H 304 -23.14 -40.73 -67.69
CA LYS H 304 -22.79 -40.68 -66.28
C LYS H 304 -21.73 -39.63 -66.01
N ARG H 305 -21.57 -39.28 -64.74
CA ARG H 305 -20.60 -38.27 -64.32
C ARG H 305 -19.20 -38.87 -64.06
N MET H 306 -18.71 -39.58 -65.08
CA MET H 306 -17.51 -40.36 -65.00
C MET H 306 -16.51 -39.87 -66.04
N GLY H 307 -15.26 -39.62 -65.63
CA GLY H 307 -14.24 -39.08 -66.55
C GLY H 307 -14.35 -37.60 -66.86
N MET H 308 -13.28 -37.05 -67.44
CA MET H 308 -13.23 -35.66 -67.88
C MET H 308 -12.16 -35.51 -68.96
N GLY H 309 -12.61 -35.01 -70.10
CA GLY H 309 -11.77 -34.84 -71.28
C GLY H 309 -11.57 -33.38 -71.55
N LEU H 310 -10.39 -33.01 -72.08
CA LEU H 310 -10.12 -31.58 -72.35
C LEU H 310 -10.20 -31.38 -73.82
N TYR H 311 -10.85 -30.30 -74.23
CA TYR H 311 -11.08 -30.06 -75.63
C TYR H 311 -10.67 -28.65 -75.98
N VAL H 312 -10.14 -28.44 -77.18
CA VAL H 312 -9.82 -27.06 -77.60
C VAL H 312 -10.27 -26.66 -79.00
N LYS H 313 -10.54 -25.38 -79.21
CA LYS H 313 -10.73 -24.83 -80.57
C LYS H 313 -10.24 -23.39 -80.64
N TYR H 314 -9.55 -23.06 -81.71
CA TYR H 314 -9.01 -21.71 -81.85
C TYR H 314 -9.84 -20.87 -82.84
N ASP H 315 -10.16 -19.63 -82.47
CA ASP H 315 -10.91 -18.68 -83.35
C ASP H 315 -12.30 -19.21 -83.76
N GLY H 316 -12.88 -18.64 -84.82
CA GLY H 316 -14.24 -18.98 -85.27
C GLY H 316 -15.33 -18.45 -84.34
N ASP H 317 -16.55 -18.93 -84.52
CA ASP H 317 -17.70 -18.46 -83.75
C ASP H 317 -18.45 -19.67 -83.17
N PRO H 318 -18.41 -19.83 -81.83
CA PRO H 318 -19.00 -21.04 -81.22
C PRO H 318 -20.46 -21.20 -81.56
N TRP H 319 -21.08 -20.08 -81.93
CA TRP H 319 -22.46 -20.05 -82.34
C TRP H 319 -22.71 -20.66 -83.70
N THR H 320 -21.76 -20.55 -84.64
CA THR H 320 -21.95 -21.06 -86.04
C THR H 320 -21.06 -22.25 -86.46
N ASP H 321 -20.01 -22.48 -85.71
CA ASP H 321 -19.03 -23.50 -86.03
C ASP H 321 -19.54 -24.88 -85.67
N SER H 322 -19.87 -25.69 -86.67
CA SER H 322 -20.36 -27.05 -86.39
C SER H 322 -19.22 -28.06 -86.23
N ASP H 323 -17.98 -27.58 -86.45
CA ASP H 323 -16.81 -28.42 -86.50
C ASP H 323 -16.56 -29.03 -85.15
N ALA H 324 -16.09 -30.27 -85.18
CA ALA H 324 -15.75 -30.95 -83.94
C ALA H 324 -14.69 -30.15 -83.19
N LEU H 325 -14.81 -30.12 -81.86
CA LEU H 325 -13.73 -29.67 -80.98
C LEU H 325 -12.60 -30.69 -80.90
N ALA H 326 -11.35 -30.24 -81.01
CA ALA H 326 -10.24 -31.19 -80.98
C ALA H 326 -10.03 -31.73 -79.57
N LEU H 327 -9.91 -33.05 -79.45
CA LEU H 327 -9.68 -33.66 -78.16
C LEU H 327 -8.21 -33.48 -77.78
N SER H 328 -7.98 -32.80 -76.65
CA SER H 328 -6.64 -32.41 -76.20
C SER H 328 -6.03 -33.50 -75.30
N GLY H 329 -6.79 -34.02 -74.36
CA GLY H 329 -6.37 -35.20 -73.57
C GLY H 329 -7.40 -35.56 -72.51
N VAL H 330 -7.20 -36.67 -71.79
CA VAL H 330 -8.07 -37.18 -70.77
C VAL H 330 -7.51 -36.80 -69.39
N MET H 331 -8.20 -35.85 -68.73
CA MET H 331 -7.78 -35.33 -67.42
C MET H 331 -8.19 -36.27 -66.31
N VAL H 332 -9.34 -36.91 -66.49
CA VAL H 332 -9.81 -37.91 -65.58
C VAL H 332 -10.33 -39.07 -66.41
N SER H 333 -9.94 -40.27 -66.04
CA SER H 333 -10.34 -41.48 -66.78
C SER H 333 -11.79 -41.86 -66.45
N MET H 334 -12.33 -42.76 -67.26
CA MET H 334 -13.70 -43.24 -67.13
C MET H 334 -13.99 -43.90 -65.80
N GLU H 335 -12.95 -44.41 -65.15
CA GLU H 335 -13.05 -45.16 -63.91
C GLU H 335 -13.15 -44.22 -62.72
N GLU H 336 -12.87 -42.94 -62.94
CA GLU H 336 -12.83 -41.96 -61.86
C GLU H 336 -13.95 -40.97 -62.04
N PRO H 337 -14.43 -40.38 -60.91
CA PRO H 337 -15.58 -39.47 -60.98
C PRO H 337 -15.21 -38.13 -61.62
N GLY H 338 -16.11 -37.61 -62.43
CA GLY H 338 -15.85 -36.35 -63.09
C GLY H 338 -17.16 -35.61 -63.07
N TRP H 339 -17.30 -34.76 -62.07
CA TRP H 339 -18.53 -34.03 -61.86
C TRP H 339 -18.41 -32.61 -62.44
N TYR H 340 -18.69 -31.56 -61.66
CA TYR H 340 -18.61 -30.20 -62.19
C TYR H 340 -17.22 -29.85 -62.65
N SER H 341 -17.12 -28.97 -63.62
CA SER H 341 -15.80 -28.43 -63.94
C SER H 341 -15.92 -26.95 -64.21
N PHE H 342 -14.82 -26.24 -63.97
CA PHE H 342 -14.86 -24.77 -64.06
C PHE H 342 -13.56 -24.22 -64.61
N GLY H 343 -13.59 -23.00 -65.11
CA GLY H 343 -12.36 -22.36 -65.55
C GLY H 343 -11.90 -21.30 -64.58
N PHE H 344 -10.60 -21.06 -64.54
CA PHE H 344 -10.06 -19.90 -63.84
C PHE H 344 -8.68 -19.50 -64.39
N GLU H 345 -8.22 -18.31 -64.02
CA GLU H 345 -6.95 -17.80 -64.49
C GLU H 345 -6.09 -17.42 -63.32
N ILE H 346 -4.89 -17.99 -63.27
CA ILE H 346 -3.85 -17.59 -62.30
C ILE H 346 -3.04 -16.43 -62.88
N LYS H 347 -2.85 -15.40 -62.07
CA LYS H 347 -2.11 -14.20 -62.49
CA LYS H 347 -2.13 -14.20 -62.50
C LYS H 347 -0.62 -14.35 -62.27
N ASP H 348 0.14 -14.41 -63.38
CA ASP H 348 1.61 -14.45 -63.35
C ASP H 348 2.04 -12.98 -63.36
N LYS H 349 3.35 -12.72 -63.40
CA LYS H 349 3.80 -11.33 -63.31
C LYS H 349 3.22 -10.43 -64.41
N LYS H 350 3.19 -10.91 -65.64
CA LYS H 350 2.89 -10.03 -66.79
C LYS H 350 1.83 -10.63 -67.70
N CYS H 351 1.31 -11.78 -67.30
CA CYS H 351 0.39 -12.54 -68.15
C CYS H 351 -0.46 -13.48 -67.30
N ASP H 352 -1.56 -13.96 -67.89
CA ASP H 352 -2.55 -14.78 -67.22
C ASP H 352 -2.39 -16.25 -67.59
N VAL H 353 -2.63 -17.15 -66.64
CA VAL H 353 -2.50 -18.60 -66.93
C VAL H 353 -3.91 -19.21 -66.87
N PRO H 354 -4.43 -19.67 -68.04
CA PRO H 354 -5.75 -20.31 -68.04
C PRO H 354 -5.68 -21.71 -67.44
N CYS H 355 -6.60 -22.00 -66.53
CA CYS H 355 -6.72 -23.34 -65.95
C CYS H 355 -8.15 -23.88 -65.95
N ILE H 356 -8.29 -25.19 -65.82
CA ILE H 356 -9.58 -25.86 -65.71
C ILE H 356 -9.55 -26.70 -64.44
N GLY H 357 -10.49 -26.46 -63.51
CA GLY H 357 -10.60 -27.29 -62.31
C GLY H 357 -11.72 -28.30 -62.47
N ILE H 358 -11.60 -29.45 -61.82
CA ILE H 358 -12.58 -30.52 -61.96
C ILE H 358 -12.99 -30.99 -60.58
N GLU H 359 -14.30 -30.99 -60.34
CA GLU H 359 -14.82 -31.51 -59.09
C GLU H 359 -14.93 -33.03 -59.26
N MET H 360 -14.29 -33.76 -58.36
CA MET H 360 -14.33 -35.22 -58.38
C MET H 360 -15.07 -35.71 -57.13
N VAL H 361 -16.34 -36.04 -57.31
CA VAL H 361 -17.21 -36.25 -56.17
C VAL H 361 -17.09 -37.66 -55.74
N HIS H 362 -16.94 -37.84 -54.43
CA HIS H 362 -16.99 -39.15 -53.82
C HIS H 362 -18.48 -39.44 -53.55
N ASP H 363 -19.00 -40.33 -54.38
CA ASP H 363 -20.41 -40.63 -54.34
C ASP H 363 -20.62 -42.07 -53.95
N GLY H 364 -21.19 -42.30 -52.79
CA GLY H 364 -21.48 -43.66 -52.38
C GLY H 364 -22.91 -43.83 -51.91
N GLY H 365 -23.81 -43.00 -52.46
CA GLY H 365 -25.24 -42.98 -52.03
C GLY H 365 -25.52 -41.98 -50.91
N LYS H 366 -26.81 -41.87 -50.55
CA LYS H 366 -27.30 -41.01 -49.45
C LYS H 366 -27.06 -41.66 -48.08
N GLU H 367 -26.69 -42.95 -48.09
CA GLU H 367 -26.43 -43.67 -46.81
C GLU H 367 -25.03 -43.45 -46.22
N THR H 368 -24.21 -42.61 -46.88
CA THR H 368 -22.88 -42.21 -46.41
C THR H 368 -22.55 -40.73 -46.71
N TRP H 369 -21.32 -40.31 -46.45
CA TRP H 369 -20.94 -38.93 -46.74
C TRP H 369 -20.81 -38.68 -48.24
N HIS H 370 -21.05 -37.43 -48.64
CA HIS H 370 -20.98 -37.02 -50.02
C HIS H 370 -20.13 -35.76 -50.09
N SER H 371 -18.94 -35.86 -50.67
CA SER H 371 -18.06 -34.72 -50.82
C SER H 371 -17.22 -34.84 -52.11
N ALA H 372 -16.22 -33.97 -52.26
CA ALA H 372 -15.47 -33.87 -53.53
C ALA H 372 -14.00 -33.51 -53.37
N ALA H 373 -13.20 -34.04 -54.28
CA ALA H 373 -11.87 -33.56 -54.52
C ALA H 373 -11.90 -32.56 -55.66
N THR H 374 -10.79 -31.83 -55.80
CA THR H 374 -10.60 -30.86 -56.86
C THR H 374 -9.29 -31.08 -57.61
N ALA H 375 -9.39 -31.45 -58.88
CA ALA H 375 -8.21 -31.60 -59.75
C ALA H 375 -8.01 -30.33 -60.55
N ILE H 376 -6.78 -29.84 -60.57
CA ILE H 376 -6.45 -28.65 -61.35
C ILE H 376 -5.53 -28.96 -62.57
N TYR H 377 -5.88 -28.43 -63.74
CA TYR H 377 -5.04 -28.55 -64.94
C TYR H 377 -4.88 -27.15 -65.54
N CYS H 378 -3.64 -26.78 -65.83
CA CYS H 378 -3.31 -25.47 -66.35
C CYS H 378 -2.52 -25.56 -67.65
N LEU H 379 -2.65 -24.51 -68.46
CA LEU H 379 -1.81 -24.31 -69.63
C LEU H 379 -0.37 -24.12 -69.14
N MET H 380 0.51 -25.00 -69.60
CA MET H 380 1.92 -24.93 -69.28
C MET H 380 2.82 -25.63 -70.33
N GLY H 381 3.64 -24.85 -71.02
CA GLY H 381 4.59 -25.41 -71.99
C GLY H 381 3.91 -25.94 -73.25
N SER H 382 4.63 -26.79 -73.95
CA SER H 382 4.23 -27.28 -75.26
CA SER H 382 4.22 -27.28 -75.26
C SER H 382 4.08 -28.80 -75.25
N GLY H 383 3.54 -29.35 -76.33
CA GLY H 383 3.38 -30.80 -76.41
C GLY H 383 1.94 -31.23 -76.16
N GLN H 384 1.77 -32.39 -75.50
CA GLN H 384 0.42 -32.95 -75.28
CA GLN H 384 0.41 -32.92 -75.27
C GLN H 384 0.13 -33.28 -73.81
N LEU H 385 -1.14 -33.20 -73.43
CA LEU H 385 -1.52 -33.54 -72.09
C LEU H 385 -1.06 -34.96 -71.76
N LEU H 386 -0.35 -35.10 -70.64
CA LEU H 386 0.36 -36.36 -70.34
C LEU H 386 -0.32 -37.30 -69.35
N TRP H 387 -0.93 -36.77 -68.27
CA TRP H 387 -1.34 -37.68 -67.19
C TRP H 387 -2.71 -37.35 -66.62
N ASP H 388 -3.39 -38.38 -66.15
CA ASP H 388 -4.73 -38.22 -65.62
C ASP H 388 -4.69 -38.05 -64.09
N THR H 389 -5.83 -37.72 -63.49
CA THR H 389 -5.92 -37.54 -62.03
C THR H 389 -6.84 -38.53 -61.35
N VAL H 390 -6.39 -39.10 -60.23
CA VAL H 390 -7.21 -39.94 -59.39
C VAL H 390 -7.38 -39.27 -58.01
N THR H 391 -8.53 -39.47 -57.36
CA THR H 391 -8.68 -38.99 -56.00
C THR H 391 -7.84 -39.79 -54.99
N GLY H 392 -7.66 -41.08 -55.21
CA GLY H 392 -6.96 -41.98 -54.29
C GLY H 392 -7.77 -42.36 -53.06
N VAL H 393 -9.04 -41.95 -53.01
CA VAL H 393 -9.89 -42.11 -51.79
C VAL H 393 -10.75 -43.38 -51.84
N ASP H 394 -10.71 -44.16 -50.75
CA ASP H 394 -11.53 -45.34 -50.53
C ASP H 394 -12.60 -44.93 -49.50
N MET H 395 -13.84 -44.92 -49.97
CA MET H 395 -14.94 -44.38 -49.21
C MET H 395 -15.30 -45.28 -48.02
N ALA H 396 -14.81 -46.53 -48.01
CA ALA H 396 -15.05 -47.43 -46.87
C ALA H 396 -14.29 -47.02 -45.62
N LEU H 397 -13.24 -46.22 -45.80
CA LEU H 397 -12.29 -45.90 -44.72
C LEU H 397 -12.68 -44.77 -43.76
N PRO I 9 -8.13 75.27 -23.68
CA PRO I 9 -7.56 74.72 -22.44
C PRO I 9 -6.03 74.74 -22.45
N GLU I 10 -5.45 74.87 -21.26
CA GLU I 10 -3.99 74.95 -21.14
CA GLU I 10 -3.99 75.02 -21.09
C GLU I 10 -3.43 73.93 -20.17
N TRP I 11 -2.10 73.83 -20.07
CA TRP I 11 -1.47 72.83 -19.21
C TRP I 11 -1.77 73.13 -17.77
N THR I 12 -1.98 72.06 -17.00
CA THR I 12 -2.21 72.17 -15.57
CA THR I 12 -2.21 72.22 -15.58
C THR I 12 -0.90 72.06 -14.80
N TYR I 13 -0.90 72.66 -13.62
CA TYR I 13 0.22 72.70 -12.67
C TYR I 13 -0.42 72.51 -11.31
N PRO I 14 0.32 71.94 -10.33
CA PRO I 14 -0.12 71.89 -8.96
C PRO I 14 -0.25 73.29 -8.35
N ARG I 15 -1.22 73.47 -7.47
CA ARG I 15 -1.49 74.75 -6.84
C ARG I 15 -1.47 74.58 -5.35
N LEU I 16 -1.59 75.70 -4.64
CA LEU I 16 -1.70 75.65 -3.21
C LEU I 16 -2.92 74.83 -2.83
N SER I 17 -2.81 74.03 -1.79
CA SER I 17 -3.94 73.20 -1.38
C SER I 17 -5.06 74.07 -0.79
N CYS I 18 -6.31 73.62 -0.94
CA CYS I 18 -7.45 74.28 -0.26
C CYS I 18 -7.27 74.24 1.24
N PRO I 19 -7.87 75.22 1.94
CA PRO I 19 -7.74 75.31 3.39
C PRO I 19 -8.27 74.04 4.03
N GLY I 20 -7.62 73.60 5.10
CA GLY I 20 -8.10 72.47 5.89
C GLY I 20 -6.99 71.96 6.80
N SER I 21 -7.36 71.29 7.89
CA SER I 21 -6.35 70.71 8.76
C SER I 21 -6.65 69.24 9.15
N THR I 22 -7.72 68.65 8.64
CA THR I 22 -8.09 67.25 8.94
C THR I 22 -8.75 66.60 7.72
N PHE I 23 -8.60 65.29 7.60
CA PHE I 23 -9.36 64.55 6.59
C PHE I 23 -10.70 64.08 7.18
N GLN I 24 -11.72 63.94 6.32
CA GLN I 24 -13.00 63.35 6.75
C GLN I 24 -13.44 62.33 5.70
N LYS I 25 -14.39 61.48 6.05
CA LYS I 25 -14.96 60.48 5.18
C LYS I 25 -15.79 61.20 4.10
N ALA I 26 -15.49 60.94 2.84
CA ALA I 26 -16.17 61.66 1.75
C ALA I 26 -17.17 60.79 1.03
N LEU I 27 -16.73 59.63 0.53
CA LEU I 27 -17.55 58.86 -0.40
C LEU I 27 -17.06 57.42 -0.42
N LEU I 28 -18.02 56.49 -0.39
CA LEU I 28 -17.72 55.09 -0.60
C LEU I 28 -18.30 54.64 -1.96
N ILE I 29 -17.46 54.02 -2.77
CA ILE I 29 -17.91 53.30 -3.95
C ILE I 29 -17.84 51.79 -3.64
N SER I 30 -18.96 51.21 -3.26
CA SER I 30 -19.06 49.79 -2.99
C SER I 30 -19.99 49.08 -3.97
N PRO I 31 -19.49 48.70 -5.16
CA PRO I 31 -20.32 48.19 -6.25
C PRO I 31 -20.99 46.86 -5.95
N HIS I 32 -20.39 46.09 -5.05
CA HIS I 32 -20.89 44.76 -4.71
C HIS I 32 -22.03 44.74 -3.66
N ARG I 33 -22.40 45.91 -3.17
CA ARG I 33 -23.67 46.04 -2.47
C ARG I 33 -24.82 45.69 -3.45
N PHE I 34 -24.52 45.60 -4.74
CA PHE I 34 -25.57 45.28 -5.75
C PHE I 34 -25.37 43.97 -6.52
N GLY I 35 -24.37 43.17 -6.12
CA GLY I 35 -24.11 41.93 -6.82
C GLY I 35 -24.75 40.67 -6.28
N GLU I 36 -25.83 40.81 -5.53
CA GLU I 36 -26.50 39.63 -5.02
C GLU I 36 -27.08 38.80 -6.15
N THR I 37 -27.19 37.50 -5.89
CA THR I 37 -27.96 36.62 -6.78
C THR I 37 -29.45 37.11 -6.89
N LYS I 38 -29.98 37.56 -5.76
CA LYS I 38 -31.35 38.05 -5.66
C LYS I 38 -31.52 39.37 -6.47
N GLY I 39 -30.41 40.01 -6.82
CA GLY I 39 -30.43 41.34 -7.46
C GLY I 39 -30.42 41.36 -8.99
N ASN I 40 -30.50 42.55 -9.57
CA ASN I 40 -30.47 42.67 -11.01
C ASN I 40 -29.32 43.55 -11.45
N SER I 41 -28.23 43.59 -10.67
CA SER I 41 -27.12 44.42 -11.13
C SER I 41 -25.90 43.65 -11.69
N ALA I 42 -24.98 44.40 -12.31
CA ALA I 42 -23.70 43.83 -12.77
C ALA I 42 -22.47 44.65 -12.33
N PRO I 43 -22.18 44.74 -11.02
CA PRO I 43 -20.87 45.32 -10.64
C PRO I 43 -19.74 44.52 -11.26
N LEU I 44 -18.72 45.20 -11.80
CA LEU I 44 -17.56 44.50 -12.40
C LEU I 44 -16.65 43.99 -11.30
N ILE I 45 -15.99 42.86 -11.54
CA ILE I 45 -14.99 42.33 -10.60
C ILE I 45 -13.70 43.09 -10.86
N ILE I 46 -13.16 43.76 -9.83
CA ILE I 46 -11.97 44.61 -10.04
C ILE I 46 -10.92 44.44 -8.92
N ARG I 47 -9.77 45.07 -9.09
CA ARG I 47 -8.84 45.29 -8.03
C ARG I 47 -7.95 46.42 -8.48
N GLU I 48 -7.12 46.87 -7.57
CA GLU I 48 -6.19 47.95 -7.80
C GLU I 48 -6.90 49.19 -8.30
N PRO I 49 -7.91 49.65 -7.55
CA PRO I 49 -8.56 50.89 -7.98
C PRO I 49 -7.70 52.08 -7.69
N PHE I 50 -7.87 53.13 -8.47
CA PHE I 50 -7.28 54.41 -8.14
C PHE I 50 -8.12 55.51 -8.79
N ILE I 51 -7.88 56.76 -8.39
CA ILE I 51 -8.62 57.86 -8.93
C ILE I 51 -7.66 58.90 -9.48
N ALA I 52 -8.08 59.59 -10.54
CA ALA I 52 -7.31 60.71 -11.04
C ALA I 52 -8.31 61.78 -11.50
N CYS I 53 -8.00 63.04 -11.24
CA CYS I 53 -8.86 64.16 -11.56
C CYS I 53 -8.23 65.11 -12.54
N GLY I 54 -9.07 65.68 -13.37
CA GLY I 54 -8.68 66.75 -14.25
C GLY I 54 -9.43 67.97 -13.78
N PRO I 55 -9.39 69.06 -14.56
CA PRO I 55 -10.01 70.31 -14.19
C PRO I 55 -11.53 70.28 -14.04
N LYS I 56 -12.21 69.29 -14.61
CA LYS I 56 -13.68 69.24 -14.50
C LYS I 56 -14.33 67.93 -13.99
N GLU I 57 -13.54 66.86 -13.96
CA GLU I 57 -14.06 65.52 -13.63
C GLU I 57 -12.98 64.70 -12.88
N CYS I 58 -13.42 63.84 -11.96
CA CYS I 58 -12.55 62.76 -11.46
C CYS I 58 -13.00 61.44 -12.03
N LYS I 59 -12.06 60.65 -12.56
CA LYS I 59 -12.32 59.27 -13.04
C LYS I 59 -11.85 58.21 -12.03
N HIS I 60 -12.76 57.27 -11.74
CA HIS I 60 -12.44 56.15 -10.87
C HIS I 60 -11.97 55.00 -11.75
N PHE I 61 -10.68 54.72 -11.67
CA PHE I 61 -10.06 53.64 -12.43
C PHE I 61 -9.94 52.35 -11.62
N ALA I 62 -9.94 51.24 -12.33
CA ALA I 62 -9.56 49.95 -11.73
C ALA I 62 -9.15 49.00 -12.82
N LEU I 63 -8.61 47.87 -12.41
CA LEU I 63 -8.29 46.79 -13.34
C LEU I 63 -9.34 45.70 -13.15
N THR I 64 -10.13 45.43 -14.17
CA THR I 64 -11.11 44.36 -14.10
C THR I 64 -10.67 42.99 -14.69
N HIS I 65 -11.19 41.91 -14.12
CA HIS I 65 -11.13 40.56 -14.71
C HIS I 65 -12.15 40.29 -15.83
N TYR I 66 -12.80 41.33 -16.33
CA TYR I 66 -13.73 41.20 -17.47
C TYR I 66 -14.85 40.23 -17.09
N ALA I 67 -15.37 40.39 -15.89
CA ALA I 67 -16.28 39.44 -15.27
C ALA I 67 -17.11 40.25 -14.30
N ALA I 68 -18.36 39.84 -14.12
CA ALA I 68 -19.28 40.55 -13.23
C ALA I 68 -19.81 39.68 -12.12
N GLN I 69 -20.33 40.32 -11.08
CA GLN I 69 -21.05 39.61 -10.02
C GLN I 69 -22.52 40.05 -10.09
N PRO I 70 -23.47 39.09 -10.16
CA PRO I 70 -23.21 37.64 -10.20
C PRO I 70 -22.75 37.19 -11.59
N GLY I 71 -21.97 36.12 -11.61
CA GLY I 71 -21.38 35.63 -12.88
C GLY I 71 -20.73 34.27 -12.79
N GLY I 72 -20.27 33.76 -13.92
CA GLY I 72 -19.76 32.40 -14.02
C GLY I 72 -18.25 32.39 -14.19
N TYR I 73 -17.64 33.57 -14.11
CA TYR I 73 -16.22 33.67 -14.33
C TYR I 73 -15.43 34.06 -13.07
N TYR I 74 -15.80 33.51 -11.91
CA TYR I 74 -15.07 33.83 -10.67
C TYR I 74 -13.66 33.21 -10.57
N ASN I 75 -13.53 31.97 -11.05
CA ASN I 75 -12.23 31.30 -11.13
C ASN I 75 -11.20 32.19 -11.86
N GLY I 76 -10.10 32.50 -11.16
CA GLY I 76 -9.03 33.29 -11.75
C GLY I 76 -9.05 34.74 -11.31
N THR I 77 -10.04 35.13 -10.50
CA THR I 77 -10.15 36.53 -10.09
C THR I 77 -9.24 36.91 -8.90
N ARG I 78 -8.71 35.94 -8.18
CA ARG I 78 -7.66 36.22 -7.21
C ARG I 78 -6.27 36.46 -7.89
N GLY I 79 -6.05 35.96 -9.10
CA GLY I 79 -4.79 36.22 -9.85
C GLY I 79 -4.76 37.69 -10.28
N ASP I 80 -3.60 38.25 -10.59
CA ASP I 80 -3.53 39.62 -11.14
C ASP I 80 -3.29 39.62 -12.65
N ARG I 81 -2.48 38.68 -13.13
CA ARG I 81 -2.11 38.74 -14.54
C ARG I 81 -2.83 37.68 -15.30
N ASN I 82 -3.53 38.12 -16.37
CA ASN I 82 -4.13 37.23 -17.37
C ASN I 82 -4.41 38.03 -18.64
N LYS I 83 -4.80 37.32 -19.70
CA LYS I 83 -5.03 37.90 -21.05
C LYS I 83 -6.33 38.72 -21.18
N LEU I 84 -7.19 38.61 -20.18
CA LEU I 84 -8.51 39.26 -20.13
C LEU I 84 -8.51 40.56 -19.34
N ARG I 85 -7.53 40.72 -18.43
CA ARG I 85 -7.45 41.92 -17.59
C ARG I 85 -7.44 43.23 -18.36
N HIS I 86 -8.27 44.17 -17.91
CA HIS I 86 -8.38 45.45 -18.59
C HIS I 86 -8.39 46.62 -17.62
N LEU I 87 -7.75 47.72 -18.00
CA LEU I 87 -7.97 49.01 -17.36
C LEU I 87 -9.37 49.63 -17.72
N ILE I 88 -10.20 49.87 -16.69
CA ILE I 88 -11.52 50.50 -16.83
C ILE I 88 -11.69 51.76 -15.99
N SER I 89 -12.70 52.55 -16.31
CA SER I 89 -12.98 53.77 -15.56
C SER I 89 -14.44 54.10 -15.64
N VAL I 90 -14.94 54.78 -14.62
CA VAL I 90 -16.21 55.47 -14.65
C VAL I 90 -15.90 56.85 -14.07
N LYS I 91 -16.81 57.79 -14.32
CA LYS I 91 -16.82 59.05 -13.65
C LYS I 91 -16.95 58.76 -12.15
N LEU I 92 -16.09 59.32 -11.30
CA LEU I 92 -16.18 59.13 -9.84
C LEU I 92 -17.57 59.55 -9.33
N GLY I 93 -18.22 58.63 -8.61
CA GLY I 93 -19.58 58.78 -8.15
C GLY I 93 -20.46 57.74 -8.82
N LYS I 94 -20.00 57.19 -9.95
CA LYS I 94 -20.85 56.21 -10.65
C LYS I 94 -20.43 54.83 -10.24
N ILE I 95 -21.39 53.91 -10.18
CA ILE I 95 -21.06 52.51 -9.87
C ILE I 95 -20.44 51.82 -11.09
N PRO I 96 -19.24 51.23 -10.91
CA PRO I 96 -18.55 50.60 -12.05
C PRO I 96 -19.19 49.26 -12.46
N THR I 97 -20.18 49.37 -13.37
CA THR I 97 -20.92 48.20 -13.76
C THR I 97 -20.50 47.88 -15.17
N VAL I 98 -20.99 46.76 -15.67
CA VAL I 98 -20.74 46.42 -17.06
C VAL I 98 -21.04 47.56 -18.02
N GLU I 99 -22.17 48.23 -17.81
CA GLU I 99 -22.64 49.19 -18.81
C GLU I 99 -22.08 50.58 -18.53
N ASN I 100 -21.91 50.90 -17.25
CA ASN I 100 -21.39 52.21 -16.86
C ASN I 100 -19.91 52.42 -17.17
N SER I 101 -19.14 51.34 -17.07
CA SER I 101 -17.69 51.45 -17.25
C SER I 101 -17.33 51.62 -18.72
N ILE I 102 -16.14 52.16 -18.96
CA ILE I 102 -15.55 52.17 -20.28
C ILE I 102 -14.23 51.38 -20.22
N PHE I 103 -13.97 50.57 -21.23
CA PHE I 103 -12.77 49.79 -21.26
C PHE I 103 -11.73 50.52 -22.10
N HIS I 104 -10.62 50.88 -21.45
CA HIS I 104 -9.57 51.65 -22.11
C HIS I 104 -8.58 50.79 -22.90
N MET I 105 -8.05 49.74 -22.27
CA MET I 105 -7.02 48.90 -22.87
C MET I 105 -6.82 47.68 -22.02
N ALA I 106 -6.38 46.59 -22.65
CA ALA I 106 -5.86 45.42 -21.96
C ALA I 106 -4.73 45.81 -21.03
N ALA I 107 -4.89 45.48 -19.74
CA ALA I 107 -3.84 45.79 -18.75
C ALA I 107 -4.02 44.98 -17.47
N TRP I 108 -2.92 44.44 -16.95
CA TRP I 108 -2.91 43.90 -15.60
C TRP I 108 -2.08 44.75 -14.62
N SER I 109 -1.63 45.92 -15.10
CA SER I 109 -1.04 46.94 -14.23
C SER I 109 -1.33 48.27 -14.90
N GLY I 110 -1.74 49.28 -14.14
CA GLY I 110 -2.15 50.51 -14.77
C GLY I 110 -1.91 51.80 -14.03
N SER I 111 -2.23 52.88 -14.72
CA SER I 111 -2.11 54.24 -14.20
C SER I 111 -2.81 55.19 -15.18
N ALA I 112 -3.00 56.44 -14.78
CA ALA I 112 -3.64 57.44 -15.67
C ALA I 112 -3.51 58.85 -15.10
N CYS I 113 -3.61 59.85 -15.98
CA CYS I 113 -3.48 61.22 -15.49
C CYS I 113 -3.84 62.21 -16.56
N HIS I 114 -4.30 63.37 -16.12
CA HIS I 114 -4.75 64.42 -16.98
C HIS I 114 -3.76 65.57 -16.89
N ASP I 115 -3.43 66.13 -18.05
CA ASP I 115 -2.35 67.11 -18.18
C ASP I 115 -2.86 68.53 -18.35
N GLY I 116 -4.19 68.69 -18.34
CA GLY I 116 -4.82 69.98 -18.53
C GLY I 116 -5.67 70.03 -19.77
N LYS I 117 -5.32 69.19 -20.73
CA LYS I 117 -5.93 69.20 -22.06
C LYS I 117 -6.50 67.83 -22.36
N GLU I 118 -5.87 66.76 -21.89
CA GLU I 118 -6.29 65.39 -22.21
C GLU I 118 -5.83 64.33 -21.24
N TRP I 119 -6.57 63.23 -21.23
CA TRP I 119 -6.23 62.03 -20.47
C TRP I 119 -5.11 61.20 -21.05
N THR I 120 -4.18 60.79 -20.18
CA THR I 120 -3.21 59.80 -20.59
C THR I 120 -3.51 58.53 -19.81
N TYR I 121 -3.63 57.41 -20.51
CA TYR I 121 -3.94 56.13 -19.90
C TYR I 121 -2.74 55.20 -20.03
N ILE I 122 -2.41 54.52 -18.97
CA ILE I 122 -1.25 53.64 -18.92
C ILE I 122 -1.62 52.23 -18.53
N GLY I 123 -1.18 51.29 -19.36
CA GLY I 123 -1.56 49.91 -19.14
C GLY I 123 -0.48 48.90 -19.53
N VAL I 124 -0.14 48.02 -18.60
CA VAL I 124 0.85 47.00 -18.83
C VAL I 124 0.21 45.63 -19.01
N ASP I 125 0.57 44.94 -20.06
CA ASP I 125 0.18 43.54 -20.25
C ASP I 125 1.32 42.77 -20.89
N GLY I 126 1.06 41.55 -21.28
CA GLY I 126 2.10 40.73 -21.89
C GLY I 126 2.60 39.64 -20.94
N PRO I 127 3.53 38.80 -21.43
CA PRO I 127 4.04 37.68 -20.65
C PRO I 127 4.90 38.16 -19.51
N GLU I 128 4.95 37.39 -18.43
CA GLU I 128 5.87 37.64 -17.29
C GLU I 128 7.27 38.15 -17.65
N ASN I 129 7.90 37.47 -18.62
CA ASN I 129 9.31 37.66 -18.92
C ASN I 129 9.57 38.73 -19.99
N ASN I 130 8.51 39.28 -20.56
CA ASN I 130 8.63 40.35 -21.53
C ASN I 130 7.37 41.20 -21.57
N ALA I 131 6.96 41.76 -20.43
CA ALA I 131 5.78 42.62 -20.39
C ALA I 131 5.97 43.95 -21.15
N LEU I 132 4.85 44.60 -21.48
CA LEU I 132 4.85 45.82 -22.27
C LEU I 132 3.94 46.86 -21.68
N LEU I 133 4.51 48.04 -21.44
CA LEU I 133 3.73 49.18 -20.98
C LEU I 133 3.18 49.90 -22.22
N LYS I 134 1.85 50.17 -22.25
CA LYS I 134 1.19 50.84 -23.36
C LYS I 134 0.65 52.19 -22.95
N ILE I 135 0.82 53.17 -23.81
CA ILE I 135 0.26 54.49 -23.50
C ILE I 135 -0.78 54.85 -24.51
N LYS I 136 -1.88 55.40 -24.02
CA LYS I 136 -3.03 55.86 -24.80
C LYS I 136 -3.20 57.31 -24.41
N TYR I 137 -3.34 58.17 -25.42
CA TYR I 137 -3.57 59.60 -25.18
C TYR I 137 -4.93 59.89 -25.81
N GLY I 138 -5.92 60.17 -24.97
CA GLY I 138 -7.32 60.22 -25.36
C GLY I 138 -7.76 58.87 -25.90
N GLU I 139 -8.12 58.83 -27.19
CA GLU I 139 -8.56 57.62 -27.84
C GLU I 139 -7.43 56.88 -28.59
N ALA I 140 -6.33 57.58 -28.90
CA ALA I 140 -5.18 57.06 -29.65
C ALA I 140 -4.10 56.32 -28.80
N TYR I 141 -3.71 55.13 -29.24
CA TYR I 141 -2.55 54.45 -28.63
C TYR I 141 -1.33 55.08 -29.29
N THR I 142 -0.40 55.57 -28.49
CA THR I 142 0.63 56.49 -28.96
C THR I 142 2.07 55.99 -28.71
N ASP I 143 2.28 55.26 -27.62
CA ASP I 143 3.62 54.75 -27.29
C ASP I 143 3.67 53.47 -26.47
N THR I 144 4.82 52.78 -26.47
CA THR I 144 4.99 51.62 -25.58
C THR I 144 6.38 51.70 -24.99
N TYR I 145 6.60 50.98 -23.89
CA TYR I 145 7.92 50.81 -23.25
C TYR I 145 8.12 49.35 -22.89
N HIS I 146 9.33 48.85 -23.09
CA HIS I 146 9.57 47.40 -23.01
C HIS I 146 10.13 47.02 -21.63
N SER I 147 9.88 45.78 -21.24
CA SER I 147 10.51 45.13 -20.09
C SER I 147 12.03 45.18 -20.19
N TYR I 148 12.68 45.69 -19.13
CA TYR I 148 14.14 45.86 -19.09
C TYR I 148 14.83 44.93 -18.08
N ALA I 149 14.07 44.37 -17.14
CA ALA I 149 14.62 43.34 -16.26
C ALA I 149 13.96 41.98 -16.49
N ASN I 150 13.05 41.92 -17.47
CA ASN I 150 12.37 40.69 -17.81
C ASN I 150 11.70 39.92 -16.65
N ASN I 151 11.10 40.64 -15.71
CA ASN I 151 10.42 40.01 -14.62
C ASN I 151 9.27 40.89 -14.13
N ILE I 152 8.15 40.78 -14.87
CA ILE I 152 6.94 41.51 -14.60
C ILE I 152 7.14 43.06 -14.59
N LEU I 153 7.44 43.62 -15.77
CA LEU I 153 7.34 45.10 -15.92
C LEU I 153 5.99 45.56 -15.33
N ARG I 154 5.99 46.65 -14.56
CA ARG I 154 4.92 46.97 -13.58
C ARG I 154 4.76 48.49 -13.49
N THR I 155 3.62 49.00 -13.01
CA THR I 155 3.53 50.45 -12.81
C THR I 155 2.80 50.80 -11.51
N GLN I 156 2.42 52.06 -11.34
CA GLN I 156 2.08 52.62 -10.05
C GLN I 156 0.79 52.10 -9.39
N GLU I 157 -0.23 51.74 -10.18
N GLU I 157 -0.21 51.73 -10.19
CA GLU I 157 -1.60 51.45 -9.67
CA GLU I 157 -1.61 51.44 -9.72
C GLU I 157 -2.22 52.68 -9.02
C GLU I 157 -2.22 52.67 -9.05
N SER I 158 -1.76 53.85 -9.45
CA SER I 158 -2.30 55.11 -9.00
C SER I 158 -1.99 56.15 -10.09
N ALA I 159 -2.49 57.36 -9.88
CA ALA I 159 -2.39 58.42 -10.86
C ALA I 159 -0.95 58.85 -11.10
N CYS I 160 -0.60 59.03 -12.37
CA CYS I 160 0.67 59.67 -12.74
C CYS I 160 0.47 61.14 -12.53
N ASN I 161 1.50 61.93 -12.79
CA ASN I 161 1.48 63.33 -12.40
C ASN I 161 2.00 64.26 -13.47
N CYS I 162 1.12 65.15 -13.93
CA CYS I 162 1.38 66.05 -15.07
C CYS I 162 1.68 67.50 -14.68
N ILE I 163 2.70 68.10 -15.27
CA ILE I 163 3.05 69.50 -15.01
C ILE I 163 3.53 70.12 -16.32
N GLY I 164 2.87 71.18 -16.77
CA GLY I 164 3.26 71.81 -18.04
C GLY I 164 3.24 70.84 -19.23
N GLY I 165 2.39 69.81 -19.13
CA GLY I 165 2.22 68.87 -20.23
C GLY I 165 3.11 67.64 -20.07
N ASN I 166 4.04 67.69 -19.13
CA ASN I 166 4.99 66.60 -18.93
C ASN I 166 4.45 65.74 -17.81
N CYS I 167 4.10 64.50 -18.15
CA CYS I 167 3.50 63.57 -17.20
C CYS I 167 4.57 62.57 -16.75
N TYR I 168 4.76 62.45 -15.44
CA TYR I 168 5.86 61.62 -14.92
C TYR I 168 5.27 60.36 -14.32
N LEU I 169 5.88 59.22 -14.64
CA LEU I 169 5.28 57.91 -14.28
C LEU I 169 6.35 56.94 -13.78
N MET I 170 6.15 56.34 -12.59
CA MET I 170 7.05 55.32 -12.13
C MET I 170 6.76 54.00 -12.86
N ILE I 171 7.83 53.33 -13.28
CA ILE I 171 7.73 51.96 -13.76
C ILE I 171 8.76 51.12 -12.98
N THR I 172 8.46 49.84 -12.78
CA THR I 172 9.48 48.94 -12.23
C THR I 172 9.47 47.59 -12.95
N ASP I 173 10.50 46.80 -12.70
CA ASP I 173 10.68 45.52 -13.33
C ASP I 173 11.64 44.76 -12.43
N GLY I 174 11.47 43.45 -12.32
CA GLY I 174 12.42 42.67 -11.46
C GLY I 174 11.65 41.72 -10.56
N SER I 175 12.38 40.89 -9.81
CA SER I 175 11.74 39.92 -8.89
C SER I 175 10.92 40.56 -7.76
N ALA I 176 9.84 39.91 -7.38
CA ALA I 176 9.03 40.40 -6.26
C ALA I 176 9.73 40.14 -4.93
N SER I 177 10.65 39.18 -4.94
CA SER I 177 11.41 38.72 -3.77
C SER I 177 12.86 39.18 -3.82
N GLY I 178 13.25 39.83 -4.92
CA GLY I 178 14.61 40.34 -5.03
C GLY I 178 14.67 41.79 -5.48
N ILE I 179 15.51 42.04 -6.49
CA ILE I 179 15.81 43.36 -7.00
C ILE I 179 14.69 43.79 -7.97
N SER I 180 14.12 44.99 -7.74
CA SER I 180 13.24 45.66 -8.71
C SER I 180 13.62 47.14 -8.79
N GLU I 181 14.56 47.46 -9.63
CA GLU I 181 15.05 48.81 -9.75
C GLU I 181 14.14 49.64 -10.63
N CYS I 182 13.52 50.63 -10.04
CA CYS I 182 12.47 51.34 -10.76
C CYS I 182 13.12 52.41 -11.62
N ARG I 183 12.32 52.93 -12.56
CA ARG I 183 12.69 54.04 -13.43
C ARG I 183 11.48 54.94 -13.56
N PHE I 184 11.68 56.16 -14.01
CA PHE I 184 10.58 57.08 -14.28
C PHE I 184 10.54 57.43 -15.77
N LEU I 185 9.33 57.46 -16.32
CA LEU I 185 9.06 57.93 -17.68
C LEU I 185 8.50 59.35 -17.74
N LYS I 186 9.14 60.21 -18.51
CA LYS I 186 8.58 61.55 -18.77
C LYS I 186 7.73 61.39 -20.04
N ILE I 187 6.41 61.57 -19.92
CA ILE I 187 5.53 61.38 -21.09
C ILE I 187 4.85 62.71 -21.49
N ARG I 188 4.90 63.05 -22.79
CA ARG I 188 4.28 64.28 -23.30
C ARG I 188 3.38 63.93 -24.44
N GLU I 189 2.11 64.29 -24.27
CA GLU I 189 1.08 63.99 -25.26
C GLU I 189 1.13 62.50 -25.67
N GLY I 190 1.29 61.63 -24.65
CA GLY I 190 1.23 60.17 -24.82
C GLY I 190 2.50 59.52 -25.36
N ARG I 191 3.48 60.35 -25.72
CA ARG I 191 4.82 59.83 -26.06
C ARG I 191 5.93 60.06 -25.00
N ILE I 192 6.76 59.03 -24.79
CA ILE I 192 7.91 59.09 -23.83
C ILE I 192 9.02 59.93 -24.44
N ILE I 193 9.42 60.99 -23.74
CA ILE I 193 10.45 61.91 -24.23
C ILE I 193 11.70 61.89 -23.39
N LYS I 194 11.65 61.17 -22.26
CA LYS I 194 12.86 60.98 -21.43
C LYS I 194 12.67 59.80 -20.49
N GLU I 195 13.74 59.03 -20.31
CA GLU I 195 13.89 58.03 -19.25
C GLU I 195 14.74 58.61 -18.16
N ILE I 196 14.22 58.53 -16.94
CA ILE I 196 14.90 59.08 -15.79
C ILE I 196 15.32 57.90 -14.93
N PHE I 197 16.63 57.73 -14.77
CA PHE I 197 17.17 56.69 -13.90
C PHE I 197 17.46 57.27 -12.54
N PRO I 198 16.71 56.83 -11.51
CA PRO I 198 16.96 57.30 -10.16
C PRO I 198 18.30 56.82 -9.59
N THR I 199 18.81 57.51 -8.58
CA THR I 199 20.05 57.14 -7.91
C THR I 199 19.78 56.94 -6.44
N GLY I 200 20.75 56.35 -5.72
CA GLY I 200 20.59 56.10 -4.30
C GLY I 200 20.10 54.72 -3.96
N ARG I 201 19.15 54.65 -3.04
CA ARG I 201 18.64 53.38 -2.56
C ARG I 201 17.61 52.89 -3.57
N VAL I 202 18.07 52.06 -4.51
CA VAL I 202 17.28 51.67 -5.68
C VAL I 202 17.02 50.16 -5.75
N LYS I 203 17.53 49.43 -4.74
CA LYS I 203 17.44 47.96 -4.53
C LYS I 203 16.03 47.39 -4.86
N HIS I 204 15.01 48.01 -4.29
CA HIS I 204 13.66 47.54 -4.57
C HIS I 204 12.62 48.64 -4.32
N THR I 205 11.98 49.04 -5.41
CA THR I 205 10.95 50.09 -5.42
C THR I 205 9.80 49.71 -6.38
N GLU I 206 8.59 49.65 -5.86
CA GLU I 206 7.39 49.39 -6.70
C GLU I 206 6.15 50.08 -6.20
N GLU I 207 5.15 50.18 -7.10
CA GLU I 207 3.84 50.74 -6.76
C GLU I 207 4.02 52.05 -5.99
N CYS I 208 4.85 52.93 -6.54
CA CYS I 208 4.99 54.27 -5.99
C CYS I 208 3.68 55.04 -6.07
N THR I 209 3.32 55.63 -4.94
CA THR I 209 2.26 56.61 -4.87
C THR I 209 2.90 57.99 -4.92
N CYS I 210 2.64 58.72 -5.98
CA CYS I 210 3.39 59.96 -6.23
C CYS I 210 2.51 61.20 -6.19
N GLY I 211 3.10 62.32 -5.83
CA GLY I 211 2.40 63.61 -5.98
C GLY I 211 3.38 64.76 -6.04
N PHE I 212 2.86 65.94 -6.34
CA PHE I 212 3.60 67.17 -6.32
C PHE I 212 3.83 67.71 -4.92
N ALA I 213 5.10 67.85 -4.53
CA ALA I 213 5.45 68.57 -3.30
C ALA I 213 5.44 70.07 -3.58
N SER I 214 5.72 70.40 -4.84
CA SER I 214 5.86 71.77 -5.30
C SER I 214 5.93 71.73 -6.81
N ASN I 215 6.07 72.90 -7.42
CA ASN I 215 6.24 72.96 -8.86
C ASN I 215 7.58 72.36 -9.30
N LYS I 216 8.51 72.27 -8.35
N LYS I 216 8.50 72.26 -8.34
CA LYS I 216 9.85 71.78 -8.59
CA LYS I 216 9.86 71.79 -8.57
C LYS I 216 10.04 70.27 -8.36
C LYS I 216 10.04 70.28 -8.35
N THR I 217 9.25 69.68 -7.46
CA THR I 217 9.50 68.31 -6.96
C THR I 217 8.27 67.43 -6.90
N ILE I 218 8.41 66.17 -7.33
CA ILE I 218 7.42 65.14 -7.16
C ILE I 218 7.97 64.18 -6.14
N GLU I 219 7.18 63.78 -5.15
CA GLU I 219 7.63 62.83 -4.15
C GLU I 219 6.77 61.60 -4.25
N CYS I 220 7.37 60.43 -4.00
CA CYS I 220 6.64 59.17 -4.01
C CYS I 220 6.94 58.37 -2.78
N ALA I 221 5.91 57.71 -2.25
CA ALA I 221 6.05 56.74 -1.17
C ALA I 221 5.74 55.36 -1.76
N CYS I 222 6.71 54.48 -1.69
CA CYS I 222 6.65 53.29 -2.51
C CYS I 222 6.74 52.05 -1.67
N ARG I 223 6.74 50.91 -2.35
CA ARG I 223 6.69 49.57 -1.75
C ARG I 223 7.97 48.84 -2.05
N ASP I 224 8.66 48.40 -0.99
CA ASP I 224 9.70 47.41 -1.08
C ASP I 224 9.10 46.09 -0.66
N ASN I 225 9.08 45.13 -1.58
CA ASN I 225 8.39 43.88 -1.32
C ASN I 225 9.33 42.78 -0.78
N SER I 226 10.59 43.14 -0.62
CA SER I 226 11.67 42.19 -0.32
C SER I 226 12.45 42.45 0.91
N TYR I 227 12.90 43.69 1.07
CA TYR I 227 13.97 43.94 2.08
C TYR I 227 13.57 44.69 3.35
N THR I 228 12.57 45.56 3.25
CA THR I 228 12.27 46.48 4.38
C THR I 228 10.77 46.74 4.54
N ALA I 229 10.36 47.11 5.75
CA ALA I 229 9.02 47.63 6.00
C ALA I 229 9.02 49.16 5.95
N LYS I 230 10.22 49.74 5.81
CA LYS I 230 10.30 51.19 5.51
C LYS I 230 9.90 51.39 4.06
N ARG I 231 9.15 52.46 3.77
CA ARG I 231 8.79 52.80 2.41
C ARG I 231 9.95 53.55 1.75
N PRO I 232 10.44 53.06 0.57
CA PRO I 232 11.37 53.88 -0.22
C PRO I 232 10.66 55.15 -0.55
N PHE I 233 11.37 56.26 -0.53
CA PHE I 233 10.76 57.56 -0.74
C PHE I 233 11.51 58.25 -1.85
N VAL I 234 10.79 58.50 -2.93
CA VAL I 234 11.39 59.15 -4.09
C VAL I 234 11.28 60.67 -4.00
N LYS I 235 12.35 61.38 -4.36
CA LYS I 235 12.25 62.79 -4.70
C LYS I 235 12.72 63.01 -6.15
N LEU I 236 11.78 63.46 -7.00
CA LEU I 236 12.05 63.73 -8.41
C LEU I 236 11.97 65.22 -8.69
N ASN I 237 13.08 65.77 -9.13
CA ASN I 237 13.13 67.16 -9.52
C ASN I 237 12.73 67.24 -11.00
N VAL I 238 11.62 67.93 -11.25
CA VAL I 238 11.03 67.95 -12.59
C VAL I 238 11.65 68.99 -13.52
N GLU I 239 12.43 69.89 -12.95
CA GLU I 239 13.20 70.88 -13.73
C GLU I 239 14.48 70.28 -14.30
N THR I 240 15.27 69.62 -13.44
CA THR I 240 16.51 68.95 -13.87
C THR I 240 16.27 67.50 -14.34
N ASP I 241 15.04 66.98 -14.15
CA ASP I 241 14.69 65.58 -14.49
C ASP I 241 15.63 64.55 -13.81
N THR I 242 15.84 64.72 -12.51
CA THR I 242 16.72 63.86 -11.73
C THR I 242 15.93 63.28 -10.58
N ALA I 243 16.12 61.98 -10.32
CA ALA I 243 15.37 61.34 -9.26
C ALA I 243 16.34 60.71 -8.24
N GLU I 244 15.99 60.79 -6.96
CA GLU I 244 16.81 60.19 -5.86
C GLU I 244 15.88 59.40 -4.91
N ILE I 245 16.30 58.23 -4.45
CA ILE I 245 15.49 57.42 -3.56
C ILE I 245 16.25 57.09 -2.27
N ARG I 246 15.59 57.26 -1.11
CA ARG I 246 16.09 56.77 0.18
CA ARG I 246 16.09 56.75 0.17
C ARG I 246 14.90 56.22 0.95
N LEU I 247 15.17 55.35 1.90
CA LEU I 247 14.08 54.87 2.78
C LEU I 247 13.55 55.99 3.68
N MET I 248 12.27 55.96 3.98
CA MET I 248 11.70 56.83 5.00
C MET I 248 12.27 56.44 6.36
N CYS I 249 12.69 57.44 7.13
CA CYS I 249 13.37 57.21 8.40
C CYS I 249 12.39 57.04 9.57
N THR I 250 11.14 57.48 9.38
CA THR I 250 10.18 57.52 10.47
C THR I 250 10.00 56.17 11.15
N GLU I 251 9.84 56.19 12.47
CA GLU I 251 9.54 54.98 13.23
C GLU I 251 8.16 54.39 12.98
N THR I 252 7.31 55.11 12.24
CA THR I 252 5.96 54.69 11.96
C THR I 252 5.95 54.03 10.60
N TYR I 253 6.48 52.80 10.54
CA TYR I 253 6.69 52.13 9.27
C TYR I 253 5.36 51.89 8.60
N LEU I 254 5.28 52.22 7.32
CA LEU I 254 3.99 52.27 6.61
C LEU I 254 3.56 51.04 5.81
N ASP I 255 4.51 50.12 5.62
CA ASP I 255 4.31 48.89 4.84
C ASP I 255 3.58 47.83 5.70
N THR I 256 3.10 46.78 5.05
CA THR I 256 2.48 45.63 5.71
C THR I 256 2.93 44.41 4.90
N PRO I 257 3.58 43.43 5.56
CA PRO I 257 3.84 43.35 7.02
C PRO I 257 4.86 44.37 7.50
N ARG I 258 4.97 44.49 8.81
CA ARG I 258 5.95 45.38 9.42
C ARG I 258 6.18 44.97 10.85
N PRO I 259 7.37 45.30 11.38
CA PRO I 259 7.57 45.08 12.79
C PRO I 259 7.03 46.26 13.61
N ASP I 260 7.17 46.21 14.93
CA ASP I 260 6.71 47.27 15.82
C ASP I 260 7.38 48.58 15.43
N ASP I 261 6.70 49.68 15.72
CA ASP I 261 7.23 51.00 15.45
C ASP I 261 8.54 51.28 16.19
N GLY I 262 9.53 51.77 15.45
CA GLY I 262 10.83 52.08 16.00
C GLY I 262 11.68 50.89 16.41
N SER I 263 11.25 49.66 16.14
CA SER I 263 12.02 48.48 16.52
C SER I 263 13.18 48.21 15.55
N ILE I 264 13.16 48.83 14.38
CA ILE I 264 14.35 48.70 13.50
C ILE I 264 15.48 49.58 13.99
N THR I 265 16.53 48.94 14.49
CA THR I 265 17.61 49.66 15.10
C THR I 265 18.54 50.22 14.02
N GLY I 266 19.35 51.20 14.38
CA GLY I 266 20.37 51.73 13.49
C GLY I 266 19.87 53.03 12.87
N PRO I 267 20.63 53.56 11.89
CA PRO I 267 20.36 54.85 11.31
C PRO I 267 19.28 54.74 10.23
N CYS I 268 18.93 55.86 9.60
CA CYS I 268 17.80 55.89 8.64
C CYS I 268 17.82 54.84 7.56
N GLU I 269 19.01 54.42 7.21
CA GLU I 269 19.14 53.55 6.08
C GLU I 269 19.00 52.05 6.40
N SER I 270 18.85 51.70 7.69
CA SER I 270 18.71 50.29 8.09
C SER I 270 17.44 49.67 7.57
N ASN I 271 17.55 48.46 7.05
CA ASN I 271 16.38 47.73 6.54
C ASN I 271 15.19 47.45 7.50
N GLY I 272 15.28 46.63 8.55
CA GLY I 272 16.06 45.47 8.66
C GLY I 272 15.07 44.31 8.60
N ASP I 273 14.23 44.13 9.62
CA ASP I 273 13.40 42.89 9.74
C ASP I 273 11.93 42.97 9.21
N LYS I 274 11.32 41.80 8.98
CA LYS I 274 9.95 41.66 8.45
C LYS I 274 9.69 42.38 7.12
N GLY I 275 10.73 42.43 6.29
CA GLY I 275 10.70 43.23 5.08
C GLY I 275 10.07 42.57 3.89
N SER I 276 10.00 41.23 3.88
CA SER I 276 9.48 40.46 2.70
C SER I 276 7.98 40.60 2.64
N GLY I 277 7.45 40.80 1.43
CA GLY I 277 6.04 41.18 1.29
C GLY I 277 5.84 42.68 1.46
N GLY I 278 4.61 43.16 1.27
CA GLY I 278 4.35 44.59 1.30
C GLY I 278 3.01 44.93 0.66
N ILE I 279 2.76 46.24 0.51
CA ILE I 279 1.49 46.74 0.12
C ILE I 279 1.69 48.11 -0.48
N LYS I 280 0.82 48.49 -1.42
CA LYS I 280 0.75 49.88 -1.83
C LYS I 280 0.19 50.73 -0.71
N GLY I 281 0.80 51.89 -0.50
CA GLY I 281 0.33 52.79 0.53
C GLY I 281 0.02 54.19 0.06
N GLY I 282 -0.96 54.78 0.72
CA GLY I 282 -1.51 56.07 0.35
C GLY I 282 -0.55 57.16 0.74
N PHE I 283 -0.49 58.20 -0.09
CA PHE I 283 0.39 59.31 0.15
C PHE I 283 -0.06 60.47 -0.69
N VAL I 284 -0.24 61.64 -0.05
CA VAL I 284 -0.72 62.84 -0.73
C VAL I 284 -0.22 64.09 0.00
N HIS I 285 -0.02 65.18 -0.74
CA HIS I 285 0.59 66.41 -0.23
C HIS I 285 -0.48 67.45 0.02
N GLN I 286 -0.40 68.10 1.17
CA GLN I 286 -1.12 69.33 1.44
C GLN I 286 -0.12 70.49 1.27
N ARG I 287 -0.22 71.21 0.16
CA ARG I 287 0.74 72.30 -0.10
C ARG I 287 0.27 73.66 0.46
N MET I 288 1.04 74.20 1.40
CA MET I 288 0.72 75.51 2.00
C MET I 288 1.81 76.52 1.71
N ALA I 289 1.52 77.80 1.96
CA ALA I 289 2.42 78.91 1.56
C ALA I 289 3.85 78.67 1.99
N SER I 290 4.10 78.64 3.30
CA SER I 290 5.43 78.34 3.84
C SER I 290 5.48 77.02 4.65
N LYS I 291 4.60 76.07 4.32
CA LYS I 291 4.54 74.83 5.07
C LYS I 291 4.10 73.68 4.14
N ILE I 292 4.74 72.51 4.27
CA ILE I 292 4.22 71.30 3.62
C ILE I 292 3.69 70.26 4.62
N GLY I 293 2.52 69.72 4.32
CA GLY I 293 1.97 68.59 5.05
C GLY I 293 2.05 67.32 4.22
N ARG I 294 2.57 66.26 4.84
CA ARG I 294 2.55 64.97 4.15
C ARG I 294 1.60 63.99 4.82
N TRP I 295 0.55 63.57 4.09
CA TRP I 295 -0.45 62.61 4.60
C TRP I 295 -0.18 61.18 4.14
N TYR I 296 -0.24 60.24 5.07
CA TYR I 296 0.02 58.85 4.73
C TYR I 296 -1.03 57.94 5.33
N SER I 297 -1.16 56.75 4.76
CA SER I 297 -1.99 55.72 5.34
C SER I 297 -1.29 54.37 5.42
N ARG I 298 -1.70 53.59 6.40
CA ARG I 298 -1.16 52.25 6.59
C ARG I 298 -2.19 51.38 7.26
N THR I 299 -2.13 50.09 7.01
CA THR I 299 -3.05 49.15 7.65
C THR I 299 -3.08 49.29 9.17
N MET I 300 -4.21 48.95 9.77
CA MET I 300 -4.25 48.97 11.24
C MET I 300 -3.53 47.75 11.85
N SER I 301 -3.63 46.63 11.13
CA SER I 301 -2.87 45.41 11.48
C SER I 301 -1.44 45.51 10.98
N LYS I 302 -0.50 45.02 11.80
CA LYS I 302 0.88 44.98 11.40
C LYS I 302 1.19 43.90 10.35
N THR I 303 0.37 42.84 10.32
CA THR I 303 0.66 41.68 9.50
C THR I 303 -0.38 41.43 8.43
N LYS I 304 -1.62 41.85 8.70
CA LYS I 304 -2.74 41.55 7.83
C LYS I 304 -3.28 42.78 7.11
N ARG I 305 -3.99 42.57 6.00
CA ARG I 305 -4.44 43.70 5.23
C ARG I 305 -5.79 44.17 5.76
N MET I 306 -5.83 44.40 7.07
CA MET I 306 -7.02 44.74 7.81
C MET I 306 -6.89 46.13 8.43
N GLY I 307 -7.88 46.98 8.14
CA GLY I 307 -7.92 48.33 8.67
C GLY I 307 -7.09 49.31 7.90
N MET I 308 -7.27 50.58 8.23
CA MET I 308 -6.50 51.66 7.61
C MET I 308 -6.53 52.89 8.50
N GLY I 309 -5.33 53.33 8.91
CA GLY I 309 -5.17 54.54 9.64
C GLY I 309 -4.58 55.63 8.76
N LEU I 310 -4.84 56.87 9.16
CA LEU I 310 -4.33 58.04 8.48
C LEU I 310 -3.31 58.72 9.37
N TYR I 311 -2.21 59.12 8.77
CA TYR I 311 -1.12 59.72 9.49
C TYR I 311 -0.66 61.00 8.81
N VAL I 312 -0.04 61.88 9.57
CA VAL I 312 0.39 63.15 8.96
C VAL I 312 1.63 63.67 9.64
N LYS I 313 2.50 64.29 8.84
CA LYS I 313 3.62 65.10 9.38
C LYS I 313 3.85 66.34 8.55
N TYR I 314 4.10 67.45 9.21
CA TYR I 314 4.35 68.74 8.53
C TYR I 314 5.85 69.03 8.45
N ASP I 315 6.34 69.40 7.27
CA ASP I 315 7.74 69.85 7.02
C ASP I 315 8.78 68.75 7.29
N GLY I 316 10.04 69.13 7.49
CA GLY I 316 11.07 68.17 7.77
C GLY I 316 11.49 67.43 6.50
N ASP I 317 12.33 66.41 6.65
CA ASP I 317 12.79 65.58 5.53
C ASP I 317 12.51 64.11 5.89
N PRO I 318 11.54 63.49 5.21
CA PRO I 318 11.18 62.08 5.44
C PRO I 318 12.37 61.13 5.40
N TRP I 319 13.46 61.57 4.76
CA TRP I 319 14.66 60.74 4.67
C TRP I 319 15.43 60.67 5.99
N THR I 320 15.44 61.78 6.74
CA THR I 320 16.25 61.89 7.97
C THR I 320 15.40 62.00 9.27
N ASP I 321 14.12 62.34 9.12
CA ASP I 321 13.22 62.46 10.30
C ASP I 321 12.83 61.10 10.91
N SER I 322 13.32 60.80 12.10
CA SER I 322 12.98 59.50 12.69
C SER I 322 11.74 59.61 13.58
N ASP I 323 11.26 60.85 13.77
CA ASP I 323 10.09 61.13 14.62
C ASP I 323 8.90 60.37 14.07
N ALA I 324 8.01 59.99 14.98
CA ALA I 324 6.81 59.24 14.63
C ALA I 324 5.86 60.17 13.87
N LEU I 325 5.21 59.62 12.85
CA LEU I 325 4.04 60.27 12.21
C LEU I 325 2.84 60.40 13.19
N ALA I 326 2.18 61.55 13.19
CA ALA I 326 1.01 61.74 14.04
C ALA I 326 -0.20 60.94 13.54
N LEU I 327 -0.76 60.13 14.42
CA LEU I 327 -1.95 59.38 14.03
C LEU I 327 -3.15 60.34 13.96
N SER I 328 -3.76 60.45 12.78
CA SER I 328 -4.80 61.44 12.57
C SER I 328 -6.17 60.84 12.82
N GLY I 329 -6.47 59.70 12.19
CA GLY I 329 -7.65 58.92 12.56
C GLY I 329 -7.72 57.54 11.92
N VAL I 330 -8.72 56.78 12.34
CA VAL I 330 -8.92 55.43 11.82
C VAL I 330 -9.96 55.52 10.68
N MET I 331 -9.51 55.36 9.44
CA MET I 331 -10.41 55.43 8.27
C MET I 331 -11.18 54.14 8.06
N VAL I 332 -10.55 53.00 8.35
CA VAL I 332 -11.16 51.66 8.23
C VAL I 332 -10.74 50.88 9.46
N SER I 333 -11.73 50.36 10.18
CA SER I 333 -11.46 49.66 11.43
C SER I 333 -10.77 48.32 11.18
N MET I 334 -10.28 47.71 12.25
CA MET I 334 -9.53 46.47 12.17
C MET I 334 -10.40 45.34 11.63
N GLU I 335 -11.70 45.53 11.75
CA GLU I 335 -12.66 44.50 11.35
C GLU I 335 -12.96 44.57 9.89
N GLU I 336 -12.52 45.64 9.24
CA GLU I 336 -12.83 45.77 7.80
C GLU I 336 -11.53 45.65 6.97
N PRO I 337 -11.66 45.16 5.72
CA PRO I 337 -10.48 44.99 4.87
C PRO I 337 -9.80 46.32 4.45
N GLY I 338 -8.47 46.39 4.58
CA GLY I 338 -7.71 47.56 4.18
C GLY I 338 -6.56 47.11 3.30
N TRP I 339 -6.77 47.18 2.00
CA TRP I 339 -5.76 46.71 1.04
C TRP I 339 -4.97 47.87 0.48
N TYR I 340 -4.91 48.00 -0.84
CA TYR I 340 -4.13 49.10 -1.44
C TYR I 340 -4.68 50.45 -1.02
N SER I 341 -3.84 51.47 -0.97
CA SER I 341 -4.30 52.84 -0.73
C SER I 341 -3.51 53.80 -1.62
N PHE I 342 -4.14 54.89 -2.05
CA PHE I 342 -3.52 55.80 -2.99
C PHE I 342 -3.82 57.25 -2.66
N GLY I 343 -3.01 58.13 -3.23
CA GLY I 343 -3.25 59.56 -3.11
C GLY I 343 -3.79 60.15 -4.41
N PHE I 344 -4.62 61.17 -4.31
CA PHE I 344 -5.07 61.98 -5.44
C PHE I 344 -5.54 63.35 -4.98
N GLU I 345 -5.68 64.25 -5.95
CA GLU I 345 -6.12 65.59 -5.64
C GLU I 345 -7.30 65.96 -6.52
N ILE I 346 -8.35 66.49 -5.89
CA ILE I 346 -9.46 67.06 -6.64
C ILE I 346 -9.20 68.54 -6.91
N LYS I 347 -9.62 69.02 -8.09
CA LYS I 347 -9.36 70.39 -8.49
CA LYS I 347 -9.36 70.39 -8.51
C LYS I 347 -10.54 71.33 -8.22
N ASP I 348 -10.43 72.08 -7.13
CA ASP I 348 -11.40 73.12 -6.81
C ASP I 348 -11.12 74.33 -7.73
N LYS I 349 -11.94 75.37 -7.60
CA LYS I 349 -11.87 76.46 -8.57
C LYS I 349 -10.47 77.07 -8.59
N LYS I 350 -9.88 77.30 -7.42
CA LYS I 350 -8.60 78.02 -7.32
C LYS I 350 -7.54 77.26 -6.52
N CYS I 351 -7.87 76.07 -6.06
CA CYS I 351 -7.00 75.30 -5.17
C CYS I 351 -7.26 73.82 -5.31
N ASP I 352 -6.41 73.03 -4.68
CA ASP I 352 -6.38 71.58 -4.86
C ASP I 352 -6.71 70.84 -3.56
N VAL I 353 -7.50 69.78 -3.65
CA VAL I 353 -7.97 69.12 -2.44
C VAL I 353 -7.31 67.74 -2.35
N PRO I 354 -6.46 67.55 -1.32
CA PRO I 354 -5.77 66.29 -1.19
C PRO I 354 -6.68 65.21 -0.56
N CYS I 355 -6.62 64.02 -1.13
CA CYS I 355 -7.49 62.92 -0.80
C CYS I 355 -6.72 61.62 -0.73
N ILE I 356 -7.26 60.70 0.05
CA ILE I 356 -6.71 59.35 0.15
C ILE I 356 -7.78 58.37 -0.16
N GLY I 357 -7.54 57.54 -1.15
CA GLY I 357 -8.43 56.45 -1.52
C GLY I 357 -7.96 55.12 -0.94
N ILE I 358 -8.90 54.23 -0.65
CA ILE I 358 -8.56 52.96 0.02
C ILE I 358 -9.27 51.86 -0.70
N GLU I 359 -8.50 50.95 -1.25
CA GLU I 359 -9.01 49.69 -1.77
C GLU I 359 -9.47 48.78 -0.64
N MET I 360 -10.74 48.39 -0.69
CA MET I 360 -11.27 47.50 0.35
C MET I 360 -11.70 46.19 -0.31
N VAL I 361 -10.83 45.17 -0.22
CA VAL I 361 -11.03 43.95 -0.97
C VAL I 361 -12.00 43.00 -0.31
N HIS I 362 -12.96 42.48 -1.06
CA HIS I 362 -13.81 41.38 -0.62
C HIS I 362 -13.07 40.09 -0.93
N ASP I 363 -12.45 39.53 0.10
CA ASP I 363 -11.62 38.37 -0.08
C ASP I 363 -12.27 37.18 0.60
N GLY I 364 -12.65 36.15 -0.15
CA GLY I 364 -13.11 34.88 0.44
C GLY I 364 -12.33 33.71 -0.14
N GLY I 365 -11.14 34.01 -0.64
CA GLY I 365 -10.26 32.99 -1.23
C GLY I 365 -10.53 32.80 -2.69
N LYS I 366 -9.86 31.82 -3.27
CA LYS I 366 -9.92 31.62 -4.71
C LYS I 366 -11.18 30.87 -5.13
N GLU I 367 -11.94 30.34 -4.17
CA GLU I 367 -13.08 29.52 -4.52
C GLU I 367 -14.35 30.37 -4.83
N THR I 368 -14.20 31.68 -4.83
CA THR I 368 -15.33 32.57 -5.05
C THR I 368 -14.74 33.82 -5.69
N TRP I 369 -15.59 34.80 -5.97
CA TRP I 369 -15.19 36.08 -6.59
C TRP I 369 -14.27 36.91 -5.69
N HIS I 370 -13.44 37.73 -6.33
CA HIS I 370 -12.45 38.54 -5.65
C HIS I 370 -12.45 39.96 -6.24
N SER I 371 -12.87 40.94 -5.47
CA SER I 371 -13.06 42.28 -5.96
C SER I 371 -13.01 43.25 -4.78
N ALA I 372 -13.37 44.50 -5.00
CA ALA I 372 -12.97 45.53 -4.09
C ALA I 372 -13.95 46.69 -4.13
N ALA I 373 -14.19 47.30 -2.96
CA ALA I 373 -14.79 48.61 -2.83
C ALA I 373 -13.70 49.67 -2.81
N THR I 374 -14.09 50.93 -3.06
CA THR I 374 -13.21 52.07 -2.84
C THR I 374 -13.74 53.10 -1.84
N ALA I 375 -13.00 53.28 -0.75
CA ALA I 375 -13.31 54.35 0.22
C ALA I 375 -12.48 55.62 -0.04
N ILE I 376 -13.07 56.78 0.15
CA ILE I 376 -12.41 58.06 -0.17
C ILE I 376 -12.50 58.98 1.02
N TYR I 377 -11.33 59.45 1.47
CA TYR I 377 -11.18 60.45 2.48
C TYR I 377 -10.47 61.66 1.87
N CYS I 378 -10.89 62.87 2.25
CA CYS I 378 -10.36 64.10 1.68
C CYS I 378 -10.19 65.11 2.76
N LEU I 379 -9.21 66.00 2.60
CA LEU I 379 -9.03 67.14 3.51
C LEU I 379 -10.28 68.06 3.38
N MET I 380 -10.92 68.35 4.51
CA MET I 380 -12.04 69.26 4.54
C MET I 380 -12.23 69.78 5.95
N GLY I 381 -12.09 71.09 6.08
CA GLY I 381 -12.36 71.78 7.33
C GLY I 381 -11.33 71.52 8.41
N SER I 382 -11.73 71.79 9.63
CA SER I 382 -10.86 71.70 10.79
CA SER I 382 -10.84 71.67 10.77
C SER I 382 -11.36 70.60 11.73
N GLY I 383 -10.61 70.34 12.78
CA GLY I 383 -11.02 69.39 13.84
C GLY I 383 -10.27 68.09 13.72
N GLN I 384 -10.97 66.98 13.96
CA GLN I 384 -10.40 65.62 13.82
CA GLN I 384 -10.39 65.64 13.78
C GLN I 384 -11.28 64.74 12.93
N LEU I 385 -10.68 63.71 12.33
CA LEU I 385 -11.35 62.70 11.56
C LEU I 385 -12.38 61.97 12.43
N LEU I 386 -13.61 61.86 11.90
CA LEU I 386 -14.73 61.45 12.73
C LEU I 386 -15.28 60.06 12.52
N TRP I 387 -15.27 59.52 11.32
CA TRP I 387 -16.00 58.25 11.07
C TRP I 387 -15.25 57.34 10.14
N ASP I 388 -15.44 56.05 10.38
CA ASP I 388 -14.80 55.02 9.59
C ASP I 388 -15.72 54.57 8.47
N THR I 389 -15.20 53.72 7.58
CA THR I 389 -15.90 53.21 6.41
C THR I 389 -15.99 51.68 6.49
N VAL I 390 -17.17 51.16 6.14
CA VAL I 390 -17.43 49.73 6.08
C VAL I 390 -17.93 49.47 4.68
N THR I 391 -17.68 48.29 4.12
CA THR I 391 -18.19 48.06 2.76
C THR I 391 -19.67 47.72 2.74
N GLY I 392 -20.14 47.12 3.85
CA GLY I 392 -21.48 46.59 3.99
C GLY I 392 -21.82 45.37 3.16
N VAL I 393 -20.81 44.81 2.49
CA VAL I 393 -20.99 43.64 1.64
C VAL I 393 -20.94 42.29 2.39
N ASP I 394 -21.93 41.43 2.17
CA ASP I 394 -21.93 40.01 2.63
C ASP I 394 -21.61 39.14 1.40
N MET I 395 -20.45 38.49 1.43
CA MET I 395 -19.98 37.77 0.24
C MET I 395 -20.75 36.50 -0.04
N ALA I 396 -21.61 36.07 0.89
CA ALA I 396 -22.38 34.85 0.72
C ALA I 396 -23.66 35.10 -0.09
N LEU I 397 -23.95 36.36 -0.40
CA LEU I 397 -25.19 36.75 -1.13
C LEU I 397 -25.02 36.81 -2.65
N PRO J 9 -15.87 72.87 -37.96
CA PRO J 9 -15.10 71.64 -38.28
C PRO J 9 -14.95 71.55 -39.77
N GLU J 10 -13.84 70.99 -40.23
CA GLU J 10 -13.52 70.93 -41.67
CA GLU J 10 -13.46 70.96 -41.65
C GLU J 10 -13.31 69.52 -42.18
N TRP J 11 -13.17 69.35 -43.50
CA TRP J 11 -13.06 67.98 -44.06
C TRP J 11 -11.79 67.28 -43.54
N THR J 12 -11.85 65.97 -43.35
CA THR J 12 -10.67 65.21 -42.94
CA THR J 12 -10.66 65.24 -42.93
C THR J 12 -9.96 64.55 -44.12
N TYR J 13 -8.64 64.40 -43.99
CA TYR J 13 -7.77 63.78 -45.01
C TYR J 13 -6.87 62.81 -44.25
N PRO J 14 -6.41 61.74 -44.93
CA PRO J 14 -5.41 60.86 -44.34
C PRO J 14 -4.10 61.64 -44.05
N ARG J 15 -3.45 61.36 -42.94
CA ARG J 15 -2.17 62.04 -42.60
C ARG J 15 -1.11 60.98 -42.53
N LEU J 16 0.15 61.42 -42.37
CA LEU J 16 1.28 60.50 -42.07
C LEU J 16 0.88 59.70 -40.84
N SER J 17 1.21 58.41 -40.86
CA SER J 17 0.95 57.54 -39.71
C SER J 17 1.85 57.94 -38.56
N CYS J 18 1.36 57.75 -37.34
CA CYS J 18 2.17 57.91 -36.14
C CYS J 18 3.37 56.93 -36.11
N PRO J 19 4.46 57.29 -35.39
CA PRO J 19 5.65 56.44 -35.26
C PRO J 19 5.32 55.07 -34.68
N GLY J 20 6.00 54.07 -35.21
CA GLY J 20 5.87 52.73 -34.67
C GLY J 20 6.39 51.76 -35.72
N SER J 21 6.75 50.55 -35.29
CA SER J 21 7.19 49.54 -36.25
C SER J 21 6.56 48.17 -35.99
N THR J 22 5.69 48.11 -34.99
CA THR J 22 5.06 46.84 -34.57
C THR J 22 3.67 47.07 -34.05
N PHE J 23 2.76 46.12 -34.31
CA PHE J 23 1.45 46.15 -33.65
C PHE J 23 1.53 45.42 -32.31
N GLN J 24 0.68 45.83 -31.36
CA GLN J 24 0.50 45.16 -30.08
C GLN J 24 -1.00 45.08 -29.75
N LYS J 25 -1.32 44.18 -28.84
CA LYS J 25 -2.67 43.95 -28.32
C LYS J 25 -3.16 45.22 -27.60
N ALA J 26 -4.25 45.81 -28.12
CA ALA J 26 -4.73 47.07 -27.56
C ALA J 26 -5.93 46.85 -26.65
N LEU J 27 -7.01 46.27 -27.16
CA LEU J 27 -8.28 46.20 -26.43
C LEU J 27 -9.11 45.03 -26.92
N LEU J 28 -9.80 44.36 -25.99
CA LEU J 28 -10.79 43.32 -26.30
C LEU J 28 -12.18 43.85 -25.95
N ILE J 29 -13.11 43.71 -26.87
CA ILE J 29 -14.52 43.89 -26.57
C ILE J 29 -15.18 42.50 -26.62
N SER J 30 -15.38 41.92 -25.44
CA SER J 30 -15.99 40.59 -25.30
C SER J 30 -17.32 40.70 -24.52
N PRO J 31 -18.43 41.08 -25.20
CA PRO J 31 -19.73 41.37 -24.54
C PRO J 31 -20.32 40.15 -23.87
N HIS J 32 -20.10 38.97 -24.46
CA HIS J 32 -20.65 37.73 -23.93
C HIS J 32 -19.93 37.13 -22.68
N ARG J 33 -18.90 37.83 -22.21
CA ARG J 33 -18.34 37.59 -20.88
C ARG J 33 -19.41 37.89 -19.82
N PHE J 34 -20.49 38.57 -20.27
CA PHE J 34 -21.59 39.01 -19.38
C PHE J 34 -22.99 38.41 -19.71
N GLY J 35 -23.04 37.53 -20.72
CA GLY J 35 -24.29 36.88 -21.12
C GLY J 35 -24.69 35.59 -20.45
N GLU J 36 -24.09 35.28 -19.29
CA GLU J 36 -24.50 34.09 -18.52
C GLU J 36 -25.96 34.11 -18.05
N THR J 37 -26.57 32.94 -17.94
CA THR J 37 -27.86 32.79 -17.28
C THR J 37 -27.82 33.30 -15.83
N LYS J 38 -26.69 33.05 -15.17
CA LYS J 38 -26.47 33.42 -13.78
C LYS J 38 -26.23 34.94 -13.56
N GLY J 39 -25.91 35.68 -14.63
CA GLY J 39 -25.68 37.13 -14.52
C GLY J 39 -26.90 38.00 -14.88
N ASN J 40 -26.68 39.31 -15.02
CA ASN J 40 -27.75 40.29 -15.14
C ASN J 40 -27.52 41.27 -16.25
N SER J 41 -26.82 40.83 -17.29
CA SER J 41 -26.53 41.70 -18.39
C SER J 41 -27.20 41.28 -19.69
N ALA J 42 -27.13 42.17 -20.68
CA ALA J 42 -27.80 41.95 -21.94
C ALA J 42 -26.92 42.23 -23.17
N PRO J 43 -25.79 41.53 -23.28
CA PRO J 43 -25.01 41.71 -24.53
C PRO J 43 -25.81 41.36 -25.77
N LEU J 44 -25.82 42.26 -26.75
CA LEU J 44 -26.49 41.97 -28.03
C LEU J 44 -25.79 40.88 -28.84
N ILE J 45 -26.59 40.10 -29.55
CA ILE J 45 -26.09 39.06 -30.45
C ILE J 45 -25.77 39.78 -31.76
N ILE J 46 -24.50 39.73 -32.15
CA ILE J 46 -24.04 40.51 -33.28
C ILE J 46 -23.17 39.65 -34.15
N ARG J 47 -22.85 40.17 -35.34
CA ARG J 47 -21.74 39.66 -36.16
C ARG J 47 -21.27 40.76 -37.10
N GLU J 48 -20.26 40.46 -37.90
CA GLU J 48 -19.66 41.43 -38.81
C GLU J 48 -19.34 42.76 -38.13
N PRO J 49 -18.61 42.72 -36.98
CA PRO J 49 -18.25 44.00 -36.34
C PRO J 49 -17.20 44.73 -37.14
N PHE J 50 -17.15 46.04 -36.99
CA PHE J 50 -16.08 46.87 -37.52
C PHE J 50 -16.00 48.16 -36.74
N ILE J 51 -14.90 48.88 -36.89
CA ILE J 51 -14.70 50.13 -36.15
C ILE J 51 -14.38 51.24 -37.12
N ALA J 52 -14.91 52.44 -36.83
CA ALA J 52 -14.64 53.59 -37.66
C ALA J 52 -14.40 54.78 -36.73
N CYS J 53 -13.47 55.66 -37.07
CA CYS J 53 -13.11 56.72 -36.16
C CYS J 53 -13.25 58.04 -36.86
N GLY J 54 -13.73 59.04 -36.13
CA GLY J 54 -13.62 60.44 -36.57
C GLY J 54 -12.57 61.13 -35.69
N PRO J 55 -12.53 62.46 -35.72
CA PRO J 55 -11.51 63.25 -35.07
C PRO J 55 -11.52 63.22 -33.55
N LYS J 56 -12.64 62.82 -32.96
CA LYS J 56 -12.71 62.73 -31.49
C LYS J 56 -13.13 61.38 -30.92
N GLU J 57 -13.75 60.53 -31.73
CA GLU J 57 -14.37 59.33 -31.20
C GLU J 57 -14.19 58.19 -32.15
N CYS J 58 -14.07 56.97 -31.62
CA CYS J 58 -14.24 55.77 -32.45
C CYS J 58 -15.53 55.08 -32.05
N LYS J 59 -16.33 54.71 -33.05
CA LYS J 59 -17.52 53.93 -32.87
C LYS J 59 -17.28 52.48 -33.27
N HIS J 60 -17.70 51.57 -32.39
CA HIS J 60 -17.67 50.14 -32.63
C HIS J 60 -19.02 49.73 -33.22
N PHE J 61 -19.03 49.40 -34.51
CA PHE J 61 -20.23 48.98 -35.19
C PHE J 61 -20.42 47.48 -35.25
N ALA J 62 -21.67 47.05 -35.44
CA ALA J 62 -21.99 45.63 -35.74
C ALA J 62 -23.35 45.45 -36.38
N LEU J 63 -23.59 44.27 -36.92
CA LEU J 63 -24.94 43.90 -37.31
C LEU J 63 -25.54 43.03 -36.23
N THR J 64 -26.62 43.48 -35.59
CA THR J 64 -27.31 42.64 -34.64
C THR J 64 -28.53 41.87 -35.22
N HIS J 65 -28.79 40.68 -34.69
CA HIS J 65 -30.07 39.99 -34.89
C HIS J 65 -31.20 40.47 -33.93
N TYR J 66 -31.04 41.64 -33.32
CA TYR J 66 -32.11 42.22 -32.48
C TYR J 66 -32.46 41.28 -31.32
N ALA J 67 -31.43 40.73 -30.69
CA ALA J 67 -31.61 39.65 -29.74
C ALA J 67 -30.46 39.73 -28.76
N ALA J 68 -30.72 39.32 -27.50
CA ALA J 68 -29.71 39.42 -26.48
C ALA J 68 -29.32 38.05 -25.94
N GLN J 69 -28.18 38.00 -25.26
CA GLN J 69 -27.83 36.87 -24.43
C GLN J 69 -27.77 37.30 -22.96
N PRO J 70 -28.46 36.56 -22.05
CA PRO J 70 -29.41 35.49 -22.39
C PRO J 70 -30.75 36.01 -22.98
N GLY J 71 -31.46 35.15 -23.69
CA GLY J 71 -32.70 35.51 -24.36
C GLY J 71 -33.36 34.29 -25.02
N GLY J 72 -34.45 34.49 -25.77
CA GLY J 72 -35.26 33.38 -26.29
C GLY J 72 -35.28 33.46 -27.80
N TYR J 73 -34.43 34.34 -28.35
CA TYR J 73 -34.37 34.49 -29.79
C TYR J 73 -33.08 34.00 -30.47
N TYR J 74 -32.56 32.86 -30.00
CA TYR J 74 -31.32 32.30 -30.53
C TYR J 74 -31.48 31.68 -31.90
N ASN J 75 -32.58 30.98 -32.10
CA ASN J 75 -32.92 30.44 -33.44
C ASN J 75 -32.89 31.53 -34.52
N GLY J 76 -32.12 31.29 -35.60
CA GLY J 76 -31.91 32.23 -36.68
C GLY J 76 -30.69 33.15 -36.56
N THR J 77 -29.93 33.03 -35.47
CA THR J 77 -28.78 33.92 -35.28
C THR J 77 -27.50 33.49 -36.04
N ARG J 78 -27.51 32.28 -36.55
CA ARG J 78 -26.49 31.80 -37.50
C ARG J 78 -26.66 32.31 -38.94
N GLY J 79 -27.90 32.62 -39.35
CA GLY J 79 -28.18 33.27 -40.66
C GLY J 79 -27.65 34.69 -40.67
N ASP J 80 -27.54 35.28 -41.85
CA ASP J 80 -27.10 36.71 -41.95
C ASP J 80 -28.27 37.63 -42.33
N ARG J 81 -29.14 37.18 -43.25
CA ARG J 81 -30.20 38.06 -43.75
C ARG J 81 -31.54 37.74 -43.15
N ASN J 82 -32.19 38.77 -42.61
CA ASN J 82 -33.56 38.68 -42.05
C ASN J 82 -34.07 40.09 -41.87
N LYS J 83 -35.37 40.20 -41.64
CA LYS J 83 -36.07 41.47 -41.53
C LYS J 83 -35.77 42.21 -40.23
N LEU J 84 -35.07 41.55 -39.32
CA LEU J 84 -34.81 42.10 -37.98
C LEU J 84 -33.41 42.68 -37.85
N ARG J 85 -32.52 42.23 -38.75
CA ARG J 85 -31.13 42.64 -38.75
C ARG J 85 -30.93 44.19 -38.78
N HIS J 86 -30.02 44.68 -37.96
CA HIS J 86 -29.83 46.11 -37.78
C HIS J 86 -28.38 46.45 -37.59
N LEU J 87 -27.99 47.61 -38.10
CA LEU J 87 -26.69 48.19 -37.87
C LEU J 87 -26.75 48.97 -36.57
N ILE J 88 -25.89 48.57 -35.63
CA ILE J 88 -25.77 49.21 -34.32
C ILE J 88 -24.40 49.78 -34.06
N SER J 89 -24.29 50.60 -33.04
CA SER J 89 -22.93 51.03 -32.63
C SER J 89 -22.89 51.39 -31.15
N VAL J 90 -21.71 51.26 -30.55
CA VAL J 90 -21.39 51.91 -29.31
C VAL J 90 -20.11 52.73 -29.51
N LYS J 91 -19.87 53.71 -28.67
CA LYS J 91 -18.53 54.29 -28.53
C LYS J 91 -17.53 53.18 -28.21
N LEU J 92 -16.43 53.08 -28.97
CA LEU J 92 -15.40 52.02 -28.74
C LEU J 92 -14.95 52.06 -27.28
N GLY J 93 -15.09 50.95 -26.58
CA GLY J 93 -14.77 50.93 -25.17
C GLY J 93 -15.98 50.50 -24.36
N LYS J 94 -17.15 50.80 -24.92
CA LYS J 94 -18.41 50.47 -24.23
C LYS J 94 -18.84 49.08 -24.66
N ILE J 95 -19.40 48.34 -23.72
CA ILE J 95 -19.98 47.06 -24.05
C ILE J 95 -21.32 47.21 -24.89
N PRO J 96 -21.39 46.57 -26.07
CA PRO J 96 -22.62 46.68 -26.89
C PRO J 96 -23.80 45.86 -26.34
N THR J 97 -24.43 46.40 -25.28
CA THR J 97 -25.63 45.82 -24.71
C THR J 97 -26.87 46.45 -25.35
N VAL J 98 -28.05 45.91 -25.01
CA VAL J 98 -29.34 46.48 -25.42
C VAL J 98 -29.43 47.98 -25.12
N GLU J 99 -29.02 48.39 -23.92
CA GLU J 99 -29.16 49.79 -23.56
C GLU J 99 -28.04 50.72 -24.05
N ASN J 100 -26.80 50.23 -24.04
CA ASN J 100 -25.65 51.05 -24.44
C ASN J 100 -25.69 51.33 -25.94
N SER J 101 -26.28 50.40 -26.70
CA SER J 101 -26.19 50.43 -28.17
C SER J 101 -27.16 51.48 -28.67
N ILE J 102 -26.90 51.97 -29.89
CA ILE J 102 -27.86 52.78 -30.64
C ILE J 102 -28.14 52.05 -31.97
N PHE J 103 -29.41 52.00 -32.36
CA PHE J 103 -29.82 51.33 -33.60
C PHE J 103 -29.91 52.36 -34.69
N HIS J 104 -29.05 52.22 -35.71
CA HIS J 104 -29.00 53.18 -36.81
C HIS J 104 -30.01 52.94 -37.88
N MET J 105 -30.14 51.69 -38.34
CA MET J 105 -30.98 51.37 -39.48
C MET J 105 -31.04 49.87 -39.69
N ALA J 106 -32.10 49.43 -40.36
CA ALA J 106 -32.29 48.04 -40.70
C ALA J 106 -31.23 47.70 -41.74
N ALA J 107 -30.47 46.62 -41.49
CA ALA J 107 -29.34 46.24 -42.36
C ALA J 107 -28.83 44.87 -41.99
N TRP J 108 -28.51 44.07 -43.01
CA TRP J 108 -27.81 42.80 -42.83
C TRP J 108 -26.48 42.83 -43.58
N SER J 109 -26.08 44.02 -44.07
CA SER J 109 -24.73 44.26 -44.56
C SER J 109 -24.51 45.73 -44.33
N GLY J 110 -23.34 46.06 -43.76
CA GLY J 110 -23.09 47.40 -43.25
C GLY J 110 -21.77 48.07 -43.58
N SER J 111 -21.72 49.38 -43.34
CA SER J 111 -20.47 50.15 -43.36
C SER J 111 -20.76 51.52 -42.75
N ALA J 112 -19.71 52.27 -42.39
CA ALA J 112 -19.85 53.62 -41.81
C ALA J 112 -18.51 54.33 -41.84
N CYS J 113 -18.51 55.67 -41.85
CA CYS J 113 -17.29 56.48 -41.94
C CYS J 113 -17.59 57.95 -41.69
N HIS J 114 -16.59 58.65 -41.16
CA HIS J 114 -16.70 60.04 -40.72
C HIS J 114 -15.89 60.87 -41.67
N ASP J 115 -16.46 61.98 -42.12
CA ASP J 115 -15.83 62.78 -43.15
C ASP J 115 -15.17 64.02 -42.59
N GLY J 116 -15.20 64.18 -41.28
CA GLY J 116 -14.62 65.35 -40.64
C GLY J 116 -15.65 66.19 -39.94
N LYS J 117 -16.90 66.11 -40.42
CA LYS J 117 -18.00 66.93 -39.96
C LYS J 117 -19.13 66.04 -39.43
N GLU J 118 -19.32 64.87 -40.04
CA GLU J 118 -20.48 64.05 -39.72
C GLU J 118 -20.25 62.59 -40.06
N TRP J 119 -21.04 61.73 -39.44
CA TRP J 119 -21.08 60.27 -39.71
C TRP J 119 -21.97 59.95 -40.89
N THR J 120 -21.45 59.11 -41.80
CA THR J 120 -22.23 58.47 -42.83
C THR J 120 -22.40 57.01 -42.40
N TYR J 121 -23.64 56.54 -42.39
CA TYR J 121 -23.95 55.17 -42.05
C TYR J 121 -24.50 54.45 -43.28
N ILE J 122 -24.09 53.22 -43.48
CA ILE J 122 -24.47 52.47 -44.66
C ILE J 122 -25.04 51.12 -44.28
N GLY J 123 -26.18 50.81 -44.85
CA GLY J 123 -26.89 49.61 -44.49
C GLY J 123 -27.67 49.06 -45.67
N VAL J 124 -27.49 47.78 -45.92
CA VAL J 124 -28.22 47.08 -46.94
C VAL J 124 -29.23 46.13 -46.30
N ASP J 125 -30.45 46.21 -46.82
CA ASP J 125 -31.50 45.24 -46.46
C ASP J 125 -32.35 45.00 -47.68
N GLY J 126 -33.42 44.21 -47.53
CA GLY J 126 -34.23 43.88 -48.69
C GLY J 126 -34.11 42.41 -49.09
N PRO J 127 -34.87 42.00 -50.11
CA PRO J 127 -34.92 40.61 -50.52
C PRO J 127 -33.68 40.24 -51.28
N GLU J 128 -33.36 38.95 -51.29
CA GLU J 128 -32.17 38.45 -51.98
C GLU J 128 -32.01 39.06 -53.35
N ASN J 129 -33.10 39.02 -54.11
CA ASN J 129 -33.06 39.30 -55.54
C ASN J 129 -33.17 40.79 -55.84
N ASN J 130 -33.49 41.59 -54.83
CA ASN J 130 -33.61 43.01 -55.04
C ASN J 130 -33.21 43.77 -53.80
N ALA J 131 -32.00 43.51 -53.27
CA ALA J 131 -31.61 44.18 -52.05
C ALA J 131 -31.35 45.67 -52.27
N LEU J 132 -31.34 46.45 -51.18
CA LEU J 132 -31.20 47.90 -51.30
C LEU J 132 -30.21 48.43 -50.27
N LEU J 133 -29.23 49.21 -50.73
CA LEU J 133 -28.30 49.95 -49.90
C LEU J 133 -28.91 51.28 -49.50
N LYS J 134 -28.79 51.60 -48.23
CA LYS J 134 -29.38 52.80 -47.69
C LYS J 134 -28.31 53.64 -47.01
N ILE J 135 -28.33 54.92 -47.32
CA ILE J 135 -27.38 55.82 -46.70
C ILE J 135 -28.04 56.78 -45.70
N LYS J 136 -27.45 56.86 -44.51
CA LYS J 136 -27.85 57.79 -43.47
C LYS J 136 -26.72 58.82 -43.24
N TYR J 137 -27.05 60.10 -43.19
CA TYR J 137 -26.06 61.15 -42.87
C TYR J 137 -26.45 61.84 -41.55
N GLY J 138 -25.70 61.53 -40.49
CA GLY J 138 -26.10 61.90 -39.15
C GLY J 138 -27.38 61.17 -38.78
N GLU J 139 -28.46 61.95 -38.52
CA GLU J 139 -29.78 61.39 -38.22
C GLU J 139 -30.67 61.16 -39.47
N ALA J 140 -30.34 61.83 -40.59
CA ALA J 140 -31.17 61.81 -41.81
C ALA J 140 -30.82 60.70 -42.79
N TYR J 141 -31.82 59.94 -43.20
CA TYR J 141 -31.71 59.05 -44.32
C TYR J 141 -31.71 59.91 -45.56
N THR J 142 -30.75 59.68 -46.47
CA THR J 142 -30.43 60.66 -47.52
C THR J 142 -30.38 60.10 -48.96
N ASP J 143 -30.06 58.81 -49.10
CA ASP J 143 -29.96 58.20 -50.41
C ASP J 143 -30.14 56.70 -50.38
N THR J 144 -30.32 56.09 -51.55
CA THR J 144 -30.31 54.62 -51.66
C THR J 144 -29.64 54.27 -52.98
N TYR J 145 -29.17 53.02 -53.08
CA TYR J 145 -28.67 52.45 -54.31
C TYR J 145 -29.32 51.08 -54.49
N HIS J 146 -29.59 50.71 -55.74
CA HIS J 146 -30.40 49.53 -56.08
C HIS J 146 -29.51 48.39 -56.49
N SER J 147 -29.96 47.17 -56.18
CA SER J 147 -29.42 45.90 -56.68
C SER J 147 -29.27 45.92 -58.19
N TYR J 148 -28.05 45.66 -58.69
CA TYR J 148 -27.76 45.69 -60.16
C TYR J 148 -27.56 44.32 -60.84
N ALA J 149 -27.24 43.31 -60.03
CA ALA J 149 -27.13 41.94 -60.54
C ALA J 149 -28.16 41.04 -59.87
N ASN J 150 -28.99 41.60 -59.00
CA ASN J 150 -30.12 40.88 -58.39
C ASN J 150 -29.77 39.58 -57.70
N ASN J 151 -28.64 39.58 -56.96
CA ASN J 151 -28.24 38.46 -56.13
C ASN J 151 -27.44 38.96 -54.96
N ILE J 152 -28.17 39.41 -53.94
CA ILE J 152 -27.62 39.86 -52.67
C ILE J 152 -26.65 41.02 -52.82
N LEU J 153 -27.18 42.19 -53.17
CA LEU J 153 -26.40 43.43 -53.09
C LEU J 153 -25.83 43.56 -51.66
N ARG J 154 -24.56 43.94 -51.55
CA ARG J 154 -23.70 43.67 -50.34
C ARG J 154 -22.68 44.79 -50.24
N THR J 155 -22.09 44.98 -49.05
CA THR J 155 -21.06 46.01 -48.91
C THR J 155 -19.88 45.54 -48.05
N GLN J 156 -19.06 46.47 -47.58
CA GLN J 156 -17.73 46.18 -47.07
C GLN J 156 -17.66 45.41 -45.75
N GLU J 157 -18.60 45.63 -44.84
N GLU J 157 -18.62 45.63 -44.85
CA GLU J 157 -18.53 45.13 -43.44
CA GLU J 157 -18.60 45.18 -43.43
C GLU J 157 -17.37 45.77 -42.72
C GLU J 157 -17.40 45.78 -42.72
N SER J 158 -16.95 46.94 -43.21
CA SER J 158 -15.86 47.68 -42.60
C SER J 158 -16.01 49.14 -42.98
N ALA J 159 -15.17 49.99 -42.40
CA ALA J 159 -15.26 51.44 -42.58
C ALA J 159 -15.12 51.88 -44.01
N CYS J 160 -15.99 52.76 -44.47
CA CYS J 160 -15.75 53.46 -45.76
C CYS J 160 -14.67 54.54 -45.54
N ASN J 161 -14.32 55.26 -46.60
CA ASN J 161 -13.14 56.11 -46.52
C ASN J 161 -13.38 57.46 -47.14
N CYS J 162 -13.28 58.50 -46.32
CA CYS J 162 -13.63 59.83 -46.72
C CYS J 162 -12.39 60.71 -46.92
N ILE J 163 -12.44 61.53 -47.96
CA ILE J 163 -11.36 62.48 -48.21
C ILE J 163 -12.00 63.72 -48.79
N GLY J 164 -11.76 64.85 -48.14
CA GLY J 164 -12.25 66.12 -48.68
C GLY J 164 -13.77 66.14 -48.84
N GLY J 165 -14.47 65.37 -48.02
CA GLY J 165 -15.93 65.33 -48.10
C GLY J 165 -16.45 64.17 -48.90
N ASN J 166 -15.60 63.58 -49.75
CA ASN J 166 -15.98 62.48 -50.61
C ASN J 166 -15.68 61.14 -49.94
N CYS J 167 -16.72 60.36 -49.69
CA CYS J 167 -16.57 59.06 -49.02
C CYS J 167 -16.74 57.96 -50.07
N TYR J 168 -15.72 57.10 -50.18
CA TYR J 168 -15.75 56.04 -51.17
C TYR J 168 -16.14 54.72 -50.54
N LEU J 169 -17.02 53.98 -51.20
CA LEU J 169 -17.57 52.76 -50.64
C LEU J 169 -17.62 51.66 -51.67
N MET J 170 -17.15 50.47 -51.29
CA MET J 170 -17.29 49.31 -52.14
C MET J 170 -18.64 48.70 -51.94
N ILE J 171 -19.28 48.35 -53.05
CA ILE J 171 -20.51 47.59 -53.07
C ILE J 171 -20.35 46.46 -54.07
N THR J 172 -21.04 45.35 -53.80
CA THR J 172 -21.03 44.22 -54.75
C THR J 172 -22.34 43.49 -54.80
N ASP J 173 -22.53 42.67 -55.84
CA ASP J 173 -23.83 42.06 -56.13
C ASP J 173 -23.50 40.90 -57.07
N GLY J 174 -24.15 39.76 -56.86
CA GLY J 174 -23.84 38.57 -57.65
C GLY J 174 -23.72 37.30 -56.83
N SER J 175 -23.57 36.19 -57.52
CA SER J 175 -23.61 34.89 -56.89
C SER J 175 -22.40 34.78 -55.95
N ALA J 176 -22.62 34.15 -54.81
CA ALA J 176 -21.55 33.80 -53.88
C ALA J 176 -20.58 32.74 -54.47
N SER J 177 -21.07 31.97 -55.45
CA SER J 177 -20.28 30.88 -56.05
C SER J 177 -19.95 31.17 -57.50
N GLY J 178 -20.32 32.35 -57.97
CA GLY J 178 -20.09 32.72 -59.35
C GLY J 178 -19.58 34.14 -59.37
N ILE J 179 -20.12 34.91 -60.31
CA ILE J 179 -19.62 36.23 -60.66
C ILE J 179 -20.20 37.23 -59.64
N SER J 180 -19.36 38.12 -59.11
CA SER J 180 -19.83 39.25 -58.31
C SER J 180 -18.94 40.41 -58.62
N GLU J 181 -19.31 41.14 -59.66
CA GLU J 181 -18.55 42.33 -60.09
C GLU J 181 -18.85 43.54 -59.17
N CYS J 182 -17.85 43.95 -58.41
CA CYS J 182 -18.07 45.02 -57.44
C CYS J 182 -18.02 46.36 -58.12
N ARG J 183 -18.53 47.37 -57.44
CA ARG J 183 -18.51 48.74 -57.93
C ARG J 183 -18.19 49.61 -56.74
N PHE J 184 -17.82 50.87 -56.99
CA PHE J 184 -17.62 51.84 -55.94
C PHE J 184 -18.52 53.02 -56.05
N LEU J 185 -19.07 53.42 -54.93
CA LEU J 185 -19.85 54.65 -54.79
C LEU J 185 -19.03 55.81 -54.19
N LYS J 186 -19.14 56.98 -54.81
CA LYS J 186 -18.57 58.19 -54.23
C LYS J 186 -19.74 58.92 -53.55
N ILE J 187 -19.68 59.05 -52.23
CA ILE J 187 -20.78 59.61 -51.46
C ILE J 187 -20.35 60.91 -50.78
N ARG J 188 -21.12 62.00 -51.05
CA ARG J 188 -20.86 63.31 -50.44
C ARG J 188 -22.07 63.72 -49.59
N GLU J 189 -21.84 63.99 -48.30
CA GLU J 189 -22.89 64.41 -47.38
C GLU J 189 -24.15 63.56 -47.52
N GLY J 190 -23.96 62.24 -47.62
CA GLY J 190 -25.03 61.24 -47.58
C GLY J 190 -25.57 60.87 -48.93
N ARG J 191 -25.14 61.59 -49.95
CA ARG J 191 -25.69 61.40 -51.30
C ARG J 191 -24.64 60.92 -52.32
N ILE J 192 -25.06 59.99 -53.17
CA ILE J 192 -24.18 59.41 -54.19
C ILE J 192 -23.99 60.40 -55.32
N ILE J 193 -22.74 60.76 -55.60
CA ILE J 193 -22.48 61.73 -56.65
C ILE J 193 -21.74 61.12 -57.82
N LYS J 194 -21.20 59.90 -57.65
CA LYS J 194 -20.52 59.18 -58.74
C LYS J 194 -20.54 57.67 -58.57
N GLU J 195 -20.84 56.96 -59.65
CA GLU J 195 -20.58 55.51 -59.73
C GLU J 195 -19.22 55.28 -60.38
N ILE J 196 -18.40 54.47 -59.72
CA ILE J 196 -17.07 54.16 -60.20
C ILE J 196 -17.00 52.67 -60.57
N PHE J 197 -16.88 52.40 -61.87
CA PHE J 197 -16.78 51.03 -62.40
C PHE J 197 -15.34 50.58 -62.54
N PRO J 198 -14.91 49.61 -61.73
CA PRO J 198 -13.55 49.13 -61.75
C PRO J 198 -13.20 48.33 -63.03
N THR J 199 -11.93 48.33 -63.41
CA THR J 199 -11.49 47.61 -64.59
C THR J 199 -10.55 46.50 -64.16
N GLY J 200 -10.25 45.59 -65.09
CA GLY J 200 -9.29 44.52 -64.86
C GLY J 200 -9.91 43.22 -64.38
N ARG J 201 -9.32 42.67 -63.33
CA ARG J 201 -9.72 41.36 -62.81
C ARG J 201 -10.91 41.58 -61.87
N VAL J 202 -12.13 41.51 -62.41
CA VAL J 202 -13.34 41.95 -61.71
C VAL J 202 -14.31 40.81 -61.46
N LYS J 203 -13.91 39.62 -61.91
CA LYS J 203 -14.66 38.36 -61.87
C LYS J 203 -15.43 38.19 -60.56
N HIS J 204 -14.74 38.34 -59.44
CA HIS J 204 -15.37 38.25 -58.14
C HIS J 204 -14.63 39.05 -57.06
N THR J 205 -15.31 40.06 -56.53
CA THR J 205 -14.77 40.89 -55.46
C THR J 205 -15.90 41.22 -54.48
N GLU J 206 -15.68 40.96 -53.19
CA GLU J 206 -16.62 41.36 -52.14
C GLU J 206 -15.90 41.67 -50.87
N GLU J 207 -16.63 42.25 -49.90
CA GLU J 207 -16.13 42.49 -48.55
C GLU J 207 -14.76 43.15 -48.55
N CYS J 208 -14.59 44.19 -49.36
CA CYS J 208 -13.31 44.88 -49.46
C CYS J 208 -12.96 45.60 -48.20
N THR J 209 -11.71 45.43 -47.76
CA THR J 209 -11.19 46.17 -46.63
C THR J 209 -10.34 47.29 -47.23
N CYS J 210 -10.80 48.53 -47.08
CA CYS J 210 -10.17 49.66 -47.76
C CYS J 210 -9.50 50.64 -46.82
N GLY J 211 -8.52 51.35 -47.36
CA GLY J 211 -7.82 52.38 -46.63
C GLY J 211 -7.01 53.24 -47.59
N PHE J 212 -6.51 54.35 -47.07
CA PHE J 212 -5.74 55.30 -47.89
C PHE J 212 -4.29 54.94 -47.90
N ALA J 213 -3.78 54.69 -49.11
CA ALA J 213 -2.36 54.59 -49.34
C ALA J 213 -1.73 55.97 -49.31
N SER J 214 -2.50 56.97 -49.74
CA SER J 214 -2.01 58.33 -49.84
C SER J 214 -3.21 59.21 -50.07
N ASN J 215 -2.97 60.48 -50.21
CA ASN J 215 -4.03 61.38 -50.63
C ASN J 215 -4.61 61.12 -52.03
N LYS J 216 -3.91 60.33 -52.83
N LYS J 216 -3.91 60.32 -52.82
CA LYS J 216 -4.31 60.07 -54.20
CA LYS J 216 -4.27 60.05 -54.20
C LYS J 216 -5.00 58.72 -54.40
C LYS J 216 -4.99 58.72 -54.41
N THR J 217 -4.67 57.75 -53.55
CA THR J 217 -5.05 56.34 -53.77
C THR J 217 -5.67 55.62 -52.58
N ILE J 218 -6.78 54.92 -52.86
CA ILE J 218 -7.45 54.03 -51.94
C ILE J 218 -7.17 52.61 -52.35
N GLU J 219 -6.76 51.77 -51.42
CA GLU J 219 -6.48 50.39 -51.76
C GLU J 219 -7.34 49.51 -50.90
N CYS J 220 -7.67 48.36 -51.46
CA CYS J 220 -8.50 47.40 -50.77
C CYS J 220 -7.99 45.98 -51.02
N ALA J 221 -7.90 45.22 -49.94
CA ALA J 221 -7.74 43.77 -49.98
C ALA J 221 -9.09 43.09 -49.75
N CYS J 222 -9.55 42.33 -50.73
CA CYS J 222 -10.95 41.89 -50.73
C CYS J 222 -11.06 40.37 -50.75
N ARG J 223 -12.29 39.88 -50.84
CA ARG J 223 -12.58 38.44 -50.83
C ARG J 223 -13.10 37.95 -52.19
N ASP J 224 -12.47 36.90 -52.74
CA ASP J 224 -13.07 36.19 -53.86
C ASP J 224 -13.61 34.92 -53.27
N ASN J 225 -14.94 34.76 -53.28
CA ASN J 225 -15.56 33.65 -52.62
C ASN J 225 -15.74 32.44 -53.52
N SER J 226 -15.28 32.56 -54.78
CA SER J 226 -15.49 31.50 -55.78
C SER J 226 -14.23 30.92 -56.45
N TYR J 227 -13.34 31.80 -56.91
CA TYR J 227 -12.24 31.35 -57.81
C TYR J 227 -10.84 31.17 -57.17
N THR J 228 -10.53 31.93 -56.15
CA THR J 228 -9.15 32.05 -55.75
C THR J 228 -9.02 32.25 -54.26
N ALA J 229 -7.89 31.82 -53.72
CA ALA J 229 -7.51 32.11 -52.38
C ALA J 229 -6.61 33.36 -52.31
N LYS J 230 -6.16 33.86 -53.48
CA LYS J 230 -5.50 35.18 -53.52
C LYS J 230 -6.58 36.26 -53.32
N ARG J 231 -6.25 37.32 -52.60
CA ARG J 231 -7.19 38.39 -52.43
C ARG J 231 -7.17 39.38 -53.61
N PRO J 232 -8.34 39.64 -54.25
CA PRO J 232 -8.43 40.77 -55.17
C PRO J 232 -7.91 42.04 -54.53
N PHE J 233 -7.09 42.77 -55.25
CA PHE J 233 -6.54 44.01 -54.69
C PHE J 233 -6.93 45.21 -55.53
N VAL J 234 -7.68 46.12 -54.91
CA VAL J 234 -8.23 47.28 -55.58
C VAL J 234 -7.29 48.46 -55.38
N LYS J 235 -7.01 49.18 -56.46
CA LYS J 235 -6.38 50.48 -56.39
C LYS J 235 -7.30 51.55 -56.97
N LEU J 236 -7.85 52.42 -56.11
CA LEU J 236 -8.81 53.46 -56.52
C LEU J 236 -8.11 54.82 -56.50
N ASN J 237 -7.95 55.42 -57.65
CA ASN J 237 -7.45 56.78 -57.70
C ASN J 237 -8.62 57.75 -57.45
N VAL J 238 -8.52 58.53 -56.37
CA VAL J 238 -9.62 59.39 -55.92
C VAL J 238 -9.64 60.75 -56.62
N GLU J 239 -8.57 61.02 -57.36
CA GLU J 239 -8.46 62.27 -58.09
C GLU J 239 -9.11 62.14 -59.45
N THR J 240 -8.85 61.02 -60.13
CA THR J 240 -9.47 60.74 -61.42
C THR J 240 -10.72 59.87 -61.29
N ASP J 241 -10.98 59.37 -60.06
CA ASP J 241 -12.13 58.50 -59.78
C ASP J 241 -12.16 57.30 -60.72
N THR J 242 -11.03 56.61 -60.76
CA THR J 242 -10.88 55.43 -61.57
C THR J 242 -10.44 54.30 -60.68
N ALA J 243 -11.05 53.12 -60.82
CA ALA J 243 -10.51 51.96 -60.07
C ALA J 243 -10.02 50.80 -60.95
N GLU J 244 -9.05 50.03 -60.41
CA GLU J 244 -8.45 48.88 -61.10
C GLU J 244 -8.26 47.73 -60.08
N ILE J 245 -8.54 46.51 -60.50
CA ILE J 245 -8.42 45.35 -59.64
C ILE J 245 -7.54 44.26 -60.27
N ARG J 246 -6.62 43.72 -59.47
CA ARG J 246 -5.84 42.54 -59.86
CA ARG J 246 -5.84 42.54 -59.86
C ARG J 246 -5.61 41.73 -58.60
N LEU J 247 -5.44 40.42 -58.73
CA LEU J 247 -5.11 39.59 -57.54
C LEU J 247 -3.77 39.97 -56.91
N MET J 248 -3.69 39.91 -55.58
CA MET J 248 -2.37 39.95 -54.89
C MET J 248 -1.49 38.79 -55.32
N CYS J 249 -0.25 39.08 -55.69
CA CYS J 249 0.67 38.08 -56.20
C CYS J 249 1.38 37.28 -55.08
N THR J 250 1.42 37.83 -53.89
CA THR J 250 2.18 37.21 -52.82
C THR J 250 1.80 35.73 -52.63
N GLU J 251 2.81 34.95 -52.28
CA GLU J 251 2.61 33.55 -52.00
C GLU J 251 1.87 33.34 -50.69
N THR J 252 1.85 34.38 -49.84
CA THR J 252 1.23 34.29 -48.52
C THR J 252 -0.26 34.61 -48.72
N TYR J 253 -1.00 33.63 -49.23
CA TYR J 253 -2.42 33.78 -49.60
C TYR J 253 -3.29 34.10 -48.37
N LEU J 254 -4.08 35.15 -48.44
CA LEU J 254 -4.71 35.66 -47.19
C LEU J 254 -6.13 35.18 -46.89
N ASP J 255 -6.72 34.56 -47.90
CA ASP J 255 -8.07 33.99 -47.82
C ASP J 255 -8.10 32.69 -47.02
N THR J 256 -9.30 32.31 -46.64
CA THR J 256 -9.57 31.04 -45.96
C THR J 256 -10.91 30.55 -46.54
N PRO J 257 -10.91 29.36 -47.19
CA PRO J 257 -9.79 28.41 -47.26
C PRO J 257 -8.69 28.85 -48.22
N ARG J 258 -7.60 28.10 -48.18
CA ARG J 258 -6.41 28.38 -49.01
C ARG J 258 -5.53 27.14 -49.16
N PRO J 259 -4.87 26.97 -50.33
CA PRO J 259 -3.81 25.96 -50.36
C PRO J 259 -2.55 26.44 -49.58
N ASP J 260 -1.50 25.62 -49.50
CA ASP J 260 -0.21 26.01 -48.89
C ASP J 260 0.37 27.25 -49.59
N ASP J 261 1.22 28.01 -48.90
CA ASP J 261 1.83 29.22 -49.44
C ASP J 261 2.71 28.89 -50.63
N GLY J 262 2.55 29.64 -51.69
CA GLY J 262 3.31 29.49 -52.95
C GLY J 262 2.94 28.29 -53.79
N SER J 263 1.95 27.50 -53.38
CA SER J 263 1.65 26.27 -54.14
C SER J 263 0.90 26.60 -55.46
N ILE J 264 0.32 27.80 -55.54
CA ILE J 264 -0.26 28.23 -56.82
C ILE J 264 0.81 28.55 -57.86
N THR J 265 0.92 27.65 -58.82
CA THR J 265 1.90 27.75 -59.89
C THR J 265 1.43 28.76 -60.92
N GLY J 266 2.36 29.33 -61.68
CA GLY J 266 1.99 30.25 -62.75
C GLY J 266 2.23 31.67 -62.31
N PRO J 267 1.87 32.63 -63.17
CA PRO J 267 2.18 34.02 -62.91
C PRO J 267 1.28 34.59 -61.83
N CYS J 268 1.44 35.87 -61.51
CA CYS J 268 0.61 36.53 -60.47
C CYS J 268 -0.89 36.33 -60.67
N GLU J 269 -1.32 36.31 -61.93
CA GLU J 269 -2.77 36.32 -62.23
C GLU J 269 -3.45 34.92 -62.18
N SER J 270 -2.68 33.86 -61.83
CA SER J 270 -3.25 32.49 -61.76
C SER J 270 -4.11 32.35 -60.52
N ASN J 271 -5.25 31.63 -60.64
CA ASN J 271 -6.23 31.50 -59.53
C ASN J 271 -5.76 30.74 -58.28
N GLY J 272 -5.51 29.44 -58.24
CA GLY J 272 -5.94 28.40 -59.11
C GLY J 272 -6.84 27.55 -58.23
N ASP J 273 -6.28 26.89 -57.19
CA ASP J 273 -7.03 25.87 -56.38
C ASP J 273 -7.52 26.35 -54.99
N LYS J 274 -8.48 25.59 -54.45
CA LYS J 274 -9.13 25.86 -53.15
C LYS J 274 -9.74 27.24 -53.06
N GLY J 275 -10.23 27.75 -54.20
CA GLY J 275 -10.74 29.10 -54.29
C GLY J 275 -12.16 29.32 -53.77
N SER J 276 -13.00 28.28 -53.78
CA SER J 276 -14.39 28.40 -53.40
C SER J 276 -14.48 28.64 -51.89
N GLY J 277 -15.32 29.58 -51.49
CA GLY J 277 -15.30 29.99 -50.08
C GLY J 277 -14.32 31.12 -49.85
N GLY J 278 -14.21 31.58 -48.62
CA GLY J 278 -13.54 32.85 -48.40
C GLY J 278 -13.93 33.48 -47.08
N ILE J 279 -13.27 34.61 -46.80
CA ILE J 279 -13.38 35.27 -45.53
C ILE J 279 -12.96 36.72 -45.77
N LYS J 280 -13.58 37.64 -45.02
CA LYS J 280 -13.09 39.03 -44.99
C LYS J 280 -11.76 39.13 -44.21
N GLY J 281 -10.80 39.83 -44.81
CA GLY J 281 -9.49 40.00 -44.22
C GLY J 281 -9.06 41.41 -43.89
N GLY J 282 -8.33 41.53 -42.79
CA GLY J 282 -7.87 42.83 -42.35
C GLY J 282 -6.73 43.35 -43.20
N PHE J 283 -6.64 44.66 -43.22
CA PHE J 283 -5.71 45.36 -44.11
C PHE J 283 -5.77 46.81 -43.71
N VAL J 284 -4.60 47.38 -43.43
CA VAL J 284 -4.43 48.76 -43.02
C VAL J 284 -3.06 49.27 -43.46
N HIS J 285 -2.97 50.58 -43.60
CA HIS J 285 -1.80 51.24 -44.17
C HIS J 285 -1.06 51.97 -43.10
N GLN J 286 0.25 51.79 -43.10
CA GLN J 286 1.10 52.66 -42.30
C GLN J 286 1.77 53.60 -43.30
N ARG J 287 1.36 54.86 -43.29
CA ARG J 287 1.92 55.84 -44.20
C ARG J 287 3.10 56.63 -43.62
N MET J 288 4.28 56.42 -44.22
CA MET J 288 5.49 57.16 -43.85
C MET J 288 5.93 58.07 -44.97
N ALA J 289 6.78 59.05 -44.66
CA ALA J 289 7.31 60.02 -45.62
C ALA J 289 7.67 59.35 -46.97
N SER J 290 8.77 58.59 -47.02
CA SER J 290 9.21 57.94 -48.27
C SER J 290 9.13 56.38 -48.26
N LYS J 291 8.09 55.87 -47.61
CA LYS J 291 7.88 54.44 -47.45
C LYS J 291 6.40 54.15 -47.14
N ILE J 292 5.86 53.09 -47.73
CA ILE J 292 4.58 52.61 -47.32
C ILE J 292 4.67 51.20 -46.74
N GLY J 293 3.85 50.96 -45.72
CA GLY J 293 3.73 49.66 -45.08
C GLY J 293 2.31 49.16 -45.21
N ARG J 294 2.18 47.89 -45.57
CA ARG J 294 0.86 47.32 -45.72
C ARG J 294 0.70 46.17 -44.75
N TRP J 295 -0.18 46.35 -43.77
CA TRP J 295 -0.43 45.34 -42.74
C TRP J 295 -1.66 44.50 -43.08
N TYR J 296 -1.56 43.19 -42.90
CA TYR J 296 -2.61 42.27 -43.33
C TYR J 296 -2.76 41.21 -42.27
N SER J 297 -3.93 40.56 -42.22
CA SER J 297 -4.17 39.47 -41.31
C SER J 297 -4.82 38.34 -42.03
N ARG J 298 -4.50 37.13 -41.58
CA ARG J 298 -5.14 35.94 -42.07
C ARG J 298 -5.23 34.91 -40.97
N THR J 299 -6.18 33.98 -41.10
CA THR J 299 -6.38 32.94 -40.12
C THR J 299 -5.12 32.08 -39.97
N MET J 300 -4.93 31.55 -38.77
CA MET J 300 -3.79 30.65 -38.53
C MET J 300 -4.00 29.26 -39.21
N SER J 301 -5.25 28.77 -39.20
CA SER J 301 -5.64 27.58 -39.96
C SER J 301 -5.89 27.90 -41.45
N LYS J 302 -5.50 26.98 -42.34
CA LYS J 302 -5.69 27.17 -43.77
C LYS J 302 -7.11 26.92 -44.27
N THR J 303 -7.86 26.11 -43.52
CA THR J 303 -9.19 25.68 -43.92
C THR J 303 -10.30 26.25 -43.03
N LYS J 304 -10.03 26.35 -41.72
CA LYS J 304 -11.00 26.76 -40.75
C LYS J 304 -10.81 28.22 -40.31
N ARG J 305 -11.86 28.77 -39.70
CA ARG J 305 -11.82 30.11 -39.17
C ARG J 305 -11.25 30.15 -37.75
N MET J 306 -10.07 29.58 -37.58
CA MET J 306 -9.36 29.46 -36.29
C MET J 306 -8.01 30.21 -36.32
N GLY J 307 -7.77 31.04 -35.31
CA GLY J 307 -6.56 31.84 -35.20
C GLY J 307 -6.52 33.08 -36.06
N MET J 308 -5.54 33.95 -35.80
CA MET J 308 -5.29 35.13 -36.63
C MET J 308 -3.85 35.58 -36.52
N GLY J 309 -3.20 35.69 -37.67
CA GLY J 309 -1.83 36.14 -37.72
C GLY J 309 -1.80 37.49 -38.37
N LEU J 310 -0.76 38.25 -38.04
CA LEU J 310 -0.53 39.56 -38.61
C LEU J 310 0.71 39.49 -39.50
N TYR J 311 0.57 40.06 -40.70
CA TYR J 311 1.67 40.11 -41.65
C TYR J 311 1.88 41.55 -42.12
N VAL J 312 2.98 41.77 -42.83
CA VAL J 312 3.41 43.11 -43.19
C VAL J 312 4.43 43.01 -44.33
N LYS J 313 4.26 43.92 -45.29
CA LYS J 313 5.25 44.20 -46.32
C LYS J 313 5.35 45.70 -46.56
N TYR J 314 6.58 46.17 -46.73
CA TYR J 314 6.84 47.58 -46.98
C TYR J 314 7.15 47.78 -48.45
N ASP J 315 6.51 48.80 -49.03
CA ASP J 315 6.72 49.25 -50.41
C ASP J 315 6.38 48.14 -51.40
N GLY J 316 6.85 48.24 -52.65
CA GLY J 316 6.60 47.22 -53.64
C GLY J 316 5.23 47.41 -54.31
N ASP J 317 4.81 46.44 -55.10
CA ASP J 317 3.47 46.46 -55.73
C ASP J 317 2.78 45.12 -55.43
N PRO J 318 1.74 45.15 -54.58
CA PRO J 318 1.03 43.91 -54.25
C PRO J 318 0.50 43.12 -55.46
N TRP J 319 0.35 43.79 -56.59
CA TRP J 319 -0.07 43.09 -57.78
C TRP J 319 1.02 42.22 -58.41
N THR J 320 2.29 42.66 -58.35
CA THR J 320 3.40 41.95 -59.04
C THR J 320 4.37 41.27 -58.07
N ASP J 321 4.34 41.68 -56.81
CA ASP J 321 5.25 41.15 -55.79
C ASP J 321 4.89 39.73 -55.34
N SER J 322 5.71 38.75 -55.73
CA SER J 322 5.42 37.37 -55.37
C SER J 322 6.12 36.95 -54.07
N ASP J 323 6.84 37.89 -53.45
CA ASP J 323 7.61 37.60 -52.24
C ASP J 323 6.63 37.31 -51.12
N ALA J 324 7.02 36.46 -50.17
CA ALA J 324 6.18 36.14 -49.01
C ALA J 324 6.05 37.36 -48.13
N LEU J 325 4.86 37.56 -47.56
CA LEU J 325 4.62 38.57 -46.50
C LEU J 325 5.33 38.16 -45.20
N ALA J 326 5.98 39.10 -44.51
CA ALA J 326 6.66 38.78 -43.25
C ALA J 326 5.63 38.56 -42.13
N LEU J 327 5.63 37.37 -41.52
CA LEU J 327 4.80 37.14 -40.35
C LEU J 327 5.27 38.01 -39.16
N SER J 328 4.37 38.84 -38.64
CA SER J 328 4.70 39.79 -37.61
C SER J 328 4.42 39.22 -36.22
N GLY J 329 3.23 38.65 -36.05
CA GLY J 329 2.82 38.02 -34.78
C GLY J 329 1.51 37.25 -34.81
N VAL J 330 1.30 36.44 -33.78
CA VAL J 330 0.04 35.71 -33.73
C VAL J 330 -0.96 36.46 -32.83
N MET J 331 -1.90 37.15 -33.45
CA MET J 331 -2.90 37.90 -32.69
C MET J 331 -3.92 37.01 -32.00
N VAL J 332 -4.30 35.92 -32.66
CA VAL J 332 -5.26 34.96 -32.10
C VAL J 332 -4.68 33.57 -32.35
N SER J 333 -4.55 32.77 -31.27
CA SER J 333 -3.96 31.41 -31.42
C SER J 333 -4.94 30.47 -32.11
N MET J 334 -4.39 29.43 -32.74
CA MET J 334 -5.11 28.35 -33.38
C MET J 334 -6.28 27.74 -32.57
N GLU J 335 -6.23 27.86 -31.23
CA GLU J 335 -7.27 27.31 -30.35
C GLU J 335 -8.43 28.25 -30.26
N GLU J 336 -8.26 29.49 -30.70
CA GLU J 336 -9.31 30.54 -30.56
C GLU J 336 -9.94 30.91 -31.92
N PRO J 337 -11.22 31.29 -31.91
CA PRO J 337 -11.87 31.57 -33.20
C PRO J 337 -11.33 32.83 -33.87
N GLY J 338 -11.14 32.79 -35.19
CA GLY J 338 -10.58 33.92 -35.89
C GLY J 338 -11.40 34.10 -37.16
N TRP J 339 -12.41 34.95 -37.11
CA TRP J 339 -13.37 35.07 -38.25
C TRP J 339 -13.02 36.28 -39.11
N TYR J 340 -13.95 37.19 -39.33
CA TYR J 340 -13.66 38.35 -40.16
C TYR J 340 -12.62 39.22 -39.48
N SER J 341 -11.86 39.94 -40.30
CA SER J 341 -10.96 40.97 -39.79
C SER J 341 -10.97 42.22 -40.65
N PHE J 342 -10.64 43.36 -40.05
CA PHE J 342 -10.80 44.65 -40.69
C PHE J 342 -9.70 45.62 -40.29
N GLY J 343 -9.50 46.64 -41.12
CA GLY J 343 -8.59 47.72 -40.81
C GLY J 343 -9.32 49.02 -40.47
N PHE J 344 -8.75 49.78 -39.55
CA PHE J 344 -9.19 51.13 -39.24
C PHE J 344 -8.05 51.98 -38.68
N GLU J 345 -8.24 53.28 -38.76
CA GLU J 345 -7.22 54.18 -38.23
C GLU J 345 -7.78 55.05 -37.13
N ILE J 346 -7.03 55.19 -36.03
CA ILE J 346 -7.46 56.09 -34.94
C ILE J 346 -6.75 57.41 -35.17
N LYS J 347 -7.44 58.51 -34.91
CA LYS J 347 -6.89 59.83 -35.18
CA LYS J 347 -6.93 59.85 -35.19
C LYS J 347 -6.26 60.44 -33.95
N ASP J 348 -4.93 60.47 -33.94
CA ASP J 348 -4.18 61.14 -32.87
C ASP J 348 -4.13 62.62 -33.20
N LYS J 349 -3.49 63.42 -32.37
CA LYS J 349 -3.60 64.87 -32.53
C LYS J 349 -3.10 65.30 -33.91
N LYS J 350 -1.97 64.75 -34.36
CA LYS J 350 -1.30 65.20 -35.60
C LYS J 350 -1.02 64.07 -36.59
N CYS J 351 -1.37 62.83 -36.23
CA CYS J 351 -1.07 61.66 -37.06
C CYS J 351 -2.11 60.55 -36.88
N ASP J 352 -2.05 59.54 -37.75
CA ASP J 352 -2.99 58.44 -37.75
C ASP J 352 -2.42 57.09 -37.29
N VAL J 353 -3.23 56.35 -36.56
CA VAL J 353 -2.77 55.11 -35.98
C VAL J 353 -3.46 53.98 -36.69
N PRO J 354 -2.70 53.19 -37.43
CA PRO J 354 -3.28 52.03 -38.06
C PRO J 354 -3.53 50.89 -37.05
N CYS J 355 -4.67 50.24 -37.22
CA CYS J 355 -5.20 49.18 -36.35
C CYS J 355 -5.90 48.08 -37.16
N ILE J 356 -5.77 46.86 -36.70
CA ILE J 356 -6.50 45.72 -37.26
C ILE J 356 -7.41 45.20 -36.15
N GLY J 357 -8.68 45.01 -36.48
CA GLY J 357 -9.63 44.43 -35.55
C GLY J 357 -10.02 43.06 -36.04
N ILE J 358 -10.49 42.22 -35.13
CA ILE J 358 -10.65 40.81 -35.42
C ILE J 358 -11.95 40.39 -34.77
N GLU J 359 -12.91 39.96 -35.61
CA GLU J 359 -14.12 39.31 -35.14
C GLU J 359 -13.82 37.91 -34.65
N MET J 360 -14.19 37.62 -33.42
CA MET J 360 -13.95 36.31 -32.83
C MET J 360 -15.28 35.68 -32.50
N VAL J 361 -15.75 34.85 -33.40
CA VAL J 361 -17.15 34.42 -33.35
C VAL J 361 -17.32 33.27 -32.40
N HIS J 362 -18.27 33.38 -31.48
CA HIS J 362 -18.69 32.28 -30.65
C HIS J 362 -19.66 31.40 -31.44
N ASP J 363 -19.15 30.33 -32.02
CA ASP J 363 -19.94 29.41 -32.81
C ASP J 363 -20.17 28.10 -32.06
N GLY J 364 -21.43 27.79 -31.75
CA GLY J 364 -21.78 26.47 -31.21
C GLY J 364 -22.85 25.77 -32.03
N GLY J 365 -22.98 26.19 -33.30
CA GLY J 365 -23.98 25.66 -34.23
C GLY J 365 -25.31 26.38 -34.20
N LYS J 366 -26.23 25.94 -35.07
CA LYS J 366 -27.56 26.57 -35.13
C LYS J 366 -28.47 26.33 -33.93
N GLU J 367 -28.09 25.42 -33.03
CA GLU J 367 -28.93 25.06 -31.86
C GLU J 367 -28.69 25.93 -30.62
N THR J 368 -27.95 27.03 -30.79
CA THR J 368 -27.70 27.95 -29.69
C THR J 368 -27.43 29.33 -30.29
N TRP J 369 -27.15 30.34 -29.46
CA TRP J 369 -26.79 31.66 -29.95
C TRP J 369 -25.48 31.73 -30.76
N HIS J 370 -25.36 32.74 -31.61
CA HIS J 370 -24.25 32.91 -32.53
C HIS J 370 -23.87 34.39 -32.60
N SER J 371 -22.72 34.74 -32.00
CA SER J 371 -22.35 36.13 -31.89
C SER J 371 -20.81 36.24 -31.83
N ALA J 372 -20.28 37.42 -31.57
CA ALA J 372 -18.85 37.63 -31.69
C ALA J 372 -18.31 38.57 -30.64
N ALA J 373 -17.04 38.38 -30.26
CA ALA J 373 -16.23 39.40 -29.63
C ALA J 373 -15.44 40.17 -30.71
N THR J 374 -14.85 41.30 -30.33
CA THR J 374 -13.92 42.05 -31.18
C THR J 374 -12.55 42.31 -30.48
N ALA J 375 -11.49 41.83 -31.11
CA ALA J 375 -10.11 42.04 -30.60
C ALA J 375 -9.42 43.11 -31.43
N ILE J 376 -8.73 44.02 -30.76
CA ILE J 376 -8.10 45.17 -31.46
C ILE J 376 -6.59 45.18 -31.25
N TYR J 377 -5.85 45.20 -32.37
CA TYR J 377 -4.42 45.39 -32.41
C TYR J 377 -4.15 46.69 -33.14
N CYS J 378 -3.17 47.44 -32.64
CA CYS J 378 -2.79 48.74 -33.20
C CYS J 378 -1.30 48.88 -33.22
N LEU J 379 -0.78 49.64 -34.18
CA LEU J 379 0.62 50.03 -34.20
C LEU J 379 0.99 50.85 -32.96
N MET J 380 1.98 50.35 -32.21
CA MET J 380 2.46 51.05 -31.05
C MET J 380 3.90 50.66 -30.71
N GLY J 381 4.76 51.67 -30.69
CA GLY J 381 6.12 51.49 -30.22
C GLY J 381 6.91 50.61 -31.17
N SER J 382 8.03 50.14 -30.67
CA SER J 382 8.98 49.34 -31.42
CA SER J 382 8.98 49.34 -31.42
C SER J 382 8.96 47.89 -30.91
N GLY J 383 9.84 47.05 -31.45
CA GLY J 383 9.97 45.64 -31.00
C GLY J 383 9.13 44.67 -31.82
N GLN J 384 8.68 43.58 -31.18
CA GLN J 384 7.82 42.56 -31.82
CA GLN J 384 7.81 42.59 -31.82
C GLN J 384 6.50 42.40 -31.07
N LEU J 385 5.46 41.93 -31.78
CA LEU J 385 4.14 41.64 -31.22
C LEU J 385 4.24 40.61 -30.07
N LEU J 386 3.62 40.91 -28.92
CA LEU J 386 3.88 40.17 -27.69
C LEU J 386 2.80 39.23 -27.15
N TRP J 387 1.51 39.52 -27.34
CA TRP J 387 0.48 38.72 -26.68
C TRP J 387 -0.78 38.53 -27.53
N ASP J 388 -1.34 37.33 -27.41
CA ASP J 388 -2.50 36.94 -28.20
C ASP J 388 -3.76 37.30 -27.39
N THR J 389 -4.93 37.16 -28.05
CA THR J 389 -6.22 37.51 -27.46
C THR J 389 -7.11 36.28 -27.40
N VAL J 390 -7.76 36.09 -26.27
CA VAL J 390 -8.72 35.00 -26.06
C VAL J 390 -10.02 35.69 -25.67
N THR J 391 -11.17 35.10 -26.01
CA THR J 391 -12.47 35.69 -25.63
C THR J 391 -12.86 35.48 -24.19
N GLY J 392 -12.34 34.40 -23.58
CA GLY J 392 -12.71 33.99 -22.25
C GLY J 392 -14.14 33.49 -22.05
N VAL J 393 -14.88 33.34 -23.16
CA VAL J 393 -16.28 33.02 -23.07
C VAL J 393 -16.51 31.51 -23.03
N ASP J 394 -17.31 31.03 -22.11
CA ASP J 394 -17.75 29.63 -22.14
C ASP J 394 -19.22 29.64 -22.57
N MET J 395 -19.51 28.97 -23.68
CA MET J 395 -20.81 29.06 -24.38
C MET J 395 -21.94 28.27 -23.71
N ALA J 396 -21.60 27.44 -22.71
CA ALA J 396 -22.56 26.62 -21.99
C ALA J 396 -23.21 27.42 -20.86
N LEU J 397 -22.67 28.61 -20.58
CA LEU J 397 -23.10 29.38 -19.41
C LEU J 397 -24.19 30.33 -19.78
N PRO K 9 -29.08 79.74 -31.38
CA PRO K 9 -30.13 79.02 -32.12
C PRO K 9 -31.31 79.92 -32.44
N GLU K 10 -31.97 79.63 -33.54
CA GLU K 10 -33.08 80.44 -33.99
CA GLU K 10 -33.06 80.45 -34.07
C GLU K 10 -34.28 79.58 -34.32
N TRP K 11 -35.43 80.20 -34.54
CA TRP K 11 -36.67 79.48 -34.83
C TRP K 11 -36.54 78.66 -36.12
N THR K 12 -37.21 77.51 -36.14
CA THR K 12 -37.22 76.64 -37.29
CA THR K 12 -37.20 76.66 -37.30
C THR K 12 -38.50 76.83 -38.14
N TYR K 13 -38.37 76.51 -39.42
CA TYR K 13 -39.44 76.66 -40.40
C TYR K 13 -39.33 75.40 -41.21
N PRO K 14 -40.45 74.95 -41.80
CA PRO K 14 -40.40 73.89 -42.78
C PRO K 14 -39.68 74.33 -44.05
N ARG K 15 -38.98 73.39 -44.68
CA ARG K 15 -38.13 73.66 -45.85
C ARG K 15 -38.54 72.72 -46.94
N LEU K 16 -37.94 72.89 -48.10
CA LEU K 16 -38.19 71.99 -49.21
C LEU K 16 -37.77 70.59 -48.76
N SER K 17 -38.49 69.56 -49.24
CA SER K 17 -38.16 68.19 -48.87
C SER K 17 -36.86 67.74 -49.56
N CYS K 18 -36.15 66.80 -48.93
CA CYS K 18 -35.00 66.21 -49.58
C CYS K 18 -35.43 65.43 -50.79
N PRO K 19 -34.54 65.26 -51.79
CA PRO K 19 -34.89 64.56 -53.03
C PRO K 19 -35.25 63.12 -52.75
N GLY K 20 -36.25 62.62 -53.45
CA GLY K 20 -36.62 61.21 -53.35
C GLY K 20 -37.97 60.99 -54.00
N SER K 21 -38.25 59.75 -54.42
CA SER K 21 -39.58 59.46 -55.00
C SER K 21 -40.26 58.19 -54.39
N THR K 22 -39.64 57.61 -53.38
CA THR K 22 -40.19 56.41 -52.74
C THR K 22 -39.80 56.34 -51.27
N PHE K 23 -40.67 55.76 -50.44
CA PHE K 23 -40.25 55.42 -49.10
C PHE K 23 -39.54 54.05 -49.05
N GLN K 24 -38.68 53.86 -48.03
CA GLN K 24 -38.03 52.57 -47.79
C GLN K 24 -38.04 52.28 -46.29
N LYS K 25 -37.94 51.02 -45.92
CA LYS K 25 -37.82 50.58 -44.54
C LYS K 25 -36.54 51.17 -43.90
N ALA K 26 -36.70 51.92 -42.81
CA ALA K 26 -35.57 52.65 -42.21
C ALA K 26 -35.06 52.04 -40.88
N LEU K 27 -35.95 51.92 -39.89
CA LEU K 27 -35.55 51.50 -38.57
C LEU K 27 -36.71 50.88 -37.81
N LEU K 28 -36.44 49.81 -37.07
CA LEU K 28 -37.45 49.17 -36.26
C LEU K 28 -37.00 49.38 -34.81
N ILE K 29 -37.91 49.89 -33.98
CA ILE K 29 -37.71 49.92 -32.53
C ILE K 29 -38.66 48.88 -31.91
N SER K 30 -38.15 47.71 -31.55
CA SER K 30 -38.94 46.64 -31.03
C SER K 30 -38.38 46.24 -29.70
N PRO K 31 -38.76 46.95 -28.61
CA PRO K 31 -38.13 46.83 -27.32
C PRO K 31 -38.40 45.48 -26.70
N HIS K 32 -39.53 44.86 -27.07
CA HIS K 32 -39.99 43.60 -26.49
C HIS K 32 -39.30 42.34 -27.08
N ARG K 33 -38.41 42.57 -28.03
CA ARG K 33 -37.46 41.53 -28.42
C ARG K 33 -36.52 41.17 -27.26
N PHE K 34 -36.57 41.96 -26.16
CA PHE K 34 -35.68 41.79 -24.97
C PHE K 34 -36.46 41.62 -23.65
N GLY K 35 -37.80 41.49 -23.71
CA GLY K 35 -38.54 41.27 -22.49
C GLY K 35 -38.91 39.85 -22.18
N GLU K 36 -38.10 38.89 -22.62
CA GLU K 36 -38.33 37.52 -22.17
C GLU K 36 -38.06 37.36 -20.67
N THR K 37 -38.74 36.38 -20.06
CA THR K 37 -38.43 35.93 -18.70
C THR K 37 -36.95 35.46 -18.61
N LYS K 38 -36.50 34.82 -19.68
CA LYS K 38 -35.19 34.24 -19.73
C LYS K 38 -34.11 35.34 -19.86
N GLY K 39 -34.52 36.53 -20.29
CA GLY K 39 -33.62 37.69 -20.47
C GLY K 39 -33.34 38.55 -19.22
N ASN K 40 -32.57 39.62 -19.39
CA ASN K 40 -32.21 40.49 -18.27
C ASN K 40 -32.47 41.94 -18.61
N SER K 41 -33.50 42.20 -19.42
CA SER K 41 -33.79 43.59 -19.79
C SER K 41 -35.15 44.09 -19.23
N ALA K 42 -35.38 45.38 -19.43
CA ALA K 42 -36.61 46.03 -18.93
C ALA K 42 -37.28 46.95 -19.96
N PRO K 43 -37.78 46.40 -21.07
CA PRO K 43 -38.53 47.26 -22.00
C PRO K 43 -39.81 47.78 -21.37
N LEU K 44 -40.05 49.07 -21.52
CA LEU K 44 -41.23 49.72 -20.95
C LEU K 44 -42.47 49.33 -21.71
N ILE K 45 -43.57 49.11 -20.98
CA ILE K 45 -44.85 48.81 -21.60
C ILE K 45 -45.41 50.15 -22.08
N ILE K 46 -45.65 50.27 -23.39
CA ILE K 46 -46.07 51.55 -23.93
C ILE K 46 -47.19 51.40 -24.93
N ARG K 47 -47.73 52.53 -25.36
CA ARG K 47 -48.58 52.59 -26.53
C ARG K 47 -48.56 54.01 -27.06
N GLU K 48 -49.22 54.22 -28.20
CA GLU K 48 -49.29 55.52 -28.81
C GLU K 48 -47.88 56.13 -29.02
N PRO K 49 -47.00 55.40 -29.70
CA PRO K 49 -45.66 56.01 -29.88
C PRO K 49 -45.73 57.08 -30.93
N PHE K 50 -44.86 58.07 -30.83
CA PHE K 50 -44.64 58.98 -31.95
C PHE K 50 -43.22 59.50 -31.94
N ILE K 51 -42.83 60.22 -32.97
CA ILE K 51 -41.46 60.72 -33.09
C ILE K 51 -41.55 62.17 -33.47
N ALA K 52 -40.64 62.98 -32.94
CA ALA K 52 -40.54 64.39 -33.28
C ALA K 52 -39.04 64.71 -33.34
N CYS K 53 -38.64 65.45 -34.36
CA CYS K 53 -37.26 65.85 -34.52
C CYS K 53 -36.98 67.34 -34.30
N GLY K 54 -35.84 67.62 -33.70
CA GLY K 54 -35.27 68.95 -33.70
C GLY K 54 -34.17 69.02 -34.76
N PRO K 55 -33.39 70.11 -34.75
CA PRO K 55 -32.33 70.31 -35.70
C PRO K 55 -31.13 69.36 -35.51
N LYS K 56 -31.03 68.70 -34.35
CA LYS K 56 -29.91 67.76 -34.15
C LYS K 56 -30.32 66.37 -33.68
N GLU K 57 -31.54 66.24 -33.18
CA GLU K 57 -31.94 64.98 -32.57
C GLU K 57 -33.41 64.64 -32.86
N CYS K 58 -33.72 63.35 -33.01
CA CYS K 58 -35.13 62.92 -33.03
C CYS K 58 -35.39 62.16 -31.75
N LYS K 59 -36.50 62.48 -31.09
CA LYS K 59 -36.93 61.81 -29.86
C LYS K 59 -38.07 60.87 -30.18
N HIS K 60 -37.96 59.63 -29.68
CA HIS K 60 -39.02 58.64 -29.80
C HIS K 60 -39.90 58.69 -28.53
N PHE K 61 -41.10 59.25 -28.66
CA PHE K 61 -42.04 59.40 -27.55
C PHE K 61 -43.00 58.23 -27.47
N ALA K 62 -43.55 58.01 -26.28
CA ALA K 62 -44.69 57.08 -26.09
C ALA K 62 -45.32 57.34 -24.76
N LEU K 63 -46.47 56.74 -24.54
CA LEU K 63 -47.16 56.81 -23.25
C LEU K 63 -46.93 55.49 -22.53
N THR K 64 -46.35 55.53 -21.34
CA THR K 64 -46.13 54.28 -20.64
C THR K 64 -47.14 54.03 -19.52
N HIS K 65 -47.50 52.76 -19.29
CA HIS K 65 -48.20 52.36 -18.07
C HIS K 65 -47.29 52.24 -16.84
N TYR K 66 -46.07 52.77 -16.92
CA TYR K 66 -45.15 52.79 -15.76
C TYR K 66 -44.83 51.34 -15.29
N ALA K 67 -44.59 50.45 -16.25
CA ALA K 67 -44.53 49.03 -16.00
C ALA K 67 -43.63 48.52 -17.07
N ALA K 68 -42.84 47.48 -16.74
CA ALA K 68 -41.92 46.91 -17.71
C ALA K 68 -42.26 45.45 -17.97
N GLN K 69 -41.70 44.91 -19.04
CA GLN K 69 -41.72 43.46 -19.32
C GLN K 69 -40.29 42.89 -19.24
N PRO K 70 -40.03 41.80 -18.46
CA PRO K 70 -41.00 41.12 -17.58
C PRO K 70 -41.31 41.90 -16.29
N GLY K 71 -42.53 41.75 -15.80
CA GLY K 71 -42.97 42.53 -14.64
C GLY K 71 -44.23 42.00 -14.01
N GLY K 72 -44.67 42.65 -12.93
CA GLY K 72 -45.83 42.23 -12.17
C GLY K 72 -47.05 43.12 -12.38
N TYR K 73 -46.93 44.07 -13.31
CA TYR K 73 -47.96 45.05 -13.47
C TYR K 73 -48.61 45.02 -14.86
N TYR K 74 -48.90 43.84 -15.39
CA TYR K 74 -49.55 43.75 -16.72
C TYR K 74 -51.04 44.10 -16.69
N ASN K 75 -51.70 43.79 -15.59
CA ASN K 75 -53.10 44.14 -15.43
C ASN K 75 -53.32 45.65 -15.58
N GLY K 76 -54.22 46.04 -16.48
CA GLY K 76 -54.52 47.44 -16.74
C GLY K 76 -53.77 48.04 -17.92
N THR K 77 -52.92 47.24 -18.58
CA THR K 77 -52.08 47.78 -19.66
C THR K 77 -52.83 47.89 -21.03
N ARG K 78 -53.96 47.21 -21.17
CA ARG K 78 -54.85 47.39 -22.32
C ARG K 78 -55.73 48.66 -22.19
N GLY K 79 -55.96 49.15 -20.98
CA GLY K 79 -56.63 50.47 -20.82
C GLY K 79 -55.73 51.60 -21.27
N ASP K 80 -56.28 52.77 -21.53
CA ASP K 80 -55.45 53.94 -21.89
C ASP K 80 -55.29 54.94 -20.75
N ARG K 81 -56.35 55.11 -19.96
CA ARG K 81 -56.38 56.16 -18.95
C ARG K 81 -56.21 55.58 -17.56
N ASN K 82 -55.17 56.04 -16.87
CA ASN K 82 -55.00 55.79 -15.44
C ASN K 82 -54.10 56.86 -14.85
N LYS K 83 -53.92 56.81 -13.52
CA LYS K 83 -53.15 57.78 -12.77
C LYS K 83 -51.64 57.53 -12.88
N LEU K 84 -51.27 56.41 -13.48
CA LEU K 84 -49.86 56.06 -13.60
C LEU K 84 -49.26 56.42 -14.94
N ARG K 85 -50.11 56.63 -15.94
CA ARG K 85 -49.67 56.83 -17.31
C ARG K 85 -48.81 58.06 -17.45
N HIS K 86 -47.75 57.94 -18.26
CA HIS K 86 -46.73 58.99 -18.39
C HIS K 86 -46.23 59.10 -19.78
N LEU K 87 -45.95 60.34 -20.17
CA LEU K 87 -45.25 60.61 -21.42
C LEU K 87 -43.75 60.34 -21.24
N ILE K 88 -43.21 59.40 -22.02
CA ILE K 88 -41.77 59.16 -22.02
C ILE K 88 -41.12 59.43 -23.33
N SER K 89 -39.80 59.52 -23.31
CA SER K 89 -39.03 59.63 -24.55
C SER K 89 -37.66 59.02 -24.40
N VAL K 90 -37.12 58.52 -25.52
CA VAL K 90 -35.69 58.25 -25.68
C VAL K 90 -35.23 58.91 -26.97
N LYS K 91 -33.92 59.12 -27.07
CA LYS K 91 -33.33 59.48 -28.34
C LYS K 91 -33.70 58.37 -29.33
N LEU K 92 -34.22 58.72 -30.52
CA LEU K 92 -34.50 57.72 -31.59
C LEU K 92 -33.29 56.86 -31.92
N GLY K 93 -33.46 55.54 -31.81
CA GLY K 93 -32.38 54.61 -31.96
C GLY K 93 -32.09 53.89 -30.66
N LYS K 94 -32.54 54.48 -29.55
CA LYS K 94 -32.32 53.86 -28.25
C LYS K 94 -33.50 53.00 -27.90
N ILE K 95 -33.27 51.93 -27.13
CA ILE K 95 -34.35 51.07 -26.73
C ILE K 95 -35.04 51.69 -25.50
N PRO K 96 -36.35 51.92 -25.58
CA PRO K 96 -37.05 52.53 -24.45
C PRO K 96 -37.22 51.57 -23.27
N THR K 97 -36.16 51.49 -22.48
CA THR K 97 -36.16 50.70 -21.29
C THR K 97 -36.41 51.60 -20.07
N VAL K 98 -36.60 50.98 -18.93
CA VAL K 98 -36.70 51.73 -17.65
C VAL K 98 -35.60 52.78 -17.44
N GLU K 99 -34.35 52.41 -17.75
CA GLU K 99 -33.25 53.29 -17.45
C GLU K 99 -32.94 54.28 -18.59
N ASN K 100 -33.06 53.80 -19.82
CA ASN K 100 -32.85 54.65 -21.00
C ASN K 100 -33.84 55.78 -21.13
N SER K 101 -35.09 55.54 -20.68
CA SER K 101 -36.18 56.50 -20.90
C SER K 101 -36.05 57.67 -19.94
N ILE K 102 -36.61 58.80 -20.31
CA ILE K 102 -36.84 59.87 -19.38
C ILE K 102 -38.34 60.09 -19.27
N PHE K 103 -38.79 60.39 -18.05
CA PHE K 103 -40.19 60.62 -17.76
C PHE K 103 -40.50 62.11 -17.73
N HIS K 104 -41.32 62.55 -18.69
CA HIS K 104 -41.64 63.98 -18.88
C HIS K 104 -42.73 64.50 -17.93
N MET K 105 -43.86 63.80 -17.89
CA MET K 105 -45.03 64.22 -17.17
C MET K 105 -46.12 63.16 -17.24
N ALA K 106 -46.98 63.19 -16.24
CA ALA K 106 -48.13 62.33 -16.18
C ALA K 106 -49.08 62.67 -17.37
N ALA K 107 -49.44 61.65 -18.13
CA ALA K 107 -50.24 61.85 -19.33
C ALA K 107 -50.77 60.53 -19.84
N TRP K 108 -52.05 60.54 -20.24
CA TRP K 108 -52.61 59.43 -21.00
C TRP K 108 -53.03 59.84 -22.42
N SER K 109 -52.61 61.05 -22.81
CA SER K 109 -52.73 61.53 -24.19
C SER K 109 -51.63 62.53 -24.40
N GLY K 110 -50.83 62.39 -25.46
CA GLY K 110 -49.67 63.25 -25.57
C GLY K 110 -49.32 63.81 -26.92
N SER K 111 -48.33 64.69 -26.91
CA SER K 111 -47.75 65.25 -28.13
C SER K 111 -46.46 65.98 -27.74
N ALA K 112 -45.62 66.29 -28.73
CA ALA K 112 -44.39 67.08 -28.46
C ALA K 112 -43.84 67.65 -29.75
N CYS K 113 -42.97 68.68 -29.66
CA CYS K 113 -42.44 69.29 -30.88
C CYS K 113 -41.41 70.31 -30.49
N HIS K 114 -40.41 70.45 -31.36
CA HIS K 114 -39.27 71.34 -31.21
C HIS K 114 -39.40 72.57 -32.11
N ASP K 115 -39.10 73.74 -31.57
CA ASP K 115 -39.37 75.02 -32.25
C ASP K 115 -38.14 75.69 -32.84
N GLY K 116 -37.00 74.99 -32.77
CA GLY K 116 -35.72 75.57 -33.15
C GLY K 116 -34.82 75.84 -31.95
N LYS K 117 -35.43 76.14 -30.81
CA LYS K 117 -34.70 76.54 -29.61
C LYS K 117 -34.86 75.56 -28.46
N GLU K 118 -36.01 74.91 -28.37
CA GLU K 118 -36.40 74.12 -27.21
C GLU K 118 -37.59 73.19 -27.47
N TRP K 119 -37.65 72.12 -26.71
CA TRP K 119 -38.73 71.14 -26.74
C TRP K 119 -40.00 71.61 -26.01
N THR K 120 -41.15 71.49 -26.69
CA THR K 120 -42.43 71.64 -26.06
C THR K 120 -43.02 70.24 -25.83
N TYR K 121 -43.48 69.95 -24.61
CA TYR K 121 -44.03 68.62 -24.34
C TYR K 121 -45.45 68.76 -23.90
N ILE K 122 -46.32 67.96 -24.49
CA ILE K 122 -47.73 68.07 -24.21
C ILE K 122 -48.28 66.79 -23.59
N GLY K 123 -49.05 66.95 -22.51
CA GLY K 123 -49.61 65.79 -21.81
C GLY K 123 -50.97 66.00 -21.16
N VAL K 124 -51.92 65.13 -21.49
CA VAL K 124 -53.26 65.22 -20.94
C VAL K 124 -53.49 64.12 -19.91
N ASP K 125 -53.95 64.51 -18.73
CA ASP K 125 -54.31 63.57 -17.68
C ASP K 125 -55.49 64.13 -16.91
N GLY K 126 -55.93 63.43 -15.88
CA GLY K 126 -57.14 63.88 -15.14
C GLY K 126 -58.35 62.96 -15.30
N PRO K 127 -59.48 63.28 -14.63
CA PRO K 127 -60.68 62.45 -14.76
C PRO K 127 -61.32 62.59 -16.14
N GLU K 128 -62.09 61.60 -16.57
CA GLU K 128 -62.79 61.62 -17.88
C GLU K 128 -63.60 62.89 -18.14
N ASN K 129 -64.32 63.35 -17.10
CA ASN K 129 -65.24 64.47 -17.25
C ASN K 129 -64.59 65.85 -17.15
N ASN K 130 -63.30 65.89 -16.77
CA ASN K 130 -62.62 67.17 -16.56
C ASN K 130 -61.12 66.98 -16.75
N ALA K 131 -60.73 66.39 -17.88
CA ALA K 131 -59.30 66.21 -18.17
C ALA K 131 -58.59 67.54 -18.39
N LEU K 132 -57.27 67.51 -18.27
CA LEU K 132 -56.42 68.69 -18.31
C LEU K 132 -55.18 68.47 -19.20
N LEU K 133 -55.05 69.31 -20.21
CA LEU K 133 -53.85 69.33 -21.05
C LEU K 133 -52.78 70.16 -20.32
N LYS K 134 -51.54 69.65 -20.31
CA LYS K 134 -50.43 70.28 -19.60
C LYS K 134 -49.29 70.50 -20.56
N ILE K 135 -48.75 71.71 -20.54
CA ILE K 135 -47.58 72.03 -21.37
C ILE K 135 -46.32 72.21 -20.51
N LYS K 136 -45.23 71.60 -20.99
CA LYS K 136 -43.91 71.70 -20.47
C LYS K 136 -43.03 72.27 -21.58
N TYR K 137 -42.26 73.31 -21.24
CA TYR K 137 -41.28 73.88 -22.14
C TYR K 137 -39.87 73.65 -21.55
N GLY K 138 -39.10 72.78 -22.19
CA GLY K 138 -37.85 72.23 -21.63
C GLY K 138 -38.18 71.51 -20.34
N GLU K 139 -37.69 72.07 -19.23
CA GLU K 139 -37.86 71.46 -17.92
C GLU K 139 -39.06 72.02 -17.15
N ALA K 140 -39.54 73.21 -17.54
CA ALA K 140 -40.60 73.97 -16.87
C ALA K 140 -42.03 73.65 -17.32
N TYR K 141 -42.92 73.43 -16.36
CA TYR K 141 -44.34 73.31 -16.63
C TYR K 141 -44.81 74.74 -16.77
N THR K 142 -45.44 75.07 -17.90
CA THR K 142 -45.65 76.47 -18.29
C THR K 142 -47.11 76.92 -18.42
N ASP K 143 -48.00 76.01 -18.83
CA ASP K 143 -49.42 76.34 -19.06
C ASP K 143 -50.34 75.12 -19.02
N THR K 144 -51.66 75.34 -18.95
CA THR K 144 -52.62 74.23 -19.04
C THR K 144 -53.81 74.69 -19.89
N TYR K 145 -54.60 73.75 -20.35
CA TYR K 145 -55.86 74.00 -21.06
C TYR K 145 -56.91 73.04 -20.49
N HIS K 146 -58.16 73.50 -20.42
CA HIS K 146 -59.18 72.78 -19.67
C HIS K 146 -60.12 72.06 -20.60
N SER K 147 -60.71 70.96 -20.13
CA SER K 147 -61.78 70.27 -20.81
C SER K 147 -62.99 71.19 -21.06
N TYR K 148 -63.50 71.21 -22.30
CA TYR K 148 -64.53 72.16 -22.73
C TYR K 148 -65.84 71.48 -23.12
N ALA K 149 -65.76 70.17 -23.35
CA ALA K 149 -66.95 69.37 -23.66
C ALA K 149 -67.09 68.30 -22.61
N ASN K 150 -66.18 68.27 -21.64
CA ASN K 150 -66.25 67.34 -20.51
C ASN K 150 -66.33 65.85 -20.84
N ASN K 151 -65.65 65.44 -21.89
CA ASN K 151 -65.64 64.04 -22.27
C ASN K 151 -64.34 63.66 -22.90
N ILE K 152 -63.38 63.32 -22.03
CA ILE K 152 -62.07 62.95 -22.44
C ILE K 152 -61.38 63.99 -23.34
N LEU K 153 -60.97 65.11 -22.75
CA LEU K 153 -60.07 66.04 -23.45
C LEU K 153 -58.84 65.25 -23.93
N ARG K 154 -58.45 65.43 -25.20
CA ARG K 154 -57.59 64.49 -25.92
C ARG K 154 -56.68 65.30 -26.88
N THR K 155 -55.53 64.75 -27.25
CA THR K 155 -54.70 65.45 -28.22
C THR K 155 -54.20 64.48 -29.28
N GLN K 156 -53.20 64.90 -30.07
CA GLN K 156 -52.82 64.29 -31.33
C GLN K 156 -52.24 62.86 -31.29
N GLU K 157 -51.44 62.54 -30.27
N GLU K 157 -51.46 62.56 -30.25
CA GLU K 157 -50.65 61.28 -30.24
CA GLU K 157 -50.63 61.32 -30.17
C GLU K 157 -49.58 61.30 -31.33
C GLU K 157 -49.60 61.31 -31.30
N SER K 158 -49.20 62.51 -31.75
CA SER K 158 -48.15 62.70 -32.72
C SER K 158 -47.59 64.08 -32.50
N ALA K 159 -46.48 64.36 -33.18
CA ALA K 159 -45.80 65.63 -33.09
C ALA K 159 -46.66 66.85 -33.43
N CYS K 160 -46.58 67.86 -32.57
CA CYS K 160 -47.12 69.18 -32.92
C CYS K 160 -46.22 69.85 -33.94
N ASN K 161 -46.55 71.03 -34.39
CA ASN K 161 -45.78 71.64 -35.47
C ASN K 161 -45.48 73.09 -35.18
N CYS K 162 -44.18 73.43 -35.21
CA CYS K 162 -43.71 74.78 -34.89
C CYS K 162 -43.16 75.54 -36.08
N ILE K 163 -43.51 76.82 -36.16
CA ILE K 163 -43.04 77.69 -37.21
C ILE K 163 -42.81 79.09 -36.63
N GLY K 164 -41.63 79.64 -36.84
CA GLY K 164 -41.33 80.96 -36.26
C GLY K 164 -41.64 81.04 -34.76
N GLY K 165 -41.52 79.93 -34.05
CA GLY K 165 -41.71 79.95 -32.60
C GLY K 165 -43.12 79.63 -32.13
N ASN K 166 -44.05 79.61 -33.07
CA ASN K 166 -45.45 79.30 -32.81
C ASN K 166 -45.65 77.84 -33.13
N CYS K 167 -46.06 77.07 -32.14
CA CYS K 167 -46.35 75.64 -32.29
C CYS K 167 -47.85 75.39 -32.26
N TYR K 168 -48.35 74.72 -33.31
CA TYR K 168 -49.76 74.51 -33.43
C TYR K 168 -50.11 73.10 -33.00
N LEU K 169 -51.17 72.93 -32.21
CA LEU K 169 -51.53 71.61 -31.65
C LEU K 169 -53.04 71.37 -31.74
N MET K 170 -53.47 70.21 -32.27
CA MET K 170 -54.85 69.85 -32.27
C MET K 170 -55.21 69.28 -30.90
N ILE K 171 -56.31 69.78 -30.33
CA ILE K 171 -56.95 69.19 -29.16
C ILE K 171 -58.43 68.85 -29.50
N THR K 172 -58.98 67.83 -28.83
CA THR K 172 -60.40 67.50 -28.98
C THR K 172 -61.03 67.08 -27.67
N ASP K 173 -62.34 67.03 -27.64
CA ASP K 173 -63.07 66.74 -26.41
C ASP K 173 -64.46 66.37 -26.83
N GLY K 174 -65.00 65.29 -26.28
CA GLY K 174 -66.34 64.87 -26.68
C GLY K 174 -66.43 63.37 -26.69
N SER K 175 -67.63 62.84 -26.91
CA SER K 175 -67.89 61.40 -26.95
C SER K 175 -67.13 60.73 -28.12
N ALA K 176 -66.54 59.58 -27.78
CA ALA K 176 -65.98 58.70 -28.80
C ALA K 176 -67.02 58.16 -29.82
N SER K 177 -68.31 58.19 -29.48
CA SER K 177 -69.40 57.63 -30.33
C SER K 177 -70.31 58.74 -30.84
N GLY K 178 -70.02 59.97 -30.44
CA GLY K 178 -70.84 61.10 -30.84
C GLY K 178 -69.99 62.27 -31.30
N ILE K 179 -70.34 63.46 -30.83
CA ILE K 179 -69.70 64.71 -31.26
C ILE K 179 -68.39 64.89 -30.48
N SER K 180 -67.29 65.12 -31.22
CA SER K 180 -66.01 65.64 -30.69
C SER K 180 -65.45 66.77 -31.57
N GLU K 181 -65.83 68.00 -31.28
CA GLU K 181 -65.41 69.18 -32.03
C GLU K 181 -64.01 69.58 -31.59
N CYS K 182 -63.04 69.39 -32.48
CA CYS K 182 -61.68 69.68 -32.17
C CYS K 182 -61.39 71.19 -32.26
N ARG K 183 -60.29 71.57 -31.64
CA ARG K 183 -59.84 72.95 -31.60
C ARG K 183 -58.35 72.90 -31.81
N PHE K 184 -57.74 74.02 -32.15
CA PHE K 184 -56.28 74.09 -32.22
C PHE K 184 -55.76 75.14 -31.28
N LEU K 185 -54.67 74.80 -30.59
CA LEU K 185 -53.94 75.74 -29.76
C LEU K 185 -52.70 76.28 -30.48
N LYS K 186 -52.49 77.59 -30.42
CA LYS K 186 -51.24 78.21 -30.86
C LYS K 186 -50.41 78.37 -29.59
N ILE K 187 -49.31 77.65 -29.48
CA ILE K 187 -48.45 77.72 -28.27
C ILE K 187 -47.06 78.32 -28.57
N ARG K 188 -46.65 79.33 -27.80
CA ARG K 188 -45.33 79.96 -27.95
C ARG K 188 -44.58 79.87 -26.66
N GLU K 189 -43.39 79.23 -26.71
CA GLU K 189 -42.51 79.07 -25.55
C GLU K 189 -43.27 78.50 -24.35
N GLY K 190 -44.09 77.48 -24.63
CA GLY K 190 -44.84 76.75 -23.62
C GLY K 190 -46.13 77.39 -23.16
N ARG K 191 -46.48 78.54 -23.76
CA ARG K 191 -47.71 79.24 -23.39
C ARG K 191 -48.69 79.44 -24.54
N ILE K 192 -49.96 79.13 -24.27
CA ILE K 192 -51.05 79.28 -25.24
C ILE K 192 -51.29 80.76 -25.47
N ILE K 193 -51.18 81.20 -26.72
CA ILE K 193 -51.36 82.60 -27.07
C ILE K 193 -52.60 82.84 -27.94
N LYS K 194 -53.17 81.76 -28.45
CA LYS K 194 -54.41 81.84 -29.23
C LYS K 194 -55.12 80.48 -29.28
N GLU K 195 -56.45 80.54 -29.31
CA GLU K 195 -57.32 79.40 -29.53
C GLU K 195 -57.91 79.56 -30.89
N ILE K 196 -57.80 78.52 -31.70
CA ILE K 196 -58.26 78.58 -33.08
C ILE K 196 -59.44 77.62 -33.20
N PHE K 197 -60.62 78.19 -33.51
CA PHE K 197 -61.82 77.37 -33.67
C PHE K 197 -62.05 77.10 -35.12
N PRO K 198 -61.90 75.82 -35.52
CA PRO K 198 -62.08 75.45 -36.93
C PRO K 198 -63.52 75.63 -37.45
N THR K 199 -63.68 75.85 -38.74
CA THR K 199 -65.03 75.92 -39.33
C THR K 199 -65.27 74.75 -40.27
N GLY K 200 -66.54 74.54 -40.68
CA GLY K 200 -66.89 73.50 -41.65
C GLY K 200 -67.37 72.18 -41.08
N ARG K 201 -66.80 71.09 -41.55
CA ARG K 201 -67.18 69.78 -41.07
C ARG K 201 -66.40 69.48 -39.80
N VAL K 202 -67.01 69.82 -38.66
CA VAL K 202 -66.37 69.78 -37.35
C VAL K 202 -66.98 68.74 -36.42
N LYS K 203 -67.95 67.99 -36.95
CA LYS K 203 -68.84 67.01 -36.27
C LYS K 203 -68.03 66.06 -35.39
N HIS K 204 -66.96 65.50 -35.95
CA HIS K 204 -66.06 64.60 -35.20
C HIS K 204 -64.63 64.53 -35.78
N THR K 205 -63.70 65.08 -35.03
CA THR K 205 -62.30 65.09 -35.41
C THR K 205 -61.42 64.78 -34.19
N GLU K 206 -60.55 63.80 -34.32
CA GLU K 206 -59.57 63.47 -33.22
C GLU K 206 -58.30 62.88 -33.79
N GLU K 207 -57.26 62.81 -32.92
CA GLU K 207 -56.00 62.20 -33.29
C GLU K 207 -55.46 62.68 -34.62
N CYS K 208 -55.48 64.00 -34.82
CA CYS K 208 -54.96 64.56 -36.07
C CYS K 208 -53.46 64.31 -36.25
N THR K 209 -53.09 63.86 -37.45
CA THR K 209 -51.71 63.75 -37.84
C THR K 209 -51.45 64.97 -38.71
N CYS K 210 -50.67 65.92 -38.21
CA CYS K 210 -50.51 67.22 -38.86
C CYS K 210 -49.11 67.43 -39.38
N GLY K 211 -48.99 68.31 -40.35
CA GLY K 211 -47.65 68.68 -40.86
C GLY K 211 -47.77 69.87 -41.81
N PHE K 212 -46.63 70.49 -42.08
CA PHE K 212 -46.56 71.62 -43.00
C PHE K 212 -46.71 71.28 -44.46
N ALA K 213 -47.71 71.86 -45.11
CA ALA K 213 -47.82 71.81 -46.55
C ALA K 213 -46.89 72.84 -47.18
N SER K 214 -46.59 73.89 -46.40
CA SER K 214 -45.84 75.06 -46.83
C SER K 214 -45.63 75.91 -45.60
N ASN K 215 -45.03 77.07 -45.78
CA ASN K 215 -44.89 78.01 -44.67
C ASN K 215 -46.19 78.70 -44.24
N LYS K 216 -47.23 78.57 -45.06
N LYS K 216 -47.23 78.55 -45.04
CA LYS K 216 -48.53 79.21 -44.81
CA LYS K 216 -48.51 79.17 -44.80
C LYS K 216 -49.52 78.21 -44.17
C LYS K 216 -49.47 78.19 -44.11
N THR K 217 -49.44 76.95 -44.56
CA THR K 217 -50.51 75.98 -44.28
C THR K 217 -50.07 74.72 -43.63
N ILE K 218 -50.87 74.28 -42.67
CA ILE K 218 -50.61 73.06 -41.93
C ILE K 218 -51.81 72.22 -42.26
N GLU K 219 -51.57 70.99 -42.69
CA GLU K 219 -52.67 70.09 -43.00
C GLU K 219 -52.66 68.93 -42.03
N CYS K 220 -53.85 68.43 -41.69
CA CYS K 220 -53.95 67.24 -40.85
C CYS K 220 -54.89 66.22 -41.47
N ALA K 221 -54.52 64.96 -41.34
CA ALA K 221 -55.44 63.87 -41.62
C ALA K 221 -55.83 63.20 -40.29
N CYS K 222 -57.12 63.18 -40.01
CA CYS K 222 -57.61 62.92 -38.67
C CYS K 222 -58.51 61.72 -38.63
N ARG K 223 -58.97 61.42 -37.42
CA ARG K 223 -59.84 60.28 -37.16
C ARG K 223 -61.25 60.74 -36.79
N ASP K 224 -62.26 60.23 -37.50
CA ASP K 224 -63.64 60.31 -37.08
C ASP K 224 -64.00 58.97 -36.49
N ASN K 225 -64.26 58.94 -35.19
CA ASN K 225 -64.54 57.67 -34.52
C ASN K 225 -66.02 57.23 -34.56
N SER K 226 -66.86 58.08 -35.15
CA SER K 226 -68.31 57.91 -35.07
C SER K 226 -69.03 57.76 -36.36
N TYR K 227 -68.78 58.68 -37.27
CA TYR K 227 -69.71 58.86 -38.45
C TYR K 227 -69.22 58.35 -39.81
N THR K 228 -67.91 58.35 -40.02
CA THR K 228 -67.37 58.10 -41.37
C THR K 228 -66.05 57.33 -41.32
N ALA K 229 -65.76 56.58 -42.37
CA ALA K 229 -64.43 56.01 -42.62
C ALA K 229 -63.54 56.97 -43.42
N LYS K 230 -64.13 58.02 -44.01
CA LYS K 230 -63.33 59.11 -44.59
C LYS K 230 -62.61 59.87 -43.46
N ARG K 231 -61.35 60.26 -43.69
CA ARG K 231 -60.61 61.05 -42.73
C ARG K 231 -60.96 62.53 -42.87
N PRO K 232 -61.39 63.17 -41.76
CA PRO K 232 -61.48 64.63 -41.75
C PRO K 232 -60.10 65.19 -42.09
N PHE K 233 -60.08 66.20 -42.92
CA PHE K 233 -58.84 66.76 -43.36
C PHE K 233 -58.80 68.23 -43.03
N VAL K 234 -57.88 68.59 -42.17
CA VAL K 234 -57.77 69.95 -41.68
C VAL K 234 -56.85 70.75 -42.57
N LYS K 235 -57.23 71.99 -42.89
CA LYS K 235 -56.32 72.98 -43.45
C LYS K 235 -56.27 74.23 -42.54
N LEU K 236 -55.12 74.43 -41.88
CA LEU K 236 -54.87 75.53 -40.96
C LEU K 236 -53.90 76.55 -41.59
N ASN K 237 -54.38 77.76 -41.81
CA ASN K 237 -53.56 78.83 -42.33
C ASN K 237 -52.89 79.49 -41.13
N VAL K 238 -51.56 79.39 -41.04
CA VAL K 238 -50.79 79.86 -39.86
C VAL K 238 -50.50 81.36 -39.89
N GLU K 239 -50.81 82.00 -41.01
CA GLU K 239 -50.69 83.45 -41.11
C GLU K 239 -51.94 84.16 -40.61
N THR K 240 -53.12 83.69 -41.05
CA THR K 240 -54.38 84.26 -40.55
C THR K 240 -54.88 83.56 -39.28
N ASP K 241 -54.24 82.43 -38.93
CA ASP K 241 -54.70 81.62 -37.80
C ASP K 241 -56.16 81.19 -37.94
N THR K 242 -56.53 80.67 -39.11
CA THR K 242 -57.87 80.17 -39.39
C THR K 242 -57.78 78.73 -39.79
N ALA K 243 -58.73 77.91 -39.29
CA ALA K 243 -58.73 76.48 -39.63
C ALA K 243 -60.05 76.02 -40.26
N GLU K 244 -59.94 75.15 -41.27
CA GLU K 244 -61.11 74.63 -41.99
C GLU K 244 -61.04 73.10 -42.03
N ILE K 245 -62.15 72.41 -41.90
CA ILE K 245 -62.12 70.94 -41.98
C ILE K 245 -63.17 70.43 -42.95
N ARG K 246 -62.76 69.51 -43.84
CA ARG K 246 -63.72 68.76 -44.66
CA ARG K 246 -63.73 68.76 -44.65
C ARG K 246 -63.22 67.34 -44.73
N LEU K 247 -64.11 66.40 -45.08
CA LEU K 247 -63.70 65.01 -45.27
C LEU K 247 -62.84 64.83 -46.53
N MET K 248 -61.84 63.95 -46.45
CA MET K 248 -61.14 63.54 -47.67
C MET K 248 -62.14 62.90 -48.62
N CYS K 249 -62.02 63.29 -49.88
CA CYS K 249 -62.95 62.83 -50.89
C CYS K 249 -62.50 61.54 -51.53
N THR K 250 -61.23 61.15 -51.28
CA THR K 250 -60.65 60.02 -52.03
C THR K 250 -61.44 58.73 -51.83
N GLU K 251 -61.59 57.94 -52.90
CA GLU K 251 -62.21 56.63 -52.76
C GLU K 251 -61.42 55.67 -51.88
N THR K 252 -60.12 55.93 -51.73
CA THR K 252 -59.23 55.13 -50.89
C THR K 252 -59.37 55.55 -49.42
N TYR K 253 -60.47 55.16 -48.78
CA TYR K 253 -60.74 55.53 -47.35
C TYR K 253 -59.67 55.01 -46.42
N LEU K 254 -59.11 55.89 -45.61
CA LEU K 254 -57.89 55.59 -44.81
C LEU K 254 -58.09 55.06 -43.37
N ASP K 255 -59.33 55.14 -42.87
CA ASP K 255 -59.68 54.76 -41.50
C ASP K 255 -59.83 53.24 -41.42
N THR K 256 -59.89 52.73 -40.20
CA THR K 256 -60.22 51.32 -39.96
C THR K 256 -61.16 51.31 -38.73
N PRO K 257 -62.34 50.68 -38.84
CA PRO K 257 -62.88 49.95 -40.00
C PRO K 257 -63.19 50.86 -41.16
N ARG K 258 -63.56 50.24 -42.27
CA ARG K 258 -63.92 50.96 -43.48
C ARG K 258 -64.65 50.05 -44.46
N PRO K 259 -65.52 50.63 -45.30
CA PRO K 259 -66.11 49.81 -46.35
C PRO K 259 -65.14 49.72 -47.56
N ASP K 260 -65.54 48.97 -48.59
CA ASP K 260 -64.78 48.87 -49.84
C ASP K 260 -64.48 50.25 -50.42
N ASP K 261 -63.34 50.39 -51.06
CA ASP K 261 -62.95 51.64 -51.69
C ASP K 261 -64.00 52.04 -52.76
N GLY K 262 -64.37 53.31 -52.78
CA GLY K 262 -65.34 53.80 -53.71
C GLY K 262 -66.78 53.42 -53.44
N SER K 263 -67.07 52.62 -52.41
CA SER K 263 -68.46 52.19 -52.12
C SER K 263 -69.32 53.27 -51.43
N ILE K 264 -68.71 54.36 -50.96
CA ILE K 264 -69.54 55.43 -50.40
C ILE K 264 -70.06 56.30 -51.51
N THR K 265 -71.36 56.15 -51.77
CA THR K 265 -72.01 56.86 -52.85
C THR K 265 -72.18 58.31 -52.42
N GLY K 266 -72.54 59.17 -53.38
CA GLY K 266 -72.82 60.57 -53.11
C GLY K 266 -71.58 61.42 -53.42
N PRO K 267 -71.66 62.72 -53.14
CA PRO K 267 -70.55 63.64 -53.33
C PRO K 267 -69.47 63.48 -52.24
N CYS K 268 -68.44 64.33 -52.29
CA CYS K 268 -67.33 64.29 -51.35
C CYS K 268 -67.73 64.28 -49.87
N GLU K 269 -68.86 64.91 -49.57
CA GLU K 269 -69.23 65.16 -48.18
C GLU K 269 -70.06 64.03 -47.54
N SER K 270 -70.41 63.01 -48.33
CA SER K 270 -71.17 61.87 -47.78
C SER K 270 -70.34 61.10 -46.75
N ASN K 271 -71.00 60.62 -45.71
CA ASN K 271 -70.37 59.88 -44.62
C ASN K 271 -69.75 58.51 -44.94
N GLY K 272 -70.45 57.44 -45.30
CA GLY K 272 -71.79 57.13 -45.00
C GLY K 272 -71.65 55.91 -44.09
N ASP K 273 -71.39 54.73 -44.63
CA ASP K 273 -71.43 53.48 -43.78
C ASP K 273 -70.09 52.99 -43.18
N LYS K 274 -70.20 52.06 -42.23
CA LYS K 274 -69.05 51.55 -41.44
C LYS K 274 -68.20 52.60 -40.68
N GLY K 275 -68.83 53.70 -40.29
CA GLY K 275 -68.14 54.87 -39.71
C GLY K 275 -67.74 54.79 -38.25
N SER K 276 -68.45 53.97 -37.48
CA SER K 276 -68.20 53.87 -36.01
C SER K 276 -66.86 53.17 -35.80
N GLY K 277 -66.07 53.67 -34.85
CA GLY K 277 -64.71 53.17 -34.65
C GLY K 277 -63.71 53.88 -35.59
N GLY K 278 -62.44 53.57 -35.43
CA GLY K 278 -61.43 54.25 -36.20
C GLY K 278 -60.03 54.01 -35.66
N ILE K 279 -59.07 54.73 -36.27
CA ILE K 279 -57.68 54.52 -36.04
C ILE K 279 -56.95 55.81 -36.42
N LYS K 280 -55.95 56.18 -35.61
CA LYS K 280 -55.02 57.24 -36.02
C LYS K 280 -54.24 56.77 -37.25
N GLY K 281 -54.18 57.63 -38.27
CA GLY K 281 -53.49 57.33 -39.54
C GLY K 281 -52.28 58.21 -39.84
N GLY K 282 -51.31 57.62 -40.52
CA GLY K 282 -50.05 58.32 -40.81
C GLY K 282 -50.28 59.27 -41.98
N PHE K 283 -49.61 60.41 -41.94
CA PHE K 283 -49.74 61.44 -42.96
C PHE K 283 -48.52 62.34 -42.90
N VAL K 284 -47.84 62.51 -44.04
CA VAL K 284 -46.67 63.37 -44.10
C VAL K 284 -46.53 64.02 -45.49
N HIS K 285 -45.97 65.22 -45.52
CA HIS K 285 -45.82 66.00 -46.79
C HIS K 285 -44.43 65.87 -47.38
N GLN K 286 -44.38 65.75 -48.70
CA GLN K 286 -43.14 65.89 -49.45
C GLN K 286 -43.24 67.21 -50.21
N ARG K 287 -42.63 68.26 -49.68
CA ARG K 287 -42.69 69.58 -50.31
C ARG K 287 -41.59 69.75 -51.38
N MET K 288 -42.03 69.96 -52.62
CA MET K 288 -41.10 70.26 -53.70
C MET K 288 -41.40 71.66 -54.23
N ALA K 289 -40.47 72.19 -55.03
CA ALA K 289 -40.58 73.55 -55.61
C ALA K 289 -41.97 73.85 -56.17
N SER K 290 -42.35 73.21 -57.27
CA SER K 290 -43.69 73.43 -57.86
C SER K 290 -44.68 72.23 -57.75
N LYS K 291 -44.56 71.45 -56.69
CA LYS K 291 -45.38 70.26 -56.54
C LYS K 291 -45.45 69.89 -55.05
N ILE K 292 -46.60 69.37 -54.62
CA ILE K 292 -46.73 68.77 -53.33
C ILE K 292 -47.09 67.29 -53.43
N GLY K 293 -46.42 66.46 -52.64
CA GLY K 293 -46.79 65.07 -52.47
C GLY K 293 -47.38 64.84 -51.09
N ARG K 294 -48.47 64.07 -51.05
CA ARG K 294 -49.05 63.73 -49.77
C ARG K 294 -49.01 62.24 -49.58
N TRP K 295 -48.29 61.80 -48.53
CA TRP K 295 -48.13 60.38 -48.21
C TRP K 295 -49.03 59.99 -47.08
N TYR K 296 -49.65 58.83 -47.19
CA TYR K 296 -50.60 58.38 -46.16
C TYR K 296 -50.43 56.90 -45.94
N SER K 297 -50.89 56.44 -44.79
CA SER K 297 -50.93 55.03 -44.53
C SER K 297 -52.30 54.56 -44.04
N ARG K 298 -52.58 53.29 -44.27
CA ARG K 298 -53.77 52.70 -43.69
C ARG K 298 -53.53 51.22 -43.53
N THR K 299 -54.29 50.59 -42.67
CA THR K 299 -54.15 49.17 -42.41
C THR K 299 -54.42 48.37 -43.65
N MET K 300 -53.81 47.18 -43.74
CA MET K 300 -54.05 46.36 -44.92
C MET K 300 -55.45 45.67 -44.88
N SER K 301 -55.86 45.27 -43.67
CA SER K 301 -57.24 44.82 -43.40
C SER K 301 -58.21 46.01 -43.31
N LYS K 302 -59.40 45.83 -43.89
CA LYS K 302 -60.48 46.82 -43.78
C LYS K 302 -61.12 46.94 -42.40
N THR K 303 -61.17 45.83 -41.66
CA THR K 303 -61.86 45.76 -40.38
C THR K 303 -60.92 45.65 -39.20
N LYS K 304 -59.75 45.02 -39.40
CA LYS K 304 -58.84 44.77 -38.28
C LYS K 304 -57.54 45.61 -38.29
N ARG K 305 -56.92 45.74 -37.12
CA ARG K 305 -55.67 46.52 -37.04
C ARG K 305 -54.49 45.68 -37.48
N MET K 306 -54.62 45.08 -38.66
CA MET K 306 -53.64 44.21 -39.21
C MET K 306 -53.08 44.80 -40.51
N GLY K 307 -51.75 44.82 -40.62
CA GLY K 307 -51.05 45.32 -41.82
C GLY K 307 -50.90 46.82 -41.89
N MET K 308 -50.02 47.31 -42.76
CA MET K 308 -50.01 48.74 -43.07
C MET K 308 -49.50 48.98 -44.48
N GLY K 309 -50.34 49.64 -45.29
CA GLY K 309 -49.95 50.07 -46.62
C GLY K 309 -49.62 51.54 -46.65
N LEU K 310 -48.74 51.90 -47.60
CA LEU K 310 -48.37 53.28 -47.85
C LEU K 310 -48.97 53.72 -49.17
N TYR K 311 -49.52 54.93 -49.16
CA TYR K 311 -50.19 55.49 -50.35
C TYR K 311 -49.69 56.91 -50.57
N VAL K 312 -49.84 57.37 -51.81
CA VAL K 312 -49.38 58.71 -52.17
C VAL K 312 -50.25 59.34 -53.24
N LYS K 313 -50.45 60.66 -53.10
CA LYS K 313 -50.93 61.48 -54.20
C LYS K 313 -50.20 62.81 -54.35
N TYR K 314 -49.90 63.21 -55.55
CA TYR K 314 -49.28 64.51 -55.84
C TYR K 314 -50.30 65.57 -56.24
N ASP K 315 -50.22 66.75 -55.61
CA ASP K 315 -51.02 67.94 -55.95
C ASP K 315 -52.52 67.68 -55.76
N GLY K 316 -53.38 68.49 -56.40
CA GLY K 316 -54.83 68.34 -56.25
C GLY K 316 -55.35 68.89 -54.89
N ASP K 317 -56.63 68.71 -54.62
CA ASP K 317 -57.24 69.14 -53.35
C ASP K 317 -57.89 67.91 -52.73
N PRO K 318 -57.35 67.40 -51.60
CA PRO K 318 -57.87 66.21 -50.94
C PRO K 318 -59.35 66.32 -50.58
N TRP K 319 -59.85 67.55 -50.51
CA TRP K 319 -61.24 67.77 -50.19
C TRP K 319 -62.16 67.45 -51.38
N THR K 320 -61.65 67.62 -52.60
CA THR K 320 -62.51 67.48 -53.82
C THR K 320 -62.07 66.33 -54.72
N ASP K 321 -60.87 65.81 -54.48
CA ASP K 321 -60.32 64.75 -55.36
C ASP K 321 -60.86 63.39 -54.98
N SER K 322 -61.69 62.80 -55.83
CA SER K 322 -62.21 61.47 -55.55
C SER K 322 -61.30 60.36 -56.12
N ASP K 323 -60.27 60.75 -56.88
CA ASP K 323 -59.36 59.76 -57.47
C ASP K 323 -58.69 58.93 -56.37
N ALA K 324 -58.44 57.67 -56.65
CA ALA K 324 -57.84 56.76 -55.66
C ALA K 324 -56.40 57.21 -55.43
N LEU K 325 -55.95 57.01 -54.20
CA LEU K 325 -54.51 57.16 -53.85
C LEU K 325 -53.71 56.02 -54.45
N ALA K 326 -52.51 56.34 -54.94
CA ALA K 326 -51.63 55.31 -55.53
C ALA K 326 -50.99 54.49 -54.40
N LEU K 327 -51.16 53.18 -54.47
CA LEU K 327 -50.54 52.28 -53.52
C LEU K 327 -49.06 52.27 -53.78
N SER K 328 -48.27 52.70 -52.80
CA SER K 328 -46.84 52.79 -52.96
C SER K 328 -46.16 51.49 -52.57
N GLY K 329 -46.58 50.89 -51.45
CA GLY K 329 -46.07 49.60 -51.00
C GLY K 329 -46.61 49.08 -49.67
N VAL K 330 -46.36 47.81 -49.39
CA VAL K 330 -46.81 47.22 -48.13
C VAL K 330 -45.69 47.34 -47.10
N MET K 331 -45.84 48.24 -46.14
CA MET K 331 -44.90 48.43 -45.03
C MET K 331 -45.05 47.37 -43.95
N VAL K 332 -46.29 46.99 -43.62
CA VAL K 332 -46.53 45.88 -42.70
C VAL K 332 -47.48 44.88 -43.34
N SER K 333 -47.10 43.59 -43.36
CA SER K 333 -47.98 42.58 -43.99
C SER K 333 -49.25 42.33 -43.18
N MET K 334 -50.17 41.58 -43.77
CA MET K 334 -51.45 41.34 -43.18
C MET K 334 -51.31 40.48 -41.95
N GLU K 335 -50.21 39.75 -41.89
CA GLU K 335 -49.91 38.85 -40.77
C GLU K 335 -49.37 39.60 -39.58
N GLU K 336 -49.03 40.87 -39.77
CA GLU K 336 -48.35 41.60 -38.68
C GLU K 336 -49.26 42.72 -38.17
N PRO K 337 -49.14 43.07 -36.89
CA PRO K 337 -50.07 44.10 -36.37
C PRO K 337 -49.77 45.51 -36.94
N GLY K 338 -50.81 46.26 -37.27
CA GLY K 338 -50.66 47.60 -37.81
C GLY K 338 -51.64 48.50 -37.12
N TRP K 339 -51.21 49.15 -36.05
CA TRP K 339 -52.13 49.95 -35.22
C TRP K 339 -51.96 51.42 -35.59
N TYR K 340 -51.73 52.29 -34.63
CA TYR K 340 -51.59 53.72 -35.00
C TYR K 340 -50.43 53.99 -35.93
N SER K 341 -50.62 54.97 -36.82
CA SER K 341 -49.54 55.47 -37.64
C SER K 341 -49.46 57.00 -37.57
N PHE K 342 -48.27 57.58 -37.85
CA PHE K 342 -48.02 58.99 -37.67
C PHE K 342 -46.96 59.47 -38.65
N GLY K 343 -46.94 60.78 -38.86
CA GLY K 343 -45.95 61.36 -39.75
C GLY K 343 -44.95 62.19 -38.95
N PHE K 344 -43.71 62.24 -39.43
CA PHE K 344 -42.74 63.16 -38.85
C PHE K 344 -41.66 63.45 -39.89
N GLU K 345 -40.92 64.53 -39.69
CA GLU K 345 -39.84 64.86 -40.62
C GLU K 345 -38.50 64.92 -39.89
N ILE K 346 -37.49 64.29 -40.51
CA ILE K 346 -36.09 64.42 -40.04
C ILE K 346 -35.37 65.60 -40.73
N LYS K 347 -34.65 66.40 -39.96
CA LYS K 347 -33.95 67.57 -40.47
CA LYS K 347 -33.95 67.58 -40.46
C LYS K 347 -32.54 67.22 -40.92
N ASP K 348 -32.32 67.19 -42.24
CA ASP K 348 -31.01 67.03 -42.86
C ASP K 348 -30.38 68.41 -42.83
N LYS K 349 -29.14 68.50 -43.32
CA LYS K 349 -28.41 69.77 -43.27
C LYS K 349 -29.16 70.97 -43.89
N LYS K 350 -29.92 70.73 -44.99
CA LYS K 350 -30.49 71.82 -45.80
C LYS K 350 -31.91 71.52 -46.27
N CYS K 351 -32.39 70.32 -45.98
CA CYS K 351 -33.72 69.88 -46.36
C CYS K 351 -34.30 68.94 -45.33
N ASP K 352 -35.57 68.61 -45.55
CA ASP K 352 -36.39 67.84 -44.62
C ASP K 352 -36.75 66.46 -45.16
N VAL K 353 -36.66 65.46 -44.32
CA VAL K 353 -36.93 64.10 -44.77
C VAL K 353 -38.24 63.61 -44.18
N PRO K 354 -39.25 63.41 -45.04
CA PRO K 354 -40.54 62.98 -44.55
C PRO K 354 -40.56 61.48 -44.24
N CYS K 355 -41.21 61.13 -43.15
CA CYS K 355 -41.23 59.74 -42.67
C CYS K 355 -42.60 59.37 -42.14
N ILE K 356 -42.88 58.08 -42.15
CA ILE K 356 -44.10 57.54 -41.52
C ILE K 356 -43.67 56.51 -40.49
N GLY K 357 -44.13 56.69 -39.27
CA GLY K 357 -43.94 55.70 -38.21
C GLY K 357 -45.21 54.87 -38.02
N ILE K 358 -45.04 53.64 -37.51
CA ILE K 358 -46.18 52.72 -37.40
C ILE K 358 -46.04 52.04 -36.08
N GLU K 359 -47.02 52.28 -35.21
CA GLU K 359 -47.19 51.51 -34.00
C GLU K 359 -47.61 50.09 -34.32
N MET K 360 -46.86 49.12 -33.80
CA MET K 360 -47.14 47.69 -34.03
C MET K 360 -47.38 47.06 -32.67
N VAL K 361 -48.66 46.99 -32.29
CA VAL K 361 -49.06 46.60 -30.96
C VAL K 361 -48.93 45.10 -30.76
N HIS K 362 -48.35 44.70 -29.64
CA HIS K 362 -48.37 43.33 -29.21
C HIS K 362 -49.62 43.12 -28.38
N ASP K 363 -50.61 42.49 -29.00
CA ASP K 363 -51.91 42.35 -28.39
C ASP K 363 -52.21 40.91 -28.12
N GLY K 364 -52.37 40.52 -26.85
CA GLY K 364 -52.81 39.17 -26.51
C GLY K 364 -53.96 39.20 -25.52
N GLY K 365 -54.73 40.29 -25.60
CA GLY K 365 -55.87 40.55 -24.71
C GLY K 365 -55.44 41.10 -23.35
N LYS K 366 -56.43 41.24 -22.48
CA LYS K 366 -56.22 41.88 -21.18
C LYS K 366 -55.51 40.99 -20.12
N GLU K 367 -55.38 39.70 -20.44
CA GLU K 367 -54.82 38.76 -19.50
C GLU K 367 -53.29 38.70 -19.53
N THR K 368 -52.67 39.53 -20.35
CA THR K 368 -51.22 39.57 -20.44
C THR K 368 -50.78 41.02 -20.64
N TRP K 369 -49.51 41.26 -20.96
CA TRP K 369 -49.04 42.62 -21.17
C TRP K 369 -49.53 43.17 -22.51
N HIS K 370 -49.60 44.49 -22.61
CA HIS K 370 -50.04 45.13 -23.83
C HIS K 370 -49.11 46.32 -24.20
N SER K 371 -48.37 46.18 -25.30
CA SER K 371 -47.34 47.19 -25.65
C SER K 371 -47.09 47.19 -27.13
N ALA K 372 -46.14 47.98 -27.58
CA ALA K 372 -45.99 48.19 -29.00
C ALA K 372 -44.55 48.38 -29.45
N ALA K 373 -44.23 47.92 -30.65
CA ALA K 373 -43.01 48.28 -31.37
C ALA K 373 -43.30 49.46 -32.26
N THR K 374 -42.24 50.12 -32.75
CA THR K 374 -42.33 51.20 -33.70
C THR K 374 -41.51 50.93 -34.97
N ALA K 375 -42.18 50.87 -36.10
CA ALA K 375 -41.46 50.72 -37.38
C ALA K 375 -41.43 52.05 -38.09
N ILE K 376 -40.32 52.37 -38.72
CA ILE K 376 -40.15 53.66 -39.36
C ILE K 376 -39.78 53.47 -40.84
N TYR K 377 -40.52 54.15 -41.71
CA TYR K 377 -40.24 54.25 -43.12
C TYR K 377 -40.01 55.70 -43.49
N CYS K 378 -39.08 55.96 -44.41
CA CYS K 378 -38.76 57.34 -44.79
C CYS K 378 -38.60 57.44 -46.29
N LEU K 379 -38.86 58.63 -46.80
CA LEU K 379 -38.48 58.92 -48.19
C LEU K 379 -36.96 58.81 -48.33
N MET K 380 -36.51 57.99 -49.29
CA MET K 380 -35.08 57.85 -49.58
C MET K 380 -34.84 57.27 -50.97
N GLY K 381 -34.17 58.02 -51.82
CA GLY K 381 -33.85 57.54 -53.16
C GLY K 381 -35.05 57.38 -54.11
N SER K 382 -34.85 56.59 -55.15
CA SER K 382 -35.81 56.36 -56.21
CA SER K 382 -35.86 56.37 -56.16
C SER K 382 -36.31 54.91 -56.14
N GLY K 383 -37.19 54.54 -57.07
CA GLY K 383 -37.69 53.14 -57.23
C GLY K 383 -39.02 52.90 -56.53
N GLN K 384 -39.22 51.67 -56.06
CA GLN K 384 -40.39 51.29 -55.23
CA GLN K 384 -40.38 51.26 -55.25
C GLN K 384 -39.96 50.75 -53.87
N LEU K 385 -40.87 50.89 -52.89
CA LEU K 385 -40.77 50.32 -51.60
C LEU K 385 -40.47 48.83 -51.65
N LEU K 386 -39.51 48.38 -50.83
CA LEU K 386 -38.96 47.05 -51.05
C LEU K 386 -39.30 46.00 -50.04
N TRP K 387 -39.45 46.36 -48.77
CA TRP K 387 -39.49 45.33 -47.71
C TRP K 387 -40.36 45.75 -46.56
N ASP K 388 -41.07 44.76 -46.05
CA ASP K 388 -41.99 44.97 -44.94
C ASP K 388 -41.27 44.84 -43.59
N THR K 389 -41.99 45.14 -42.51
CA THR K 389 -41.45 45.11 -41.16
C THR K 389 -42.25 44.13 -40.31
N VAL K 390 -41.55 43.35 -39.50
CA VAL K 390 -42.12 42.38 -38.57
C VAL K 390 -41.52 42.71 -37.23
N THR K 391 -42.27 42.51 -36.14
CA THR K 391 -41.74 42.83 -34.81
C THR K 391 -40.79 41.76 -34.30
N GLY K 392 -41.06 40.49 -34.66
CA GLY K 392 -40.26 39.34 -34.26
C GLY K 392 -40.50 38.88 -32.84
N VAL K 393 -41.58 39.41 -32.25
CA VAL K 393 -41.84 39.20 -30.81
C VAL K 393 -42.81 38.04 -30.57
N ASP K 394 -42.41 37.09 -29.74
CA ASP K 394 -43.27 35.98 -29.37
C ASP K 394 -43.71 36.32 -27.97
N MET K 395 -45.00 36.62 -27.86
CA MET K 395 -45.60 37.08 -26.58
C MET K 395 -45.66 36.03 -25.51
N ALA K 396 -45.44 34.78 -25.84
CA ALA K 396 -45.43 33.71 -24.84
C ALA K 396 -44.15 33.68 -23.98
N LEU K 397 -43.12 34.43 -24.38
CA LEU K 397 -41.75 34.32 -23.82
C LEU K 397 -41.51 35.34 -22.71
N PRO L 9 -21.57 82.18 -17.29
CA PRO L 9 -22.72 82.11 -16.38
C PRO L 9 -22.51 83.02 -15.20
N GLU L 10 -23.63 83.49 -14.62
CA GLU L 10 -23.60 84.44 -13.52
CA GLU L 10 -23.62 84.47 -13.54
C GLU L 10 -24.47 83.97 -12.36
N TRP L 11 -24.40 84.67 -11.22
CA TRP L 11 -25.16 84.27 -10.05
C TRP L 11 -26.67 84.33 -10.32
N THR L 12 -27.42 83.40 -9.73
CA THR L 12 -28.87 83.36 -9.84
CA THR L 12 -28.85 83.42 -9.87
C THR L 12 -29.54 84.07 -8.67
N TYR L 13 -30.72 84.60 -8.95
CA TYR L 13 -31.54 85.33 -7.96
C TYR L 13 -32.96 84.84 -8.16
N PRO L 14 -33.78 84.87 -7.08
CA PRO L 14 -35.20 84.60 -7.23
C PRO L 14 -35.87 85.62 -8.15
N ARG L 15 -36.76 85.18 -9.04
CA ARG L 15 -37.50 86.11 -9.94
C ARG L 15 -38.96 86.03 -9.61
N LEU L 16 -39.77 86.92 -10.23
CA LEU L 16 -41.24 86.83 -10.24
C LEU L 16 -41.64 85.43 -10.68
N SER L 17 -42.63 84.85 -10.01
CA SER L 17 -43.13 83.52 -10.39
C SER L 17 -43.87 83.59 -11.74
N CYS L 18 -43.86 82.49 -12.48
CA CYS L 18 -44.68 82.37 -13.67
C CYS L 18 -46.15 82.47 -13.35
N PRO L 19 -46.96 82.92 -14.34
CA PRO L 19 -48.39 83.06 -14.14
C PRO L 19 -48.99 81.71 -13.75
N GLY L 20 -49.95 81.76 -12.84
CA GLY L 20 -50.73 80.58 -12.53
C GLY L 20 -51.51 80.86 -11.28
N SER L 21 -52.61 80.14 -11.08
CA SER L 21 -53.38 80.32 -9.86
C SER L 21 -53.75 78.98 -9.20
N THR L 22 -53.24 77.88 -9.76
CA THR L 22 -53.51 76.53 -9.24
C THR L 22 -52.38 75.57 -9.48
N PHE L 23 -52.17 74.64 -8.54
CA PHE L 23 -51.21 73.58 -8.78
C PHE L 23 -51.89 72.40 -9.50
N GLN L 24 -51.15 71.66 -10.31
CA GLN L 24 -51.67 70.43 -10.93
C GLN L 24 -50.65 69.32 -10.77
N LYS L 25 -51.09 68.07 -10.81
CA LYS L 25 -50.22 66.90 -10.84
C LYS L 25 -49.27 67.00 -12.08
N ALA L 26 -47.97 66.94 -11.83
CA ALA L 26 -46.98 67.13 -12.89
C ALA L 26 -46.27 65.83 -13.24
N LEU L 27 -45.64 65.19 -12.27
CA LEU L 27 -44.79 64.03 -12.53
C LEU L 27 -44.76 63.10 -11.34
N LEU L 28 -44.74 61.79 -11.59
CA LEU L 28 -44.47 60.79 -10.56
C LEU L 28 -43.12 60.10 -10.83
N ILE L 29 -42.28 60.04 -9.80
CA ILE L 29 -41.10 59.19 -9.88
C ILE L 29 -41.34 58.01 -8.93
N SER L 30 -41.82 56.90 -9.48
CA SER L 30 -42.06 55.69 -8.74
C SER L 30 -41.11 54.56 -9.17
N PRO L 31 -39.85 54.54 -8.63
CA PRO L 31 -38.80 53.60 -9.04
C PRO L 31 -39.19 52.17 -8.76
N HIS L 32 -39.97 51.95 -7.71
CA HIS L 32 -40.28 50.61 -7.25
C HIS L 32 -41.37 49.89 -8.03
N ARG L 33 -41.96 50.60 -8.98
CA ARG L 33 -42.77 49.98 -10.04
C ARG L 33 -41.95 49.00 -10.87
N PHE L 34 -40.64 49.02 -10.67
CA PHE L 34 -39.74 48.14 -11.44
C PHE L 34 -38.86 47.20 -10.55
N GLY L 35 -39.12 47.14 -9.24
CA GLY L 35 -38.29 46.30 -8.38
C GLY L 35 -38.90 44.96 -8.01
N GLU L 36 -39.88 44.49 -8.80
CA GLU L 36 -40.35 43.11 -8.65
C GLU L 36 -39.20 42.08 -8.75
N THR L 37 -39.32 40.98 -8.00
CA THR L 37 -38.51 39.78 -8.25
C THR L 37 -38.56 39.27 -9.70
N LYS L 38 -39.73 39.38 -10.33
CA LYS L 38 -39.97 38.88 -11.69
C LYS L 38 -39.40 39.79 -12.81
N GLY L 39 -38.98 41.00 -12.40
CA GLY L 39 -38.42 42.02 -13.30
C GLY L 39 -36.90 41.97 -13.35
N ASN L 40 -36.30 42.94 -14.04
CA ASN L 40 -34.82 42.97 -14.26
C ASN L 40 -34.26 44.35 -13.98
N SER L 41 -34.80 45.07 -13.01
CA SER L 41 -34.32 46.42 -12.75
C SER L 41 -33.79 46.54 -11.35
N ALA L 42 -33.17 47.69 -11.05
CA ALA L 42 -32.51 47.89 -9.81
C ALA L 42 -32.77 49.27 -9.18
N PRO L 43 -34.05 49.56 -8.87
CA PRO L 43 -34.31 50.81 -8.16
C PRO L 43 -33.58 50.86 -6.83
N LEU L 44 -32.98 51.99 -6.51
CA LEU L 44 -32.32 52.15 -5.24
C LEU L 44 -33.31 52.31 -4.12
N ILE L 45 -32.95 51.78 -2.94
CA ILE L 45 -33.77 51.96 -1.75
C ILE L 45 -33.39 53.34 -1.19
N ILE L 46 -34.38 54.23 -1.05
CA ILE L 46 -34.08 55.60 -0.66
C ILE L 46 -35.07 56.14 0.36
N ARG L 47 -34.83 57.35 0.82
CA ARG L 47 -35.82 58.09 1.59
C ARG L 47 -35.34 59.52 1.60
N GLU L 48 -36.12 60.37 2.24
CA GLU L 48 -35.88 61.79 2.24
C GLU L 48 -35.53 62.33 0.84
N PRO L 49 -36.37 62.03 -0.17
CA PRO L 49 -36.10 62.70 -1.46
C PRO L 49 -36.35 64.19 -1.41
N PHE L 50 -35.60 64.94 -2.21
CA PHE L 50 -35.94 66.32 -2.57
C PHE L 50 -35.47 66.68 -3.96
N ILE L 51 -35.89 67.85 -4.45
CA ILE L 51 -35.49 68.29 -5.76
C ILE L 51 -34.92 69.70 -5.64
N ALA L 52 -33.92 70.01 -6.48
CA ALA L 52 -33.35 71.34 -6.53
C ALA L 52 -33.02 71.59 -8.01
N CYS L 53 -33.20 72.81 -8.49
CA CYS L 53 -33.07 73.10 -9.89
C CYS L 53 -32.10 74.20 -10.08
N GLY L 54 -31.27 74.11 -11.12
CA GLY L 54 -30.45 75.24 -11.58
C GLY L 54 -31.12 75.79 -12.83
N PRO L 55 -30.41 76.65 -13.58
CA PRO L 55 -30.95 77.30 -14.77
C PRO L 55 -31.21 76.40 -15.95
N LYS L 56 -30.64 75.19 -15.96
CA LYS L 56 -30.92 74.27 -17.08
C LYS L 56 -31.44 72.88 -16.71
N GLU L 57 -31.23 72.49 -15.46
CA GLU L 57 -31.52 71.12 -15.06
C GLU L 57 -32.11 71.08 -13.67
N CYS L 58 -32.98 70.10 -13.41
CA CYS L 58 -33.44 69.81 -12.05
C CYS L 58 -32.91 68.43 -11.68
N LYS L 59 -32.35 68.35 -10.47
CA LYS L 59 -31.79 67.10 -9.94
C LYS L 59 -32.69 66.57 -8.84
N HIS L 60 -33.09 65.32 -8.98
CA HIS L 60 -33.90 64.66 -7.99
C HIS L 60 -32.93 63.97 -7.03
N PHE L 61 -32.81 64.48 -5.81
CA PHE L 61 -31.94 63.94 -4.77
C PHE L 61 -32.64 62.97 -3.83
N ALA L 62 -31.85 62.11 -3.18
CA ALA L 62 -32.38 61.29 -2.07
C ALA L 62 -31.24 60.69 -1.26
N LEU L 63 -31.57 60.15 -0.09
CA LEU L 63 -30.57 59.45 0.73
C LEU L 63 -30.78 57.96 0.55
N THR L 64 -29.78 57.23 0.04
CA THR L 64 -29.93 55.81 -0.18
C THR L 64 -29.26 55.00 0.94
N HIS L 65 -29.78 53.79 1.21
CA HIS L 65 -29.13 52.80 2.07
C HIS L 65 -28.12 51.95 1.29
N TYR L 66 -27.77 52.37 0.07
CA TYR L 66 -26.75 51.66 -0.76
C TYR L 66 -27.22 50.24 -1.04
N ALA L 67 -28.49 50.10 -1.41
CA ALA L 67 -29.14 48.78 -1.50
C ALA L 67 -30.19 48.98 -2.54
N ALA L 68 -30.55 47.91 -3.25
CA ALA L 68 -31.49 47.96 -4.34
C ALA L 68 -32.65 46.99 -4.12
N GLN L 69 -33.71 47.18 -4.89
CA GLN L 69 -34.85 46.25 -4.95
C GLN L 69 -34.95 45.68 -6.36
N PRO L 70 -35.01 44.33 -6.54
CA PRO L 70 -34.79 43.32 -5.46
C PRO L 70 -33.34 43.27 -5.00
N GLY L 71 -33.14 42.89 -3.75
CA GLY L 71 -31.81 42.82 -3.13
C GLY L 71 -31.83 42.04 -1.83
N GLY L 72 -30.68 41.85 -1.19
CA GLY L 72 -30.61 41.02 0.01
C GLY L 72 -30.18 41.89 1.18
N TYR L 73 -30.25 43.22 0.97
CA TYR L 73 -29.85 44.18 1.98
C TYR L 73 -31.01 44.99 2.61
N TYR L 74 -32.19 44.37 2.71
CA TYR L 74 -33.39 45.07 3.24
C TYR L 74 -33.29 45.38 4.72
N ASN L 75 -32.67 44.49 5.49
CA ASN L 75 -32.47 44.73 6.93
C ASN L 75 -31.72 46.04 7.19
N GLY L 76 -32.30 46.90 8.04
CA GLY L 76 -31.78 48.22 8.33
C GLY L 76 -32.27 49.35 7.43
N THR L 77 -33.17 49.06 6.48
CA THR L 77 -33.60 50.14 5.58
C THR L 77 -34.67 51.05 6.20
N ARG L 78 -35.34 50.60 7.24
CA ARG L 78 -36.16 51.49 8.08
C ARG L 78 -35.39 52.51 8.96
N GLY L 79 -34.17 52.21 9.37
CA GLY L 79 -33.32 53.18 10.11
C GLY L 79 -32.93 54.33 9.21
N ASP L 80 -32.43 55.41 9.79
CA ASP L 80 -31.99 56.55 8.95
C ASP L 80 -30.47 56.70 8.92
N ARG L 81 -29.82 56.47 10.08
CA ARG L 81 -28.37 56.68 10.24
C ARG L 81 -27.61 55.37 10.22
N ASN L 82 -26.61 55.31 9.35
CA ASN L 82 -25.66 54.19 9.23
C ASN L 82 -24.49 54.65 8.36
N LYS L 83 -23.47 53.80 8.37
CA LYS L 83 -22.19 54.09 7.75
C LYS L 83 -22.21 53.90 6.26
N LEU L 84 -23.30 53.35 5.73
CA LEU L 84 -23.48 53.12 4.30
C LEU L 84 -24.30 54.21 3.60
N ARG L 85 -25.05 55.01 4.38
CA ARG L 85 -26.01 55.98 3.84
C ARG L 85 -25.40 57.08 2.95
N HIS L 86 -26.00 57.36 1.79
CA HIS L 86 -25.36 58.24 0.79
C HIS L 86 -26.36 59.20 0.13
N LEU L 87 -25.96 60.45 -0.05
CA LEU L 87 -26.66 61.38 -0.91
C LEU L 87 -26.41 61.00 -2.40
N ILE L 88 -27.51 60.68 -3.09
CA ILE L 88 -27.50 60.38 -4.51
C ILE L 88 -28.34 61.39 -5.32
N SER L 89 -28.21 61.33 -6.63
CA SER L 89 -29.09 62.16 -7.47
C SER L 89 -29.22 61.58 -8.86
N VAL L 90 -30.35 61.87 -9.51
CA VAL L 90 -30.45 61.70 -10.94
C VAL L 90 -31.02 63.01 -11.49
N LYS L 91 -30.83 63.22 -12.79
CA LYS L 91 -31.60 64.25 -13.48
C LYS L 91 -33.09 63.97 -13.27
N LEU L 92 -33.86 64.95 -12.75
CA LEU L 92 -35.33 64.77 -12.58
C LEU L 92 -35.96 64.26 -13.88
N GLY L 93 -36.70 63.17 -13.82
CA GLY L 93 -37.21 62.51 -15.02
C GLY L 93 -36.67 61.09 -15.12
N LYS L 94 -35.45 60.92 -14.61
CA LYS L 94 -34.76 59.62 -14.68
C LYS L 94 -35.11 58.77 -13.48
N ILE L 95 -35.27 57.48 -13.69
CA ILE L 95 -35.49 56.53 -12.60
C ILE L 95 -34.18 56.32 -11.77
N PRO L 96 -34.20 56.61 -10.46
CA PRO L 96 -32.98 56.47 -9.65
C PRO L 96 -32.60 54.98 -9.40
N THR L 97 -31.95 54.38 -10.39
CA THR L 97 -31.45 53.04 -10.27
C THR L 97 -29.98 53.03 -9.88
N VAL L 98 -29.45 51.85 -9.64
CA VAL L 98 -28.03 51.68 -9.35
C VAL L 98 -27.18 52.41 -10.41
N GLU L 99 -27.54 52.23 -11.68
CA GLU L 99 -26.73 52.73 -12.77
C GLU L 99 -26.98 54.17 -13.12
N ASN L 100 -28.24 54.56 -13.09
CA ASN L 100 -28.62 55.93 -13.44
C ASN L 100 -28.11 56.96 -12.40
N SER L 101 -27.94 56.51 -11.15
CA SER L 101 -27.69 57.42 -10.04
C SER L 101 -26.24 57.78 -9.99
N ILE L 102 -25.96 58.92 -9.34
CA ILE L 102 -24.60 59.30 -9.02
C ILE L 102 -24.51 59.49 -7.51
N PHE L 103 -23.46 58.93 -6.94
CA PHE L 103 -23.22 59.03 -5.51
C PHE L 103 -22.34 60.21 -5.21
N HIS L 104 -22.91 61.17 -4.47
CA HIS L 104 -22.23 62.43 -4.15
C HIS L 104 -21.31 62.33 -2.94
N MET L 105 -21.82 61.77 -1.84
CA MET L 105 -21.10 61.73 -0.62
C MET L 105 -21.86 60.94 0.41
N ALA L 106 -21.11 60.39 1.39
CA ALA L 106 -21.71 59.68 2.50
C ALA L 106 -22.55 60.70 3.26
N ALA L 107 -23.79 60.33 3.56
CA ALA L 107 -24.73 61.25 4.25
C ALA L 107 -25.99 60.52 4.74
N TRP L 108 -26.42 60.80 5.96
CA TRP L 108 -27.74 60.34 6.39
C TRP L 108 -28.67 61.50 6.69
N SER L 109 -28.27 62.69 6.20
CA SER L 109 -29.10 63.88 6.22
C SER L 109 -28.47 64.81 5.20
N GLY L 110 -29.29 65.33 4.30
CA GLY L 110 -28.75 66.03 3.14
C GLY L 110 -29.45 67.30 2.69
N SER L 111 -28.82 67.97 1.71
CA SER L 111 -29.38 69.14 1.05
C SER L 111 -28.48 69.45 -0.13
N ALA L 112 -28.98 70.29 -1.04
CA ALA L 112 -28.20 70.73 -2.20
C ALA L 112 -28.91 71.94 -2.82
N CYS L 113 -28.18 72.69 -3.66
CA CYS L 113 -28.69 73.89 -4.32
C CYS L 113 -27.70 74.41 -5.37
N HIS L 114 -28.24 75.08 -6.38
CA HIS L 114 -27.46 75.65 -7.48
C HIS L 114 -27.40 77.15 -7.35
N ASP L 115 -26.19 77.73 -7.49
CA ASP L 115 -25.99 79.18 -7.25
C ASP L 115 -25.93 80.00 -8.53
N GLY L 116 -26.17 79.35 -9.66
CA GLY L 116 -26.12 80.00 -10.97
C GLY L 116 -24.94 79.55 -11.78
N LYS L 117 -23.88 79.16 -11.06
CA LYS L 117 -22.63 78.71 -11.67
C LYS L 117 -22.31 77.24 -11.34
N GLU L 118 -22.60 76.78 -10.13
CA GLU L 118 -22.25 75.42 -9.76
C GLU L 118 -23.16 74.85 -8.69
N TRP L 119 -23.23 73.52 -8.58
CA TRP L 119 -23.96 72.81 -7.51
C TRP L 119 -23.20 72.76 -6.20
N THR L 120 -23.94 73.03 -5.11
CA THR L 120 -23.44 72.85 -3.77
C THR L 120 -24.17 71.64 -3.21
N TYR L 121 -23.41 70.66 -2.69
CA TYR L 121 -24.02 69.47 -2.08
C TYR L 121 -23.74 69.40 -0.56
N ILE L 122 -24.77 69.05 0.21
CA ILE L 122 -24.66 69.01 1.64
C ILE L 122 -25.02 67.64 2.16
N GLY L 123 -24.17 67.11 3.05
CA GLY L 123 -24.36 65.78 3.54
C GLY L 123 -23.76 65.63 4.92
N VAL L 124 -24.61 65.23 5.87
CA VAL L 124 -24.19 65.00 7.24
C VAL L 124 -24.05 63.51 7.47
N ASP L 125 -22.92 63.13 8.05
CA ASP L 125 -22.73 61.75 8.54
C ASP L 125 -21.96 61.81 9.83
N GLY L 126 -21.62 60.68 10.43
CA GLY L 126 -20.93 60.74 11.70
C GLY L 126 -21.71 60.09 12.84
N PRO L 127 -21.09 60.00 14.01
CA PRO L 127 -21.77 59.37 15.15
C PRO L 127 -22.84 60.30 15.69
N GLU L 128 -23.85 59.74 16.34
CA GLU L 128 -24.93 60.51 16.96
C GLU L 128 -24.43 61.74 17.68
N ASN L 129 -23.44 61.49 18.56
CA ASN L 129 -22.97 62.50 19.51
C ASN L 129 -21.97 63.49 18.94
N ASN L 130 -21.55 63.31 17.67
CA ASN L 130 -20.58 64.22 17.10
C ASN L 130 -20.67 64.19 15.58
N ALA L 131 -21.87 64.30 15.05
CA ALA L 131 -22.05 64.26 13.62
C ALA L 131 -21.36 65.43 12.88
N LEU L 132 -21.20 65.29 11.57
CA LEU L 132 -20.44 66.26 10.75
C LEU L 132 -21.15 66.57 9.46
N LEU L 133 -21.36 67.85 9.23
CA LEU L 133 -21.87 68.37 7.97
C LEU L 133 -20.70 68.57 6.98
N LYS L 134 -20.85 68.01 5.79
CA LYS L 134 -19.86 68.14 4.74
C LYS L 134 -20.44 68.87 3.55
N ILE L 135 -19.64 69.78 3.02
CA ILE L 135 -20.04 70.54 1.85
C ILE L 135 -19.17 70.18 0.67
N LYS L 136 -19.81 69.94 -0.46
CA LYS L 136 -19.12 69.63 -1.71
C LYS L 136 -19.54 70.71 -2.74
N TYR L 137 -18.58 71.24 -3.48
CA TYR L 137 -18.86 72.26 -4.50
C TYR L 137 -18.38 71.68 -5.82
N GLY L 138 -19.33 71.33 -6.67
CA GLY L 138 -19.10 70.55 -7.86
C GLY L 138 -18.57 69.18 -7.44
N GLU L 139 -17.31 68.92 -7.81
CA GLU L 139 -16.64 67.66 -7.51
C GLU L 139 -15.83 67.71 -6.21
N ALA L 140 -15.43 68.92 -5.81
CA ALA L 140 -14.53 69.18 -4.69
C ALA L 140 -15.27 69.25 -3.35
N TYR L 141 -14.76 68.50 -2.36
CA TYR L 141 -15.15 68.63 -0.97
C TYR L 141 -14.47 69.88 -0.47
N THR L 142 -15.24 70.82 0.09
CA THR L 142 -14.71 72.17 0.34
C THR L 142 -14.73 72.65 1.80
N ASP L 143 -15.66 72.11 2.61
CA ASP L 143 -15.84 72.60 3.97
C ASP L 143 -16.63 71.66 4.87
N THR L 144 -16.60 71.94 6.18
CA THR L 144 -17.36 71.15 7.15
C THR L 144 -17.83 72.03 8.29
N TYR L 145 -18.84 71.56 8.99
CA TYR L 145 -19.33 72.22 10.18
C TYR L 145 -19.61 71.18 11.21
N HIS L 146 -19.35 71.50 12.47
CA HIS L 146 -19.27 70.49 13.54
C HIS L 146 -20.54 70.54 14.37
N SER L 147 -20.91 69.39 14.93
CA SER L 147 -21.96 69.24 15.92
C SER L 147 -21.76 70.17 17.12
N TYR L 148 -22.77 71.01 17.40
CA TYR L 148 -22.68 72.00 18.50
C TYR L 148 -23.49 71.68 19.75
N ALA L 149 -24.53 70.85 19.59
CA ALA L 149 -25.30 70.38 20.72
C ALA L 149 -25.11 68.87 20.96
N ASN L 150 -24.24 68.23 20.17
CA ASN L 150 -23.89 66.82 20.40
C ASN L 150 -25.06 65.82 20.39
N ASN L 151 -26.08 66.09 19.57
CA ASN L 151 -27.18 65.14 19.47
C ASN L 151 -27.83 65.16 18.10
N ILE L 152 -27.22 64.41 17.18
CA ILE L 152 -27.63 64.28 15.80
C ILE L 152 -27.71 65.65 15.08
N LEU L 153 -26.55 66.22 14.76
CA LEU L 153 -26.50 67.34 13.82
C LEU L 153 -27.23 66.92 12.52
N ARG L 154 -27.97 67.83 11.91
CA ARG L 154 -29.10 67.50 11.01
C ARG L 154 -29.33 68.66 10.07
N THR L 155 -29.81 68.39 8.87
CA THR L 155 -30.08 69.50 7.97
C THR L 155 -31.50 69.44 7.36
N GLN L 156 -31.73 70.22 6.32
CA GLN L 156 -33.07 70.49 5.77
C GLN L 156 -33.82 69.31 5.15
N GLU L 157 -33.12 68.39 4.48
N GLU L 157 -33.09 68.38 4.51
CA GLU L 157 -33.80 67.33 3.73
CA GLU L 157 -33.70 67.31 3.68
C GLU L 157 -34.52 67.93 2.52
C GLU L 157 -34.49 67.92 2.52
N SER L 158 -34.10 69.13 2.13
CA SER L 158 -34.64 69.80 0.97
C SER L 158 -33.61 70.82 0.48
N ALA L 159 -33.91 71.46 -0.64
CA ALA L 159 -32.97 72.34 -1.32
C ALA L 159 -32.63 73.53 -0.48
N CYS L 160 -31.34 73.86 -0.42
CA CYS L 160 -30.91 75.14 0.15
C CYS L 160 -31.19 76.26 -0.87
N ASN L 161 -30.92 77.50 -0.48
CA ASN L 161 -31.28 78.64 -1.32
C ASN L 161 -30.15 79.63 -1.50
N CYS L 162 -29.77 79.82 -2.76
CA CYS L 162 -28.71 80.70 -3.19
C CYS L 162 -29.22 82.02 -3.83
N ILE L 163 -28.52 83.12 -3.51
CA ILE L 163 -28.83 84.42 -4.03
C ILE L 163 -27.51 85.16 -4.17
N GLY L 164 -27.20 85.57 -5.39
CA GLY L 164 -25.95 86.28 -5.67
C GLY L 164 -24.72 85.59 -5.11
N GLY L 165 -24.72 84.26 -5.10
CA GLY L 165 -23.52 83.49 -4.75
C GLY L 165 -23.57 82.91 -3.35
N ASN L 166 -24.41 83.50 -2.50
CA ASN L 166 -24.56 83.12 -1.13
C ASN L 166 -25.72 82.15 -0.98
N CYS L 167 -25.41 80.96 -0.49
CA CYS L 167 -26.42 79.93 -0.30
C CYS L 167 -26.68 79.76 1.18
N TYR L 168 -27.95 79.82 1.55
CA TYR L 168 -28.35 79.73 2.95
C TYR L 168 -28.92 78.35 3.29
N LEU L 169 -28.46 77.79 4.39
CA LEU L 169 -28.81 76.44 4.75
C LEU L 169 -29.16 76.41 6.21
N MET L 170 -30.20 75.65 6.56
CA MET L 170 -30.58 75.45 7.95
C MET L 170 -29.90 74.20 8.43
N ILE L 171 -29.37 74.31 9.63
CA ILE L 171 -28.81 73.17 10.31
C ILE L 171 -29.41 73.17 11.72
N THR L 172 -29.61 71.97 12.28
CA THR L 172 -30.04 71.87 13.67
C THR L 172 -29.31 70.76 14.38
N ASP L 173 -29.46 70.72 15.70
CA ASP L 173 -28.74 69.78 16.52
C ASP L 173 -29.48 69.79 17.86
N GLY L 174 -29.76 68.61 18.41
CA GLY L 174 -30.41 68.52 19.72
C GLY L 174 -31.32 67.31 19.84
N SER L 175 -31.81 67.05 21.05
CA SER L 175 -32.74 65.94 21.21
C SER L 175 -33.95 66.07 20.25
N ALA L 176 -34.34 64.93 19.67
CA ALA L 176 -35.60 64.80 18.94
C ALA L 176 -36.87 65.02 19.81
N SER L 177 -36.76 64.80 21.12
CA SER L 177 -37.91 65.03 22.05
C SER L 177 -37.69 66.19 23.00
N GLY L 178 -36.68 66.99 22.71
CA GLY L 178 -36.29 68.08 23.62
C GLY L 178 -35.87 69.26 22.78
N ILE L 179 -34.85 69.99 23.25
CA ILE L 179 -34.39 71.23 22.64
C ILE L 179 -33.53 70.92 21.38
N SER L 180 -33.94 71.47 20.22
CA SER L 180 -33.07 71.56 19.05
C SER L 180 -33.08 72.96 18.44
N GLU L 181 -32.18 73.79 18.93
CA GLU L 181 -31.98 75.14 18.42
C GLU L 181 -31.24 75.13 17.08
N CYS L 182 -31.93 75.51 16.02
CA CYS L 182 -31.34 75.49 14.71
C CYS L 182 -30.48 76.73 14.52
N ARG L 183 -29.57 76.62 13.57
CA ARG L 183 -28.76 77.71 13.07
C ARG L 183 -28.84 77.77 11.54
N PHE L 184 -28.35 78.86 10.98
CA PHE L 184 -28.22 78.96 9.55
C PHE L 184 -26.81 79.22 9.14
N LEU L 185 -26.39 78.50 8.10
CA LEU L 185 -25.08 78.71 7.46
C LEU L 185 -25.18 79.53 6.17
N LYS L 186 -24.29 80.50 6.03
CA LYS L 186 -24.17 81.24 4.78
C LYS L 186 -22.98 80.63 4.06
N ILE L 187 -23.24 79.99 2.92
CA ILE L 187 -22.16 79.26 2.21
C ILE L 187 -21.92 79.88 0.83
N ARG L 188 -20.65 80.18 0.54
CA ARG L 188 -20.28 80.76 -0.76
C ARG L 188 -19.21 79.90 -1.45
N GLU L 189 -19.52 79.46 -2.66
CA GLU L 189 -18.59 78.58 -3.39
C GLU L 189 -18.01 77.46 -2.48
N GLY L 190 -18.87 76.92 -1.61
CA GLY L 190 -18.62 75.63 -0.96
C GLY L 190 -18.06 75.82 0.41
N ARG L 191 -17.77 77.08 0.74
CA ARG L 191 -17.19 77.47 2.02
C ARG L 191 -18.10 78.35 2.87
N ILE L 192 -18.16 78.04 4.16
CA ILE L 192 -19.02 78.76 5.11
C ILE L 192 -18.36 80.07 5.44
N ILE L 193 -19.07 81.17 5.17
CA ILE L 193 -18.55 82.50 5.41
C ILE L 193 -19.32 83.24 6.54
N LYS L 194 -20.45 82.70 6.99
CA LYS L 194 -21.14 83.28 8.16
C LYS L 194 -22.02 82.26 8.88
N GLU L 195 -22.06 82.37 10.21
CA GLU L 195 -23.06 81.65 11.02
C GLU L 195 -24.14 82.64 11.44
N ILE L 196 -25.38 82.28 11.15
CA ILE L 196 -26.49 83.11 11.52
C ILE L 196 -27.25 82.45 12.67
N PHE L 197 -27.33 83.12 13.81
CA PHE L 197 -28.06 82.58 14.96
C PHE L 197 -29.40 83.22 15.08
N PRO L 198 -30.46 82.43 14.85
CA PRO L 198 -31.83 82.93 14.87
C PRO L 198 -32.26 83.36 16.28
N THR L 199 -33.16 84.34 16.35
CA THR L 199 -33.65 84.82 17.62
C THR L 199 -35.15 84.46 17.68
N GLY L 200 -35.73 84.54 18.89
CA GLY L 200 -37.15 84.34 19.10
C GLY L 200 -37.51 82.97 19.60
N ARG L 201 -38.51 82.39 18.96
CA ARG L 201 -39.01 81.08 19.38
C ARG L 201 -38.14 80.00 18.73
N VAL L 202 -37.14 79.53 19.48
CA VAL L 202 -36.04 78.74 18.89
C VAL L 202 -35.91 77.41 19.62
N LYS L 203 -36.80 77.18 20.58
CA LYS L 203 -36.93 75.96 21.40
C LYS L 203 -36.69 74.68 20.57
N HIS L 204 -37.43 74.52 19.48
CA HIS L 204 -37.24 73.36 18.62
C HIS L 204 -37.62 73.64 17.16
N THR L 205 -36.62 73.60 16.31
CA THR L 205 -36.80 73.79 14.87
C THR L 205 -35.94 72.77 14.08
N GLU L 206 -36.54 71.96 13.22
CA GLU L 206 -35.76 71.07 12.29
C GLU L 206 -36.40 70.92 10.97
N GLU L 207 -35.64 70.38 9.99
CA GLU L 207 -36.16 70.00 8.70
C GLU L 207 -36.90 71.16 8.06
N CYS L 208 -36.28 72.35 8.12
CA CYS L 208 -36.85 73.53 7.50
C CYS L 208 -36.97 73.39 6.01
N THR L 209 -38.14 73.69 5.51
CA THR L 209 -38.34 73.78 4.07
C THR L 209 -38.30 75.27 3.76
N CYS L 210 -37.27 75.73 3.04
CA CYS L 210 -37.07 77.16 2.81
C CYS L 210 -37.22 77.58 1.38
N GLY L 211 -37.57 78.85 1.19
CA GLY L 211 -37.71 79.45 -0.16
C GLY L 211 -37.63 80.96 -0.08
N PHE L 212 -37.41 81.60 -1.22
CA PHE L 212 -37.36 83.08 -1.29
C PHE L 212 -38.75 83.70 -1.30
N ALA L 213 -38.99 84.61 -0.35
CA ALA L 213 -40.19 85.43 -0.34
C ALA L 213 -39.95 86.64 -1.24
N SER L 214 -38.72 87.09 -1.28
CA SER L 214 -38.31 88.21 -2.13
C SER L 214 -36.80 88.12 -2.26
N ASN L 215 -36.19 89.14 -2.85
CA ASN L 215 -34.73 89.20 -2.87
C ASN L 215 -34.12 89.48 -1.48
N LYS L 216 -34.96 89.93 -0.56
N LYS L 216 -34.97 89.93 -0.57
CA LYS L 216 -34.53 90.36 0.75
CA LYS L 216 -34.56 90.36 0.76
C LYS L 216 -34.75 89.27 1.80
C LYS L 216 -34.73 89.26 1.79
N THR L 217 -35.71 88.38 1.58
CA THR L 217 -36.17 87.46 2.65
C THR L 217 -36.34 86.02 2.23
N ILE L 218 -35.84 85.12 3.08
CA ILE L 218 -36.00 83.68 2.95
C ILE L 218 -36.90 83.24 4.08
N GLU L 219 -37.89 82.43 3.76
CA GLU L 219 -38.79 81.95 4.80
C GLU L 219 -38.77 80.46 4.80
N CYS L 220 -39.03 79.89 5.96
CA CYS L 220 -39.00 78.47 6.12
C CYS L 220 -40.14 78.00 6.97
N ALA L 221 -40.73 76.89 6.53
CA ALA L 221 -41.76 76.22 7.34
C ALA L 221 -41.14 74.97 7.90
N CYS L 222 -41.07 74.89 9.23
CA CYS L 222 -40.22 73.87 9.83
C CYS L 222 -40.97 72.89 10.73
N ARG L 223 -40.21 71.94 11.28
CA ARG L 223 -40.77 70.88 12.12
C ARG L 223 -40.35 71.04 13.58
N ASP L 224 -41.32 71.10 14.51
CA ASP L 224 -41.06 70.98 15.94
C ASP L 224 -41.49 69.60 16.29
N ASN L 225 -40.55 68.79 16.78
CA ASN L 225 -40.79 67.38 16.95
C ASN L 225 -41.13 67.08 18.36
N SER L 226 -41.09 68.10 19.21
CA SER L 226 -41.38 67.95 20.62
C SER L 226 -42.60 68.67 21.16
N TYR L 227 -42.71 69.97 20.88
CA TYR L 227 -43.63 70.82 21.65
C TYR L 227 -44.99 71.20 21.01
N THR L 228 -45.03 71.28 19.69
CA THR L 228 -46.20 71.85 19.03
C THR L 228 -46.46 71.19 17.70
N ALA L 229 -47.72 71.25 17.25
CA ALA L 229 -48.12 70.87 15.91
C ALA L 229 -48.22 72.11 15.00
N LYS L 230 -48.00 73.30 15.57
CA LYS L 230 -47.77 74.48 14.73
C LYS L 230 -46.34 74.39 14.16
N ARG L 231 -46.15 74.83 12.91
CA ARG L 231 -44.84 74.84 12.30
C ARG L 231 -44.03 76.10 12.69
N PRO L 232 -42.81 75.93 13.29
CA PRO L 232 -41.93 77.09 13.42
C PRO L 232 -41.71 77.75 12.06
N PHE L 233 -41.76 79.07 12.04
CA PHE L 233 -41.70 79.76 10.78
C PHE L 233 -40.57 80.76 10.84
N VAL L 234 -39.57 80.52 10.02
CA VAL L 234 -38.37 81.33 9.98
C VAL L 234 -38.49 82.43 8.98
N LYS L 235 -38.07 83.63 9.37
CA LYS L 235 -37.91 84.75 8.43
C LYS L 235 -36.46 85.22 8.50
N LEU L 236 -35.69 84.91 7.45
CA LEU L 236 -34.28 85.24 7.34
C LEU L 236 -34.08 86.40 6.39
N ASN L 237 -33.58 87.52 6.89
CA ASN L 237 -33.19 88.64 6.03
C ASN L 237 -31.76 88.41 5.50
N VAL L 238 -31.61 88.25 4.18
CA VAL L 238 -30.32 87.95 3.55
C VAL L 238 -29.39 89.16 3.36
N GLU L 239 -29.92 90.35 3.58
CA GLU L 239 -29.16 91.57 3.43
C GLU L 239 -28.45 91.89 4.73
N THR L 240 -29.19 91.76 5.84
CA THR L 240 -28.62 91.97 7.16
C THR L 240 -28.09 90.67 7.78
N ASP L 241 -28.43 89.55 7.17
CA ASP L 241 -28.03 88.22 7.68
C ASP L 241 -28.54 88.02 9.11
N THR L 242 -29.81 88.33 9.32
CA THR L 242 -30.47 88.09 10.61
C THR L 242 -31.66 87.17 10.43
N ALA L 243 -31.84 86.21 11.34
CA ALA L 243 -33.03 85.37 11.30
C ALA L 243 -33.88 85.44 12.57
N GLU L 244 -35.21 85.30 12.39
CA GLU L 244 -36.18 85.30 13.50
C GLU L 244 -37.18 84.15 13.33
N ILE L 245 -37.56 83.51 14.42
CA ILE L 245 -38.47 82.37 14.35
C ILE L 245 -39.68 82.57 15.30
N ARG L 246 -40.90 82.44 14.77
CA ARG L 246 -42.10 82.35 15.61
CA ARG L 246 -42.09 82.34 15.61
C ARG L 246 -42.95 81.22 15.02
N LEU L 247 -43.87 80.68 15.82
CA LEU L 247 -44.75 79.63 15.32
C LEU L 247 -45.74 80.22 14.34
N MET L 248 -46.08 79.47 13.30
CA MET L 248 -47.27 79.79 12.47
C MET L 248 -48.54 79.92 13.32
N CYS L 249 -49.34 80.96 13.07
CA CYS L 249 -50.54 81.25 13.88
C CYS L 249 -51.76 80.52 13.38
N THR L 250 -51.70 80.10 12.11
CA THR L 250 -52.88 79.61 11.41
C THR L 250 -53.49 78.44 12.17
N GLU L 251 -54.81 78.31 12.03
CA GLU L 251 -55.49 77.26 12.76
C GLU L 251 -55.35 75.97 12.02
N THR L 252 -54.90 76.06 10.77
CA THR L 252 -54.67 74.90 9.93
C THR L 252 -53.28 74.34 10.24
N TYR L 253 -53.16 73.62 11.37
CA TYR L 253 -51.83 73.12 11.82
C TYR L 253 -51.22 72.13 10.78
N LEU L 254 -49.99 72.37 10.36
CA LEU L 254 -49.45 71.59 9.20
C LEU L 254 -48.64 70.34 9.58
N ASP L 255 -48.38 70.19 10.87
CA ASP L 255 -47.61 69.07 11.36
C ASP L 255 -48.44 67.79 11.43
N THR L 256 -47.76 66.65 11.53
CA THR L 256 -48.35 65.35 11.84
C THR L 256 -47.48 64.60 12.85
N PRO L 257 -48.04 64.20 14.01
CA PRO L 257 -49.42 64.40 14.48
C PRO L 257 -49.83 65.84 14.75
N ARG L 258 -51.15 66.01 14.89
CA ARG L 258 -51.78 67.32 15.16
C ARG L 258 -53.17 67.15 15.80
N PRO L 259 -53.61 68.11 16.64
CA PRO L 259 -55.00 68.07 17.07
C PRO L 259 -55.90 68.64 15.97
N ASP L 260 -57.19 68.83 16.27
CA ASP L 260 -58.16 69.36 15.32
C ASP L 260 -57.80 70.80 14.98
N ASP L 261 -58.13 71.26 13.77
CA ASP L 261 -57.86 72.64 13.38
C ASP L 261 -58.51 73.62 14.37
N GLY L 262 -57.74 74.60 14.83
CA GLY L 262 -58.19 75.66 15.72
C GLY L 262 -58.43 75.29 17.18
N SER L 263 -58.16 74.04 17.54
CA SER L 263 -58.42 73.59 18.92
C SER L 263 -57.30 74.05 19.86
N ILE L 264 -56.20 74.55 19.34
CA ILE L 264 -55.21 75.12 20.26
C ILE L 264 -55.62 76.51 20.68
N THR L 265 -56.11 76.60 21.92
CA THR L 265 -56.61 77.84 22.51
C THR L 265 -55.44 78.77 22.78
N GLY L 266 -55.72 80.05 23.09
CA GLY L 266 -54.63 81.00 23.39
C GLY L 266 -54.21 81.79 22.16
N PRO L 267 -53.19 82.65 22.32
CA PRO L 267 -52.73 83.51 21.26
C PRO L 267 -51.83 82.71 20.30
N CYS L 268 -51.25 83.40 19.34
CA CYS L 268 -50.42 82.76 18.29
C CYS L 268 -49.31 81.89 18.85
N GLU L 269 -48.72 82.34 19.95
CA GLU L 269 -47.54 81.66 20.53
C GLU L 269 -47.84 80.37 21.34
N SER L 270 -49.11 80.05 21.55
CA SER L 270 -49.46 78.83 22.30
C SER L 270 -49.12 77.55 21.55
N ASN L 271 -48.52 76.59 22.28
CA ASN L 271 -48.01 75.31 21.73
C ASN L 271 -49.03 74.33 21.11
N GLY L 272 -50.00 73.75 21.80
CA GLY L 272 -50.06 73.39 23.18
C GLY L 272 -50.02 71.86 23.14
N ASP L 273 -51.05 71.18 22.60
CA ASP L 273 -51.17 69.69 22.71
C ASP L 273 -50.79 68.91 21.41
N LYS L 274 -50.55 67.60 21.58
CA LYS L 274 -50.18 66.69 20.48
C LYS L 274 -48.93 67.12 19.72
N GLY L 275 -48.04 67.78 20.45
CA GLY L 275 -46.83 68.37 19.90
C GLY L 275 -45.70 67.37 19.62
N SER L 276 -45.67 66.28 20.38
CA SER L 276 -44.53 65.36 20.26
C SER L 276 -44.67 64.58 18.96
N GLY L 277 -43.56 64.38 18.26
CA GLY L 277 -43.67 63.82 16.91
C GLY L 277 -43.83 64.93 15.88
N GLY L 278 -43.78 64.58 14.60
CA GLY L 278 -43.71 65.59 13.58
C GLY L 278 -43.30 65.02 12.23
N ILE L 279 -43.31 65.91 11.22
CA ILE L 279 -43.10 65.52 9.88
C ILE L 279 -42.55 66.76 9.17
N LYS L 280 -41.64 66.56 8.20
CA LYS L 280 -41.24 67.67 7.33
C LYS L 280 -42.37 68.00 6.36
N GLY L 281 -42.64 69.30 6.19
CA GLY L 281 -43.75 69.73 5.35
C GLY L 281 -43.41 70.62 4.18
N GLY L 282 -44.21 70.54 3.12
CA GLY L 282 -43.92 71.27 1.91
C GLY L 282 -44.31 72.73 2.07
N PHE L 283 -43.61 73.59 1.34
CA PHE L 283 -43.75 75.03 1.48
C PHE L 283 -42.97 75.64 0.34
N VAL L 284 -43.68 76.42 -0.49
CA VAL L 284 -43.10 77.13 -1.61
C VAL L 284 -43.83 78.47 -1.88
N HIS L 285 -43.09 79.42 -2.43
CA HIS L 285 -43.55 80.78 -2.58
C HIS L 285 -44.00 81.04 -4.01
N GLN L 286 -45.14 81.70 -4.15
CA GLN L 286 -45.51 82.24 -5.45
C GLN L 286 -45.32 83.74 -5.40
N ARG L 287 -44.26 84.25 -6.01
CA ARG L 287 -44.00 85.69 -5.97
C ARG L 287 -44.66 86.48 -7.13
N MET L 288 -45.56 87.41 -6.78
CA MET L 288 -46.16 88.28 -7.78
C MET L 288 -45.82 89.73 -7.48
N ALA L 289 -46.01 90.61 -8.47
CA ALA L 289 -45.65 92.02 -8.34
C ALA L 289 -46.06 92.62 -6.98
N SER L 290 -47.36 92.76 -6.72
CA SER L 290 -47.78 93.34 -5.42
C SER L 290 -48.58 92.36 -4.52
N LYS L 291 -48.27 91.07 -4.62
CA LYS L 291 -48.93 90.02 -3.84
C LYS L 291 -47.97 88.81 -3.66
N ILE L 292 -47.99 88.21 -2.49
CA ILE L 292 -47.30 86.95 -2.29
C ILE L 292 -48.26 85.79 -1.98
N GLY L 293 -48.06 84.65 -2.64
CA GLY L 293 -48.75 83.40 -2.28
C GLY L 293 -47.85 82.46 -1.49
N ARG L 294 -48.39 81.87 -0.42
CA ARG L 294 -47.63 80.89 0.30
C ARG L 294 -48.38 79.57 0.20
N TRP L 295 -47.74 78.58 -0.44
CA TRP L 295 -48.33 77.26 -0.65
C TRP L 295 -47.79 76.28 0.38
N TYR L 296 -48.64 75.45 0.97
CA TYR L 296 -48.18 74.49 1.98
C TYR L 296 -48.86 73.17 1.71
N SER L 297 -48.33 72.12 2.30
CA SER L 297 -48.95 70.83 2.28
C SER L 297 -48.88 70.18 3.64
N ARG L 298 -49.90 69.37 3.91
CA ARG L 298 -49.92 68.55 5.09
C ARG L 298 -50.65 67.24 4.79
N THR L 299 -50.42 66.23 5.60
CA THR L 299 -51.06 64.93 5.44
C THR L 299 -52.58 65.06 5.55
N MET L 300 -53.28 64.17 4.86
CA MET L 300 -54.73 64.13 5.01
C MET L 300 -55.19 63.56 6.38
N SER L 301 -54.43 62.59 6.91
CA SER L 301 -54.65 62.11 8.28
C SER L 301 -54.03 63.02 9.35
N LYS L 302 -54.72 63.20 10.49
CA LYS L 302 -54.15 64.03 11.55
C LYS L 302 -53.04 63.32 12.33
N THR L 303 -53.15 62.00 12.45
CA THR L 303 -52.24 61.20 13.25
C THR L 303 -51.20 60.43 12.38
N LYS L 304 -51.63 59.93 11.22
CA LYS L 304 -50.79 59.05 10.40
C LYS L 304 -50.16 59.75 9.19
N ARG L 305 -49.14 59.10 8.62
CA ARG L 305 -48.45 59.66 7.48
C ARG L 305 -49.18 59.22 6.22
N MET L 306 -50.46 59.54 6.18
CA MET L 306 -51.37 59.10 5.10
C MET L 306 -52.00 60.30 4.36
N GLY L 307 -51.89 60.31 3.04
CA GLY L 307 -52.46 61.37 2.19
C GLY L 307 -51.62 62.63 2.20
N MET L 308 -51.99 63.56 1.34
CA MET L 308 -51.36 64.89 1.32
C MET L 308 -52.28 65.92 0.66
N GLY L 309 -52.54 67.00 1.37
CA GLY L 309 -53.37 68.05 0.86
C GLY L 309 -52.54 69.29 0.63
N LEU L 310 -53.02 70.12 -0.28
CA LEU L 310 -52.35 71.34 -0.65
C LEU L 310 -53.17 72.51 -0.17
N TYR L 311 -52.50 73.45 0.47
CA TYR L 311 -53.15 74.64 1.03
C TYR L 311 -52.44 75.90 0.57
N VAL L 312 -53.09 77.03 0.78
CA VAL L 312 -52.58 78.30 0.25
C VAL L 312 -53.19 79.46 1.04
N LYS L 313 -52.34 80.45 1.33
CA LYS L 313 -52.78 81.76 1.73
C LYS L 313 -51.97 82.87 1.03
N TYR L 314 -52.65 83.91 0.55
CA TYR L 314 -52.00 85.06 -0.06
C TYR L 314 -51.78 86.19 0.93
N ASP L 315 -50.61 86.83 0.86
CA ASP L 315 -50.25 88.01 1.71
C ASP L 315 -50.38 87.73 3.23
N GLY L 316 -50.49 88.77 4.05
CA GLY L 316 -50.64 88.57 5.49
C GLY L 316 -49.30 88.26 6.17
N ASP L 317 -49.36 87.90 7.44
CA ASP L 317 -48.15 87.51 8.18
C ASP L 317 -48.43 86.18 8.84
N PRO L 318 -47.77 85.11 8.38
CA PRO L 318 -47.95 83.77 8.96
C PRO L 318 -47.76 83.66 10.48
N TRP L 319 -47.06 84.62 11.08
CA TRP L 319 -46.85 84.65 12.53
C TRP L 319 -48.07 85.16 13.31
N THR L 320 -48.90 86.01 12.70
CA THR L 320 -50.03 86.66 13.41
C THR L 320 -51.39 86.30 12.79
N ASP L 321 -51.38 85.76 11.59
CA ASP L 321 -52.64 85.37 10.93
C ASP L 321 -53.19 84.07 11.49
N SER L 322 -54.30 84.16 12.22
CA SER L 322 -54.93 82.96 12.76
C SER L 322 -55.95 82.35 11.79
N ASP L 323 -56.16 83.02 10.66
CA ASP L 323 -57.12 82.59 9.67
C ASP L 323 -56.78 81.18 9.22
N ALA L 324 -57.76 80.43 8.73
CA ALA L 324 -57.50 79.10 8.18
C ALA L 324 -56.87 79.18 6.78
N LEU L 325 -55.91 78.27 6.51
CA LEU L 325 -55.37 78.12 5.13
C LEU L 325 -56.44 77.56 4.17
N ALA L 326 -56.51 78.09 2.94
CA ALA L 326 -57.54 77.62 2.01
C ALA L 326 -57.08 76.26 1.48
N LEU L 327 -57.96 75.27 1.54
CA LEU L 327 -57.66 73.97 0.99
C LEU L 327 -57.79 74.01 -0.54
N SER L 328 -56.67 73.75 -1.22
CA SER L 328 -56.59 73.89 -2.65
C SER L 328 -56.99 72.62 -3.40
N GLY L 329 -56.45 71.49 -2.96
CA GLY L 329 -56.88 70.18 -3.46
C GLY L 329 -56.19 69.05 -2.73
N VAL L 330 -56.60 67.82 -3.02
CA VAL L 330 -55.97 66.64 -2.42
C VAL L 330 -54.94 66.06 -3.40
N MET L 331 -53.65 66.17 -3.06
CA MET L 331 -52.61 65.66 -3.94
C MET L 331 -52.42 64.15 -3.80
N VAL L 332 -52.63 63.64 -2.60
CA VAL L 332 -52.50 62.22 -2.31
C VAL L 332 -53.65 61.83 -1.40
N SER L 333 -54.40 60.80 -1.81
CA SER L 333 -55.59 60.41 -1.02
C SER L 333 -55.21 59.76 0.30
N MET L 334 -56.17 59.72 1.22
CA MET L 334 -56.06 59.06 2.52
C MET L 334 -55.65 57.58 2.46
N GLU L 335 -55.89 56.93 1.32
CA GLU L 335 -55.49 55.54 1.11
C GLU L 335 -54.04 55.40 0.71
N GLU L 336 -53.39 56.50 0.30
CA GLU L 336 -52.00 56.45 -0.17
C GLU L 336 -51.03 57.10 0.83
N PRO L 337 -49.79 56.57 0.88
CA PRO L 337 -48.85 57.12 1.87
C PRO L 337 -48.43 58.57 1.54
N GLY L 338 -48.37 59.42 2.57
CA GLY L 338 -47.95 60.81 2.40
C GLY L 338 -46.94 61.15 3.47
N TRP L 339 -45.66 61.05 3.13
CA TRP L 339 -44.63 61.25 4.18
C TRP L 339 -44.04 62.66 4.08
N TYR L 340 -42.73 62.79 3.99
CA TYR L 340 -42.12 64.12 3.89
C TYR L 340 -42.61 64.85 2.67
N SER L 341 -42.74 66.17 2.79
CA SER L 341 -43.00 67.02 1.60
C SER L 341 -42.10 68.24 1.59
N PHE L 342 -41.79 68.74 0.38
CA PHE L 342 -40.81 69.80 0.18
C PHE L 342 -41.22 70.76 -0.93
N GLY L 343 -40.59 71.93 -0.94
CA GLY L 343 -40.80 72.91 -1.99
C GLY L 343 -39.56 73.09 -2.86
N PHE L 344 -39.78 73.43 -4.12
CA PHE L 344 -38.72 73.76 -5.03
C PHE L 344 -39.25 74.57 -6.18
N GLU L 345 -38.35 75.26 -6.86
CA GLU L 345 -38.77 76.09 -7.99
C GLU L 345 -38.07 75.69 -9.26
N ILE L 346 -38.82 75.61 -10.36
CA ILE L 346 -38.21 75.28 -11.64
C ILE L 346 -37.98 76.60 -12.37
N LYS L 347 -36.79 76.77 -12.96
CA LYS L 347 -36.45 77.99 -13.68
CA LYS L 347 -36.42 77.98 -13.67
C LYS L 347 -36.88 77.94 -15.16
N ASP L 348 -37.90 78.73 -15.50
CA ASP L 348 -38.37 78.89 -16.88
C ASP L 348 -37.51 80.02 -17.42
N LYS L 349 -37.65 80.29 -18.69
CA LYS L 349 -36.79 81.26 -19.35
C LYS L 349 -36.70 82.58 -18.59
N LYS L 350 -37.83 83.13 -18.12
CA LYS L 350 -37.90 84.52 -17.58
C LYS L 350 -38.54 84.58 -16.21
N CYS L 351 -39.03 83.44 -15.73
CA CYS L 351 -39.78 83.37 -14.46
C CYS L 351 -39.57 82.02 -13.76
N ASP L 352 -39.98 81.95 -12.49
CA ASP L 352 -39.82 80.73 -11.66
C ASP L 352 -41.12 79.99 -11.36
N VAL L 353 -41.08 78.67 -11.42
CA VAL L 353 -42.29 77.89 -11.25
C VAL L 353 -42.22 77.18 -9.94
N PRO L 354 -43.09 77.57 -8.98
CA PRO L 354 -43.16 76.91 -7.69
C PRO L 354 -43.82 75.52 -7.79
N CYS L 355 -43.23 74.59 -7.07
CA CYS L 355 -43.59 73.17 -7.07
C CYS L 355 -43.50 72.58 -5.66
N ILE L 356 -44.39 71.65 -5.35
CA ILE L 356 -44.32 70.88 -4.10
C ILE L 356 -44.15 69.44 -4.44
N GLY L 357 -43.18 68.81 -3.80
CA GLY L 357 -42.91 67.41 -4.00
C GLY L 357 -43.24 66.63 -2.76
N ILE L 358 -43.66 65.39 -2.98
CA ILE L 358 -44.17 64.57 -1.87
C ILE L 358 -43.46 63.22 -1.89
N GLU L 359 -42.80 62.90 -0.79
CA GLU L 359 -42.25 61.58 -0.56
C GLU L 359 -43.37 60.61 -0.20
N MET L 360 -43.49 59.53 -0.96
CA MET L 360 -44.54 58.53 -0.75
C MET L 360 -43.90 57.22 -0.38
N VAL L 361 -43.80 56.96 0.92
CA VAL L 361 -42.96 55.87 1.42
C VAL L 361 -43.67 54.55 1.34
N HIS L 362 -43.02 53.55 0.76
CA HIS L 362 -43.52 52.19 0.81
C HIS L 362 -43.12 51.56 2.15
N ASP L 363 -44.03 51.55 3.11
CA ASP L 363 -43.75 51.06 4.45
C ASP L 363 -44.46 49.73 4.70
N GLY L 364 -43.69 48.67 4.94
CA GLY L 364 -44.29 47.37 5.26
C GLY L 364 -43.61 46.81 6.49
N GLY L 365 -43.01 47.70 7.28
CA GLY L 365 -42.28 47.33 8.49
C GLY L 365 -40.81 46.98 8.31
N LYS L 366 -40.16 46.66 9.42
CA LYS L 366 -38.72 46.39 9.39
C LYS L 366 -38.32 45.05 8.73
N GLU L 367 -39.31 44.18 8.46
CA GLU L 367 -39.06 42.83 7.93
C GLU L 367 -39.05 42.79 6.40
N THR L 368 -39.02 43.97 5.78
CA THR L 368 -38.93 44.04 4.32
C THR L 368 -38.25 45.37 3.96
N TRP L 369 -38.18 45.68 2.66
CA TRP L 369 -37.56 46.91 2.21
C TRP L 369 -38.39 48.15 2.53
N HIS L 370 -37.70 49.29 2.64
CA HIS L 370 -38.29 50.54 3.03
C HIS L 370 -37.78 51.65 2.09
N SER L 371 -38.65 52.15 1.24
CA SER L 371 -38.18 53.13 0.28
C SER L 371 -39.31 54.05 -0.11
N ALA L 372 -39.09 54.92 -1.07
CA ALA L 372 -40.11 55.93 -1.34
C ALA L 372 -40.21 56.22 -2.82
N ALA L 373 -41.42 56.55 -3.29
CA ALA L 373 -41.68 57.26 -4.54
C ALA L 373 -41.62 58.77 -4.32
N THR L 374 -41.54 59.53 -5.41
CA THR L 374 -41.66 61.00 -5.33
C THR L 374 -42.77 61.56 -6.28
N ALA L 375 -43.74 62.25 -5.73
CA ALA L 375 -44.83 62.87 -6.54
C ALA L 375 -44.61 64.37 -6.64
N ILE L 376 -44.90 64.96 -7.80
CA ILE L 376 -44.57 66.36 -8.00
C ILE L 376 -45.79 67.10 -8.47
N TYR L 377 -46.10 68.21 -7.76
CA TYR L 377 -47.15 69.12 -8.16
C TYR L 377 -46.54 70.48 -8.44
N CYS L 378 -47.09 71.16 -9.45
CA CYS L 378 -46.55 72.48 -9.83
C CYS L 378 -47.64 73.46 -10.17
N LEU L 379 -47.40 74.71 -9.82
CA LEU L 379 -48.24 75.78 -10.32
C LEU L 379 -48.29 75.77 -11.86
N MET L 380 -49.48 75.54 -12.40
CA MET L 380 -49.68 75.62 -13.81
C MET L 380 -51.11 75.99 -14.13
N GLY L 381 -51.27 77.11 -14.83
CA GLY L 381 -52.54 77.51 -15.39
C GLY L 381 -53.50 77.92 -14.29
N SER L 382 -54.76 77.97 -14.68
CA SER L 382 -55.84 78.41 -13.80
CA SER L 382 -55.87 78.41 -13.83
C SER L 382 -56.80 77.26 -13.44
N GLY L 383 -57.84 77.54 -12.66
CA GLY L 383 -58.82 76.50 -12.28
C GLY L 383 -58.58 75.98 -10.87
N GLN L 384 -58.87 74.68 -10.68
CA GLN L 384 -58.62 73.97 -9.43
CA GLN L 384 -58.61 73.98 -9.42
C GLN L 384 -57.81 72.70 -9.66
N LEU L 385 -57.10 72.25 -8.62
CA LEU L 385 -56.34 71.01 -8.63
C LEU L 385 -57.19 69.78 -9.01
N LEU L 386 -56.72 68.97 -9.98
CA LEU L 386 -57.61 67.98 -10.61
C LEU L 386 -57.49 66.54 -10.18
N TRP L 387 -56.26 66.06 -9.95
CA TRP L 387 -56.07 64.63 -9.81
C TRP L 387 -54.98 64.28 -8.78
N ASP L 388 -55.19 63.16 -8.12
CA ASP L 388 -54.35 62.72 -7.05
C ASP L 388 -53.28 61.77 -7.60
N THR L 389 -52.32 61.42 -6.75
CA THR L 389 -51.20 60.56 -7.18
C THR L 389 -51.15 59.28 -6.35
N VAL L 390 -51.01 58.15 -7.03
CA VAL L 390 -50.86 56.85 -6.41
C VAL L 390 -49.53 56.30 -6.85
N THR L 391 -48.85 55.54 -5.99
CA THR L 391 -47.57 54.95 -6.37
C THR L 391 -47.73 53.79 -7.35
N GLY L 392 -48.83 53.07 -7.26
CA GLY L 392 -49.04 51.89 -8.06
C GLY L 392 -48.27 50.65 -7.61
N VAL L 393 -47.52 50.75 -6.50
CA VAL L 393 -46.57 49.70 -6.10
C VAL L 393 -47.19 48.68 -5.17
N ASP L 394 -47.11 47.40 -5.52
CA ASP L 394 -47.50 46.32 -4.62
C ASP L 394 -46.19 45.75 -3.98
N MET L 395 -46.10 45.82 -2.66
CA MET L 395 -44.84 45.54 -1.92
C MET L 395 -44.57 44.07 -1.74
N ALA L 396 -45.57 43.23 -2.01
CA ALA L 396 -45.44 41.78 -1.99
C ALA L 396 -44.68 41.23 -3.21
N LEU L 397 -44.41 42.08 -4.21
CA LEU L 397 -43.86 41.63 -5.51
C LEU L 397 -42.36 41.80 -5.58
N PRO M 9 10.60 -71.92 34.18
CA PRO M 9 10.48 -70.72 35.03
C PRO M 9 9.11 -70.55 35.69
N GLU M 10 9.12 -69.91 36.84
CA GLU M 10 7.93 -69.78 37.67
CA GLU M 10 7.95 -69.81 37.71
C GLU M 10 7.78 -68.35 38.14
N TRP M 11 6.62 -68.02 38.71
CA TRP M 11 6.37 -66.68 39.22
C TRP M 11 7.35 -66.29 40.32
N THR M 12 7.78 -65.04 40.31
CA THR M 12 8.60 -64.48 41.37
CA THR M 12 8.60 -64.55 41.40
C THR M 12 7.76 -63.89 42.51
N TYR M 13 8.34 -63.83 43.70
CA TYR M 13 7.71 -63.22 44.86
C TYR M 13 8.84 -62.40 45.49
N PRO M 14 8.50 -61.40 46.32
CA PRO M 14 9.49 -60.67 47.13
C PRO M 14 10.02 -61.61 48.18
N ARG M 15 11.32 -61.53 48.50
CA ARG M 15 11.93 -62.40 49.51
C ARG M 15 12.55 -61.56 50.61
N LEU M 16 13.04 -62.22 51.66
CA LEU M 16 13.82 -61.51 52.69
C LEU M 16 14.97 -60.76 52.01
N SER M 17 15.27 -59.53 52.46
CA SER M 17 16.41 -58.81 51.87
C SER M 17 17.74 -59.43 52.30
N CYS M 18 18.76 -59.25 51.44
CA CYS M 18 20.11 -59.62 51.73
C CYS M 18 20.61 -58.85 52.94
N PRO M 19 21.57 -59.43 53.69
CA PRO M 19 22.12 -58.75 54.85
C PRO M 19 22.81 -57.42 54.47
N GLY M 20 22.81 -56.48 55.39
CA GLY M 20 23.42 -55.18 55.17
C GLY M 20 22.73 -54.22 56.11
N SER M 21 23.39 -53.08 56.38
CA SER M 21 22.84 -52.01 57.25
C SER M 21 23.16 -50.61 56.68
N THR M 22 23.70 -50.58 55.46
CA THR M 22 24.04 -49.31 54.86
C THR M 22 23.97 -49.41 53.34
N PHE M 23 23.60 -48.31 52.70
CA PHE M 23 23.79 -48.22 51.23
C PHE M 23 25.18 -47.73 50.88
N GLN M 24 25.67 -48.12 49.71
CA GLN M 24 26.94 -47.59 49.20
C GLN M 24 26.78 -47.20 47.74
N LYS M 25 27.65 -46.35 47.25
CA LYS M 25 27.70 -46.03 45.82
C LYS M 25 28.00 -47.31 45.02
N ALA M 26 27.11 -47.66 44.10
CA ALA M 26 27.28 -48.88 43.30
C ALA M 26 27.77 -48.65 41.87
N LEU M 27 27.06 -47.82 41.11
CA LEU M 27 27.35 -47.72 39.68
C LEU M 27 26.78 -46.42 39.14
N LEU M 28 27.53 -45.74 38.27
CA LEU M 28 27.06 -44.54 37.60
C LEU M 28 26.87 -44.87 36.13
N ILE M 29 25.69 -44.57 35.59
CA ILE M 29 25.50 -44.61 34.17
C ILE M 29 25.44 -43.17 33.67
N SER M 30 26.56 -42.68 33.16
CA SER M 30 26.66 -41.33 32.62
C SER M 30 26.98 -41.35 31.10
N PRO M 31 25.95 -41.51 30.26
CA PRO M 31 26.14 -41.67 28.83
C PRO M 31 26.71 -40.43 28.15
N HIS M 32 26.43 -39.25 28.72
CA HIS M 32 26.86 -37.98 28.13
C HIS M 32 28.27 -37.60 28.47
N ARG M 33 28.96 -38.46 29.22
CA ARG M 33 30.44 -38.42 29.22
C ARG M 33 31.05 -38.73 27.83
N PHE M 34 30.21 -39.15 26.87
CA PHE M 34 30.71 -39.53 25.50
C PHE M 34 29.99 -38.74 24.41
N GLY M 35 29.20 -37.73 24.82
CA GLY M 35 28.49 -36.90 23.86
C GLY M 35 29.19 -35.65 23.28
N GLU M 36 30.52 -35.57 23.37
CA GLU M 36 31.22 -34.40 22.90
C GLU M 36 31.12 -34.25 21.39
N THR M 37 31.18 -33.02 20.91
CA THR M 37 31.37 -32.81 19.47
C THR M 37 32.67 -33.47 18.99
N LYS M 38 33.68 -33.49 19.87
CA LYS M 38 35.00 -34.05 19.53
C LYS M 38 34.98 -35.57 19.55
N GLY M 39 33.95 -36.14 20.14
CA GLY M 39 33.90 -37.62 20.30
C GLY M 39 33.15 -38.29 19.17
N ASN M 40 32.94 -39.61 19.27
CA ASN M 40 32.36 -40.40 18.18
C ASN M 40 31.25 -41.31 18.68
N SER M 41 30.55 -40.85 19.71
CA SER M 41 29.54 -41.67 20.33
C SER M 41 28.16 -41.08 20.15
N ALA M 42 27.16 -41.92 20.36
CA ALA M 42 25.79 -41.46 20.26
C ALA M 42 24.93 -41.77 21.48
N PRO M 43 25.24 -41.16 22.64
CA PRO M 43 24.30 -41.33 23.77
C PRO M 43 22.90 -40.75 23.45
N LEU M 44 21.85 -41.46 23.85
CA LEU M 44 20.48 -40.99 23.57
C LEU M 44 20.08 -39.93 24.60
N ILE M 45 19.33 -38.94 24.14
CA ILE M 45 18.80 -37.93 25.02
C ILE M 45 17.58 -38.55 25.74
N ILE M 46 17.68 -38.66 27.06
CA ILE M 46 16.65 -39.37 27.81
C ILE M 46 16.19 -38.56 29.00
N ARG M 47 15.13 -39.04 29.65
CA ARG M 47 14.74 -38.54 30.97
C ARG M 47 13.92 -39.60 31.69
N GLU M 48 13.55 -39.35 32.95
CA GLU M 48 12.78 -40.32 33.76
C GLU M 48 13.34 -41.74 33.64
N PRO M 49 14.65 -41.93 33.97
CA PRO M 49 15.19 -43.27 33.88
C PRO M 49 14.74 -44.08 35.08
N PHE M 50 14.70 -45.40 34.95
CA PHE M 50 14.45 -46.27 36.07
C PHE M 50 15.00 -47.60 35.71
N ILE M 51 15.10 -48.47 36.70
CA ILE M 51 15.68 -49.82 36.58
C ILE M 51 14.71 -50.84 37.17
N ALA M 52 14.61 -51.99 36.54
CA ALA M 52 13.75 -53.08 37.02
C ALA M 52 14.56 -54.31 36.74
N CYS M 53 14.44 -55.29 37.63
CA CYS M 53 15.29 -56.47 37.56
C CYS M 53 14.45 -57.73 37.51
N GLY M 54 14.90 -58.69 36.70
CA GLY M 54 14.38 -60.06 36.68
C GLY M 54 15.33 -60.98 37.41
N PRO M 55 15.06 -62.29 37.38
CA PRO M 55 15.89 -63.26 38.11
C PRO M 55 17.30 -63.36 37.60
N LYS M 56 17.54 -62.89 36.36
CA LYS M 56 18.87 -62.96 35.79
C LYS M 56 19.52 -61.65 35.27
N GLU M 57 18.69 -60.64 35.03
CA GLU M 57 19.17 -59.41 34.40
C GLU M 57 18.43 -58.19 34.97
N CYS M 58 19.13 -57.05 35.02
CA CYS M 58 18.51 -55.75 35.31
C CYS M 58 18.53 -54.90 34.08
N LYS M 59 17.37 -54.37 33.72
CA LYS M 59 17.27 -53.46 32.61
C LYS M 59 17.17 -52.02 33.10
N HIS M 60 17.97 -51.14 32.49
CA HIS M 60 17.93 -49.73 32.69
C HIS M 60 16.96 -49.09 31.69
N PHE M 61 15.83 -48.56 32.19
CA PHE M 61 14.86 -47.94 31.28
C PHE M 61 15.00 -46.44 31.25
N ALA M 62 14.49 -45.83 30.18
CA ALA M 62 14.30 -44.38 30.15
C ALA M 62 13.32 -43.97 29.05
N LEU M 63 12.97 -42.70 29.05
CA LEU M 63 12.13 -42.21 28.00
C LEU M 63 12.99 -41.32 27.10
N THR M 64 13.15 -41.70 25.85
CA THR M 64 13.99 -40.90 24.97
C THR M 64 13.16 -39.94 24.15
N HIS M 65 13.80 -38.82 23.78
CA HIS M 65 13.28 -37.91 22.74
C HIS M 65 13.67 -38.35 21.30
N TYR M 66 14.21 -39.56 21.15
CA TYR M 66 14.50 -40.16 19.83
C TYR M 66 15.55 -39.27 19.12
N ALA M 67 16.51 -38.81 19.89
CA ALA M 67 17.58 -37.94 19.44
C ALA M 67 18.83 -38.29 20.27
N ALA M 68 20.01 -37.99 19.72
CA ALA M 68 21.27 -38.26 20.37
C ALA M 68 22.05 -36.99 20.62
N GLN M 69 23.06 -37.11 21.48
CA GLN M 69 24.11 -36.09 21.59
C GLN M 69 25.50 -36.62 21.15
N PRO M 70 26.18 -35.93 20.20
CA PRO M 70 25.79 -34.69 19.50
C PRO M 70 24.77 -34.93 18.41
N GLY M 71 23.93 -33.93 18.12
CA GLY M 71 22.90 -34.10 17.11
C GLY M 71 22.22 -32.79 16.78
N GLY M 72 21.11 -32.88 16.08
CA GLY M 72 20.48 -31.69 15.52
C GLY M 72 19.08 -31.46 16.02
N TYR M 73 18.64 -32.30 16.96
CA TYR M 73 17.25 -32.27 17.42
C TYR M 73 17.14 -31.94 18.93
N TYR M 74 17.84 -30.90 19.39
CA TYR M 74 17.86 -30.58 20.82
C TYR M 74 16.59 -29.83 21.20
N ASN M 75 16.06 -29.09 20.23
CA ASN M 75 14.88 -28.31 20.45
C ASN M 75 13.69 -29.22 20.76
N GLY M 76 13.10 -28.99 21.92
CA GLY M 76 12.02 -29.79 22.42
C GLY M 76 12.37 -30.87 23.42
N THR M 77 13.64 -30.96 23.79
CA THR M 77 14.07 -32.01 24.69
C THR M 77 13.85 -31.65 26.16
N ARG M 78 13.58 -30.39 26.44
CA ARG M 78 13.03 -30.01 27.78
C ARG M 78 11.59 -30.40 28.07
N GLY M 79 10.73 -30.39 27.05
CA GLY M 79 9.36 -30.94 27.20
C GLY M 79 9.34 -32.42 27.46
N ASP M 80 8.20 -32.93 27.93
CA ASP M 80 8.04 -34.37 28.22
C ASP M 80 7.19 -35.12 27.15
N ARG M 81 6.14 -34.46 26.64
CA ARG M 81 5.14 -35.07 25.76
C ARG M 81 5.25 -34.62 24.30
N ASN M 82 5.47 -35.59 23.42
CA ASN M 82 5.44 -35.40 21.98
C ASN M 82 5.24 -36.77 21.35
N LYS M 83 5.12 -36.75 20.04
CA LYS M 83 4.80 -37.91 19.25
C LYS M 83 6.01 -38.80 19.00
N LEU M 84 7.18 -38.35 19.41
CA LEU M 84 8.44 -39.02 19.13
C LEU M 84 9.00 -39.75 20.33
N ARG M 85 8.51 -39.41 21.52
CA ARG M 85 8.99 -39.98 22.78
C ARG M 85 8.79 -41.49 22.91
N HIS M 86 9.83 -42.20 23.39
CA HIS M 86 9.80 -43.67 23.33
C HIS M 86 10.41 -44.32 24.57
N LEU M 87 9.81 -45.42 25.01
CA LEU M 87 10.37 -46.18 26.12
C LEU M 87 11.52 -47.03 25.54
N ILE M 88 12.73 -46.81 26.08
CA ILE M 88 13.92 -47.59 25.72
C ILE M 88 14.50 -48.35 26.94
N SER M 89 15.33 -49.34 26.67
CA SER M 89 16.11 -49.99 27.73
C SER M 89 17.43 -50.50 27.18
N VAL M 90 18.42 -50.59 28.06
CA VAL M 90 19.62 -51.42 27.89
C VAL M 90 19.74 -52.24 29.16
N LYS M 91 20.49 -53.33 29.04
CA LYS M 91 20.90 -54.14 30.17
C LYS M 91 21.70 -53.19 31.06
N LEU M 92 21.35 -53.14 32.34
CA LEU M 92 22.11 -52.32 33.28
C LEU M 92 23.63 -52.61 33.19
N GLY M 93 24.39 -51.54 33.00
CA GLY M 93 25.81 -51.61 32.81
C GLY M 93 26.18 -51.16 31.41
N LYS M 94 25.21 -51.21 30.50
CA LYS M 94 25.50 -50.80 29.13
C LYS M 94 25.17 -49.35 28.97
N ILE M 95 25.90 -48.66 28.10
CA ILE M 95 25.64 -47.24 27.89
C ILE M 95 24.50 -47.15 26.89
N PRO M 96 23.37 -46.47 27.24
CA PRO M 96 22.19 -46.34 26.38
C PRO M 96 22.42 -45.39 25.18
N THR M 97 23.05 -45.95 24.14
CA THR M 97 23.35 -45.23 22.93
C THR M 97 22.28 -45.60 21.89
N VAL M 98 22.32 -44.96 20.74
CA VAL M 98 21.48 -45.34 19.60
C VAL M 98 21.48 -46.86 19.29
N GLU M 99 22.67 -47.45 19.22
CA GLU M 99 22.81 -48.87 18.81
C GLU M 99 22.59 -49.85 19.97
N ASN M 100 23.04 -49.48 21.15
CA ASN M 100 22.91 -50.37 22.32
C ASN M 100 21.46 -50.54 22.76
N SER M 101 20.68 -49.47 22.58
CA SER M 101 19.32 -49.42 23.14
C SER M 101 18.39 -50.26 22.34
N ILE M 102 17.30 -50.69 22.97
CA ILE M 102 16.17 -51.26 22.24
C ILE M 102 14.93 -50.40 22.50
N PHE M 103 14.15 -50.16 21.44
CA PHE M 103 12.97 -49.31 21.51
C PHE M 103 11.73 -50.15 21.65
N HIS M 104 11.09 -50.04 22.81
CA HIS M 104 9.98 -50.90 23.16
C HIS M 104 8.63 -50.43 22.62
N MET M 105 8.32 -49.16 22.83
CA MET M 105 7.06 -48.57 22.37
C MET M 105 7.07 -47.05 22.52
N ALA M 106 6.17 -46.39 21.80
CA ALA M 106 5.95 -44.94 21.95
C ALA M 106 5.40 -44.67 23.33
N ALA M 107 5.94 -43.65 24.00
CA ALA M 107 5.63 -43.40 25.39
C ALA M 107 6.25 -42.13 25.93
N TRP M 108 5.46 -41.31 26.60
CA TRP M 108 5.99 -40.18 27.32
C TRP M 108 5.74 -40.32 28.81
N SER M 109 5.26 -41.49 29.19
CA SER M 109 5.24 -41.89 30.61
C SER M 109 5.39 -43.40 30.67
N GLY M 110 6.22 -43.93 31.59
CA GLY M 110 6.60 -45.33 31.48
C GLY M 110 6.71 -46.15 32.75
N SER M 111 6.73 -47.46 32.57
CA SER M 111 7.05 -48.39 33.68
C SER M 111 7.33 -49.77 33.11
N ALA M 112 7.94 -50.64 33.92
CA ALA M 112 8.22 -52.01 33.49
C ALA M 112 8.56 -52.89 34.67
N CYS M 113 8.32 -54.19 34.52
CA CYS M 113 8.60 -55.13 35.60
C CYS M 113 8.59 -56.53 35.01
N HIS M 114 9.21 -57.43 35.74
CA HIS M 114 9.34 -58.81 35.36
C HIS M 114 8.58 -59.63 36.38
N ASP M 115 7.91 -60.69 35.92
CA ASP M 115 7.01 -61.47 36.80
C ASP M 115 7.55 -62.85 37.18
N GLY M 116 8.78 -63.13 36.76
CA GLY M 116 9.37 -64.42 36.95
C GLY M 116 9.49 -65.16 35.63
N LYS M 117 8.64 -64.81 34.68
CA LYS M 117 8.55 -65.52 33.39
C LYS M 117 8.84 -64.59 32.22
N GLU M 118 8.32 -63.36 32.29
CA GLU M 118 8.41 -62.46 31.16
C GLU M 118 8.37 -61.00 31.59
N TRP M 119 8.88 -60.13 30.72
CA TRP M 119 8.81 -58.71 30.96
C TRP M 119 7.46 -58.07 30.59
N THR M 120 6.97 -57.21 31.48
CA THR M 120 5.82 -56.35 31.20
C THR M 120 6.35 -54.95 30.99
N TYR M 121 6.00 -54.35 29.87
CA TYR M 121 6.36 -52.98 29.56
C TYR M 121 5.12 -52.05 29.48
N ILE M 122 5.25 -50.89 30.08
CA ILE M 122 4.14 -49.97 30.15
C ILE M 122 4.52 -48.63 29.60
N GLY M 123 3.70 -48.14 28.66
CA GLY M 123 3.99 -46.85 28.03
C GLY M 123 2.72 -46.05 27.72
N VAL M 124 2.69 -44.79 28.15
CA VAL M 124 1.56 -43.91 27.95
C VAL M 124 1.91 -42.88 26.92
N ASP M 125 1.05 -42.75 25.92
CA ASP M 125 1.20 -41.75 24.89
C ASP M 125 -0.19 -41.25 24.50
N GLY M 126 -0.26 -40.33 23.55
CA GLY M 126 -1.58 -39.78 23.20
C GLY M 126 -1.78 -38.30 23.57
N PRO M 127 -2.92 -37.71 23.14
CA PRO M 127 -3.17 -36.28 23.38
C PRO M 127 -3.35 -36.02 24.86
N GLU M 128 -3.12 -34.77 25.30
CA GLU M 128 -3.27 -34.43 26.75
C GLU M 128 -4.61 -34.90 27.31
N ASN M 129 -5.65 -34.64 26.54
CA ASN M 129 -7.00 -34.76 27.03
C ASN M 129 -7.56 -36.16 26.89
N ASN M 130 -6.78 -37.05 26.25
CA ASN M 130 -7.22 -38.43 26.03
C ASN M 130 -6.08 -39.38 25.81
N ALA M 131 -5.10 -39.35 26.70
CA ALA M 131 -3.94 -40.22 26.63
C ALA M 131 -4.30 -41.70 26.79
N LEU M 132 -3.34 -42.56 26.41
CA LEU M 132 -3.55 -44.00 26.38
C LEU M 132 -2.37 -44.77 26.99
N LEU M 133 -2.67 -45.56 28.01
CA LEU M 133 -1.71 -46.47 28.56
C LEU M 133 -1.70 -47.77 27.76
N LYS M 134 -0.53 -48.17 27.27
CA LYS M 134 -0.38 -49.38 26.51
C LYS M 134 0.47 -50.36 27.30
N ILE M 135 0.10 -51.66 27.17
CA ILE M 135 0.85 -52.73 27.79
C ILE M 135 1.45 -53.69 26.74
N LYS M 136 2.71 -54.03 26.93
CA LYS M 136 3.42 -54.98 26.08
C LYS M 136 3.98 -56.09 26.98
N TYR M 137 3.70 -57.33 26.62
CA TYR M 137 4.18 -58.50 27.34
C TYR M 137 5.16 -59.23 26.42
N GLY M 138 6.43 -59.17 26.80
CA GLY M 138 7.49 -59.59 25.88
C GLY M 138 7.49 -58.77 24.63
N GLU M 139 7.21 -59.39 23.50
CA GLU M 139 7.19 -58.67 22.23
C GLU M 139 5.78 -58.27 21.82
N ALA M 140 4.78 -58.86 22.47
CA ALA M 140 3.36 -58.63 22.12
C ALA M 140 2.68 -57.48 22.86
N TYR M 141 2.10 -56.57 22.09
CA TYR M 141 1.21 -55.55 22.60
C TYR M 141 -0.07 -56.27 22.99
N THR M 142 -0.46 -56.17 24.26
CA THR M 142 -1.50 -57.05 24.81
C THR M 142 -2.77 -56.31 25.32
N ASP M 143 -2.63 -55.06 25.77
CA ASP M 143 -3.73 -54.36 26.41
C ASP M 143 -3.59 -52.82 26.45
N THR M 144 -4.68 -52.10 26.72
CA THR M 144 -4.57 -50.65 26.86
C THR M 144 -5.51 -50.30 28.00
N TYR M 145 -5.33 -49.08 28.54
CA TYR M 145 -6.21 -48.45 29.51
C TYR M 145 -6.39 -47.00 29.06
N HIS M 146 -7.58 -46.46 29.26
CA HIS M 146 -8.01 -45.15 28.74
C HIS M 146 -8.01 -44.09 29.83
N SER M 147 -7.72 -42.84 29.45
CA SER M 147 -7.83 -41.67 30.27
C SER M 147 -9.20 -41.61 30.92
N TYR M 148 -9.19 -41.43 32.23
CA TYR M 148 -10.42 -41.38 33.02
C TYR M 148 -10.69 -40.03 33.67
N ALA M 149 -9.71 -39.12 33.63
CA ALA M 149 -9.92 -37.76 34.09
C ALA M 149 -9.62 -36.74 32.99
N ASN M 150 -9.17 -37.25 31.84
CA ASN M 150 -8.96 -36.41 30.64
C ASN M 150 -7.93 -35.28 30.81
N ASN M 151 -6.94 -35.51 31.65
CA ASN M 151 -5.88 -34.52 31.82
C ASN M 151 -4.60 -35.22 32.15
N ILE M 152 -3.95 -35.66 31.09
CA ILE M 152 -2.67 -36.34 31.09
C ILE M 152 -2.68 -37.62 31.93
N LEU M 153 -3.29 -38.67 31.41
CA LEU M 153 -3.08 -40.00 31.99
C LEU M 153 -1.55 -40.31 32.12
N ARG M 154 -1.15 -40.75 33.31
CA ARG M 154 0.24 -40.79 33.69
C ARG M 154 0.50 -42.04 34.52
N THR M 155 1.75 -42.52 34.56
CA THR M 155 2.09 -43.71 35.34
C THR M 155 3.36 -43.45 36.17
N GLN M 156 3.96 -44.51 36.69
CA GLN M 156 4.95 -44.43 37.80
C GLN M 156 6.34 -43.79 37.50
N GLU M 157 6.85 -43.94 36.28
N GLU M 157 6.84 -43.94 36.27
CA GLU M 157 8.27 -43.61 35.95
CA GLU M 157 8.25 -43.66 35.89
C GLU M 157 9.24 -44.48 36.73
C GLU M 157 9.24 -44.49 36.71
N SER M 158 8.77 -45.66 37.13
CA SER M 158 9.57 -46.60 37.88
C SER M 158 8.90 -47.95 37.75
N ALA M 159 9.59 -48.97 38.23
CA ALA M 159 9.18 -50.34 38.11
C ALA M 159 7.85 -50.65 38.78
N CYS M 160 7.06 -51.46 38.10
CA CYS M 160 5.87 -52.01 38.67
C CYS M 160 6.27 -53.23 39.48
N ASN M 161 5.30 -53.90 40.08
CA ASN M 161 5.62 -54.92 41.08
C ASN M 161 4.76 -56.13 40.89
N CYS M 162 5.41 -57.24 40.56
CA CYS M 162 4.75 -58.51 40.34
C CYS M 162 4.87 -59.50 41.46
N ILE M 163 3.76 -60.18 41.74
CA ILE M 163 3.74 -61.21 42.75
C ILE M 163 2.83 -62.31 42.23
N GLY M 164 3.33 -63.54 42.24
CA GLY M 164 2.50 -64.66 41.81
C GLY M 164 1.91 -64.50 40.42
N GLY M 165 2.55 -63.68 39.57
CA GLY M 165 2.07 -63.37 38.20
C GLY M 165 1.25 -62.10 38.06
N ASN M 166 0.85 -61.55 39.20
CA ASN M 166 0.07 -60.33 39.26
C ASN M 166 0.97 -59.15 39.49
N CYS M 167 1.04 -58.28 38.50
CA CYS M 167 1.80 -57.06 38.54
C CYS M 167 0.85 -55.89 38.84
N TYR M 168 1.24 -55.06 39.79
CA TYR M 168 0.42 -53.95 40.25
C TYR M 168 1.10 -52.66 39.83
N LEU M 169 0.32 -51.76 39.27
CA LEU M 169 0.87 -50.56 38.66
C LEU M 169 0.00 -49.36 39.01
N MET M 170 0.61 -48.26 39.47
CA MET M 170 -0.10 -47.06 39.74
C MET M 170 -0.26 -46.29 38.45
N ILE M 171 -1.47 -45.80 38.21
CA ILE M 171 -1.76 -44.85 37.15
C ILE M 171 -2.41 -43.64 37.81
N THR M 172 -2.25 -42.47 37.20
CA THR M 172 -3.02 -41.29 37.65
C THR M 172 -3.44 -40.43 36.46
N ASP M 173 -4.40 -39.53 36.67
CA ASP M 173 -4.93 -38.69 35.60
C ASP M 173 -5.53 -37.47 36.33
N GLY M 174 -5.31 -36.27 35.80
CA GLY M 174 -5.85 -35.05 36.45
C GLY M 174 -4.87 -33.89 36.32
N SER M 175 -5.30 -32.74 36.77
CA SER M 175 -4.46 -31.54 36.70
C SER M 175 -3.16 -31.67 37.52
N ALA M 176 -2.05 -31.23 36.93
CA ALA M 176 -0.80 -31.07 37.67
C ALA M 176 -0.91 -30.08 38.84
N SER M 177 -1.79 -29.08 38.71
CA SER M 177 -2.04 -28.08 39.76
C SER M 177 -3.35 -28.26 40.58
N GLY M 178 -4.08 -29.33 40.30
CA GLY M 178 -5.38 -29.57 40.94
C GLY M 178 -5.45 -31.03 41.33
N ILE M 179 -6.63 -31.61 41.15
CA ILE M 179 -6.93 -32.98 41.54
C ILE M 179 -6.29 -34.00 40.56
N SER M 180 -5.51 -34.94 41.09
CA SER M 180 -5.13 -36.14 40.34
C SER M 180 -5.35 -37.39 41.20
N GLU M 181 -6.53 -37.98 41.07
CA GLU M 181 -6.92 -39.17 41.82
C GLU M 181 -6.35 -40.41 41.12
N CYS M 182 -5.36 -41.05 41.75
CA CYS M 182 -4.69 -42.20 41.17
C CYS M 182 -5.50 -43.48 41.26
N ARG M 183 -5.13 -44.43 40.42
CA ARG M 183 -5.71 -45.76 40.41
C ARG M 183 -4.62 -46.79 40.40
N PHE M 184 -4.97 -48.02 40.76
CA PHE M 184 -4.04 -49.14 40.55
C PHE M 184 -4.58 -50.18 39.58
N LEU M 185 -3.72 -50.60 38.66
CA LEU M 185 -4.04 -51.70 37.75
C LEU M 185 -3.42 -53.03 38.24
N LYS M 186 -4.19 -54.12 38.19
CA LYS M 186 -3.67 -55.47 38.34
C LYS M 186 -3.59 -56.07 36.93
N ILE M 187 -2.37 -56.36 36.51
CA ILE M 187 -2.09 -56.83 35.15
C ILE M 187 -1.44 -58.20 35.26
N ARG M 188 -2.05 -59.17 34.58
CA ARG M 188 -1.52 -60.52 34.56
C ARG M 188 -1.22 -60.93 33.11
N GLU M 189 0.03 -61.32 32.86
CA GLU M 189 0.46 -61.71 31.51
C GLU M 189 0.04 -60.67 30.48
N GLY M 190 0.24 -59.39 30.85
CA GLY M 190 0.09 -58.28 29.89
C GLY M 190 -1.33 -57.73 29.78
N ARG M 191 -2.27 -58.36 30.48
CA ARG M 191 -3.68 -57.92 30.42
C ARG M 191 -4.22 -57.52 31.79
N ILE M 192 -5.00 -56.44 31.79
CA ILE M 192 -5.55 -55.90 33.05
C ILE M 192 -6.70 -56.77 33.50
N ILE M 193 -6.65 -57.26 34.76
CA ILE M 193 -7.68 -58.17 35.29
C ILE M 193 -8.50 -57.54 36.42
N LYS M 194 -8.03 -56.38 36.89
CA LYS M 194 -8.75 -55.65 37.91
C LYS M 194 -8.26 -54.21 37.96
N GLU M 195 -9.16 -53.31 38.34
CA GLU M 195 -8.85 -51.91 38.62
C GLU M 195 -9.12 -51.75 40.08
N ILE M 196 -8.14 -51.19 40.78
CA ILE M 196 -8.24 -51.03 42.19
C ILE M 196 -8.43 -49.54 42.50
N PHE M 197 -9.54 -49.20 43.17
CA PHE M 197 -9.79 -47.79 43.49
C PHE M 197 -9.38 -47.49 44.90
N PRO M 198 -8.37 -46.62 45.11
CA PRO M 198 -7.90 -46.36 46.49
C PRO M 198 -8.88 -45.54 47.28
N THR M 199 -8.83 -45.70 48.60
CA THR M 199 -9.65 -44.92 49.51
C THR M 199 -8.72 -43.99 50.30
N GLY M 200 -9.34 -43.07 51.06
CA GLY M 200 -8.66 -42.16 51.98
C GLY M 200 -8.25 -40.83 51.33
N ARG M 201 -7.00 -40.42 51.56
CA ARG M 201 -6.55 -39.12 51.10
C ARG M 201 -6.10 -39.29 49.65
N VAL M 202 -7.01 -39.05 48.71
CA VAL M 202 -6.78 -39.35 47.29
C VAL M 202 -6.68 -38.09 46.43
N LYS M 203 -6.68 -36.92 47.06
CA LYS M 203 -6.74 -35.60 46.43
C LYS M 203 -5.71 -35.45 45.27
N HIS M 204 -4.44 -35.77 45.56
CA HIS M 204 -3.38 -35.74 44.53
C HIS M 204 -2.25 -36.77 44.75
N THR M 205 -2.18 -37.71 43.81
CA THR M 205 -1.20 -38.78 43.90
C THR M 205 -0.67 -39.09 42.51
N GLU M 206 0.63 -38.86 42.31
CA GLU M 206 1.28 -39.27 41.06
C GLU M 206 2.67 -39.77 41.32
N GLU M 207 3.24 -40.37 40.27
CA GLU M 207 4.59 -40.84 40.23
C GLU M 207 4.95 -41.63 41.49
N CYS M 208 4.08 -42.59 41.81
CA CYS M 208 4.31 -43.47 42.94
C CYS M 208 5.53 -44.35 42.76
N THR M 209 6.39 -44.34 43.77
CA THR M 209 7.50 -45.26 43.81
C THR M 209 7.07 -46.38 44.74
N CYS M 210 6.83 -47.55 44.17
CA CYS M 210 6.25 -48.66 44.90
C CYS M 210 7.22 -49.81 45.14
N GLY M 211 6.99 -50.57 46.23
CA GLY M 211 7.74 -51.81 46.48
C GLY M 211 7.00 -52.73 47.43
N PHE M 212 7.40 -54.00 47.48
CA PHE M 212 6.81 -54.91 48.45
C PHE M 212 7.31 -54.67 49.85
N ALA M 213 6.40 -54.46 50.80
CA ALA M 213 6.70 -54.42 52.20
C ALA M 213 6.75 -55.86 52.71
N SER M 214 5.90 -56.70 52.11
CA SER M 214 5.79 -58.12 52.44
C SER M 214 5.08 -58.83 51.26
N ASN M 215 4.78 -60.10 51.43
CA ASN M 215 3.99 -60.83 50.47
C ASN M 215 2.52 -60.35 50.39
N LYS M 216 2.04 -59.70 51.46
N LYS M 216 2.06 -59.68 51.45
CA LYS M 216 0.65 -59.22 51.51
CA LYS M 216 0.68 -59.21 51.58
C LYS M 216 0.49 -57.76 51.10
C LYS M 216 0.49 -57.76 51.12
N THR M 217 1.50 -56.92 51.35
CA THR M 217 1.41 -55.44 51.15
C THR M 217 2.45 -54.79 50.25
N ILE M 218 1.99 -53.91 49.37
CA ILE M 218 2.83 -53.07 48.55
C ILE M 218 2.67 -51.67 49.10
N GLU M 219 3.77 -50.92 49.18
CA GLU M 219 3.71 -49.54 49.67
C GLU M 219 4.33 -48.63 48.65
N CYS M 220 3.82 -47.40 48.60
CA CYS M 220 4.33 -46.48 47.62
C CYS M 220 4.51 -45.17 48.26
N ALA M 221 5.63 -44.49 47.95
CA ALA M 221 5.82 -43.09 48.31
C ALA M 221 5.66 -42.27 47.04
N CYS M 222 4.73 -41.32 47.09
CA CYS M 222 4.25 -40.70 45.84
C CYS M 222 4.48 -39.20 45.85
N ARG M 223 4.00 -38.52 44.82
CA ARG M 223 4.15 -37.10 44.64
C ARG M 223 2.77 -36.39 44.64
N ASP M 224 2.67 -35.36 45.48
CA ASP M 224 1.56 -34.45 45.41
C ASP M 224 2.09 -33.19 44.77
N ASN M 225 1.71 -32.93 43.52
CA ASN M 225 2.21 -31.77 42.82
C ASN M 225 1.48 -30.47 43.15
N SER M 226 0.47 -30.53 43.99
CA SER M 226 -0.38 -29.35 44.22
C SER M 226 -0.46 -28.89 45.63
N TYR M 227 -0.78 -29.80 46.54
CA TYR M 227 -1.25 -29.41 47.89
C TYR M 227 -0.23 -29.53 49.03
N THR M 228 0.69 -30.47 48.94
CA THR M 228 1.57 -30.72 50.08
C THR M 228 2.98 -31.05 49.68
N ALA M 229 3.92 -30.90 50.63
CA ALA M 229 5.27 -31.38 50.43
C ALA M 229 5.52 -32.68 51.22
N LYS M 230 4.51 -33.14 51.96
CA LYS M 230 4.58 -34.50 52.53
C LYS M 230 4.25 -35.41 51.35
N ARG M 231 4.82 -36.61 51.34
CA ARG M 231 4.50 -37.58 50.32
C ARG M 231 3.26 -38.41 50.65
N PRO M 232 2.32 -38.50 49.71
CA PRO M 232 1.21 -39.44 49.88
C PRO M 232 1.79 -40.84 49.95
N PHE M 233 1.27 -41.65 50.85
CA PHE M 233 1.84 -42.96 51.07
C PHE M 233 0.79 -44.02 50.96
N VAL M 234 0.94 -44.84 49.93
CA VAL M 234 -0.07 -45.84 49.57
C VAL M 234 0.26 -47.13 50.30
N LYS M 235 -0.78 -47.86 50.71
CA LYS M 235 -0.66 -49.20 51.28
C LYS M 235 -1.63 -50.10 50.55
N LEU M 236 -1.11 -50.98 49.70
CA LEU M 236 -1.91 -51.87 48.85
C LEU M 236 -1.88 -53.28 49.39
N ASN M 237 -3.05 -53.78 49.79
CA ASN M 237 -3.16 -55.17 50.16
C ASN M 237 -3.36 -56.02 48.90
N VAL M 238 -2.42 -56.92 48.60
CA VAL M 238 -2.52 -57.69 47.36
C VAL M 238 -3.40 -58.92 47.45
N GLU M 239 -3.79 -59.27 48.66
CA GLU M 239 -4.66 -60.44 48.86
C GLU M 239 -6.13 -60.04 48.67
N THR M 240 -6.49 -58.90 49.24
CA THR M 240 -7.82 -58.35 49.10
C THR M 240 -7.89 -57.35 47.94
N ASP M 241 -6.73 -56.98 47.38
CA ASP M 241 -6.68 -56.03 46.27
C ASP M 241 -7.35 -54.70 46.62
N THR M 242 -6.98 -54.16 47.78
CA THR M 242 -7.57 -52.94 48.31
C THR M 242 -6.42 -51.99 48.59
N ALA M 243 -6.62 -50.71 48.24
CA ALA M 243 -5.62 -49.66 48.46
C ALA M 243 -6.14 -48.49 49.28
N GLU M 244 -5.35 -48.03 50.25
CA GLU M 244 -5.65 -46.86 51.07
C GLU M 244 -4.46 -45.87 51.04
N ILE M 245 -4.71 -44.55 51.07
CA ILE M 245 -3.64 -43.54 50.91
C ILE M 245 -3.73 -42.49 52.01
N ARG M 246 -2.64 -42.31 52.77
CA ARG M 246 -2.54 -41.21 53.72
CA ARG M 246 -2.53 -41.20 53.71
C ARG M 246 -1.19 -40.51 53.54
N LEU M 247 -1.11 -39.26 53.98
CA LEU M 247 0.13 -38.53 53.90
C LEU M 247 1.16 -39.07 54.92
N MET M 248 2.43 -39.07 54.51
CA MET M 248 3.55 -39.38 55.43
C MET M 248 3.61 -38.35 56.55
N CYS M 249 3.64 -38.82 57.78
CA CYS M 249 3.59 -37.92 58.97
C CYS M 249 4.96 -37.35 59.34
N THR M 250 6.04 -38.01 58.88
CA THR M 250 7.37 -37.60 59.27
C THR M 250 7.68 -36.12 58.98
N GLU M 251 8.28 -35.46 59.96
CA GLU M 251 8.71 -34.07 59.79
C GLU M 251 9.77 -33.87 58.68
N THR M 252 10.34 -34.97 58.19
CA THR M 252 11.37 -34.93 57.17
C THR M 252 10.66 -35.06 55.84
N TYR M 253 10.08 -33.95 55.39
CA TYR M 253 9.24 -33.91 54.16
C TYR M 253 10.12 -34.19 52.96
N LEU M 254 9.67 -35.11 52.10
CA LEU M 254 10.58 -35.69 51.07
C LEU M 254 10.46 -35.08 49.70
N ASP M 255 9.41 -34.28 49.53
CA ASP M 255 9.09 -33.65 48.26
C ASP M 255 9.99 -32.44 48.02
N THR M 256 10.09 -32.02 46.75
CA THR M 256 10.77 -30.75 46.41
C THR M 256 9.89 -29.96 45.44
N PRO M 257 9.47 -28.71 45.79
CA PRO M 257 9.91 -27.92 46.95
C PRO M 257 9.29 -28.46 48.23
N ARG M 258 9.75 -27.90 49.34
CA ARG M 258 9.27 -28.25 50.64
C ARG M 258 9.69 -27.13 51.60
N PRO M 259 8.91 -26.92 52.69
CA PRO M 259 9.34 -26.01 53.76
C PRO M 259 10.41 -26.69 54.65
N ASP M 260 10.85 -26.02 55.72
CA ASP M 260 11.74 -26.63 56.72
C ASP M 260 11.09 -27.85 57.34
N ASP M 261 11.91 -28.75 57.86
CA ASP M 261 11.46 -29.96 58.58
C ASP M 261 10.70 -29.58 59.85
N GLY M 262 9.54 -30.19 60.07
CA GLY M 262 8.78 -29.96 61.27
C GLY M 262 7.96 -28.68 61.25
N SER M 263 8.07 -27.86 60.20
CA SER M 263 7.37 -26.56 60.12
C SER M 263 5.88 -26.66 59.79
N ILE M 264 5.44 -27.76 59.18
CA ILE M 264 4.00 -27.96 58.99
C ILE M 264 3.31 -28.30 60.32
N THR M 265 2.59 -27.31 60.86
CA THR M 265 1.91 -27.45 62.14
C THR M 265 0.63 -28.32 62.01
N GLY M 266 0.09 -28.79 63.15
CA GLY M 266 -1.11 -29.65 63.13
C GLY M 266 -0.81 -31.15 63.05
N PRO M 267 -1.85 -32.01 62.87
CA PRO M 267 -1.63 -33.45 62.96
C PRO M 267 -1.03 -34.01 61.64
N CYS M 268 -0.99 -35.33 61.54
CA CYS M 268 -0.38 -36.01 60.39
C CYS M 268 -0.98 -35.63 59.05
N GLU M 269 -2.28 -35.33 59.02
CA GLU M 269 -3.03 -35.10 57.77
C GLU M 269 -2.93 -33.65 57.25
N SER M 270 -2.29 -32.76 58.01
CA SER M 270 -2.14 -31.34 57.58
C SER M 270 -1.22 -31.18 56.35
N ASN M 271 -1.61 -30.28 55.44
CA ASN M 271 -0.95 -30.10 54.15
C ASN M 271 0.50 -29.56 54.17
N GLY M 272 0.84 -28.36 54.64
CA GLY M 272 0.05 -27.19 54.68
C GLY M 272 0.69 -26.40 53.52
N ASP M 273 1.92 -25.92 53.72
CA ASP M 273 2.49 -24.87 52.84
C ASP M 273 3.62 -25.34 51.93
N LYS M 274 3.91 -24.53 50.91
CA LYS M 274 4.93 -24.82 49.90
C LYS M 274 4.68 -26.10 49.12
N GLY M 275 3.42 -26.48 48.97
CA GLY M 275 3.09 -27.79 48.36
C GLY M 275 3.02 -27.87 46.84
N SER M 276 2.86 -26.72 46.17
CA SER M 276 2.70 -26.68 44.72
C SER M 276 4.04 -27.06 44.09
N GLY M 277 3.98 -27.89 43.04
CA GLY M 277 5.20 -28.48 42.53
C GLY M 277 5.56 -29.76 43.30
N GLY M 278 6.59 -30.43 42.85
CA GLY M 278 6.98 -31.67 43.49
C GLY M 278 8.01 -32.36 42.66
N ILE M 279 8.37 -33.56 43.10
CA ILE M 279 9.38 -34.36 42.45
C ILE M 279 9.09 -35.83 42.73
N LYS M 280 9.46 -36.73 41.79
CA LYS M 280 9.41 -38.15 42.10
C LYS M 280 10.53 -38.54 43.09
N GLY M 281 10.19 -39.35 44.08
CA GLY M 281 11.14 -39.65 45.15
C GLY M 281 11.50 -41.13 45.25
N GLY M 282 12.69 -41.39 45.76
CA GLY M 282 13.10 -42.77 45.91
C GLY M 282 12.51 -43.43 47.12
N PHE M 283 12.25 -44.72 47.02
CA PHE M 283 11.68 -45.45 48.13
C PHE M 283 11.91 -46.91 47.88
N VAL M 284 12.49 -47.62 48.86
CA VAL M 284 12.73 -49.05 48.70
C VAL M 284 12.74 -49.75 50.06
N HIS M 285 12.32 -51.01 50.09
CA HIS M 285 12.13 -51.75 51.34
C HIS M 285 13.31 -52.66 51.63
N GLN M 286 13.72 -52.71 52.88
CA GLN M 286 14.65 -53.75 53.32
C GLN M 286 13.81 -54.68 54.22
N ARG M 287 13.49 -55.87 53.72
CA ARG M 287 12.67 -56.82 54.49
C ARG M 287 13.50 -57.79 55.30
N MET M 288 13.44 -57.68 56.63
CA MET M 288 14.09 -58.65 57.49
C MET M 288 13.02 -59.52 58.16
N ALA M 289 13.46 -60.58 58.84
CA ALA M 289 12.54 -61.51 59.53
C ALA M 289 11.51 -60.78 60.44
N SER M 290 12.01 -60.08 61.45
CA SER M 290 11.15 -59.40 62.44
C SER M 290 11.25 -57.86 62.44
N LYS M 291 11.66 -57.29 61.32
CA LYS M 291 11.86 -55.85 61.21
C LYS M 291 11.66 -55.43 59.76
N ILE M 292 11.21 -54.20 59.55
CA ILE M 292 11.19 -53.62 58.21
C ILE M 292 11.90 -52.27 58.14
N GLY M 293 12.71 -52.11 57.11
CA GLY M 293 13.43 -50.87 56.91
C GLY M 293 12.84 -50.17 55.71
N ARG M 294 12.53 -48.89 55.89
CA ARG M 294 12.10 -48.07 54.77
C ARG M 294 13.17 -47.05 54.46
N TRP M 295 13.70 -47.12 53.22
CA TRP M 295 14.74 -46.22 52.77
C TRP M 295 14.15 -45.20 51.81
N TYR M 296 14.53 -43.96 51.98
CA TYR M 296 13.94 -42.89 51.17
C TYR M 296 15.02 -41.99 50.61
N SER M 297 14.75 -41.24 49.55
CA SER M 297 15.66 -40.17 49.16
C SER M 297 14.96 -38.84 48.91
N ARG M 298 15.63 -37.74 49.22
CA ARG M 298 15.14 -36.41 48.84
C ARG M 298 16.28 -35.49 48.47
N THR M 299 15.95 -34.43 47.76
CA THR M 299 16.96 -33.48 47.31
C THR M 299 17.63 -32.83 48.48
N MET M 300 18.88 -32.42 48.28
CA MET M 300 19.65 -31.77 49.34
C MET M 300 19.12 -30.33 49.48
N SER M 301 18.79 -29.71 48.36
CA SER M 301 18.11 -28.39 48.38
C SER M 301 16.61 -28.52 48.66
N LYS M 302 16.07 -27.65 49.53
CA LYS M 302 14.64 -27.59 49.77
C LYS M 302 13.79 -27.10 48.57
N THR M 303 14.40 -26.29 47.71
CA THR M 303 13.66 -25.58 46.65
C THR M 303 14.03 -25.98 45.25
N LYS M 304 15.31 -26.28 45.02
CA LYS M 304 15.80 -26.71 43.71
C LYS M 304 16.12 -28.23 43.64
N ARG M 305 16.25 -28.73 42.42
CA ARG M 305 16.49 -30.15 42.20
C ARG M 305 17.99 -30.49 42.24
N MET M 306 18.61 -30.17 43.38
CA MET M 306 20.04 -30.13 43.55
C MET M 306 20.41 -31.00 44.74
N GLY M 307 21.29 -31.97 44.52
CA GLY M 307 21.69 -32.89 45.59
C GLY M 307 20.72 -34.04 45.79
N MET M 308 21.13 -35.06 46.56
CA MET M 308 20.25 -36.16 46.92
C MET M 308 20.75 -36.83 48.20
N GLY M 309 19.91 -36.82 49.24
CA GLY M 309 20.27 -37.40 50.54
C GLY M 309 19.55 -38.71 50.73
N LEU M 310 20.18 -39.65 51.45
CA LEU M 310 19.56 -40.94 51.78
C LEU M 310 19.06 -40.98 53.22
N TYR M 311 17.87 -41.55 53.39
CA TYR M 311 17.20 -41.50 54.70
C TYR M 311 16.65 -42.87 55.01
N VAL M 312 16.58 -43.21 56.27
CA VAL M 312 16.00 -44.50 56.63
C VAL M 312 15.16 -44.44 57.91
N LYS M 313 14.16 -45.32 58.03
CA LYS M 313 13.48 -45.56 59.30
C LYS M 313 13.00 -46.99 59.41
N TYR M 314 13.18 -47.58 60.58
CA TYR M 314 12.82 -48.97 60.77
C TYR M 314 11.49 -49.09 61.50
N ASP M 315 10.63 -50.00 61.02
CA ASP M 315 9.30 -50.27 61.66
C ASP M 315 8.45 -49.01 61.80
N GLY M 316 7.47 -49.05 62.70
CA GLY M 316 6.52 -47.97 62.87
C GLY M 316 5.55 -47.79 61.70
N ASP M 317 4.77 -46.72 61.75
CA ASP M 317 3.71 -46.51 60.76
C ASP M 317 3.91 -45.16 60.09
N PRO M 318 4.35 -45.15 58.83
CA PRO M 318 4.64 -43.88 58.18
C PRO M 318 3.49 -42.88 58.18
N TRP M 319 2.26 -43.38 58.38
CA TRP M 319 1.09 -42.53 58.40
C TRP M 319 0.94 -41.77 59.70
N THR M 320 1.43 -42.34 60.80
CA THR M 320 1.23 -41.77 62.17
C THR M 320 2.54 -41.35 62.86
N ASP M 321 3.66 -41.85 62.35
CA ASP M 321 4.96 -41.48 62.90
C ASP M 321 5.47 -40.09 62.47
N SER M 322 5.50 -39.13 63.40
CA SER M 322 6.04 -37.78 63.13
C SER M 322 7.55 -37.65 63.31
N ASP M 323 8.18 -38.68 63.87
CA ASP M 323 9.62 -38.67 64.12
C ASP M 323 10.40 -38.43 62.84
N ALA M 324 11.51 -37.73 62.99
CA ALA M 324 12.36 -37.44 61.86
C ALA M 324 12.89 -38.74 61.29
N LEU M 325 13.02 -38.78 59.96
CA LEU M 325 13.81 -39.83 59.32
C LEU M 325 15.30 -39.61 59.60
N ALA M 326 16.02 -40.68 59.92
CA ALA M 326 17.45 -40.59 60.10
C ALA M 326 18.15 -40.42 58.73
N LEU M 327 18.98 -39.37 58.63
CA LEU M 327 19.84 -39.15 57.49
C LEU M 327 21.02 -40.15 57.50
N SER M 328 21.06 -40.96 56.44
CA SER M 328 21.97 -42.07 56.30
C SER M 328 23.23 -41.60 55.57
N GLY M 329 23.06 -40.78 54.54
CA GLY M 329 24.23 -40.20 53.85
C GLY M 329 23.89 -39.33 52.66
N VAL M 330 24.88 -38.65 52.10
CA VAL M 330 24.69 -37.76 50.97
C VAL M 330 25.14 -38.52 49.72
N MET M 331 24.19 -38.93 48.89
CA MET M 331 24.47 -39.65 47.63
C MET M 331 24.95 -38.68 46.54
N VAL M 332 24.35 -37.48 46.54
CA VAL M 332 24.69 -36.45 45.55
C VAL M 332 24.82 -35.11 46.26
N SER M 333 25.93 -34.42 46.03
CA SER M 333 26.12 -33.15 46.73
C SER M 333 25.23 -32.03 46.17
N MET M 334 25.14 -30.95 46.96
CA MET M 334 24.38 -29.74 46.65
C MET M 334 24.82 -29.09 45.33
N GLU M 335 26.04 -29.39 44.91
CA GLU M 335 26.60 -28.81 43.69
C GLU M 335 26.21 -29.62 42.49
N GLU M 336 25.65 -30.81 42.70
CA GLU M 336 25.35 -31.70 41.57
C GLU M 336 23.83 -31.85 41.41
N PRO M 337 23.36 -32.15 40.18
CA PRO M 337 21.90 -32.25 39.98
C PRO M 337 21.30 -33.50 40.63
N GLY M 338 20.22 -33.33 41.38
CA GLY M 338 19.44 -34.44 41.91
C GLY M 338 17.98 -34.31 41.50
N TRP M 339 17.60 -34.98 40.42
CA TRP M 339 16.22 -34.91 39.93
C TRP M 339 15.37 -36.11 40.44
N TYR M 340 14.69 -36.84 39.57
CA TYR M 340 13.87 -37.96 40.02
C TYR M 340 14.73 -39.02 40.73
N SER M 341 14.15 -39.67 41.72
CA SER M 341 14.77 -40.85 42.30
C SER M 341 13.77 -42.03 42.37
N PHE M 342 14.28 -43.27 42.39
CA PHE M 342 13.43 -44.44 42.32
C PHE M 342 14.05 -45.62 43.06
N GLY M 343 13.20 -46.56 43.43
CA GLY M 343 13.61 -47.75 44.12
C GLY M 343 13.55 -48.96 43.22
N PHE M 344 14.43 -49.91 43.46
CA PHE M 344 14.39 -51.19 42.76
C PHE M 344 15.15 -52.22 43.56
N GLU M 345 14.92 -53.49 43.27
CA GLU M 345 15.59 -54.59 43.95
C GLU M 345 16.33 -55.47 42.92
N ILE M 346 17.59 -55.78 43.24
CA ILE M 346 18.31 -56.75 42.43
C ILE M 346 18.16 -58.12 43.08
N LYS M 347 17.91 -59.15 42.28
CA LYS M 347 17.76 -60.51 42.79
CA LYS M 347 17.74 -60.51 42.78
C LYS M 347 19.07 -61.26 42.88
N ASP M 348 19.49 -61.54 44.10
CA ASP M 348 20.68 -62.35 44.35
C ASP M 348 20.13 -63.78 44.41
N LYS M 349 20.97 -64.74 44.73
CA LYS M 349 20.58 -66.12 44.59
C LYS M 349 19.42 -66.52 45.49
N LYS M 350 19.36 -66.01 46.71
CA LYS M 350 18.39 -66.47 47.68
C LYS M 350 17.77 -65.27 48.39
N CYS M 351 18.15 -64.07 47.99
CA CYS M 351 17.68 -62.86 48.64
C CYS M 351 17.68 -61.69 47.71
N ASP M 352 17.04 -60.60 48.14
CA ASP M 352 16.86 -59.41 47.33
C ASP M 352 17.72 -58.25 47.79
N VAL M 353 18.20 -57.45 46.84
CA VAL M 353 19.06 -56.32 47.22
C VAL M 353 18.34 -54.99 46.96
N PRO M 354 17.98 -54.27 48.04
CA PRO M 354 17.33 -52.96 47.86
C PRO M 354 18.28 -51.89 47.29
N CYS M 355 17.82 -51.18 46.27
CA CYS M 355 18.63 -50.14 45.63
C CYS M 355 17.83 -48.86 45.42
N ILE M 356 18.52 -47.72 45.43
CA ILE M 356 17.94 -46.44 45.05
C ILE M 356 18.70 -45.89 43.87
N GLY M 357 17.98 -45.59 42.78
CA GLY M 357 18.59 -44.94 41.62
C GLY M 357 18.27 -43.45 41.64
N ILE M 358 19.14 -42.65 41.06
CA ILE M 358 18.95 -41.21 41.04
C ILE M 358 19.19 -40.70 39.63
N GLU M 359 18.18 -40.03 39.07
CA GLU M 359 18.27 -39.28 37.85
C GLU M 359 19.04 -38.00 38.07
N MET M 360 20.11 -37.81 37.30
CA MET M 360 20.95 -36.59 37.46
C MET M 360 20.92 -35.85 36.14
N VAL M 361 20.02 -34.88 36.08
CA VAL M 361 19.64 -34.26 34.79
C VAL M 361 20.66 -33.19 34.47
N HIS M 362 21.19 -33.24 33.25
CA HIS M 362 22.02 -32.16 32.71
C HIS M 362 21.04 -31.13 32.17
N ASP M 363 20.95 -30.01 32.90
CA ASP M 363 20.00 -28.94 32.56
C ASP M 363 20.76 -27.69 32.23
N GLY M 364 20.66 -27.24 30.98
CA GLY M 364 21.26 -25.95 30.55
C GLY M 364 20.20 -25.08 29.86
N GLY M 365 18.94 -25.35 30.16
CA GLY M 365 17.79 -24.61 29.57
C GLY M 365 17.37 -25.16 28.22
N LYS M 366 16.40 -24.51 27.60
CA LYS M 366 15.76 -25.01 26.39
C LYS M 366 16.56 -24.75 25.10
N GLU M 367 17.65 -23.98 25.20
CA GLU M 367 18.48 -23.59 24.07
C GLU M 367 19.58 -24.62 23.77
N THR M 368 19.54 -25.74 24.50
CA THR M 368 20.46 -26.85 24.32
C THR M 368 19.78 -28.19 24.68
N TRP M 369 20.56 -29.27 24.62
CA TRP M 369 20.07 -30.62 24.92
C TRP M 369 19.77 -30.81 26.38
N HIS M 370 18.79 -31.68 26.66
CA HIS M 370 18.35 -31.92 28.03
C HIS M 370 18.21 -33.39 28.27
N SER M 371 19.10 -33.94 29.10
CA SER M 371 19.17 -35.40 29.28
C SER M 371 19.66 -35.70 30.69
N ALA M 372 19.91 -36.97 30.98
CA ALA M 372 20.24 -37.38 32.35
C ALA M 372 21.23 -38.52 32.45
N ALA M 373 21.99 -38.51 33.54
CA ALA M 373 22.74 -39.63 34.04
C ALA M 373 21.95 -40.36 35.11
N THR M 374 22.37 -41.60 35.41
CA THR M 374 21.71 -42.40 36.46
C THR M 374 22.73 -42.91 37.48
N ALA M 375 22.58 -42.48 38.72
CA ALA M 375 23.44 -42.92 39.86
C ALA M 375 22.76 -44.04 40.63
N ILE M 376 23.50 -45.07 40.98
CA ILE M 376 22.88 -46.24 41.63
C ILE M 376 23.53 -46.49 42.98
N TYR M 377 22.68 -46.65 44.01
CA TYR M 377 23.14 -46.87 45.37
C TYR M 377 22.38 -48.08 45.88
N CYS M 378 23.07 -49.01 46.51
CA CYS M 378 22.50 -50.28 46.93
C CYS M 378 22.97 -50.63 48.31
N LEU M 379 22.08 -51.31 49.04
CA LEU M 379 22.43 -51.89 50.32
C LEU M 379 23.54 -52.90 50.12
N MET M 380 24.65 -52.66 50.84
CA MET M 380 25.78 -53.54 50.82
C MET M 380 26.67 -53.36 52.06
N GLY M 381 26.85 -54.45 52.80
CA GLY M 381 27.78 -54.46 53.95
C GLY M 381 27.29 -53.61 55.11
N SER M 382 28.19 -53.37 56.06
CA SER M 382 27.88 -52.60 57.27
CA SER M 382 27.90 -52.60 57.28
C SER M 382 28.63 -51.26 57.26
N GLY M 383 28.37 -50.42 58.27
CA GLY M 383 29.03 -49.11 58.37
C GLY M 383 28.14 -47.98 57.88
N GLN M 384 28.72 -46.94 57.30
CA GLN M 384 27.96 -45.78 56.82
CA GLN M 384 27.96 -45.78 56.82
C GLN M 384 28.28 -45.46 55.35
N LEU M 385 27.38 -44.75 54.69
CA LEU M 385 27.49 -44.38 53.30
C LEU M 385 28.70 -43.49 53.07
N LEU M 386 29.57 -43.89 52.14
CA LEU M 386 30.90 -43.29 52.09
C LEU M 386 31.12 -42.19 51.07
N TRP M 387 30.52 -42.32 49.89
CA TRP M 387 30.95 -41.46 48.80
C TRP M 387 29.80 -40.98 47.92
N ASP M 388 29.98 -39.79 47.36
CA ASP M 388 28.96 -39.21 46.54
C ASP M 388 29.19 -39.50 45.01
N THR M 389 28.22 -39.12 44.20
CA THR M 389 28.27 -39.31 42.77
C THR M 389 28.22 -37.96 42.04
N VAL M 390 29.15 -37.77 41.10
CA VAL M 390 29.11 -36.66 40.16
C VAL M 390 28.88 -37.24 38.73
N THR M 391 28.26 -36.48 37.82
CA THR M 391 28.11 -36.92 36.43
C THR M 391 29.40 -36.78 35.64
N GLY M 392 30.15 -35.72 35.95
CA GLY M 392 31.42 -35.48 35.32
C GLY M 392 31.25 -34.79 34.01
N VAL M 393 30.02 -34.45 33.66
CA VAL M 393 29.68 -33.92 32.31
C VAL M 393 29.84 -32.40 32.19
N ASP M 394 30.56 -31.94 31.18
CA ASP M 394 30.57 -30.53 30.85
C ASP M 394 29.61 -30.31 29.67
N MET M 395 28.56 -29.55 29.90
CA MET M 395 27.49 -29.37 28.88
C MET M 395 27.88 -28.49 27.70
N ALA M 396 29.04 -27.84 27.80
CA ALA M 396 29.55 -27.01 26.73
C ALA M 396 30.27 -27.83 25.65
N LEU M 397 30.63 -29.08 25.96
CA LEU M 397 31.43 -29.91 25.04
C LEU M 397 30.55 -30.63 24.02
N PRO N 9 11.27 -77.74 18.77
CA PRO N 9 10.35 -76.85 18.06
C PRO N 9 9.58 -77.55 16.96
N GLU N 10 8.36 -77.04 16.74
CA GLU N 10 7.40 -77.61 15.79
CA GLU N 10 7.35 -77.62 15.83
C GLU N 10 6.83 -76.56 14.84
N TRP N 11 6.25 -77.00 13.73
CA TRP N 11 5.65 -76.08 12.75
C TRP N 11 4.59 -75.16 13.34
N THR N 12 4.52 -73.95 12.81
CA THR N 12 3.57 -72.95 13.30
CA THR N 12 3.55 -73.00 13.32
C THR N 12 2.30 -72.90 12.43
N TYR N 13 1.17 -72.55 13.05
CA TYR N 13 -0.09 -72.35 12.34
C TYR N 13 -0.65 -71.03 12.83
N PRO N 14 -1.54 -70.40 12.03
CA PRO N 14 -2.31 -69.25 12.50
C PRO N 14 -3.18 -69.65 13.68
N ARG N 15 -3.25 -68.79 14.66
CA ARG N 15 -4.21 -69.02 15.77
C ARG N 15 -5.32 -67.97 15.76
N LEU N 16 -6.28 -68.12 16.68
CA LEU N 16 -7.21 -67.03 16.96
C LEU N 16 -6.42 -65.79 17.35
N SER N 17 -6.85 -64.63 16.85
CA SER N 17 -6.28 -63.35 17.23
C SER N 17 -6.53 -63.03 18.72
N CYS N 18 -5.59 -62.27 19.28
CA CYS N 18 -5.77 -61.76 20.64
C CYS N 18 -7.02 -60.85 20.70
N PRO N 19 -7.60 -60.69 21.92
CA PRO N 19 -8.75 -59.79 22.03
C PRO N 19 -8.34 -58.36 21.67
N GLY N 20 -9.28 -57.61 21.11
CA GLY N 20 -9.10 -56.19 20.84
C GLY N 20 -10.17 -55.79 19.86
N SER N 21 -10.36 -54.49 19.69
CA SER N 21 -11.34 -53.98 18.72
C SER N 21 -10.88 -52.65 18.11
N THR N 22 -9.67 -52.23 18.46
CA THR N 22 -9.04 -51.07 17.85
C THR N 22 -7.49 -51.23 17.70
N PHE N 23 -6.93 -50.63 16.64
CA PHE N 23 -5.50 -50.50 16.54
C PHE N 23 -5.05 -49.24 17.27
N GLN N 24 -3.84 -49.27 17.83
CA GLN N 24 -3.21 -48.09 18.44
C GLN N 24 -1.76 -47.95 17.96
N LYS N 25 -1.20 -46.76 18.03
CA LYS N 25 0.20 -46.48 17.75
C LYS N 25 1.12 -47.32 18.68
N ALA N 26 1.91 -48.22 18.10
CA ALA N 26 2.78 -49.07 18.94
C ALA N 26 4.23 -48.59 18.97
N LEU N 27 4.86 -48.45 17.78
CA LEU N 27 6.31 -48.24 17.73
C LEU N 27 6.71 -47.55 16.42
N LEU N 28 7.57 -46.55 16.51
CA LEU N 28 8.19 -45.88 15.38
C LEU N 28 9.68 -46.30 15.32
N ILE N 29 10.13 -46.81 14.18
CA ILE N 29 11.55 -47.01 13.93
C ILE N 29 11.90 -45.94 12.95
N SER N 30 12.56 -44.88 13.45
CA SER N 30 12.97 -43.73 12.65
C SER N 30 14.49 -43.61 12.70
N PRO N 31 15.21 -44.35 11.86
CA PRO N 31 16.69 -44.43 11.98
C PRO N 31 17.39 -43.14 11.62
N HIS N 32 16.73 -42.32 10.78
CA HIS N 32 17.31 -41.09 10.26
C HIS N 32 17.19 -39.91 11.20
N ARG N 33 16.55 -40.12 12.35
CA ARG N 33 16.66 -39.19 13.48
C ARG N 33 18.11 -39.13 14.02
N PHE N 34 18.96 -40.00 13.50
CA PHE N 34 20.39 -40.07 13.94
C PHE N 34 21.39 -39.90 12.81
N GLY N 35 20.91 -39.55 11.61
CA GLY N 35 21.75 -39.38 10.44
C GLY N 35 22.29 -38.00 10.17
N GLU N 36 22.32 -37.13 11.18
CA GLU N 36 22.82 -35.76 10.99
C GLU N 36 24.31 -35.72 10.72
N THR N 37 24.74 -34.71 9.99
CA THR N 37 26.18 -34.51 9.81
C THR N 37 26.79 -34.28 11.21
N LYS N 38 26.02 -33.60 12.06
CA LYS N 38 26.47 -33.18 13.38
C LYS N 38 26.51 -34.37 14.33
N GLY N 39 25.87 -35.47 13.95
CA GLY N 39 25.82 -36.69 14.74
C GLY N 39 26.97 -37.68 14.51
N ASN N 40 26.86 -38.84 15.18
CA ASN N 40 27.84 -39.91 15.14
C ASN N 40 27.27 -41.29 14.83
N SER N 41 26.16 -41.33 14.09
CA SER N 41 25.49 -42.60 13.83
C SER N 41 25.53 -42.96 12.36
N ALA N 42 25.12 -44.19 12.06
CA ALA N 42 25.16 -44.70 10.70
C ALA N 42 23.86 -45.43 10.31
N PRO N 43 22.72 -44.73 10.32
CA PRO N 43 21.52 -45.37 9.83
C PRO N 43 21.67 -45.75 8.39
N LEU N 44 21.28 -46.99 8.07
CA LEU N 44 21.33 -47.46 6.69
C LEU N 44 20.22 -46.82 5.84
N ILE N 45 20.55 -46.45 4.60
CA ILE N 45 19.57 -46.01 3.59
C ILE N 45 18.81 -47.23 3.06
N ILE N 46 17.50 -47.23 3.30
CA ILE N 46 16.66 -48.38 3.02
C ILE N 46 15.35 -47.98 2.33
N ARG N 47 14.59 -48.99 1.92
CA ARG N 47 13.20 -48.79 1.49
C ARG N 47 12.53 -50.18 1.47
N GLU N 48 11.23 -50.20 1.11
CA GLU N 48 10.39 -51.39 1.17
C GLU N 48 10.62 -52.17 2.49
N PRO N 49 10.46 -51.50 3.66
CA PRO N 49 10.64 -52.25 4.86
C PRO N 49 9.43 -53.15 5.08
N PHE N 50 9.62 -54.17 5.91
CA PHE N 50 8.50 -54.98 6.40
C PHE N 50 8.97 -55.71 7.61
N ILE N 51 8.01 -56.31 8.30
CA ILE N 51 8.25 -57.03 9.54
C ILE N 51 7.68 -58.45 9.44
N ALA N 52 8.42 -59.42 10.02
CA ALA N 52 7.97 -60.82 10.10
C ALA N 52 8.35 -61.36 11.45
N CYS N 53 7.48 -62.18 12.02
CA CYS N 53 7.64 -62.58 13.40
C CYS N 53 7.61 -64.07 13.55
N GLY N 54 8.51 -64.57 14.41
CA GLY N 54 8.52 -65.96 14.78
C GLY N 54 7.96 -66.07 16.17
N PRO N 55 8.02 -67.29 16.73
CA PRO N 55 7.44 -67.53 18.05
C PRO N 55 8.13 -66.79 19.18
N LYS N 56 9.35 -66.28 18.97
CA LYS N 56 10.06 -65.57 20.03
C LYS N 56 10.62 -64.19 19.68
N GLU N 57 10.63 -63.85 18.40
CA GLU N 57 11.26 -62.62 17.96
C GLU N 57 10.54 -62.09 16.72
N CYS N 58 10.51 -60.77 16.56
CA CYS N 58 10.11 -60.11 15.31
C CYS N 58 11.31 -59.45 14.65
N LYS N 59 11.49 -59.68 13.36
CA LYS N 59 12.57 -59.08 12.61
C LYS N 59 12.06 -57.98 11.72
N HIS N 60 12.73 -56.84 11.78
CA HIS N 60 12.46 -55.72 10.91
C HIS N 60 13.33 -55.83 9.67
N PHE N 61 12.72 -56.10 8.52
CA PHE N 61 13.48 -56.22 7.27
C PHE N 61 13.39 -54.98 6.40
N ALA N 62 14.33 -54.82 5.47
CA ALA N 62 14.25 -53.76 4.45
C ALA N 62 15.26 -54.04 3.34
N LEU N 63 15.16 -53.30 2.25
CA LEU N 63 16.15 -53.40 1.19
C LEU N 63 17.05 -52.19 1.25
N THR N 64 18.34 -52.41 1.41
CA THR N 64 19.26 -51.30 1.53
C THR N 64 20.01 -51.03 0.23
N HIS N 65 20.39 -49.77 0.05
CA HIS N 65 21.30 -49.42 -1.03
C HIS N 65 22.75 -49.53 -0.62
N TYR N 66 23.02 -50.24 0.47
CA TYR N 66 24.40 -50.48 0.91
C TYR N 66 25.14 -49.14 1.15
N ALA N 67 24.48 -48.27 1.89
CA ALA N 67 24.89 -46.88 2.05
C ALA N 67 24.27 -46.38 3.34
N ALA N 68 24.97 -45.49 4.02
CA ALA N 68 24.46 -44.90 5.23
C ALA N 68 24.39 -43.39 5.13
N GLN N 69 23.66 -42.81 6.09
CA GLN N 69 23.55 -41.37 6.30
C GLN N 69 24.12 -40.98 7.67
N PRO N 70 25.10 -40.02 7.71
CA PRO N 70 25.70 -39.34 6.54
C PRO N 70 26.66 -40.21 5.73
N GLY N 71 26.77 -39.94 4.43
CA GLY N 71 27.56 -40.79 3.56
C GLY N 71 27.77 -40.15 2.20
N GLY N 72 28.46 -40.86 1.30
CA GLY N 72 28.91 -40.29 0.04
C GLY N 72 28.23 -40.99 -1.13
N TYR N 73 27.30 -41.85 -0.80
CA TYR N 73 26.68 -42.67 -1.82
C TYR N 73 25.19 -42.40 -1.97
N TYR N 74 24.79 -41.14 -1.91
CA TYR N 74 23.35 -40.80 -2.06
C TYR N 74 22.83 -40.97 -3.48
N ASN N 75 23.71 -40.76 -4.46
CA ASN N 75 23.33 -40.86 -5.87
C ASN N 75 22.92 -42.29 -6.19
N GLY N 76 21.69 -42.44 -6.69
CA GLY N 76 21.14 -43.75 -7.04
C GLY N 76 20.21 -44.35 -6.00
N THR N 77 19.96 -43.65 -4.90
CA THR N 77 19.17 -44.25 -3.82
C THR N 77 17.66 -44.04 -4.01
N ARG N 78 17.26 -43.20 -4.95
CA ARG N 78 15.88 -43.17 -5.42
C ARG N 78 15.47 -44.32 -6.34
N GLY N 79 16.40 -44.96 -7.05
CA GLY N 79 16.07 -46.14 -7.86
C GLY N 79 15.86 -47.36 -6.96
N ASP N 80 15.25 -48.42 -7.49
CA ASP N 80 15.12 -49.67 -6.72
C ASP N 80 16.16 -50.77 -7.06
N ARG N 81 16.43 -50.95 -8.36
CA ARG N 81 17.29 -52.02 -8.88
C ARG N 81 18.72 -51.58 -9.13
N ASN N 82 19.66 -52.23 -8.45
CA ASN N 82 21.11 -52.11 -8.74
C ASN N 82 21.84 -53.30 -8.14
N LYS N 83 23.12 -53.40 -8.46
CA LYS N 83 23.91 -54.56 -8.08
C LYS N 83 24.31 -54.53 -6.62
N LEU N 84 24.00 -53.44 -5.94
CA LEU N 84 24.38 -53.23 -4.56
C LEU N 84 23.28 -53.50 -3.55
N ARG N 85 22.05 -53.53 -4.03
CA ARG N 85 20.87 -53.64 -3.17
C ARG N 85 20.84 -54.97 -2.42
N HIS N 86 20.46 -54.94 -1.14
CA HIS N 86 20.57 -56.08 -0.28
C HIS N 86 19.39 -56.18 0.68
N LEU N 87 18.93 -57.39 0.94
CA LEU N 87 17.96 -57.61 1.99
C LEU N 87 18.71 -57.64 3.32
N ILE N 88 18.32 -56.76 4.24
CA ILE N 88 18.89 -56.68 5.61
C ILE N 88 17.79 -56.83 6.69
N SER N 89 18.18 -57.08 7.92
CA SER N 89 17.24 -57.16 9.02
C SER N 89 17.92 -56.81 10.33
N VAL N 90 17.15 -56.27 11.26
CA VAL N 90 17.47 -56.17 12.67
C VAL N 90 16.27 -56.73 13.45
N LYS N 91 16.52 -57.07 14.69
CA LYS N 91 15.44 -57.43 15.61
C LYS N 91 14.55 -56.20 15.74
N LEU N 92 13.24 -56.36 15.55
CA LEU N 92 12.35 -55.21 15.77
C LEU N 92 12.58 -54.53 17.13
N GLY N 93 12.88 -53.23 17.09
CA GLY N 93 13.17 -52.42 18.25
C GLY N 93 14.60 -51.87 18.13
N LYS N 94 15.40 -52.50 17.29
CA LYS N 94 16.77 -52.06 17.07
C LYS N 94 16.80 -51.10 15.93
N ILE N 95 17.71 -50.13 16.01
CA ILE N 95 17.83 -49.17 14.90
C ILE N 95 18.68 -49.83 13.81
N PRO N 96 18.16 -49.93 12.56
CA PRO N 96 18.93 -50.54 11.48
C PRO N 96 20.11 -49.67 11.01
N THR N 97 21.23 -49.82 11.72
CA THR N 97 22.45 -49.10 11.39
C THR N 97 23.38 -50.06 10.66
N VAL N 98 24.50 -49.55 10.17
CA VAL N 98 25.56 -50.38 9.58
C VAL N 98 25.93 -51.58 10.45
N GLU N 99 26.14 -51.34 11.75
CA GLU N 99 26.64 -52.40 12.63
C GLU N 99 25.50 -53.28 13.18
N ASN N 100 24.36 -52.67 13.54
CA ASN N 100 23.24 -53.44 14.07
C ASN N 100 22.62 -54.40 13.08
N SER N 101 22.72 -54.08 11.79
CA SER N 101 22.01 -54.86 10.76
C SER N 101 22.77 -56.12 10.39
N ILE N 102 22.04 -57.09 9.85
CA ILE N 102 22.64 -58.23 9.22
C ILE N 102 22.27 -58.23 7.75
N PHE N 103 23.25 -58.47 6.90
CA PHE N 103 23.04 -58.61 5.47
C PHE N 103 22.75 -60.03 5.07
N HIS N 104 21.56 -60.28 4.54
CA HIS N 104 21.14 -61.66 4.23
C HIS N 104 21.53 -62.15 2.85
N MET N 105 21.25 -61.30 1.86
CA MET N 105 21.53 -61.65 0.48
C MET N 105 21.32 -60.43 -0.37
N ALA N 106 22.00 -60.41 -1.51
CA ALA N 106 21.74 -59.41 -2.55
C ALA N 106 20.28 -59.54 -3.00
N ALA N 107 19.54 -58.42 -3.08
CA ALA N 107 18.10 -58.37 -3.40
C ALA N 107 17.60 -56.96 -3.63
N TRP N 108 16.90 -56.75 -4.73
CA TRP N 108 16.17 -55.49 -4.92
C TRP N 108 14.65 -55.70 -4.83
N SER N 109 14.26 -56.93 -4.46
CA SER N 109 12.86 -57.24 -4.10
C SER N 109 12.90 -58.39 -3.12
N GLY N 110 12.09 -58.28 -2.05
CA GLY N 110 12.34 -59.12 -0.87
C GLY N 110 11.14 -59.64 -0.11
N SER N 111 11.37 -60.65 0.71
CA SER N 111 10.32 -61.22 1.59
C SER N 111 10.98 -62.19 2.56
N ALA N 112 10.25 -62.55 3.62
CA ALA N 112 10.76 -63.44 4.63
C ALA N 112 9.65 -63.91 5.58
N CYS N 113 9.86 -65.07 6.18
CA CYS N 113 8.87 -65.64 7.06
C CYS N 113 9.48 -66.73 7.93
N HIS N 114 8.81 -66.97 9.07
CA HIS N 114 9.24 -68.00 10.02
C HIS N 114 8.27 -69.16 10.03
N ASP N 115 8.78 -70.39 9.97
CA ASP N 115 7.88 -71.52 9.81
C ASP N 115 7.63 -72.28 11.12
N GLY N 116 8.14 -71.73 12.22
CA GLY N 116 8.08 -72.39 13.50
C GLY N 116 9.42 -72.99 13.91
N LYS N 117 10.25 -73.31 12.91
CA LYS N 117 11.54 -73.97 13.15
C LYS N 117 12.70 -73.08 12.69
N GLU N 118 12.56 -72.46 11.51
CA GLU N 118 13.60 -71.62 10.92
C GLU N 118 13.03 -70.53 10.04
N TRP N 119 13.85 -69.50 9.84
CA TRP N 119 13.60 -68.40 8.93
C TRP N 119 13.81 -68.75 7.45
N THR N 120 12.86 -68.36 6.60
CA THR N 120 13.04 -68.41 5.16
C THR N 120 13.25 -66.95 4.72
N TYR N 121 14.25 -66.69 3.92
CA TYR N 121 14.53 -65.35 3.41
C TYR N 121 14.46 -65.35 1.87
N ILE N 122 13.80 -64.35 1.30
CA ILE N 122 13.55 -64.33 -0.14
C ILE N 122 14.09 -63.06 -0.74
N GLY N 123 14.87 -63.19 -1.80
CA GLY N 123 15.54 -62.03 -2.37
C GLY N 123 15.67 -62.18 -3.88
N VAL N 124 15.12 -61.21 -4.63
CA VAL N 124 15.23 -61.19 -6.07
C VAL N 124 16.28 -60.18 -6.50
N ASP N 125 17.15 -60.62 -7.39
CA ASP N 125 18.08 -59.73 -8.07
C ASP N 125 18.30 -60.21 -9.49
N GLY N 126 19.26 -59.58 -10.18
CA GLY N 126 19.53 -59.93 -11.54
C GLY N 126 19.00 -58.90 -12.51
N PRO N 127 19.26 -59.09 -13.80
CA PRO N 127 18.92 -58.12 -14.86
C PRO N 127 17.44 -58.03 -15.04
N GLU N 128 16.97 -56.86 -15.49
CA GLU N 128 15.51 -56.61 -15.76
C GLU N 128 14.83 -57.76 -16.49
N ASN N 129 15.45 -58.17 -17.59
CA ASN N 129 14.81 -59.13 -18.51
C ASN N 129 14.92 -60.59 -18.07
N ASN N 130 15.75 -60.86 -17.05
CA ASN N 130 15.96 -62.23 -16.56
C ASN N 130 16.34 -62.26 -15.09
N ALA N 131 15.53 -61.61 -14.27
CA ALA N 131 15.71 -61.61 -12.83
C ALA N 131 15.60 -63.00 -12.18
N LEU N 132 16.13 -63.10 -10.96
CA LEU N 132 16.22 -64.37 -10.25
C LEU N 132 15.80 -64.28 -8.77
N LEU N 133 14.79 -65.06 -8.42
CA LEU N 133 14.40 -65.14 -7.04
C LEU N 133 15.27 -66.19 -6.30
N LYS N 134 15.89 -65.79 -5.18
CA LYS N 134 16.73 -66.69 -4.41
C LYS N 134 16.18 -66.93 -3.00
N ILE N 135 16.21 -68.19 -2.59
CA ILE N 135 15.73 -68.62 -1.29
C ILE N 135 16.87 -69.02 -0.35
N LYS N 136 16.76 -68.56 0.89
CA LYS N 136 17.75 -68.85 1.94
C LYS N 136 17.01 -69.44 3.14
N TYR N 137 17.43 -70.61 3.57
CA TYR N 137 16.84 -71.25 4.72
C TYR N 137 17.87 -71.20 5.83
N GLY N 138 17.62 -70.37 6.83
CA GLY N 138 18.64 -70.09 7.83
C GLY N 138 19.83 -69.41 7.18
N GLU N 139 20.97 -70.12 7.15
CA GLU N 139 22.21 -69.57 6.63
C GLU N 139 22.48 -70.10 5.25
N ALA N 140 21.81 -71.19 4.89
CA ALA N 140 22.01 -71.84 3.61
C ALA N 140 21.10 -71.29 2.47
N TYR N 141 21.73 -70.97 1.33
CA TYR N 141 21.02 -70.73 0.07
C TYR N 141 20.58 -72.09 -0.51
N THR N 142 19.28 -72.25 -0.77
CA THR N 142 18.69 -73.57 -1.00
C THR N 142 17.98 -73.72 -2.34
N ASP N 143 17.48 -72.64 -2.92
CA ASP N 143 16.71 -72.76 -4.16
C ASP N 143 16.60 -71.45 -4.91
N THR N 144 16.25 -71.51 -6.20
CA THR N 144 15.92 -70.31 -6.95
C THR N 144 14.72 -70.53 -7.84
N TYR N 145 14.18 -69.42 -8.35
CA TYR N 145 13.12 -69.46 -9.33
C TYR N 145 13.40 -68.39 -10.35
N HIS N 146 13.02 -68.67 -11.60
CA HIS N 146 13.46 -67.90 -12.76
C HIS N 146 12.36 -67.01 -13.29
N SER N 147 12.75 -65.86 -13.84
CA SER N 147 11.82 -64.96 -14.54
C SER N 147 11.04 -65.73 -15.59
N TYR N 148 9.71 -65.59 -15.54
CA TYR N 148 8.82 -66.31 -16.49
C TYR N 148 8.07 -65.40 -17.47
N ALA N 149 8.16 -64.09 -17.29
CA ALA N 149 7.58 -63.18 -18.29
C ALA N 149 8.64 -62.20 -18.78
N ASN N 150 9.86 -62.35 -18.25
CA ASN N 150 10.99 -61.57 -18.71
C ASN N 150 10.89 -60.08 -18.53
N ASN N 151 10.24 -59.66 -17.44
CA ASN N 151 10.11 -58.23 -17.19
C ASN N 151 9.98 -57.94 -15.72
N ILE N 152 11.16 -57.85 -15.10
CA ILE N 152 11.35 -57.66 -13.66
C ILE N 152 10.59 -58.66 -12.79
N LEU N 153 11.08 -59.88 -12.73
CA LEU N 153 10.60 -60.79 -11.67
C LEU N 153 10.64 -60.10 -10.28
N ARG N 154 9.56 -60.25 -9.50
CA ARG N 154 9.19 -59.33 -8.40
C ARG N 154 8.41 -60.12 -7.35
N THR N 155 8.53 -59.73 -6.07
CA THR N 155 7.85 -60.46 -5.00
C THR N 155 7.11 -59.48 -4.06
N GLN N 156 6.75 -59.94 -2.86
CA GLN N 156 5.68 -59.27 -2.06
C GLN N 156 6.09 -57.94 -1.42
N GLU N 157 7.36 -57.79 -1.06
N GLU N 157 7.37 -57.81 -1.07
CA GLU N 157 7.85 -56.67 -0.20
CA GLU N 157 7.90 -56.72 -0.21
C GLU N 157 7.22 -56.70 1.18
C GLU N 157 7.23 -56.71 1.17
N SER N 158 6.71 -57.87 1.56
CA SER N 158 6.19 -58.13 2.90
C SER N 158 6.37 -59.60 3.25
N ALA N 159 5.99 -59.96 4.47
CA ALA N 159 6.15 -61.30 5.01
C ALA N 159 5.41 -62.36 4.20
N CYS N 160 6.08 -63.48 3.93
CA CYS N 160 5.43 -64.65 3.36
C CYS N 160 4.68 -65.38 4.46
N ASN N 161 3.99 -66.47 4.14
CA ASN N 161 3.10 -67.11 5.13
C ASN N 161 3.23 -68.63 5.21
N CYS N 162 3.65 -69.11 6.39
CA CYS N 162 3.91 -70.50 6.62
C CYS N 162 2.83 -71.18 7.44
N ILE N 163 2.48 -72.38 6.99
CA ILE N 163 1.53 -73.23 7.68
C ILE N 163 1.99 -74.69 7.60
N GLY N 164 2.10 -75.32 8.76
CA GLY N 164 2.57 -76.71 8.82
C GLY N 164 3.84 -76.94 8.02
N GLY N 165 4.71 -75.91 7.97
CA GLY N 165 6.03 -76.00 7.32
C GLY N 165 6.05 -75.54 5.88
N ASN N 166 4.86 -75.44 5.30
CA ASN N 166 4.63 -74.92 3.96
C ASN N 166 4.51 -73.40 3.99
N CYS N 167 5.46 -72.71 3.38
CA CYS N 167 5.44 -71.24 3.29
C CYS N 167 4.99 -70.84 1.87
N TYR N 168 4.03 -69.93 1.78
CA TYR N 168 3.43 -69.52 0.51
C TYR N 168 3.88 -68.11 0.23
N LEU N 169 4.17 -67.85 -1.03
CA LEU N 169 4.80 -66.59 -1.40
C LEU N 169 4.28 -66.20 -2.77
N MET N 170 3.95 -64.91 -2.94
CA MET N 170 3.47 -64.41 -4.21
C MET N 170 4.68 -63.92 -4.94
N ILE N 171 4.76 -64.28 -6.22
CA ILE N 171 5.73 -63.70 -7.14
C ILE N 171 5.00 -63.15 -8.35
N THR N 172 5.59 -62.14 -8.96
CA THR N 172 5.04 -61.66 -10.19
C THR N 172 6.11 -61.26 -11.22
N ASP N 173 5.69 -61.13 -12.46
CA ASP N 173 6.61 -60.83 -13.56
C ASP N 173 5.82 -60.19 -14.70
N GLY N 174 6.41 -59.16 -15.35
CA GLY N 174 5.65 -58.40 -16.37
C GLY N 174 5.68 -56.89 -16.24
N SER N 175 5.32 -56.24 -17.33
CA SER N 175 5.34 -54.77 -17.42
C SER N 175 4.58 -54.11 -16.27
N ALA N 176 5.18 -53.04 -15.75
CA ALA N 176 4.56 -52.26 -14.68
C ALA N 176 3.35 -51.48 -15.21
N SER N 177 3.32 -51.26 -16.53
CA SER N 177 2.25 -50.51 -17.19
C SER N 177 1.34 -51.44 -17.95
N GLY N 178 1.59 -52.74 -17.87
CA GLY N 178 0.90 -53.72 -18.70
C GLY N 178 0.54 -54.94 -17.89
N ILE N 179 0.61 -56.11 -18.52
CA ILE N 179 0.26 -57.39 -17.88
C ILE N 179 1.37 -57.86 -16.93
N SER N 180 1.00 -58.18 -15.69
CA SER N 180 1.83 -58.88 -14.74
C SER N 180 1.07 -59.99 -14.00
N GLU N 181 0.94 -61.13 -14.67
CA GLU N 181 0.30 -62.31 -14.12
C GLU N 181 1.13 -62.95 -12.99
N CYS N 182 0.68 -62.77 -11.74
CA CYS N 182 1.39 -63.30 -10.57
C CYS N 182 1.25 -64.82 -10.43
N ARG N 183 2.15 -65.39 -9.64
CA ARG N 183 2.09 -66.82 -9.30
C ARG N 183 2.31 -66.94 -7.82
N PHE N 184 1.97 -68.08 -7.27
CA PHE N 184 2.38 -68.41 -5.92
C PHE N 184 3.35 -69.59 -5.81
N LEU N 185 4.34 -69.45 -4.96
CA LEU N 185 5.25 -70.53 -4.68
C LEU N 185 4.89 -71.14 -3.34
N LYS N 186 4.78 -72.47 -3.32
CA LYS N 186 4.79 -73.25 -2.06
C LYS N 186 6.24 -73.67 -1.76
N ILE N 187 6.79 -73.15 -0.66
CA ILE N 187 8.21 -73.40 -0.28
C ILE N 187 8.35 -74.18 1.06
N ARG N 188 9.02 -75.33 1.03
CA ARG N 188 9.21 -76.10 2.25
C ARG N 188 10.70 -76.26 2.60
N GLU N 189 11.06 -75.81 3.81
CA GLU N 189 12.43 -75.80 4.27
C GLU N 189 13.30 -75.27 3.14
N GLY N 190 12.83 -74.17 2.53
CA GLY N 190 13.65 -73.39 1.64
C GLY N 190 13.67 -73.88 0.20
N ARG N 191 12.94 -74.96 -0.08
CA ARG N 191 12.84 -75.45 -1.47
C ARG N 191 11.40 -75.44 -2.05
N ILE N 192 11.26 -75.00 -3.29
CA ILE N 192 9.95 -74.82 -3.91
C ILE N 192 9.43 -76.21 -4.26
N ILE N 193 8.27 -76.58 -3.76
CA ILE N 193 7.76 -77.94 -3.97
C ILE N 193 6.50 -77.88 -4.87
N LYS N 194 5.99 -76.68 -5.06
CA LYS N 194 4.84 -76.47 -5.96
C LYS N 194 4.80 -75.07 -6.50
N GLU N 195 4.36 -74.95 -7.75
CA GLU N 195 3.99 -73.69 -8.38
C GLU N 195 2.50 -73.68 -8.45
N ILE N 196 1.90 -72.60 -7.97
CA ILE N 196 0.44 -72.46 -7.98
C ILE N 196 0.06 -71.33 -8.94
N PHE N 197 -0.78 -71.66 -9.92
CA PHE N 197 -1.20 -70.69 -10.95
C PHE N 197 -2.62 -70.22 -10.69
N PRO N 198 -2.78 -68.94 -10.37
CA PRO N 198 -4.11 -68.45 -9.95
C PRO N 198 -5.05 -68.34 -11.14
N THR N 199 -6.34 -68.43 -10.88
CA THR N 199 -7.37 -68.22 -11.90
C THR N 199 -8.08 -66.91 -11.65
N GLY N 200 -8.87 -66.50 -12.65
CA GLY N 200 -9.80 -65.38 -12.50
C GLY N 200 -9.18 -64.09 -13.00
N ARG N 201 -9.17 -63.06 -12.16
CA ARG N 201 -8.84 -61.75 -12.68
C ARG N 201 -7.38 -61.63 -12.44
N VAL N 202 -6.56 -62.02 -13.45
CA VAL N 202 -5.08 -62.16 -13.28
C VAL N 202 -4.28 -61.17 -14.12
N LYS N 203 -5.00 -60.30 -14.84
CA LYS N 203 -4.49 -59.24 -15.72
C LYS N 203 -3.25 -58.51 -15.14
N HIS N 204 -3.39 -57.99 -13.93
CA HIS N 204 -2.22 -57.38 -13.25
C HIS N 204 -2.31 -57.48 -11.72
N THR N 205 -1.33 -58.17 -11.14
CA THR N 205 -1.22 -58.34 -9.70
C THR N 205 0.24 -58.30 -9.24
N GLU N 206 0.54 -57.40 -8.31
CA GLU N 206 1.87 -57.28 -7.73
C GLU N 206 1.83 -56.81 -6.29
N GLU N 207 2.96 -57.00 -5.60
CA GLU N 207 3.11 -56.60 -4.20
C GLU N 207 1.96 -57.00 -3.31
N CYS N 208 1.54 -58.24 -3.41
CA CYS N 208 0.51 -58.75 -2.55
C CYS N 208 0.89 -58.71 -1.09
N THR N 209 -0.03 -58.22 -0.27
CA THR N 209 0.14 -58.25 1.15
C THR N 209 -0.77 -59.36 1.62
N CYS N 210 -0.16 -60.43 2.14
CA CYS N 210 -0.89 -61.67 2.38
C CYS N 210 -0.97 -62.02 3.85
N GLY N 211 -2.01 -62.76 4.22
CA GLY N 211 -2.19 -63.23 5.60
C GLY N 211 -3.17 -64.38 5.68
N PHE N 212 -3.16 -65.10 6.80
CA PHE N 212 -4.13 -66.18 7.01
C PHE N 212 -5.50 -65.68 7.43
N ALA N 213 -6.52 -66.02 6.63
CA ALA N 213 -7.92 -65.80 7.03
C ALA N 213 -8.34 -66.92 8.00
N SER N 214 -7.80 -68.11 7.76
CA SER N 214 -8.08 -69.27 8.60
C SER N 214 -6.91 -70.24 8.37
N ASN N 215 -7.02 -71.46 8.90
CA ASN N 215 -6.06 -72.54 8.57
C ASN N 215 -6.19 -73.08 7.15
N LYS N 216 -7.29 -72.76 6.47
N LYS N 216 -7.30 -72.75 6.49
CA LYS N 216 -7.55 -73.24 5.13
CA LYS N 216 -7.64 -73.23 5.16
C LYS N 216 -7.20 -72.21 4.09
C LYS N 216 -7.25 -72.21 4.09
N THR N 217 -7.38 -70.93 4.41
CA THR N 217 -7.29 -69.84 3.41
C THR N 217 -6.29 -68.72 3.72
N ILE N 218 -5.49 -68.37 2.70
CA ILE N 218 -4.64 -67.18 2.70
C ILE N 218 -5.32 -66.17 1.79
N GLU N 219 -5.43 -64.92 2.23
CA GLU N 219 -5.93 -63.87 1.35
C GLU N 219 -4.88 -62.79 1.21
N CYS N 220 -4.93 -62.07 0.10
CA CYS N 220 -3.96 -61.04 -0.13
C CYS N 220 -4.64 -59.81 -0.70
N ALA N 221 -4.16 -58.63 -0.31
CA ALA N 221 -4.59 -57.39 -0.95
C ALA N 221 -3.42 -56.86 -1.73
N CYS N 222 -3.56 -56.83 -3.06
CA CYS N 222 -2.42 -56.54 -3.91
C CYS N 222 -2.54 -55.21 -4.67
N ARG N 223 -1.64 -54.99 -5.62
CA ARG N 223 -1.53 -53.74 -6.35
C ARG N 223 -1.65 -54.05 -7.84
N ASP N 224 -2.53 -53.31 -8.50
CA ASP N 224 -2.59 -53.30 -9.96
C ASP N 224 -2.03 -51.96 -10.41
N ASN N 225 -0.92 -52.01 -11.13
CA ASN N 225 -0.16 -50.81 -11.43
C ASN N 225 -0.57 -50.22 -12.72
N SER N 226 -1.49 -50.90 -13.41
CA SER N 226 -1.87 -50.46 -14.74
C SER N 226 -3.32 -50.10 -14.92
N TYR N 227 -4.21 -50.91 -14.37
CA TYR N 227 -5.62 -50.86 -14.85
C TYR N 227 -6.69 -50.26 -13.94
N THR N 228 -6.46 -50.34 -12.63
CA THR N 228 -7.50 -50.06 -11.67
C THR N 228 -6.92 -49.60 -10.36
N ALA N 229 -7.74 -48.83 -9.65
CA ALA N 229 -7.42 -48.41 -8.32
C ALA N 229 -8.04 -49.34 -7.26
N LYS N 230 -8.83 -50.32 -7.71
CA LYS N 230 -9.32 -51.38 -6.83
C LYS N 230 -8.17 -52.35 -6.65
N ARG N 231 -7.95 -52.81 -5.42
CA ARG N 231 -6.96 -53.83 -5.16
C ARG N 231 -7.42 -55.21 -5.62
N PRO N 232 -6.60 -55.88 -6.44
CA PRO N 232 -6.87 -57.29 -6.71
C PRO N 232 -6.84 -58.06 -5.37
N PHE N 233 -7.77 -58.98 -5.18
CA PHE N 233 -7.85 -59.67 -3.92
C PHE N 233 -7.73 -61.16 -4.15
N VAL N 234 -6.70 -61.76 -3.56
CA VAL N 234 -6.37 -63.16 -3.75
C VAL N 234 -6.93 -64.00 -2.62
N LYS N 235 -7.57 -65.13 -2.97
CA LYS N 235 -7.93 -66.16 -2.00
C LYS N 235 -7.22 -67.46 -2.32
N LEU N 236 -6.38 -67.93 -1.41
CA LEU N 236 -5.54 -69.09 -1.67
C LEU N 236 -5.93 -70.19 -0.75
N ASN N 237 -6.49 -71.25 -1.31
CA ASN N 237 -6.82 -72.45 -0.53
C ASN N 237 -5.56 -73.30 -0.34
N VAL N 238 -5.02 -73.30 0.88
CA VAL N 238 -3.76 -74.03 1.16
C VAL N 238 -3.91 -75.55 1.25
N GLU N 239 -5.15 -76.05 1.34
CA GLU N 239 -5.34 -77.50 1.37
C GLU N 239 -5.36 -78.10 -0.04
N THR N 240 -6.01 -77.42 -0.96
CA THR N 240 -6.06 -77.86 -2.34
C THR N 240 -4.98 -77.16 -3.16
N ASP N 241 -4.33 -76.15 -2.57
CA ASP N 241 -3.29 -75.38 -3.24
C ASP N 241 -3.78 -74.76 -4.53
N THR N 242 -4.92 -74.09 -4.43
CA THR N 242 -5.55 -73.43 -5.57
C THR N 242 -5.71 -71.98 -5.18
N ALA N 243 -5.53 -71.08 -6.14
CA ALA N 243 -5.73 -69.65 -5.88
C ALA N 243 -6.67 -69.00 -6.88
N GLU N 244 -7.50 -68.05 -6.40
CA GLU N 244 -8.41 -67.29 -7.26
C GLU N 244 -8.31 -65.78 -6.95
N ILE N 245 -8.46 -64.92 -7.96
CA ILE N 245 -8.22 -63.49 -7.78
C ILE N 245 -9.35 -62.70 -8.42
N ARG N 246 -9.99 -61.84 -7.64
CA ARG N 246 -10.96 -60.87 -8.19
CA ARG N 246 -10.98 -60.89 -8.19
C ARG N 246 -10.70 -59.55 -7.54
N LEU N 247 -11.13 -58.46 -8.20
CA LEU N 247 -10.93 -57.15 -7.61
C LEU N 247 -11.80 -56.99 -6.33
N MET N 248 -11.33 -56.18 -5.39
CA MET N 248 -12.13 -55.78 -4.22
C MET N 248 -13.25 -54.88 -4.71
N CYS N 249 -14.48 -55.16 -4.26
CA CYS N 249 -15.68 -54.46 -4.76
C CYS N 249 -15.99 -53.19 -3.96
N THR N 250 -15.42 -53.08 -2.76
CA THR N 250 -15.66 -51.92 -1.91
C THR N 250 -15.40 -50.58 -2.60
N GLU N 251 -16.29 -49.63 -2.36
CA GLU N 251 -16.14 -48.31 -2.96
C GLU N 251 -14.98 -47.50 -2.39
N THR N 252 -14.38 -48.01 -1.29
CA THR N 252 -13.29 -47.37 -0.61
C THR N 252 -12.01 -47.95 -1.21
N TYR N 253 -11.69 -47.47 -2.41
CA TYR N 253 -10.55 -47.99 -3.22
C TYR N 253 -9.27 -47.70 -2.48
N LEU N 254 -8.46 -48.74 -2.30
CA LEU N 254 -7.32 -48.66 -1.40
C LEU N 254 -6.00 -48.24 -2.03
N ASP N 255 -5.97 -48.18 -3.38
CA ASP N 255 -4.75 -47.92 -4.16
C ASP N 255 -4.47 -46.42 -4.23
N THR N 256 -3.25 -46.04 -4.64
CA THR N 256 -2.89 -44.65 -4.88
C THR N 256 -2.02 -44.61 -6.14
N PRO N 257 -2.43 -43.84 -7.18
CA PRO N 257 -3.63 -42.96 -7.20
C PRO N 257 -4.97 -43.71 -7.19
N ARG N 258 -6.05 -42.97 -7.02
CA ARG N 258 -7.42 -43.49 -7.07
C ARG N 258 -8.37 -42.34 -7.36
N PRO N 259 -9.55 -42.64 -7.97
CA PRO N 259 -10.58 -41.60 -8.08
C PRO N 259 -11.32 -41.50 -6.73
N ASP N 260 -12.38 -40.68 -6.68
CA ASP N 260 -13.21 -40.56 -5.47
C ASP N 260 -13.86 -41.92 -5.17
N ASP N 261 -14.14 -42.15 -3.90
CA ASP N 261 -14.85 -43.36 -3.46
C ASP N 261 -16.22 -43.51 -4.17
N GLY N 262 -16.52 -44.69 -4.68
CA GLY N 262 -17.83 -44.96 -5.29
C GLY N 262 -17.99 -44.43 -6.72
N SER N 263 -16.97 -43.76 -7.24
CA SER N 263 -17.06 -43.12 -8.55
C SER N 263 -16.87 -44.12 -9.69
N ILE N 264 -16.26 -45.26 -9.39
CA ILE N 264 -16.19 -46.30 -10.41
C ILE N 264 -17.54 -46.99 -10.61
N THR N 265 -18.21 -46.61 -11.70
CA THR N 265 -19.51 -47.17 -12.04
C THR N 265 -19.47 -48.62 -12.56
N GLY N 266 -20.65 -49.27 -12.56
CA GLY N 266 -20.82 -50.66 -12.97
C GLY N 266 -20.61 -51.64 -11.80
N PRO N 267 -20.54 -52.95 -12.13
CA PRO N 267 -20.42 -54.00 -11.12
C PRO N 267 -19.04 -54.06 -10.47
N CYS N 268 -18.86 -55.02 -9.59
CA CYS N 268 -17.60 -55.22 -8.85
C CYS N 268 -16.36 -55.34 -9.74
N GLU N 269 -16.49 -56.04 -10.87
CA GLU N 269 -15.35 -56.31 -11.82
C GLU N 269 -14.86 -55.10 -12.63
N SER N 270 -15.55 -53.98 -12.51
CA SER N 270 -15.25 -52.78 -13.30
C SER N 270 -13.95 -52.17 -12.88
N ASN N 271 -13.19 -51.71 -13.87
CA ASN N 271 -11.84 -51.20 -13.64
C ASN N 271 -11.73 -49.86 -12.87
N GLY N 272 -12.32 -48.74 -13.29
CA GLY N 272 -12.48 -48.26 -14.61
C GLY N 272 -11.34 -47.23 -14.77
N ASP N 273 -11.35 -46.15 -13.97
CA ASP N 273 -10.45 -44.97 -14.24
C ASP N 273 -9.37 -44.72 -13.18
N LYS N 274 -8.35 -43.90 -13.53
CA LYS N 274 -7.24 -43.49 -12.59
C LYS N 274 -6.49 -44.72 -12.08
N GLY N 275 -6.40 -45.73 -12.96
CA GLY N 275 -5.85 -47.03 -12.62
C GLY N 275 -4.33 -47.15 -12.72
N SER N 276 -3.71 -46.33 -13.59
CA SER N 276 -2.24 -46.42 -13.81
C SER N 276 -1.49 -45.94 -12.55
N GLY N 277 -0.37 -46.59 -12.25
CA GLY N 277 0.37 -46.35 -11.01
C GLY N 277 -0.32 -47.13 -9.89
N GLY N 278 0.30 -47.13 -8.73
CA GLY N 278 -0.22 -47.89 -7.62
C GLY N 278 0.72 -47.75 -6.47
N ILE N 279 0.41 -48.48 -5.40
CA ILE N 279 1.19 -48.50 -4.16
C ILE N 279 0.88 -49.81 -3.46
N LYS N 280 1.86 -50.36 -2.73
CA LYS N 280 1.62 -51.51 -1.83
C LYS N 280 0.80 -51.06 -0.63
N GLY N 281 -0.20 -51.87 -0.26
CA GLY N 281 -1.11 -51.47 0.78
C GLY N 281 -1.22 -52.49 1.88
N GLY N 282 -1.54 -52.01 3.06
CA GLY N 282 -1.47 -52.84 4.24
C GLY N 282 -2.74 -53.63 4.36
N PHE N 283 -2.64 -54.79 5.03
CA PHE N 283 -3.76 -55.72 5.12
C PHE N 283 -3.43 -56.80 6.12
N VAL N 284 -4.31 -56.96 7.12
CA VAL N 284 -4.10 -57.95 8.13
C VAL N 284 -5.43 -58.49 8.65
N HIS N 285 -5.43 -59.76 9.05
CA HIS N 285 -6.61 -60.39 9.57
C HIS N 285 -6.65 -60.37 11.08
N GLN N 286 -7.85 -60.14 11.58
CA GLN N 286 -8.18 -60.42 12.99
C GLN N 286 -9.15 -61.59 13.00
N ARG N 287 -8.68 -62.73 13.49
CA ARG N 287 -9.46 -63.96 13.46
C ARG N 287 -10.17 -64.23 14.78
N MET N 288 -11.50 -64.26 14.76
CA MET N 288 -12.26 -64.54 15.98
C MET N 288 -12.97 -65.86 15.74
N ALA N 289 -13.57 -66.44 16.79
CA ALA N 289 -14.29 -67.72 16.65
C ALA N 289 -15.29 -67.73 15.48
N SER N 290 -16.29 -66.85 15.52
CA SER N 290 -17.36 -66.86 14.51
C SER N 290 -17.45 -65.54 13.76
N LYS N 291 -16.30 -64.90 13.58
CA LYS N 291 -16.23 -63.63 12.89
C LYS N 291 -14.84 -63.43 12.34
N ILE N 292 -14.74 -62.76 11.19
CA ILE N 292 -13.44 -62.32 10.69
C ILE N 292 -13.38 -60.80 10.47
N GLY N 293 -12.28 -60.18 10.88
CA GLY N 293 -12.05 -58.78 10.63
C GLY N 293 -10.92 -58.61 9.62
N ARG N 294 -11.16 -57.78 8.62
CA ARG N 294 -10.15 -57.44 7.66
C ARG N 294 -9.71 -56.00 7.80
N TRP N 295 -8.42 -55.79 8.12
CA TRP N 295 -7.94 -54.43 8.36
C TRP N 295 -7.14 -54.01 7.18
N TYR N 296 -7.23 -52.75 6.80
CA TYR N 296 -6.56 -52.29 5.58
C TYR N 296 -6.07 -50.90 5.82
N SER N 297 -5.06 -50.52 5.04
CA SER N 297 -4.65 -49.13 5.06
C SER N 297 -4.55 -48.53 3.68
N ARG N 298 -4.77 -47.22 3.59
CA ARG N 298 -4.55 -46.47 2.35
C ARG N 298 -4.14 -45.04 2.67
N THR N 299 -3.34 -44.45 1.76
CA THR N 299 -2.86 -43.08 1.90
C THR N 299 -4.07 -42.16 2.12
N MET N 300 -3.89 -41.11 2.92
CA MET N 300 -4.84 -40.05 3.13
C MET N 300 -5.05 -39.25 1.82
N SER N 301 -3.97 -39.00 1.05
CA SER N 301 -4.10 -38.35 -0.28
C SER N 301 -4.49 -39.33 -1.37
N LYS N 302 -5.46 -38.95 -2.20
CA LYS N 302 -5.91 -39.80 -3.29
C LYS N 302 -4.86 -39.95 -4.45
N THR N 303 -3.99 -38.95 -4.57
CA THR N 303 -3.05 -38.83 -5.68
C THR N 303 -1.60 -38.99 -5.26
N LYS N 304 -1.24 -38.50 -4.06
CA LYS N 304 0.15 -38.52 -3.62
C LYS N 304 0.37 -39.54 -2.50
N ARG N 305 1.62 -39.79 -2.20
CA ARG N 305 1.96 -40.76 -1.16
C ARG N 305 2.11 -40.12 0.20
N MET N 306 1.04 -39.47 0.63
CA MET N 306 1.02 -38.65 1.80
C MET N 306 -0.10 -39.17 2.69
N GLY N 307 0.24 -39.42 3.96
CA GLY N 307 -0.76 -39.75 4.99
C GLY N 307 -1.08 -41.23 4.91
N MET N 308 -1.76 -41.75 5.94
CA MET N 308 -2.19 -43.14 5.95
C MET N 308 -3.37 -43.33 6.93
N GLY N 309 -4.45 -43.90 6.40
CA GLY N 309 -5.64 -44.12 7.19
C GLY N 309 -5.90 -45.59 7.37
N LEU N 310 -6.52 -45.95 8.50
CA LEU N 310 -6.79 -47.37 8.81
C LEU N 310 -8.25 -47.64 8.62
N TYR N 311 -8.53 -48.79 8.03
CA TYR N 311 -9.90 -49.08 7.62
C TYR N 311 -10.16 -50.51 8.02
N VAL N 312 -11.43 -50.81 8.34
CA VAL N 312 -11.83 -52.17 8.74
C VAL N 312 -13.20 -52.56 8.16
N LYS N 313 -13.39 -53.86 7.90
CA LYS N 313 -14.69 -54.46 7.62
C LYS N 313 -14.73 -55.89 8.15
N TYR N 314 -15.81 -56.24 8.81
CA TYR N 314 -15.93 -57.58 9.37
C TYR N 314 -16.82 -58.46 8.50
N ASP N 315 -16.40 -59.72 8.34
CA ASP N 315 -17.17 -60.70 7.53
C ASP N 315 -17.42 -60.25 6.12
N GLY N 316 -18.41 -60.87 5.47
CA GLY N 316 -18.77 -60.56 4.09
C GLY N 316 -17.73 -61.10 3.11
N ASP N 317 -17.88 -60.72 1.85
CA ASP N 317 -16.98 -61.19 0.80
C ASP N 317 -16.40 -59.98 0.08
N PRO N 318 -15.08 -59.74 0.23
CA PRO N 318 -14.46 -58.56 -0.40
C PRO N 318 -14.65 -58.47 -1.93
N TRP N 319 -14.96 -59.61 -2.54
CA TRP N 319 -15.15 -59.68 -3.97
C TRP N 319 -16.54 -59.15 -4.42
N THR N 320 -17.52 -59.18 -3.51
CA THR N 320 -18.94 -58.81 -3.85
C THR N 320 -19.50 -57.65 -3.00
N ASP N 321 -18.86 -57.39 -1.87
CA ASP N 321 -19.26 -56.31 -0.97
C ASP N 321 -18.92 -54.90 -1.45
N SER N 322 -19.92 -54.17 -1.97
CA SER N 322 -19.67 -52.81 -2.46
C SER N 322 -19.68 -51.76 -1.35
N ASP N 323 -20.10 -52.16 -0.16
CA ASP N 323 -20.19 -51.22 0.96
C ASP N 323 -18.82 -50.58 1.27
N ALA N 324 -18.90 -49.38 1.84
CA ALA N 324 -17.73 -48.63 2.20
C ALA N 324 -17.06 -49.34 3.37
N LEU N 325 -15.73 -49.30 3.40
CA LEU N 325 -14.97 -49.73 4.58
C LEU N 325 -15.09 -48.67 5.65
N ALA N 326 -15.14 -49.08 6.91
CA ALA N 326 -15.29 -48.10 7.98
C ALA N 326 -13.93 -47.49 8.28
N LEU N 327 -13.86 -46.17 8.26
CA LEU N 327 -12.61 -45.51 8.65
C LEU N 327 -12.39 -45.62 10.15
N SER N 328 -11.28 -46.26 10.54
CA SER N 328 -10.98 -46.56 11.93
C SER N 328 -10.23 -45.40 12.55
N GLY N 329 -9.21 -44.90 11.87
CA GLY N 329 -8.50 -43.69 12.31
C GLY N 329 -7.40 -43.28 11.35
N VAL N 330 -6.80 -42.12 11.57
CA VAL N 330 -5.67 -41.64 10.77
C VAL N 330 -4.32 -41.99 11.47
N MET N 331 -3.55 -42.92 10.88
CA MET N 331 -2.22 -43.36 11.46
C MET N 331 -1.09 -42.39 11.14
N VAL N 332 -1.14 -41.83 9.93
CA VAL N 332 -0.24 -40.78 9.46
C VAL N 332 -1.05 -39.63 8.85
N SER N 333 -0.81 -38.40 9.31
CA SER N 333 -1.53 -37.24 8.79
C SER N 333 -1.10 -36.88 7.35
N MET N 334 -1.96 -36.16 6.63
CA MET N 334 -1.67 -35.69 5.27
C MET N 334 -0.31 -34.97 5.10
N GLU N 335 0.18 -34.38 6.19
CA GLU N 335 1.40 -33.60 6.20
C GLU N 335 2.63 -34.49 6.27
N GLU N 336 2.44 -35.76 6.61
CA GLU N 336 3.56 -36.69 6.73
C GLU N 336 3.52 -37.71 5.59
N PRO N 337 4.70 -38.29 5.26
CA PRO N 337 4.74 -39.23 4.13
C PRO N 337 4.10 -40.58 4.48
N GLY N 338 3.31 -41.10 3.53
CA GLY N 338 2.68 -42.40 3.68
C GLY N 338 2.97 -43.22 2.45
N TRP N 339 4.00 -44.07 2.51
CA TRP N 339 4.35 -44.84 1.31
C TRP N 339 3.80 -46.26 1.45
N TYR N 340 4.61 -47.28 1.13
CA TYR N 340 4.18 -48.68 1.30
C TYR N 340 3.64 -48.99 2.69
N SER N 341 2.69 -49.90 2.72
CA SER N 341 2.23 -50.40 4.02
C SER N 341 2.03 -51.90 3.97
N PHE N 342 2.28 -52.58 5.11
CA PHE N 342 2.21 -54.03 5.14
C PHE N 342 1.46 -54.51 6.38
N GLY N 343 1.00 -55.75 6.33
CA GLY N 343 0.47 -56.45 7.50
C GLY N 343 1.47 -57.43 8.09
N PHE N 344 1.40 -57.63 9.40
CA PHE N 344 2.08 -58.75 10.08
C PHE N 344 1.41 -59.08 11.40
N GLU N 345 1.74 -60.26 11.92
CA GLU N 345 1.23 -60.71 13.20
C GLU N 345 2.35 -61.00 14.19
N ILE N 346 2.19 -60.45 15.39
CA ILE N 346 3.07 -60.74 16.47
C ILE N 346 2.51 -61.91 17.28
N LYS N 347 3.36 -62.87 17.61
CA LYS N 347 2.94 -64.07 18.33
CA LYS N 347 2.93 -64.06 18.31
C LYS N 347 2.97 -63.84 19.82
N ASP N 348 1.79 -63.79 20.44
CA ASP N 348 1.66 -63.72 21.90
C ASP N 348 1.63 -65.18 22.40
N LYS N 349 1.51 -65.41 23.71
CA LYS N 349 1.69 -66.78 24.23
C LYS N 349 0.67 -67.78 23.64
N LYS N 350 -0.57 -67.33 23.46
CA LYS N 350 -1.66 -68.23 23.11
C LYS N 350 -2.53 -67.65 21.99
N CYS N 351 -2.17 -66.46 21.50
CA CYS N 351 -2.91 -65.82 20.42
C CYS N 351 -2.03 -64.92 19.53
N ASP N 352 -2.61 -64.46 18.42
CA ASP N 352 -1.86 -63.68 17.44
C ASP N 352 -2.26 -62.23 17.45
N VAL N 353 -1.28 -61.33 17.28
CA VAL N 353 -1.58 -59.90 17.33
C VAL N 353 -1.40 -59.30 15.96
N PRO N 354 -2.54 -58.92 15.30
CA PRO N 354 -2.49 -58.27 14.00
C PRO N 354 -1.98 -56.82 14.08
N CYS N 355 -1.15 -56.48 13.12
CA CYS N 355 -0.49 -55.18 13.07
C CYS N 355 -0.37 -54.69 11.65
N ILE N 356 -0.24 -53.39 11.51
CA ILE N 356 0.01 -52.78 10.22
C ILE N 356 1.21 -51.92 10.33
N GLY N 357 2.13 -52.09 9.39
CA GLY N 357 3.34 -51.27 9.35
C GLY N 357 3.25 -50.29 8.20
N ILE N 358 3.91 -49.14 8.36
CA ILE N 358 3.84 -48.09 7.37
C ILE N 358 5.21 -47.55 7.07
N GLU N 359 5.64 -47.69 5.80
CA GLU N 359 6.88 -47.09 5.35
C GLU N 359 6.65 -45.60 5.14
N MET N 360 7.46 -44.80 5.79
CA MET N 360 7.34 -43.36 5.70
C MET N 360 8.65 -42.83 5.08
N VAL N 361 8.57 -42.55 3.78
CA VAL N 361 9.76 -42.27 2.99
C VAL N 361 10.15 -40.82 3.14
N HIS N 362 11.43 -40.59 3.50
CA HIS N 362 12.05 -39.28 3.41
C HIS N 362 12.41 -39.03 1.92
N ASP N 363 11.53 -38.31 1.23
CA ASP N 363 11.74 -38.03 -0.15
C ASP N 363 12.09 -36.58 -0.31
N GLY N 364 13.28 -36.28 -0.81
CA GLY N 364 13.69 -34.91 -1.13
C GLY N 364 14.30 -34.82 -2.51
N GLY N 365 13.98 -35.83 -3.33
CA GLY N 365 14.44 -35.90 -4.74
C GLY N 365 15.66 -36.80 -4.93
N LYS N 366 16.11 -36.88 -6.20
CA LYS N 366 17.31 -37.66 -6.57
C LYS N 366 18.64 -36.99 -6.21
N GLU N 367 18.60 -35.69 -5.88
CA GLU N 367 19.84 -34.93 -5.57
C GLU N 367 20.24 -35.02 -4.10
N THR N 368 19.53 -35.84 -3.32
CA THR N 368 19.86 -36.16 -1.93
C THR N 368 19.57 -37.65 -1.62
N TRP N 369 19.81 -38.07 -0.38
CA TRP N 369 19.48 -39.43 0.07
C TRP N 369 17.97 -39.73 0.07
N HIS N 370 17.64 -41.02 -0.05
CA HIS N 370 16.28 -41.49 -0.13
C HIS N 370 16.09 -42.75 0.73
N SER N 371 15.39 -42.59 1.84
CA SER N 371 15.22 -43.68 2.78
C SER N 371 13.85 -43.61 3.47
N ALA N 372 13.65 -44.40 4.53
CA ALA N 372 12.33 -44.54 5.13
C ALA N 372 12.39 -44.85 6.59
N ALA N 373 11.37 -44.35 7.29
CA ALA N 373 11.07 -44.74 8.64
C ALA N 373 9.97 -45.79 8.53
N THR N 374 9.71 -46.49 9.63
CA THR N 374 8.71 -47.52 9.71
C THR N 374 7.87 -47.29 10.97
N ALA N 375 6.57 -47.02 10.75
CA ALA N 375 5.61 -46.83 11.86
C ALA N 375 4.81 -48.11 12.05
N ILE N 376 4.60 -48.49 13.31
CA ILE N 376 3.86 -49.73 13.61
C ILE N 376 2.56 -49.44 14.41
N TYR N 377 1.45 -49.98 13.92
CA TYR N 377 0.17 -49.92 14.61
C TYR N 377 -0.32 -51.34 14.81
N CYS N 378 -0.89 -51.61 15.98
CA CYS N 378 -1.32 -52.97 16.34
C CYS N 378 -2.64 -52.93 17.04
N LEU N 379 -3.40 -54.01 16.83
CA LEU N 379 -4.58 -54.24 17.62
C LEU N 379 -4.24 -54.34 19.12
N MET N 380 -4.81 -53.43 19.93
CA MET N 380 -4.66 -53.47 21.34
C MET N 380 -5.82 -52.76 22.08
N GLY N 381 -6.53 -53.53 22.90
CA GLY N 381 -7.58 -52.97 23.76
C GLY N 381 -8.81 -52.52 22.95
N SER N 382 -9.59 -51.67 23.58
CA SER N 382 -10.84 -51.23 23.03
CA SER N 382 -10.87 -51.22 23.06
C SER N 382 -10.88 -49.72 22.81
N GLY N 383 -11.98 -49.24 22.21
CA GLY N 383 -12.16 -47.81 21.89
C GLY N 383 -11.77 -47.44 20.46
N GLN N 384 -11.10 -46.29 20.29
CA GLN N 384 -10.74 -45.82 18.94
CA GLN N 384 -10.74 -45.84 18.95
C GLN N 384 -9.27 -45.40 18.85
N LEU N 385 -8.68 -45.55 17.66
CA LEU N 385 -7.33 -45.13 17.39
C LEU N 385 -7.10 -43.66 17.78
N LEU N 386 -6.02 -43.41 18.53
CA LEU N 386 -5.85 -42.12 19.25
C LEU N 386 -4.77 -41.18 18.67
N TRP N 387 -3.67 -41.71 18.19
CA TRP N 387 -2.60 -40.80 17.81
C TRP N 387 -1.94 -41.14 16.50
N ASP N 388 -1.47 -40.10 15.83
CA ASP N 388 -0.81 -40.28 14.56
C ASP N 388 0.71 -40.40 14.76
N THR N 389 1.44 -40.79 13.71
CA THR N 389 2.89 -40.90 13.73
C THR N 389 3.57 -39.86 12.84
N VAL N 390 4.63 -39.23 13.38
CA VAL N 390 5.51 -38.39 12.57
C VAL N 390 6.95 -39.01 12.56
N THR N 391 7.73 -38.79 11.48
CA THR N 391 9.12 -39.24 11.49
C THR N 391 10.02 -38.39 12.39
N GLY N 392 9.71 -37.09 12.46
CA GLY N 392 10.53 -36.10 13.17
C GLY N 392 11.83 -35.75 12.44
N VAL N 393 11.98 -36.17 11.19
CA VAL N 393 13.28 -36.04 10.50
C VAL N 393 13.27 -34.80 9.60
N ASP N 394 14.30 -33.97 9.78
CA ASP N 394 14.57 -32.85 8.90
C ASP N 394 15.75 -33.28 7.96
N MET N 395 15.42 -33.37 6.68
CA MET N 395 16.30 -33.92 5.67
C MET N 395 17.43 -32.98 5.29
N ALA N 396 17.37 -31.72 5.75
CA ALA N 396 18.49 -30.76 5.59
C ALA N 396 19.66 -31.04 6.55
N LEU N 397 19.40 -31.82 7.60
CA LEU N 397 20.39 -32.03 8.68
C LEU N 397 21.43 -33.13 8.40
N PRO O 9 26.90 -82.45 20.64
CA PRO O 9 27.48 -82.26 19.29
C PRO O 9 28.51 -83.31 18.93
N GLU O 10 28.52 -83.69 17.66
CA GLU O 10 29.40 -84.74 17.14
CA GLU O 10 29.38 -84.77 17.13
C GLU O 10 30.27 -84.24 15.99
N TRP O 11 31.32 -84.98 15.65
CA TRP O 11 32.19 -84.60 14.54
C TRP O 11 31.41 -84.42 13.25
N THR O 12 31.76 -83.41 12.48
CA THR O 12 31.19 -83.21 11.13
CA THR O 12 31.16 -83.25 11.16
C THR O 12 31.99 -83.99 10.05
N TYR O 13 31.32 -84.32 8.95
CA TYR O 13 31.93 -84.98 7.79
C TYR O 13 31.33 -84.27 6.57
N PRO O 14 32.06 -84.27 5.43
CA PRO O 14 31.47 -83.77 4.19
C PRO O 14 30.30 -84.67 3.80
N ARG O 15 29.25 -84.06 3.24
CA ARG O 15 28.06 -84.77 2.76
C ARG O 15 27.88 -84.56 1.26
N LEU O 16 26.94 -85.27 0.66
CA LEU O 16 26.50 -84.93 -0.71
C LEU O 16 26.16 -83.43 -0.80
N SER O 17 26.55 -82.77 -1.87
CA SER O 17 26.13 -81.38 -2.07
C SER O 17 24.62 -81.28 -2.31
N CYS O 18 24.07 -80.12 -1.96
CA CYS O 18 22.72 -79.75 -2.26
C CYS O 18 22.49 -79.68 -3.75
N PRO O 19 21.25 -79.94 -4.19
CA PRO O 19 20.95 -79.91 -5.61
C PRO O 19 21.27 -78.54 -6.19
N GLY O 20 21.69 -78.52 -7.45
CA GLY O 20 21.91 -77.28 -8.17
C GLY O 20 22.86 -77.56 -9.31
N SER O 21 22.86 -76.67 -10.32
CA SER O 21 23.67 -76.84 -11.55
C SER O 21 24.29 -75.51 -11.99
N THR O 22 24.18 -74.48 -11.16
CA THR O 22 24.74 -73.17 -11.46
C THR O 22 24.98 -72.40 -10.18
N PHE O 23 26.03 -71.58 -10.18
CA PHE O 23 26.23 -70.59 -9.11
C PHE O 23 25.48 -69.29 -9.38
N GLN O 24 25.11 -68.60 -8.31
CA GLN O 24 24.52 -67.29 -8.48
C GLN O 24 25.12 -66.32 -7.48
N LYS O 25 25.03 -65.03 -7.78
CA LYS O 25 25.44 -63.97 -6.85
C LYS O 25 24.63 -64.11 -5.56
N ALA O 26 25.33 -64.37 -4.46
CA ALA O 26 24.68 -64.51 -3.16
C ALA O 26 24.75 -63.27 -2.27
N LEU O 27 25.93 -62.76 -1.94
CA LEU O 27 26.06 -61.74 -0.93
C LEU O 27 27.34 -60.96 -1.17
N LEU O 28 27.31 -59.64 -0.99
CA LEU O 28 28.49 -58.79 -1.07
C LEU O 28 28.73 -58.26 0.35
N ILE O 29 29.92 -58.48 0.89
CA ILE O 29 30.36 -57.78 2.10
C ILE O 29 31.32 -56.66 1.68
N SER O 30 30.81 -55.43 1.60
CA SER O 30 31.60 -54.27 1.19
C SER O 30 31.67 -53.24 2.32
N PRO O 31 32.54 -53.45 3.32
CA PRO O 31 32.63 -52.60 4.47
C PRO O 31 33.01 -51.14 4.18
N HIS O 32 33.74 -50.91 3.10
CA HIS O 32 34.24 -49.58 2.75
C HIS O 32 33.23 -48.69 2.01
N ARG O 33 32.05 -49.25 1.78
CA ARG O 33 30.89 -48.40 1.47
C ARG O 33 30.52 -47.48 2.64
N PHE O 34 31.15 -47.68 3.82
CA PHE O 34 30.81 -46.89 5.01
C PHE O 34 32.04 -46.15 5.58
N GLY O 35 33.14 -46.21 4.84
CA GLY O 35 34.37 -45.57 5.31
C GLY O 35 34.69 -44.15 4.86
N GLU O 36 33.69 -43.41 4.40
CA GLU O 36 33.92 -42.05 3.96
C GLU O 36 34.33 -41.18 5.13
N THR O 37 34.99 -40.06 4.84
CA THR O 37 35.27 -39.03 5.86
C THR O 37 33.97 -38.41 6.35
N LYS O 38 32.98 -38.35 5.44
CA LYS O 38 31.69 -37.72 5.73
C LYS O 38 30.87 -38.65 6.66
N GLY O 39 31.20 -39.93 6.70
CA GLY O 39 30.40 -40.92 7.41
C GLY O 39 30.74 -41.07 8.88
N ASN O 40 30.13 -42.07 9.53
CA ASN O 40 30.37 -42.28 10.96
C ASN O 40 30.68 -43.73 11.30
N SER O 41 31.31 -44.42 10.35
CA SER O 41 31.56 -45.83 10.54
C SER O 41 33.05 -46.15 10.64
N ALA O 42 33.33 -47.36 11.05
CA ALA O 42 34.72 -47.76 11.23
C ALA O 42 34.94 -49.14 10.63
N PRO O 43 34.91 -49.24 9.29
CA PRO O 43 35.31 -50.53 8.71
C PRO O 43 36.79 -50.84 8.95
N LEU O 44 37.11 -52.08 9.27
CA LEU O 44 38.54 -52.46 9.44
C LEU O 44 39.25 -52.55 8.10
N ILE O 45 40.49 -52.06 8.05
CA ILE O 45 41.32 -52.30 6.90
C ILE O 45 41.75 -53.76 6.94
N ILE O 46 41.37 -54.51 5.89
CA ILE O 46 41.67 -55.96 5.84
C ILE O 46 42.25 -56.42 4.50
N ARG O 47 42.77 -57.65 4.48
CA ARG O 47 43.00 -58.35 3.24
C ARG O 47 42.99 -59.85 3.49
N GLU O 48 43.14 -60.65 2.43
CA GLU O 48 43.07 -62.12 2.53
C GLU O 48 41.85 -62.59 3.33
N PRO O 49 40.63 -62.16 2.92
CA PRO O 49 39.45 -62.66 3.60
C PRO O 49 39.16 -64.09 3.20
N PHE O 50 38.37 -64.76 4.04
CA PHE O 50 37.86 -66.06 3.69
C PHE O 50 36.76 -66.40 4.63
N ILE O 51 36.01 -67.43 4.29
CA ILE O 51 34.82 -67.81 5.05
C ILE O 51 34.88 -69.28 5.39
N ALA O 52 34.45 -69.62 6.61
CA ALA O 52 34.39 -71.00 7.02
C ALA O 52 33.10 -71.15 7.78
N CYS O 53 32.45 -72.29 7.63
CA CYS O 53 31.13 -72.53 8.17
C CYS O 53 31.16 -73.74 9.06
N GLY O 54 30.44 -73.66 10.17
CA GLY O 54 30.12 -74.78 11.07
C GLY O 54 28.68 -75.19 10.85
N PRO O 55 28.16 -76.14 11.65
CA PRO O 55 26.75 -76.62 11.50
C PRO O 55 25.66 -75.56 11.66
N LYS O 56 25.98 -74.43 12.31
CA LYS O 56 24.98 -73.39 12.56
C LYS O 56 25.31 -71.93 12.12
N GLU O 57 26.57 -71.64 11.84
CA GLU O 57 27.02 -70.28 11.55
C GLU O 57 28.18 -70.32 10.59
N CYS O 58 28.30 -69.28 9.77
CA CYS O 58 29.49 -69.07 8.96
C CYS O 58 30.17 -67.83 9.44
N LYS O 59 31.49 -67.91 9.53
CA LYS O 59 32.24 -66.77 9.96
C LYS O 59 33.00 -66.21 8.76
N HIS O 60 32.99 -64.89 8.62
CA HIS O 60 33.77 -64.20 7.66
C HIS O 60 35.08 -63.80 8.34
N PHE O 61 36.20 -64.37 7.84
CA PHE O 61 37.53 -64.11 8.39
C PHE O 61 38.32 -63.17 7.49
N ALA O 62 39.33 -62.52 8.06
CA ALA O 62 40.24 -61.65 7.33
C ALA O 62 41.44 -61.31 8.20
N LEU O 63 42.48 -60.78 7.57
CA LEU O 63 43.64 -60.32 8.29
C LEU O 63 43.60 -58.81 8.31
N THR O 64 43.58 -58.22 9.49
CA THR O 64 43.56 -56.78 9.60
C THR O 64 44.92 -56.18 9.90
N HIS O 65 45.15 -54.98 9.39
CA HIS O 65 46.29 -54.13 9.84
C HIS O 65 45.98 -53.35 11.13
N TYR O 66 44.87 -53.69 11.81
CA TYR O 66 44.59 -53.09 13.13
C TYR O 66 44.39 -51.57 12.91
N ALA O 67 43.71 -51.24 11.82
CA ALA O 67 43.42 -49.86 11.47
C ALA O 67 42.04 -49.81 10.79
N ALA O 68 41.42 -48.64 10.84
CA ALA O 68 40.10 -48.44 10.33
C ALA O 68 40.11 -47.35 9.28
N GLN O 69 39.08 -47.35 8.43
CA GLN O 69 38.80 -46.24 7.52
C GLN O 69 37.50 -45.54 7.91
N PRO O 70 37.54 -44.21 8.07
CA PRO O 70 38.71 -43.34 7.99
C PRO O 70 39.63 -43.48 9.19
N GLY O 71 40.94 -43.31 8.97
CA GLY O 71 41.92 -43.44 10.06
C GLY O 71 43.22 -42.74 9.74
N GLY O 72 44.17 -42.88 10.66
CA GLY O 72 45.42 -42.18 10.55
C GLY O 72 46.57 -43.14 10.34
N TYR O 73 46.23 -44.42 10.08
CA TYR O 73 47.25 -45.47 10.00
C TYR O 73 47.28 -46.17 8.65
N TYR O 74 47.13 -45.42 7.57
CA TYR O 74 47.03 -46.03 6.23
C TYR O 74 48.37 -46.52 5.73
N ASN O 75 49.44 -45.87 6.20
CA ASN O 75 50.77 -46.17 5.77
C ASN O 75 51.18 -47.55 6.29
N GLY O 76 51.58 -48.42 5.35
CA GLY O 76 51.93 -49.79 5.64
C GLY O 76 50.85 -50.82 5.36
N THR O 77 49.70 -50.36 4.84
CA THR O 77 48.55 -51.26 4.68
C THR O 77 48.64 -52.06 3.38
N ARG O 78 49.55 -51.67 2.51
CA ARG O 78 49.89 -52.44 1.31
C ARG O 78 50.82 -53.62 1.56
N GLY O 79 51.71 -53.55 2.55
CA GLY O 79 52.48 -54.74 2.97
C GLY O 79 51.63 -55.79 3.70
N ASP O 80 52.11 -57.02 3.77
CA ASP O 80 51.33 -58.08 4.48
C ASP O 80 51.82 -58.38 5.92
N ARG O 81 53.14 -58.36 6.11
CA ARG O 81 53.77 -58.73 7.39
C ARG O 81 54.14 -57.55 8.25
N ASN O 82 53.56 -57.52 9.45
CA ASN O 82 54.00 -56.62 10.51
C ASN O 82 53.54 -57.18 11.88
N LYS O 83 53.94 -56.46 12.93
CA LYS O 83 53.70 -56.86 14.31
C LYS O 83 52.29 -56.56 14.79
N LEU O 84 51.49 -55.89 13.94
CA LEU O 84 50.17 -55.42 14.28
C LEU O 84 49.06 -56.23 13.61
N ARG O 85 49.42 -56.94 12.53
CA ARG O 85 48.51 -57.81 11.79
C ARG O 85 47.82 -58.88 12.64
N HIS O 86 46.48 -58.97 12.54
CA HIS O 86 45.67 -59.87 13.38
C HIS O 86 44.59 -60.60 12.57
N LEU O 87 44.31 -61.84 12.95
CA LEU O 87 43.18 -62.58 12.38
C LEU O 87 41.92 -62.13 13.10
N ILE O 88 40.93 -61.72 12.29
CA ILE O 88 39.65 -61.25 12.78
C ILE O 88 38.48 -62.02 12.15
N SER O 89 37.35 -62.02 12.82
CA SER O 89 36.15 -62.57 12.22
C SER O 89 34.89 -61.82 12.65
N VAL O 90 33.90 -61.84 11.74
CA VAL O 90 32.51 -61.56 12.05
C VAL O 90 31.69 -62.72 11.56
N LYS O 91 30.53 -62.91 12.19
CA LYS O 91 29.51 -63.77 11.62
C LYS O 91 29.28 -63.25 10.18
N LEU O 92 29.30 -64.16 9.20
CA LEU O 92 28.93 -63.78 7.85
C LEU O 92 27.59 -63.05 7.80
N GLY O 93 27.61 -61.89 7.16
CA GLY O 93 26.45 -61.00 7.05
C GLY O 93 26.71 -59.71 7.81
N LYS O 94 27.59 -59.76 8.80
CA LYS O 94 27.92 -58.58 9.58
C LYS O 94 29.04 -57.79 8.93
N ILE O 95 29.01 -56.47 9.10
CA ILE O 95 30.07 -55.64 8.52
C ILE O 95 31.24 -55.67 9.50
N PRO O 96 32.45 -56.09 9.05
CA PRO O 96 33.63 -56.21 9.91
C PRO O 96 34.21 -54.84 10.28
N THR O 97 33.65 -54.27 11.33
CA THR O 97 34.04 -52.97 11.82
C THR O 97 34.89 -53.21 13.10
N VAL O 98 35.52 -52.15 13.59
CA VAL O 98 36.19 -52.17 14.89
C VAL O 98 35.36 -52.92 15.96
N GLU O 99 34.10 -52.55 16.10
CA GLU O 99 33.24 -53.05 17.21
C GLU O 99 32.57 -54.40 16.92
N ASN O 100 32.13 -54.61 15.67
CA ASN O 100 31.59 -55.90 15.28
C ASN O 100 32.57 -57.05 15.27
N SER O 101 33.83 -56.75 14.94
CA SER O 101 34.82 -57.83 14.78
C SER O 101 35.30 -58.36 16.12
N ILE O 102 35.83 -59.59 16.08
CA ILE O 102 36.54 -60.18 17.19
C ILE O 102 37.96 -60.49 16.75
N PHE O 103 38.89 -60.20 17.65
CA PHE O 103 40.32 -60.35 17.37
C PHE O 103 40.80 -61.67 17.98
N HIS O 104 41.23 -62.60 17.13
CA HIS O 104 41.51 -63.97 17.57
C HIS O 104 42.96 -64.13 18.05
N MET O 105 43.88 -63.69 17.21
CA MET O 105 45.29 -63.79 17.45
C MET O 105 46.08 -62.95 16.44
N ALA O 106 47.30 -62.61 16.83
CA ALA O 106 48.24 -61.93 15.96
C ALA O 106 48.54 -62.87 14.81
N ALA O 107 48.42 -62.37 13.58
CA ALA O 107 48.74 -63.17 12.41
C ALA O 107 48.83 -62.36 11.14
N TRP O 108 49.81 -62.68 10.31
CA TRP O 108 49.87 -62.15 8.96
C TRP O 108 49.67 -63.22 7.90
N SER O 109 49.26 -64.39 8.36
CA SER O 109 48.76 -65.43 7.44
C SER O 109 47.84 -66.31 8.24
N GLY O 110 46.69 -66.67 7.65
CA GLY O 110 45.64 -67.26 8.46
C GLY O 110 44.87 -68.44 7.90
N SER O 111 44.14 -69.12 8.80
CA SER O 111 43.13 -70.12 8.38
C SER O 111 42.21 -70.47 9.56
N ALA O 112 41.14 -71.19 9.29
CA ALA O 112 40.21 -71.59 10.36
C ALA O 112 39.22 -72.57 9.81
N CYS O 113 38.62 -73.37 10.70
CA CYS O 113 37.66 -74.41 10.32
C CYS O 113 37.00 -74.94 11.58
N HIS O 114 35.77 -75.42 11.41
CA HIS O 114 34.97 -76.02 12.46
C HIS O 114 34.92 -77.52 12.26
N ASP O 115 34.98 -78.26 13.38
CA ASP O 115 35.13 -79.72 13.32
C ASP O 115 33.83 -80.44 13.72
N GLY O 116 32.80 -79.66 13.99
CA GLY O 116 31.53 -80.22 14.45
C GLY O 116 31.25 -79.90 15.89
N LYS O 117 32.32 -79.69 16.65
CA LYS O 117 32.22 -79.35 18.04
C LYS O 117 32.71 -77.95 18.27
N GLU O 118 33.78 -77.52 17.57
CA GLU O 118 34.49 -76.30 17.99
C GLU O 118 35.31 -75.69 16.86
N TRP O 119 35.60 -74.42 16.98
CA TRP O 119 36.43 -73.73 16.03
C TRP O 119 37.95 -73.90 16.24
N THR O 120 38.66 -74.23 15.15
CA THR O 120 40.11 -74.18 15.12
C THR O 120 40.49 -72.93 14.37
N TYR O 121 41.28 -72.06 15.00
CA TYR O 121 41.82 -70.85 14.36
C TYR O 121 43.35 -70.95 14.16
N ILE O 122 43.82 -70.54 12.98
CA ILE O 122 45.23 -70.67 12.65
C ILE O 122 45.81 -69.33 12.27
N GLY O 123 46.90 -68.95 12.93
CA GLY O 123 47.54 -67.65 12.67
C GLY O 123 49.07 -67.74 12.64
N VAL O 124 49.70 -67.22 11.57
CA VAL O 124 51.14 -67.22 11.46
C VAL O 124 51.67 -65.81 11.64
N ASP O 125 52.56 -65.65 12.62
CA ASP O 125 53.31 -64.40 12.77
C ASP O 125 54.79 -64.71 13.04
N GLY O 126 55.59 -63.70 13.39
CA GLY O 126 57.01 -63.92 13.58
C GLY O 126 57.88 -63.32 12.47
N PRO O 127 59.22 -63.37 12.65
CA PRO O 127 60.17 -62.78 11.72
C PRO O 127 60.17 -63.57 10.45
N GLU O 128 60.60 -62.95 9.33
CA GLU O 128 60.64 -63.64 8.02
C GLU O 128 61.36 -64.99 8.10
N ASN O 129 62.50 -64.98 8.76
CA ASN O 129 63.39 -66.11 8.74
C ASN O 129 63.04 -67.20 9.71
N ASN O 130 62.02 -66.98 10.53
CA ASN O 130 61.69 -67.93 11.58
C ASN O 130 60.28 -67.69 12.10
N ALA O 131 59.34 -67.64 11.14
CA ALA O 131 57.94 -67.45 11.45
C ALA O 131 57.35 -68.65 12.22
N LEU O 132 56.15 -68.41 12.78
CA LEU O 132 55.55 -69.34 13.73
C LEU O 132 54.03 -69.47 13.54
N LEU O 133 53.61 -70.69 13.24
CA LEU O 133 52.21 -70.99 13.03
C LEU O 133 51.61 -71.32 14.40
N LYS O 134 50.54 -70.60 14.76
CA LYS O 134 49.92 -70.78 16.07
C LYS O 134 48.51 -71.32 15.95
N ILE O 135 48.17 -72.29 16.80
CA ILE O 135 46.84 -72.88 16.82
C ILE O 135 46.02 -72.51 18.05
N LYS O 136 44.76 -72.15 17.81
CA LYS O 136 43.83 -71.79 18.89
C LYS O 136 42.56 -72.64 18.69
N TYR O 137 42.09 -73.25 19.76
CA TYR O 137 40.93 -74.12 19.70
C TYR O 137 39.94 -73.47 20.64
N GLY O 138 38.86 -72.92 20.08
CA GLY O 138 37.96 -72.08 20.83
C GLY O 138 38.72 -70.88 21.35
N GLU O 139 38.86 -70.77 22.67
CA GLU O 139 39.52 -69.62 23.27
C GLU O 139 40.96 -69.96 23.69
N ALA O 140 41.27 -71.25 23.75
CA ALA O 140 42.60 -71.75 24.15
C ALA O 140 43.65 -71.81 23.04
N TYR O 141 44.78 -71.14 23.22
CA TYR O 141 45.97 -71.36 22.40
C TYR O 141 46.53 -72.73 22.76
N THR O 142 46.65 -73.62 21.78
CA THR O 142 46.91 -75.06 22.06
C THR O 142 48.21 -75.64 21.46
N ASP O 143 48.69 -75.09 20.35
CA ASP O 143 49.89 -75.65 19.70
C ASP O 143 50.57 -74.64 18.76
N THR O 144 51.82 -74.91 18.37
CA THR O 144 52.53 -74.09 17.40
C THR O 144 53.26 -75.06 16.48
N TYR O 145 53.67 -74.55 15.30
CA TYR O 145 54.53 -75.24 14.32
C TYR O 145 55.54 -74.22 13.83
N HIS O 146 56.77 -74.67 13.59
CA HIS O 146 57.96 -73.82 13.43
C HIS O 146 58.32 -73.81 11.98
N SER O 147 58.85 -72.68 11.52
CA SER O 147 59.49 -72.54 10.23
C SER O 147 60.49 -73.66 9.96
N TYR O 148 60.33 -74.30 8.80
CA TYR O 148 61.19 -75.41 8.35
C TYR O 148 62.08 -75.11 7.13
N ALA O 149 61.77 -74.04 6.40
CA ALA O 149 62.66 -73.61 5.30
C ALA O 149 63.23 -72.22 5.59
N ASN O 150 62.84 -71.63 6.72
CA ASN O 150 63.33 -70.31 7.13
C ASN O 150 63.09 -69.15 6.18
N ASN O 151 62.01 -69.21 5.41
CA ASN O 151 61.68 -68.11 4.52
C ASN O 151 60.19 -67.91 4.45
N ILE O 152 59.69 -67.16 5.43
CA ILE O 152 58.26 -66.87 5.55
C ILE O 152 57.37 -68.13 5.57
N LEU O 153 57.44 -68.88 6.67
CA LEU O 153 56.37 -69.86 6.95
C LEU O 153 54.94 -69.24 6.74
N ARG O 154 54.06 -69.95 6.01
CA ARG O 154 52.84 -69.40 5.40
C ARG O 154 51.73 -70.47 5.38
N THR O 155 50.47 -70.04 5.37
CA THR O 155 49.36 -71.03 5.31
C THR O 155 48.33 -70.71 4.21
N GLN O 156 47.17 -71.35 4.27
CA GLN O 156 46.21 -71.38 3.16
C GLN O 156 45.55 -70.05 2.80
N GLU O 157 45.29 -69.20 3.78
N GLU O 157 45.30 -69.20 3.79
CA GLU O 157 44.46 -67.98 3.58
CA GLU O 157 44.45 -67.98 3.67
C GLU O 157 43.03 -68.35 3.26
C GLU O 157 43.04 -68.34 3.28
N SER O 158 42.62 -69.53 3.70
CA SER O 158 41.29 -70.04 3.44
C SER O 158 41.01 -71.17 4.41
N ALA O 159 39.78 -71.63 4.41
CA ALA O 159 39.36 -72.58 5.42
C ALA O 159 40.14 -73.90 5.41
N CYS O 160 40.46 -74.41 6.58
CA CYS O 160 41.02 -75.75 6.66
C CYS O 160 39.85 -76.73 6.61
N ASN O 161 40.12 -78.02 6.75
CA ASN O 161 39.08 -79.00 6.46
C ASN O 161 39.10 -80.13 7.45
N CYS O 162 38.04 -80.25 8.23
CA CYS O 162 37.90 -81.25 9.27
C CYS O 162 37.02 -82.46 8.93
N ILE O 163 37.50 -83.64 9.26
CA ILE O 163 36.74 -84.87 9.08
C ILE O 163 36.91 -85.75 10.31
N GLY O 164 35.80 -86.13 10.93
CA GLY O 164 35.85 -86.98 12.14
C GLY O 164 36.74 -86.43 13.23
N GLY O 165 36.89 -85.10 13.28
CA GLY O 165 37.74 -84.44 14.28
C GLY O 165 39.15 -84.09 13.81
N ASN O 166 39.54 -84.68 12.70
CA ASN O 166 40.83 -84.40 12.11
C ASN O 166 40.71 -83.29 11.13
N CYS O 167 41.38 -82.17 11.43
CA CYS O 167 41.40 -80.99 10.53
C CYS O 167 42.73 -80.91 9.81
N TYR O 168 42.69 -80.83 8.48
CA TYR O 168 43.90 -80.87 7.71
C TYR O 168 44.18 -79.47 7.18
N LEU O 169 45.43 -79.05 7.24
CA LEU O 169 45.81 -77.70 6.88
C LEU O 169 47.09 -77.75 6.03
N MET O 170 47.14 -76.97 4.92
CA MET O 170 48.34 -76.81 4.18
C MET O 170 49.18 -75.73 4.85
N ILE O 171 50.49 -76.01 4.97
CA ILE O 171 51.47 -74.99 5.29
C ILE O 171 52.53 -75.02 4.19
N THR O 172 53.17 -73.88 3.95
CA THR O 172 54.36 -73.87 3.11
C THR O 172 55.39 -72.89 3.70
N ASP O 173 56.61 -72.99 3.20
CA ASP O 173 57.76 -72.21 3.68
C ASP O 173 58.76 -72.21 2.49
N GLY O 174 59.42 -71.08 2.24
CA GLY O 174 60.40 -70.99 1.14
C GLY O 174 60.30 -69.66 0.42
N SER O 175 61.15 -69.48 -0.58
CA SER O 175 61.19 -68.25 -1.36
C SER O 175 59.93 -68.08 -2.22
N ALA O 176 59.39 -66.87 -2.23
CA ALA O 176 58.31 -66.56 -3.13
C ALA O 176 58.73 -66.70 -4.59
N SER O 177 60.03 -66.52 -4.88
CA SER O 177 60.59 -66.62 -6.27
C SER O 177 61.35 -67.92 -6.57
N GLY O 178 61.32 -68.83 -5.62
CA GLY O 178 62.16 -70.03 -5.66
C GLY O 178 61.36 -71.20 -5.14
N ILE O 179 62.04 -72.09 -4.40
CA ILE O 179 61.46 -73.32 -3.88
C ILE O 179 60.55 -73.03 -2.65
N SER O 180 59.31 -73.52 -2.69
CA SER O 180 58.43 -73.56 -1.51
C SER O 180 57.71 -74.89 -1.44
N GLU O 181 58.35 -75.85 -0.80
CA GLU O 181 57.84 -77.21 -0.67
C GLU O 181 56.87 -77.25 0.50
N CYS O 182 55.57 -77.38 0.19
CA CYS O 182 54.52 -77.35 1.19
C CYS O 182 54.40 -78.64 1.99
N ARG O 183 53.80 -78.53 3.19
CA ARG O 183 53.47 -79.70 4.00
C ARG O 183 52.00 -79.63 4.42
N PHE O 184 51.50 -80.74 4.93
CA PHE O 184 50.17 -80.78 5.53
C PHE O 184 50.19 -81.17 7.00
N LEU O 185 49.51 -80.36 7.81
CA LEU O 185 49.28 -80.66 9.21
C LEU O 185 47.93 -81.36 9.47
N LYS O 186 47.97 -82.47 10.21
CA LYS O 186 46.76 -83.07 10.73
C LYS O 186 46.59 -82.59 12.18
N ILE O 187 45.50 -81.84 12.41
CA ILE O 187 45.31 -81.20 13.70
C ILE O 187 44.01 -81.68 14.35
N ARG O 188 44.12 -82.17 15.61
CA ARG O 188 42.96 -82.67 16.35
C ARG O 188 42.74 -81.90 17.67
N GLU O 189 41.59 -81.25 17.78
CA GLU O 189 41.26 -80.50 18.99
C GLU O 189 42.39 -79.53 19.27
N GLY O 190 42.90 -78.94 18.16
CA GLY O 190 43.85 -77.82 18.24
C GLY O 190 45.30 -78.23 18.39
N ARG O 191 45.56 -79.54 18.43
CA ARG O 191 46.94 -80.03 18.50
C ARG O 191 47.31 -80.91 17.29
N ILE O 192 48.48 -80.63 16.72
CA ILE O 192 49.02 -81.37 15.55
C ILE O 192 49.45 -82.79 16.00
N ILE O 193 48.90 -83.79 15.30
CA ILE O 193 49.07 -85.19 15.62
C ILE O 193 49.84 -85.88 14.49
N LYS O 194 49.96 -85.19 13.34
CA LYS O 194 50.74 -85.73 12.23
C LYS O 194 51.26 -84.66 11.28
N GLU O 195 52.40 -84.91 10.65
CA GLU O 195 52.96 -84.10 9.57
C GLU O 195 52.95 -84.95 8.35
N ILE O 196 52.40 -84.42 7.27
CA ILE O 196 52.20 -85.20 6.10
C ILE O 196 53.07 -84.52 5.09
N PHE O 197 53.99 -85.30 4.50
CA PHE O 197 54.96 -84.79 3.53
C PHE O 197 54.58 -85.22 2.14
N PRO O 198 54.20 -84.27 1.29
CA PRO O 198 53.65 -84.63 -0.03
C PRO O 198 54.74 -85.11 -0.97
N THR O 199 54.35 -85.96 -1.91
CA THR O 199 55.22 -86.45 -2.97
C THR O 199 54.83 -85.87 -4.31
N GLY O 200 55.72 -86.06 -5.29
CA GLY O 200 55.48 -85.64 -6.67
C GLY O 200 56.03 -84.27 -6.97
N ARG O 201 55.20 -83.42 -7.59
CA ARG O 201 55.65 -82.13 -8.07
C ARG O 201 55.52 -81.15 -6.91
N VAL O 202 56.58 -81.00 -6.15
CA VAL O 202 56.51 -80.29 -4.88
C VAL O 202 57.31 -78.98 -4.91
N LYS O 203 57.86 -78.67 -6.07
CA LYS O 203 58.77 -77.55 -6.33
C LYS O 203 58.29 -76.27 -5.69
N HIS O 204 57.05 -75.89 -5.97
CA HIS O 204 56.47 -74.71 -5.36
C HIS O 204 54.96 -74.83 -5.24
N THR O 205 54.50 -74.76 -4.00
CA THR O 205 53.09 -74.87 -3.67
C THR O 205 52.79 -73.94 -2.50
N GLU O 206 51.86 -73.02 -2.71
CA GLU O 206 51.39 -72.17 -1.63
C GLU O 206 49.93 -71.78 -1.77
N GLU O 207 49.36 -71.22 -0.69
CA GLU O 207 47.98 -70.72 -0.69
C GLU O 207 47.02 -71.72 -1.30
N CYS O 208 47.09 -72.95 -0.77
CA CYS O 208 46.19 -74.01 -1.21
C CYS O 208 44.74 -73.74 -0.82
N THR O 209 43.85 -73.85 -1.78
CA THR O 209 42.44 -73.78 -1.51
C THR O 209 41.98 -75.20 -1.58
N CYS O 210 41.54 -75.71 -0.43
CA CYS O 210 41.27 -77.15 -0.28
C CYS O 210 39.81 -77.44 -0.01
N GLY O 211 39.38 -78.63 -0.42
CA GLY O 211 38.03 -79.08 -0.06
C GLY O 211 37.95 -80.60 -0.11
N PHE O 212 36.85 -81.15 0.39
CA PHE O 212 36.65 -82.58 0.32
C PHE O 212 36.09 -82.92 -1.03
N ALA O 213 36.78 -83.84 -1.71
CA ALA O 213 36.26 -84.47 -2.90
C ALA O 213 35.30 -85.62 -2.52
N SER O 214 35.60 -86.26 -1.39
CA SER O 214 34.81 -87.35 -0.82
C SER O 214 35.21 -87.45 0.66
N ASN O 215 34.69 -88.46 1.36
CA ASN O 215 35.14 -88.78 2.72
C ASN O 215 36.59 -89.32 2.78
N LYS O 216 37.12 -89.77 1.62
N LYS O 216 37.11 -89.75 1.62
CA LYS O 216 38.45 -90.34 1.52
CA LYS O 216 38.44 -90.35 1.50
C LYS O 216 39.51 -89.32 1.09
C LYS O 216 39.49 -89.31 1.11
N THR O 217 39.12 -88.39 0.21
CA THR O 217 40.07 -87.47 -0.41
C THR O 217 39.80 -85.98 -0.23
N ILE O 218 40.84 -85.24 0.14
CA ILE O 218 40.85 -83.78 0.04
C ILE O 218 41.64 -83.40 -1.21
N GLU O 219 41.13 -82.42 -1.97
CA GLU O 219 41.84 -81.87 -3.11
C GLU O 219 42.08 -80.37 -2.88
N CYS O 220 43.18 -79.88 -3.45
CA CYS O 220 43.51 -78.47 -3.33
C CYS O 220 43.94 -77.94 -4.65
N ALA O 221 43.55 -76.70 -4.92
CA ALA O 221 44.12 -75.98 -6.06
C ALA O 221 44.98 -74.86 -5.48
N CYS O 222 46.24 -74.86 -5.87
CA CYS O 222 47.24 -74.04 -5.18
C CYS O 222 47.99 -73.07 -6.10
N ARG O 223 48.95 -72.34 -5.53
CA ARG O 223 49.63 -71.25 -6.21
C ARG O 223 51.11 -71.58 -6.38
N ASP O 224 51.58 -71.49 -7.64
CA ASP O 224 53.00 -71.57 -7.89
C ASP O 224 53.44 -70.16 -8.20
N ASN O 225 54.16 -69.54 -7.28
CA ASN O 225 54.56 -68.16 -7.48
C ASN O 225 55.85 -67.97 -8.28
N SER O 226 56.43 -69.06 -8.80
CA SER O 226 57.73 -68.95 -9.51
C SER O 226 57.77 -69.56 -10.88
N TYR O 227 57.27 -70.80 -11.00
CA TYR O 227 57.61 -71.62 -12.19
C TYR O 227 56.52 -71.77 -13.26
N THR O 228 55.26 -71.77 -12.85
CA THR O 228 54.19 -72.08 -13.79
C THR O 228 52.94 -71.26 -13.54
N ALA O 229 52.11 -71.13 -14.60
CA ALA O 229 50.76 -70.57 -14.46
C ALA O 229 49.67 -71.65 -14.32
N LYS O 230 50.07 -72.92 -14.39
CA LYS O 230 49.17 -74.04 -14.06
C LYS O 230 49.13 -74.10 -12.54
N ARG O 231 48.00 -74.46 -11.98
CA ARG O 231 47.90 -74.61 -10.56
C ARG O 231 48.39 -75.97 -10.10
N PRO O 232 49.24 -76.00 -9.06
CA PRO O 232 49.56 -77.28 -8.43
C PRO O 232 48.29 -77.85 -7.85
N PHE O 233 48.11 -79.16 -7.93
CA PHE O 233 46.84 -79.73 -7.52
C PHE O 233 47.12 -80.89 -6.62
N VAL O 234 46.79 -80.69 -5.36
CA VAL O 234 47.06 -81.66 -4.30
C VAL O 234 45.92 -82.65 -4.20
N LYS O 235 46.26 -83.91 -3.88
CA LYS O 235 45.29 -84.98 -3.63
C LYS O 235 45.72 -85.65 -2.34
N LEU O 236 45.00 -85.36 -1.25
CA LEU O 236 45.27 -85.90 0.07
C LEU O 236 44.31 -87.02 0.38
N ASN O 237 44.84 -88.23 0.57
CA ASN O 237 44.08 -89.34 1.13
C ASN O 237 44.05 -89.22 2.67
N VAL O 238 42.86 -89.03 3.23
CA VAL O 238 42.74 -88.80 4.66
C VAL O 238 42.67 -90.08 5.49
N GLU O 239 42.64 -91.24 4.82
CA GLU O 239 42.60 -92.53 5.50
C GLU O 239 44.04 -93.02 5.71
N THR O 240 44.85 -92.93 4.64
CA THR O 240 46.25 -93.27 4.69
C THR O 240 47.13 -92.07 5.07
N ASP O 241 46.57 -90.86 5.10
CA ASP O 241 47.34 -89.67 5.43
C ASP O 241 48.56 -89.50 4.51
N THR O 242 48.31 -89.63 3.21
CA THR O 242 49.34 -89.47 2.21
C THR O 242 48.87 -88.41 1.22
N ALA O 243 49.79 -87.58 0.76
CA ALA O 243 49.48 -86.53 -0.19
C ALA O 243 50.35 -86.58 -1.45
N GLU O 244 49.78 -86.27 -2.60
CA GLU O 244 50.55 -86.25 -3.87
C GLU O 244 50.16 -84.97 -4.65
N ILE O 245 51.09 -84.40 -5.42
CA ILE O 245 50.87 -83.10 -6.05
C ILE O 245 51.33 -83.15 -7.50
N ARG O 246 50.42 -82.83 -8.44
CA ARG O 246 50.81 -82.62 -9.82
CA ARG O 246 50.79 -82.63 -9.83
C ARG O 246 50.14 -81.37 -10.35
N LEU O 247 50.73 -80.79 -11.39
CA LEU O 247 50.10 -79.61 -11.96
C LEU O 247 48.78 -79.95 -12.66
N MET O 248 47.87 -78.99 -12.72
CA MET O 248 46.64 -79.12 -13.48
C MET O 248 46.97 -79.14 -14.93
N CYS O 249 46.44 -80.13 -15.62
CA CYS O 249 46.70 -80.28 -17.06
C CYS O 249 45.89 -79.30 -17.92
N THR O 250 44.78 -78.79 -17.38
CA THR O 250 43.79 -78.09 -18.22
C THR O 250 44.40 -76.89 -18.90
N GLU O 251 44.05 -76.68 -20.16
CA GLU O 251 44.54 -75.53 -20.93
C GLU O 251 44.06 -74.20 -20.33
N THR O 252 43.05 -74.26 -19.47
CA THR O 252 42.46 -73.08 -18.88
C THR O 252 43.21 -72.77 -17.57
N TYR O 253 44.39 -72.18 -17.75
CA TYR O 253 45.37 -71.94 -16.68
C TYR O 253 44.74 -70.92 -15.78
N LEU O 254 44.77 -71.20 -14.46
CA LEU O 254 43.94 -70.49 -13.47
C LEU O 254 44.66 -69.42 -12.68
N ASP O 255 45.97 -69.38 -12.86
CA ASP O 255 46.82 -68.47 -12.10
C ASP O 255 46.82 -67.10 -12.79
N THR O 256 47.37 -66.09 -12.12
CA THR O 256 47.54 -64.75 -12.73
C THR O 256 48.86 -64.20 -12.20
N PRO O 257 49.84 -63.89 -13.09
CA PRO O 257 49.72 -63.87 -14.54
C PRO O 257 49.69 -65.28 -15.13
N ARG O 258 49.40 -65.33 -16.41
CA ARG O 258 49.32 -66.56 -17.15
C ARG O 258 49.46 -66.18 -18.60
N PRO O 259 49.85 -67.12 -19.47
CA PRO O 259 49.82 -66.88 -20.92
C PRO O 259 48.42 -67.22 -21.48
N ASP O 260 48.25 -67.14 -22.81
CA ASP O 260 47.00 -67.64 -23.42
C ASP O 260 46.74 -69.12 -23.03
N ASP O 261 45.45 -69.48 -22.98
CA ASP O 261 44.98 -70.86 -22.81
C ASP O 261 45.57 -71.77 -23.91
N GLY O 262 46.10 -72.93 -23.49
CA GLY O 262 46.64 -73.95 -24.39
C GLY O 262 48.00 -73.62 -24.98
N SER O 263 48.59 -72.47 -24.61
CA SER O 263 49.86 -72.04 -25.22
C SER O 263 51.08 -72.74 -24.62
N ILE O 264 50.94 -73.29 -23.42
CA ILE O 264 52.03 -74.11 -22.83
C ILE O 264 52.15 -75.46 -23.56
N THR O 265 53.17 -75.59 -24.42
CA THR O 265 53.38 -76.81 -25.22
C THR O 265 53.99 -77.93 -24.39
N GLY O 266 54.02 -79.15 -24.93
CA GLY O 266 54.42 -80.36 -24.19
C GLY O 266 53.29 -80.94 -23.31
N PRO O 267 53.63 -81.99 -22.51
CA PRO O 267 52.65 -82.76 -21.73
C PRO O 267 52.10 -82.01 -20.50
N CYS O 268 51.26 -82.68 -19.73
CA CYS O 268 50.63 -82.06 -18.56
C CYS O 268 51.61 -81.42 -17.59
N GLU O 269 52.81 -81.98 -17.46
CA GLU O 269 53.77 -81.57 -16.42
C GLU O 269 54.64 -80.36 -16.84
N SER O 270 54.46 -79.90 -18.08
CA SER O 270 55.24 -78.77 -18.62
C SER O 270 54.87 -77.47 -17.89
N ASN O 271 55.90 -76.72 -17.49
CA ASN O 271 55.75 -75.50 -16.73
C ASN O 271 54.92 -74.37 -17.38
N GLY O 272 55.24 -73.75 -18.52
CA GLY O 272 56.52 -73.44 -19.06
C GLY O 272 56.66 -71.93 -18.79
N ASP O 273 55.84 -71.08 -19.45
CA ASP O 273 56.12 -69.61 -19.45
C ASP O 273 55.15 -68.73 -18.65
N LYS O 274 55.63 -67.50 -18.35
CA LYS O 274 54.88 -66.50 -17.62
C LYS O 274 54.50 -66.98 -16.21
N GLY O 275 55.35 -67.86 -15.66
CA GLY O 275 55.06 -68.50 -14.38
C GLY O 275 55.33 -67.71 -13.12
N SER O 276 56.26 -66.74 -13.16
CA SER O 276 56.63 -65.94 -11.95
C SER O 276 55.47 -65.08 -11.53
N GLY O 277 55.27 -64.97 -10.22
CA GLY O 277 54.05 -64.34 -9.74
C GLY O 277 52.89 -65.33 -9.68
N GLY O 278 51.79 -64.89 -9.12
CA GLY O 278 50.67 -65.80 -8.95
C GLY O 278 49.57 -65.13 -8.20
N ILE O 279 48.53 -65.90 -7.90
CA ILE O 279 47.41 -65.42 -7.10
C ILE O 279 46.75 -66.63 -6.47
N LYS O 280 46.11 -66.43 -5.30
CA LYS O 280 45.30 -67.49 -4.70
C LYS O 280 44.01 -67.66 -5.49
N GLY O 281 43.59 -68.89 -5.72
CA GLY O 281 42.41 -69.06 -6.55
C GLY O 281 41.36 -69.92 -5.92
N GLY O 282 40.12 -69.70 -6.35
CA GLY O 282 39.03 -70.37 -5.75
C GLY O 282 38.85 -71.74 -6.30
N PHE O 283 38.32 -72.62 -5.47
CA PHE O 283 38.12 -74.00 -5.83
C PHE O 283 37.18 -74.58 -4.82
N VAL O 284 36.16 -75.29 -5.31
CA VAL O 284 35.18 -75.89 -4.42
C VAL O 284 34.53 -77.11 -5.07
N HIS O 285 34.18 -78.11 -4.27
CA HIS O 285 33.63 -79.36 -4.78
C HIS O 285 32.12 -79.39 -4.74
N GLN O 286 31.53 -79.97 -5.78
CA GLN O 286 30.07 -80.22 -5.72
C GLN O 286 30.00 -81.74 -5.78
N ARG O 287 29.70 -82.36 -4.66
CA ARG O 287 29.68 -83.82 -4.57
C ARG O 287 28.31 -84.41 -4.81
N MET O 288 28.18 -85.17 -5.91
CA MET O 288 26.94 -85.89 -6.20
C MET O 288 27.14 -87.40 -6.07
N ALA O 289 26.04 -88.15 -6.09
CA ALA O 289 26.06 -89.62 -5.92
C ALA O 289 27.11 -90.30 -6.80
N SER O 290 26.94 -90.24 -8.12
CA SER O 290 27.89 -90.87 -9.05
C SER O 290 28.64 -89.88 -9.95
N LYS O 291 28.82 -88.66 -9.46
CA LYS O 291 29.50 -87.62 -10.25
C LYS O 291 30.17 -86.65 -9.32
N ILE O 292 31.26 -86.03 -9.77
CA ILE O 292 31.82 -84.93 -9.02
C ILE O 292 32.02 -83.70 -9.87
N GLY O 293 31.67 -82.55 -9.29
CA GLY O 293 31.87 -81.31 -9.99
C GLY O 293 32.99 -80.50 -9.36
N ARG O 294 33.90 -79.98 -10.20
CA ARG O 294 34.97 -79.15 -9.65
C ARG O 294 34.82 -77.74 -10.18
N TRP O 295 34.60 -76.78 -9.29
CA TRP O 295 34.31 -75.40 -9.67
C TRP O 295 35.52 -74.56 -9.35
N TYR O 296 35.90 -73.71 -10.28
CA TYR O 296 37.18 -72.96 -10.16
C TYR O 296 36.97 -71.52 -10.51
N SER O 297 37.77 -70.62 -9.93
CA SER O 297 37.75 -69.23 -10.41
C SER O 297 39.13 -68.70 -10.84
N ARG O 298 39.16 -67.82 -11.84
CA ARG O 298 40.36 -67.07 -12.19
C ARG O 298 40.02 -65.65 -12.64
N THR O 299 41.01 -64.77 -12.57
CA THR O 299 40.85 -63.38 -12.99
C THR O 299 40.44 -63.32 -14.47
N MET O 300 39.71 -62.27 -14.83
CA MET O 300 39.30 -62.07 -16.20
C MET O 300 40.52 -61.58 -16.98
N SER O 301 41.34 -60.75 -16.35
CA SER O 301 42.60 -60.32 -16.97
C SER O 301 43.65 -61.39 -16.82
N LYS O 302 44.37 -61.65 -17.90
CA LYS O 302 45.47 -62.60 -17.88
C LYS O 302 46.71 -62.13 -17.06
N THR O 303 46.87 -60.82 -16.95
CA THR O 303 48.07 -60.19 -16.36
C THR O 303 47.79 -59.41 -15.08
N LYS O 304 46.59 -58.82 -14.99
CA LYS O 304 46.23 -58.02 -13.82
C LYS O 304 45.17 -58.69 -12.91
N ARG O 305 45.06 -58.19 -11.69
CA ARG O 305 44.10 -58.75 -10.75
C ARG O 305 42.70 -58.13 -10.89
N MET O 306 42.14 -58.24 -12.08
CA MET O 306 40.98 -57.51 -12.52
C MET O 306 39.94 -58.52 -12.97
N GLY O 307 38.78 -58.51 -12.32
CA GLY O 307 37.67 -59.38 -12.73
C GLY O 307 37.82 -60.79 -12.17
N MET O 308 36.80 -61.62 -12.40
CA MET O 308 36.79 -62.98 -11.87
C MET O 308 35.72 -63.77 -12.62
N GLY O 309 36.16 -64.85 -13.26
CA GLY O 309 35.26 -65.76 -13.93
C GLY O 309 35.10 -67.07 -13.21
N LEU O 310 33.95 -67.71 -13.44
CA LEU O 310 33.68 -68.97 -12.78
C LEU O 310 33.75 -70.07 -13.79
N TYR O 311 34.40 -71.18 -13.41
CA TYR O 311 34.63 -72.28 -14.36
C TYR O 311 34.22 -73.57 -13.73
N VAL O 312 33.84 -74.54 -14.54
CA VAL O 312 33.50 -75.86 -13.97
C VAL O 312 33.93 -77.02 -14.88
N LYS O 313 34.17 -78.19 -14.29
CA LYS O 313 34.30 -79.42 -15.05
C LYS O 313 33.89 -80.59 -14.19
N TYR O 314 33.21 -81.54 -14.80
CA TYR O 314 32.69 -82.69 -14.08
C TYR O 314 33.55 -83.94 -14.31
N ASP O 315 33.83 -84.69 -13.23
CA ASP O 315 34.61 -85.95 -13.30
C ASP O 315 35.98 -85.75 -13.95
N GLY O 316 36.57 -86.84 -14.44
CA GLY O 316 37.89 -86.78 -15.03
C GLY O 316 39.00 -86.67 -14.00
N ASP O 317 40.21 -86.42 -14.46
CA ASP O 317 41.37 -86.34 -13.58
C ASP O 317 42.10 -85.04 -13.91
N PRO O 318 42.04 -84.05 -13.00
CA PRO O 318 42.70 -82.77 -13.25
C PRO O 318 44.19 -82.86 -13.60
N TRP O 319 44.84 -83.97 -13.23
CA TRP O 319 46.24 -84.16 -13.48
C TRP O 319 46.51 -84.52 -14.94
N THR O 320 45.56 -85.19 -15.59
CA THR O 320 45.75 -85.71 -16.96
C THR O 320 44.76 -85.07 -17.94
N ASP O 321 43.73 -84.43 -17.44
CA ASP O 321 42.73 -83.83 -18.34
C ASP O 321 43.20 -82.50 -18.95
N SER O 322 43.53 -82.48 -20.24
CA SER O 322 43.94 -81.23 -20.91
C SER O 322 42.80 -80.36 -21.43
N ASP O 323 41.59 -80.91 -21.48
CA ASP O 323 40.44 -80.21 -22.04
C ASP O 323 40.20 -78.91 -21.29
N ALA O 324 39.63 -77.95 -22.02
CA ALA O 324 39.30 -76.65 -21.43
C ALA O 324 38.28 -76.84 -20.33
N LEU O 325 38.41 -76.05 -19.27
CA LEU O 325 37.30 -75.86 -18.31
C LEU O 325 36.19 -75.04 -18.95
N ALA O 326 34.94 -75.43 -18.76
CA ALA O 326 33.80 -74.67 -19.25
C ALA O 326 33.60 -73.38 -18.45
N LEU O 327 33.49 -72.26 -19.16
CA LEU O 327 33.22 -70.97 -18.54
C LEU O 327 31.76 -70.94 -18.14
N SER O 328 31.50 -70.70 -16.85
CA SER O 328 30.17 -70.80 -16.27
C SER O 328 29.54 -69.40 -16.23
N GLY O 329 30.29 -68.41 -15.72
CA GLY O 329 29.88 -67.01 -15.82
C GLY O 329 30.93 -66.04 -15.33
N VAL O 330 30.72 -64.75 -15.61
CA VAL O 330 31.57 -63.69 -15.09
C VAL O 330 31.01 -63.18 -13.75
N MET O 331 31.72 -63.47 -12.65
CA MET O 331 31.24 -63.04 -11.31
C MET O 331 31.62 -61.57 -11.08
N VAL O 332 32.82 -61.21 -11.54
CA VAL O 332 33.35 -59.85 -11.45
C VAL O 332 33.87 -59.41 -12.82
N SER O 333 33.44 -58.25 -13.29
CA SER O 333 33.83 -57.82 -14.62
C SER O 333 35.27 -57.28 -14.62
N MET O 334 35.82 -57.16 -15.84
CA MET O 334 37.15 -56.63 -16.08
C MET O 334 37.39 -55.25 -15.45
N GLU O 335 36.32 -54.47 -15.28
CA GLU O 335 36.48 -53.12 -14.77
C GLU O 335 36.61 -53.12 -13.27
N GLU O 336 36.31 -54.25 -12.63
CA GLU O 336 36.30 -54.33 -11.17
C GLU O 336 37.47 -55.20 -10.66
N PRO O 337 37.96 -54.92 -9.44
CA PRO O 337 39.09 -55.70 -8.92
C PRO O 337 38.71 -57.13 -8.59
N GLY O 338 39.55 -58.07 -9.01
CA GLY O 338 39.40 -59.45 -8.65
C GLY O 338 40.70 -60.01 -8.14
N TRP O 339 40.85 -60.02 -6.81
CA TRP O 339 42.09 -60.48 -6.19
C TRP O 339 41.98 -61.95 -5.74
N TYR O 340 42.33 -62.27 -4.50
CA TYR O 340 42.26 -63.65 -4.02
C TYR O 340 40.84 -64.23 -4.13
N SER O 341 40.72 -65.50 -4.42
CA SER O 341 39.42 -66.16 -4.39
C SER O 341 39.52 -67.49 -3.66
N PHE O 342 38.43 -67.89 -2.96
CA PHE O 342 38.49 -69.07 -2.10
C PHE O 342 37.21 -69.90 -2.15
N GLY O 343 37.29 -71.15 -1.70
CA GLY O 343 36.11 -72.02 -1.65
C GLY O 343 35.65 -72.25 -0.22
N PHE O 344 34.35 -72.46 -0.08
CA PHE O 344 33.79 -72.82 1.22
C PHE O 344 32.42 -73.43 1.03
N GLU O 345 31.97 -74.19 2.03
CA GLU O 345 30.66 -74.85 1.98
C GLU O 345 29.78 -74.40 3.15
N ILE O 346 28.55 -73.99 2.83
CA ILE O 346 27.58 -73.69 3.86
C ILE O 346 26.81 -74.96 4.15
N LYS O 347 26.51 -75.20 5.43
CA LYS O 347 25.84 -76.45 5.85
CA LYS O 347 25.86 -76.45 5.87
C LYS O 347 24.35 -76.25 5.95
N ASP O 348 23.63 -76.88 5.04
CA ASP O 348 22.17 -76.86 5.05
C ASP O 348 21.83 -78.04 5.94
N LYS O 349 20.55 -78.28 6.14
CA LYS O 349 20.10 -79.27 7.10
C LYS O 349 20.64 -80.67 6.86
N LYS O 350 20.69 -81.11 5.60
CA LYS O 350 21.01 -82.50 5.26
C LYS O 350 22.00 -82.53 4.09
N CYS O 351 22.44 -81.36 3.64
CA CYS O 351 23.40 -81.28 2.52
C CYS O 351 24.29 -80.05 2.63
N ASP O 352 25.36 -80.04 1.83
CA ASP O 352 26.30 -78.93 1.82
C ASP O 352 26.10 -78.04 0.61
N VAL O 353 26.38 -76.75 0.79
CA VAL O 353 26.28 -75.78 -0.31
C VAL O 353 27.68 -75.28 -0.71
N PRO O 354 28.15 -75.66 -1.90
CA PRO O 354 29.44 -75.15 -2.34
C PRO O 354 29.38 -73.67 -2.76
N CYS O 355 30.34 -72.90 -2.26
CA CYS O 355 30.43 -71.46 -2.53
C CYS O 355 31.83 -71.00 -2.88
N ILE O 356 31.92 -69.90 -3.61
CA ILE O 356 33.21 -69.31 -3.92
C ILE O 356 33.13 -67.87 -3.49
N GLY O 357 34.10 -67.46 -2.69
CA GLY O 357 34.21 -66.05 -2.29
C GLY O 357 35.33 -65.37 -3.07
N ILE O 358 35.24 -64.07 -3.24
CA ILE O 358 36.18 -63.33 -4.05
C ILE O 358 36.59 -62.09 -3.29
N GLU O 359 37.89 -61.97 -3.02
CA GLU O 359 38.44 -60.76 -2.46
C GLU O 359 38.52 -59.68 -3.52
N MET O 360 37.90 -58.54 -3.24
CA MET O 360 37.88 -57.43 -4.18
C MET O 360 38.64 -56.27 -3.56
N VAL O 361 39.92 -56.17 -3.92
CA VAL O 361 40.82 -55.24 -3.20
C VAL O 361 40.66 -53.82 -3.71
N HIS O 362 40.48 -52.86 -2.80
CA HIS O 362 40.51 -51.44 -3.13
C HIS O 362 41.97 -51.02 -3.17
N ASP O 363 42.50 -50.89 -4.36
CA ASP O 363 43.91 -50.55 -4.51
C ASP O 363 44.08 -49.19 -5.13
N GLY O 364 44.67 -48.24 -4.41
CA GLY O 364 45.11 -46.97 -5.03
C GLY O 364 46.56 -46.64 -4.69
N GLY O 365 47.35 -47.68 -4.40
CA GLY O 365 48.80 -47.52 -4.17
C GLY O 365 49.09 -47.38 -2.69
N LYS O 366 50.38 -47.24 -2.37
CA LYS O 366 50.81 -47.20 -0.96
C LYS O 366 50.56 -45.83 -0.27
N GLU O 367 50.03 -44.84 -1.01
CA GLU O 367 49.89 -43.48 -0.52
C GLU O 367 48.52 -43.25 0.11
N THR O 368 47.74 -44.33 0.17
CA THR O 368 46.42 -44.34 0.74
C THR O 368 46.12 -45.73 1.36
N TRP O 369 44.90 -45.93 1.87
CA TRP O 369 44.51 -47.17 2.53
C TRP O 369 44.39 -48.31 1.54
N HIS O 370 44.66 -49.53 2.03
CA HIS O 370 44.57 -50.70 1.19
C HIS O 370 43.75 -51.81 1.83
N SER O 371 42.56 -52.08 1.29
CA SER O 371 41.63 -53.00 1.94
C SER O 371 40.78 -53.74 0.90
N ALA O 372 39.72 -54.44 1.33
CA ALA O 372 39.00 -55.35 0.45
C ALA O 372 37.58 -55.57 0.82
N ALA O 373 36.77 -55.77 -0.24
CA ALA O 373 35.43 -56.26 -0.10
C ALA O 373 35.48 -57.75 -0.35
N THR O 374 34.42 -58.45 0.07
CA THR O 374 34.25 -59.86 -0.24
C THR O 374 32.91 -60.14 -0.95
N ALA O 375 32.98 -60.71 -2.15
CA ALA O 375 31.80 -61.13 -2.97
C ALA O 375 31.53 -62.63 -2.81
N ILE O 376 30.28 -63.03 -2.68
CA ILE O 376 29.97 -64.47 -2.45
C ILE O 376 29.05 -65.02 -3.54
N TYR O 377 29.48 -66.13 -4.15
CA TYR O 377 28.71 -66.85 -5.16
C TYR O 377 28.53 -68.28 -4.68
N CYS O 378 27.31 -68.78 -4.75
CA CYS O 378 26.98 -70.10 -4.23
C CYS O 378 26.19 -70.86 -5.25
N LEU O 379 26.35 -72.18 -5.21
CA LEU O 379 25.50 -73.07 -5.97
C LEU O 379 24.03 -72.96 -5.51
N MET O 380 23.18 -72.49 -6.41
CA MET O 380 21.75 -72.38 -6.15
C MET O 380 20.90 -72.48 -7.41
N GLY O 381 20.06 -73.53 -7.47
CA GLY O 381 19.10 -73.72 -8.53
C GLY O 381 19.73 -74.09 -9.85
N SER O 382 18.95 -73.98 -10.90
CA SER O 382 19.37 -74.36 -12.24
CA SER O 382 19.37 -74.36 -12.24
C SER O 382 19.58 -73.12 -13.09
N GLY O 383 19.97 -73.33 -14.34
CA GLY O 383 20.12 -72.23 -15.31
C GLY O 383 21.57 -71.83 -15.50
N GLN O 384 21.80 -70.52 -15.59
CA GLN O 384 23.14 -69.97 -15.82
CA GLN O 384 23.15 -70.00 -15.79
C GLN O 384 23.39 -68.79 -14.87
N LEU O 385 24.67 -68.49 -14.61
CA LEU O 385 25.03 -67.41 -13.72
C LEU O 385 24.58 -66.10 -14.31
N LEU O 386 23.89 -65.28 -13.50
CA LEU O 386 23.15 -64.16 -14.05
C LEU O 386 23.82 -62.80 -13.89
N TRP O 387 24.39 -62.54 -12.71
CA TRP O 387 24.78 -61.17 -12.42
C TRP O 387 26.18 -61.02 -11.80
N ASP O 388 26.87 -59.95 -12.18
CA ASP O 388 28.18 -59.68 -11.62
C ASP O 388 28.14 -58.87 -10.28
N THR O 389 29.30 -58.69 -9.66
CA THR O 389 29.42 -57.94 -8.42
C THR O 389 30.36 -56.75 -8.55
N VAL O 390 29.92 -55.61 -8.02
CA VAL O 390 30.74 -54.42 -7.92
C VAL O 390 30.88 -54.04 -6.44
N THR O 391 31.98 -53.42 -6.06
CA THR O 391 32.13 -52.99 -4.66
C THR O 391 31.34 -51.71 -4.37
N GLY O 392 31.19 -50.85 -5.39
CA GLY O 392 30.48 -49.58 -5.23
C GLY O 392 31.29 -48.52 -4.52
N VAL O 393 32.55 -48.81 -4.23
CA VAL O 393 33.40 -47.91 -3.42
C VAL O 393 34.16 -46.88 -4.27
N ASP O 394 34.14 -45.64 -3.83
CA ASP O 394 34.95 -44.60 -4.43
C ASP O 394 36.06 -44.27 -3.40
N MET O 395 37.30 -44.55 -3.76
CA MET O 395 38.39 -44.49 -2.76
C MET O 395 38.79 -43.06 -2.40
N ALA O 396 38.21 -42.08 -3.11
CA ALA O 396 38.50 -40.68 -2.87
C ALA O 396 37.70 -40.14 -1.69
N LEU O 397 36.69 -40.89 -1.25
CA LEU O 397 35.74 -40.41 -0.23
C LEU O 397 36.22 -40.77 1.15
N PRO P 9 26.18 -76.67 36.11
CA PRO P 9 27.57 -76.27 36.27
C PRO P 9 28.05 -76.47 37.69
N GLU P 10 29.35 -76.77 37.82
CA GLU P 10 29.95 -77.06 39.11
CA GLU P 10 30.00 -77.13 39.08
C GLU P 10 31.20 -76.21 39.37
N TRP P 11 31.65 -76.18 40.63
CA TRP P 11 32.86 -75.41 41.01
C TRP P 11 34.10 -75.76 40.17
N THR P 12 34.93 -74.76 39.91
CA THR P 12 36.19 -75.00 39.21
CA THR P 12 36.18 -75.03 39.20
C THR P 12 37.39 -75.22 40.15
N TYR P 13 38.40 -75.93 39.64
CA TYR P 13 39.63 -76.21 40.34
C TYR P 13 40.75 -76.00 39.34
N PRO P 14 41.96 -75.65 39.84
CA PRO P 14 43.15 -75.67 39.00
C PRO P 14 43.40 -77.07 38.49
N ARG P 15 43.70 -77.20 37.21
CA ARG P 15 44.09 -78.50 36.67
C ARG P 15 45.56 -78.49 36.29
N LEU P 16 46.05 -79.62 35.78
CA LEU P 16 47.38 -79.69 35.17
C LEU P 16 47.42 -78.74 33.97
N SER P 17 48.51 -78.01 33.81
CA SER P 17 48.68 -77.13 32.68
C SER P 17 48.79 -77.90 31.38
N CYS P 18 48.38 -77.24 30.28
CA CYS P 18 48.50 -77.80 28.94
C CYS P 18 49.97 -77.93 28.57
N PRO P 19 50.29 -78.85 27.61
CA PRO P 19 51.71 -79.06 27.31
C PRO P 19 52.22 -77.81 26.60
N GLY P 20 53.50 -77.53 26.81
CA GLY P 20 54.19 -76.38 26.22
C GLY P 20 55.47 -76.22 27.00
N SER P 21 56.45 -75.55 26.41
CA SER P 21 57.72 -75.25 27.12
C SER P 21 58.17 -73.83 26.80
N THR P 22 57.34 -73.10 26.04
CA THR P 22 57.67 -71.70 25.72
C THR P 22 56.41 -70.84 25.58
N PHE P 23 56.56 -69.56 25.88
CA PHE P 23 55.50 -68.61 25.68
C PHE P 23 55.66 -68.00 24.30
N GLN P 24 54.53 -67.60 23.68
CA GLN P 24 54.57 -66.94 22.37
C GLN P 24 53.59 -65.79 22.34
N LYS P 25 53.82 -64.85 21.42
CA LYS P 25 52.90 -63.73 21.19
C LYS P 25 51.51 -64.26 20.82
N ALA P 26 50.53 -63.94 21.66
CA ALA P 26 49.18 -64.45 21.38
C ALA P 26 48.28 -63.40 20.77
N LEU P 27 48.13 -62.25 21.44
CA LEU P 27 47.09 -61.30 21.06
C LEU P 27 47.43 -59.90 21.58
N LEU P 28 47.17 -58.89 20.76
CA LEU P 28 47.27 -57.50 21.12
C LEU P 28 45.87 -56.87 21.13
N ILE P 29 45.50 -56.23 22.22
CA ILE P 29 44.29 -55.42 22.31
C ILE P 29 44.83 -54.02 22.44
N SER P 30 44.76 -53.26 21.34
CA SER P 30 45.27 -51.89 21.25
C SER P 30 44.10 -51.03 20.75
N PRO P 31 43.22 -50.61 21.71
CA PRO P 31 42.00 -49.85 21.38
C PRO P 31 42.31 -48.52 20.72
N HIS P 32 43.49 -47.96 21.05
CA HIS P 32 43.82 -46.59 20.66
C HIS P 32 44.37 -46.48 19.23
N ARG P 33 44.57 -47.63 18.60
CA ARG P 33 44.72 -47.66 17.15
C ARG P 33 43.50 -47.08 16.44
N PHE P 34 42.41 -46.90 17.18
CA PHE P 34 41.17 -46.39 16.60
C PHE P 34 40.68 -45.07 17.17
N GLY P 35 41.48 -44.42 18.01
CA GLY P 35 41.08 -43.17 18.68
C GLY P 35 41.52 -41.87 18.01
N GLU P 36 41.90 -41.93 16.72
CA GLU P 36 42.28 -40.73 15.97
C GLU P 36 41.13 -39.73 15.91
N THR P 37 41.46 -38.46 15.83
CA THR P 37 40.48 -37.43 15.53
C THR P 37 39.84 -37.79 14.20
N LYS P 38 40.69 -38.25 13.28
CA LYS P 38 40.27 -38.48 11.91
C LYS P 38 39.34 -39.68 11.80
N GLY P 39 39.24 -40.46 12.87
CA GLY P 39 38.46 -41.69 12.88
C GLY P 39 37.04 -41.54 13.40
N ASN P 40 36.36 -42.67 13.57
CA ASN P 40 34.98 -42.67 14.05
C ASN P 40 34.77 -43.68 15.15
N SER P 41 35.80 -43.92 15.98
CA SER P 41 35.65 -44.87 17.09
C SER P 41 35.75 -44.23 18.47
N ALA P 42 35.40 -45.00 19.50
CA ALA P 42 35.37 -44.51 20.85
C ALA P 42 36.04 -45.45 21.84
N PRO P 43 37.33 -45.74 21.62
CA PRO P 43 38.03 -46.51 22.66
C PRO P 43 37.99 -45.85 24.02
N LEU P 44 37.69 -46.62 25.03
CA LEU P 44 37.65 -46.06 26.40
C LEU P 44 39.08 -45.76 26.89
N ILE P 45 39.25 -44.67 27.64
CA ILE P 45 40.51 -44.40 28.34
C ILE P 45 40.58 -45.24 29.61
N ILE P 46 41.58 -46.11 29.67
CA ILE P 46 41.63 -47.11 30.72
C ILE P 46 43.02 -47.23 31.29
N ARG P 47 43.14 -48.02 32.34
CA ARG P 47 44.46 -48.40 32.90
C ARG P 47 44.24 -49.60 33.86
N GLU P 48 45.33 -50.17 34.39
CA GLU P 48 45.29 -51.41 35.17
C GLU P 48 44.36 -52.46 34.49
N PRO P 49 44.63 -52.80 33.21
CA PRO P 49 43.88 -53.89 32.63
C PRO P 49 44.31 -55.24 33.20
N PHE P 50 43.41 -56.22 33.11
CA PHE P 50 43.75 -57.59 33.44
C PHE P 50 42.73 -58.48 32.83
N ILE P 51 43.00 -59.78 32.86
CA ILE P 51 42.17 -60.79 32.22
C ILE P 51 41.85 -61.92 33.20
N ALA P 52 40.63 -62.44 33.11
CA ALA P 52 40.20 -63.56 33.95
C ALA P 52 39.28 -64.38 33.08
N CYS P 53 39.32 -65.68 33.32
CA CYS P 53 38.73 -66.62 32.41
C CYS P 53 37.85 -67.59 33.15
N GLY P 54 36.70 -67.89 32.55
CA GLY P 54 35.81 -68.92 33.06
C GLY P 54 35.92 -70.11 32.16
N PRO P 55 35.08 -71.13 32.40
CA PRO P 55 35.16 -72.36 31.58
C PRO P 55 34.80 -72.16 30.11
N LYS P 56 34.07 -71.09 29.77
CA LYS P 56 33.76 -70.83 28.37
C LYS P 56 34.22 -69.48 27.79
N GLU P 57 34.60 -68.54 28.65
CA GLU P 57 34.87 -67.19 28.18
C GLU P 57 35.99 -66.54 28.96
N CYS P 58 36.80 -65.72 28.32
CA CYS P 58 37.72 -64.83 29.04
C CYS P 58 37.24 -63.40 28.93
N LYS P 59 37.23 -62.71 30.06
CA LYS P 59 36.88 -61.31 30.10
C LYS P 59 38.10 -60.43 30.29
N HIS P 60 38.18 -59.39 29.47
CA HIS P 60 39.25 -58.39 29.55
C HIS P 60 38.71 -57.27 30.43
N PHE P 61 39.31 -57.13 31.61
CA PHE P 61 38.93 -56.05 32.53
C PHE P 61 39.86 -54.83 32.48
N ALA P 62 39.35 -53.69 32.97
CA ALA P 62 40.17 -52.50 33.12
C ALA P 62 39.40 -51.46 33.93
N LEU P 63 40.13 -50.47 34.43
CA LEU P 63 39.53 -49.38 35.15
C LEU P 63 39.47 -48.20 34.21
N THR P 64 38.29 -47.66 34.00
CA THR P 64 38.16 -46.54 33.08
C THR P 64 37.94 -45.20 33.79
N HIS P 65 38.41 -44.13 33.17
CA HIS P 65 38.12 -42.80 33.66
C HIS P 65 36.81 -42.26 33.10
N TYR P 66 36.00 -43.13 32.51
CA TYR P 66 34.65 -42.76 32.06
C TYR P 66 34.80 -41.69 30.96
N ALA P 67 35.70 -41.97 30.03
CA ALA P 67 36.11 -41.01 29.00
C ALA P 67 36.65 -41.78 27.82
N ALA P 68 36.49 -41.23 26.63
CA ALA P 68 36.88 -41.91 25.42
C ALA P 68 37.82 -41.03 24.62
N GLN P 69 38.51 -41.64 23.66
CA GLN P 69 39.38 -40.96 22.73
C GLN P 69 38.87 -41.15 21.29
N PRO P 70 38.70 -40.06 20.54
CA PRO P 70 38.79 -38.64 20.97
C PRO P 70 37.67 -38.20 21.89
N GLY P 71 37.98 -37.24 22.75
CA GLY P 71 36.96 -36.76 23.68
C GLY P 71 37.46 -35.48 24.32
N GLY P 72 36.76 -35.04 25.37
CA GLY P 72 37.04 -33.75 25.98
C GLY P 72 37.37 -33.83 27.45
N TYR P 73 37.57 -35.03 27.92
CA TYR P 73 37.79 -35.24 29.34
C TYR P 73 39.16 -35.90 29.61
N TYR P 74 40.20 -35.43 28.91
CA TYR P 74 41.57 -35.95 29.11
C TYR P 74 42.18 -35.52 30.44
N ASN P 75 41.81 -34.32 30.91
CA ASN P 75 42.27 -33.83 32.21
C ASN P 75 41.94 -34.75 33.38
N GLY P 76 42.96 -35.21 34.08
CA GLY P 76 42.82 -36.10 35.24
C GLY P 76 42.94 -37.58 34.94
N THR P 77 43.23 -37.95 33.69
CA THR P 77 43.31 -39.37 33.33
C THR P 77 44.66 -39.98 33.69
N ARG P 78 45.60 -39.17 34.16
CA ARG P 78 46.87 -39.70 34.66
C ARG P 78 46.74 -40.10 36.09
N GLY P 79 45.81 -39.52 36.83
CA GLY P 79 45.53 -39.94 38.20
C GLY P 79 44.83 -41.28 38.24
N ASP P 80 44.85 -41.94 39.39
CA ASP P 80 44.07 -43.18 39.53
C ASP P 80 42.68 -43.02 40.22
N ARG P 81 42.63 -42.23 41.29
CA ARG P 81 41.46 -42.15 42.16
C ARG P 81 40.61 -40.94 41.80
N ASN P 82 39.38 -41.21 41.36
CA ASN P 82 38.33 -40.19 41.26
C ASN P 82 36.91 -40.76 41.44
N LYS P 83 35.94 -39.86 41.49
CA LYS P 83 34.57 -40.32 41.63
C LYS P 83 33.98 -40.93 40.35
N LEU P 84 34.67 -40.82 39.23
CA LEU P 84 34.18 -41.30 37.93
C LEU P 84 34.73 -42.66 37.49
N ARG P 85 35.81 -43.10 38.13
CA ARG P 85 36.50 -44.34 37.78
C ARG P 85 35.61 -45.57 37.97
N HIS P 86 35.68 -46.51 37.02
CA HIS P 86 34.73 -47.63 36.96
C HIS P 86 35.40 -48.87 36.47
N LEU P 87 35.03 -50.04 37.01
CA LEU P 87 35.53 -51.31 36.51
C LEU P 87 34.65 -51.73 35.35
N ILE P 88 35.27 -52.01 34.21
CA ILE P 88 34.58 -52.38 32.99
C ILE P 88 35.14 -53.70 32.45
N SER P 89 34.42 -54.33 31.54
CA SER P 89 34.96 -55.49 30.82
C SER P 89 34.36 -55.65 29.47
N VAL P 90 35.11 -56.30 28.58
CA VAL P 90 34.63 -56.86 27.35
C VAL P 90 35.11 -58.31 27.31
N LYS P 91 34.44 -59.10 26.47
CA LYS P 91 34.91 -60.42 26.15
C LYS P 91 36.29 -60.27 25.51
N LEU P 92 37.30 -60.98 26.01
CA LEU P 92 38.63 -60.94 25.37
C LEU P 92 38.54 -61.16 23.87
N GLY P 93 39.05 -60.19 23.11
CA GLY P 93 39.05 -60.24 21.66
C GLY P 93 38.27 -59.05 21.11
N LYS P 94 37.40 -58.49 21.94
CA LYS P 94 36.60 -57.33 21.56
C LYS P 94 37.37 -56.06 21.92
N ILE P 95 37.20 -55.00 21.14
CA ILE P 95 37.87 -53.74 21.48
C ILE P 95 37.03 -53.01 22.55
N PRO P 96 37.62 -52.64 23.71
CA PRO P 96 36.85 -51.98 24.79
C PRO P 96 36.48 -50.52 24.47
N THR P 97 35.38 -50.37 23.71
CA THR P 97 34.83 -49.08 23.33
C THR P 97 33.69 -48.73 24.29
N VAL P 98 33.23 -47.48 24.22
CA VAL P 98 32.05 -47.05 24.96
C VAL P 98 30.89 -48.04 24.86
N GLU P 99 30.59 -48.49 23.63
CA GLU P 99 29.45 -49.39 23.36
C GLU P 99 29.74 -50.86 23.68
N ASN P 100 30.93 -51.33 23.35
CA ASN P 100 31.24 -52.74 23.54
C ASN P 100 31.35 -53.07 25.03
N SER P 101 31.83 -52.12 25.82
CA SER P 101 32.13 -52.38 27.24
C SER P 101 30.83 -52.53 28.03
N ILE P 102 30.88 -53.25 29.14
CA ILE P 102 29.87 -53.18 30.17
C ILE P 102 30.51 -52.57 31.42
N PHE P 103 29.76 -51.67 32.08
CA PHE P 103 30.20 -51.04 33.34
C PHE P 103 29.69 -51.82 34.55
N HIS P 104 30.61 -52.36 35.36
CA HIS P 104 30.24 -53.25 36.46
C HIS P 104 29.96 -52.50 37.75
N MET P 105 30.84 -51.59 38.12
CA MET P 105 30.71 -50.84 39.38
C MET P 105 31.74 -49.74 39.43
N ALA P 106 31.45 -48.69 40.20
CA ALA P 106 32.42 -47.65 40.48
C ALA P 106 33.64 -48.27 41.22
N ALA P 107 34.86 -47.94 40.80
CA ALA P 107 36.11 -48.54 41.32
C ALA P 107 37.35 -47.86 40.76
N TRP P 108 38.29 -47.57 41.66
CA TRP P 108 39.57 -47.12 41.22
C TRP P 108 40.65 -48.16 41.62
N SER P 109 40.22 -49.29 42.18
CA SER P 109 41.07 -50.48 42.28
C SER P 109 40.23 -51.71 42.12
N GLY P 110 40.74 -52.72 41.40
CA GLY P 110 39.80 -53.75 40.90
C GLY P 110 40.30 -55.18 40.86
N SER P 111 39.36 -56.13 40.81
CA SER P 111 39.75 -57.55 40.62
C SER P 111 38.49 -58.34 40.22
N ALA P 112 38.67 -59.55 39.66
CA ALA P 112 37.51 -60.37 39.25
C ALA P 112 37.93 -61.78 38.95
N CYS P 113 36.99 -62.70 39.06
CA CYS P 113 37.30 -64.13 38.92
C CYS P 113 36.02 -64.92 38.77
N HIS P 114 36.15 -66.09 38.15
CA HIS P 114 35.04 -66.99 37.95
C HIS P 114 35.23 -68.22 38.78
N ASP P 115 34.17 -68.63 39.50
CA ASP P 115 34.25 -69.82 40.36
C ASP P 115 33.73 -71.12 39.75
N GLY P 116 33.30 -71.06 38.49
CA GLY P 116 32.79 -72.21 37.77
C GLY P 116 31.29 -72.11 37.56
N LYS P 117 30.63 -71.35 38.44
CA LYS P 117 29.20 -71.08 38.37
C LYS P 117 28.91 -69.63 37.96
N GLU P 118 29.70 -68.67 38.47
CA GLU P 118 29.40 -67.25 38.31
C GLU P 118 30.61 -66.38 38.48
N TRP P 119 30.54 -65.17 37.95
CA TRP P 119 31.56 -64.15 38.13
C TRP P 119 31.49 -63.42 39.49
N THR P 120 32.65 -63.21 40.11
CA THR P 120 32.77 -62.35 41.24
C THR P 120 33.51 -61.11 40.71
N TYR P 121 32.99 -59.91 41.02
CA TYR P 121 33.62 -58.67 40.61
C TYR P 121 34.00 -57.83 41.83
N ILE P 122 35.22 -57.32 41.85
CA ILE P 122 35.67 -56.61 43.03
C ILE P 122 36.05 -55.20 42.67
N GLY P 123 35.52 -54.24 43.42
CA GLY P 123 35.86 -52.85 43.13
C GLY P 123 36.01 -51.98 44.37
N VAL P 124 37.14 -51.26 44.48
CA VAL P 124 37.38 -50.39 45.60
C VAL P 124 37.22 -48.94 45.16
N ASP P 125 36.39 -48.21 45.88
CA ASP P 125 36.26 -46.78 45.68
C ASP P 125 36.16 -46.12 47.05
N GLY P 126 35.83 -44.83 47.07
CA GLY P 126 35.68 -44.06 48.31
C GLY P 126 36.92 -43.22 48.61
N PRO P 127 36.86 -42.43 49.70
CA PRO P 127 37.89 -41.44 50.02
C PRO P 127 39.15 -42.12 50.41
N GLU P 128 40.25 -41.35 50.39
CA GLU P 128 41.59 -41.90 50.65
C GLU P 128 41.64 -42.57 51.99
N ASN P 129 41.08 -41.89 52.98
CA ASN P 129 41.31 -42.30 54.36
C ASN P 129 40.37 -43.37 54.85
N ASN P 130 39.38 -43.73 54.02
CA ASN P 130 38.36 -44.68 54.41
C ASN P 130 37.69 -45.32 53.20
N ALA P 131 38.51 -45.76 52.24
CA ALA P 131 38.03 -46.46 51.08
C ALA P 131 37.23 -47.72 51.42
N LEU P 132 36.53 -48.25 50.41
CA LEU P 132 35.61 -49.38 50.60
C LEU P 132 35.74 -50.35 49.44
N LEU P 133 35.94 -51.62 49.75
CA LEU P 133 35.98 -52.67 48.77
C LEU P 133 34.57 -53.25 48.60
N LYS P 134 34.07 -53.27 47.37
CA LYS P 134 32.73 -53.74 47.09
C LYS P 134 32.78 -55.03 46.29
N ILE P 135 31.96 -56.01 46.72
CA ILE P 135 31.83 -57.27 45.99
C ILE P 135 30.50 -57.42 45.22
N LYS P 136 30.60 -57.86 43.98
CA LYS P 136 29.41 -58.06 43.13
C LYS P 136 29.44 -59.50 42.62
N TYR P 137 28.36 -60.24 42.81
CA TYR P 137 28.29 -61.63 42.37
C TYR P 137 27.23 -61.65 41.29
N GLY P 138 27.68 -61.84 40.05
CA GLY P 138 26.80 -61.73 38.91
C GLY P 138 26.33 -60.31 38.79
N GLU P 139 25.03 -60.10 39.01
CA GLU P 139 24.46 -58.77 38.86
C GLU P 139 24.26 -58.12 40.20
N ALA P 140 24.31 -58.92 41.26
CA ALA P 140 24.00 -58.46 42.60
C ALA P 140 25.22 -58.01 43.44
N TYR P 141 25.15 -56.80 44.01
CA TYR P 141 26.14 -56.31 45.00
C TYR P 141 25.85 -57.04 46.30
N THR P 142 26.84 -57.73 46.87
CA THR P 142 26.61 -58.74 47.88
C THR P 142 27.35 -58.45 49.18
N ASP P 143 28.52 -57.85 49.10
CA ASP P 143 29.32 -57.61 50.33
C ASP P 143 30.27 -56.43 50.22
N THR P 144 30.75 -55.94 51.38
CA THR P 144 31.80 -54.93 51.37
C THR P 144 32.83 -55.24 52.45
N TYR P 145 34.03 -54.66 52.31
CA TYR P 145 35.05 -54.69 53.34
C TYR P 145 35.64 -53.29 53.51
N HIS P 146 36.00 -52.97 54.76
CA HIS P 146 36.35 -51.60 55.18
C HIS P 146 37.84 -51.37 55.31
N SER P 147 38.25 -50.13 55.10
CA SER P 147 39.62 -49.71 55.26
C SER P 147 40.13 -50.02 56.67
N TYR P 148 41.25 -50.73 56.75
CA TYR P 148 41.76 -51.14 58.08
C TYR P 148 43.01 -50.42 58.52
N ALA P 149 43.63 -49.69 57.61
CA ALA P 149 44.79 -48.88 57.93
C ALA P 149 44.57 -47.43 57.55
N ASN P 150 43.42 -47.14 56.95
CA ASN P 150 43.03 -45.76 56.65
C ASN P 150 43.93 -45.01 55.73
N ASN P 151 44.52 -45.73 54.78
CA ASN P 151 45.34 -45.07 53.81
C ASN P 151 45.29 -45.88 52.52
N ILE P 152 44.27 -45.56 51.71
CA ILE P 152 44.05 -46.15 50.39
C ILE P 152 43.95 -47.67 50.43
N LEU P 153 42.82 -48.17 50.96
CA LEU P 153 42.46 -49.59 50.78
C LEU P 153 42.53 -49.94 49.28
N ARG P 154 43.19 -51.04 48.95
CA ARG P 154 43.68 -51.32 47.59
C ARG P 154 43.59 -52.82 47.36
N THR P 155 43.52 -53.26 46.09
CA THR P 155 43.45 -54.69 45.78
C THR P 155 44.38 -55.08 44.65
N GLN P 156 44.18 -56.26 44.08
CA GLN P 156 45.23 -56.92 43.25
C GLN P 156 45.53 -56.26 41.91
N GLU P 157 44.51 -55.71 41.25
N GLU P 157 44.51 -55.66 41.28
CA GLU P 157 44.64 -55.21 39.87
CA GLU P 157 44.51 -55.21 39.85
C GLU P 157 44.86 -56.36 38.88
C GLU P 157 44.83 -56.36 38.88
N SER P 158 44.51 -57.57 39.33
CA SER P 158 44.49 -58.77 38.48
C SER P 158 43.44 -59.75 39.03
N ALA P 159 43.25 -60.87 38.34
CA ALA P 159 42.26 -61.87 38.72
C ALA P 159 42.45 -62.47 40.10
N CYS P 160 41.32 -62.65 40.78
CA CYS P 160 41.33 -63.40 42.02
C CYS P 160 41.32 -64.88 41.68
N ASN P 161 41.30 -65.74 42.68
CA ASN P 161 41.46 -67.16 42.42
C ASN P 161 40.46 -67.98 43.23
N CYS P 162 39.68 -68.77 42.52
CA CYS P 162 38.59 -69.56 43.06
C CYS P 162 38.84 -71.04 43.02
N ILE P 163 38.51 -71.70 44.11
CA ILE P 163 38.70 -73.14 44.22
C ILE P 163 37.55 -73.70 45.05
N GLY P 164 36.80 -74.61 44.46
CA GLY P 164 35.68 -75.24 45.17
C GLY P 164 34.67 -74.22 45.67
N GLY P 165 34.60 -73.09 44.97
CA GLY P 165 33.65 -72.03 45.31
C GLY P 165 34.23 -70.94 46.18
N ASN P 166 35.34 -71.24 46.84
CA ASN P 166 36.11 -70.28 47.63
C ASN P 166 37.08 -69.50 46.78
N CYS P 167 36.81 -68.21 46.60
CA CYS P 167 37.67 -67.27 45.87
C CYS P 167 38.53 -66.46 46.85
N TYR P 168 39.81 -66.37 46.58
CA TYR P 168 40.73 -65.72 47.49
C TYR P 168 41.24 -64.47 46.84
N LEU P 169 41.37 -63.43 47.64
CA LEU P 169 41.71 -62.14 47.10
C LEU P 169 42.65 -61.42 48.06
N MET P 170 43.75 -60.86 47.52
CA MET P 170 44.64 -60.00 48.33
C MET P 170 44.09 -58.60 48.39
N ILE P 171 44.16 -58.02 49.59
CA ILE P 171 43.80 -56.64 49.76
C ILE P 171 44.90 -56.01 50.54
N THR P 172 45.15 -54.72 50.28
CA THR P 172 46.11 -54.02 51.13
C THR P 172 45.67 -52.60 51.45
N ASP P 173 46.31 -52.00 52.44
CA ASP P 173 45.93 -50.69 52.94
C ASP P 173 47.16 -50.13 53.68
N GLY P 174 47.38 -48.81 53.64
CA GLY P 174 48.60 -48.22 54.22
C GLY P 174 49.36 -47.35 53.25
N SER P 175 50.37 -46.65 53.76
CA SER P 175 51.13 -45.71 52.95
C SER P 175 51.85 -46.37 51.77
N ALA P 176 51.77 -45.68 50.64
CA ALA P 176 52.59 -46.03 49.47
C ALA P 176 54.10 -46.00 49.76
N SER P 177 54.54 -45.19 50.73
CA SER P 177 55.96 -44.93 51.04
C SER P 177 56.41 -45.57 52.36
N GLY P 178 55.50 -46.30 53.00
CA GLY P 178 55.70 -46.80 54.34
C GLY P 178 55.08 -48.19 54.42
N ILE P 179 54.45 -48.46 55.57
CA ILE P 179 53.86 -49.77 55.88
C ILE P 179 52.53 -49.98 55.12
N SER P 180 52.44 -51.09 54.38
CA SER P 180 51.20 -51.62 53.88
C SER P 180 51.04 -53.12 54.13
N GLU P 181 50.46 -53.46 55.26
CA GLU P 181 50.30 -54.84 55.65
C GLU P 181 49.06 -55.39 54.99
N CYS P 182 49.26 -56.24 53.98
CA CYS P 182 48.17 -56.83 53.21
C CYS P 182 47.40 -57.91 53.99
N ARG P 183 46.18 -58.18 53.51
CA ARG P 183 45.34 -59.25 54.05
C ARG P 183 44.82 -60.08 52.90
N PHE P 184 44.22 -61.22 53.23
CA PHE P 184 43.54 -62.04 52.23
C PHE P 184 42.07 -62.30 52.61
N LEU P 185 41.17 -62.15 51.64
CA LEU P 185 39.77 -62.40 51.89
C LEU P 185 39.42 -63.72 51.24
N LYS P 186 38.64 -64.52 51.96
CA LYS P 186 38.05 -65.73 51.41
C LYS P 186 36.58 -65.42 51.12
N ILE P 187 36.21 -65.41 49.85
CA ILE P 187 34.88 -64.93 49.42
C ILE P 187 34.10 -66.07 48.75
N ARG P 188 32.92 -66.39 49.29
CA ARG P 188 32.09 -67.44 48.70
C ARG P 188 30.75 -66.88 48.21
N GLU P 189 30.46 -67.12 46.93
CA GLU P 189 29.25 -66.61 46.29
C GLU P 189 29.04 -65.14 46.65
N GLY P 190 30.10 -64.35 46.47
CA GLY P 190 30.03 -62.90 46.65
C GLY P 190 30.03 -62.38 48.09
N ARG P 191 30.15 -63.28 49.08
CA ARG P 191 30.26 -62.84 50.48
C ARG P 191 31.51 -63.35 51.23
N ILE P 192 32.10 -62.48 52.02
CA ILE P 192 33.37 -62.77 52.71
C ILE P 192 33.07 -63.71 53.86
N ILE P 193 33.70 -64.86 53.89
CA ILE P 193 33.48 -65.83 54.97
C ILE P 193 34.72 -66.00 55.87
N LYS P 194 35.83 -65.41 55.48
CA LYS P 194 37.05 -65.45 56.32
C LYS P 194 37.97 -64.30 55.97
N GLU P 195 38.70 -63.83 56.98
CA GLU P 195 39.81 -62.90 56.84
C GLU P 195 41.05 -63.68 57.19
N ILE P 196 42.02 -63.64 56.29
CA ILE P 196 43.24 -64.38 56.47
C ILE P 196 44.33 -63.35 56.70
N PHE P 197 44.95 -63.40 57.89
CA PHE P 197 46.06 -62.50 58.22
C PHE P 197 47.40 -63.17 58.02
N PRO P 198 48.18 -62.74 57.00
CA PRO P 198 49.50 -63.34 56.72
C PRO P 198 50.53 -63.16 57.86
N THR P 199 51.49 -64.09 57.92
CA THR P 199 52.66 -63.95 58.80
C THR P 199 53.92 -63.72 58.01
N GLY P 200 55.00 -63.40 58.75
CA GLY P 200 56.37 -63.31 58.22
C GLY P 200 56.70 -61.90 57.76
N ARG P 201 57.20 -61.79 56.53
CA ARG P 201 57.70 -60.51 56.05
C ARG P 201 56.50 -59.75 55.52
N VAL P 202 55.82 -58.98 56.40
CA VAL P 202 54.54 -58.36 56.05
C VAL P 202 54.61 -56.81 55.90
N LYS P 203 55.82 -56.26 56.15
CA LYS P 203 56.17 -54.83 56.05
C LYS P 203 55.44 -54.04 54.94
N HIS P 204 55.58 -54.51 53.70
CA HIS P 204 54.90 -53.87 52.58
C HIS P 204 54.60 -54.86 51.48
N THR P 205 53.30 -55.09 51.28
CA THR P 205 52.83 -55.96 50.19
C THR P 205 51.62 -55.31 49.49
N GLU P 206 51.70 -55.16 48.16
CA GLU P 206 50.59 -54.63 47.36
C GLU P 206 50.60 -55.21 45.95
N GLU P 207 49.46 -55.09 45.26
CA GLU P 207 49.25 -55.54 43.88
C GLU P 207 49.75 -56.94 43.62
N CYS P 208 49.38 -57.86 44.49
CA CYS P 208 49.78 -59.25 44.36
C CYS P 208 49.19 -59.84 43.10
N THR P 209 50.05 -60.47 42.31
CA THR P 209 49.62 -61.24 41.17
C THR P 209 49.65 -62.69 41.61
N CYS P 210 48.46 -63.33 41.67
CA CYS P 210 48.34 -64.61 42.38
C CYS P 210 47.86 -65.68 41.48
N GLY P 211 48.19 -66.91 41.84
CA GLY P 211 47.84 -68.11 41.04
C GLY P 211 47.96 -69.37 41.85
N PHE P 212 47.36 -70.46 41.37
CA PHE P 212 47.42 -71.75 42.03
C PHE P 212 48.70 -72.46 41.67
N ALA P 213 49.52 -72.74 42.68
CA ALA P 213 50.65 -73.64 42.51
C ALA P 213 50.15 -75.09 42.41
N SER P 214 49.08 -75.40 43.14
CA SER P 214 48.48 -76.72 43.18
C SER P 214 47.06 -76.48 43.69
N ASN P 215 46.36 -77.57 44.00
CA ASN P 215 45.05 -77.52 44.66
C ASN P 215 45.12 -77.07 46.14
N LYS P 216 46.31 -77.07 46.73
N LYS P 216 46.32 -77.09 46.72
CA LYS P 216 46.46 -76.78 48.15
CA LYS P 216 46.51 -76.81 48.15
C LYS P 216 46.96 -75.37 48.39
C LYS P 216 46.99 -75.38 48.39
N THR P 217 47.70 -74.82 47.42
CA THR P 217 48.49 -73.59 47.60
C THR P 217 48.28 -72.56 46.50
N ILE P 218 48.11 -71.31 46.92
CA ILE P 218 48.13 -70.13 46.08
C ILE P 218 49.39 -69.35 46.38
N GLU P 219 50.08 -68.93 45.33
CA GLU P 219 51.29 -68.14 45.45
C GLU P 219 51.09 -66.83 44.73
N CYS P 220 51.75 -65.79 45.22
CA CYS P 220 51.60 -64.46 44.69
C CYS P 220 52.94 -63.80 44.60
N ALA P 221 53.17 -63.08 43.51
CA ALA P 221 54.35 -62.25 43.42
C ALA P 221 53.84 -60.83 43.53
N CYS P 222 54.31 -60.13 44.56
CA CYS P 222 53.75 -58.82 44.85
C CYS P 222 54.72 -57.64 44.70
N ARG P 223 54.30 -56.46 45.12
CA ARG P 223 55.02 -55.22 44.93
C ARG P 223 55.26 -54.64 46.31
N ASP P 224 56.54 -54.37 46.59
CA ASP P 224 56.89 -53.53 47.68
C ASP P 224 57.24 -52.16 47.12
N ASN P 225 56.49 -51.16 47.54
CA ASN P 225 56.63 -49.84 46.95
C ASN P 225 57.57 -48.95 47.72
N SER P 226 58.08 -49.45 48.83
CA SER P 226 58.88 -48.64 49.72
C SER P 226 60.27 -49.17 50.00
N TYR P 227 60.36 -50.45 50.34
CA TYR P 227 61.63 -50.94 50.97
C TYR P 227 62.61 -51.72 50.11
N THR P 228 62.12 -52.43 49.10
CA THR P 228 62.96 -53.37 48.36
C THR P 228 62.51 -53.52 46.91
N ALA P 229 63.48 -53.85 46.04
CA ALA P 229 63.20 -54.23 44.66
C ALA P 229 62.99 -55.76 44.46
N LYS P 230 63.23 -56.55 45.51
CA LYS P 230 62.77 -57.94 45.49
C LYS P 230 61.21 -57.93 45.63
N ARG P 231 60.54 -58.82 44.92
CA ARG P 231 59.12 -59.04 45.11
C ARG P 231 58.76 -59.87 46.35
N PRO P 232 57.88 -59.33 47.25
CA PRO P 232 57.38 -60.17 48.34
C PRO P 232 56.65 -61.35 47.75
N PHE P 233 56.82 -62.53 48.32
CA PHE P 233 56.23 -63.73 47.71
C PHE P 233 55.33 -64.41 48.72
N VAL P 234 54.05 -64.48 48.38
CA VAL P 234 53.06 -65.08 49.26
C VAL P 234 52.77 -66.53 48.94
N LYS P 235 52.70 -67.35 49.98
CA LYS P 235 52.24 -68.72 49.88
C LYS P 235 51.03 -68.85 50.79
N LEU P 236 49.90 -69.14 50.17
CA LEU P 236 48.62 -69.25 50.85
C LEU P 236 48.25 -70.69 50.80
N ASN P 237 48.18 -71.34 51.96
CA ASN P 237 47.58 -72.68 52.07
C ASN P 237 46.06 -72.53 52.13
N VAL P 238 45.35 -73.03 51.13
CA VAL P 238 43.88 -72.85 51.05
C VAL P 238 43.10 -73.92 51.84
N GLU P 239 43.79 -74.94 52.33
CA GLU P 239 43.10 -75.95 53.15
C GLU P 239 43.06 -75.52 54.60
N THR P 240 44.17 -74.93 55.05
CA THR P 240 44.24 -74.43 56.41
C THR P 240 43.91 -72.93 56.47
N ASP P 241 43.87 -72.28 55.30
CA ASP P 241 43.59 -70.85 55.18
C ASP P 241 44.61 -70.03 55.92
N THR P 242 45.87 -70.33 55.65
CA THR P 242 46.99 -69.70 56.35
C THR P 242 47.90 -69.14 55.29
N ALA P 243 48.49 -67.97 55.54
CA ALA P 243 49.40 -67.37 54.56
C ALA P 243 50.73 -66.92 55.17
N GLU P 244 51.82 -67.05 54.38
CA GLU P 244 53.14 -66.62 54.80
C GLU P 244 53.82 -65.81 53.70
N ILE P 245 54.61 -64.81 54.09
CA ILE P 245 55.22 -63.90 53.10
C ILE P 245 56.71 -63.75 53.38
N ARG P 246 57.51 -63.99 52.33
CA ARG P 246 58.95 -63.74 52.38
CA ARG P 246 58.94 -63.75 52.38
C ARG P 246 59.36 -63.19 51.04
N LEU P 247 60.43 -62.40 51.04
CA LEU P 247 60.94 -61.86 49.81
C LEU P 247 61.46 -62.97 48.91
N MET P 248 61.29 -62.78 47.60
CA MET P 248 61.96 -63.60 46.58
C MET P 248 63.46 -63.42 46.67
N CYS P 249 64.19 -64.55 46.72
CA CYS P 249 65.66 -64.52 46.96
C CYS P 249 66.41 -64.35 45.65
N THR P 250 65.76 -64.63 44.51
CA THR P 250 66.47 -64.62 43.24
C THR P 250 67.19 -63.30 43.02
N GLU P 251 68.40 -63.37 42.45
CA GLU P 251 69.13 -62.17 42.10
C GLU P 251 68.50 -61.38 40.95
N THR P 252 67.55 -62.00 40.24
CA THR P 252 66.87 -61.39 39.10
C THR P 252 65.63 -60.65 39.64
N TYR P 253 65.89 -59.54 40.34
CA TYR P 253 64.85 -58.71 40.98
C TYR P 253 63.84 -58.23 39.96
N LEU P 254 62.57 -58.41 40.28
CA LEU P 254 61.50 -58.26 39.31
C LEU P 254 60.79 -56.89 39.31
N ASP P 255 61.12 -56.08 40.30
CA ASP P 255 60.46 -54.81 40.53
C ASP P 255 61.08 -53.71 39.68
N THR P 256 60.39 -52.58 39.51
CA THR P 256 60.95 -51.41 38.84
C THR P 256 60.54 -50.16 39.62
N PRO P 257 61.50 -49.35 40.09
CA PRO P 257 62.95 -49.46 39.90
C PRO P 257 63.59 -50.67 40.66
N ARG P 258 64.80 -51.00 40.26
CA ARG P 258 65.59 -52.06 40.86
C ARG P 258 67.06 -51.75 40.58
N PRO P 259 67.99 -52.23 41.45
CA PRO P 259 69.42 -52.12 41.15
C PRO P 259 69.85 -53.24 40.17
N ASP P 260 71.16 -53.36 39.88
CA ASP P 260 71.66 -54.45 39.07
C ASP P 260 71.38 -55.82 39.73
N ASP P 261 71.23 -56.85 38.92
CA ASP P 261 71.01 -58.21 39.41
C ASP P 261 72.20 -58.68 40.28
N GLY P 262 71.88 -59.20 41.44
CA GLY P 262 72.85 -59.78 42.35
C GLY P 262 73.60 -58.73 43.15
N SER P 263 73.19 -57.46 43.04
CA SER P 263 73.92 -56.42 43.75
C SER P 263 73.47 -56.28 45.18
N ILE P 264 72.32 -56.85 45.53
CA ILE P 264 71.82 -56.74 46.90
C ILE P 264 72.52 -57.77 47.80
N THR P 265 73.47 -57.29 48.58
CA THR P 265 74.31 -58.17 49.39
C THR P 265 73.55 -58.77 50.59
N GLY P 266 74.16 -59.80 51.21
CA GLY P 266 73.60 -60.51 52.36
C GLY P 266 72.59 -61.61 51.97
N PRO P 267 71.90 -62.17 52.97
CA PRO P 267 70.95 -63.28 52.74
C PRO P 267 69.67 -62.91 51.95
N CYS P 268 68.80 -63.90 51.80
CA CYS P 268 67.55 -63.75 51.07
C CYS P 268 66.66 -62.61 51.58
N GLU P 269 66.66 -62.38 52.89
CA GLU P 269 65.73 -61.44 53.54
C GLU P 269 66.19 -59.98 53.39
N SER P 270 67.36 -59.79 52.81
CA SER P 270 67.96 -58.46 52.69
C SER P 270 67.19 -57.58 51.75
N ASN P 271 67.01 -56.34 52.16
CA ASN P 271 66.17 -55.41 51.42
C ASN P 271 66.65 -55.02 50.04
N GLY P 272 67.80 -54.37 49.80
CA GLY P 272 68.47 -53.38 50.61
C GLY P 272 68.17 -52.09 49.82
N ASP P 273 68.69 -51.96 48.57
CA ASP P 273 68.69 -50.63 47.89
C ASP P 273 67.72 -50.42 46.72
N LYS P 274 67.51 -49.14 46.36
CA LYS P 274 66.65 -48.76 45.22
C LYS P 274 65.25 -49.35 45.39
N GLY P 275 64.78 -49.40 46.64
CA GLY P 275 63.51 -50.08 46.94
C GLY P 275 62.26 -49.25 46.86
N SER P 276 62.41 -47.92 46.90
CA SER P 276 61.25 -46.99 46.86
C SER P 276 60.65 -47.01 45.42
N GLY P 277 59.32 -46.96 45.32
CA GLY P 277 58.65 -47.08 44.02
C GLY P 277 58.51 -48.56 43.68
N GLY P 278 57.84 -48.86 42.61
CA GLY P 278 57.63 -50.24 42.28
C GLY P 278 56.74 -50.36 41.09
N ILE P 279 56.32 -51.59 40.81
CA ILE P 279 55.38 -51.85 39.72
C ILE P 279 54.68 -53.17 39.96
N LYS P 280 53.47 -53.32 39.43
CA LYS P 280 52.84 -54.65 39.44
C LYS P 280 53.54 -55.55 38.42
N GLY P 281 53.79 -56.81 38.80
CA GLY P 281 54.56 -57.72 37.96
C GLY P 281 53.83 -59.01 37.64
N GLY P 282 54.03 -59.50 36.43
CA GLY P 282 53.34 -60.69 35.98
C GLY P 282 53.86 -61.91 36.67
N PHE P 283 52.97 -62.90 36.86
CA PHE P 283 53.36 -64.14 37.47
C PHE P 283 52.33 -65.21 37.19
N VAL P 284 52.77 -66.37 36.67
CA VAL P 284 51.82 -67.44 36.39
C VAL P 284 52.47 -68.81 36.59
N HIS P 285 51.66 -69.78 36.99
CA HIS P 285 52.15 -71.14 37.15
C HIS P 285 51.90 -72.01 35.92
N GLN P 286 52.90 -72.84 35.61
CA GLN P 286 52.70 -73.98 34.72
C GLN P 286 52.81 -75.24 35.61
N ARG P 287 51.67 -75.93 35.77
CA ARG P 287 51.62 -77.09 36.67
C ARG P 287 51.72 -78.40 35.93
N MET P 288 52.77 -79.18 36.21
CA MET P 288 52.96 -80.46 35.53
C MET P 288 52.90 -81.53 36.61
N ALA P 289 52.80 -82.81 36.21
CA ALA P 289 52.80 -83.94 37.18
C ALA P 289 53.77 -83.78 38.38
N SER P 290 55.08 -83.92 38.11
CA SER P 290 56.13 -83.91 39.14
C SER P 290 57.05 -82.67 39.00
N LYS P 291 56.54 -81.59 38.45
CA LYS P 291 57.33 -80.38 38.25
C LYS P 291 56.44 -79.16 38.32
N ILE P 292 57.00 -78.05 38.81
CA ILE P 292 56.31 -76.77 38.68
C ILE P 292 57.14 -75.68 37.98
N GLY P 293 56.51 -75.00 37.03
CA GLY P 293 57.15 -73.88 36.33
C GLY P 293 56.60 -72.58 36.86
N ARG P 294 57.49 -71.64 37.12
CA ARG P 294 57.07 -70.33 37.58
C ARG P 294 57.52 -69.29 36.57
N TRP P 295 56.55 -68.68 35.87
CA TRP P 295 56.82 -67.69 34.85
C TRP P 295 56.65 -66.29 35.40
N TYR P 296 57.55 -65.37 35.08
CA TYR P 296 57.56 -64.03 35.69
C TYR P 296 57.86 -63.05 34.62
N SER P 297 57.49 -61.80 34.81
CA SER P 297 57.93 -60.77 33.86
C SER P 297 58.44 -59.55 34.58
N ARG P 298 59.35 -58.82 33.94
CA ARG P 298 59.80 -57.55 34.47
C ARG P 298 60.19 -56.62 33.34
N THR P 299 60.22 -55.32 33.65
CA THR P 299 60.54 -54.32 32.67
C THR P 299 61.96 -54.56 32.14
N MET P 300 62.17 -54.24 30.88
CA MET P 300 63.47 -54.34 30.27
C MET P 300 64.41 -53.29 30.92
N SER P 301 63.89 -52.09 31.16
CA SER P 301 64.66 -51.03 31.82
C SER P 301 64.60 -51.20 33.33
N LYS P 302 65.77 -51.04 33.98
CA LYS P 302 65.86 -51.10 35.43
C LYS P 302 65.15 -49.95 36.21
N THR P 303 65.06 -48.78 35.56
CA THR P 303 64.56 -47.57 36.18
C THR P 303 63.23 -47.08 35.61
N LYS P 304 63.00 -47.22 34.31
CA LYS P 304 61.73 -46.76 33.73
C LYS P 304 60.76 -47.92 33.38
N ARG P 305 59.54 -47.56 33.04
CA ARG P 305 58.51 -48.53 32.69
C ARG P 305 58.52 -48.85 31.22
N MET P 306 59.68 -49.27 30.74
CA MET P 306 59.93 -49.50 29.34
C MET P 306 60.35 -50.95 29.10
N GLY P 307 59.66 -51.61 28.17
CA GLY P 307 60.02 -52.98 27.78
C GLY P 307 59.43 -54.01 28.75
N MET P 308 59.47 -55.28 28.33
CA MET P 308 59.05 -56.39 29.20
C MET P 308 59.71 -57.70 28.80
N GLY P 309 60.41 -58.29 29.75
CA GLY P 309 61.08 -59.54 29.53
C GLY P 309 60.35 -60.67 30.22
N LEU P 310 60.40 -61.87 29.65
CA LEU P 310 59.77 -63.04 30.27
C LEU P 310 60.85 -63.91 30.90
N TYR P 311 60.56 -64.43 32.08
CA TYR P 311 61.59 -65.15 32.83
C TYR P 311 60.95 -66.39 33.42
N VAL P 312 61.72 -67.44 33.62
CA VAL P 312 61.14 -68.69 34.16
C VAL P 312 62.10 -69.39 35.11
N LYS P 313 61.56 -70.10 36.10
CA LYS P 313 62.29 -71.08 36.88
C LYS P 313 61.43 -72.27 37.27
N TYR P 314 61.98 -73.46 37.11
CA TYR P 314 61.30 -74.68 37.52
C TYR P 314 61.68 -75.19 38.92
N ASP P 315 60.67 -75.61 39.69
CA ASP P 315 60.84 -76.15 41.07
C ASP P 315 61.62 -75.21 41.96
N GLY P 316 62.21 -75.74 43.03
CA GLY P 316 62.93 -74.92 43.97
C GLY P 316 61.98 -74.16 44.88
N ASP P 317 62.54 -73.25 45.67
CA ASP P 317 61.76 -72.44 46.62
C ASP P 317 62.11 -70.96 46.46
N PRO P 318 61.16 -70.16 45.95
CA PRO P 318 61.46 -68.77 45.60
C PRO P 318 61.97 -67.95 46.77
N TRP P 319 61.72 -68.44 47.99
CA TRP P 319 62.14 -67.76 49.19
C TRP P 319 63.60 -67.97 49.52
N THR P 320 64.15 -69.12 49.14
CA THR P 320 65.54 -69.49 49.47
C THR P 320 66.45 -69.55 48.21
N ASP P 321 65.86 -69.55 47.02
CA ASP P 321 66.63 -69.75 45.78
C ASP P 321 67.22 -68.45 45.27
N SER P 322 68.54 -68.27 45.44
CA SER P 322 69.24 -67.07 45.02
C SER P 322 69.71 -67.12 43.55
N ASP P 323 69.55 -68.27 42.89
CA ASP P 323 69.95 -68.43 41.47
C ASP P 323 69.12 -67.50 40.58
N ALA P 324 69.70 -67.15 39.45
CA ALA P 324 69.10 -66.23 38.53
C ALA P 324 67.89 -66.91 37.85
N LEU P 325 66.83 -66.15 37.60
CA LEU P 325 65.76 -66.61 36.73
C LEU P 325 66.26 -66.65 35.29
N ALA P 326 65.95 -67.72 34.55
CA ALA P 326 66.35 -67.77 33.13
C ALA P 326 65.52 -66.78 32.30
N LEU P 327 66.18 -65.89 31.58
CA LEU P 327 65.54 -65.07 30.56
C LEU P 327 65.01 -65.94 29.42
N SER P 328 63.70 -65.91 29.21
CA SER P 328 63.06 -66.73 28.20
C SER P 328 62.91 -65.90 26.93
N GLY P 329 62.58 -64.62 27.07
CA GLY P 329 62.52 -63.75 25.87
C GLY P 329 62.07 -62.34 26.14
N VAL P 330 62.19 -61.47 25.15
CA VAL P 330 61.74 -60.08 25.23
C VAL P 330 60.31 -59.92 24.62
N MET P 331 59.29 -59.75 25.49
CA MET P 331 57.90 -59.60 25.02
C MET P 331 57.65 -58.21 24.44
N VAL P 332 58.33 -57.23 25.05
CA VAL P 332 58.17 -55.82 24.69
C VAL P 332 59.55 -55.19 24.68
N SER P 333 59.95 -54.57 23.57
CA SER P 333 61.31 -54.04 23.46
C SER P 333 61.46 -52.77 24.31
N MET P 334 62.72 -52.43 24.60
CA MET P 334 63.08 -51.21 25.33
C MET P 334 62.46 -49.90 24.79
N GLU P 335 62.08 -49.90 23.53
CA GLU P 335 61.54 -48.73 22.87
C GLU P 335 60.05 -48.58 23.07
N GLU P 336 59.42 -49.60 23.65
CA GLU P 336 57.98 -49.66 23.82
C GLU P 336 57.63 -49.67 25.33
N PRO P 337 56.43 -49.13 25.66
CA PRO P 337 56.05 -49.01 27.06
C PRO P 337 55.73 -50.36 27.70
N GLY P 338 56.22 -50.57 28.90
CA GLY P 338 55.98 -51.82 29.57
C GLY P 338 55.60 -51.49 30.98
N TRP P 339 54.30 -51.45 31.24
CA TRP P 339 53.82 -51.00 32.57
C TRP P 339 53.40 -52.21 33.40
N TYR P 340 52.23 -52.20 34.01
CA TYR P 340 51.81 -53.35 34.82
C TYR P 340 51.78 -54.64 34.00
N SER P 341 52.06 -55.76 34.66
CA SER P 341 51.90 -57.07 34.03
C SER P 341 51.25 -58.05 34.99
N PHE P 342 50.48 -58.99 34.44
CA PHE P 342 49.60 -59.85 35.23
C PHE P 342 49.56 -61.25 34.69
N GLY P 343 49.13 -62.20 35.51
CA GLY P 343 49.08 -63.58 35.08
C GLY P 343 47.63 -64.02 35.00
N PHE P 344 47.32 -64.88 34.04
CA PHE P 344 46.02 -65.56 34.02
C PHE P 344 46.10 -66.89 33.31
N GLU P 345 45.05 -67.71 33.49
CA GLU P 345 44.95 -69.00 32.85
C GLU P 345 43.70 -69.12 31.99
N ILE P 346 43.88 -69.59 30.76
CA ILE P 346 42.78 -69.88 29.82
C ILE P 346 42.42 -71.37 29.92
N LYS P 347 41.15 -71.65 30.11
CA LYS P 347 40.69 -73.02 30.33
CA LYS P 347 40.67 -73.01 30.34
C LYS P 347 40.41 -73.72 29.00
N ASP P 348 41.26 -74.70 28.67
CA ASP P 348 41.12 -75.56 27.50
C ASP P 348 40.21 -76.73 27.92
N LYS P 349 39.98 -77.69 27.04
CA LYS P 349 38.99 -78.71 27.34
C LYS P 349 39.34 -79.52 28.61
N LYS P 350 40.61 -79.86 28.77
CA LYS P 350 41.01 -80.76 29.86
C LYS P 350 42.24 -80.25 30.60
N CYS P 351 42.67 -79.03 30.28
CA CYS P 351 43.88 -78.47 30.89
C CYS P 351 43.87 -76.96 30.83
N ASP P 352 44.78 -76.34 31.58
CA ASP P 352 44.82 -74.89 31.73
C ASP P 352 46.01 -74.28 31.00
N VAL P 353 45.80 -73.12 30.39
CA VAL P 353 46.86 -72.47 29.62
C VAL P 353 47.35 -71.22 30.33
N PRO P 354 48.59 -71.27 30.91
CA PRO P 354 49.19 -70.10 31.53
C PRO P 354 49.54 -68.99 30.55
N CYS P 355 49.19 -67.77 30.92
CA CYS P 355 49.40 -66.60 30.08
C CYS P 355 49.91 -65.44 30.91
N ILE P 356 50.58 -64.51 30.23
CA ILE P 356 51.02 -63.27 30.88
C ILE P 356 50.54 -62.13 30.03
N GLY P 357 49.84 -61.17 30.66
CA GLY P 357 49.36 -60.00 29.92
C GLY P 357 50.18 -58.80 30.35
N ILE P 358 50.30 -57.84 29.48
CA ILE P 358 51.12 -56.69 29.73
C ILE P 358 50.38 -55.42 29.38
N GLU P 359 50.30 -54.52 30.35
CA GLU P 359 49.73 -53.21 30.13
C GLU P 359 50.79 -52.37 29.44
N MET P 360 50.42 -51.78 28.32
CA MET P 360 51.34 -50.92 27.57
C MET P 360 50.71 -49.53 27.53
N VAL P 361 51.21 -48.65 28.39
CA VAL P 361 50.54 -47.38 28.64
C VAL P 361 50.99 -46.35 27.66
N HIS P 362 50.04 -45.65 27.04
CA HIS P 362 50.33 -44.51 26.22
C HIS P 362 50.47 -43.32 27.20
N ASP P 363 51.71 -42.94 27.44
CA ASP P 363 52.02 -41.87 28.34
C ASP P 363 52.59 -40.70 27.57
N GLY P 364 51.93 -39.54 27.64
CA GLY P 364 52.36 -38.34 26.92
C GLY P 364 52.26 -37.14 27.82
N GLY P 365 52.18 -37.41 29.13
CA GLY P 365 52.04 -36.34 30.15
C GLY P 365 50.63 -36.18 30.62
N LYS P 366 50.44 -35.30 31.60
CA LYS P 366 49.09 -34.94 32.13
C LYS P 366 48.34 -33.95 31.21
N GLU P 367 49.06 -33.43 30.20
CA GLU P 367 48.47 -32.47 29.23
C GLU P 367 47.72 -33.12 28.06
N THR P 368 47.68 -34.45 28.06
CA THR P 368 46.93 -35.24 27.05
C THR P 368 46.29 -36.49 27.69
N TRP P 369 45.64 -37.33 26.89
CA TRP P 369 45.05 -38.56 27.42
C TRP P 369 46.09 -39.58 27.88
N HIS P 370 45.71 -40.38 28.88
CA HIS P 370 46.51 -41.42 29.45
C HIS P 370 45.75 -42.76 29.48
N SER P 371 46.14 -43.68 28.58
CA SER P 371 45.48 -44.98 28.52
C SER P 371 46.47 -46.13 28.23
N ALA P 372 45.94 -47.30 27.89
CA ALA P 372 46.79 -48.48 27.75
C ALA P 372 46.26 -49.48 26.74
N ALA P 373 47.19 -50.17 26.09
CA ALA P 373 46.89 -51.36 25.34
C ALA P 373 47.28 -52.55 26.23
N THR P 374 46.88 -53.74 25.80
CA THR P 374 47.14 -54.96 26.52
C THR P 374 47.71 -55.97 25.52
N ALA P 375 48.90 -56.50 25.83
CA ALA P 375 49.53 -57.51 25.00
C ALA P 375 49.46 -58.81 25.76
N ILE P 376 49.20 -59.89 25.02
CA ILE P 376 49.00 -61.21 25.65
C ILE P 376 50.05 -62.24 25.16
N TYR P 377 50.73 -62.88 26.11
CA TYR P 377 51.65 -63.98 25.79
C TYR P 377 51.21 -65.21 26.54
N CYS P 378 51.25 -66.34 25.88
CA CYS P 378 50.72 -67.60 26.42
C CYS P 378 51.64 -68.75 26.08
N LEU P 379 51.63 -69.72 26.98
CA LEU P 379 52.35 -70.95 26.77
C LEU P 379 51.73 -71.66 25.59
N MET P 380 52.55 -71.91 24.54
CA MET P 380 52.14 -72.67 23.40
C MET P 380 53.31 -73.32 22.63
N GLY P 381 53.27 -74.64 22.52
CA GLY P 381 54.26 -75.34 21.71
C GLY P 381 55.62 -75.27 22.40
N SER P 382 56.63 -75.65 21.63
CA SER P 382 58.00 -75.75 22.13
CA SER P 382 58.01 -75.80 22.08
C SER P 382 58.91 -74.72 21.46
N GLY P 383 60.18 -74.73 21.83
CA GLY P 383 61.17 -73.80 21.24
C GLY P 383 61.35 -72.53 22.06
N GLN P 384 61.59 -71.40 21.38
CA GLN P 384 61.85 -70.12 22.05
CA GLN P 384 61.82 -70.14 22.08
C GLN P 384 60.83 -69.03 21.69
N LEU P 385 60.62 -68.07 22.58
CA LEU P 385 59.80 -66.92 22.27
C LEU P 385 60.35 -66.17 21.03
N LEU P 386 59.47 -65.88 20.08
CA LEU P 386 59.91 -65.41 18.75
C LEU P 386 59.73 -63.90 18.53
N TRP P 387 58.63 -63.33 18.99
CA TRP P 387 58.32 -61.96 18.54
C TRP P 387 57.86 -61.02 19.64
N ASP P 388 58.21 -59.76 19.49
CA ASP P 388 57.77 -58.75 20.45
C ASP P 388 56.45 -58.08 20.04
N THR P 389 55.89 -57.28 20.94
CA THR P 389 54.69 -56.52 20.72
C THR P 389 54.88 -54.98 20.72
N VAL P 390 54.33 -54.31 19.72
CA VAL P 390 54.30 -52.85 19.72
C VAL P 390 52.80 -52.45 19.78
N THR P 391 52.49 -51.27 20.32
CA THR P 391 51.11 -50.78 20.27
C THR P 391 50.70 -50.23 18.89
N GLY P 392 51.70 -49.67 18.19
CA GLY P 392 51.49 -49.05 16.88
C GLY P 392 50.74 -47.73 16.97
N VAL P 393 50.66 -47.15 18.16
CA VAL P 393 49.77 -45.98 18.39
C VAL P 393 50.64 -44.73 18.40
N ASP P 394 50.28 -43.74 17.59
CA ASP P 394 50.85 -42.41 17.63
C ASP P 394 49.89 -41.48 18.42
N MET P 395 50.35 -40.99 19.55
CA MET P 395 49.51 -40.23 20.44
C MET P 395 49.17 -38.83 19.90
N ALA P 396 49.81 -38.41 18.80
CA ALA P 396 49.55 -37.08 18.24
C ALA P 396 48.27 -37.08 17.43
N LEU P 397 47.80 -38.29 17.12
CA LEU P 397 46.70 -38.44 16.18
C LEU P 397 45.32 -38.39 16.84
C1 NAG Q . -26.90 11.86 59.62
C2 NAG Q . -26.34 11.83 61.02
C3 NAG Q . -25.08 10.94 61.00
C4 NAG Q . -25.44 9.52 60.47
C5 NAG Q . -26.14 9.60 59.12
C6 NAG Q . -26.73 8.22 58.76
C7 NAG Q . -26.34 13.93 62.26
C8 NAG Q . -25.93 15.38 62.18
N2 NAG Q . -26.04 13.24 61.21
O3 NAG Q . -24.45 10.86 62.27
O4 NAG Q . -24.30 8.68 60.37
O5 NAG Q . -27.19 10.56 59.15
O6 NAG Q . -27.87 8.39 57.96
O7 NAG Q . -26.92 13.42 63.24
CA CA R . -31.62 44.19 49.53
S SO4 S . -22.94 42.37 42.23
O1 SO4 S . -24.07 42.53 43.16
O2 SO4 S . -23.27 41.50 41.13
O3 SO4 S . -21.79 41.80 42.98
O4 SO4 S . -22.65 43.68 41.64
Y YT3 T . -23.56 40.00 39.37
Y YT3 U . 4.94 28.03 36.44
C1 NAG V . -20.63 -3.42 23.64
C2 NAG V . -21.91 -3.00 24.34
C3 NAG V . -21.74 -3.00 25.86
C4 NAG V . -21.18 -4.39 26.31
C5 NAG V . -19.87 -4.74 25.57
C6 NAG V . -19.49 -6.18 25.92
C7 NAG V . -23.30 -1.34 23.22
C8 NAG V . -23.35 0.04 22.61
N2 NAG V . -22.15 -1.68 23.76
O3 NAG V . -23.00 -2.70 26.47
O4 NAG V . -21.02 -4.48 27.72
O5 NAG V . -20.02 -4.61 24.16
O6 NAG V . -18.78 -6.82 24.88
O7 NAG V . -24.25 -2.11 23.25
CA CA W . -12.56 19.06 -0.88
S SO4 X . -4.30 22.78 6.42
O1 SO4 X . -5.38 22.28 5.52
O2 SO4 X . -3.29 21.76 6.55
O3 SO4 X . -4.77 23.04 7.79
O4 SO4 X . -3.82 24.00 5.75
Y YT3 Y . -1.50 20.45 7.04
C1 NAG Z . 16.57 -12.70 33.59
C2 NAG Z . 15.74 -13.10 32.39
C3 NAG Z . 14.25 -12.86 32.73
C4 NAG Z . 13.89 -13.64 34.02
C5 NAG Z . 14.82 -13.27 35.18
C6 NAG Z . 14.59 -14.25 36.32
C7 NAG Z . 16.67 -12.63 30.20
C8 NAG Z . 17.11 -11.54 29.25
N2 NAG Z . 16.18 -12.21 31.35
O3 NAG Z . 13.40 -13.22 31.65
O4 NAG Z . 12.53 -13.45 34.37
O5 NAG Z . 16.20 -13.33 34.80
O6 NAG Z . 15.79 -14.44 37.05
O7 NAG Z . 16.75 -13.86 29.94
CA CA AA . 40.64 9.73 24.09
S SO4 BA . 34.10 17.72 29.23
O1 SO4 BA . 34.89 16.63 28.58
O2 SO4 BA . 34.14 17.66 30.68
O3 SO4 BA . 32.72 17.57 28.79
O4 SO4 BA . 34.72 18.99 28.88
Y YT3 CA . 33.88 17.56 32.96
C1 NAG DA . 10.17 2.31 69.74
C2 NAG DA . 11.33 1.46 69.17
C3 NAG DA . 10.84 0.74 67.91
C4 NAG DA . 9.59 -0.10 68.25
C5 NAG DA . 8.47 0.77 68.84
C6 NAG DA . 7.43 -0.15 69.44
C7 NAG DA . 13.60 2.37 69.53
C8 NAG DA . 14.46 3.56 69.24
N2 NAG DA . 12.40 2.44 68.98
O3 NAG DA . 11.89 -0.08 67.40
O4 NAG DA . 9.10 -0.82 67.11
O5 NAG DA . 8.95 1.57 69.92
O6 NAG DA . 6.64 0.59 70.35
O7 NAG DA . 14.00 1.41 70.20
CA CA EA . 21.36 34.21 74.64
S SO4 FA . 15.36 36.94 65.19
O1 SO4 FA . 16.07 36.57 66.45
O2 SO4 FA . 13.95 36.86 65.40
O3 SO4 FA . 15.64 36.04 64.06
O4 SO4 FA . 15.80 38.32 64.92
Y YT3 GA . 11.64 36.85 65.43
Y YT3 HA . -5.13 -28.55 -36.30
C1 NAG IA . -19.02 11.78 -36.91
C2 NAG IA . -19.63 11.76 -38.29
C3 NAG IA . -18.55 11.46 -39.36
C4 NAG IA . -17.47 12.55 -39.27
C5 NAG IA . -16.87 12.53 -37.85
C6 NAG IA . -15.94 13.74 -37.66
C7 NAG IA . -21.90 10.96 -38.46
C8 NAG IA . -22.85 9.83 -38.19
N2 NAG IA . -20.64 10.72 -38.15
O3 NAG IA . -19.18 11.53 -40.64
O4 NAG IA . -16.50 12.38 -40.30
O5 NAG IA . -17.87 12.59 -36.83
O6 NAG IA . -15.90 14.06 -36.28
O7 NAG IA . -22.26 12.03 -38.95
CA CA JA . -36.25 -9.05 -15.99
S SO4 KA . -27.45 -16.36 -17.33
O1 SO4 KA . -28.53 -15.34 -17.38
O2 SO4 KA . -26.29 -15.90 -16.60
O3 SO4 KA . -26.90 -16.61 -18.69
O4 SO4 KA . -28.00 -17.57 -16.71
Y YT3 LA . -24.22 -15.41 -15.79
C1 NAG MA . 17.21 4.87 -21.69
C2 NAG MA . 15.99 5.66 -21.20
C3 NAG MA . 15.06 6.02 -22.36
C4 NAG MA . 15.87 6.76 -23.46
C5 NAG MA . 17.06 5.91 -23.89
C6 NAG MA . 17.99 6.68 -24.88
C7 NAG MA . 15.22 5.13 -18.91
C8 NAG MA . 14.62 4.04 -18.02
N2 NAG MA . 15.36 4.78 -20.19
O3 NAG MA . 14.02 6.83 -21.87
O4 NAG MA . 15.04 7.15 -24.57
O5 NAG MA . 17.86 5.51 -22.77
O6 NAG MA . 19.31 6.15 -24.75
O7 NAG MA . 15.52 6.25 -18.47
CA CA NA . 19.76 -23.50 -2.67
S SO4 OA . 15.24 -29.01 -11.72
O1 SO4 OA . 15.79 -28.09 -10.70
O2 SO4 OA . 16.10 -29.10 -12.90
O3 SO4 OA . 14.01 -28.41 -12.24
O4 SO4 OA . 15.01 -30.36 -11.18
Y YT3 PA . 17.37 -29.31 -14.77
C1 NAG QA . 29.01 -11.83 -56.05
C2 NAG QA . 29.75 -11.43 -54.79
C3 NAG QA . 28.95 -10.40 -53.95
C4 NAG QA . 28.59 -9.22 -54.87
C5 NAG QA . 27.80 -9.71 -56.09
C6 NAG QA . 27.43 -8.55 -57.04
C7 NAG QA . 31.16 -13.11 -53.71
C8 NAG QA . 31.18 -14.45 -53.04
N2 NAG QA . 29.97 -12.68 -54.08
O3 NAG QA . 29.75 -9.95 -52.84
O4 NAG QA . 27.84 -8.26 -54.12
O5 NAG QA . 28.52 -10.73 -56.82
O6 NAG QA . 27.51 -9.00 -58.38
O7 NAG QA . 32.21 -12.44 -53.87
CA CA RA . 26.82 -45.94 -57.22
S SO4 SA . 15.98 -44.65 -53.86
O1 SO4 SA . 17.38 -44.63 -54.32
O2 SO4 SA . 15.08 -44.18 -54.90
O3 SO4 SA . 15.71 -43.72 -52.71
O4 SO4 SA . 15.63 -46.03 -53.52
Y YT3 TA . 13.62 -43.10 -56.23
C1 NAG UA . -7.02 -4.48 -71.43
C2 NAG UA . -5.70 -4.98 -72.05
C3 NAG UA . -4.52 -4.61 -71.15
C4 NAG UA . -4.52 -3.10 -70.90
C5 NAG UA . -5.86 -2.64 -70.28
C6 NAG UA . -5.95 -1.10 -70.22
C7 NAG UA . -5.79 -7.02 -73.37
C8 NAG UA . -6.08 -8.51 -73.39
N2 NAG UA . -5.88 -6.42 -72.19
O3 NAG UA . -3.32 -5.02 -71.76
O4 NAG UA . -3.44 -2.74 -70.04
O5 NAG UA . -6.97 -3.11 -71.03
O6 NAG UA . -7.30 -0.67 -70.14
O7 NAG UA . -5.50 -6.38 -74.39
CA CA VA . -28.89 -30.80 -70.90
S SO4 WA . -26.55 -31.47 -59.66
O1 SO4 WA . -26.71 -31.13 -61.09
O2 SO4 WA . -27.12 -30.35 -58.86
O3 SO4 WA . -25.13 -31.49 -59.35
O4 SO4 WA . -27.22 -32.75 -59.36
Y YT3 XA . -27.75 -28.71 -57.45
Y YT3 YA . -28.72 49.17 -17.45
C1 NAG ZA . 3.18 76.59 -10.15
C2 NAG ZA . 2.45 77.45 -9.09
C3 NAG ZA . 1.22 78.13 -9.69
C4 NAG ZA . 1.64 78.89 -10.96
C5 NAG ZA . 2.34 77.98 -11.96
C6 NAG ZA . 2.80 78.83 -13.15
C7 NAG ZA . 2.58 76.64 -6.76
C8 NAG ZA . 2.23 75.49 -5.83
N2 NAG ZA . 2.16 76.52 -8.00
O3 NAG ZA . 0.59 78.99 -8.74
O4 NAG ZA . 0.55 79.55 -11.62
O5 NAG ZA . 3.46 77.31 -11.37
O6 NAG ZA . 3.79 78.15 -13.90
O7 NAG ZA . 3.21 77.61 -6.36
CA CA AB . 8.14 45.25 2.62
S SO4 BB . -0.69 41.95 -4.03
O1 SO4 BB . 0.48 42.46 -3.25
O2 SO4 BB . -0.43 41.93 -5.45
O3 SO4 BB . -1.85 42.81 -3.80
O4 SO4 BB . -0.94 40.59 -3.52
Y YT3 CB . -0.07 41.90 -7.75
C1 NAG DB . -3.18 65.15 -47.57
C2 NAG DB . -1.86 65.27 -46.83
C3 NAG DB . -2.09 66.20 -45.63
C4 NAG DB . -2.55 67.58 -46.14
C5 NAG DB . -3.84 67.43 -46.97
C6 NAG DB . -4.16 68.75 -47.66
C7 NAG DB . -0.53 63.25 -46.70
C8 NAG DB . -0.47 61.80 -46.23
N2 NAG DB . -1.63 63.90 -46.41
O3 NAG DB . -0.97 66.30 -44.78
O4 NAG DB . -2.81 68.47 -45.04
O5 NAG DB . -3.77 66.39 -47.96
O6 NAG DB . -4.81 68.42 -48.89
O7 NAG DB . 0.38 63.81 -47.32
CA CA EB . -11.69 32.30 -51.89
S SO4 FB . -19.81 34.12 -43.99
O1 SO4 FB . -18.84 33.87 -45.13
O2 SO4 FB . -20.86 35.03 -44.37
O3 SO4 FB . -19.11 34.79 -42.88
O4 SO4 FB . -20.46 32.86 -43.64
Y YT3 GB . -22.68 36.33 -45.01
C1 NAG HB . -40.16 79.18 -45.12
C2 NAG HB . -39.33 78.75 -46.36
C3 NAG HB . -37.83 78.78 -46.01
C4 NAG HB . -37.49 80.20 -45.49
C5 NAG HB . -38.33 80.57 -44.25
C6 NAG HB . -38.03 82.03 -43.92
C7 NAG HB . -40.34 76.99 -47.77
C8 NAG HB . -40.93 75.60 -47.75
N2 NAG HB . -39.87 77.42 -46.62
O3 NAG HB . -37.01 78.38 -47.14
O4 NAG HB . -36.10 80.35 -45.20
O5 NAG HB . -39.75 80.38 -44.43
O6 NAG HB . -39.13 82.59 -43.24
O7 NAG HB . -40.28 77.67 -48.79
CA CA IB . -64.40 56.02 -38.44
S SO4 JB . -57.84 52.90 -29.48
O1 SO4 JB . -58.69 53.42 -30.61
O2 SO4 JB . -57.71 53.84 -28.34
O3 SO4 JB . -56.51 52.67 -29.98
O4 SO4 JB . -58.54 51.67 -29.00
Y YT3 KB . -57.57 55.33 -26.65
C1 NAG LB . -33.93 90.14 -7.63
C2 NAG LB . -35.06 90.54 -8.59
C3 NAG LB . -34.62 90.29 -10.03
C4 NAG LB . -33.35 91.15 -10.27
C5 NAG LB . -32.24 90.74 -9.27
C6 NAG LB . -31.10 91.75 -9.36
C7 NAG LB . -37.30 90.10 -7.71
C8 NAG LB . -38.19 88.99 -7.17
N2 NAG LB . -36.13 89.67 -8.11
O3 NAG LB . -35.64 90.68 -10.92
O4 NAG LB . -32.86 91.09 -11.60
O5 NAG LB . -32.69 90.73 -7.92
O6 NAG LB . -30.63 92.00 -8.05
O7 NAG LB . -37.63 91.29 -7.83
CA CA MB . -44.78 68.37 16.27
S SO4 NB . -38.87 60.32 10.59
O1 SO4 NB . -39.59 61.41 11.34
O2 SO4 NB . -37.42 60.48 10.59
O3 SO4 NB . -39.22 60.45 9.18
O4 SO4 NB . -39.25 59.04 11.21
Y YT3 OB . -35.11 60.61 10.74
C1 NAG PB . 6.57 -64.92 49.95
C2 NAG PB . 7.75 -65.26 50.87
C3 NAG PB . 8.70 -66.28 50.23
C4 NAG PB . 7.88 -67.50 49.80
C5 NAG PB . 6.72 -67.10 48.87
C6 NAG PB . 5.83 -68.32 48.56
C7 NAG PB . 8.53 -63.50 52.35
C8 NAG PB . 9.11 -62.11 52.44
N2 NAG PB . 8.36 -63.97 51.13
O3 NAG PB . 9.74 -66.66 51.15
O4 NAG PB . 8.75 -68.47 49.20
O5 NAG PB . 5.89 -66.06 49.42
O6 NAG PB . 4.49 -67.89 48.44
O7 NAG PB . 8.26 -64.16 53.35
CA CA QB . 4.44 -31.01 46.47
S SO4 RB . 8.78 -32.55 36.00
O1 SO4 RB . 8.11 -32.49 37.32
O2 SO4 RB . 7.91 -33.16 34.99
O3 SO4 RB . 9.96 -33.42 36.03
O4 SO4 RB . 9.04 -31.18 35.58
Y YT3 SB . 6.71 -34.24 33.38
Y YT3 TB . 28.87 -48.90 17.37
C1 NAG UB . -5.14 -74.28 13.04
C2 NAG UB . -5.89 -73.78 14.30
C3 NAG UB . -5.06 -74.03 15.58
C4 NAG UB . -4.72 -75.53 15.63
C5 NAG UB . -4.02 -76.03 14.35
C6 NAG UB . -3.84 -77.55 14.39
C7 NAG UB . -7.32 -71.79 13.89
C8 NAG UB . -7.30 -70.34 13.40
N2 NAG UB . -6.13 -72.37 13.97
O3 NAG UB . -5.79 -73.69 16.75
O4 NAG UB . -3.94 -75.86 16.79
O5 NAG UB . -4.73 -75.65 13.16
O6 NAG UB . -3.71 -78.07 13.08
O7 NAG UB . -8.36 -72.37 14.21
CA CA VB . -3.58 -48.80 -9.66
S SO4 WB . 7.40 -47.54 -6.37
O1 SO4 WB . 6.01 -47.91 -6.66
O2 SO4 WB . 8.27 -48.61 -6.80
O3 SO4 WB . 7.58 -47.44 -4.94
O4 SO4 WB . 7.78 -46.30 -7.09
Y YT3 XB . 9.83 -50.30 -7.29
C1 NAG YB . 30.90 -89.51 4.93
C2 NAG YB . 29.60 -89.53 4.14
C3 NAG YB . 28.37 -89.25 5.05
C4 NAG YB . 28.39 -90.26 6.23
C5 NAG YB . 29.74 -90.19 6.98
C6 NAG YB . 29.83 -91.24 8.08
C7 NAG YB . 29.63 -88.87 1.81
C8 NAG YB . 29.90 -87.79 0.80
N2 NAG YB . 29.78 -88.55 3.08
O3 NAG YB . 27.18 -89.42 4.30
O4 NAG YB . 27.30 -90.03 7.12
O5 NAG YB . 30.85 -90.35 6.07
O6 NAG YB . 31.21 -91.51 8.22
O7 NAG YB . 29.27 -90.00 1.46
CA CA ZB . 52.47 -68.53 -11.24
S SO4 AC . 50.12 -61.02 -2.88
O1 SO4 AC . 50.36 -62.10 -3.86
O2 SO4 AC . 50.78 -61.33 -1.64
O3 SO4 AC . 48.70 -60.90 -2.58
O4 SO4 AC . 50.69 -59.78 -3.40
Y YT3 BC . 51.42 -61.74 0.59
C1 NAG CC . 42.50 -80.67 41.99
C2 NAG CC . 43.16 -81.57 40.93
C3 NAG CC . 42.08 -81.93 39.90
C4 NAG CC . 40.95 -82.66 40.63
C5 NAG CC . 40.34 -81.77 41.73
C6 NAG CC . 39.37 -82.57 42.62
C7 NAG CC . 45.43 -80.91 40.17
C8 NAG CC . 46.24 -79.74 39.62
N2 NAG CC . 44.16 -80.66 40.34
O3 NAG CC . 42.62 -82.77 38.89
O4 NAG CC . 39.96 -83.07 39.69
O5 NAG CC . 41.34 -81.22 42.60
O6 NAG CC . 39.31 -82.00 43.92
O7 NAG CC . 45.91 -82.03 40.43
CA CA DC . 60.16 -51.56 45.18
S SO4 EC . 51.32 -46.48 39.67
O1 SO4 EC . 52.36 -47.29 40.35
O2 SO4 EC . 50.06 -46.39 40.41
O3 SO4 EC . 50.99 -47.13 38.39
O4 SO4 EC . 51.83 -45.09 39.51
Y YT3 FC . 48.11 -46.23 41.42
#